data_8ZN5
#
_entry.id   8ZN5
#
_cell.length_a   93.126
_cell.length_b   385.574
_cell.length_c   108.115
_cell.angle_alpha   90.00
_cell.angle_beta   113.15
_cell.angle_gamma   90.00
#
_symmetry.space_group_name_H-M   'P 1 21 1'
#
loop_
_entity.id
_entity.type
_entity.pdbx_description
1 polymer KaiC
2 non-polymer "ADENOSINE-5'-DIPHOSPHATE"
3 non-polymer 'MAGNESIUM ION'
4 water water
#
_entity_poly.entity_id   1
_entity_poly.type   'polypeptide(L)'
_entity_poly.pdbx_seq_one_letter_code
;MSAPDEREALAIEKLPTGIEGFDDISHGGLPKGRTTLVAGTPGTGKTVFAMQFLYHGIKRFDEPGVFVTFEESPDDILRN
MASFGWDLQKLVEEGKLAIVDASPDPEEEEVVGNFDLSGLLARINHAIRKYKAKRVVIDSITAIFQQFDDASTVRRELFR
LVARLKRMGVTTIMTAERTEEYGPIARYGVEEFVADNVVILRNVLEGERRRRTIEILKFRGTSHQKGEFPFTITPGEGIS
IFPLSAMRLKQRSSNVRVSSGVPELDEMCGGGFFRDSIILVSGATGTGKTLLVTKFLEGACRNGERALLFAFEESREQLL
RNATSWGIDFEEMERDGRLKIVCAYPESTGLEDHLIMIKEVIEEFKPDRIAIDSLSALERVASDRGFREFVIGLTSFIKQ
QEITGLFTSTTPTFMGGHSVTESHISTITDTIILLRYVEMRGEMSRAINVLKMRGSWHDKEIREFTISGKGMHIGDPFRN
FTRILSGSPTRIAADEKDELSRIVRDVEDKEGHHHHHH
;
_entity_poly.pdbx_strand_id   B,C,F,A,D,E,G,H,K,L,I,J
#
# COMPACT_ATOMS: atom_id res chain seq x y z
N GLU A 8 22.99 -56.47 -79.01
CA GLU A 8 23.33 -56.12 -80.42
C GLU A 8 24.37 -55.00 -80.42
N ALA A 9 24.70 -54.51 -81.63
CA ALA A 9 25.59 -53.38 -81.80
C ALA A 9 24.80 -52.08 -81.82
N LEU A 10 23.60 -52.10 -81.23
CA LEU A 10 22.72 -50.94 -81.19
C LEU A 10 22.78 -50.33 -79.79
N ALA A 11 23.58 -49.26 -79.63
CA ALA A 11 23.62 -48.49 -78.41
C ALA A 11 22.23 -47.92 -78.15
N ILE A 12 21.78 -47.98 -76.89
CA ILE A 12 20.40 -47.65 -76.54
C ILE A 12 20.17 -46.18 -76.84
N GLU A 13 19.43 -45.91 -77.92
CA GLU A 13 19.19 -44.55 -78.39
C GLU A 13 18.16 -43.88 -77.48
N LYS A 14 18.35 -42.57 -77.27
CA LYS A 14 17.48 -41.79 -76.39
C LYS A 14 16.63 -40.85 -77.24
N LEU A 15 15.34 -41.19 -77.38
CA LEU A 15 14.38 -40.36 -78.10
C LEU A 15 14.00 -39.17 -77.23
N PRO A 16 14.23 -37.91 -77.68
CA PRO A 16 13.87 -36.74 -76.88
C PRO A 16 12.36 -36.56 -76.78
N THR A 17 11.92 -35.92 -75.69
CA THR A 17 10.50 -35.74 -75.40
C THR A 17 10.15 -34.26 -75.31
N GLY A 18 11.16 -33.37 -75.42
CA GLY A 18 10.93 -31.95 -75.48
C GLY A 18 10.71 -31.33 -74.10
N ILE A 19 9.86 -31.97 -73.28
CA ILE A 19 9.57 -31.54 -71.92
C ILE A 19 10.84 -30.97 -71.29
N GLU A 20 10.72 -29.75 -70.75
CA GLU A 20 11.86 -28.94 -70.37
C GLU A 20 12.58 -29.57 -69.19
N GLY A 21 13.89 -29.83 -69.37
CA GLY A 21 14.74 -30.31 -68.30
C GLY A 21 14.99 -31.81 -68.37
N PHE A 22 13.94 -32.58 -68.65
CA PHE A 22 14.00 -34.04 -68.62
C PHE A 22 15.07 -34.55 -69.60
N ASP A 23 15.12 -33.93 -70.79
CA ASP A 23 16.05 -34.34 -71.83
C ASP A 23 17.49 -34.10 -71.40
N ASP A 24 17.69 -33.15 -70.47
CA ASP A 24 19.00 -32.89 -69.89
C ASP A 24 19.26 -33.88 -68.75
N ILE A 25 18.22 -34.17 -67.97
CA ILE A 25 18.31 -35.07 -66.84
C ILE A 25 18.43 -36.51 -67.32
N SER A 26 17.82 -36.80 -68.48
CA SER A 26 17.81 -38.14 -69.05
C SER A 26 18.98 -38.36 -70.01
N HIS A 27 19.87 -37.35 -70.11
CA HIS A 27 21.02 -37.42 -71.00
C HIS A 27 20.57 -37.72 -72.43
N GLY A 28 19.63 -36.92 -72.93
CA GLY A 28 19.13 -37.06 -74.29
C GLY A 28 17.62 -37.23 -74.32
N GLY A 29 17.12 -38.23 -73.60
CA GLY A 29 15.69 -38.54 -73.58
C GLY A 29 15.43 -39.94 -73.05
N LEU A 30 14.18 -40.41 -73.25
CA LEU A 30 13.77 -41.74 -72.84
C LEU A 30 14.38 -42.78 -73.78
N PRO A 31 14.93 -43.90 -73.25
CA PRO A 31 15.38 -45.00 -74.10
C PRO A 31 14.35 -45.41 -75.15
N LYS A 32 14.72 -45.24 -76.42
CA LYS A 32 13.81 -45.50 -77.54
C LYS A 32 13.64 -47.01 -77.72
N GLY A 33 12.42 -47.41 -78.12
CA GLY A 33 12.10 -48.80 -78.38
C GLY A 33 11.95 -49.61 -77.10
N ARG A 34 11.52 -48.93 -76.02
CA ARG A 34 11.41 -49.54 -74.70
C ARG A 34 10.30 -48.83 -73.92
N THR A 35 9.97 -49.39 -72.75
CA THR A 35 8.94 -48.84 -71.88
C THR A 35 9.60 -48.15 -70.69
N THR A 36 8.92 -47.14 -70.15
CA THR A 36 9.39 -46.41 -68.97
C THR A 36 8.25 -46.24 -67.99
N LEU A 37 8.54 -46.45 -66.70
CA LEU A 37 7.55 -46.36 -65.64
C LEU A 37 7.59 -44.97 -65.01
N VAL A 38 6.53 -44.19 -65.24
CA VAL A 38 6.34 -42.90 -64.60
C VAL A 38 5.44 -43.12 -63.39
N ALA A 39 6.07 -43.44 -62.24
CA ALA A 39 5.35 -43.77 -61.03
C ALA A 39 5.22 -42.53 -60.15
N GLY A 40 4.17 -42.52 -59.29
CA GLY A 40 3.94 -41.43 -58.37
C GLY A 40 2.57 -41.54 -57.70
N THR A 41 2.44 -40.92 -56.52
CA THR A 41 1.20 -40.89 -55.78
C THR A 41 0.18 -40.02 -56.53
N PRO A 42 -1.12 -40.02 -56.13
CA PRO A 42 -2.11 -39.12 -56.75
C PRO A 42 -1.67 -37.66 -56.75
N GLY A 43 -1.77 -37.03 -57.93
CA GLY A 43 -1.49 -35.62 -58.08
C GLY A 43 0.00 -35.31 -58.22
N THR A 44 0.75 -36.25 -58.80
CA THR A 44 2.18 -36.07 -59.02
C THR A 44 2.45 -35.60 -60.46
N GLY A 45 1.43 -35.68 -61.32
CA GLY A 45 1.53 -35.16 -62.68
C GLY A 45 2.05 -36.21 -63.66
N LYS A 46 1.48 -37.43 -63.59
CA LYS A 46 1.87 -38.52 -64.47
C LYS A 46 1.10 -38.42 -65.78
N THR A 47 -0.19 -38.07 -65.69
CA THR A 47 -1.04 -37.92 -66.85
C THR A 47 -0.54 -36.78 -67.72
N VAL A 48 -0.13 -35.67 -67.09
CA VAL A 48 0.37 -34.51 -67.78
C VAL A 48 1.70 -34.86 -68.46
N PHE A 49 2.57 -35.55 -67.71
CA PHE A 49 3.89 -35.95 -68.19
C PHE A 49 3.75 -36.80 -69.46
N ALA A 50 2.79 -37.73 -69.42
CA ALA A 50 2.59 -38.70 -70.49
C ALA A 50 2.10 -38.01 -71.77
N MET A 51 1.11 -37.12 -71.62
CA MET A 51 0.53 -36.42 -72.75
C MET A 51 1.58 -35.54 -73.42
N GLN A 52 2.36 -34.82 -72.60
CA GLN A 52 3.36 -33.89 -73.10
C GLN A 52 4.41 -34.63 -73.93
N PHE A 53 4.70 -35.88 -73.53
CA PHE A 53 5.57 -36.77 -74.28
C PHE A 53 5.00 -37.03 -75.66
N LEU A 54 3.71 -37.39 -75.71
CA LEU A 54 3.01 -37.61 -76.96
C LEU A 54 2.90 -36.31 -77.75
N TYR A 55 2.39 -35.26 -77.09
CA TYR A 55 2.11 -33.98 -77.73
C TYR A 55 3.35 -33.48 -78.48
N HIS A 56 4.46 -33.32 -77.75
CA HIS A 56 5.72 -32.88 -78.34
C HIS A 56 6.11 -33.80 -79.49
N GLY A 57 5.81 -35.10 -79.33
CA GLY A 57 6.05 -36.10 -80.38
C GLY A 57 5.44 -35.70 -81.72
N ILE A 58 4.16 -35.33 -81.71
CA ILE A 58 3.40 -35.15 -82.95
C ILE A 58 3.71 -33.78 -83.56
N LYS A 59 4.16 -32.84 -82.74
CA LYS A 59 4.37 -31.46 -83.17
C LYS A 59 5.78 -31.28 -83.72
N ARG A 60 6.78 -31.64 -82.90
CA ARG A 60 8.16 -31.31 -83.17
C ARG A 60 8.81 -32.39 -84.04
N PHE A 61 8.60 -33.65 -83.68
CA PHE A 61 9.28 -34.78 -84.31
C PHE A 61 8.34 -35.49 -85.28
N ASP A 62 7.04 -35.16 -85.23
CA ASP A 62 6.03 -35.70 -86.14
C ASP A 62 5.95 -37.21 -85.96
N GLU A 63 5.85 -37.64 -84.69
CA GLU A 63 5.67 -39.05 -84.36
C GLU A 63 4.29 -39.21 -83.74
N PRO A 64 3.30 -39.81 -84.44
CA PRO A 64 1.96 -40.00 -83.88
C PRO A 64 2.01 -40.84 -82.61
N GLY A 65 1.06 -40.59 -81.70
CA GLY A 65 1.06 -41.23 -80.38
C GLY A 65 -0.33 -41.70 -79.97
N VAL A 66 -0.36 -42.82 -79.22
CA VAL A 66 -1.60 -43.41 -78.76
C VAL A 66 -1.64 -43.34 -77.23
N PHE A 67 -2.81 -43.00 -76.69
CA PHE A 67 -2.99 -42.84 -75.26
C PHE A 67 -4.06 -43.82 -74.79
N VAL A 68 -3.64 -44.85 -74.03
CA VAL A 68 -4.55 -45.84 -73.50
C VAL A 68 -4.91 -45.43 -72.08
N THR A 69 -6.20 -45.18 -71.83
CA THR A 69 -6.69 -44.74 -70.54
C THR A 69 -7.46 -45.88 -69.87
N PHE A 70 -7.26 -46.03 -68.55
CA PHE A 70 -7.99 -46.99 -67.76
C PHE A 70 -8.65 -46.29 -66.57
N GLU A 71 -9.02 -45.01 -66.75
CA GLU A 71 -9.61 -44.23 -65.68
C GLU A 71 -10.40 -43.05 -66.27
N GLU A 72 -9.69 -41.97 -66.61
CA GLU A 72 -10.32 -40.76 -67.11
C GLU A 72 -10.78 -40.99 -68.55
N SER A 73 -12.04 -40.65 -68.84
CA SER A 73 -12.61 -40.87 -70.16
C SER A 73 -11.95 -39.95 -71.18
N PRO A 74 -11.77 -40.40 -72.43
CA PRO A 74 -11.15 -39.57 -73.49
C PRO A 74 -11.63 -38.12 -73.54
N ASP A 75 -12.95 -37.93 -73.44
CA ASP A 75 -13.57 -36.61 -73.48
C ASP A 75 -13.04 -35.76 -72.32
N ASP A 76 -12.89 -36.36 -71.14
CA ASP A 76 -12.40 -35.64 -69.97
C ASP A 76 -10.92 -35.32 -70.14
N ILE A 77 -10.14 -36.28 -70.64
CA ILE A 77 -8.71 -36.11 -70.84
C ILE A 77 -8.46 -34.91 -71.76
N LEU A 78 -9.26 -34.82 -72.83
CA LEU A 78 -9.17 -33.73 -73.79
C LEU A 78 -9.44 -32.39 -73.10
N ARG A 79 -10.48 -32.36 -72.25
CA ARG A 79 -10.89 -31.15 -71.57
C ARG A 79 -9.91 -30.79 -70.46
N ASN A 80 -9.28 -31.81 -69.85
CA ASN A 80 -8.38 -31.61 -68.73
C ASN A 80 -7.05 -31.04 -69.23
N MET A 81 -6.62 -31.44 -70.43
CA MET A 81 -5.33 -31.03 -70.97
C MET A 81 -5.49 -29.78 -71.83
N ALA A 82 -6.64 -29.09 -71.70
CA ALA A 82 -7.00 -28.01 -72.60
C ALA A 82 -6.37 -26.69 -72.15
N SER A 83 -6.42 -26.43 -70.84
CA SER A 83 -5.93 -25.17 -70.27
C SER A 83 -4.43 -25.01 -70.52
N PHE A 84 -3.72 -26.13 -70.70
CA PHE A 84 -2.29 -26.11 -70.95
C PHE A 84 -1.97 -25.40 -72.27
N GLY A 85 -2.99 -25.20 -73.13
CA GLY A 85 -2.84 -24.47 -74.36
C GLY A 85 -2.37 -25.37 -75.51
N TRP A 86 -2.16 -26.66 -75.21
CA TRP A 86 -1.86 -27.65 -76.22
C TRP A 86 -3.09 -27.85 -77.11
N ASP A 87 -2.86 -28.09 -78.40
CA ASP A 87 -3.91 -28.53 -79.30
C ASP A 87 -4.32 -29.95 -78.90
N LEU A 88 -5.63 -30.24 -78.97
CA LEU A 88 -6.17 -31.51 -78.49
C LEU A 88 -7.02 -32.15 -79.58
N GLN A 89 -8.19 -31.54 -79.84
CA GLN A 89 -9.11 -32.03 -80.87
C GLN A 89 -8.49 -31.78 -82.25
N LYS A 90 -7.74 -30.68 -82.36
CA LYS A 90 -7.00 -30.33 -83.57
C LYS A 90 -6.14 -31.50 -84.03
N LEU A 91 -5.52 -32.20 -83.07
CA LEU A 91 -4.60 -33.29 -83.36
C LEU A 91 -5.37 -34.59 -83.53
N VAL A 92 -6.34 -34.82 -82.62
CA VAL A 92 -7.14 -36.04 -82.62
C VAL A 92 -7.95 -36.13 -83.91
N GLU A 93 -8.49 -34.99 -84.36
CA GLU A 93 -9.28 -34.93 -85.59
C GLU A 93 -8.34 -34.80 -86.80
N GLU A 94 -7.33 -35.66 -86.87
CA GLU A 94 -6.42 -35.68 -88.00
C GLU A 94 -5.57 -36.95 -88.00
N GLY A 95 -5.89 -37.93 -87.14
CA GLY A 95 -5.11 -39.15 -87.01
C GLY A 95 -3.69 -38.90 -86.52
N LYS A 96 -3.52 -37.83 -85.73
CA LYS A 96 -2.24 -37.50 -85.13
C LYS A 96 -2.15 -38.15 -83.74
N LEU A 97 -3.27 -38.10 -83.01
CA LEU A 97 -3.35 -38.67 -81.67
C LEU A 97 -4.59 -39.57 -81.59
N ALA A 98 -4.51 -40.59 -80.72
CA ALA A 98 -5.59 -41.53 -80.54
C ALA A 98 -5.71 -41.93 -79.07
N ILE A 99 -6.91 -41.74 -78.50
CA ILE A 99 -7.17 -42.05 -77.11
C ILE A 99 -8.01 -43.33 -77.05
N VAL A 100 -7.36 -44.47 -76.79
CA VAL A 100 -8.04 -45.74 -76.65
C VAL A 100 -8.60 -45.82 -75.23
N ASP A 101 -9.90 -46.15 -75.12
CA ASP A 101 -10.55 -46.26 -73.82
C ASP A 101 -10.67 -47.73 -73.43
N ALA A 102 -10.24 -48.05 -72.21
CA ALA A 102 -10.35 -49.40 -71.67
C ALA A 102 -11.05 -49.38 -70.30
N SER A 103 -11.36 -48.19 -69.78
CA SER A 103 -12.14 -48.06 -68.56
C SER A 103 -13.59 -48.44 -68.87
N PRO A 104 -14.19 -49.40 -68.13
CA PRO A 104 -15.59 -49.79 -68.35
C PRO A 104 -16.50 -48.58 -68.55
N ASP A 105 -16.79 -48.25 -69.81
CA ASP A 105 -17.63 -47.12 -70.16
C ASP A 105 -18.97 -47.27 -69.46
N PRO A 106 -19.64 -48.45 -69.58
CA PRO A 106 -20.80 -48.78 -68.75
C PRO A 106 -20.43 -49.73 -67.62
N GLU A 107 -21.44 -50.41 -67.06
CA GLU A 107 -21.23 -51.50 -66.13
C GLU A 107 -22.21 -52.62 -66.46
N GLU A 108 -22.45 -53.52 -65.49
CA GLU A 108 -23.37 -54.63 -65.62
C GLU A 108 -22.93 -55.53 -66.78
N GLU A 109 -21.63 -55.86 -66.78
CA GLU A 109 -21.04 -56.68 -67.83
C GLU A 109 -20.68 -58.04 -67.24
N GLU A 110 -19.38 -58.29 -67.01
CA GLU A 110 -18.91 -59.55 -66.47
C GLU A 110 -18.91 -59.46 -64.93
N ASP A 116 -9.85 -58.50 -71.24
CA ASP A 116 -8.55 -59.23 -71.29
C ASP A 116 -7.80 -58.80 -72.54
N LEU A 117 -7.33 -59.79 -73.33
CA LEU A 117 -6.67 -59.53 -74.60
C LEU A 117 -7.66 -58.95 -75.60
N SER A 118 -8.96 -59.23 -75.37
CA SER A 118 -10.03 -58.61 -76.15
C SER A 118 -10.02 -57.10 -75.98
N GLY A 119 -9.87 -56.65 -74.73
CA GLY A 119 -9.77 -55.24 -74.40
C GLY A 119 -8.33 -54.78 -74.22
N LEU A 120 -7.42 -55.34 -75.04
CA LEU A 120 -6.00 -55.02 -74.98
C LEU A 120 -5.32 -55.57 -76.23
N LEU A 121 -3.98 -55.69 -76.17
CA LEU A 121 -3.18 -56.34 -77.19
C LEU A 121 -3.48 -55.76 -78.56
N ALA A 122 -4.52 -56.28 -79.23
CA ALA A 122 -4.84 -55.91 -80.60
C ALA A 122 -5.30 -54.45 -80.64
N ARG A 123 -6.21 -54.08 -79.73
CA ARG A 123 -6.75 -52.73 -79.67
C ARG A 123 -5.63 -51.70 -79.78
N ILE A 124 -4.56 -51.89 -79.00
CA ILE A 124 -3.41 -51.00 -79.01
C ILE A 124 -2.57 -51.25 -80.27
N ASN A 125 -2.40 -52.52 -80.63
CA ASN A 125 -1.64 -52.91 -81.81
C ASN A 125 -2.29 -52.32 -83.06
N HIS A 126 -3.63 -52.34 -83.09
CA HIS A 126 -4.40 -51.72 -84.15
C HIS A 126 -4.11 -50.22 -84.19
N ALA A 127 -4.27 -49.55 -83.04
CA ALA A 127 -4.06 -48.12 -82.92
C ALA A 127 -2.68 -47.75 -83.44
N ILE A 128 -1.65 -48.48 -82.99
CA ILE A 128 -0.28 -48.25 -83.41
C ILE A 128 -0.17 -48.41 -84.93
N ARG A 129 -0.83 -49.45 -85.46
CA ARG A 129 -0.79 -49.74 -86.89
C ARG A 129 -1.61 -48.72 -87.67
N LYS A 130 -2.83 -48.45 -87.18
CA LYS A 130 -3.78 -47.58 -87.87
C LYS A 130 -3.22 -46.16 -87.96
N TYR A 131 -2.78 -45.62 -86.82
CA TYR A 131 -2.33 -44.23 -86.75
C TYR A 131 -0.84 -44.13 -87.07
N LYS A 132 -0.17 -45.27 -87.25
CA LYS A 132 1.24 -45.32 -87.63
C LYS A 132 2.06 -44.62 -86.55
N ALA A 133 1.89 -45.06 -85.31
CA ALA A 133 2.42 -44.37 -84.14
C ALA A 133 3.83 -44.84 -83.82
N LYS A 134 4.59 -43.97 -83.15
CA LYS A 134 5.94 -44.29 -82.68
C LYS A 134 6.05 -44.04 -81.18
N ARG A 135 4.97 -43.55 -80.55
CA ARG A 135 4.93 -43.31 -79.12
C ARG A 135 3.60 -43.82 -78.56
N VAL A 136 3.62 -44.36 -77.35
CA VAL A 136 2.43 -44.88 -76.70
C VAL A 136 2.49 -44.59 -75.21
N VAL A 137 1.32 -44.39 -74.60
CA VAL A 137 1.19 -44.23 -73.16
C VAL A 137 0.12 -45.20 -72.67
N ILE A 138 0.44 -45.92 -71.58
CA ILE A 138 -0.53 -46.76 -70.89
C ILE A 138 -0.79 -46.14 -69.51
N ASP A 139 -1.91 -45.41 -69.39
CA ASP A 139 -2.18 -44.65 -68.19
C ASP A 139 -2.74 -45.57 -67.10
N SER A 140 -1.99 -45.70 -66.01
CA SER A 140 -2.38 -46.46 -64.84
C SER A 140 -2.46 -47.95 -65.17
N ILE A 141 -1.32 -48.64 -64.99
CA ILE A 141 -1.26 -50.09 -65.12
C ILE A 141 -1.88 -50.68 -63.85
N THR A 142 -1.76 -49.94 -62.75
CA THR A 142 -2.30 -50.33 -61.46
C THR A 142 -3.83 -50.40 -61.51
N ALA A 143 -4.44 -49.67 -62.45
CA ALA A 143 -5.88 -49.65 -62.61
C ALA A 143 -6.40 -51.03 -63.04
N ILE A 144 -5.63 -51.71 -63.90
CA ILE A 144 -6.00 -53.04 -64.39
C ILE A 144 -6.34 -53.93 -63.21
N PHE A 145 -5.53 -53.86 -62.14
CA PHE A 145 -5.67 -54.73 -60.98
C PHE A 145 -6.97 -54.45 -60.24
N GLN A 146 -7.24 -53.16 -59.98
CA GLN A 146 -8.48 -52.78 -59.29
C GLN A 146 -9.69 -53.27 -60.07
N GLN A 147 -9.62 -53.15 -61.41
CA GLN A 147 -10.73 -53.52 -62.27
C GLN A 147 -10.79 -55.04 -62.42
N PHE A 148 -9.81 -55.62 -63.12
CA PHE A 148 -9.79 -57.04 -63.43
C PHE A 148 -9.12 -57.81 -62.30
N ALA A 151 -4.91 -61.51 -61.73
CA ALA A 151 -3.71 -61.02 -61.00
C ALA A 151 -2.44 -61.59 -61.62
N SER A 152 -2.29 -62.92 -61.50
CA SER A 152 -1.20 -63.63 -62.15
C SER A 152 -1.41 -63.63 -63.67
N THR A 153 -2.68 -63.63 -64.09
CA THR A 153 -3.05 -63.51 -65.48
C THR A 153 -2.78 -62.09 -65.97
N VAL A 154 -3.16 -61.10 -65.15
CA VAL A 154 -3.00 -59.70 -65.49
C VAL A 154 -1.51 -59.38 -65.64
N ARG A 155 -0.68 -59.98 -64.78
CA ARG A 155 0.76 -59.80 -64.82
C ARG A 155 1.35 -60.39 -66.09
N ARG A 156 0.77 -61.51 -66.55
CA ARG A 156 1.22 -62.20 -67.74
C ARG A 156 0.95 -61.33 -68.98
N GLU A 157 -0.28 -60.83 -69.08
CA GLU A 157 -0.70 -60.01 -70.21
C GLU A 157 0.16 -58.75 -70.31
N LEU A 158 0.35 -58.08 -69.16
CA LEU A 158 1.12 -56.85 -69.09
C LEU A 158 2.59 -57.13 -69.43
N PHE A 159 3.07 -58.32 -69.05
CA PHE A 159 4.43 -58.74 -69.35
C PHE A 159 4.60 -58.91 -70.86
N ARG A 160 3.59 -59.47 -71.51
CA ARG A 160 3.61 -59.72 -72.95
C ARG A 160 3.49 -58.40 -73.72
N LEU A 161 2.77 -57.43 -73.12
CA LEU A 161 2.55 -56.13 -73.75
C LEU A 161 3.88 -55.40 -73.92
N VAL A 162 4.76 -55.51 -72.91
CA VAL A 162 6.07 -54.90 -72.95
C VAL A 162 6.89 -55.51 -74.09
N ALA A 163 6.73 -56.82 -74.30
CA ALA A 163 7.44 -57.53 -75.35
C ALA A 163 6.86 -57.15 -76.72
N ARG A 164 5.52 -57.15 -76.82
CA ARG A 164 4.82 -56.81 -78.04
C ARG A 164 5.21 -55.40 -78.49
N LEU A 165 5.16 -54.45 -77.55
CA LEU A 165 5.49 -53.06 -77.83
C LEU A 165 6.95 -52.91 -78.24
N LYS A 166 7.81 -53.77 -77.69
CA LYS A 166 9.22 -53.80 -78.04
C LYS A 166 9.39 -54.22 -79.51
N ARG A 167 8.65 -55.27 -79.90
CA ARG A 167 8.71 -55.81 -81.25
C ARG A 167 8.08 -54.81 -82.23
N MET A 168 6.96 -54.21 -81.83
CA MET A 168 6.28 -53.20 -82.63
C MET A 168 7.18 -51.98 -82.80
N GLY A 169 8.05 -51.74 -81.81
CA GLY A 169 9.06 -50.69 -81.89
C GLY A 169 8.45 -49.33 -81.58
N VAL A 170 8.16 -49.10 -80.29
CA VAL A 170 7.50 -47.89 -79.83
C VAL A 170 8.02 -47.52 -78.45
N THR A 171 8.38 -46.24 -78.29
CA THR A 171 8.81 -45.71 -77.01
C THR A 171 7.58 -45.48 -76.14
N THR A 172 7.42 -46.33 -75.11
CA THR A 172 6.20 -46.38 -74.33
C THR A 172 6.43 -45.74 -72.96
N ILE A 173 5.36 -45.19 -72.38
CA ILE A 173 5.34 -44.74 -71.00
C ILE A 173 4.17 -45.43 -70.29
N MET A 174 4.49 -46.17 -69.21
CA MET A 174 3.48 -46.89 -68.45
C MET A 174 3.38 -46.30 -67.05
N THR A 175 2.32 -45.54 -66.80
CA THR A 175 2.18 -44.81 -65.55
C THR A 175 1.63 -45.75 -64.47
N ALA A 176 2.04 -45.52 -63.22
CA ALA A 176 1.59 -46.31 -62.09
C ALA A 176 1.48 -45.42 -60.85
N GLU A 177 0.83 -45.95 -59.80
CA GLU A 177 0.58 -45.21 -58.58
C GLU A 177 1.42 -45.78 -57.44
N ARG A 178 1.60 -44.95 -56.40
CA ARG A 178 2.33 -45.34 -55.20
C ARG A 178 1.50 -45.00 -53.98
N THR A 179 1.80 -45.66 -52.85
CA THR A 179 1.14 -45.41 -51.59
C THR A 179 1.88 -44.33 -50.81
N GLU A 180 3.22 -44.38 -50.86
CA GLU A 180 4.07 -43.44 -50.13
C GLU A 180 5.04 -42.79 -51.10
N GLU A 181 5.56 -41.62 -50.71
CA GLU A 181 6.49 -40.85 -51.51
C GLU A 181 7.88 -41.46 -51.38
N TYR A 182 8.27 -41.76 -50.14
CA TYR A 182 9.56 -42.36 -49.83
C TYR A 182 9.34 -43.79 -49.33
N GLY A 183 9.11 -44.71 -50.27
CA GLY A 183 8.88 -46.10 -49.95
C GLY A 183 8.88 -46.98 -51.21
N PRO A 184 7.95 -47.97 -51.32
CA PRO A 184 7.92 -48.86 -52.48
C PRO A 184 7.78 -48.10 -53.80
N ILE A 185 8.51 -48.58 -54.83
CA ILE A 185 8.62 -47.89 -56.10
C ILE A 185 7.24 -47.77 -56.74
N ALA A 186 6.51 -48.89 -56.81
CA ALA A 186 5.19 -48.92 -57.43
C ALA A 186 4.31 -49.94 -56.72
N ARG A 187 2.99 -49.81 -56.94
CA ARG A 187 2.00 -50.71 -56.39
C ARG A 187 2.04 -52.03 -57.17
N TYR A 188 1.76 -53.13 -56.47
CA TYR A 188 1.58 -54.45 -57.06
C TYR A 188 2.85 -54.89 -57.78
N GLY A 189 4.01 -54.48 -57.26
CA GLY A 189 5.30 -54.84 -57.82
C GLY A 189 5.30 -54.82 -59.35
N VAL A 190 4.86 -53.69 -59.93
CA VAL A 190 4.91 -53.49 -61.37
C VAL A 190 6.35 -53.17 -61.76
N GLU A 191 7.17 -52.82 -60.76
CA GLU A 191 8.60 -52.61 -60.93
C GLU A 191 9.31 -53.91 -61.34
N GLU A 192 8.55 -54.95 -61.69
CA GLU A 192 9.10 -56.20 -62.19
C GLU A 192 8.66 -56.42 -63.64
N PHE A 193 7.37 -56.18 -63.92
CA PHE A 193 6.83 -56.34 -65.26
C PHE A 193 7.48 -55.32 -66.19
N VAL A 194 7.74 -54.12 -65.67
CA VAL A 194 8.39 -53.06 -66.42
C VAL A 194 9.68 -52.66 -65.71
N ALA A 195 10.52 -53.65 -65.39
CA ALA A 195 11.83 -53.41 -64.82
C ALA A 195 12.83 -53.13 -65.93
N ASP A 196 13.27 -51.87 -66.03
CA ASP A 196 14.22 -51.46 -67.05
C ASP A 196 14.46 -49.96 -66.95
N ASN A 197 13.37 -49.18 -67.01
CA ASN A 197 13.43 -47.73 -66.93
C ASN A 197 12.37 -47.26 -65.95
N VAL A 198 12.82 -46.59 -64.88
CA VAL A 198 11.92 -46.09 -63.85
C VAL A 198 12.14 -44.60 -63.67
N VAL A 199 11.04 -43.84 -63.68
CA VAL A 199 11.05 -42.41 -63.40
C VAL A 199 10.05 -42.15 -62.28
N ILE A 200 10.52 -41.54 -61.19
CA ILE A 200 9.70 -41.33 -60.00
C ILE A 200 9.29 -39.86 -59.94
N LEU A 201 8.00 -39.60 -59.73
CA LEU A 201 7.50 -38.27 -59.47
C LEU A 201 6.89 -38.24 -58.06
N ARG A 202 7.27 -37.23 -57.27
CA ARG A 202 6.89 -37.17 -55.86
C ARG A 202 6.43 -35.75 -55.53
N ASN A 203 5.45 -35.66 -54.61
CA ASN A 203 4.95 -34.39 -54.12
C ASN A 203 4.94 -34.47 -52.59
N VAL A 204 5.99 -33.94 -51.96
CA VAL A 204 6.27 -34.19 -50.55
C VAL A 204 5.68 -33.08 -49.70
N LEU A 205 5.21 -33.46 -48.51
CA LEU A 205 4.60 -32.55 -47.55
C LEU A 205 5.52 -31.37 -47.25
N GLU A 206 6.69 -31.64 -46.64
CA GLU A 206 7.69 -30.62 -46.37
C GLU A 206 7.06 -29.39 -45.70
N GLY A 207 6.66 -29.55 -44.44
CA GLY A 207 6.24 -28.43 -43.60
C GLY A 207 5.10 -27.62 -44.22
N GLU A 208 3.96 -28.31 -44.48
CA GLU A 208 2.74 -27.69 -44.96
C GLU A 208 2.94 -27.02 -46.32
N ARG A 209 4.00 -27.39 -47.04
CA ARG A 209 4.35 -26.74 -48.30
C ARG A 209 4.78 -27.81 -49.29
N ARG A 210 3.87 -28.17 -50.19
CA ARG A 210 4.08 -29.29 -51.11
C ARG A 210 5.12 -28.89 -52.15
N ARG A 211 6.04 -29.80 -52.46
CA ARG A 211 7.05 -29.59 -53.48
C ARG A 211 7.07 -30.78 -54.44
N ARG A 212 6.93 -30.50 -55.73
CA ARG A 212 6.99 -31.53 -56.76
C ARG A 212 8.44 -31.77 -57.15
N THR A 213 8.78 -33.04 -57.44
CA THR A 213 10.14 -33.39 -57.82
C THR A 213 10.12 -34.61 -58.75
N ILE A 214 11.17 -34.71 -59.59
CA ILE A 214 11.26 -35.77 -60.58
C ILE A 214 12.62 -36.44 -60.43
N GLU A 215 12.66 -37.76 -60.70
CA GLU A 215 13.87 -38.55 -60.51
C GLU A 215 13.85 -39.74 -61.46
N ILE A 216 15.01 -40.02 -62.07
CA ILE A 216 15.22 -41.24 -62.83
C ILE A 216 16.01 -42.21 -61.96
N LEU A 217 15.33 -43.23 -61.44
CA LEU A 217 15.96 -44.22 -60.58
C LEU A 217 16.96 -45.05 -61.39
N LYS A 218 16.54 -45.48 -62.59
CA LYS A 218 17.38 -46.32 -63.42
C LYS A 218 17.04 -46.14 -64.90
N PHE A 219 18.07 -46.23 -65.74
CA PHE A 219 17.94 -46.43 -67.17
C PHE A 219 18.91 -47.54 -67.58
N ARG A 220 18.39 -48.76 -67.77
CA ARG A 220 19.22 -49.88 -68.17
C ARG A 220 19.85 -49.60 -69.54
N GLY A 221 21.18 -49.63 -69.59
CA GLY A 221 21.92 -49.54 -70.85
C GLY A 221 22.42 -48.13 -71.14
N THR A 222 21.93 -47.12 -70.40
CA THR A 222 22.27 -45.73 -70.66
C THR A 222 22.57 -45.02 -69.34
N SER A 223 23.12 -43.80 -69.47
CA SER A 223 23.44 -42.95 -68.32
C SER A 223 22.32 -41.94 -68.12
N HIS A 224 22.22 -41.43 -66.88
CA HIS A 224 21.17 -40.50 -66.50
C HIS A 224 21.62 -39.71 -65.27
N GLN A 225 21.04 -38.51 -65.10
CA GLN A 225 21.32 -37.66 -63.95
C GLN A 225 20.60 -38.22 -62.73
N LYS A 226 21.38 -38.58 -61.70
CA LYS A 226 20.85 -39.22 -60.50
C LYS A 226 20.40 -38.16 -59.50
N GLY A 227 19.25 -38.42 -58.86
CA GLY A 227 18.74 -37.57 -57.79
C GLY A 227 17.37 -37.00 -58.12
N GLU A 228 16.83 -36.22 -57.17
CA GLU A 228 15.52 -35.59 -57.32
C GLU A 228 15.70 -34.15 -57.82
N PHE A 229 15.01 -33.83 -58.92
CA PHE A 229 15.03 -32.50 -59.51
C PHE A 229 13.65 -31.87 -59.41
N PRO A 230 13.52 -30.59 -58.97
CA PRO A 230 12.22 -29.94 -58.83
C PRO A 230 11.54 -29.65 -60.17
N PHE A 231 10.20 -29.60 -60.16
CA PHE A 231 9.43 -29.20 -61.33
C PHE A 231 8.14 -28.53 -60.90
N THR A 232 7.41 -27.98 -61.88
CA THR A 232 6.15 -27.29 -61.64
C THR A 232 5.19 -27.60 -62.78
N ILE A 233 3.91 -27.81 -62.43
CA ILE A 233 2.87 -28.01 -63.42
C ILE A 233 2.11 -26.69 -63.59
N THR A 234 2.70 -25.78 -64.37
CA THR A 234 2.08 -24.51 -64.70
C THR A 234 0.97 -24.74 -65.71
N PRO A 235 -0.02 -23.81 -65.81
CA PRO A 235 -1.08 -23.92 -66.83
C PRO A 235 -0.51 -23.78 -68.24
N GLY A 236 -0.57 -22.59 -68.84
CA GLY A 236 -0.15 -22.40 -70.22
C GLY A 236 1.33 -22.72 -70.41
N GLU A 237 1.66 -24.01 -70.41
CA GLU A 237 3.04 -24.48 -70.49
C GLU A 237 3.08 -25.99 -70.33
N GLY A 238 2.59 -26.47 -69.18
CA GLY A 238 2.65 -27.88 -68.82
C GLY A 238 3.66 -28.13 -67.70
N ILE A 239 4.42 -29.23 -67.82
CA ILE A 239 5.44 -29.59 -66.84
C ILE A 239 6.75 -28.90 -67.24
N SER A 240 7.35 -28.19 -66.28
CA SER A 240 8.64 -27.54 -66.45
C SER A 240 9.58 -27.98 -65.34
N ILE A 241 10.64 -28.72 -65.72
CA ILE A 241 11.62 -29.20 -64.77
C ILE A 241 12.81 -28.24 -64.81
N PHE A 242 13.37 -27.95 -63.63
CA PHE A 242 14.47 -27.01 -63.49
C PHE A 242 15.75 -27.78 -63.15
N PRO A 243 16.61 -28.11 -64.14
CA PRO A 243 17.88 -28.77 -63.85
C PRO A 243 18.94 -27.71 -63.55
N LEU A 244 19.08 -27.38 -62.27
CA LEU A 244 20.09 -26.45 -61.80
C LEU A 244 21.47 -26.93 -62.23
N SER A 245 21.60 -28.25 -62.41
CA SER A 245 22.80 -28.86 -62.95
C SER A 245 23.04 -28.40 -64.39
N ALA A 246 22.01 -28.56 -65.24
CA ALA A 246 22.11 -28.30 -66.66
C ALA A 246 22.54 -26.86 -66.93
N MET A 247 22.09 -25.93 -66.08
CA MET A 247 22.42 -24.52 -66.20
C MET A 247 23.91 -24.35 -66.45
N ARG A 248 24.26 -23.67 -67.55
CA ARG A 248 25.64 -23.47 -67.95
C ARG A 248 25.74 -22.26 -68.88
N SER A 253 31.10 -10.54 -69.71
CA SER A 253 31.40 -10.28 -71.16
C SER A 253 31.10 -8.82 -71.49
N SER A 254 31.53 -7.90 -70.62
CA SER A 254 31.30 -6.48 -70.81
C SER A 254 32.20 -5.67 -69.87
N ASN A 255 32.79 -4.60 -70.41
CA ASN A 255 33.55 -3.65 -69.61
C ASN A 255 32.81 -2.32 -69.57
N VAL A 256 31.55 -2.31 -70.05
CA VAL A 256 30.70 -1.13 -70.01
C VAL A 256 30.26 -0.91 -68.57
N ARG A 257 30.50 0.31 -68.07
CA ARG A 257 30.20 0.66 -66.68
C ARG A 257 28.93 1.50 -66.63
N VAL A 258 27.94 1.03 -65.86
CA VAL A 258 26.65 1.69 -65.70
C VAL A 258 26.62 2.37 -64.33
N SER A 259 25.67 3.30 -64.15
CA SER A 259 25.57 4.09 -62.94
C SER A 259 24.73 3.37 -61.87
N SER A 260 24.74 3.92 -60.65
CA SER A 260 24.04 3.36 -59.51
C SER A 260 22.85 4.21 -59.11
N GLY A 261 22.87 5.51 -59.50
CA GLY A 261 21.89 6.48 -59.02
C GLY A 261 22.53 7.48 -58.06
N VAL A 262 23.37 6.96 -57.15
CA VAL A 262 24.17 7.80 -56.26
C VAL A 262 25.54 7.96 -56.88
N PRO A 263 25.97 9.19 -57.24
CA PRO A 263 27.23 9.41 -57.96
C PRO A 263 28.48 9.07 -57.13
N GLU A 264 28.39 9.26 -55.81
CA GLU A 264 29.52 9.05 -54.92
C GLU A 264 29.69 7.55 -54.65
N LEU A 265 28.60 6.79 -54.70
CA LEU A 265 28.66 5.33 -54.60
C LEU A 265 29.29 4.76 -55.87
N ASP A 266 29.08 5.43 -57.01
CA ASP A 266 29.73 5.05 -58.25
C ASP A 266 31.25 5.24 -58.12
N GLU A 267 31.65 6.31 -57.42
CA GLU A 267 33.05 6.59 -57.17
C GLU A 267 33.64 5.59 -56.17
N MET A 268 32.79 5.05 -55.29
CA MET A 268 33.20 4.01 -54.37
C MET A 268 33.46 2.71 -55.14
N CYS A 269 32.81 2.56 -56.29
CA CYS A 269 32.94 1.37 -57.12
C CYS A 269 33.98 1.58 -58.22
N GLY A 270 34.46 2.82 -58.38
CA GLY A 270 35.50 3.13 -59.35
C GLY A 270 34.93 3.33 -60.75
N GLY A 271 33.89 4.15 -60.86
CA GLY A 271 33.25 4.43 -62.14
C GLY A 271 31.75 4.10 -62.11
N GLY A 272 31.40 3.00 -61.43
CA GLY A 272 30.03 2.53 -61.34
C GLY A 272 29.95 1.01 -61.33
N PHE A 273 28.77 0.48 -61.64
CA PHE A 273 28.58 -0.96 -61.77
C PHE A 273 28.79 -1.37 -63.23
N PHE A 274 29.25 -2.62 -63.43
CA PHE A 274 29.33 -3.19 -64.76
C PHE A 274 27.91 -3.54 -65.24
N ARG A 275 27.66 -3.35 -66.53
CA ARG A 275 26.33 -3.57 -67.09
C ARG A 275 25.96 -5.04 -66.97
N ASP A 276 26.95 -5.92 -67.09
CA ASP A 276 26.75 -7.36 -66.95
C ASP A 276 27.21 -7.78 -65.56
N SER A 277 26.36 -7.52 -64.54
CA SER A 277 26.70 -7.83 -63.16
C SER A 277 25.45 -8.04 -62.31
N ILE A 278 25.64 -8.77 -61.21
CA ILE A 278 24.64 -8.91 -60.16
C ILE A 278 25.17 -8.22 -58.91
N ILE A 279 24.43 -7.24 -58.39
CA ILE A 279 24.83 -6.52 -57.19
C ILE A 279 23.98 -6.98 -56.01
N LEU A 280 24.63 -7.19 -54.87
CA LEU A 280 23.95 -7.49 -53.61
C LEU A 280 24.03 -6.25 -52.70
N VAL A 281 22.89 -5.92 -52.08
CA VAL A 281 22.83 -4.89 -51.07
C VAL A 281 22.24 -5.50 -49.80
N SER A 282 23.06 -5.60 -48.75
CA SER A 282 22.67 -6.27 -47.52
C SER A 282 22.76 -5.31 -46.34
N GLY A 283 21.86 -5.50 -45.37
CA GLY A 283 21.79 -4.68 -44.17
C GLY A 283 20.48 -4.88 -43.42
N ALA A 284 20.41 -4.34 -42.19
CA ALA A 284 19.20 -4.43 -41.38
C ALA A 284 18.14 -3.48 -41.93
N THR A 285 16.94 -3.51 -41.32
CA THR A 285 15.83 -2.68 -41.77
C THR A 285 16.11 -1.21 -41.43
N GLY A 286 15.68 -0.32 -42.34
CA GLY A 286 15.81 1.11 -42.17
C GLY A 286 17.21 1.63 -42.49
N THR A 287 18.10 0.75 -42.98
CA THR A 287 19.46 1.14 -43.30
C THR A 287 19.46 1.98 -44.58
N GLY A 288 18.74 1.50 -45.61
CA GLY A 288 18.55 2.26 -46.84
C GLY A 288 18.79 1.41 -48.09
N LYS A 289 18.27 0.17 -48.08
CA LYS A 289 18.44 -0.74 -49.20
C LYS A 289 17.45 -0.39 -50.30
N THR A 290 16.21 -0.06 -49.89
CA THR A 290 15.14 0.27 -50.83
C THR A 290 15.45 1.59 -51.52
N LEU A 291 16.12 2.51 -50.81
CA LEU A 291 16.51 3.79 -51.38
C LEU A 291 17.49 3.56 -52.53
N LEU A 292 18.49 2.70 -52.31
CA LEU A 292 19.47 2.36 -53.33
C LEU A 292 18.79 1.70 -54.52
N VAL A 293 17.73 0.93 -54.26
CA VAL A 293 16.95 0.30 -55.31
C VAL A 293 16.26 1.38 -56.15
N THR A 294 15.65 2.36 -55.49
CA THR A 294 14.91 3.41 -56.18
C THR A 294 15.86 4.26 -57.02
N LYS A 295 17.12 4.36 -56.60
CA LYS A 295 18.14 5.09 -57.33
C LYS A 295 18.65 4.25 -58.50
N PHE A 296 18.85 2.95 -58.27
CA PHE A 296 19.33 2.01 -59.27
C PHE A 296 18.42 2.05 -60.50
N LEU A 297 17.10 2.00 -60.26
CA LEU A 297 16.11 1.97 -61.33
C LEU A 297 16.03 3.36 -61.99
N GLU A 298 16.07 4.41 -61.16
CA GLU A 298 16.00 5.79 -61.63
C GLU A 298 17.10 6.05 -62.65
N GLY A 299 18.28 5.47 -62.41
CA GLY A 299 19.41 5.58 -63.33
C GLY A 299 19.06 5.11 -64.73
N ALA A 300 18.34 3.98 -64.81
CA ALA A 300 17.92 3.41 -66.09
C ALA A 300 16.90 4.32 -66.76
N CYS A 301 15.90 4.77 -65.98
CA CYS A 301 14.81 5.58 -66.50
C CYS A 301 15.33 6.94 -66.99
N ARG A 302 16.40 7.43 -66.35
CA ARG A 302 16.99 8.71 -66.71
C ARG A 302 17.70 8.61 -68.05
N ASN A 303 18.58 7.60 -68.20
CA ASN A 303 19.36 7.43 -69.41
C ASN A 303 18.47 7.04 -70.59
N GLY A 304 17.32 6.42 -70.28
CA GLY A 304 16.38 6.00 -71.30
C GLY A 304 16.31 4.47 -71.42
N GLU A 305 16.68 3.77 -70.34
CA GLU A 305 16.70 2.32 -70.30
C GLU A 305 15.42 1.86 -69.59
N ARG A 306 15.26 0.54 -69.44
CA ARG A 306 14.05 -0.03 -68.88
C ARG A 306 14.38 -0.66 -67.53
N ALA A 307 13.40 -0.66 -66.62
CA ALA A 307 13.62 -1.06 -65.23
C ALA A 307 12.42 -1.86 -64.73
N LEU A 308 12.70 -3.02 -64.11
CA LEU A 308 11.68 -3.89 -63.56
C LEU A 308 11.99 -4.15 -62.09
N LEU A 309 10.97 -3.94 -61.24
CA LEU A 309 11.10 -4.14 -59.79
C LEU A 309 10.15 -5.24 -59.34
N PHE A 310 10.68 -6.19 -58.57
CA PHE A 310 9.87 -7.20 -57.91
C PHE A 310 9.88 -6.96 -56.41
N ALA A 311 8.80 -6.36 -55.91
CA ALA A 311 8.62 -6.11 -54.49
C ALA A 311 7.90 -7.29 -53.84
N PHE A 312 8.38 -7.68 -52.65
CA PHE A 312 7.78 -8.77 -51.90
C PHE A 312 7.56 -8.34 -50.45
N GLU A 313 7.55 -7.02 -50.21
CA GLU A 313 7.60 -6.48 -48.86
C GLU A 313 6.67 -5.27 -48.72
N GLU A 314 6.74 -4.34 -49.67
CA GLU A 314 5.96 -3.12 -49.61
C GLU A 314 4.99 -3.04 -50.79
N SER A 315 3.86 -2.37 -50.56
CA SER A 315 2.84 -2.16 -51.57
C SER A 315 3.33 -1.16 -52.62
N ARG A 316 2.66 -1.16 -53.78
CA ARG A 316 2.99 -0.26 -54.87
C ARG A 316 2.82 1.19 -54.43
N GLU A 317 1.82 1.44 -53.57
CA GLU A 317 1.55 2.77 -53.04
C GLU A 317 2.70 3.24 -52.17
N GLN A 318 3.07 2.43 -51.17
CA GLN A 318 4.04 2.80 -50.16
C GLN A 318 5.41 3.01 -50.82
N LEU A 319 5.74 2.15 -51.80
CA LEU A 319 6.94 2.29 -52.60
C LEU A 319 6.99 3.68 -53.22
N LEU A 320 5.89 4.07 -53.87
CA LEU A 320 5.80 5.35 -54.57
C LEU A 320 5.88 6.50 -53.58
N ARG A 321 5.13 6.39 -52.47
CA ARG A 321 5.09 7.43 -51.45
C ARG A 321 6.50 7.71 -50.94
N ASN A 322 7.17 6.65 -50.49
CA ASN A 322 8.48 6.76 -49.86
C ASN A 322 9.53 7.18 -50.88
N ALA A 323 9.28 6.83 -52.16
CA ALA A 323 10.15 7.24 -53.25
C ALA A 323 9.98 8.73 -53.54
N THR A 324 8.73 9.21 -53.47
CA THR A 324 8.42 10.60 -53.74
C THR A 324 9.03 11.51 -52.66
N SER A 325 9.14 10.98 -51.44
CA SER A 325 9.71 11.73 -50.33
C SER A 325 11.23 11.88 -50.50
N TRP A 326 11.86 10.89 -51.13
CA TRP A 326 13.29 10.94 -51.42
C TRP A 326 13.56 11.83 -52.64
N GLY A 327 12.50 12.16 -53.40
CA GLY A 327 12.63 12.96 -54.60
C GLY A 327 12.87 12.08 -55.82
N ILE A 328 11.91 11.18 -56.09
CA ILE A 328 12.00 10.23 -57.19
C ILE A 328 10.59 9.82 -57.61
N ASP A 329 10.14 10.37 -58.75
CA ASP A 329 8.82 10.09 -59.28
C ASP A 329 8.89 8.81 -60.11
N PHE A 330 8.13 7.79 -59.70
CA PHE A 330 8.10 6.50 -60.39
C PHE A 330 6.90 6.44 -61.34
N GLU A 331 5.80 7.10 -60.99
CA GLU A 331 4.62 7.14 -61.84
C GLU A 331 4.96 7.77 -63.18
N GLU A 332 5.84 8.78 -63.16
CA GLU A 332 6.35 9.39 -64.38
C GLU A 332 6.99 8.32 -65.26
N MET A 333 7.87 7.52 -64.65
CA MET A 333 8.65 6.53 -65.38
C MET A 333 7.76 5.34 -65.76
N GLU A 334 6.75 5.07 -64.92
CA GLU A 334 5.83 3.98 -65.14
C GLU A 334 4.85 4.36 -66.25
N ARG A 335 4.55 5.66 -66.37
CA ARG A 335 3.75 6.19 -67.46
C ARG A 335 4.54 6.16 -68.76
N ASP A 336 5.84 6.48 -68.68
CA ASP A 336 6.74 6.45 -69.82
C ASP A 336 6.88 5.04 -70.36
N GLY A 337 6.63 4.03 -69.52
CA GLY A 337 6.73 2.64 -69.90
C GLY A 337 8.15 2.11 -69.72
N ARG A 338 8.95 2.80 -68.90
CA ARG A 338 10.32 2.43 -68.63
C ARG A 338 10.43 1.79 -67.25
N LEU A 339 9.33 1.78 -66.49
CA LEU A 339 9.32 1.21 -65.14
C LEU A 339 8.11 0.29 -65.01
N LYS A 340 8.32 -0.85 -64.33
CA LYS A 340 7.25 -1.77 -63.99
C LYS A 340 7.50 -2.32 -62.59
N ILE A 341 6.44 -2.34 -61.76
CA ILE A 341 6.53 -2.85 -60.40
C ILE A 341 5.56 -4.03 -60.27
N VAL A 342 6.04 -5.13 -59.69
CA VAL A 342 5.28 -6.36 -59.61
C VAL A 342 4.40 -6.34 -58.36
N CYS A 343 5.05 -6.39 -57.19
CA CYS A 343 4.37 -6.42 -55.89
C CYS A 343 3.56 -7.70 -55.72
N ALA A 344 4.05 -8.60 -54.86
CA ALA A 344 3.39 -9.86 -54.59
C ALA A 344 3.97 -10.47 -53.31
N TYR A 345 3.10 -10.78 -52.34
CA TYR A 345 3.53 -11.48 -51.13
C TYR A 345 4.18 -12.80 -51.52
N PRO A 346 5.34 -13.15 -50.92
CA PRO A 346 6.00 -14.44 -51.19
C PRO A 346 5.11 -15.67 -51.01
N GLU A 347 4.18 -15.60 -50.06
CA GLU A 347 3.34 -16.74 -49.70
C GLU A 347 2.31 -17.03 -50.78
N SER A 348 2.17 -16.12 -51.76
CA SER A 348 1.23 -16.28 -52.85
C SER A 348 1.40 -17.64 -53.53
N THR A 349 2.65 -17.94 -53.93
CA THR A 349 2.99 -19.21 -54.57
C THR A 349 4.32 -19.70 -54.01
N GLY A 350 4.93 -20.68 -54.70
CA GLY A 350 6.25 -21.18 -54.34
C GLY A 350 7.34 -20.57 -55.22
N LEU A 351 8.59 -20.72 -54.77
CA LEU A 351 9.74 -20.17 -55.48
C LEU A 351 9.83 -20.72 -56.89
N GLU A 352 9.41 -21.98 -57.07
CA GLU A 352 9.46 -22.64 -58.36
C GLU A 352 8.56 -21.90 -59.34
N ASP A 353 7.41 -21.42 -58.85
CA ASP A 353 6.45 -20.68 -59.65
C ASP A 353 6.87 -19.22 -59.77
N HIS A 354 7.50 -18.70 -58.71
CA HIS A 354 7.96 -17.31 -58.69
C HIS A 354 8.93 -17.05 -59.84
N LEU A 355 9.88 -17.99 -60.05
CA LEU A 355 10.81 -17.90 -61.17
C LEU A 355 10.05 -17.81 -62.48
N ILE A 356 9.18 -18.79 -62.72
CA ILE A 356 8.42 -18.88 -63.96
C ILE A 356 7.84 -17.52 -64.31
N MET A 357 7.30 -16.82 -63.30
CA MET A 357 6.67 -15.52 -63.48
C MET A 357 7.72 -14.46 -63.77
N ILE A 358 8.80 -14.44 -62.96
CA ILE A 358 9.89 -13.48 -63.14
C ILE A 358 10.42 -13.59 -64.57
N LYS A 359 10.58 -14.83 -65.05
CA LYS A 359 11.12 -15.09 -66.37
C LYS A 359 10.15 -14.64 -67.45
N GLU A 360 8.85 -14.56 -67.11
CA GLU A 360 7.81 -14.17 -68.05
C GLU A 360 7.85 -12.66 -68.30
N VAL A 361 7.83 -11.87 -67.22
CA VAL A 361 7.79 -10.42 -67.34
C VAL A 361 9.11 -9.90 -67.91
N ILE A 362 10.22 -10.58 -67.61
CA ILE A 362 11.51 -10.22 -68.18
C ILE A 362 11.47 -10.42 -69.70
N GLU A 363 10.94 -11.57 -70.13
CA GLU A 363 10.85 -11.90 -71.54
C GLU A 363 9.96 -10.87 -72.26
N GLU A 364 8.88 -10.45 -71.60
CA GLU A 364 7.89 -9.55 -72.19
C GLU A 364 8.40 -8.11 -72.14
N PHE A 365 8.68 -7.62 -70.92
CA PHE A 365 9.08 -6.24 -70.70
C PHE A 365 10.43 -5.98 -71.36
N LYS A 366 11.27 -7.01 -71.45
CA LYS A 366 12.59 -6.90 -72.06
C LYS A 366 13.37 -5.80 -71.35
N PRO A 367 13.60 -5.92 -70.03
CA PRO A 367 14.20 -4.84 -69.23
C PRO A 367 15.72 -4.75 -69.36
N ASP A 368 16.25 -3.60 -68.96
CA ASP A 368 17.68 -3.37 -68.91
C ASP A 368 18.20 -3.68 -67.51
N ARG A 369 17.56 -3.07 -66.50
CA ARG A 369 17.92 -3.29 -65.10
C ARG A 369 16.78 -4.03 -64.40
N ILE A 370 17.15 -4.93 -63.48
CA ILE A 370 16.19 -5.66 -62.67
C ILE A 370 16.46 -5.35 -61.20
N ALA A 371 15.47 -5.62 -60.34
CA ALA A 371 15.62 -5.42 -58.91
C ALA A 371 14.64 -6.32 -58.15
N ILE A 372 15.19 -7.25 -57.36
CA ILE A 372 14.41 -8.08 -56.48
C ILE A 372 14.59 -7.56 -55.05
N ASP A 373 13.53 -6.94 -54.51
CA ASP A 373 13.53 -6.40 -53.16
C ASP A 373 12.34 -6.99 -52.41
N SER A 374 12.55 -8.01 -51.57
CA SER A 374 13.86 -8.53 -51.20
C SER A 374 13.92 -10.04 -51.43
N LEU A 375 15.15 -10.58 -51.46
CA LEU A 375 15.37 -12.01 -51.52
C LEU A 375 15.06 -12.66 -50.17
N SER A 376 15.34 -11.92 -49.09
CA SER A 376 15.15 -12.43 -47.74
C SER A 376 13.67 -12.72 -47.47
N ALA A 377 12.78 -12.01 -48.17
CA ALA A 377 11.34 -12.25 -48.06
C ALA A 377 10.96 -13.58 -48.72
N LEU A 378 11.72 -13.98 -49.74
CA LEU A 378 11.46 -15.20 -50.49
C LEU A 378 12.10 -16.41 -49.79
N GLU A 379 13.02 -16.15 -48.85
CA GLU A 379 13.72 -17.21 -48.15
C GLU A 379 12.80 -17.89 -47.14
N ARG A 380 11.73 -17.20 -46.73
CA ARG A 380 10.84 -17.69 -45.69
C ARG A 380 9.82 -18.67 -46.27
N VAL A 381 9.67 -18.68 -47.60
CA VAL A 381 8.69 -19.53 -48.27
C VAL A 381 9.40 -20.67 -49.00
N ALA A 382 10.50 -21.15 -48.41
CA ALA A 382 11.31 -22.21 -49.02
C ALA A 382 12.28 -22.77 -47.99
N SER A 383 12.83 -23.95 -48.30
CA SER A 383 13.94 -24.52 -47.55
C SER A 383 15.25 -24.01 -48.13
N ASP A 384 16.36 -24.27 -47.43
CA ASP A 384 17.68 -23.82 -47.84
C ASP A 384 17.93 -24.28 -49.29
N ARG A 385 17.75 -25.57 -49.53
CA ARG A 385 18.00 -26.17 -50.84
C ARG A 385 17.12 -25.50 -51.90
N GLY A 386 15.84 -25.30 -51.57
CA GLY A 386 14.89 -24.68 -52.48
C GLY A 386 15.28 -23.25 -52.85
N PHE A 387 15.85 -22.52 -51.89
CA PHE A 387 16.26 -21.14 -52.10
C PHE A 387 17.52 -21.09 -52.95
N ARG A 388 18.51 -21.93 -52.60
CA ARG A 388 19.78 -21.98 -53.30
C ARG A 388 19.55 -22.30 -54.77
N GLU A 389 18.66 -23.25 -55.06
CA GLU A 389 18.32 -23.64 -56.42
C GLU A 389 17.65 -22.47 -57.14
N PHE A 390 16.86 -21.69 -56.39
CA PHE A 390 16.13 -20.56 -56.93
C PHE A 390 17.09 -19.46 -57.37
N VAL A 391 18.05 -19.09 -56.50
CA VAL A 391 18.93 -17.97 -56.78
C VAL A 391 19.89 -18.34 -57.92
N ILE A 392 20.24 -19.63 -58.02
CA ILE A 392 21.06 -20.13 -59.11
C ILE A 392 20.32 -19.93 -60.43
N GLY A 393 19.03 -20.28 -60.44
CA GLY A 393 18.22 -20.18 -61.64
C GLY A 393 17.95 -18.74 -62.06
N LEU A 394 17.76 -17.86 -61.07
CA LEU A 394 17.42 -16.47 -61.34
C LEU A 394 18.66 -15.71 -61.82
N THR A 395 19.80 -15.90 -61.13
CA THR A 395 21.04 -15.26 -61.51
C THR A 395 21.45 -15.70 -62.92
N SER A 396 21.20 -16.97 -63.25
CA SER A 396 21.57 -17.53 -64.53
C SER A 396 20.75 -16.88 -65.65
N PHE A 397 19.43 -16.82 -65.45
CA PHE A 397 18.52 -16.21 -66.43
C PHE A 397 18.90 -14.75 -66.64
N ILE A 398 19.10 -14.02 -65.54
CA ILE A 398 19.42 -12.60 -65.59
C ILE A 398 20.71 -12.40 -66.39
N LYS A 399 21.65 -13.32 -66.25
CA LYS A 399 22.93 -13.22 -66.94
C LYS A 399 22.75 -13.55 -68.42
N GLN A 400 21.87 -14.50 -68.71
CA GLN A 400 21.63 -14.97 -70.06
C GLN A 400 20.90 -13.90 -70.87
N GLN A 401 20.15 -13.03 -70.19
CA GLN A 401 19.34 -12.00 -70.85
C GLN A 401 20.09 -10.67 -70.89
N GLU A 402 21.34 -10.66 -70.42
CA GLU A 402 22.22 -9.50 -70.53
C GLU A 402 21.61 -8.30 -69.81
N ILE A 403 21.30 -8.48 -68.51
CA ILE A 403 20.62 -7.46 -67.74
C ILE A 403 21.36 -7.25 -66.41
N THR A 404 21.57 -5.97 -66.06
CA THR A 404 22.12 -5.62 -64.76
C THR A 404 21.07 -5.90 -63.69
N GLY A 405 21.51 -6.42 -62.54
CA GLY A 405 20.60 -6.85 -61.50
C GLY A 405 21.03 -6.42 -60.11
N LEU A 406 20.05 -6.02 -59.28
CA LEU A 406 20.28 -5.66 -57.90
C LEU A 406 19.38 -6.50 -57.00
N PHE A 407 19.99 -7.26 -56.10
CA PHE A 407 19.26 -8.03 -55.10
C PHE A 407 19.42 -7.34 -53.75
N THR A 408 18.43 -7.52 -52.87
CA THR A 408 18.48 -6.97 -51.52
C THR A 408 18.22 -8.08 -50.51
N SER A 409 18.89 -8.00 -49.36
CA SER A 409 18.74 -8.99 -48.30
C SER A 409 18.83 -8.31 -46.95
N THR A 410 18.01 -8.76 -46.00
CA THR A 410 18.03 -8.24 -44.64
C THR A 410 18.98 -9.11 -43.82
N THR A 411 20.08 -8.51 -43.35
CA THR A 411 21.00 -9.18 -42.44
C THR A 411 20.30 -9.39 -41.11
N PRO A 412 20.22 -10.64 -40.58
CA PRO A 412 19.74 -10.87 -39.21
C PRO A 412 20.72 -10.25 -38.21
N THR A 413 20.90 -8.92 -38.34
CA THR A 413 21.91 -8.20 -37.57
C THR A 413 21.34 -6.86 -37.13
N PHE A 414 20.04 -6.85 -36.80
CA PHE A 414 19.42 -5.69 -36.17
C PHE A 414 20.07 -5.49 -34.81
N MET A 415 21.15 -4.69 -34.79
CA MET A 415 22.02 -4.56 -33.63
C MET A 415 23.10 -5.66 -33.69
N SER A 423 27.48 -17.00 -46.97
CA SER A 423 26.20 -16.84 -47.71
C SER A 423 26.26 -17.59 -49.04
N HIS A 424 25.26 -17.38 -49.89
CA HIS A 424 25.21 -18.00 -51.21
C HIS A 424 25.26 -16.92 -52.29
N ILE A 425 24.39 -15.90 -52.19
CA ILE A 425 24.38 -14.79 -53.12
C ILE A 425 25.73 -14.10 -53.13
N SER A 426 26.32 -13.92 -51.94
CA SER A 426 27.63 -13.30 -51.81
C SER A 426 28.66 -13.98 -52.73
N THR A 427 28.49 -15.28 -52.94
CA THR A 427 29.43 -16.07 -53.73
C THR A 427 29.10 -15.92 -55.22
N ILE A 428 27.83 -15.67 -55.55
CA ILE A 428 27.37 -15.57 -56.93
C ILE A 428 27.45 -14.11 -57.40
N THR A 429 27.07 -13.18 -56.52
CA THR A 429 26.99 -11.77 -56.86
C THR A 429 28.37 -11.23 -57.22
N ASP A 430 28.40 -10.24 -58.12
CA ASP A 430 29.64 -9.64 -58.59
C ASP A 430 30.06 -8.52 -57.64
N THR A 431 29.08 -7.78 -57.10
CA THR A 431 29.34 -6.69 -56.18
C THR A 431 28.52 -6.89 -54.90
N ILE A 432 29.18 -6.70 -53.74
CA ILE A 432 28.55 -6.81 -52.44
C ILE A 432 28.62 -5.45 -51.76
N ILE A 433 27.49 -4.72 -51.77
CA ILE A 433 27.36 -3.49 -51.03
C ILE A 433 26.74 -3.84 -49.68
N LEU A 434 27.19 -3.17 -48.61
CA LEU A 434 26.77 -3.54 -47.27
C LEU A 434 26.42 -2.28 -46.48
N LEU A 435 25.22 -2.27 -45.89
CA LEU A 435 24.73 -1.16 -45.08
C LEU A 435 24.70 -1.61 -43.62
N ARG A 436 25.00 -0.67 -42.70
CA ARG A 436 25.07 -0.98 -41.27
C ARG A 436 24.68 0.25 -40.46
N TYR A 437 24.13 -0.01 -39.27
CA TYR A 437 23.91 1.02 -38.26
C TYR A 437 25.18 1.19 -37.44
N VAL A 438 25.39 2.41 -36.92
CA VAL A 438 26.56 2.73 -36.13
C VAL A 438 26.18 3.82 -35.11
N GLU A 439 26.49 3.56 -33.83
CA GLU A 439 26.23 4.51 -32.76
C GLU A 439 27.39 5.49 -32.66
N MET A 440 27.06 6.78 -32.54
CA MET A 440 28.03 7.86 -32.55
C MET A 440 27.91 8.72 -31.30
N ARG A 441 27.64 8.07 -30.15
CA ARG A 441 27.54 8.74 -28.87
C ARG A 441 26.35 9.70 -28.87
N GLY A 442 25.19 9.17 -28.49
CA GLY A 442 23.96 9.96 -28.39
C GLY A 442 23.27 10.13 -29.74
N GLU A 443 23.68 9.32 -30.73
CA GLU A 443 23.13 9.39 -32.08
C GLU A 443 23.37 8.06 -32.79
N MET A 444 22.36 7.63 -33.55
CA MET A 444 22.43 6.39 -34.32
C MET A 444 22.63 6.74 -35.79
N SER A 445 23.83 6.45 -36.31
CA SER A 445 24.19 6.78 -37.68
C SER A 445 24.10 5.55 -38.56
N ARG A 446 24.51 5.71 -39.83
CA ARG A 446 24.49 4.66 -40.84
C ARG A 446 25.87 4.60 -41.49
N ALA A 447 26.12 3.56 -42.29
CA ALA A 447 27.38 3.46 -43.02
C ALA A 447 27.25 2.54 -44.24
N ILE A 448 27.84 2.97 -45.35
CA ILE A 448 27.95 2.17 -46.57
C ILE A 448 29.35 1.56 -46.62
N ASN A 449 29.45 0.38 -47.25
CA ASN A 449 30.74 -0.19 -47.61
C ASN A 449 30.56 -1.16 -48.78
N VAL A 450 31.40 -0.99 -49.81
CA VAL A 450 31.48 -1.90 -50.93
C VAL A 450 32.49 -2.98 -50.55
N LEU A 451 32.00 -4.12 -50.05
CA LEU A 451 32.85 -5.16 -49.48
C LEU A 451 33.64 -5.85 -50.59
N LYS A 452 33.03 -5.99 -51.77
CA LYS A 452 33.64 -6.75 -52.86
C LYS A 452 33.14 -6.19 -54.19
N MET A 453 34.02 -6.22 -55.20
CA MET A 453 33.63 -5.89 -56.56
C MET A 453 34.60 -6.56 -57.53
N ARG A 454 34.09 -7.56 -58.28
CA ARG A 454 34.89 -8.31 -59.23
C ARG A 454 35.29 -7.40 -60.39
N GLY A 455 36.60 -7.37 -60.67
CA GLY A 455 37.12 -6.71 -61.86
C GLY A 455 37.13 -5.19 -61.75
N SER A 456 37.29 -4.68 -60.52
CA SER A 456 37.42 -3.24 -60.32
C SER A 456 38.03 -2.95 -58.95
N TRP A 457 38.79 -1.85 -58.89
CA TRP A 457 39.13 -1.21 -57.62
C TRP A 457 37.86 -0.62 -57.02
N HIS A 458 37.74 -0.70 -55.69
CA HIS A 458 36.64 -0.09 -54.98
C HIS A 458 37.18 0.55 -53.70
N ASP A 459 36.37 1.42 -53.08
CA ASP A 459 36.70 2.03 -51.81
C ASP A 459 36.38 1.04 -50.70
N LYS A 460 37.41 0.65 -49.93
CA LYS A 460 37.30 -0.44 -48.97
C LYS A 460 36.93 0.09 -47.58
N GLU A 461 36.52 1.36 -47.49
CA GLU A 461 36.24 2.00 -46.21
C GLU A 461 34.75 1.93 -45.88
N ILE A 462 34.45 1.92 -44.58
CA ILE A 462 33.09 2.03 -44.07
C ILE A 462 32.80 3.51 -43.87
N ARG A 463 31.76 4.02 -44.51
CA ARG A 463 31.55 5.46 -44.58
C ARG A 463 30.14 5.83 -44.13
N GLU A 464 30.03 7.01 -43.50
CA GLU A 464 28.77 7.52 -43.02
C GLU A 464 27.97 8.09 -44.20
N PHE A 465 26.65 7.86 -44.17
CA PHE A 465 25.77 8.44 -45.17
C PHE A 465 24.51 8.96 -44.48
N THR A 466 23.91 10.00 -45.06
CA THR A 466 22.73 10.64 -44.50
C THR A 466 21.60 10.55 -45.54
N ILE A 467 20.44 10.05 -45.11
CA ILE A 467 19.26 10.00 -45.96
C ILE A 467 18.48 11.30 -45.78
N SER A 468 18.08 11.89 -46.91
CA SER A 468 17.37 13.16 -46.93
C SER A 468 16.30 13.11 -48.02
N GLY A 469 15.54 14.21 -48.14
CA GLY A 469 14.57 14.36 -49.21
C GLY A 469 15.22 14.60 -50.58
N LYS A 470 16.56 14.66 -50.61
CA LYS A 470 17.31 14.78 -51.85
C LYS A 470 17.81 13.41 -52.30
N GLY A 471 18.08 12.52 -51.35
CA GLY A 471 18.56 11.18 -51.66
C GLY A 471 19.47 10.63 -50.55
N MET A 472 20.58 10.02 -50.97
CA MET A 472 21.57 9.50 -50.04
C MET A 472 22.86 10.30 -50.19
N HIS A 473 23.20 11.08 -49.16
CA HIS A 473 24.47 11.80 -49.11
C HIS A 473 25.50 10.95 -48.37
N ILE A 474 26.22 10.11 -49.13
CA ILE A 474 27.34 9.35 -48.62
C ILE A 474 28.52 10.30 -48.40
N GLY A 475 29.11 10.24 -47.20
CA GLY A 475 30.06 11.25 -46.74
C GLY A 475 31.37 10.64 -46.24
N ASP A 476 31.77 11.04 -45.02
CA ASP A 476 33.12 10.80 -44.52
C ASP A 476 33.21 9.40 -43.91
N PRO A 477 34.39 8.73 -44.00
CA PRO A 477 34.58 7.40 -43.43
C PRO A 477 34.76 7.38 -41.91
N PHE A 478 34.39 6.25 -41.29
CA PHE A 478 34.58 6.02 -39.86
C PHE A 478 35.97 5.45 -39.61
N ARG A 479 36.30 5.29 -38.32
CA ARG A 479 37.55 4.66 -37.91
C ARG A 479 37.29 3.81 -36.66
N LEU B 10 -8.89 -23.38 -72.99
CA LEU B 10 -10.24 -23.71 -72.45
C LEU B 10 -10.26 -23.48 -70.95
N ALA B 11 -11.25 -24.06 -70.27
CA ALA B 11 -11.41 -23.89 -68.83
C ALA B 11 -12.32 -24.98 -68.27
N ILE B 12 -11.84 -25.67 -67.22
CA ILE B 12 -12.67 -26.56 -66.43
C ILE B 12 -13.52 -25.68 -65.50
N GLU B 13 -14.85 -25.80 -65.63
CA GLU B 13 -15.78 -25.02 -64.82
C GLU B 13 -15.74 -25.52 -63.38
N LYS B 14 -16.00 -24.61 -62.44
CA LYS B 14 -15.97 -24.91 -61.01
C LYS B 14 -17.18 -24.27 -60.34
N LEU B 15 -17.60 -24.86 -59.22
CA LEU B 15 -18.79 -24.43 -58.51
C LEU B 15 -18.40 -23.83 -57.16
N PRO B 16 -18.68 -22.53 -56.90
CA PRO B 16 -18.38 -21.92 -55.61
C PRO B 16 -19.03 -22.67 -54.45
N THR B 17 -18.24 -22.91 -53.40
CA THR B 17 -18.67 -23.72 -52.27
C THR B 17 -19.47 -22.88 -51.27
N GLY B 18 -19.03 -21.63 -51.08
CA GLY B 18 -19.57 -20.77 -50.04
C GLY B 18 -18.61 -20.67 -48.86
N ILE B 19 -17.86 -21.76 -48.62
CA ILE B 19 -16.77 -21.75 -47.66
C ILE B 19 -15.68 -20.82 -48.19
N GLU B 20 -15.82 -19.52 -47.85
CA GLU B 20 -14.90 -18.49 -48.32
C GLU B 20 -13.50 -18.82 -47.85
N GLY B 21 -12.53 -18.72 -48.78
CA GLY B 21 -11.16 -19.15 -48.52
C GLY B 21 -10.82 -20.40 -49.34
N PHE B 22 -11.71 -21.38 -49.31
CA PHE B 22 -11.58 -22.59 -50.13
C PHE B 22 -11.63 -22.21 -51.61
N ASP B 23 -12.51 -21.26 -51.95
CA ASP B 23 -12.73 -20.85 -53.33
C ASP B 23 -11.50 -20.14 -53.86
N ASP B 24 -10.71 -19.52 -52.96
CA ASP B 24 -9.44 -18.91 -53.30
C ASP B 24 -8.39 -19.99 -53.55
N ILE B 25 -8.31 -20.94 -52.60
CA ILE B 25 -7.32 -22.01 -52.65
C ILE B 25 -7.62 -22.92 -53.85
N SER B 26 -8.91 -23.09 -54.16
CA SER B 26 -9.34 -23.99 -55.22
C SER B 26 -9.36 -23.30 -56.58
N HIS B 27 -9.20 -21.97 -56.59
CA HIS B 27 -9.24 -21.16 -57.80
C HIS B 27 -10.62 -21.29 -58.46
N GLY B 28 -11.66 -20.89 -57.71
CA GLY B 28 -13.03 -20.93 -58.21
C GLY B 28 -13.93 -21.79 -57.32
N GLY B 29 -13.65 -23.09 -57.29
CA GLY B 29 -14.42 -24.02 -56.47
C GLY B 29 -14.07 -25.47 -56.79
N LEU B 30 -15.06 -26.36 -56.61
CA LEU B 30 -14.90 -27.77 -56.92
C LEU B 30 -15.30 -28.02 -58.36
N PRO B 31 -14.43 -28.67 -59.18
CA PRO B 31 -14.78 -29.04 -60.55
C PRO B 31 -16.21 -29.56 -60.68
N LYS B 32 -17.02 -28.82 -61.44
CA LYS B 32 -18.45 -29.10 -61.56
C LYS B 32 -18.66 -30.34 -62.44
N GLY B 33 -19.64 -31.16 -62.06
CA GLY B 33 -19.99 -32.36 -62.80
C GLY B 33 -19.06 -33.54 -62.49
N ARG B 34 -18.33 -33.44 -61.37
CA ARG B 34 -17.34 -34.44 -60.99
C ARG B 34 -17.46 -34.72 -59.49
N THR B 35 -16.80 -35.80 -59.06
CA THR B 35 -16.82 -36.22 -57.66
C THR B 35 -15.54 -35.76 -56.97
N THR B 36 -15.68 -35.02 -55.86
CA THR B 36 -14.55 -34.62 -55.06
C THR B 36 -14.51 -35.47 -53.79
N LEU B 37 -13.33 -36.02 -53.48
CA LEU B 37 -13.13 -36.83 -52.30
C LEU B 37 -12.64 -35.93 -51.16
N VAL B 38 -13.44 -35.86 -50.09
CA VAL B 38 -13.06 -35.16 -48.87
C VAL B 38 -12.70 -36.21 -47.83
N ALA B 39 -11.39 -36.36 -47.56
CA ALA B 39 -10.89 -37.35 -46.62
C ALA B 39 -10.42 -36.66 -45.35
N GLY B 40 -10.59 -37.34 -44.20
CA GLY B 40 -10.16 -36.81 -42.92
C GLY B 40 -10.43 -37.76 -41.77
N THR B 41 -9.62 -37.66 -40.71
CA THR B 41 -9.80 -38.43 -39.49
C THR B 41 -11.03 -37.92 -38.77
N PRO B 42 -11.68 -38.73 -37.89
CA PRO B 42 -12.88 -38.28 -37.17
C PRO B 42 -12.63 -37.00 -36.37
N GLY B 43 -13.53 -36.03 -36.54
CA GLY B 43 -13.45 -34.76 -35.84
C GLY B 43 -12.99 -33.61 -36.73
N THR B 44 -12.58 -33.93 -37.96
CA THR B 44 -12.01 -32.95 -38.88
C THR B 44 -13.07 -31.92 -39.27
N GLY B 45 -14.10 -32.37 -39.98
CA GLY B 45 -15.17 -31.50 -40.45
C GLY B 45 -15.62 -31.85 -41.86
N LYS B 46 -15.85 -33.15 -42.11
CA LYS B 46 -16.21 -33.65 -43.42
C LYS B 46 -17.71 -33.45 -43.63
N THR B 47 -18.48 -33.61 -42.55
CA THR B 47 -19.94 -33.50 -42.59
C THR B 47 -20.33 -32.03 -42.76
N VAL B 48 -19.71 -31.16 -41.96
CA VAL B 48 -20.00 -29.73 -41.99
C VAL B 48 -19.68 -29.17 -43.37
N PHE B 49 -18.47 -29.50 -43.86
CA PHE B 49 -18.00 -29.05 -45.16
C PHE B 49 -18.99 -29.42 -46.26
N ALA B 50 -19.66 -30.57 -46.09
CA ALA B 50 -20.58 -31.10 -47.09
C ALA B 50 -21.88 -30.28 -47.14
N MET B 51 -22.38 -29.86 -45.97
CA MET B 51 -23.63 -29.12 -45.90
C MET B 51 -23.45 -27.72 -46.45
N GLN B 52 -22.32 -27.07 -46.12
CA GLN B 52 -22.03 -25.73 -46.62
C GLN B 52 -22.00 -25.72 -48.15
N PHE B 53 -21.51 -26.82 -48.73
CA PHE B 53 -21.48 -26.97 -50.18
C PHE B 53 -22.90 -27.01 -50.73
N LEU B 54 -23.80 -27.65 -49.99
CA LEU B 54 -25.20 -27.78 -50.40
C LEU B 54 -26.02 -26.60 -49.90
N TYR B 55 -25.61 -25.99 -48.79
CA TYR B 55 -26.34 -24.89 -48.19
C TYR B 55 -26.27 -23.67 -49.10
N HIS B 56 -25.03 -23.26 -49.42
CA HIS B 56 -24.79 -22.11 -50.29
C HIS B 56 -25.31 -22.43 -51.69
N GLY B 57 -25.21 -23.70 -52.10
CA GLY B 57 -25.77 -24.18 -53.35
C GLY B 57 -27.21 -23.72 -53.56
N ILE B 58 -28.01 -23.79 -52.49
CA ILE B 58 -29.41 -23.38 -52.52
C ILE B 58 -29.50 -21.88 -52.20
N LYS B 59 -28.82 -21.45 -51.13
CA LYS B 59 -28.93 -20.10 -50.62
C LYS B 59 -28.05 -19.14 -51.42
N ARG B 60 -28.07 -19.27 -52.75
CA ARG B 60 -27.26 -18.42 -53.61
C ARG B 60 -27.61 -18.67 -55.08
N PHE B 61 -27.54 -19.94 -55.50
CA PHE B 61 -27.69 -20.31 -56.91
C PHE B 61 -28.96 -21.14 -57.11
N ASP B 62 -29.73 -21.36 -56.04
CA ASP B 62 -30.90 -22.22 -56.05
C ASP B 62 -30.58 -23.52 -56.79
N GLU B 63 -29.44 -24.13 -56.44
CA GLU B 63 -29.08 -25.45 -56.94
C GLU B 63 -29.55 -26.50 -55.94
N PRO B 64 -30.50 -27.39 -56.30
CA PRO B 64 -30.97 -28.43 -55.38
C PRO B 64 -29.84 -29.41 -55.04
N GLY B 65 -29.91 -29.97 -53.82
CA GLY B 65 -28.88 -30.88 -53.34
C GLY B 65 -29.48 -32.10 -52.65
N VAL B 66 -28.69 -33.18 -52.59
CA VAL B 66 -29.09 -34.41 -51.94
C VAL B 66 -27.99 -34.82 -50.95
N PHE B 67 -28.40 -35.19 -49.73
CA PHE B 67 -27.48 -35.65 -48.71
C PHE B 67 -27.79 -37.10 -48.37
N VAL B 68 -26.87 -38.01 -48.74
CA VAL B 68 -27.01 -39.42 -48.41
C VAL B 68 -26.17 -39.69 -47.16
N THR B 69 -26.83 -40.07 -46.07
CA THR B 69 -26.16 -40.33 -44.80
C THR B 69 -26.14 -41.84 -44.54
N PHE B 70 -24.91 -42.38 -44.44
CA PHE B 70 -24.70 -43.79 -44.14
C PHE B 70 -24.24 -43.95 -42.69
N GLU B 71 -24.58 -42.98 -41.82
CA GLU B 71 -24.08 -42.97 -40.46
C GLU B 71 -25.08 -42.28 -39.53
N GLU B 72 -25.11 -40.94 -39.56
CA GLU B 72 -25.86 -40.16 -38.60
C GLU B 72 -27.29 -39.95 -39.13
N SER B 73 -28.25 -39.93 -38.20
CA SER B 73 -29.66 -39.89 -38.53
C SER B 73 -30.04 -38.50 -39.03
N PRO B 74 -30.86 -38.39 -40.12
CA PRO B 74 -31.36 -37.11 -40.60
C PRO B 74 -31.80 -36.11 -39.52
N ASP B 75 -32.42 -36.64 -38.46
CA ASP B 75 -32.88 -35.81 -37.35
C ASP B 75 -31.68 -35.19 -36.65
N ASP B 76 -30.66 -36.01 -36.37
CA ASP B 76 -29.46 -35.54 -35.69
C ASP B 76 -28.68 -34.58 -36.58
N ILE B 77 -28.59 -34.90 -37.88
CA ILE B 77 -27.91 -34.05 -38.84
C ILE B 77 -28.46 -32.63 -38.72
N LEU B 78 -29.79 -32.51 -38.84
CA LEU B 78 -30.48 -31.23 -38.75
C LEU B 78 -30.12 -30.52 -37.44
N ARG B 79 -30.26 -31.22 -36.32
CA ARG B 79 -29.98 -30.66 -35.00
C ARG B 79 -28.54 -30.16 -34.92
N ASN B 80 -27.61 -30.97 -35.44
CA ASN B 80 -26.19 -30.67 -35.37
C ASN B 80 -25.88 -29.40 -36.16
N MET B 81 -26.51 -29.25 -37.32
CA MET B 81 -26.16 -28.21 -38.29
C MET B 81 -26.92 -26.92 -37.98
N ALA B 82 -28.01 -27.02 -37.21
CA ALA B 82 -28.90 -25.90 -36.97
C ALA B 82 -28.22 -24.80 -36.15
N SER B 83 -27.21 -25.18 -35.36
CA SER B 83 -26.48 -24.26 -34.52
C SER B 83 -25.63 -23.29 -35.36
N PHE B 84 -25.32 -23.67 -36.61
CA PHE B 84 -24.57 -22.83 -37.52
C PHE B 84 -25.48 -21.81 -38.20
N GLY B 85 -26.75 -21.73 -37.77
CA GLY B 85 -27.70 -20.80 -38.33
C GLY B 85 -28.14 -21.19 -39.74
N TRP B 86 -28.28 -22.51 -39.97
CA TRP B 86 -28.65 -23.06 -41.26
C TRP B 86 -30.05 -23.65 -41.19
N ASP B 87 -31.03 -22.93 -41.76
CA ASP B 87 -32.41 -23.38 -41.81
C ASP B 87 -32.58 -24.31 -43.01
N LEU B 88 -32.31 -25.61 -42.80
CA LEU B 88 -32.35 -26.60 -43.86
C LEU B 88 -33.72 -27.28 -43.89
N GLN B 89 -34.47 -27.21 -42.78
CA GLN B 89 -35.82 -27.75 -42.72
C GLN B 89 -36.71 -27.00 -43.70
N LYS B 90 -36.40 -25.72 -43.92
CA LYS B 90 -37.11 -24.89 -44.89
C LYS B 90 -36.79 -25.38 -46.31
N LEU B 91 -35.49 -25.58 -46.59
CA LEU B 91 -35.05 -26.04 -47.89
C LEU B 91 -35.65 -27.40 -48.22
N VAL B 92 -35.82 -28.24 -47.18
CA VAL B 92 -36.44 -29.55 -47.32
C VAL B 92 -37.89 -29.37 -47.76
N GLU B 93 -38.62 -28.51 -47.04
CA GLU B 93 -40.02 -28.22 -47.34
C GLU B 93 -40.13 -27.52 -48.70
N GLU B 94 -39.13 -26.68 -49.03
CA GLU B 94 -39.08 -25.97 -50.28
C GLU B 94 -38.71 -26.93 -51.42
N GLY B 95 -38.14 -28.09 -51.07
CA GLY B 95 -37.79 -29.11 -52.05
C GLY B 95 -36.43 -28.84 -52.70
N LYS B 96 -35.57 -28.12 -51.98
CA LYS B 96 -34.23 -27.80 -52.45
C LYS B 96 -33.26 -28.89 -51.97
N LEU B 97 -33.41 -29.29 -50.70
CA LEU B 97 -32.54 -30.29 -50.09
C LEU B 97 -33.34 -31.56 -49.81
N ALA B 98 -32.66 -32.71 -49.83
CA ALA B 98 -33.25 -33.99 -49.49
C ALA B 98 -32.22 -34.85 -48.77
N ILE B 99 -32.55 -35.23 -47.52
CA ILE B 99 -31.68 -36.08 -46.72
C ILE B 99 -32.15 -37.52 -46.88
N VAL B 100 -31.34 -38.36 -47.52
CA VAL B 100 -31.64 -39.77 -47.71
C VAL B 100 -30.99 -40.55 -46.58
N ASP B 101 -31.82 -41.27 -45.79
CA ASP B 101 -31.35 -42.03 -44.65
C ASP B 101 -30.89 -43.41 -45.13
N ALA B 102 -29.58 -43.55 -45.34
CA ALA B 102 -28.98 -44.82 -45.75
C ALA B 102 -28.33 -45.52 -44.56
N SER B 103 -28.51 -44.96 -43.35
CA SER B 103 -28.00 -45.59 -42.14
C SER B 103 -28.82 -46.84 -41.84
N PRO B 104 -28.18 -48.02 -41.65
CA PRO B 104 -28.90 -49.25 -41.37
C PRO B 104 -29.64 -49.21 -40.03
N ASP B 105 -30.75 -49.96 -39.95
CA ASP B 105 -31.57 -50.03 -38.75
C ASP B 105 -31.00 -51.09 -37.82
N PRO B 106 -30.82 -50.80 -36.51
CA PRO B 106 -30.39 -51.81 -35.53
C PRO B 106 -31.23 -53.07 -35.54
N GLU B 107 -32.55 -52.90 -35.34
CA GLU B 107 -33.47 -54.02 -35.21
C GLU B 107 -33.70 -54.65 -36.59
N PHE B 115 -29.49 -57.66 -52.03
CA PHE B 115 -29.89 -56.48 -52.85
C PHE B 115 -29.86 -55.19 -52.04
N ASP B 116 -29.59 -55.28 -50.73
CA ASP B 116 -29.58 -54.15 -49.83
C ASP B 116 -28.75 -53.00 -50.41
N LEU B 117 -27.56 -53.35 -50.94
CA LEU B 117 -26.64 -52.36 -51.48
C LEU B 117 -27.18 -51.81 -52.80
N SER B 118 -27.44 -52.72 -53.76
CA SER B 118 -27.87 -52.34 -55.10
C SER B 118 -29.19 -51.59 -55.07
N GLY B 119 -30.07 -51.98 -54.14
CA GLY B 119 -31.37 -51.33 -53.97
C GLY B 119 -31.24 -49.88 -53.52
N LEU B 120 -30.33 -49.64 -52.56
CA LEU B 120 -30.12 -48.32 -51.99
C LEU B 120 -29.45 -47.40 -53.02
N LEU B 121 -28.57 -47.98 -53.84
CA LEU B 121 -27.87 -47.23 -54.89
C LEU B 121 -28.87 -46.66 -55.88
N ALA B 122 -29.96 -47.41 -56.15
CA ALA B 122 -31.01 -46.98 -57.06
C ALA B 122 -31.99 -46.06 -56.33
N ARG B 123 -32.23 -46.33 -55.05
CA ARG B 123 -33.06 -45.47 -54.21
C ARG B 123 -32.40 -44.09 -54.06
N ILE B 124 -31.08 -44.04 -54.24
CA ILE B 124 -30.34 -42.79 -54.27
C ILE B 124 -30.57 -42.11 -55.61
N ASN B 125 -30.41 -42.87 -56.70
CA ASN B 125 -30.56 -42.36 -58.05
C ASN B 125 -31.96 -41.76 -58.25
N HIS B 126 -32.94 -42.25 -57.47
CA HIS B 126 -34.28 -41.69 -57.45
C HIS B 126 -34.25 -40.25 -56.95
N ALA B 127 -33.56 -40.01 -55.83
CA ALA B 127 -33.51 -38.72 -55.17
C ALA B 127 -32.78 -37.69 -56.03
N ILE B 128 -31.77 -38.16 -56.79
CA ILE B 128 -30.97 -37.27 -57.62
C ILE B 128 -31.83 -36.74 -58.77
N ARG B 129 -32.81 -37.55 -59.20
CA ARG B 129 -33.70 -37.19 -60.30
C ARG B 129 -34.93 -36.47 -59.78
N LYS B 130 -35.53 -37.00 -58.71
CA LYS B 130 -36.73 -36.41 -58.12
C LYS B 130 -36.50 -34.93 -57.84
N TYR B 131 -35.38 -34.61 -57.17
CA TYR B 131 -35.07 -33.24 -56.82
C TYR B 131 -34.24 -32.58 -57.91
N LYS B 132 -33.77 -33.38 -58.88
CA LYS B 132 -33.02 -32.87 -60.03
C LYS B 132 -31.80 -32.10 -59.52
N ALA B 133 -31.05 -32.74 -58.61
CA ALA B 133 -30.02 -32.07 -57.85
C ALA B 133 -28.73 -31.96 -58.66
N LYS B 134 -27.95 -30.90 -58.37
CA LYS B 134 -26.66 -30.68 -59.00
C LYS B 134 -25.53 -30.80 -57.99
N ARG B 135 -25.87 -30.83 -56.69
CA ARG B 135 -24.88 -30.86 -55.62
C ARG B 135 -25.24 -31.96 -54.62
N VAL B 136 -24.72 -33.17 -54.88
CA VAL B 136 -25.03 -34.34 -54.07
C VAL B 136 -23.89 -34.59 -53.08
N VAL B 137 -24.23 -35.19 -51.94
CA VAL B 137 -23.25 -35.62 -50.96
C VAL B 137 -23.52 -37.09 -50.60
N ILE B 138 -22.46 -37.90 -50.64
CA ILE B 138 -22.52 -39.28 -50.19
C ILE B 138 -21.70 -39.38 -48.90
N ASP B 139 -22.33 -38.99 -47.78
CA ASP B 139 -21.66 -38.91 -46.50
C ASP B 139 -21.27 -40.31 -46.02
N SER B 140 -20.00 -40.46 -45.63
CA SER B 140 -19.45 -41.73 -45.19
C SER B 140 -19.48 -42.74 -46.33
N ILE B 141 -18.57 -42.56 -47.29
CA ILE B 141 -18.36 -43.52 -48.36
C ILE B 141 -17.65 -44.75 -47.79
N THR B 142 -16.89 -44.56 -46.71
CA THR B 142 -16.19 -45.64 -46.04
C THR B 142 -17.16 -46.50 -45.25
N ALA B 143 -18.24 -45.89 -44.73
CA ALA B 143 -19.20 -46.59 -43.88
C ALA B 143 -19.99 -47.63 -44.67
N ILE B 144 -19.89 -47.60 -46.00
CA ILE B 144 -20.58 -48.57 -46.84
C ILE B 144 -19.74 -49.85 -46.91
N PHE B 145 -18.41 -49.71 -46.80
CA PHE B 145 -17.51 -50.85 -46.73
C PHE B 145 -17.64 -51.52 -45.37
N GLN B 146 -18.02 -50.74 -44.34
CA GLN B 146 -18.22 -51.25 -42.99
C GLN B 146 -19.68 -51.61 -42.78
N GLN B 147 -20.25 -52.36 -43.74
CA GLN B 147 -21.68 -52.66 -43.74
C GLN B 147 -21.97 -53.78 -44.74
N PHE B 148 -21.37 -53.67 -45.94
CA PHE B 148 -21.51 -54.69 -46.97
C PHE B 148 -20.17 -55.41 -47.12
N ASP B 149 -20.12 -56.65 -46.61
CA ASP B 149 -18.89 -57.42 -46.51
C ASP B 149 -18.34 -57.70 -47.91
N ASP B 150 -19.24 -57.86 -48.89
CA ASP B 150 -18.85 -57.99 -50.28
C ASP B 150 -18.27 -56.66 -50.76
N ALA B 151 -17.02 -56.39 -50.35
CA ALA B 151 -16.35 -55.13 -50.66
C ALA B 151 -16.02 -55.06 -52.14
N SER B 152 -15.68 -56.23 -52.73
CA SER B 152 -15.46 -56.34 -54.16
C SER B 152 -16.68 -55.84 -54.92
N THR B 153 -17.87 -56.27 -54.49
CA THR B 153 -19.12 -55.83 -55.08
C THR B 153 -19.36 -54.35 -54.78
N VAL B 154 -19.04 -53.94 -53.55
CA VAL B 154 -19.21 -52.57 -53.10
C VAL B 154 -18.39 -51.63 -53.98
N ARG B 155 -17.12 -51.98 -54.20
CA ARG B 155 -16.21 -51.18 -55.00
C ARG B 155 -16.73 -51.05 -56.43
N ARG B 156 -17.27 -52.14 -56.97
CA ARG B 156 -17.80 -52.16 -58.32
C ARG B 156 -19.06 -51.31 -58.40
N GLU B 157 -19.87 -51.33 -57.34
CA GLU B 157 -21.10 -50.56 -57.26
C GLU B 157 -20.78 -49.07 -57.13
N LEU B 158 -19.74 -48.75 -56.37
CA LEU B 158 -19.34 -47.36 -56.13
C LEU B 158 -18.79 -46.75 -57.42
N PHE B 159 -18.05 -47.55 -58.20
CA PHE B 159 -17.52 -47.10 -59.48
C PHE B 159 -18.66 -46.74 -60.43
N ARG B 160 -19.77 -47.47 -60.34
CA ARG B 160 -20.95 -47.21 -61.16
C ARG B 160 -21.60 -45.89 -60.72
N LEU B 161 -21.77 -45.72 -59.40
CA LEU B 161 -22.37 -44.52 -58.85
C LEU B 161 -21.64 -43.27 -59.33
N VAL B 162 -20.31 -43.34 -59.35
CA VAL B 162 -19.47 -42.22 -59.78
C VAL B 162 -19.76 -41.91 -61.25
N ALA B 163 -19.78 -42.95 -62.09
CA ALA B 163 -20.04 -42.81 -63.51
C ALA B 163 -21.47 -42.32 -63.73
N ARG B 164 -22.41 -42.81 -62.92
CA ARG B 164 -23.81 -42.41 -62.98
C ARG B 164 -23.94 -40.92 -62.67
N LEU B 165 -23.40 -40.52 -61.50
CA LEU B 165 -23.38 -39.13 -61.08
C LEU B 165 -22.74 -38.25 -62.16
N LYS B 166 -21.73 -38.79 -62.85
CA LYS B 166 -21.05 -38.07 -63.92
C LYS B 166 -21.98 -37.88 -65.11
N ARG B 167 -22.68 -38.96 -65.51
CA ARG B 167 -23.59 -38.93 -66.63
C ARG B 167 -24.78 -38.02 -66.33
N MET B 168 -25.18 -37.96 -65.05
CA MET B 168 -26.30 -37.15 -64.62
C MET B 168 -25.87 -35.69 -64.46
N GLY B 169 -24.55 -35.43 -64.54
CA GLY B 169 -24.03 -34.07 -64.53
C GLY B 169 -24.14 -33.43 -63.15
N VAL B 170 -23.71 -34.17 -62.13
CA VAL B 170 -23.85 -33.75 -60.74
C VAL B 170 -22.46 -33.49 -60.16
N THR B 171 -22.33 -32.40 -59.40
CA THR B 171 -21.10 -32.08 -58.69
C THR B 171 -21.17 -32.73 -57.31
N THR B 172 -20.55 -33.91 -57.18
CA THR B 172 -20.67 -34.72 -55.98
C THR B 172 -19.48 -34.47 -55.07
N ILE B 173 -19.69 -34.72 -53.76
CA ILE B 173 -18.63 -34.71 -52.76
C ILE B 173 -18.89 -35.87 -51.80
N MET B 174 -18.01 -36.88 -51.83
CA MET B 174 -18.18 -38.09 -51.05
C MET B 174 -17.15 -38.07 -49.91
N THR B 175 -17.65 -38.09 -48.66
CA THR B 175 -16.78 -38.01 -47.50
C THR B 175 -16.12 -39.38 -47.25
N ALA B 176 -14.90 -39.35 -46.70
CA ALA B 176 -14.16 -40.56 -46.41
C ALA B 176 -13.34 -40.37 -45.14
N GLU B 177 -13.19 -41.47 -44.37
CA GLU B 177 -12.46 -41.44 -43.12
C GLU B 177 -11.02 -41.90 -43.35
N ARG B 178 -10.15 -41.58 -42.39
CA ARG B 178 -8.76 -41.98 -42.41
C ARG B 178 -8.36 -42.46 -41.01
N THR B 179 -7.26 -43.21 -40.94
CA THR B 179 -6.76 -43.72 -39.67
C THR B 179 -5.66 -42.80 -39.14
N GLU B 180 -4.75 -42.38 -40.03
CA GLU B 180 -3.60 -41.57 -39.64
C GLU B 180 -3.67 -40.24 -40.38
N GLU B 181 -3.19 -39.16 -39.74
CA GLU B 181 -3.27 -37.81 -40.27
C GLU B 181 -2.34 -37.65 -41.47
N TYR B 182 -1.04 -37.87 -41.25
CA TYR B 182 -0.04 -37.73 -42.29
C TYR B 182 0.32 -39.11 -42.83
N GLY B 183 -0.70 -39.88 -43.20
CA GLY B 183 -0.52 -41.22 -43.76
C GLY B 183 -1.21 -41.36 -45.12
N PRO B 184 -2.14 -42.31 -45.29
CA PRO B 184 -2.79 -42.53 -46.58
C PRO B 184 -3.92 -41.53 -46.84
N ILE B 185 -4.27 -41.35 -48.12
CA ILE B 185 -5.35 -40.46 -48.51
C ILE B 185 -6.62 -40.89 -47.79
N ALA B 186 -6.96 -42.17 -47.89
CA ALA B 186 -8.14 -42.72 -47.25
C ALA B 186 -8.01 -44.24 -47.14
N ARG B 187 -8.94 -44.84 -46.38
CA ARG B 187 -8.95 -46.27 -46.12
C ARG B 187 -9.89 -46.96 -47.11
N TYR B 188 -9.80 -48.29 -47.15
CA TYR B 188 -10.61 -49.14 -48.01
C TYR B 188 -10.30 -48.85 -49.48
N GLY B 189 -9.07 -48.40 -49.76
CA GLY B 189 -8.65 -48.05 -51.12
C GLY B 189 -9.65 -47.13 -51.81
N VAL B 190 -10.22 -46.17 -51.05
CA VAL B 190 -11.18 -45.23 -51.57
C VAL B 190 -10.46 -44.08 -52.26
N GLU B 191 -9.12 -44.08 -52.18
CA GLU B 191 -8.28 -43.14 -52.91
C GLU B 191 -8.59 -43.23 -54.40
N GLU B 192 -8.77 -44.46 -54.90
CA GLU B 192 -9.13 -44.71 -56.29
C GLU B 192 -10.64 -44.54 -56.45
N PHE B 193 -11.14 -44.87 -57.64
CA PHE B 193 -12.55 -44.70 -57.99
C PHE B 193 -12.87 -43.21 -58.03
N VAL B 194 -13.23 -42.64 -56.88
CA VAL B 194 -13.40 -41.20 -56.74
C VAL B 194 -12.01 -40.57 -56.65
N ALA B 195 -11.38 -40.34 -57.80
CA ALA B 195 -9.98 -39.93 -57.86
C ALA B 195 -9.78 -38.89 -58.96
N ASP B 196 -10.73 -37.95 -59.08
CA ASP B 196 -10.53 -36.77 -59.91
C ASP B 196 -10.06 -35.61 -59.04
N ASN B 197 -10.74 -35.43 -57.90
CA ASN B 197 -10.44 -34.34 -56.97
C ASN B 197 -10.32 -34.91 -55.56
N VAL B 198 -9.24 -34.55 -54.85
CA VAL B 198 -9.00 -35.07 -53.51
C VAL B 198 -8.66 -33.91 -52.58
N VAL B 199 -9.61 -33.55 -51.71
CA VAL B 199 -9.39 -32.59 -50.65
C VAL B 199 -9.21 -33.36 -49.34
N ILE B 200 -8.15 -33.03 -48.59
CA ILE B 200 -7.84 -33.72 -47.34
C ILE B 200 -7.92 -32.73 -46.19
N LEU B 201 -8.75 -33.07 -45.19
CA LEU B 201 -8.80 -32.34 -43.94
C LEU B 201 -7.96 -33.08 -42.90
N ARG B 202 -7.43 -32.32 -41.92
CA ARG B 202 -6.59 -32.87 -40.89
C ARG B 202 -6.85 -32.15 -39.56
N ASN B 203 -6.38 -32.76 -38.47
CA ASN B 203 -6.48 -32.19 -37.14
C ASN B 203 -5.30 -32.72 -36.34
N VAL B 204 -4.11 -32.13 -36.56
CA VAL B 204 -2.86 -32.68 -36.10
C VAL B 204 -2.63 -32.25 -34.65
N LEU B 205 -2.16 -33.18 -33.82
CA LEU B 205 -1.88 -32.90 -32.43
C LEU B 205 -0.38 -32.63 -32.28
N GLU B 206 -0.04 -31.42 -31.84
CA GLU B 206 1.35 -31.00 -31.73
C GLU B 206 1.49 -30.05 -30.54
N GLY B 207 2.26 -30.47 -29.53
CA GLY B 207 2.48 -29.70 -28.33
C GLY B 207 1.23 -29.66 -27.44
N GLU B 208 0.50 -30.78 -27.42
CA GLU B 208 -0.77 -30.89 -26.70
C GLU B 208 -1.75 -29.82 -27.18
N ARG B 209 -1.80 -29.61 -28.50
CA ARG B 209 -2.68 -28.63 -29.09
C ARG B 209 -3.00 -29.06 -30.53
N ARG B 210 -4.24 -28.81 -30.95
CA ARG B 210 -4.74 -29.28 -32.24
C ARG B 210 -4.73 -28.14 -33.25
N ARG B 211 -4.60 -28.50 -34.52
CA ARG B 211 -4.59 -27.56 -35.63
C ARG B 211 -5.37 -28.15 -36.80
N ARG B 212 -6.57 -27.62 -37.04
CA ARG B 212 -7.36 -27.98 -38.21
C ARG B 212 -6.67 -27.42 -39.44
N THR B 213 -6.47 -28.27 -40.46
CA THR B 213 -5.82 -27.89 -41.70
C THR B 213 -6.51 -28.53 -42.89
N ILE B 214 -6.56 -27.80 -44.01
CA ILE B 214 -7.21 -28.25 -45.23
C ILE B 214 -6.18 -28.24 -46.35
N GLU B 215 -6.27 -29.25 -47.23
CA GLU B 215 -5.35 -29.39 -48.36
C GLU B 215 -6.14 -29.92 -49.56
N ILE B 216 -5.87 -29.35 -50.74
CA ILE B 216 -6.36 -29.89 -51.99
C ILE B 216 -5.17 -30.56 -52.70
N LEU B 217 -5.20 -31.89 -52.75
CA LEU B 217 -4.09 -32.68 -53.26
C LEU B 217 -4.07 -32.64 -54.78
N LYS B 218 -5.22 -32.89 -55.40
CA LYS B 218 -5.30 -33.05 -56.85
C LYS B 218 -6.60 -32.46 -57.38
N PHE B 219 -6.48 -31.70 -58.48
CA PHE B 219 -7.59 -31.37 -59.36
C PHE B 219 -7.21 -31.75 -60.78
N ARG B 220 -7.83 -32.82 -61.32
CA ARG B 220 -7.57 -33.22 -62.69
C ARG B 220 -8.07 -32.14 -63.65
N GLY B 221 -7.14 -31.50 -64.36
CA GLY B 221 -7.47 -30.57 -65.42
C GLY B 221 -7.59 -29.13 -64.94
N THR B 222 -7.74 -28.95 -63.62
CA THR B 222 -7.93 -27.62 -63.03
C THR B 222 -6.64 -27.23 -62.32
N SER B 223 -6.57 -25.96 -61.87
CA SER B 223 -5.48 -25.49 -61.04
C SER B 223 -5.98 -25.29 -59.62
N HIS B 224 -5.03 -25.26 -58.67
CA HIS B 224 -5.34 -25.04 -57.27
C HIS B 224 -4.05 -24.65 -56.54
N GLN B 225 -4.19 -24.05 -55.36
CA GLN B 225 -3.04 -23.75 -54.52
C GLN B 225 -2.61 -25.05 -53.83
N LYS B 226 -1.29 -25.17 -53.62
CA LYS B 226 -0.68 -26.42 -53.19
C LYS B 226 -0.18 -26.26 -51.75
N GLY B 227 -0.68 -27.12 -50.85
CA GLY B 227 -0.22 -27.14 -49.47
C GLY B 227 -1.37 -27.13 -48.48
N GLU B 228 -1.03 -27.27 -47.19
CA GLU B 228 -2.00 -27.18 -46.11
C GLU B 228 -2.33 -25.71 -45.85
N PHE B 229 -3.55 -25.46 -45.37
CA PHE B 229 -4.00 -24.12 -45.02
C PHE B 229 -4.80 -24.21 -43.72
N PRO B 230 -4.59 -23.31 -42.73
CA PRO B 230 -5.35 -23.33 -41.48
C PRO B 230 -6.81 -23.01 -41.68
N PHE B 231 -7.69 -23.82 -41.06
CA PHE B 231 -9.13 -23.55 -41.07
C PHE B 231 -9.68 -23.79 -39.66
N THR B 232 -10.92 -23.36 -39.45
CA THR B 232 -11.58 -23.50 -38.16
C THR B 232 -13.08 -23.66 -38.37
N ILE B 233 -13.71 -24.54 -37.58
CA ILE B 233 -15.15 -24.70 -37.57
C ILE B 233 -15.72 -23.82 -36.46
N THR B 234 -16.10 -22.58 -36.84
CA THR B 234 -16.63 -21.61 -35.91
C THR B 234 -18.15 -21.79 -35.78
N PRO B 235 -18.70 -21.86 -34.55
CA PRO B 235 -20.15 -21.91 -34.35
C PRO B 235 -20.82 -20.59 -34.74
N GLY B 236 -21.97 -20.68 -35.40
CA GLY B 236 -22.65 -19.53 -35.96
C GLY B 236 -21.81 -18.87 -37.05
N GLU B 237 -21.20 -19.71 -37.90
CA GLU B 237 -20.31 -19.25 -38.95
C GLU B 237 -19.99 -20.42 -39.88
N GLY B 238 -19.46 -21.51 -39.29
CA GLY B 238 -19.12 -22.72 -40.02
C GLY B 238 -17.62 -22.85 -40.25
N ILE B 239 -17.25 -23.57 -41.31
CA ILE B 239 -15.85 -23.73 -41.70
C ILE B 239 -15.35 -22.41 -42.28
N SER B 240 -14.44 -21.75 -41.55
CA SER B 240 -13.85 -20.49 -41.96
C SER B 240 -12.38 -20.71 -42.32
N ILE B 241 -12.08 -20.62 -43.62
CA ILE B 241 -10.72 -20.80 -44.11
C ILE B 241 -10.14 -19.42 -44.41
N PHE B 242 -8.89 -19.20 -43.99
CA PHE B 242 -8.23 -17.91 -44.13
C PHE B 242 -6.88 -18.10 -44.83
N PRO B 243 -6.84 -18.11 -46.17
CA PRO B 243 -5.59 -18.30 -46.91
C PRO B 243 -4.69 -17.07 -46.81
N LEU B 244 -3.47 -17.28 -46.30
CA LEU B 244 -2.45 -16.24 -46.27
C LEU B 244 -1.94 -15.97 -47.69
N SER B 245 -2.15 -16.93 -48.59
CA SER B 245 -1.84 -16.78 -50.00
C SER B 245 -2.74 -15.72 -50.64
N ALA B 246 -3.98 -15.60 -50.14
CA ALA B 246 -4.93 -14.63 -50.63
C ALA B 246 -4.44 -13.21 -50.34
N MET B 247 -3.74 -13.05 -49.22
CA MET B 247 -3.14 -11.77 -48.85
C MET B 247 -2.36 -11.23 -50.05
N ARG B 248 -2.69 -10.00 -50.46
CA ARG B 248 -2.12 -9.41 -51.66
C ARG B 248 -1.41 -8.13 -51.28
N LEU B 249 -0.17 -7.97 -51.75
CA LEU B 249 0.67 -6.84 -51.40
C LEU B 249 0.18 -5.60 -52.14
N LYS B 250 -0.99 -5.12 -51.72
CA LYS B 250 -1.73 -4.08 -52.42
C LYS B 250 -2.40 -3.15 -51.41
N GLN B 251 -1.79 -3.00 -50.24
CA GLN B 251 -2.31 -2.13 -49.20
C GLN B 251 -2.05 -0.68 -49.62
N ARG B 252 -2.75 0.25 -48.98
CA ARG B 252 -2.66 1.66 -49.35
C ARG B 252 -1.79 2.38 -48.31
N SER B 253 -1.23 3.52 -48.71
CA SER B 253 -0.40 4.32 -47.84
C SER B 253 -0.76 5.80 -47.98
N SER B 254 -0.48 6.58 -46.92
CA SER B 254 -0.83 7.99 -46.89
C SER B 254 0.22 8.77 -46.09
N ASN B 255 0.21 10.09 -46.25
CA ASN B 255 1.14 10.97 -45.57
C ASN B 255 0.46 11.63 -44.37
N VAL B 256 -0.77 11.22 -44.05
CA VAL B 256 -1.48 11.75 -42.89
C VAL B 256 -0.86 11.19 -41.62
N ARG B 257 -0.59 12.07 -40.65
CA ARG B 257 0.10 11.71 -39.42
C ARG B 257 -0.89 11.67 -38.27
N VAL B 258 -0.86 10.59 -37.48
CA VAL B 258 -1.62 10.51 -36.24
C VAL B 258 -0.68 10.90 -35.10
N SER B 259 -1.21 10.86 -33.86
CA SER B 259 -0.42 11.18 -32.68
C SER B 259 -0.11 9.89 -31.91
N SER B 260 0.98 9.95 -31.11
CA SER B 260 1.46 8.81 -30.35
C SER B 260 0.93 8.85 -28.93
N GLY B 261 0.45 10.02 -28.49
CA GLY B 261 0.10 10.25 -27.09
C GLY B 261 1.21 10.99 -26.35
N VAL B 262 2.43 10.96 -26.90
CA VAL B 262 3.56 11.71 -26.40
C VAL B 262 4.00 12.69 -27.48
N PRO B 263 3.71 14.01 -27.34
CA PRO B 263 4.10 15.01 -28.35
C PRO B 263 5.58 15.00 -28.74
N GLU B 264 6.44 14.60 -27.80
CA GLU B 264 7.89 14.58 -28.03
C GLU B 264 8.24 13.47 -29.02
N LEU B 265 7.61 12.30 -28.87
CA LEU B 265 7.84 11.17 -29.75
C LEU B 265 7.30 11.48 -31.14
N ASP B 266 6.27 12.33 -31.21
CA ASP B 266 5.69 12.73 -32.49
C ASP B 266 6.67 13.65 -33.23
N GLU B 267 7.34 14.54 -32.50
CA GLU B 267 8.37 15.39 -33.07
C GLU B 267 9.55 14.53 -33.54
N MET B 268 9.87 13.50 -32.75
CA MET B 268 10.97 12.60 -33.05
C MET B 268 10.66 11.76 -34.30
N CYS B 269 9.37 11.65 -34.64
CA CYS B 269 8.94 10.91 -35.83
C CYS B 269 8.71 11.84 -37.01
N GLY B 270 8.89 13.15 -36.80
CA GLY B 270 8.77 14.14 -37.86
C GLY B 270 7.31 14.54 -38.11
N GLY B 271 6.53 14.66 -37.02
CA GLY B 271 5.12 14.96 -37.11
C GLY B 271 4.27 13.96 -36.33
N GLY B 272 4.70 12.69 -36.36
CA GLY B 272 4.01 11.61 -35.66
C GLY B 272 4.03 10.32 -36.47
N PHE B 273 3.30 9.31 -35.97
CA PHE B 273 3.11 8.07 -36.71
C PHE B 273 2.20 8.33 -37.90
N PHE B 274 2.53 7.72 -39.05
CA PHE B 274 1.61 7.69 -40.17
C PHE B 274 0.41 6.83 -39.81
N ARG B 275 -0.77 7.22 -40.31
CA ARG B 275 -1.99 6.46 -40.07
C ARG B 275 -1.82 5.04 -40.63
N ASP B 276 -1.50 4.97 -41.92
CA ASP B 276 -1.24 3.70 -42.59
C ASP B 276 0.17 3.25 -42.25
N SER B 277 0.34 2.63 -41.09
CA SER B 277 1.65 2.21 -40.61
C SER B 277 1.53 1.06 -39.62
N ILE B 278 2.65 0.35 -39.43
CA ILE B 278 2.81 -0.65 -38.39
C ILE B 278 4.02 -0.24 -37.56
N ILE B 279 3.81 0.01 -36.26
CA ILE B 279 4.88 0.45 -35.38
C ILE B 279 5.31 -0.71 -34.49
N LEU B 280 6.63 -0.87 -34.33
CA LEU B 280 7.19 -1.82 -33.38
C LEU B 280 7.84 -1.06 -32.23
N VAL B 281 7.50 -1.44 -31.00
CA VAL B 281 8.10 -0.89 -29.80
C VAL B 281 8.84 -2.03 -29.10
N SER B 282 10.16 -2.11 -29.33
CA SER B 282 11.00 -3.14 -28.75
C SER B 282 11.68 -2.61 -27.48
N GLY B 283 11.97 -3.53 -26.56
CA GLY B 283 12.63 -3.18 -25.31
C GLY B 283 12.51 -4.30 -24.27
N ALA B 284 13.40 -4.28 -23.28
CA ALA B 284 13.39 -5.25 -22.19
C ALA B 284 12.17 -5.01 -21.30
N THR B 285 12.07 -5.81 -20.22
CA THR B 285 10.94 -5.71 -19.31
C THR B 285 11.15 -4.51 -18.37
N GLY B 286 10.09 -3.71 -18.21
CA GLY B 286 10.12 -2.54 -17.34
C GLY B 286 10.69 -1.30 -18.03
N THR B 287 10.91 -1.38 -19.36
CA THR B 287 11.50 -0.29 -20.10
C THR B 287 10.47 0.82 -20.31
N GLY B 288 9.27 0.43 -20.74
CA GLY B 288 8.16 1.36 -20.91
C GLY B 288 7.41 1.14 -22.22
N LYS B 289 7.12 -0.14 -22.52
CA LYS B 289 6.46 -0.51 -23.76
C LYS B 289 4.94 -0.41 -23.56
N THR B 290 4.45 -1.00 -22.46
CA THR B 290 3.03 -1.01 -22.15
C THR B 290 2.57 0.37 -21.69
N LEU B 291 3.49 1.35 -21.69
CA LEU B 291 3.16 2.75 -21.40
C LEU B 291 2.82 3.46 -22.70
N LEU B 292 3.70 3.35 -23.70
CA LEU B 292 3.49 3.99 -24.99
C LEU B 292 2.24 3.42 -25.67
N VAL B 293 1.86 2.20 -25.28
CA VAL B 293 0.61 1.58 -25.73
C VAL B 293 -0.56 2.40 -25.20
N THR B 294 -0.59 2.63 -23.88
CA THR B 294 -1.70 3.34 -23.26
C THR B 294 -1.84 4.74 -23.84
N LYS B 295 -0.69 5.40 -24.06
CA LYS B 295 -0.67 6.74 -24.64
C LYS B 295 -1.18 6.67 -26.07
N PHE B 296 -0.85 5.58 -26.77
CA PHE B 296 -1.28 5.37 -28.15
C PHE B 296 -2.80 5.27 -28.22
N LEU B 297 -3.39 4.41 -27.38
CA LEU B 297 -4.84 4.24 -27.37
C LEU B 297 -5.51 5.48 -26.77
N GLU B 298 -4.83 6.15 -25.83
CA GLU B 298 -5.35 7.36 -25.20
C GLU B 298 -5.44 8.48 -26.24
N GLY B 299 -4.42 8.57 -27.11
CA GLY B 299 -4.38 9.57 -28.16
C GLY B 299 -5.53 9.44 -29.16
N ALA B 300 -6.04 8.21 -29.32
CA ALA B 300 -7.15 7.93 -30.22
C ALA B 300 -8.46 8.38 -29.59
N CYS B 301 -8.77 7.84 -28.41
CA CYS B 301 -10.02 8.08 -27.72
C CYS B 301 -10.21 9.59 -27.45
N ARG B 302 -9.09 10.29 -27.25
CA ARG B 302 -9.10 11.73 -27.02
C ARG B 302 -9.65 12.46 -28.24
N ASN B 303 -9.24 12.02 -29.44
CA ASN B 303 -9.68 12.64 -30.68
C ASN B 303 -11.02 12.07 -31.11
N GLY B 304 -11.56 11.10 -30.36
CA GLY B 304 -12.87 10.52 -30.62
C GLY B 304 -12.77 9.24 -31.44
N GLU B 305 -11.57 8.95 -31.97
CA GLU B 305 -11.35 7.75 -32.77
C GLU B 305 -11.41 6.52 -31.85
N ARG B 306 -11.96 5.42 -32.39
CA ARG B 306 -12.13 4.19 -31.63
C ARG B 306 -10.80 3.45 -31.61
N ALA B 307 -10.52 2.77 -30.48
CA ALA B 307 -9.27 2.08 -30.27
C ALA B 307 -9.52 0.66 -29.77
N LEU B 308 -8.49 -0.19 -29.87
CA LEU B 308 -8.55 -1.56 -29.39
C LEU B 308 -7.27 -1.87 -28.61
N LEU B 309 -7.26 -3.03 -27.94
CA LEU B 309 -6.12 -3.46 -27.15
C LEU B 309 -6.25 -4.94 -26.84
N PHE B 310 -5.41 -5.76 -27.50
CA PHE B 310 -5.41 -7.20 -27.30
C PHE B 310 -4.24 -7.56 -26.39
N ALA B 311 -4.50 -7.60 -25.09
CA ALA B 311 -3.48 -7.90 -24.09
C ALA B 311 -3.28 -9.41 -24.00
N PHE B 312 -2.02 -9.83 -23.86
CA PHE B 312 -1.66 -11.24 -23.71
C PHE B 312 -0.65 -11.39 -22.57
N GLU B 313 -0.77 -10.53 -21.55
CA GLU B 313 0.16 -10.51 -20.44
C GLU B 313 -0.54 -10.04 -19.16
N GLU B 314 -1.30 -8.95 -19.25
CA GLU B 314 -1.89 -8.31 -18.08
C GLU B 314 -3.41 -8.35 -18.17
N SER B 315 -4.06 -8.44 -16.99
CA SER B 315 -5.51 -8.44 -16.89
C SER B 315 -6.02 -6.99 -16.91
N ARG B 316 -7.32 -6.84 -17.17
CA ARG B 316 -7.96 -5.54 -17.28
C ARG B 316 -7.71 -4.72 -16.02
N GLU B 317 -7.86 -5.38 -14.86
CA GLU B 317 -7.66 -4.73 -13.57
C GLU B 317 -6.25 -4.14 -13.50
N GLN B 318 -5.25 -4.96 -13.83
CA GLN B 318 -3.85 -4.56 -13.81
C GLN B 318 -3.62 -3.46 -14.83
N LEU B 319 -4.09 -3.69 -16.06
CA LEU B 319 -3.97 -2.75 -17.16
C LEU B 319 -4.56 -1.39 -16.76
N LEU B 320 -5.76 -1.41 -16.17
CA LEU B 320 -6.46 -0.20 -15.77
C LEU B 320 -5.75 0.45 -14.59
N ARG B 321 -5.30 -0.38 -13.64
CA ARG B 321 -4.61 0.09 -12.45
C ARG B 321 -3.27 0.71 -12.83
N ASN B 322 -2.57 0.09 -13.79
CA ASN B 322 -1.31 0.61 -14.30
C ASN B 322 -1.56 1.94 -15.01
N ALA B 323 -2.69 2.01 -15.74
CA ALA B 323 -3.04 3.18 -16.53
C ALA B 323 -3.54 4.32 -15.63
N THR B 324 -4.23 3.97 -14.53
CA THR B 324 -4.77 4.97 -13.62
C THR B 324 -3.64 5.71 -12.92
N SER B 325 -2.48 5.04 -12.77
CA SER B 325 -1.32 5.62 -12.14
C SER B 325 -0.60 6.56 -13.10
N TRP B 326 -0.86 6.44 -14.41
CA TRP B 326 -0.19 7.24 -15.41
C TRP B 326 -1.06 8.42 -15.87
N GLY B 327 -2.34 8.43 -15.47
CA GLY B 327 -3.22 9.55 -15.79
C GLY B 327 -4.22 9.23 -16.89
N ILE B 328 -4.14 8.01 -17.44
CA ILE B 328 -5.07 7.57 -18.48
C ILE B 328 -6.29 6.94 -17.80
N ASP B 329 -7.48 7.41 -18.19
CA ASP B 329 -8.74 6.88 -17.67
C ASP B 329 -9.32 5.89 -18.68
N PHE B 330 -9.18 4.59 -18.37
CA PHE B 330 -9.64 3.54 -19.25
C PHE B 330 -11.16 3.35 -19.13
N GLU B 331 -11.62 3.07 -17.90
CA GLU B 331 -13.01 2.75 -17.63
C GLU B 331 -13.93 3.79 -18.28
N GLU B 332 -13.51 5.06 -18.24
CA GLU B 332 -14.25 6.14 -18.87
C GLU B 332 -14.40 5.87 -20.36
N MET B 333 -13.27 5.75 -21.06
CA MET B 333 -13.25 5.59 -22.51
C MET B 333 -13.88 4.25 -22.91
N GLU B 334 -13.64 3.22 -22.09
CA GLU B 334 -14.23 1.91 -22.29
C GLU B 334 -15.75 2.01 -22.31
N ARG B 335 -16.30 2.84 -21.42
CA ARG B 335 -17.74 3.03 -21.29
C ARG B 335 -18.24 4.06 -22.30
N ASP B 336 -17.44 5.13 -22.52
CA ASP B 336 -17.78 6.17 -23.47
C ASP B 336 -17.94 5.58 -24.87
N GLY B 337 -17.23 4.49 -25.15
CA GLY B 337 -17.34 3.76 -26.41
C GLY B 337 -16.27 4.20 -27.40
N ARG B 338 -15.01 4.25 -26.94
CA ARG B 338 -13.88 4.58 -27.78
C ARG B 338 -12.71 3.64 -27.50
N LEU B 339 -12.94 2.60 -26.69
CA LEU B 339 -11.89 1.67 -26.30
C LEU B 339 -12.52 0.30 -26.03
N LYS B 340 -11.76 -0.76 -26.31
CA LYS B 340 -12.23 -2.12 -26.11
C LYS B 340 -11.05 -3.02 -25.73
N ILE B 341 -10.78 -3.11 -24.42
CA ILE B 341 -9.73 -3.96 -23.90
C ILE B 341 -10.21 -5.41 -23.97
N VAL B 342 -9.68 -6.17 -24.93
CA VAL B 342 -10.08 -7.57 -25.11
C VAL B 342 -9.48 -8.39 -23.98
N CYS B 343 -8.15 -8.52 -23.98
CA CYS B 343 -7.40 -9.23 -22.95
C CYS B 343 -7.74 -10.73 -22.97
N ALA B 344 -6.71 -11.55 -23.22
CA ALA B 344 -6.85 -13.00 -23.20
C ALA B 344 -5.51 -13.63 -22.86
N TYR B 345 -5.43 -14.96 -22.93
CA TYR B 345 -4.19 -15.69 -22.67
C TYR B 345 -3.68 -16.29 -23.97
N PRO B 346 -2.34 -16.28 -24.21
CA PRO B 346 -1.77 -16.90 -25.40
C PRO B 346 -1.85 -18.42 -25.41
N GLU B 347 -1.88 -19.03 -24.21
CA GLU B 347 -1.89 -20.48 -24.08
C GLU B 347 -3.31 -21.03 -24.10
N SER B 348 -4.31 -20.14 -24.09
CA SER B 348 -5.70 -20.55 -24.04
C SER B 348 -6.05 -21.39 -25.26
N THR B 349 -5.94 -20.79 -26.45
CA THR B 349 -6.22 -21.45 -27.71
C THR B 349 -4.94 -21.53 -28.52
N GLY B 350 -5.04 -21.31 -29.85
CA GLY B 350 -3.88 -21.30 -30.73
C GLY B 350 -3.84 -20.02 -31.59
N LEU B 351 -2.71 -19.80 -32.25
CA LEU B 351 -2.49 -18.59 -33.04
C LEU B 351 -3.58 -18.45 -34.12
N GLU B 352 -3.86 -19.55 -34.83
CA GLU B 352 -4.87 -19.57 -35.86
C GLU B 352 -6.22 -19.14 -35.29
N ASP B 353 -6.49 -19.54 -34.03
CA ASP B 353 -7.73 -19.20 -33.36
C ASP B 353 -7.72 -17.73 -32.96
N HIS B 354 -6.60 -17.27 -32.37
CA HIS B 354 -6.45 -15.90 -31.93
C HIS B 354 -6.69 -14.94 -33.09
N LEU B 355 -6.11 -15.27 -34.25
CA LEU B 355 -6.20 -14.43 -35.44
C LEU B 355 -7.66 -14.18 -35.81
N ILE B 356 -8.51 -15.21 -35.63
CA ILE B 356 -9.93 -15.12 -35.95
C ILE B 356 -10.61 -14.15 -34.99
N MET B 357 -10.28 -14.26 -33.70
CA MET B 357 -10.86 -13.42 -32.66
C MET B 357 -10.48 -11.96 -32.91
N ILE B 358 -9.23 -11.72 -33.32
CA ILE B 358 -8.76 -10.37 -33.61
C ILE B 358 -9.53 -9.84 -34.82
N LYS B 359 -9.56 -10.63 -35.89
CA LYS B 359 -10.23 -10.24 -37.12
C LYS B 359 -11.73 -10.05 -36.89
N GLU B 360 -12.29 -10.85 -35.98
CA GLU B 360 -13.72 -10.84 -35.70
C GLU B 360 -14.13 -9.51 -35.07
N VAL B 361 -13.47 -9.14 -33.96
CA VAL B 361 -13.86 -7.98 -33.18
C VAL B 361 -13.50 -6.70 -33.91
N ILE B 362 -12.54 -6.76 -34.85
CA ILE B 362 -12.12 -5.61 -35.63
C ILE B 362 -13.31 -5.09 -36.44
N GLU B 363 -13.83 -5.92 -37.35
CA GLU B 363 -14.92 -5.53 -38.24
C GLU B 363 -16.11 -5.04 -37.43
N GLU B 364 -16.34 -5.67 -36.27
CA GLU B 364 -17.43 -5.31 -35.37
C GLU B 364 -17.19 -3.92 -34.80
N PHE B 365 -16.00 -3.71 -34.22
CA PHE B 365 -15.67 -2.46 -33.54
C PHE B 365 -15.38 -1.37 -34.57
N LYS B 366 -14.81 -1.76 -35.72
CA LYS B 366 -14.37 -0.82 -36.75
C LYS B 366 -13.34 0.14 -36.16
N PRO B 367 -12.20 -0.36 -35.64
CA PRO B 367 -11.25 0.47 -34.91
C PRO B 367 -10.40 1.37 -35.80
N ASP B 368 -9.96 2.49 -35.24
CA ASP B 368 -9.03 3.40 -35.90
C ASP B 368 -7.59 3.01 -35.53
N ARG B 369 -7.43 2.36 -34.37
CA ARG B 369 -6.13 1.94 -33.90
C ARG B 369 -6.23 0.57 -33.23
N ILE B 370 -5.25 -0.30 -33.50
CA ILE B 370 -5.11 -1.58 -32.84
C ILE B 370 -3.78 -1.58 -32.09
N ALA B 371 -3.63 -2.51 -31.14
CA ALA B 371 -2.42 -2.60 -30.34
C ALA B 371 -2.30 -3.98 -29.71
N ILE B 372 -1.29 -4.74 -30.15
CA ILE B 372 -0.94 -6.02 -29.54
C ILE B 372 0.12 -5.75 -28.48
N ASP B 373 0.02 -6.47 -27.35
CA ASP B 373 0.98 -6.36 -26.27
C ASP B 373 0.90 -7.62 -25.41
N SER B 374 1.80 -8.59 -25.61
CA SER B 374 2.93 -8.51 -26.52
C SER B 374 2.78 -9.52 -27.65
N LEU B 375 3.70 -9.45 -28.62
CA LEU B 375 3.84 -10.48 -29.65
C LEU B 375 4.72 -11.61 -29.11
N SER B 376 5.63 -11.28 -28.19
CA SER B 376 6.55 -12.25 -27.61
C SER B 376 5.79 -13.29 -26.79
N ALA B 377 4.71 -12.86 -26.14
CA ALA B 377 3.84 -13.75 -25.38
C ALA B 377 3.30 -14.85 -26.30
N LEU B 378 2.91 -14.47 -27.51
CA LEU B 378 2.35 -15.38 -28.50
C LEU B 378 3.44 -16.30 -29.04
N GLU B 379 4.60 -15.72 -29.34
CA GLU B 379 5.72 -16.44 -29.95
C GLU B 379 6.14 -17.62 -29.08
N ARG B 380 6.12 -17.42 -27.76
CA ARG B 380 6.54 -18.43 -26.80
C ARG B 380 5.90 -19.77 -27.13
N VAL B 381 4.57 -19.80 -27.16
CA VAL B 381 3.82 -21.05 -27.35
C VAL B 381 3.39 -21.15 -28.82
N ALA B 382 4.39 -21.38 -29.69
CA ALA B 382 4.15 -21.54 -31.12
C ALA B 382 5.42 -22.09 -31.78
N SER B 383 5.45 -22.06 -33.12
CA SER B 383 6.65 -22.39 -33.87
C SER B 383 7.17 -21.14 -34.58
N ASP B 384 8.43 -21.22 -35.05
CA ASP B 384 9.03 -20.14 -35.82
C ASP B 384 8.25 -19.93 -37.11
N ARG B 385 7.69 -21.02 -37.64
CA ARG B 385 6.86 -20.97 -38.84
C ARG B 385 5.47 -20.42 -38.51
N GLY B 386 4.85 -21.00 -37.47
CA GLY B 386 3.51 -20.63 -37.06
C GLY B 386 3.42 -19.16 -36.65
N PHE B 387 4.43 -18.69 -35.90
CA PHE B 387 4.49 -17.31 -35.44
C PHE B 387 4.62 -16.37 -36.64
N ARG B 388 5.50 -16.73 -37.58
CA ARG B 388 5.69 -15.94 -38.79
C ARG B 388 4.36 -15.79 -39.52
N GLU B 389 3.72 -16.92 -39.84
CA GLU B 389 2.46 -16.95 -40.58
C GLU B 389 1.43 -16.06 -39.89
N PHE B 390 1.39 -16.10 -38.56
CA PHE B 390 0.49 -15.28 -37.76
C PHE B 390 0.82 -13.81 -37.94
N VAL B 391 2.09 -13.45 -37.72
CA VAL B 391 2.56 -12.08 -37.79
C VAL B 391 2.35 -11.53 -39.20
N ILE B 392 2.66 -12.35 -40.22
CA ILE B 392 2.54 -11.95 -41.60
C ILE B 392 1.06 -11.76 -41.95
N GLY B 393 0.19 -12.59 -41.39
CA GLY B 393 -1.23 -12.55 -41.67
C GLY B 393 -1.93 -11.36 -41.01
N LEU B 394 -1.52 -11.03 -39.78
CA LEU B 394 -2.21 -10.03 -38.97
C LEU B 394 -1.84 -8.63 -39.43
N THR B 395 -0.55 -8.40 -39.69
CA THR B 395 -0.03 -7.12 -40.13
C THR B 395 -0.71 -6.68 -41.43
N SER B 396 -0.90 -7.63 -42.35
CA SER B 396 -1.43 -7.35 -43.68
C SER B 396 -2.85 -6.76 -43.58
N PHE B 397 -3.73 -7.46 -42.86
CA PHE B 397 -5.13 -7.06 -42.74
C PHE B 397 -5.23 -5.63 -42.20
N ILE B 398 -4.44 -5.35 -41.14
CA ILE B 398 -4.45 -4.04 -40.50
C ILE B 398 -4.11 -2.95 -41.53
N LYS B 399 -3.13 -3.23 -42.39
CA LYS B 399 -2.71 -2.29 -43.42
C LYS B 399 -3.73 -2.24 -44.55
N GLN B 400 -4.45 -3.34 -44.77
CA GLN B 400 -5.50 -3.42 -45.77
C GLN B 400 -6.71 -2.60 -45.34
N GLN B 401 -6.96 -2.54 -44.03
CA GLN B 401 -8.07 -1.79 -43.47
C GLN B 401 -7.64 -0.38 -43.07
N GLU B 402 -6.35 -0.06 -43.28
CA GLU B 402 -5.81 1.27 -43.01
C GLU B 402 -5.97 1.60 -41.52
N ILE B 403 -5.67 0.62 -40.67
CA ILE B 403 -5.72 0.77 -39.22
C ILE B 403 -4.30 0.89 -38.70
N THR B 404 -4.04 1.93 -37.90
CA THR B 404 -2.73 2.17 -37.31
C THR B 404 -2.49 1.13 -36.22
N GLY B 405 -1.37 0.39 -36.32
CA GLY B 405 -1.10 -0.72 -35.43
C GLY B 405 0.24 -0.55 -34.70
N LEU B 406 0.21 -0.76 -33.38
CA LEU B 406 1.42 -0.76 -32.56
C LEU B 406 1.63 -2.17 -32.00
N PHE B 407 2.86 -2.70 -32.16
CA PHE B 407 3.17 -4.04 -31.70
C PHE B 407 4.33 -3.97 -30.69
N THR B 408 4.22 -4.78 -29.64
CA THR B 408 5.19 -4.81 -28.55
C THR B 408 5.93 -6.14 -28.60
N SER B 409 7.28 -6.06 -28.62
CA SER B 409 8.13 -7.24 -28.57
C SER B 409 9.19 -7.05 -27.49
N THR B 410 9.24 -8.00 -26.54
CA THR B 410 10.23 -7.98 -25.48
C THR B 410 11.56 -8.47 -26.03
N THR B 411 12.65 -8.08 -25.35
CA THR B 411 13.98 -8.59 -25.64
C THR B 411 14.42 -9.49 -24.50
N PRO B 412 14.20 -10.83 -24.60
CA PRO B 412 14.61 -11.76 -23.53
C PRO B 412 16.07 -11.58 -23.12
N THR B 413 16.91 -11.17 -24.06
CA THR B 413 18.25 -10.70 -23.76
C THR B 413 18.16 -9.33 -23.09
N PHE B 414 17.80 -9.35 -21.80
CA PHE B 414 17.67 -8.13 -21.01
C PHE B 414 19.05 -7.48 -20.86
N MET B 415 19.29 -6.42 -21.63
CA MET B 415 20.58 -5.76 -21.71
C MET B 415 21.55 -6.64 -22.50
N SER B 423 13.61 -13.13 -34.67
CA SER B 423 12.15 -13.09 -34.95
C SER B 423 11.90 -12.48 -36.33
N HIS B 424 12.45 -11.28 -36.56
CA HIS B 424 12.36 -10.60 -37.84
C HIS B 424 10.91 -10.19 -38.11
N ILE B 425 10.36 -9.37 -37.21
CA ILE B 425 9.07 -8.74 -37.40
C ILE B 425 9.32 -7.31 -37.90
N SER B 426 10.57 -6.85 -37.75
CA SER B 426 10.98 -5.50 -38.13
C SER B 426 10.91 -5.31 -39.64
N THR B 427 11.04 -6.40 -40.40
CA THR B 427 10.97 -6.37 -41.85
C THR B 427 9.59 -5.89 -42.30
N ILE B 428 8.56 -6.21 -41.50
CA ILE B 428 7.19 -5.83 -41.81
C ILE B 428 6.90 -4.42 -41.30
N THR B 429 7.35 -4.11 -40.08
CA THR B 429 7.00 -2.86 -39.41
C THR B 429 7.62 -1.68 -40.17
N ASP B 430 6.95 -0.52 -40.09
CA ASP B 430 7.41 0.69 -40.74
C ASP B 430 8.18 1.57 -39.73
N THR B 431 7.82 1.44 -38.45
CA THR B 431 8.45 2.23 -37.40
C THR B 431 8.99 1.30 -36.33
N ILE B 432 10.27 1.47 -35.99
CA ILE B 432 10.90 0.70 -34.91
C ILE B 432 11.35 1.69 -33.83
N ILE B 433 10.69 1.61 -32.67
CA ILE B 433 11.07 2.42 -31.51
C ILE B 433 11.72 1.50 -30.49
N LEU B 434 12.94 1.83 -30.09
CA LEU B 434 13.73 1.02 -29.17
C LEU B 434 13.80 1.71 -27.81
N LEU B 435 13.38 0.98 -26.76
CA LEU B 435 13.50 1.42 -25.39
C LEU B 435 14.45 0.47 -24.67
N ARG B 436 15.55 1.00 -24.13
CA ARG B 436 16.51 0.16 -23.42
C ARG B 436 16.86 0.79 -22.07
N TYR B 437 17.45 -0.05 -21.21
CA TYR B 437 18.02 0.39 -19.94
C TYR B 437 19.48 0.77 -20.16
N VAL B 438 19.94 1.80 -19.44
CA VAL B 438 21.31 2.25 -19.49
C VAL B 438 21.81 2.47 -18.05
N GLU B 439 22.78 1.65 -17.63
CA GLU B 439 23.42 1.82 -16.33
C GLU B 439 24.33 3.04 -16.40
N MET B 440 24.30 3.87 -15.35
CA MET B 440 25.02 5.13 -15.35
C MET B 440 25.29 5.58 -13.90
N ARG B 441 26.46 5.23 -13.39
CA ARG B 441 26.95 5.71 -12.09
C ARG B 441 25.94 5.36 -11.00
N GLY B 442 25.64 4.07 -10.87
CA GLY B 442 24.72 3.57 -9.86
C GLY B 442 23.30 4.12 -10.06
N GLU B 443 22.85 4.16 -11.32
CA GLU B 443 21.53 4.64 -11.67
C GLU B 443 21.09 4.04 -12.99
N MET B 444 20.15 3.10 -12.93
CA MET B 444 19.64 2.41 -14.11
C MET B 444 18.68 3.34 -14.85
N SER B 445 19.24 4.18 -15.73
CA SER B 445 18.45 5.13 -16.51
C SER B 445 17.85 4.43 -17.73
N ARG B 446 17.02 5.16 -18.47
CA ARG B 446 16.32 4.62 -19.63
C ARG B 446 16.64 5.46 -20.86
N ALA B 447 16.66 4.81 -22.03
CA ALA B 447 16.99 5.45 -23.30
C ALA B 447 15.95 5.07 -24.35
N ILE B 448 15.58 6.05 -25.19
CA ILE B 448 14.67 5.82 -26.31
C ILE B 448 15.36 6.24 -27.60
N ASN B 449 15.03 5.55 -28.70
CA ASN B 449 15.49 5.93 -30.02
C ASN B 449 14.50 5.39 -31.06
N VAL B 450 14.26 6.19 -32.12
CA VAL B 450 13.50 5.75 -33.26
C VAL B 450 14.49 5.22 -34.30
N LEU B 451 14.44 3.91 -34.56
CA LEU B 451 15.42 3.26 -35.43
C LEU B 451 14.99 3.38 -36.89
N LYS B 452 13.66 3.35 -37.13
CA LYS B 452 13.12 3.41 -38.48
C LYS B 452 11.80 4.18 -38.47
N MET B 453 11.53 4.90 -39.57
CA MET B 453 10.25 5.55 -39.78
C MET B 453 9.74 5.33 -41.21
N ARG B 454 10.54 4.64 -42.04
CA ARG B 454 10.12 4.14 -43.35
C ARG B 454 9.97 5.29 -44.34
N GLY B 455 9.06 6.24 -44.07
CA GLY B 455 8.70 7.26 -45.04
C GLY B 455 8.86 8.69 -44.53
N SER B 456 9.56 8.87 -43.41
CA SER B 456 9.70 10.19 -42.80
C SER B 456 11.11 10.41 -42.30
N TRP B 457 11.45 11.68 -42.06
CA TRP B 457 12.58 12.01 -41.19
C TRP B 457 12.20 11.64 -39.76
N HIS B 458 13.08 10.87 -39.09
CA HIS B 458 12.96 10.65 -37.67
C HIS B 458 14.24 11.16 -37.00
N ASP B 459 14.14 11.47 -35.71
CA ASP B 459 15.29 11.87 -34.93
C ASP B 459 16.17 10.65 -34.71
N LYS B 460 17.46 10.78 -35.03
CA LYS B 460 18.39 9.66 -34.99
C LYS B 460 19.10 9.63 -33.64
N GLU B 461 18.51 10.30 -32.63
CA GLU B 461 19.18 10.58 -31.37
C GLU B 461 18.64 9.67 -30.27
N ILE B 462 19.56 9.16 -29.45
CA ILE B 462 19.23 8.28 -28.34
C ILE B 462 18.99 9.14 -27.10
N ARG B 463 17.73 9.48 -26.84
CA ARG B 463 17.39 10.42 -25.79
C ARG B 463 17.06 9.65 -24.50
N GLU B 464 17.36 10.27 -23.35
CA GLU B 464 17.03 9.72 -22.05
C GLU B 464 15.58 10.08 -21.72
N PHE B 465 14.85 9.14 -21.13
CA PHE B 465 13.47 9.38 -20.73
C PHE B 465 13.24 8.86 -19.32
N THR B 466 12.19 9.39 -18.67
CA THR B 466 11.85 9.06 -17.31
C THR B 466 10.33 8.95 -17.20
N ILE B 467 9.87 7.97 -16.41
CA ILE B 467 8.45 7.68 -16.26
C ILE B 467 7.99 8.24 -14.91
N SER B 468 6.76 8.76 -14.90
CA SER B 468 6.15 9.34 -13.72
C SER B 468 4.66 9.02 -13.72
N GLY B 469 3.92 9.62 -12.78
CA GLY B 469 2.46 9.58 -12.80
C GLY B 469 1.88 10.48 -13.89
N LYS B 470 2.74 11.26 -14.55
CA LYS B 470 2.35 12.17 -15.59
C LYS B 470 2.46 11.49 -16.96
N GLY B 471 3.29 10.45 -17.04
CA GLY B 471 3.48 9.69 -18.26
C GLY B 471 4.96 9.42 -18.54
N MET B 472 5.45 9.95 -19.66
CA MET B 472 6.83 9.75 -20.07
C MET B 472 7.42 11.10 -20.46
N HIS B 473 8.69 11.34 -20.06
CA HIS B 473 9.36 12.60 -20.35
C HIS B 473 10.63 12.31 -21.15
N ILE B 474 10.50 12.33 -22.48
CA ILE B 474 11.63 12.14 -23.38
C ILE B 474 12.50 13.40 -23.31
N GLY B 475 13.72 13.24 -22.80
CA GLY B 475 14.60 14.36 -22.52
C GLY B 475 15.67 14.55 -23.59
N ASP B 476 16.91 14.74 -23.14
CA ASP B 476 18.03 15.06 -24.01
C ASP B 476 18.86 13.80 -24.25
N PRO B 477 19.73 13.78 -25.29
CA PRO B 477 20.62 12.64 -25.54
C PRO B 477 21.62 12.44 -24.40
N PHE B 478 22.25 11.25 -24.40
CA PHE B 478 23.15 10.86 -23.31
C PHE B 478 24.52 11.52 -23.47
N ARG B 479 24.75 12.16 -24.64
CA ARG B 479 25.98 12.90 -24.90
C ARG B 479 27.18 11.97 -24.82
N ASN B 480 27.57 11.62 -23.59
CA ASN B 480 28.53 10.55 -23.35
C ASN B 480 27.78 9.22 -23.31
N PHE B 481 27.07 8.92 -24.41
CA PHE B 481 26.21 7.75 -24.49
C PHE B 481 27.07 6.52 -24.70
N THR B 482 27.28 5.76 -23.62
CA THR B 482 27.95 4.46 -23.72
C THR B 482 27.21 3.61 -24.75
N ARG B 483 27.95 3.12 -25.76
CA ARG B 483 27.36 2.40 -26.88
C ARG B 483 26.58 1.19 -26.37
N ILE B 484 25.32 1.44 -25.98
CA ILE B 484 24.47 0.43 -25.35
C ILE B 484 23.42 -0.03 -26.36
N LEU B 485 22.64 0.94 -26.89
CA LEU B 485 21.56 0.66 -27.82
C LEU B 485 22.08 -0.17 -28.98
N SER B 486 21.36 -1.26 -29.28
CA SER B 486 21.74 -2.20 -30.32
C SER B 486 23.01 -2.95 -29.93
N LEU C 10 26.32 -75.25 -5.14
CA LEU C 10 26.91 -73.95 -4.72
C LEU C 10 26.54 -72.86 -5.74
N ALA C 11 27.39 -71.84 -5.85
CA ALA C 11 27.18 -70.73 -6.77
C ALA C 11 27.26 -71.22 -8.21
N ILE C 12 26.73 -70.42 -9.13
CA ILE C 12 26.78 -70.72 -10.55
C ILE C 12 28.24 -70.59 -10.98
N GLU C 13 28.91 -71.74 -11.14
CA GLU C 13 30.29 -71.77 -11.60
C GLU C 13 30.32 -71.45 -13.09
N LYS C 14 31.34 -70.70 -13.51
CA LYS C 14 31.47 -70.28 -14.90
C LYS C 14 32.71 -70.95 -15.51
N LEU C 15 32.70 -71.05 -16.84
CA LEU C 15 33.72 -71.80 -17.56
C LEU C 15 34.40 -70.87 -18.56
N PRO C 16 35.67 -70.46 -18.31
CA PRO C 16 36.36 -69.49 -19.16
C PRO C 16 36.36 -69.83 -20.64
N THR C 17 36.07 -68.82 -21.47
CA THR C 17 35.95 -68.98 -22.92
C THR C 17 37.34 -68.91 -23.57
N GLY C 18 38.29 -68.27 -22.87
CA GLY C 18 39.60 -68.00 -23.43
C GLY C 18 39.63 -66.70 -24.23
N ILE C 19 38.45 -66.09 -24.41
CA ILE C 19 38.31 -64.84 -25.14
C ILE C 19 38.47 -63.71 -24.13
N GLU C 20 39.67 -63.65 -23.52
CA GLU C 20 40.03 -62.73 -22.46
C GLU C 20 38.88 -61.77 -22.12
N GLY C 21 38.59 -60.82 -23.01
CA GLY C 21 37.66 -59.75 -22.75
C GLY C 21 36.31 -60.24 -22.21
N PHE C 22 35.82 -61.36 -22.75
CA PHE C 22 34.56 -61.94 -22.32
C PHE C 22 34.66 -62.40 -20.87
N ASP C 23 35.76 -63.08 -20.54
CA ASP C 23 35.97 -63.64 -19.21
C ASP C 23 35.96 -62.53 -18.16
N ASP C 24 36.26 -61.29 -18.59
CA ASP C 24 36.25 -60.13 -17.71
C ASP C 24 34.83 -59.60 -17.56
N ILE C 25 34.13 -59.45 -18.68
CA ILE C 25 32.80 -58.88 -18.71
C ILE C 25 31.82 -59.88 -18.07
N SER C 26 32.11 -61.18 -18.22
CA SER C 26 31.23 -62.24 -17.77
C SER C 26 31.43 -62.53 -16.28
N HIS C 27 32.52 -62.02 -15.70
CA HIS C 27 32.88 -62.28 -14.31
C HIS C 27 33.20 -63.76 -14.11
N GLY C 28 34.06 -64.30 -14.98
CA GLY C 28 34.50 -65.68 -14.87
C GLY C 28 34.44 -66.41 -16.21
N GLY C 29 33.29 -66.32 -16.88
CA GLY C 29 33.06 -67.01 -18.15
C GLY C 29 31.59 -67.28 -18.37
N LEU C 30 31.29 -68.43 -19.00
CA LEU C 30 29.92 -68.84 -19.27
C LEU C 30 29.47 -69.81 -18.18
N PRO C 31 28.29 -69.60 -17.55
CA PRO C 31 27.74 -70.54 -16.57
C PRO C 31 27.88 -72.01 -16.99
N LYS C 32 28.53 -72.80 -16.12
CA LYS C 32 28.86 -74.18 -16.43
C LYS C 32 27.59 -75.02 -16.31
N GLY C 33 27.37 -75.91 -17.29
CA GLY C 33 26.23 -76.81 -17.30
C GLY C 33 25.01 -76.19 -17.98
N ARG C 34 24.90 -74.86 -17.89
CA ARG C 34 23.78 -74.13 -18.46
C ARG C 34 24.06 -73.87 -19.94
N THR C 35 23.01 -73.59 -20.71
CA THR C 35 23.15 -73.23 -22.11
C THR C 35 23.20 -71.70 -22.23
N THR C 36 23.95 -71.22 -23.22
CA THR C 36 24.04 -69.79 -23.50
C THR C 36 23.66 -69.52 -24.95
N LEU C 37 22.73 -68.58 -25.15
CA LEU C 37 22.34 -68.13 -26.47
C LEU C 37 23.27 -67.01 -26.92
N VAL C 38 23.93 -67.20 -28.07
CA VAL C 38 24.76 -66.18 -28.68
C VAL C 38 24.13 -65.77 -30.01
N ALA C 39 23.24 -64.77 -29.93
CA ALA C 39 22.46 -64.34 -31.10
C ALA C 39 23.15 -63.17 -31.78
N GLY C 40 22.87 -63.00 -33.07
CA GLY C 40 23.46 -61.92 -33.87
C GLY C 40 23.06 -62.02 -35.33
N THR C 41 23.18 -60.89 -36.05
CA THR C 41 22.92 -60.85 -37.49
C THR C 41 24.09 -61.49 -38.23
N PRO C 42 23.96 -61.79 -39.55
CA PRO C 42 25.09 -62.32 -40.33
C PRO C 42 26.32 -61.41 -40.32
N GLY C 43 27.49 -62.04 -40.13
CA GLY C 43 28.77 -61.33 -40.12
C GLY C 43 29.09 -60.70 -38.77
N THR C 44 28.54 -61.27 -37.69
CA THR C 44 28.75 -60.78 -36.34
C THR C 44 29.92 -61.51 -35.69
N GLY C 45 29.94 -62.84 -35.82
CA GLY C 45 31.01 -63.67 -35.29
C GLY C 45 30.51 -64.69 -34.26
N LYS C 46 29.34 -65.27 -34.52
CA LYS C 46 28.75 -66.26 -33.63
C LYS C 46 29.45 -67.60 -33.83
N THR C 47 29.92 -67.85 -35.06
CA THR C 47 30.55 -69.10 -35.42
C THR C 47 32.01 -69.11 -34.96
N VAL C 48 32.64 -67.94 -34.91
CA VAL C 48 34.01 -67.80 -34.45
C VAL C 48 34.04 -67.89 -32.93
N PHE C 49 33.18 -67.09 -32.29
CA PHE C 49 33.04 -67.06 -30.84
C PHE C 49 32.80 -68.48 -30.32
N ALA C 50 31.99 -69.25 -31.05
CA ALA C 50 31.62 -70.60 -30.66
C ALA C 50 32.84 -71.53 -30.71
N MET C 51 33.66 -71.41 -31.77
CA MET C 51 34.82 -72.27 -31.95
C MET C 51 35.90 -71.92 -30.93
N GLN C 52 36.06 -70.62 -30.67
CA GLN C 52 37.09 -70.12 -29.76
C GLN C 52 36.78 -70.60 -28.34
N PHE C 53 35.50 -70.84 -28.06
CA PHE C 53 35.06 -71.40 -26.79
C PHE C 53 35.49 -72.86 -26.68
N LEU C 54 35.17 -73.64 -27.72
CA LEU C 54 35.54 -75.05 -27.78
C LEU C 54 37.06 -75.20 -27.88
N TYR C 55 37.70 -74.29 -28.60
CA TYR C 55 39.13 -74.38 -28.90
C TYR C 55 39.95 -74.11 -27.65
N HIS C 56 39.74 -72.93 -27.04
CA HIS C 56 40.50 -72.51 -25.86
C HIS C 56 40.06 -73.28 -24.63
N GLY C 57 39.04 -74.14 -24.77
CA GLY C 57 38.66 -75.07 -23.72
C GLY C 57 39.48 -76.36 -23.78
N ILE C 58 39.80 -76.80 -25.00
CA ILE C 58 40.43 -78.10 -25.22
C ILE C 58 41.93 -77.97 -25.03
N LYS C 59 42.49 -76.81 -25.40
CA LYS C 59 43.93 -76.61 -25.38
C LYS C 59 44.35 -75.86 -24.12
N ARG C 60 43.71 -76.19 -22.98
CA ARG C 60 44.07 -75.60 -21.70
C ARG C 60 43.49 -76.47 -20.58
N PHE C 61 42.16 -76.65 -20.61
CA PHE C 61 41.45 -77.38 -19.58
C PHE C 61 41.25 -78.85 -19.99
N ASP C 62 41.61 -79.17 -21.24
CA ASP C 62 41.45 -80.50 -21.79
C ASP C 62 39.98 -80.90 -21.78
N GLU C 63 39.11 -79.90 -22.03
CA GLU C 63 37.67 -80.11 -22.06
C GLU C 63 37.25 -80.37 -23.51
N PRO C 64 36.93 -81.63 -23.89
CA PRO C 64 36.62 -81.96 -25.28
C PRO C 64 35.37 -81.22 -25.77
N GLY C 65 35.38 -80.86 -27.06
CA GLY C 65 34.32 -80.04 -27.65
C GLY C 65 33.68 -80.73 -28.86
N VAL C 66 32.35 -80.60 -28.96
CA VAL C 66 31.61 -81.12 -30.11
C VAL C 66 30.88 -79.97 -30.77
N PHE C 67 31.09 -79.82 -32.08
CA PHE C 67 30.51 -78.74 -32.85
C PHE C 67 29.49 -79.31 -33.83
N VAL C 68 28.20 -78.95 -33.65
CA VAL C 68 27.14 -79.41 -34.52
C VAL C 68 26.75 -78.26 -35.45
N THR C 69 26.96 -78.48 -36.76
CA THR C 69 26.68 -77.44 -37.76
C THR C 69 25.47 -77.86 -38.59
N PHE C 70 24.44 -77.00 -38.58
CA PHE C 70 23.27 -77.16 -39.42
C PHE C 70 23.37 -76.27 -40.65
N GLU C 71 24.60 -75.84 -40.99
CA GLU C 71 24.83 -74.96 -42.11
C GLU C 71 26.12 -75.37 -42.82
N GLU C 72 27.18 -74.55 -42.67
CA GLU C 72 28.45 -74.76 -43.34
C GLU C 72 29.01 -76.14 -43.01
N SER C 73 29.56 -76.82 -44.02
CA SER C 73 30.04 -78.18 -43.89
C SER C 73 31.35 -78.20 -43.10
N PRO C 74 31.65 -79.30 -42.36
CA PRO C 74 32.85 -79.38 -41.53
C PRO C 74 34.15 -79.00 -42.24
N ASP C 75 34.28 -79.42 -43.50
CA ASP C 75 35.46 -79.12 -44.31
C ASP C 75 35.63 -77.61 -44.42
N ASP C 76 34.52 -76.90 -44.69
CA ASP C 76 34.54 -75.46 -44.84
C ASP C 76 34.92 -74.79 -43.52
N ILE C 77 34.42 -75.32 -42.40
CA ILE C 77 34.67 -74.75 -41.09
C ILE C 77 36.17 -74.76 -40.82
N LEU C 78 36.78 -75.94 -40.95
CA LEU C 78 38.21 -76.13 -40.70
C LEU C 78 39.03 -75.13 -41.51
N ARG C 79 38.66 -74.96 -42.78
CA ARG C 79 39.37 -74.08 -43.69
C ARG C 79 39.16 -72.62 -43.28
N ASN C 80 37.92 -72.29 -42.89
CA ASN C 80 37.55 -70.92 -42.55
C ASN C 80 38.19 -70.50 -41.23
N MET C 81 38.51 -71.47 -40.37
CA MET C 81 39.06 -71.20 -39.05
C MET C 81 40.58 -71.36 -39.05
N ALA C 82 41.17 -71.47 -40.25
CA ALA C 82 42.56 -71.89 -40.39
C ALA C 82 43.52 -70.74 -40.10
N SER C 83 43.18 -69.54 -40.61
CA SER C 83 44.07 -68.39 -40.53
C SER C 83 44.20 -67.88 -39.10
N PHE C 84 43.35 -68.35 -38.19
CA PHE C 84 43.43 -67.96 -36.79
C PHE C 84 44.56 -68.71 -36.08
N GLY C 85 45.22 -69.64 -36.79
CA GLY C 85 46.36 -70.36 -36.23
C GLY C 85 45.93 -71.49 -35.30
N TRP C 86 44.68 -71.93 -35.43
CA TRP C 86 44.16 -73.04 -34.66
C TRP C 86 44.30 -74.31 -35.48
N ASP C 87 45.15 -75.23 -35.03
CA ASP C 87 45.29 -76.53 -35.66
C ASP C 87 44.12 -77.41 -35.22
N LEU C 88 42.93 -77.11 -35.74
CA LEU C 88 41.74 -77.89 -35.43
C LEU C 88 41.91 -79.31 -35.96
N GLN C 89 42.75 -79.47 -36.98
CA GLN C 89 43.01 -80.77 -37.60
C GLN C 89 43.76 -81.68 -36.63
N LYS C 90 44.71 -81.13 -35.87
CA LYS C 90 45.46 -81.93 -34.90
C LYS C 90 44.54 -82.35 -33.76
N LEU C 91 43.47 -81.58 -33.55
CA LEU C 91 42.57 -81.78 -32.42
C LEU C 91 41.51 -82.83 -32.74
N VAL C 92 41.07 -82.91 -34.01
CA VAL C 92 40.15 -83.95 -34.43
C VAL C 92 40.90 -85.28 -34.51
N GLU C 93 42.21 -85.20 -34.76
CA GLU C 93 43.07 -86.39 -34.83
C GLU C 93 43.19 -87.05 -33.45
N GLU C 94 43.21 -86.21 -32.40
CA GLU C 94 43.40 -86.69 -31.03
C GLU C 94 42.07 -87.08 -30.39
N GLY C 95 40.97 -87.00 -31.16
CA GLY C 95 39.65 -87.32 -30.66
C GLY C 95 39.18 -86.34 -29.60
N LYS C 96 39.59 -85.07 -29.76
CA LYS C 96 39.27 -84.01 -28.80
C LYS C 96 38.26 -83.04 -29.41
N LEU C 97 38.14 -83.02 -30.74
CA LEU C 97 37.18 -82.18 -31.44
C LEU C 97 36.39 -83.04 -32.42
N ALA C 98 35.12 -82.67 -32.63
CA ALA C 98 34.23 -83.39 -33.54
C ALA C 98 33.23 -82.41 -34.15
N ILE C 99 33.24 -82.32 -35.48
CA ILE C 99 32.34 -81.45 -36.21
C ILE C 99 31.26 -82.31 -36.87
N VAL C 100 30.05 -82.26 -36.31
CA VAL C 100 28.94 -83.08 -36.77
C VAL C 100 28.15 -82.29 -37.82
N ASP C 101 28.03 -82.85 -39.03
CA ASP C 101 27.33 -82.22 -40.13
C ASP C 101 25.88 -82.69 -40.13
N ALA C 102 25.00 -81.93 -39.48
CA ALA C 102 23.59 -82.23 -39.43
C ALA C 102 22.83 -81.43 -40.49
N SER C 103 23.57 -80.69 -41.32
CA SER C 103 22.99 -79.96 -42.44
C SER C 103 22.33 -80.94 -43.40
N PRO C 104 20.97 -80.97 -43.48
CA PRO C 104 20.29 -81.97 -44.32
C PRO C 104 20.46 -81.68 -45.80
N ASP C 105 20.46 -82.74 -46.62
CA ASP C 105 20.63 -82.62 -48.06
C ASP C 105 19.31 -82.14 -48.69
N PHE C 115 13.43 -90.50 -37.71
CA PHE C 115 13.11 -89.69 -36.50
C PHE C 115 13.52 -88.23 -36.75
N ASP C 116 12.94 -87.64 -37.79
CA ASP C 116 13.22 -86.27 -38.22
C ASP C 116 14.48 -85.74 -37.53
N LEU C 117 14.30 -85.05 -36.40
CA LEU C 117 15.40 -84.44 -35.68
C LEU C 117 15.72 -85.24 -34.41
N SER C 118 14.81 -86.14 -34.01
CA SER C 118 15.00 -86.97 -32.83
C SER C 118 16.19 -87.91 -33.03
N GLY C 119 16.39 -88.36 -34.27
CA GLY C 119 17.54 -89.18 -34.63
C GLY C 119 18.85 -88.39 -34.58
N LEU C 120 18.81 -87.17 -35.12
CA LEU C 120 19.92 -86.23 -35.03
C LEU C 120 20.22 -85.92 -33.56
N LEU C 121 19.17 -85.83 -32.73
CA LEU C 121 19.31 -85.59 -31.31
C LEU C 121 19.99 -86.78 -30.64
N ALA C 122 19.60 -88.00 -31.07
CA ALA C 122 20.20 -89.22 -30.57
C ALA C 122 21.66 -89.32 -31.03
N ARG C 123 21.91 -88.97 -32.29
CA ARG C 123 23.24 -88.96 -32.86
C ARG C 123 24.13 -87.96 -32.11
N ILE C 124 23.57 -86.77 -31.83
CA ILE C 124 24.29 -85.72 -31.15
C ILE C 124 24.64 -86.16 -29.73
N ASN C 125 23.69 -86.84 -29.07
CA ASN C 125 23.89 -87.34 -27.72
C ASN C 125 25.01 -88.37 -27.69
N HIS C 126 25.11 -89.20 -28.74
CA HIS C 126 26.12 -90.23 -28.84
C HIS C 126 27.51 -89.62 -28.94
N ALA C 127 27.64 -88.57 -29.75
CA ALA C 127 28.92 -87.91 -29.99
C ALA C 127 29.48 -87.35 -28.68
N ILE C 128 28.60 -86.76 -27.86
CA ILE C 128 29.00 -86.18 -26.59
C ILE C 128 29.62 -87.26 -25.70
N ARG C 129 28.96 -88.43 -25.64
CA ARG C 129 29.40 -89.53 -24.80
C ARG C 129 30.68 -90.15 -25.35
N LYS C 130 30.77 -90.25 -26.68
CA LYS C 130 31.91 -90.85 -27.35
C LYS C 130 33.17 -90.02 -27.10
N TYR C 131 33.09 -88.73 -27.43
CA TYR C 131 34.22 -87.83 -27.33
C TYR C 131 34.34 -87.28 -25.91
N LYS C 132 33.39 -87.64 -25.04
CA LYS C 132 33.41 -87.25 -23.63
C LYS C 132 33.43 -85.73 -23.53
N ALA C 133 32.57 -85.09 -24.32
CA ALA C 133 32.61 -83.64 -24.50
C ALA C 133 32.01 -82.94 -23.30
N LYS C 134 32.77 -81.99 -22.74
CA LYS C 134 32.30 -81.13 -21.67
C LYS C 134 31.67 -79.86 -22.24
N ARG C 135 32.22 -79.39 -23.37
CA ARG C 135 31.71 -78.22 -24.06
C ARG C 135 31.03 -78.66 -25.36
N VAL C 136 29.99 -77.93 -25.76
CA VAL C 136 29.20 -78.26 -26.95
C VAL C 136 28.82 -76.96 -27.64
N VAL C 137 28.72 -77.00 -28.98
CA VAL C 137 28.20 -75.91 -29.77
C VAL C 137 27.18 -76.46 -30.76
N ILE C 138 26.01 -75.79 -30.80
CA ILE C 138 24.98 -76.07 -31.79
C ILE C 138 24.85 -74.84 -32.68
N ASP C 139 25.52 -74.87 -33.84
CA ASP C 139 25.60 -73.71 -34.71
C ASP C 139 24.31 -73.59 -35.51
N SER C 140 23.62 -72.46 -35.32
CA SER C 140 22.35 -72.16 -35.98
C SER C 140 21.25 -73.08 -35.44
N ILE C 141 20.67 -72.69 -34.31
CA ILE C 141 19.45 -73.31 -33.79
C ILE C 141 18.27 -72.85 -34.64
N THR C 142 18.43 -71.69 -35.29
CA THR C 142 17.41 -71.14 -36.18
C THR C 142 17.35 -71.92 -37.49
N ALA C 143 18.48 -72.51 -37.89
CA ALA C 143 18.55 -73.29 -39.12
C ALA C 143 17.74 -74.58 -38.98
N ILE C 144 17.58 -75.05 -37.74
CA ILE C 144 16.77 -76.22 -37.44
C ILE C 144 15.31 -75.93 -37.79
N PHE C 145 14.86 -74.70 -37.51
CA PHE C 145 13.50 -74.27 -37.81
C PHE C 145 13.30 -74.15 -39.33
N GLN C 146 14.38 -73.85 -40.05
CA GLN C 146 14.34 -73.72 -41.50
C GLN C 146 14.74 -75.03 -42.17
N GLN C 147 14.44 -76.15 -41.51
CA GLN C 147 14.71 -77.48 -42.06
C GLN C 147 13.90 -78.51 -41.27
N PHE C 148 12.57 -78.36 -41.32
CA PHE C 148 11.66 -79.20 -40.57
C PHE C 148 10.23 -78.92 -41.00
N ASP C 149 9.81 -77.66 -40.89
CA ASP C 149 8.46 -77.22 -41.21
C ASP C 149 7.48 -77.80 -40.19
N ASP C 150 7.99 -78.10 -38.98
CA ASP C 150 7.20 -78.67 -37.92
C ASP C 150 7.11 -77.71 -36.73
N ALA C 151 7.79 -76.55 -36.85
CA ALA C 151 7.84 -75.51 -35.84
C ALA C 151 7.59 -76.09 -34.44
N SER C 152 6.31 -76.28 -34.09
CA SER C 152 5.91 -76.71 -32.75
C SER C 152 6.68 -77.95 -32.31
N THR C 153 6.91 -78.88 -33.25
CA THR C 153 7.67 -80.09 -32.98
C THR C 153 9.12 -79.73 -32.65
N VAL C 154 9.69 -78.82 -33.44
CA VAL C 154 11.09 -78.42 -33.32
C VAL C 154 11.35 -77.83 -31.93
N ARG C 155 10.37 -77.10 -31.40
CA ARG C 155 10.51 -76.44 -30.10
C ARG C 155 10.66 -77.50 -29.00
N ARG C 156 9.80 -78.52 -29.05
CA ARG C 156 9.77 -79.58 -28.05
C ARG C 156 11.08 -80.34 -28.06
N GLU C 157 11.63 -80.60 -29.26
CA GLU C 157 12.91 -81.27 -29.38
C GLU C 157 14.03 -80.41 -28.82
N LEU C 158 13.97 -79.10 -29.07
CA LEU C 158 15.00 -78.17 -28.63
C LEU C 158 14.93 -78.01 -27.11
N PHE C 159 13.72 -77.82 -26.59
CA PHE C 159 13.48 -77.74 -25.15
C PHE C 159 13.93 -79.02 -24.46
N ARG C 160 13.85 -80.16 -25.17
CA ARG C 160 14.30 -81.43 -24.66
C ARG C 160 15.83 -81.49 -24.65
N LEU C 161 16.45 -81.03 -25.74
CA LEU C 161 17.90 -81.09 -25.91
C LEU C 161 18.60 -80.35 -24.76
N VAL C 162 18.18 -79.11 -24.52
CA VAL C 162 18.79 -78.27 -23.49
C VAL C 162 18.77 -79.00 -22.15
N ALA C 163 17.65 -79.65 -21.83
CA ALA C 163 17.48 -80.33 -20.55
C ALA C 163 18.33 -81.59 -20.50
N ARG C 164 18.45 -82.26 -21.66
CA ARG C 164 19.32 -83.43 -21.79
C ARG C 164 20.77 -83.01 -21.56
N LEU C 165 21.17 -81.91 -22.20
CA LEU C 165 22.54 -81.39 -22.10
C LEU C 165 22.84 -80.99 -20.66
N LYS C 166 21.84 -80.45 -19.95
CA LYS C 166 22.01 -80.07 -18.56
C LYS C 166 22.18 -81.33 -17.70
N ARG C 167 21.44 -82.39 -18.03
CA ARG C 167 21.58 -83.67 -17.37
C ARG C 167 22.95 -84.27 -17.67
N MET C 168 23.41 -84.13 -18.91
CA MET C 168 24.75 -84.57 -19.30
C MET C 168 25.79 -83.73 -18.56
N GLY C 169 25.42 -82.47 -18.25
CA GLY C 169 26.27 -81.57 -17.48
C GLY C 169 27.32 -80.93 -18.37
N VAL C 170 26.89 -80.41 -19.52
CA VAL C 170 27.78 -79.82 -20.51
C VAL C 170 27.40 -78.35 -20.71
N THR C 171 28.42 -77.50 -20.84
CA THR C 171 28.24 -76.09 -21.13
C THR C 171 28.06 -75.92 -22.64
N THR C 172 26.92 -75.37 -23.05
CA THR C 172 26.54 -75.34 -24.45
C THR C 172 26.33 -73.89 -24.92
N ILE C 173 26.89 -73.58 -26.09
CA ILE C 173 26.56 -72.34 -26.81
C ILE C 173 25.64 -72.71 -27.97
N MET C 174 24.47 -72.09 -28.01
CA MET C 174 23.51 -72.31 -29.09
C MET C 174 23.30 -70.98 -29.83
N THR C 175 23.82 -70.91 -31.06
CA THR C 175 23.82 -69.67 -31.83
C THR C 175 22.47 -69.52 -32.55
N ALA C 176 22.11 -68.28 -32.86
CA ALA C 176 20.84 -67.98 -33.50
C ALA C 176 20.95 -66.67 -34.28
N GLU C 177 20.23 -66.58 -35.41
CA GLU C 177 20.28 -65.42 -36.29
C GLU C 177 19.21 -64.41 -35.89
N ARG C 178 19.50 -63.13 -36.17
CA ARG C 178 18.59 -62.03 -35.88
C ARG C 178 18.34 -61.25 -37.16
N THR C 179 17.23 -60.50 -37.18
CA THR C 179 16.82 -59.72 -38.34
C THR C 179 17.50 -58.36 -38.32
N GLU C 180 17.47 -57.69 -37.16
CA GLU C 180 18.03 -56.36 -36.99
C GLU C 180 18.93 -56.33 -35.75
N GLU C 181 19.70 -55.24 -35.62
CA GLU C 181 20.71 -55.12 -34.58
C GLU C 181 20.05 -54.71 -33.26
N TYR C 182 19.30 -53.59 -33.31
CA TYR C 182 18.64 -53.06 -32.13
C TYR C 182 17.14 -53.34 -32.22
N GLY C 183 16.80 -54.64 -32.20
CA GLY C 183 15.42 -55.08 -32.25
C GLY C 183 15.20 -56.32 -31.39
N PRO C 184 14.69 -57.44 -31.95
CA PRO C 184 14.39 -58.63 -31.16
C PRO C 184 15.66 -59.39 -30.78
N ILE C 185 15.53 -60.31 -29.81
CA ILE C 185 16.68 -61.01 -29.26
C ILE C 185 17.00 -62.20 -30.16
N ALA C 186 15.96 -62.84 -30.70
CA ALA C 186 16.09 -64.05 -31.50
C ALA C 186 15.15 -63.99 -32.70
N ARG C 187 15.06 -65.10 -33.44
CA ARG C 187 14.34 -65.14 -34.71
C ARG C 187 12.94 -65.71 -34.51
N TYR C 188 12.87 -66.92 -33.95
CA TYR C 188 11.61 -67.66 -33.84
C TYR C 188 11.23 -67.83 -32.37
N GLY C 189 11.50 -66.78 -31.57
CA GLY C 189 11.34 -66.88 -30.12
C GLY C 189 12.23 -67.96 -29.52
N VAL C 190 13.43 -68.10 -30.08
CA VAL C 190 14.40 -69.08 -29.61
C VAL C 190 14.96 -68.64 -28.26
N GLU C 191 14.67 -67.39 -27.87
CA GLU C 191 15.03 -66.88 -26.56
C GLU C 191 14.02 -67.31 -25.50
N GLU C 192 13.28 -68.40 -25.77
CA GLU C 192 12.32 -68.97 -24.84
C GLU C 192 12.82 -70.34 -24.37
N PHE C 193 13.12 -71.22 -25.34
CA PHE C 193 13.68 -72.53 -25.05
C PHE C 193 14.98 -72.38 -24.27
N VAL C 194 15.83 -71.45 -24.71
CA VAL C 194 17.03 -71.07 -23.96
C VAL C 194 16.59 -70.19 -22.80
N ALA C 195 16.71 -68.86 -22.96
CA ALA C 195 16.23 -67.88 -21.99
C ALA C 195 17.03 -67.91 -20.70
N ASP C 196 18.04 -68.78 -20.61
CA ASP C 196 18.82 -68.93 -19.39
C ASP C 196 19.94 -67.88 -19.39
N ASN C 197 20.76 -67.91 -20.46
CA ASN C 197 21.88 -66.99 -20.61
C ASN C 197 21.87 -66.49 -22.06
N VAL C 198 21.86 -65.16 -22.22
CA VAL C 198 21.74 -64.55 -23.54
C VAL C 198 22.88 -63.56 -23.75
N VAL C 199 23.67 -63.80 -24.81
CA VAL C 199 24.69 -62.88 -25.26
C VAL C 199 24.34 -62.44 -26.68
N ILE C 200 24.37 -61.13 -26.93
CA ILE C 200 23.99 -60.57 -28.21
C ILE C 200 25.24 -59.99 -28.87
N LEU C 201 25.54 -60.46 -30.09
CA LEU C 201 26.58 -59.87 -30.92
C LEU C 201 25.92 -58.91 -31.91
N ARG C 202 26.58 -57.79 -32.18
CA ARG C 202 26.05 -56.79 -33.10
C ARG C 202 27.16 -56.28 -34.02
N ASN C 203 26.76 -55.91 -35.24
CA ASN C 203 27.61 -55.16 -36.15
C ASN C 203 26.79 -53.99 -36.68
N VAL C 204 26.73 -52.93 -35.87
CA VAL C 204 25.91 -51.76 -36.16
C VAL C 204 26.67 -50.90 -37.18
N LEU C 205 25.93 -50.29 -38.10
CA LEU C 205 26.54 -49.48 -39.16
C LEU C 205 27.08 -48.18 -38.56
N GLU C 206 26.23 -47.15 -38.44
CA GLU C 206 26.65 -45.85 -37.94
C GLU C 206 27.55 -45.17 -38.96
N GLY C 207 27.06 -44.06 -39.54
CA GLY C 207 27.72 -43.42 -40.67
C GLY C 207 27.70 -44.34 -41.89
N GLU C 208 28.86 -44.47 -42.55
CA GLU C 208 29.07 -45.50 -43.56
C GLU C 208 30.04 -46.56 -43.02
N ARG C 209 30.36 -46.45 -41.72
CA ARG C 209 31.29 -47.37 -41.06
C ARG C 209 30.49 -48.52 -40.46
N ARG C 210 31.21 -49.44 -39.80
CA ARG C 210 30.60 -50.55 -39.08
C ARG C 210 31.38 -50.78 -37.78
N ARG C 211 30.67 -51.04 -36.68
CA ARG C 211 31.28 -51.27 -35.39
C ARG C 211 30.66 -52.52 -34.75
N ARG C 212 31.53 -53.45 -34.33
CA ARG C 212 31.09 -54.67 -33.65
C ARG C 212 30.98 -54.40 -32.16
N THR C 213 29.93 -54.93 -31.52
CA THR C 213 29.70 -54.74 -30.10
C THR C 213 29.16 -56.05 -29.49
N ILE C 214 29.70 -56.42 -28.33
CA ILE C 214 29.20 -57.56 -27.58
C ILE C 214 28.31 -57.04 -26.46
N GLU C 215 27.31 -57.85 -26.07
CA GLU C 215 26.43 -57.52 -24.97
C GLU C 215 25.94 -58.79 -24.31
N ILE C 216 26.19 -58.93 -23.01
CA ILE C 216 25.56 -59.96 -22.19
C ILE C 216 24.30 -59.34 -21.60
N LEU C 217 23.13 -59.86 -22.01
CA LEU C 217 21.85 -59.30 -21.59
C LEU C 217 21.46 -59.84 -20.23
N LYS C 218 21.58 -61.18 -20.06
CA LYS C 218 21.19 -61.81 -18.81
C LYS C 218 22.09 -63.03 -18.53
N PHE C 219 22.55 -63.12 -17.27
CA PHE C 219 23.10 -64.34 -16.72
C PHE C 219 22.34 -64.65 -15.43
N ARG C 220 21.40 -65.60 -15.50
CA ARG C 220 20.63 -66.03 -14.35
C ARG C 220 21.56 -66.54 -13.25
N GLY C 221 21.44 -65.94 -12.06
CA GLY C 221 22.07 -66.45 -10.86
C GLY C 221 23.50 -65.95 -10.67
N THR C 222 23.98 -65.10 -11.59
CA THR C 222 25.36 -64.65 -11.58
C THR C 222 25.41 -63.16 -11.96
N SER C 223 26.49 -62.50 -11.55
CA SER C 223 26.75 -61.12 -11.92
C SER C 223 27.39 -61.08 -13.31
N HIS C 224 27.20 -59.96 -14.00
CA HIS C 224 27.81 -59.74 -15.30
C HIS C 224 27.83 -58.24 -15.59
N GLN C 225 28.86 -57.77 -16.28
CA GLN C 225 28.93 -56.38 -16.69
C GLN C 225 27.84 -56.11 -17.72
N LYS C 226 27.15 -54.98 -17.57
CA LYS C 226 25.96 -54.66 -18.33
C LYS C 226 26.34 -53.67 -19.42
N GLY C 227 25.74 -53.84 -20.61
CA GLY C 227 25.87 -52.89 -21.71
C GLY C 227 26.70 -53.45 -22.86
N GLU C 228 26.79 -52.65 -23.94
CA GLU C 228 27.56 -53.02 -25.12
C GLU C 228 29.04 -52.79 -24.85
N PHE C 229 29.89 -53.69 -25.39
CA PHE C 229 31.33 -53.56 -25.31
C PHE C 229 31.93 -53.79 -26.70
N PRO C 230 32.97 -53.03 -27.10
CA PRO C 230 33.57 -53.17 -28.43
C PRO C 230 34.45 -54.40 -28.56
N PHE C 231 34.39 -55.06 -29.72
CA PHE C 231 35.24 -56.20 -30.02
C PHE C 231 35.64 -56.15 -31.49
N THR C 232 36.68 -56.93 -31.84
CA THR C 232 37.20 -56.99 -33.20
C THR C 232 37.51 -58.43 -33.56
N ILE C 233 37.53 -58.71 -34.87
CA ILE C 233 37.96 -60.01 -35.38
C ILE C 233 39.24 -59.81 -36.19
N THR C 234 40.38 -60.13 -35.55
CA THR C 234 41.69 -59.97 -36.17
C THR C 234 42.20 -61.32 -36.65
N PRO C 235 42.70 -61.43 -37.90
CA PRO C 235 43.34 -62.64 -38.39
C PRO C 235 44.51 -63.06 -37.50
N GLY C 236 44.50 -64.33 -37.06
CA GLY C 236 45.52 -64.87 -36.16
C GLY C 236 45.02 -64.98 -34.72
N GLU C 237 44.13 -64.06 -34.32
CA GLU C 237 43.57 -64.04 -32.97
C GLU C 237 42.09 -64.41 -33.03
N GLY C 238 41.33 -63.62 -33.78
CA GLY C 238 39.88 -63.77 -33.85
C GLY C 238 39.18 -62.76 -32.95
N ILE C 239 38.15 -63.24 -32.22
CA ILE C 239 37.35 -62.38 -31.35
C ILE C 239 38.28 -61.80 -30.28
N SER C 240 38.46 -60.47 -30.32
CA SER C 240 39.27 -59.76 -29.35
C SER C 240 38.45 -58.63 -28.74
N ILE C 241 37.92 -58.87 -27.53
CA ILE C 241 37.05 -57.93 -26.85
C ILE C 241 37.92 -57.04 -25.95
N PHE C 242 37.52 -55.77 -25.84
CA PHE C 242 38.23 -54.79 -25.03
C PHE C 242 37.39 -54.44 -23.80
N PRO C 243 37.67 -55.03 -22.61
CA PRO C 243 36.90 -54.75 -21.41
C PRO C 243 37.38 -53.47 -20.73
N LEU C 244 36.78 -52.33 -21.13
CA LEU C 244 37.16 -51.02 -20.62
C LEU C 244 36.96 -50.96 -19.10
N SER C 245 35.89 -51.61 -18.62
CA SER C 245 35.56 -51.64 -17.21
C SER C 245 36.59 -52.49 -16.44
N ALA C 246 37.08 -53.56 -17.07
CA ALA C 246 38.01 -54.48 -16.43
C ALA C 246 39.40 -53.86 -16.31
N MET C 247 39.63 -52.73 -17.00
CA MET C 247 40.83 -51.94 -16.78
C MET C 247 41.00 -51.71 -15.28
N ARG C 248 41.86 -52.53 -14.67
CA ARG C 248 42.13 -52.49 -13.24
C ARG C 248 41.94 -51.07 -12.68
N SER C 254 56.30 -43.40 -9.11
CA SER C 254 57.75 -43.11 -9.05
C SER C 254 57.98 -41.59 -9.12
N ASN C 255 59.26 -41.19 -9.02
CA ASN C 255 59.64 -39.79 -9.15
C ASN C 255 60.92 -39.68 -9.97
N VAL C 256 61.12 -40.63 -10.90
CA VAL C 256 62.31 -40.64 -11.73
C VAL C 256 61.99 -39.85 -13.00
N ARG C 257 62.81 -38.83 -13.30
CA ARG C 257 62.51 -37.90 -14.37
C ARG C 257 63.28 -38.26 -15.64
N VAL C 258 62.61 -38.09 -16.78
CA VAL C 258 63.21 -38.24 -18.10
C VAL C 258 63.26 -36.85 -18.75
N SER C 259 64.01 -36.74 -19.85
CA SER C 259 64.19 -35.47 -20.53
C SER C 259 63.20 -35.33 -21.68
N SER C 260 63.05 -34.08 -22.15
CA SER C 260 62.09 -33.75 -23.21
C SER C 260 62.81 -33.49 -24.53
N GLY C 261 64.13 -33.25 -24.47
CA GLY C 261 64.89 -32.77 -25.62
C GLY C 261 65.08 -31.26 -25.55
N VAL C 262 64.05 -30.56 -25.05
CA VAL C 262 64.11 -29.13 -24.81
C VAL C 262 64.57 -28.91 -23.37
N PRO C 263 65.82 -28.42 -23.14
CA PRO C 263 66.34 -28.29 -21.78
C PRO C 263 65.65 -27.23 -20.93
N GLU C 264 65.11 -26.21 -21.60
CA GLU C 264 64.38 -25.13 -20.93
C GLU C 264 63.03 -25.65 -20.43
N LEU C 265 62.42 -26.56 -21.19
CA LEU C 265 61.14 -27.15 -20.83
C LEU C 265 61.32 -28.10 -19.64
N ASP C 266 62.50 -28.73 -19.57
CA ASP C 266 62.86 -29.58 -18.43
C ASP C 266 62.92 -28.73 -17.17
N GLU C 267 63.56 -27.56 -17.27
CA GLU C 267 63.66 -26.62 -16.16
C GLU C 267 62.28 -26.12 -15.78
N MET C 268 61.41 -25.90 -16.78
CA MET C 268 60.07 -25.40 -16.57
C MET C 268 59.18 -26.47 -15.94
N CYS C 269 59.56 -27.74 -16.08
CA CYS C 269 58.77 -28.87 -15.59
C CYS C 269 59.35 -29.44 -14.30
N GLY C 270 60.09 -28.61 -13.54
CA GLY C 270 60.63 -29.02 -12.25
C GLY C 270 61.77 -30.04 -12.39
N GLY C 271 62.43 -30.06 -13.56
CA GLY C 271 63.55 -30.95 -13.81
C GLY C 271 63.20 -32.09 -14.78
N GLY C 272 62.29 -31.82 -15.73
CA GLY C 272 61.96 -32.77 -16.78
C GLY C 272 60.66 -33.53 -16.50
N PHE C 273 60.22 -34.32 -17.49
CA PHE C 273 59.03 -35.15 -17.36
C PHE C 273 59.34 -36.36 -16.50
N PHE C 274 58.31 -36.89 -15.82
CA PHE C 274 58.44 -38.14 -15.09
C PHE C 274 58.43 -39.31 -16.07
N ARG C 275 58.98 -40.45 -15.63
CA ARG C 275 59.13 -41.62 -16.48
C ARG C 275 57.75 -42.20 -16.79
N ASP C 276 57.12 -42.82 -15.80
CA ASP C 276 55.77 -43.34 -15.94
C ASP C 276 54.80 -42.17 -15.87
N SER C 277 54.53 -41.55 -17.03
CA SER C 277 53.70 -40.36 -17.08
C SER C 277 53.05 -40.22 -18.46
N ILE C 278 51.89 -39.54 -18.48
CA ILE C 278 51.22 -39.15 -19.70
C ILE C 278 51.30 -37.64 -19.83
N ILE C 279 51.97 -37.17 -20.88
CA ILE C 279 52.14 -35.75 -21.14
C ILE C 279 51.22 -35.36 -22.28
N LEU C 280 50.60 -34.17 -22.16
CA LEU C 280 49.74 -33.64 -23.21
C LEU C 280 50.30 -32.31 -23.70
N VAL C 281 50.31 -32.13 -25.02
CA VAL C 281 50.72 -30.88 -25.64
C VAL C 281 49.54 -30.35 -26.45
N SER C 282 48.85 -29.34 -25.89
CA SER C 282 47.72 -28.70 -26.56
C SER C 282 48.20 -27.47 -27.32
N GLY C 283 47.74 -27.35 -28.57
CA GLY C 283 48.10 -26.23 -29.43
C GLY C 283 47.04 -26.02 -30.51
N ALA C 284 47.25 -25.00 -31.35
CA ALA C 284 46.27 -24.61 -32.36
C ALA C 284 46.88 -24.67 -33.75
N THR C 285 47.67 -25.73 -34.02
CA THR C 285 48.19 -26.03 -35.35
C THR C 285 49.22 -24.99 -35.76
N GLY C 286 50.39 -25.48 -36.20
CA GLY C 286 51.53 -24.64 -36.54
C GLY C 286 52.12 -23.95 -35.32
N THR C 287 51.84 -24.48 -34.12
CA THR C 287 52.37 -23.94 -32.88
C THR C 287 53.72 -24.58 -32.58
N GLY C 288 53.76 -25.92 -32.68
CA GLY C 288 55.00 -26.67 -32.52
C GLY C 288 54.80 -27.90 -31.63
N LYS C 289 53.81 -28.72 -31.99
CA LYS C 289 53.49 -29.93 -31.24
C LYS C 289 54.35 -31.08 -31.77
N THR C 290 54.48 -31.16 -33.09
CA THR C 290 55.25 -32.21 -33.75
C THR C 290 56.74 -32.04 -33.44
N LEU C 291 57.17 -30.79 -33.19
CA LEU C 291 58.55 -30.53 -32.82
C LEU C 291 58.84 -31.10 -31.44
N LEU C 292 58.07 -30.64 -30.43
CA LEU C 292 58.23 -31.10 -29.07
C LEU C 292 58.13 -32.62 -29.00
N VAL C 293 57.43 -33.22 -29.97
CA VAL C 293 57.37 -34.66 -30.13
C VAL C 293 58.73 -35.18 -30.60
N THR C 294 59.22 -34.65 -31.74
CA THR C 294 60.43 -35.15 -32.36
C THR C 294 61.63 -35.06 -31.41
N LYS C 295 61.58 -34.12 -30.45
CA LYS C 295 62.66 -33.94 -29.50
C LYS C 295 62.50 -34.92 -28.32
N PHE C 296 61.27 -35.39 -28.11
CA PHE C 296 60.93 -36.26 -26.99
C PHE C 296 61.44 -37.68 -27.23
N LEU C 297 61.27 -38.19 -28.46
CA LEU C 297 61.76 -39.51 -28.81
C LEU C 297 63.13 -39.41 -29.49
N GLU C 298 63.69 -38.20 -29.54
CA GLU C 298 65.09 -38.00 -29.87
C GLU C 298 65.93 -38.22 -28.61
N GLY C 299 65.52 -37.56 -27.51
CA GLY C 299 66.22 -37.65 -26.23
C GLY C 299 66.47 -39.10 -25.80
N ALA C 300 65.52 -39.98 -26.08
CA ALA C 300 65.66 -41.40 -25.80
C ALA C 300 66.85 -41.97 -26.56
N CYS C 301 66.95 -41.61 -27.85
CA CYS C 301 68.07 -42.05 -28.69
C CYS C 301 69.39 -41.46 -28.19
N ARG C 302 69.32 -40.26 -27.60
CA ARG C 302 70.48 -39.58 -27.06
C ARG C 302 70.95 -40.28 -25.78
N ASN C 303 69.99 -40.74 -24.96
CA ASN C 303 70.30 -41.37 -23.68
C ASN C 303 70.39 -42.89 -23.83
N GLY C 304 70.25 -43.40 -25.06
CA GLY C 304 70.34 -44.82 -25.32
C GLY C 304 69.07 -45.55 -24.87
N GLU C 305 67.96 -45.26 -25.54
CA GLU C 305 66.67 -45.85 -25.24
C GLU C 305 65.87 -45.98 -26.53
N ARG C 306 64.84 -46.85 -26.50
CA ARG C 306 64.01 -47.11 -27.66
C ARG C 306 62.88 -46.08 -27.73
N ALA C 307 62.20 -46.03 -28.88
CA ALA C 307 61.13 -45.07 -29.11
C ALA C 307 60.19 -45.57 -30.19
N LEU C 308 58.93 -45.12 -30.12
CA LEU C 308 57.91 -45.46 -31.10
C LEU C 308 57.00 -44.25 -31.32
N LEU C 309 56.75 -43.92 -32.59
CA LEU C 309 55.88 -42.81 -32.95
C LEU C 309 54.71 -43.33 -33.78
N PHE C 310 53.50 -43.19 -33.24
CA PHE C 310 52.28 -43.53 -33.95
C PHE C 310 51.72 -42.28 -34.62
N ALA C 311 52.11 -42.07 -35.89
CA ALA C 311 51.72 -40.88 -36.63
C ALA C 311 50.38 -41.10 -37.32
N PHE C 312 49.52 -40.07 -37.28
CA PHE C 312 48.20 -40.13 -37.88
C PHE C 312 47.92 -38.84 -38.67
N GLU C 313 48.96 -38.05 -38.96
CA GLU C 313 48.81 -36.79 -39.66
C GLU C 313 49.79 -36.73 -40.82
N GLU C 314 51.09 -36.66 -40.50
CA GLU C 314 52.13 -36.53 -41.52
C GLU C 314 52.57 -37.91 -42.00
N SER C 315 53.19 -37.94 -43.19
CA SER C 315 53.69 -39.16 -43.80
C SER C 315 55.09 -39.47 -43.27
N ARG C 316 55.61 -40.64 -43.62
CA ARG C 316 56.91 -41.09 -43.17
C ARG C 316 58.00 -40.15 -43.69
N GLU C 317 57.95 -39.84 -45.00
CA GLU C 317 58.94 -38.99 -45.64
C GLU C 317 58.82 -37.56 -45.13
N GLN C 318 57.58 -37.10 -44.90
CA GLN C 318 57.32 -35.73 -44.51
C GLN C 318 57.83 -35.47 -43.10
N LEU C 319 57.71 -36.49 -42.24
CA LEU C 319 58.20 -36.41 -40.87
C LEU C 319 59.70 -36.18 -40.84
N LEU C 320 60.43 -36.94 -41.68
CA LEU C 320 61.88 -36.88 -41.70
C LEU C 320 62.34 -35.55 -42.31
N ARG C 321 61.77 -35.18 -43.46
CA ARG C 321 62.03 -33.91 -44.10
C ARG C 321 61.93 -32.77 -43.08
N ASN C 322 60.87 -32.81 -42.26
CA ASN C 322 60.61 -31.77 -41.27
C ASN C 322 61.59 -31.91 -40.10
N ALA C 323 61.89 -33.15 -39.70
CA ALA C 323 62.83 -33.40 -38.62
C ALA C 323 64.22 -32.94 -39.03
N THR C 324 64.68 -33.41 -40.20
CA THR C 324 66.00 -33.06 -40.73
C THR C 324 66.13 -31.54 -40.86
N SER C 325 65.00 -30.85 -41.06
CA SER C 325 64.97 -29.40 -41.13
C SER C 325 65.20 -28.80 -39.74
N TRP C 326 64.51 -29.33 -38.72
CA TRP C 326 64.68 -28.88 -37.35
C TRP C 326 66.05 -29.27 -36.81
N GLY C 327 66.75 -30.16 -37.52
CA GLY C 327 68.10 -30.56 -37.16
C GLY C 327 68.11 -31.82 -36.30
N ILE C 328 67.39 -32.84 -36.77
CA ILE C 328 67.28 -34.12 -36.06
C ILE C 328 67.15 -35.24 -37.09
N ASP C 329 68.14 -36.15 -37.06
CA ASP C 329 68.20 -37.29 -37.96
C ASP C 329 67.50 -38.48 -37.30
N PHE C 330 66.56 -39.10 -38.01
CA PHE C 330 65.74 -40.17 -37.48
C PHE C 330 65.90 -41.46 -38.28
N GLU C 331 66.51 -41.38 -39.47
CA GLU C 331 66.75 -42.57 -40.29
C GLU C 331 67.87 -43.39 -39.66
N GLU C 332 68.97 -42.70 -39.29
CA GLU C 332 70.05 -43.30 -38.53
C GLU C 332 69.50 -43.95 -37.25
N MET C 333 68.51 -43.29 -36.63
CA MET C 333 67.85 -43.81 -35.44
C MET C 333 67.04 -45.05 -35.79
N GLU C 334 66.30 -44.99 -36.91
CA GLU C 334 65.50 -46.12 -37.36
C GLU C 334 66.41 -47.30 -37.71
N ARG C 335 67.56 -47.01 -38.33
CA ARG C 335 68.52 -48.03 -38.72
C ARG C 335 69.06 -48.76 -37.49
N ASP C 336 69.45 -47.98 -36.47
CA ASP C 336 70.00 -48.52 -35.23
C ASP C 336 69.01 -49.48 -34.58
N GLY C 337 67.71 -49.21 -34.77
CA GLY C 337 66.65 -50.01 -34.16
C GLY C 337 66.25 -49.46 -32.80
N ARG C 338 66.32 -48.14 -32.65
CA ARG C 338 65.93 -47.45 -31.43
C ARG C 338 64.83 -46.44 -31.75
N LEU C 339 64.17 -46.62 -32.90
CA LEU C 339 63.10 -45.73 -33.33
C LEU C 339 62.29 -46.41 -34.43
N LYS C 340 60.96 -46.21 -34.40
CA LYS C 340 60.06 -46.81 -35.36
C LYS C 340 58.84 -45.91 -35.55
N ILE C 341 58.51 -45.63 -36.82
CA ILE C 341 57.35 -44.81 -37.16
C ILE C 341 56.29 -45.70 -37.80
N VAL C 342 55.02 -45.41 -37.49
CA VAL C 342 53.90 -46.20 -37.97
C VAL C 342 53.35 -45.56 -39.25
N CYS C 343 52.83 -44.33 -39.11
CA CYS C 343 52.22 -43.58 -40.22
C CYS C 343 51.03 -44.35 -40.79
N ALA C 344 49.83 -44.00 -40.32
CA ALA C 344 48.60 -44.63 -40.78
C ALA C 344 47.45 -43.63 -40.66
N TYR C 345 46.50 -43.70 -41.61
CA TYR C 345 45.35 -42.81 -41.60
C TYR C 345 44.33 -43.32 -40.58
N PRO C 346 43.78 -42.43 -39.71
CA PRO C 346 42.72 -42.81 -38.78
C PRO C 346 41.49 -43.46 -39.43
N GLU C 347 41.19 -43.04 -40.66
CA GLU C 347 39.96 -43.43 -41.34
C GLU C 347 40.13 -44.79 -42.03
N SER C 348 41.32 -45.39 -41.90
CA SER C 348 41.57 -46.72 -42.44
C SER C 348 40.72 -47.76 -41.71
N THR C 349 40.69 -47.68 -40.38
CA THR C 349 39.95 -48.60 -39.54
C THR C 349 39.21 -47.82 -38.45
N GLY C 350 38.65 -48.55 -37.47
CA GLY C 350 38.11 -47.95 -36.27
C GLY C 350 39.12 -47.95 -35.13
N LEU C 351 38.80 -47.20 -34.06
CA LEU C 351 39.68 -47.07 -32.92
C LEU C 351 39.90 -48.42 -32.23
N GLU C 352 38.85 -49.26 -32.27
CA GLU C 352 38.93 -50.61 -31.72
C GLU C 352 40.06 -51.39 -32.39
N ASP C 353 40.23 -51.21 -33.72
CA ASP C 353 41.24 -51.93 -34.47
C ASP C 353 42.59 -51.23 -34.34
N HIS C 354 42.55 -49.88 -34.28
CA HIS C 354 43.76 -49.09 -34.11
C HIS C 354 44.51 -49.48 -32.84
N LEU C 355 43.76 -49.82 -31.78
CA LEU C 355 44.33 -50.12 -30.48
C LEU C 355 45.16 -51.40 -30.56
N ILE C 356 44.59 -52.45 -31.16
CA ILE C 356 45.24 -53.73 -31.33
C ILE C 356 46.65 -53.52 -31.90
N MET C 357 46.73 -52.75 -32.99
CA MET C 357 47.99 -52.50 -33.68
C MET C 357 49.01 -51.86 -32.74
N ILE C 358 48.55 -50.88 -31.94
CA ILE C 358 49.43 -50.13 -31.06
C ILE C 358 49.92 -51.05 -29.94
N LYS C 359 49.01 -51.87 -29.40
CA LYS C 359 49.33 -52.78 -28.31
C LYS C 359 50.34 -53.84 -28.78
N GLU C 360 50.34 -54.14 -30.08
CA GLU C 360 51.23 -55.13 -30.66
C GLU C 360 52.62 -54.53 -30.88
N VAL C 361 52.68 -53.42 -31.63
CA VAL C 361 53.95 -52.82 -32.03
C VAL C 361 54.79 -52.50 -30.81
N ILE C 362 54.13 -52.08 -29.72
CA ILE C 362 54.81 -51.77 -28.47
C ILE C 362 55.34 -53.06 -27.85
N GLU C 363 54.53 -54.13 -27.87
CA GLU C 363 54.90 -55.41 -27.31
C GLU C 363 56.15 -55.96 -27.99
N GLU C 364 56.22 -55.80 -29.32
CA GLU C 364 57.31 -56.35 -30.12
C GLU C 364 58.55 -55.47 -29.98
N PHE C 365 58.41 -54.17 -30.26
CA PHE C 365 59.52 -53.24 -30.26
C PHE C 365 60.06 -53.03 -28.85
N LYS C 366 59.19 -53.16 -27.85
CA LYS C 366 59.56 -53.01 -26.45
C LYS C 366 60.19 -51.63 -26.25
N PRO C 367 59.43 -50.53 -26.43
CA PRO C 367 59.97 -49.17 -26.36
C PRO C 367 60.13 -48.66 -24.94
N ASP C 368 60.76 -47.48 -24.82
CA ASP C 368 60.90 -46.78 -23.55
C ASP C 368 59.90 -45.63 -23.49
N ARG C 369 59.85 -44.83 -24.56
CA ARG C 369 58.94 -43.69 -24.66
C ARG C 369 58.10 -43.80 -25.93
N ILE C 370 56.78 -43.73 -25.76
CA ILE C 370 55.85 -43.79 -26.88
C ILE C 370 55.28 -42.40 -27.13
N ALA C 371 54.86 -42.15 -28.38
CA ALA C 371 54.31 -40.86 -28.76
C ALA C 371 53.20 -41.05 -29.79
N ILE C 372 52.15 -40.24 -29.67
CA ILE C 372 51.02 -40.28 -30.60
C ILE C 372 50.73 -38.85 -31.06
N ASP C 373 50.94 -38.60 -32.36
CA ASP C 373 50.75 -37.28 -32.94
C ASP C 373 49.87 -37.41 -34.18
N SER C 374 48.56 -37.11 -34.08
CA SER C 374 47.91 -36.60 -32.88
C SER C 374 46.69 -37.46 -32.54
N LEU C 375 46.10 -37.20 -31.36
CA LEU C 375 44.92 -37.92 -30.90
C LEU C 375 43.65 -37.28 -31.46
N SER C 376 43.68 -35.96 -31.67
CA SER C 376 42.53 -35.23 -32.21
C SER C 376 42.24 -35.68 -33.64
N ALA C 377 43.22 -36.32 -34.28
CA ALA C 377 43.03 -36.92 -35.59
C ALA C 377 42.18 -38.19 -35.50
N LEU C 378 42.38 -38.96 -34.42
CA LEU C 378 41.69 -40.22 -34.22
C LEU C 378 40.25 -39.98 -33.73
N GLU C 379 40.04 -38.83 -33.06
CA GLU C 379 38.73 -38.48 -32.52
C GLU C 379 37.73 -38.29 -33.65
N ARG C 380 38.22 -37.98 -34.85
CA ARG C 380 37.38 -37.76 -36.03
C ARG C 380 36.55 -38.99 -36.32
N VAL C 381 37.20 -40.17 -36.31
CA VAL C 381 36.56 -41.42 -36.66
C VAL C 381 36.18 -42.18 -35.39
N ALA C 382 35.38 -41.55 -34.53
CA ALA C 382 34.93 -42.15 -33.28
C ALA C 382 33.81 -41.32 -32.66
N SER C 383 33.02 -41.97 -31.79
CA SER C 383 32.05 -41.30 -30.96
C SER C 383 32.77 -40.72 -29.74
N ASP C 384 32.12 -39.76 -29.06
CA ASP C 384 32.67 -39.11 -27.88
C ASP C 384 32.79 -40.12 -26.74
N ARG C 385 32.02 -41.21 -26.80
CA ARG C 385 32.12 -42.30 -25.85
C ARG C 385 33.28 -43.22 -26.23
N GLY C 386 33.41 -43.51 -27.53
CA GLY C 386 34.40 -44.44 -28.04
C GLY C 386 35.83 -43.94 -27.87
N PHE C 387 36.05 -42.66 -28.21
CA PHE C 387 37.34 -42.02 -28.06
C PHE C 387 37.77 -42.06 -26.60
N ARG C 388 36.82 -41.77 -25.70
CA ARG C 388 37.06 -41.82 -24.27
C ARG C 388 37.52 -43.22 -23.88
N GLU C 389 36.76 -44.24 -24.32
CA GLU C 389 37.07 -45.63 -24.04
C GLU C 389 38.41 -46.01 -24.66
N PHE C 390 38.69 -45.45 -25.85
CA PHE C 390 39.97 -45.62 -26.53
C PHE C 390 41.09 -45.02 -25.70
N VAL C 391 40.87 -43.79 -25.21
CA VAL C 391 41.87 -43.06 -24.45
C VAL C 391 42.16 -43.81 -23.13
N ILE C 392 41.10 -44.18 -22.42
CA ILE C 392 41.22 -44.88 -21.13
C ILE C 392 42.06 -46.13 -21.32
N GLY C 393 41.80 -46.89 -22.39
CA GLY C 393 42.51 -48.13 -22.65
C GLY C 393 43.98 -47.92 -23.01
N LEU C 394 44.24 -46.92 -23.85
CA LEU C 394 45.58 -46.66 -24.36
C LEU C 394 46.47 -46.08 -23.25
N THR C 395 45.92 -45.13 -22.49
CA THR C 395 46.65 -44.49 -21.41
C THR C 395 47.05 -45.53 -20.36
N SER C 396 46.11 -46.44 -20.03
CA SER C 396 46.32 -47.44 -18.99
C SER C 396 47.45 -48.40 -19.37
N PHE C 397 47.53 -48.74 -20.67
CA PHE C 397 48.45 -49.76 -21.14
C PHE C 397 49.89 -49.26 -21.05
N ILE C 398 50.11 -48.00 -21.47
CA ILE C 398 51.43 -47.39 -21.43
C ILE C 398 51.91 -47.27 -19.98
N LYS C 399 50.96 -47.05 -19.06
CA LYS C 399 51.25 -46.95 -17.64
C LYS C 399 51.71 -48.30 -17.10
N GLN C 400 50.96 -49.36 -17.40
CA GLN C 400 51.19 -50.67 -16.82
C GLN C 400 52.31 -51.41 -17.57
N GLN C 401 52.77 -50.83 -18.68
CA GLN C 401 53.91 -51.37 -19.42
C GLN C 401 55.16 -50.53 -19.16
N GLU C 402 55.06 -49.58 -18.22
CA GLU C 402 56.19 -48.76 -17.80
C GLU C 402 56.81 -48.08 -19.01
N ILE C 403 56.06 -47.14 -19.61
CA ILE C 403 56.51 -46.40 -20.77
C ILE C 403 56.02 -44.95 -20.66
N THR C 404 56.92 -44.01 -20.97
CA THR C 404 56.59 -42.59 -20.97
C THR C 404 55.70 -42.28 -22.19
N GLY C 405 54.65 -41.50 -21.97
CA GLY C 405 53.68 -41.20 -23.01
C GLY C 405 53.57 -39.71 -23.27
N LEU C 406 53.51 -39.34 -24.56
CA LEU C 406 53.27 -37.97 -24.99
C LEU C 406 52.22 -37.97 -26.09
N PHE C 407 51.06 -37.36 -25.80
CA PHE C 407 49.98 -37.22 -26.76
C PHE C 407 49.82 -35.75 -27.11
N THR C 408 49.45 -35.47 -28.36
CA THR C 408 49.23 -34.10 -28.82
C THR C 408 47.76 -33.93 -29.21
N SER C 409 47.26 -32.70 -29.08
CA SER C 409 45.88 -32.38 -29.39
C SER C 409 45.79 -30.98 -29.97
N THR C 410 44.84 -30.78 -30.90
CA THR C 410 44.67 -29.51 -31.58
C THR C 410 43.68 -28.65 -30.80
N THR C 411 43.49 -27.40 -31.25
CA THR C 411 42.57 -26.46 -30.64
C THR C 411 42.24 -25.35 -31.64
N SER C 423 38.09 -30.87 -21.17
CA SER C 423 38.55 -32.07 -21.91
C SER C 423 38.55 -33.30 -21.00
N HIS C 424 38.84 -34.46 -21.59
CA HIS C 424 38.87 -35.72 -20.87
C HIS C 424 40.30 -36.25 -20.77
N ILE C 425 41.06 -36.12 -21.87
CA ILE C 425 42.47 -36.47 -21.90
C ILE C 425 43.25 -35.56 -20.95
N SER C 426 42.76 -34.33 -20.75
CA SER C 426 43.35 -33.37 -19.83
C SER C 426 43.21 -33.84 -18.38
N THR C 427 42.21 -34.70 -18.12
CA THR C 427 41.97 -35.23 -16.79
C THR C 427 42.98 -36.33 -16.47
N ILE C 428 43.17 -37.26 -17.41
CA ILE C 428 43.98 -38.45 -17.19
C ILE C 428 45.47 -38.09 -17.22
N THR C 429 45.83 -37.08 -18.03
CA THR C 429 47.22 -36.70 -18.22
C THR C 429 47.81 -36.15 -16.92
N ASP C 430 49.13 -36.33 -16.77
CA ASP C 430 49.85 -35.87 -15.60
C ASP C 430 50.34 -34.44 -15.82
N THR C 431 50.81 -34.17 -17.05
CA THR C 431 51.36 -32.87 -17.41
C THR C 431 50.59 -32.31 -18.60
N ILE C 432 50.23 -31.03 -18.53
CA ILE C 432 49.58 -30.33 -19.63
C ILE C 432 50.47 -29.16 -20.05
N ILE C 433 51.04 -29.26 -21.26
CA ILE C 433 51.82 -28.18 -21.86
C ILE C 433 50.90 -27.46 -22.85
N LEU C 434 50.98 -26.13 -22.87
CA LEU C 434 50.14 -25.31 -23.74
C LEU C 434 51.00 -24.43 -24.65
N LEU C 435 50.96 -24.73 -25.95
CA LEU C 435 51.54 -23.87 -26.97
C LEU C 435 50.43 -22.98 -27.54
N ARG C 436 50.79 -21.77 -27.96
CA ARG C 436 49.80 -20.81 -28.43
C ARG C 436 50.45 -19.70 -29.23
N TYR C 437 49.68 -19.14 -30.18
CA TYR C 437 50.10 -17.98 -30.95
C TYR C 437 49.91 -16.71 -30.12
N VAL C 438 50.53 -15.62 -30.57
CA VAL C 438 50.39 -14.32 -29.93
C VAL C 438 50.63 -13.23 -30.96
N GLU C 439 49.59 -12.46 -31.27
CA GLU C 439 49.68 -11.35 -32.20
C GLU C 439 50.25 -10.14 -31.45
N MET C 440 51.43 -9.68 -31.89
CA MET C 440 52.12 -8.57 -31.24
C MET C 440 52.73 -7.66 -32.31
N ARG C 441 52.03 -6.54 -32.57
CA ARG C 441 52.54 -5.45 -33.40
C ARG C 441 52.90 -5.97 -34.79
N GLY C 442 51.88 -6.45 -35.51
CA GLY C 442 52.05 -6.94 -36.87
C GLY C 442 53.03 -8.10 -36.97
N GLU C 443 53.10 -8.90 -35.88
CA GLU C 443 53.99 -10.04 -35.81
C GLU C 443 53.28 -11.16 -35.05
N MET C 444 53.40 -12.39 -35.56
CA MET C 444 52.66 -13.52 -35.04
C MET C 444 53.63 -14.41 -34.25
N SER C 445 53.73 -14.15 -32.95
CA SER C 445 54.68 -14.85 -32.09
C SER C 445 54.07 -16.12 -31.51
N ARG C 446 54.91 -16.94 -30.88
CA ARG C 446 54.48 -18.15 -30.20
C ARG C 446 54.82 -18.04 -28.71
N ALA C 447 54.17 -18.88 -27.89
CA ALA C 447 54.36 -18.87 -26.45
C ALA C 447 53.98 -20.22 -25.85
N ILE C 448 54.79 -20.68 -24.89
CA ILE C 448 54.61 -21.97 -24.24
C ILE C 448 54.31 -21.76 -22.77
N ASN C 449 53.56 -22.70 -22.18
CA ASN C 449 53.16 -22.63 -20.78
C ASN C 449 52.88 -24.04 -20.27
N VAL C 450 53.51 -24.40 -19.14
CA VAL C 450 53.17 -25.63 -18.44
C VAL C 450 52.03 -25.30 -17.47
N LEU C 451 50.82 -25.78 -17.80
CA LEU C 451 49.64 -25.49 -17.02
C LEU C 451 49.57 -26.41 -15.80
N LYS C 452 49.86 -27.70 -16.03
CA LYS C 452 49.68 -28.73 -15.02
C LYS C 452 50.92 -29.61 -14.97
N MET C 453 51.24 -30.10 -13.77
CA MET C 453 52.37 -30.99 -13.55
C MET C 453 52.17 -31.71 -12.22
N ARG C 454 51.37 -32.79 -12.26
CA ARG C 454 51.07 -33.57 -11.07
C ARG C 454 52.34 -33.90 -10.31
N GLY C 455 52.38 -33.52 -9.03
CA GLY C 455 53.43 -33.93 -8.11
C GLY C 455 54.77 -33.25 -8.37
N SER C 456 54.73 -31.99 -8.82
CA SER C 456 55.95 -31.23 -9.06
C SER C 456 55.62 -29.75 -9.24
N TRP C 457 56.59 -28.91 -8.86
CA TRP C 457 56.55 -27.49 -9.19
C TRP C 457 56.85 -27.32 -10.68
N HIS C 458 55.98 -26.58 -11.37
CA HIS C 458 56.22 -26.15 -12.73
C HIS C 458 56.24 -24.63 -12.74
N ASP C 459 56.93 -24.04 -13.71
CA ASP C 459 56.96 -22.60 -13.87
C ASP C 459 55.58 -22.14 -14.30
N LYS C 460 55.10 -21.04 -13.70
CA LYS C 460 53.75 -20.56 -13.89
C LYS C 460 53.75 -19.38 -14.86
N GLU C 461 54.57 -19.49 -15.92
CA GLU C 461 54.85 -18.35 -16.79
C GLU C 461 54.62 -18.72 -18.25
N ILE C 462 54.13 -17.75 -19.03
CA ILE C 462 53.92 -17.92 -20.46
C ILE C 462 55.11 -17.29 -21.18
N ARG C 463 56.07 -18.14 -21.58
CA ARG C 463 57.35 -17.67 -22.08
C ARG C 463 57.40 -17.81 -23.60
N GLU C 464 57.87 -16.74 -24.27
CA GLU C 464 57.90 -16.69 -25.73
C GLU C 464 58.99 -17.63 -26.25
N PHE C 465 58.64 -18.43 -27.26
CA PHE C 465 59.57 -19.36 -27.87
C PHE C 465 59.61 -19.13 -29.38
N THR C 466 60.70 -19.58 -30.00
CA THR C 466 60.92 -19.44 -31.43
C THR C 466 61.44 -20.76 -31.98
N ILE C 467 60.99 -21.10 -33.20
CA ILE C 467 61.39 -22.34 -33.85
C ILE C 467 62.41 -22.00 -34.93
N SER C 468 63.47 -22.81 -35.01
CA SER C 468 64.58 -22.58 -35.92
C SER C 468 65.02 -23.91 -36.53
N GLY C 469 66.11 -23.86 -37.31
CA GLY C 469 66.75 -25.08 -37.81
C GLY C 469 67.51 -25.82 -36.72
N LYS C 470 67.56 -25.23 -35.51
CA LYS C 470 68.18 -25.85 -34.36
C LYS C 470 67.13 -26.57 -33.53
N GLY C 471 66.01 -25.88 -33.24
CA GLY C 471 64.93 -26.43 -32.45
C GLY C 471 64.06 -25.32 -31.84
N MET C 472 63.46 -25.63 -30.68
CA MET C 472 62.63 -24.67 -29.96
C MET C 472 63.49 -23.97 -28.91
N HIS C 473 63.71 -22.66 -29.11
CA HIS C 473 64.42 -21.84 -28.16
C HIS C 473 63.41 -21.11 -27.27
N ILE C 474 63.14 -21.68 -26.09
CA ILE C 474 62.27 -21.04 -25.12
C ILE C 474 63.00 -19.81 -24.57
N GLY C 475 62.31 -18.67 -24.56
CA GLY C 475 62.91 -17.39 -24.22
C GLY C 475 62.36 -16.82 -22.91
N ASP C 476 62.07 -15.51 -22.94
CA ASP C 476 61.69 -14.76 -21.75
C ASP C 476 60.17 -14.63 -21.69
N PRO C 477 59.57 -14.37 -20.49
CA PRO C 477 58.14 -14.14 -20.38
C PRO C 477 57.70 -12.81 -21.00
N PHE C 478 56.40 -12.72 -21.31
CA PHE C 478 55.84 -11.54 -21.93
C PHE C 478 55.60 -10.45 -20.88
N ARG C 479 55.84 -9.19 -21.27
CA ARG C 479 55.50 -8.04 -20.47
C ARG C 479 54.25 -7.38 -21.04
N ASN C 480 53.29 -8.21 -21.45
CA ASN C 480 52.05 -7.74 -22.06
C ASN C 480 50.98 -8.82 -21.94
N LEU D 10 46.93 -65.59 -46.02
CA LEU D 10 45.61 -65.86 -46.64
C LEU D 10 45.27 -67.34 -46.49
N ALA D 11 44.07 -67.61 -45.94
CA ALA D 11 43.62 -68.98 -45.71
C ALA D 11 42.91 -69.50 -46.95
N ILE D 12 41.73 -68.93 -47.24
CA ILE D 12 40.95 -69.32 -48.40
C ILE D 12 41.47 -68.55 -49.62
N GLU D 13 41.36 -69.17 -50.80
CA GLU D 13 41.84 -68.58 -52.03
C GLU D 13 40.81 -67.60 -52.57
N LYS D 14 41.29 -66.47 -53.10
CA LYS D 14 40.42 -65.43 -53.65
C LYS D 14 40.78 -65.20 -55.12
N LEU D 15 39.75 -64.91 -55.93
CA LEU D 15 39.91 -64.70 -57.36
C LEU D 15 39.74 -63.21 -57.67
N PRO D 16 40.80 -62.52 -58.16
CA PRO D 16 40.69 -61.12 -58.56
C PRO D 16 39.54 -60.87 -59.53
N THR D 17 38.66 -59.93 -59.19
CA THR D 17 37.48 -59.63 -59.97
C THR D 17 37.84 -58.74 -61.15
N GLY D 18 38.89 -57.93 -60.98
CA GLY D 18 39.32 -56.97 -62.00
C GLY D 18 38.61 -55.62 -61.85
N ILE D 19 37.55 -55.58 -61.05
CA ILE D 19 36.82 -54.36 -60.75
C ILE D 19 37.72 -53.47 -59.89
N GLU D 20 37.81 -52.19 -60.27
CA GLU D 20 38.66 -51.23 -59.60
C GLU D 20 38.13 -50.97 -58.20
N GLY D 21 38.82 -51.50 -57.19
CA GLY D 21 38.54 -51.16 -55.80
C GLY D 21 38.07 -52.37 -54.97
N PHE D 22 37.27 -53.25 -55.59
CA PHE D 22 36.72 -54.39 -54.88
C PHE D 22 37.86 -55.27 -54.35
N ASP D 23 38.85 -55.54 -55.21
CA ASP D 23 39.99 -56.38 -54.89
C ASP D 23 40.77 -55.81 -53.70
N ASP D 24 40.71 -54.48 -53.52
CA ASP D 24 41.36 -53.81 -52.42
C ASP D 24 40.55 -54.00 -51.14
N ILE D 25 39.25 -53.67 -51.19
CA ILE D 25 38.39 -53.73 -50.01
C ILE D 25 38.14 -55.19 -49.63
N SER D 26 38.21 -56.10 -50.60
CA SER D 26 37.95 -57.51 -50.37
C SER D 26 39.22 -58.26 -49.98
N HIS D 27 40.36 -57.54 -49.92
CA HIS D 27 41.65 -58.13 -49.59
C HIS D 27 41.96 -59.28 -50.56
N GLY D 28 41.94 -58.97 -51.86
CA GLY D 28 42.27 -59.94 -52.90
C GLY D 28 41.19 -60.04 -53.98
N GLY D 29 39.98 -60.41 -53.55
CA GLY D 29 38.87 -60.64 -54.47
C GLY D 29 37.76 -61.45 -53.82
N LEU D 30 37.01 -62.19 -54.65
CA LEU D 30 35.93 -63.03 -54.16
C LEU D 30 36.50 -64.39 -53.76
N PRO D 31 36.17 -64.90 -52.55
CA PRO D 31 36.53 -66.27 -52.15
C PRO D 31 36.17 -67.29 -53.23
N LYS D 32 37.18 -68.02 -53.71
CA LYS D 32 37.03 -68.93 -54.83
C LYS D 32 36.45 -70.26 -54.35
N GLY D 33 35.60 -70.86 -55.18
CA GLY D 33 35.01 -72.17 -54.90
C GLY D 33 33.73 -72.07 -54.07
N ARG D 34 33.20 -70.86 -53.93
CA ARG D 34 31.98 -70.62 -53.16
C ARG D 34 31.24 -69.44 -53.78
N THR D 35 29.94 -69.37 -53.51
CA THR D 35 29.06 -68.39 -54.12
C THR D 35 29.06 -67.11 -53.29
N THR D 36 28.91 -65.97 -53.97
CA THR D 36 28.78 -64.67 -53.32
C THR D 36 27.44 -64.05 -53.70
N LEU D 37 26.79 -63.41 -52.72
CA LEU D 37 25.52 -62.73 -52.93
C LEU D 37 25.80 -61.25 -53.16
N VAL D 38 25.37 -60.73 -54.33
CA VAL D 38 25.47 -59.32 -54.64
C VAL D 38 24.06 -58.74 -54.64
N ALA D 39 23.64 -58.23 -53.47
CA ALA D 39 22.28 -57.76 -53.26
C ALA D 39 22.23 -56.24 -53.39
N GLY D 40 21.06 -55.73 -53.79
CA GLY D 40 20.83 -54.31 -53.92
C GLY D 40 19.43 -54.01 -54.48
N THR D 41 18.94 -52.80 -54.22
CA THR D 41 17.67 -52.33 -54.78
C THR D 41 17.83 -52.16 -56.28
N PRO D 42 16.72 -52.06 -57.06
CA PRO D 42 16.82 -51.85 -58.51
C PRO D 42 17.57 -50.57 -58.87
N GLY D 43 18.63 -50.71 -59.67
CA GLY D 43 19.42 -49.59 -60.17
C GLY D 43 20.71 -49.38 -59.38
N THR D 44 21.05 -50.31 -58.48
CA THR D 44 22.26 -50.22 -57.68
C THR D 44 23.48 -50.57 -58.52
N GLY D 45 23.32 -51.54 -59.44
CA GLY D 45 24.39 -51.93 -60.36
C GLY D 45 24.83 -53.37 -60.14
N LYS D 46 23.87 -54.26 -59.91
CA LYS D 46 24.15 -55.67 -59.65
C LYS D 46 24.62 -56.34 -60.94
N THR D 47 23.92 -56.07 -62.04
CA THR D 47 24.17 -56.74 -63.31
C THR D 47 25.53 -56.32 -63.86
N VAL D 48 25.83 -55.01 -63.83
CA VAL D 48 27.07 -54.48 -64.35
C VAL D 48 28.24 -55.10 -63.59
N PHE D 49 28.14 -55.10 -62.25
CA PHE D 49 29.15 -55.69 -61.38
C PHE D 49 29.41 -57.14 -61.79
N ALA D 50 28.33 -57.89 -62.03
CA ALA D 50 28.40 -59.31 -62.32
C ALA D 50 29.08 -59.57 -63.66
N MET D 51 28.88 -58.65 -64.63
CA MET D 51 29.44 -58.81 -65.96
C MET D 51 30.94 -58.54 -65.91
N GLN D 52 31.35 -57.45 -65.25
CA GLN D 52 32.75 -57.10 -65.09
C GLN D 52 33.52 -58.26 -64.44
N PHE D 53 32.84 -58.99 -63.55
CA PHE D 53 33.41 -60.18 -62.93
C PHE D 53 33.74 -61.22 -64.01
N LEU D 54 32.76 -61.53 -64.87
CA LEU D 54 32.94 -62.46 -65.96
C LEU D 54 33.96 -61.92 -66.97
N TYR D 55 33.80 -60.64 -67.36
CA TYR D 55 34.58 -60.04 -68.43
C TYR D 55 36.07 -60.14 -68.14
N HIS D 56 36.48 -59.73 -66.93
CA HIS D 56 37.88 -59.75 -66.53
C HIS D 56 38.37 -61.19 -66.40
N GLY D 57 37.45 -62.09 -66.00
CA GLY D 57 37.73 -63.51 -65.93
C GLY D 57 38.21 -64.10 -67.25
N ILE D 58 37.41 -63.87 -68.31
CA ILE D 58 37.66 -64.50 -69.60
C ILE D 58 38.85 -63.82 -70.28
N LYS D 59 39.09 -62.54 -69.96
CA LYS D 59 40.10 -61.73 -70.62
C LYS D 59 41.45 -61.87 -69.91
N ARG D 60 41.53 -61.31 -68.70
CA ARG D 60 42.80 -61.17 -68.00
C ARG D 60 43.34 -62.53 -67.58
N PHE D 61 42.43 -63.39 -67.08
CA PHE D 61 42.81 -64.62 -66.41
C PHE D 61 42.53 -65.84 -67.29
N ASP D 62 41.84 -65.64 -68.42
CA ASP D 62 41.51 -66.71 -69.34
C ASP D 62 40.66 -67.77 -68.63
N GLU D 63 39.73 -67.31 -67.78
CA GLU D 63 38.80 -68.17 -67.08
C GLU D 63 37.41 -68.00 -67.70
N PRO D 64 36.85 -69.03 -68.37
CA PRO D 64 35.54 -68.91 -69.02
C PRO D 64 34.42 -68.58 -68.03
N GLY D 65 33.39 -67.88 -68.52
CA GLY D 65 32.28 -67.44 -67.70
C GLY D 65 30.93 -67.81 -68.33
N VAL D 66 29.90 -67.93 -67.48
CA VAL D 66 28.55 -68.23 -67.91
C VAL D 66 27.60 -67.28 -67.20
N PHE D 67 26.74 -66.61 -67.98
CA PHE D 67 25.72 -65.72 -67.45
C PHE D 67 24.36 -66.38 -67.58
N VAL D 68 23.63 -66.47 -66.46
CA VAL D 68 22.29 -67.02 -66.45
C VAL D 68 21.33 -65.89 -66.08
N THR D 69 20.44 -65.53 -67.02
CA THR D 69 19.54 -64.40 -66.84
C THR D 69 18.11 -64.92 -66.67
N PHE D 70 17.45 -64.48 -65.59
CA PHE D 70 16.06 -64.83 -65.31
C PHE D 70 15.17 -63.60 -65.45
N GLU D 71 15.60 -62.61 -66.25
CA GLU D 71 14.87 -61.36 -66.36
C GLU D 71 15.11 -60.75 -67.75
N GLU D 72 16.35 -60.26 -67.96
CA GLU D 72 16.68 -59.50 -69.15
C GLU D 72 17.03 -60.48 -70.27
N SER D 73 16.66 -60.13 -71.51
CA SER D 73 16.94 -60.98 -72.66
C SER D 73 18.42 -60.90 -72.99
N PRO D 74 19.10 -62.04 -73.25
CA PRO D 74 20.51 -62.05 -73.65
C PRO D 74 20.88 -60.95 -74.65
N ASP D 75 19.97 -60.71 -75.60
CA ASP D 75 20.17 -59.70 -76.64
C ASP D 75 20.26 -58.32 -76.00
N ASP D 76 19.35 -58.04 -75.06
CA ASP D 76 19.32 -56.76 -74.37
C ASP D 76 20.58 -56.59 -73.52
N ILE D 77 21.01 -57.66 -72.84
CA ILE D 77 22.18 -57.61 -71.98
C ILE D 77 23.39 -57.21 -72.82
N LEU D 78 23.55 -57.84 -73.99
CA LEU D 78 24.63 -57.53 -74.90
C LEU D 78 24.60 -56.04 -75.26
N ARG D 79 23.40 -55.50 -75.50
CA ARG D 79 23.21 -54.13 -75.92
C ARG D 79 23.47 -53.17 -74.75
N ASN D 80 22.97 -53.53 -73.57
CA ASN D 80 23.07 -52.69 -72.38
C ASN D 80 24.51 -52.59 -71.90
N MET D 81 25.32 -53.63 -72.17
CA MET D 81 26.66 -53.75 -71.64
C MET D 81 27.68 -53.38 -72.71
N ALA D 82 27.28 -52.52 -73.66
CA ALA D 82 28.07 -52.28 -74.86
C ALA D 82 28.97 -51.07 -74.69
N SER D 83 28.38 -49.94 -74.24
CA SER D 83 29.09 -48.68 -74.13
C SER D 83 30.34 -48.80 -73.26
N PHE D 84 30.34 -49.75 -72.31
CA PHE D 84 31.46 -49.99 -71.43
C PHE D 84 32.70 -50.39 -72.23
N GLY D 85 32.48 -50.94 -73.42
CA GLY D 85 33.55 -51.11 -74.41
C GLY D 85 34.23 -52.47 -74.31
N TRP D 86 33.43 -53.53 -74.12
CA TRP D 86 33.92 -54.89 -74.16
C TRP D 86 33.18 -55.64 -75.26
N ASP D 87 33.92 -56.37 -76.10
CA ASP D 87 33.34 -57.07 -77.24
C ASP D 87 32.80 -58.42 -76.77
N LEU D 88 31.64 -58.38 -76.10
CA LEU D 88 31.05 -59.56 -75.50
C LEU D 88 30.55 -60.52 -76.59
N GLN D 89 30.09 -59.95 -77.72
CA GLN D 89 29.56 -60.73 -78.83
C GLN D 89 30.68 -61.57 -79.45
N LYS D 90 31.88 -60.98 -79.56
CA LYS D 90 33.03 -61.65 -80.14
C LYS D 90 33.46 -62.81 -79.25
N LEU D 91 33.35 -62.64 -77.93
CA LEU D 91 33.86 -63.57 -76.96
C LEU D 91 32.85 -64.68 -76.69
N VAL D 92 31.58 -64.44 -77.05
CA VAL D 92 30.56 -65.47 -77.08
C VAL D 92 30.86 -66.42 -78.24
N GLU D 93 31.37 -65.86 -79.34
CA GLU D 93 31.73 -66.62 -80.53
C GLU D 93 33.02 -67.41 -80.27
N GLU D 94 33.95 -66.79 -79.52
CA GLU D 94 35.24 -67.40 -79.23
C GLU D 94 35.10 -68.54 -78.23
N GLY D 95 33.89 -68.70 -77.66
CA GLY D 95 33.59 -69.80 -76.76
C GLY D 95 34.06 -69.52 -75.34
N LYS D 96 33.92 -68.25 -74.92
CA LYS D 96 34.33 -67.80 -73.60
C LYS D 96 33.10 -67.47 -72.76
N LEU D 97 32.13 -66.78 -73.38
CA LEU D 97 30.93 -66.32 -72.69
C LEU D 97 29.73 -67.12 -73.19
N ALA D 98 28.76 -67.36 -72.31
CA ALA D 98 27.54 -68.07 -72.65
C ALA D 98 26.38 -67.53 -71.81
N ILE D 99 25.50 -66.76 -72.46
CA ILE D 99 24.36 -66.15 -71.78
C ILE D 99 23.18 -67.12 -71.88
N VAL D 100 22.86 -67.78 -70.76
CA VAL D 100 21.78 -68.76 -70.71
C VAL D 100 20.47 -68.01 -70.52
N ASP D 101 19.57 -68.14 -71.51
CA ASP D 101 18.29 -67.47 -71.47
C ASP D 101 17.33 -68.30 -70.61
N ALA D 102 17.33 -68.01 -69.30
CA ALA D 102 16.37 -68.60 -68.37
C ALA D 102 15.21 -67.65 -68.16
N SER D 103 15.15 -66.58 -68.96
CA SER D 103 14.05 -65.61 -68.89
C SER D 103 12.75 -66.31 -69.28
N PRO D 104 11.62 -66.00 -68.59
CA PRO D 104 10.35 -66.67 -68.85
C PRO D 104 9.69 -66.20 -70.14
N ASP D 105 8.78 -67.02 -70.66
CA ASP D 105 8.04 -66.71 -71.88
C ASP D 105 6.63 -66.29 -71.50
N PRO D 106 6.10 -65.19 -72.07
CA PRO D 106 4.72 -64.76 -71.82
C PRO D 106 3.69 -65.89 -71.76
N GLU D 107 3.81 -66.85 -72.68
CA GLU D 107 2.94 -68.02 -72.71
C GLU D 107 3.81 -69.29 -72.82
N ASP D 116 9.44 -75.55 -65.39
CA ASP D 116 10.15 -76.47 -64.47
C ASP D 116 11.60 -75.99 -64.30
N LEU D 117 11.93 -75.54 -63.09
CA LEU D 117 13.27 -75.07 -62.77
C LEU D 117 14.24 -76.25 -62.70
N SER D 118 13.72 -77.43 -62.33
CA SER D 118 14.50 -78.65 -62.26
C SER D 118 15.35 -78.82 -63.53
N GLY D 119 14.68 -78.73 -64.68
CA GLY D 119 15.35 -78.84 -65.98
C GLY D 119 16.18 -77.61 -66.32
N LEU D 120 15.68 -76.43 -65.94
CA LEU D 120 16.38 -75.18 -66.17
C LEU D 120 17.75 -75.20 -65.51
N LEU D 121 17.82 -75.83 -64.33
CA LEU D 121 19.07 -75.97 -63.59
C LEU D 121 20.02 -76.89 -64.36
N ALA D 122 19.48 -77.97 -64.94
CA ALA D 122 20.27 -78.91 -65.71
C ALA D 122 20.87 -78.22 -66.93
N ARG D 123 20.12 -77.27 -67.53
CA ARG D 123 20.59 -76.50 -68.66
C ARG D 123 21.80 -75.66 -68.26
N ILE D 124 21.73 -75.05 -67.06
CA ILE D 124 22.80 -74.22 -66.54
C ILE D 124 24.00 -75.10 -66.16
N ASN D 125 23.71 -76.29 -65.64
CA ASN D 125 24.73 -77.23 -65.21
C ASN D 125 25.56 -77.69 -66.40
N HIS D 126 24.89 -77.97 -67.53
CA HIS D 126 25.53 -78.43 -68.74
C HIS D 126 26.46 -77.35 -69.30
N ALA D 127 25.97 -76.10 -69.32
CA ALA D 127 26.70 -74.98 -69.87
C ALA D 127 28.07 -74.82 -69.19
N ILE D 128 28.09 -74.99 -67.85
CA ILE D 128 29.31 -74.86 -67.07
C ILE D 128 30.30 -75.94 -67.49
N ARG D 129 29.82 -77.19 -67.59
CA ARG D 129 30.65 -78.33 -67.94
C ARG D 129 31.05 -78.25 -69.41
N LYS D 130 30.17 -77.67 -70.24
CA LYS D 130 30.39 -77.57 -71.67
C LYS D 130 31.54 -76.61 -71.96
N TYR D 131 31.43 -75.38 -71.43
CA TYR D 131 32.42 -74.34 -71.67
C TYR D 131 33.60 -74.46 -70.68
N LYS D 132 33.49 -75.37 -69.71
CA LYS D 132 34.50 -75.52 -68.68
C LYS D 132 34.58 -74.21 -67.89
N ALA D 133 33.43 -73.79 -67.35
CA ALA D 133 33.28 -72.48 -66.73
C ALA D 133 33.90 -72.50 -65.33
N LYS D 134 34.74 -71.49 -65.06
CA LYS D 134 35.31 -71.27 -63.74
C LYS D 134 34.52 -70.18 -63.02
N ARG D 135 33.67 -69.45 -63.76
CA ARG D 135 32.88 -68.36 -63.22
C ARG D 135 31.44 -68.48 -63.72
N VAL D 136 30.47 -68.20 -62.84
CA VAL D 136 29.07 -68.30 -63.18
C VAL D 136 28.34 -67.11 -62.54
N VAL D 137 27.26 -66.66 -63.21
CA VAL D 137 26.42 -65.58 -62.71
C VAL D 137 24.97 -65.99 -62.89
N ILE D 138 24.24 -66.14 -61.77
CA ILE D 138 22.79 -66.29 -61.78
C ILE D 138 22.18 -64.94 -61.43
N ASP D 139 21.53 -64.32 -62.42
CA ASP D 139 21.01 -62.96 -62.27
C ASP D 139 19.60 -63.01 -61.70
N SER D 140 19.42 -62.36 -60.54
CA SER D 140 18.16 -62.26 -59.84
C SER D 140 17.64 -63.66 -59.47
N ILE D 141 18.14 -64.17 -58.34
CA ILE D 141 17.56 -65.34 -57.71
C ILE D 141 16.15 -65.00 -57.25
N THR D 142 16.00 -63.76 -56.76
CA THR D 142 14.73 -63.26 -56.26
C THR D 142 13.65 -63.40 -57.33
N ALA D 143 14.03 -63.22 -58.61
CA ALA D 143 13.12 -63.40 -59.71
C ALA D 143 12.49 -64.79 -59.66
N ILE D 144 13.33 -65.82 -59.53
CA ILE D 144 12.91 -67.22 -59.54
C ILE D 144 11.69 -67.40 -58.63
N PHE D 145 11.76 -66.83 -57.42
CA PHE D 145 10.71 -66.98 -56.43
C PHE D 145 9.39 -66.39 -56.93
N GLN D 146 9.48 -65.40 -57.83
CA GLN D 146 8.32 -64.78 -58.43
C GLN D 146 7.84 -65.60 -59.62
N GLN D 147 8.77 -65.93 -60.53
CA GLN D 147 8.43 -66.59 -61.79
C GLN D 147 7.83 -67.97 -61.48
N PHE D 148 8.39 -68.65 -60.47
CA PHE D 148 7.89 -69.94 -60.02
C PHE D 148 7.43 -69.79 -58.56
N ASP D 149 6.15 -70.05 -58.31
CA ASP D 149 5.55 -69.83 -56.99
C ASP D 149 5.39 -71.16 -56.26
N ASP D 150 6.50 -71.93 -56.21
CA ASP D 150 6.53 -73.18 -55.47
C ASP D 150 7.18 -72.97 -54.10
N ALA D 151 7.91 -71.86 -53.95
CA ALA D 151 8.51 -71.43 -52.69
C ALA D 151 9.50 -72.48 -52.18
N SER D 152 8.99 -73.54 -51.54
CA SER D 152 9.81 -74.58 -50.95
C SER D 152 10.56 -75.35 -52.04
N THR D 153 9.86 -75.65 -53.14
CA THR D 153 10.44 -76.35 -54.27
C THR D 153 11.58 -75.52 -54.88
N VAL D 154 11.40 -74.19 -54.91
CA VAL D 154 12.39 -73.29 -55.45
C VAL D 154 13.62 -73.28 -54.54
N ARG D 155 13.39 -73.03 -53.24
CA ARG D 155 14.45 -72.91 -52.26
C ARG D 155 15.36 -74.15 -52.29
N ARG D 156 14.75 -75.33 -52.43
CA ARG D 156 15.50 -76.58 -52.45
C ARG D 156 16.45 -76.61 -53.65
N GLU D 157 15.92 -76.28 -54.84
CA GLU D 157 16.70 -76.30 -56.07
C GLU D 157 17.84 -75.28 -56.00
N LEU D 158 17.59 -74.14 -55.32
CA LEU D 158 18.61 -73.12 -55.14
C LEU D 158 19.71 -73.63 -54.22
N PHE D 159 19.32 -74.38 -53.18
CA PHE D 159 20.26 -74.97 -52.25
C PHE D 159 21.07 -76.07 -52.94
N ARG D 160 20.44 -76.75 -53.91
CA ARG D 160 21.10 -77.78 -54.69
C ARG D 160 22.06 -77.13 -55.69
N LEU D 161 21.69 -75.95 -56.20
CA LEU D 161 22.51 -75.24 -57.18
C LEU D 161 23.87 -74.88 -56.57
N VAL D 162 23.85 -74.21 -55.41
CA VAL D 162 25.07 -73.81 -54.74
C VAL D 162 25.87 -75.06 -54.35
N ALA D 163 25.17 -76.13 -53.96
CA ALA D 163 25.81 -77.38 -53.60
C ALA D 163 26.54 -77.98 -54.80
N ARG D 164 25.87 -77.98 -55.96
CA ARG D 164 26.43 -78.52 -57.17
C ARG D 164 27.59 -77.64 -57.65
N LEU D 165 27.34 -76.33 -57.75
CA LEU D 165 28.31 -75.37 -58.23
C LEU D 165 29.59 -75.42 -57.38
N LYS D 166 29.44 -75.69 -56.08
CA LYS D 166 30.57 -75.80 -55.18
C LYS D 166 31.47 -76.97 -55.59
N ARG D 167 30.85 -78.09 -55.98
CA ARG D 167 31.57 -79.31 -56.29
C ARG D 167 32.42 -79.13 -57.56
N MET D 168 31.86 -78.47 -58.58
CA MET D 168 32.56 -78.27 -59.84
C MET D 168 33.58 -77.14 -59.69
N GLY D 169 33.66 -76.55 -58.50
CA GLY D 169 34.75 -75.67 -58.13
C GLY D 169 34.71 -74.34 -58.90
N VAL D 170 33.50 -73.81 -59.08
CA VAL D 170 33.29 -72.58 -59.84
C VAL D 170 33.01 -71.46 -58.84
N THR D 171 33.42 -70.24 -59.21
CA THR D 171 33.19 -69.05 -58.39
C THR D 171 31.96 -68.34 -58.91
N THR D 172 30.89 -68.32 -58.10
CA THR D 172 29.59 -67.85 -58.55
C THR D 172 29.26 -66.51 -57.89
N ILE D 173 28.64 -65.61 -58.67
CA ILE D 173 27.94 -64.46 -58.13
C ILE D 173 26.45 -64.71 -58.32
N MET D 174 25.68 -64.57 -57.23
CA MET D 174 24.26 -64.85 -57.25
C MET D 174 23.51 -63.60 -56.77
N THR D 175 22.93 -62.86 -57.72
CA THR D 175 22.39 -61.53 -57.44
C THR D 175 20.99 -61.65 -56.84
N ALA D 176 20.60 -60.64 -56.05
CA ALA D 176 19.32 -60.62 -55.37
C ALA D 176 18.84 -59.18 -55.20
N GLU D 177 17.52 -58.97 -55.27
CA GLU D 177 16.92 -57.67 -55.16
C GLU D 177 16.65 -57.34 -53.69
N ARG D 178 16.58 -56.04 -53.37
CA ARG D 178 16.19 -55.58 -52.04
C ARG D 178 15.06 -54.56 -52.19
N THR D 179 14.33 -54.33 -51.09
CA THR D 179 13.29 -53.33 -51.06
C THR D 179 13.83 -52.02 -50.50
N GLU D 180 14.33 -52.07 -49.25
CA GLU D 180 14.79 -50.88 -48.54
C GLU D 180 16.32 -50.93 -48.48
N GLU D 181 16.93 -49.74 -48.41
CA GLU D 181 18.38 -49.60 -48.54
C GLU D 181 19.06 -50.06 -47.26
N TYR D 182 18.58 -49.55 -46.11
CA TYR D 182 19.08 -49.94 -44.80
C TYR D 182 18.04 -50.83 -44.11
N GLY D 183 17.66 -51.92 -44.78
CA GLY D 183 16.67 -52.84 -44.26
C GLY D 183 17.17 -54.28 -44.29
N PRO D 184 16.41 -55.23 -44.87
CA PRO D 184 16.83 -56.64 -44.93
C PRO D 184 17.88 -56.83 -46.01
N ILE D 185 18.69 -57.89 -45.87
CA ILE D 185 19.81 -58.15 -46.75
C ILE D 185 19.29 -58.35 -48.17
N ALA D 186 18.22 -59.14 -48.31
CA ALA D 186 17.57 -59.37 -49.59
C ALA D 186 16.18 -59.96 -49.37
N ARG D 187 15.35 -59.88 -50.41
CA ARG D 187 13.97 -60.37 -50.34
C ARG D 187 13.98 -61.89 -50.45
N TYR D 188 12.90 -62.52 -49.94
CA TYR D 188 12.64 -63.94 -50.08
C TYR D 188 13.64 -64.75 -49.25
N GLY D 189 14.38 -64.08 -48.35
CA GLY D 189 15.36 -64.74 -47.51
C GLY D 189 16.30 -65.66 -48.29
N VAL D 190 16.88 -65.14 -49.38
CA VAL D 190 17.84 -65.88 -50.19
C VAL D 190 19.13 -66.01 -49.39
N GLU D 191 19.31 -65.09 -48.43
CA GLU D 191 20.45 -65.05 -47.51
C GLU D 191 20.79 -66.46 -47.03
N GLU D 192 19.76 -67.20 -46.59
CA GLU D 192 19.93 -68.51 -45.97
C GLU D 192 20.66 -69.46 -46.91
N PHE D 193 20.31 -69.41 -48.20
CA PHE D 193 20.84 -70.33 -49.18
C PHE D 193 22.23 -69.87 -49.61
N VAL D 194 22.29 -68.65 -50.16
CA VAL D 194 23.54 -68.07 -50.64
C VAL D 194 24.19 -67.28 -49.52
N ALA D 195 24.60 -68.00 -48.47
CA ALA D 195 25.31 -67.41 -47.35
C ALA D 195 26.81 -67.43 -47.65
N ASP D 196 27.64 -67.47 -46.60
CA ASP D 196 29.09 -67.55 -46.74
C ASP D 196 29.65 -66.16 -47.06
N ASN D 197 29.35 -65.66 -48.26
CA ASN D 197 29.83 -64.36 -48.69
C ASN D 197 28.62 -63.51 -49.10
N VAL D 198 28.61 -62.25 -48.65
CA VAL D 198 27.51 -61.34 -48.92
C VAL D 198 28.06 -59.94 -49.19
N VAL D 199 27.67 -59.38 -50.34
CA VAL D 199 28.02 -58.03 -50.72
C VAL D 199 26.73 -57.24 -50.95
N ILE D 200 26.67 -56.01 -50.43
CA ILE D 200 25.48 -55.19 -50.52
C ILE D 200 25.83 -53.91 -51.28
N LEU D 201 25.03 -53.61 -52.31
CA LEU D 201 25.10 -52.35 -53.04
C LEU D 201 23.90 -51.49 -52.66
N ARG D 202 24.15 -50.22 -52.37
CA ARG D 202 23.10 -49.31 -51.92
C ARG D 202 23.10 -48.04 -52.77
N ASN D 203 21.91 -47.42 -52.85
CA ASN D 203 21.72 -46.16 -53.56
C ASN D 203 20.76 -45.30 -52.73
N VAL D 204 21.34 -44.52 -51.80
CA VAL D 204 20.57 -43.84 -50.77
C VAL D 204 20.30 -42.40 -51.21
N LEU D 205 19.02 -42.00 -51.19
CA LEU D 205 18.65 -40.61 -51.45
C LEU D 205 18.73 -39.82 -50.14
N GLU D 206 19.64 -38.84 -50.09
CA GLU D 206 19.83 -38.01 -48.92
C GLU D 206 20.02 -36.55 -49.36
N GLY D 207 18.96 -35.76 -49.18
CA GLY D 207 18.95 -34.36 -49.60
C GLY D 207 18.74 -34.21 -51.10
N GLU D 208 17.77 -34.99 -51.62
CA GLU D 208 17.43 -34.99 -53.03
C GLU D 208 18.64 -35.38 -53.88
N ARG D 209 19.52 -36.22 -53.32
CA ARG D 209 20.74 -36.64 -53.98
C ARG D 209 21.07 -38.08 -53.58
N ARG D 210 21.34 -38.92 -54.59
CA ARG D 210 21.59 -40.34 -54.40
C ARG D 210 23.06 -40.58 -54.07
N ARG D 211 23.33 -41.71 -53.41
CA ARG D 211 24.67 -42.06 -52.94
C ARG D 211 24.90 -43.56 -53.16
N ARG D 212 25.67 -43.90 -54.20
CA ARG D 212 26.01 -45.28 -54.48
C ARG D 212 27.09 -45.74 -53.50
N THR D 213 26.83 -46.83 -52.77
CA THR D 213 27.75 -47.37 -51.79
C THR D 213 27.88 -48.88 -51.99
N ILE D 214 29.00 -49.45 -51.57
CA ILE D 214 29.24 -50.89 -51.65
C ILE D 214 29.85 -51.35 -50.33
N GLU D 215 29.44 -52.56 -49.90
CA GLU D 215 29.84 -53.10 -48.61
C GLU D 215 29.94 -54.61 -48.70
N ILE D 216 31.01 -55.17 -48.11
CA ILE D 216 31.14 -56.60 -47.90
C ILE D 216 30.70 -56.89 -46.46
N LEU D 217 29.44 -57.32 -46.30
CA LEU D 217 28.89 -57.59 -44.98
C LEU D 217 29.67 -58.72 -44.32
N LYS D 218 29.91 -59.81 -45.07
CA LYS D 218 30.60 -60.96 -44.51
C LYS D 218 31.38 -61.69 -45.60
N PHE D 219 32.54 -62.23 -45.20
CA PHE D 219 33.28 -63.24 -45.92
C PHE D 219 33.68 -64.33 -44.93
N ARG D 220 32.96 -65.47 -44.96
CA ARG D 220 33.30 -66.60 -44.11
C ARG D 220 34.69 -67.10 -44.48
N GLY D 221 35.63 -66.99 -43.54
CA GLY D 221 36.94 -67.62 -43.67
C GLY D 221 38.08 -66.62 -43.92
N THR D 222 37.76 -65.50 -44.58
CA THR D 222 38.78 -64.54 -44.99
C THR D 222 38.49 -63.16 -44.39
N SER D 223 39.47 -62.26 -44.56
CA SER D 223 39.37 -60.89 -44.09
C SER D 223 38.87 -59.98 -45.22
N HIS D 224 38.32 -58.83 -44.84
CA HIS D 224 37.82 -57.85 -45.79
C HIS D 224 37.72 -56.49 -45.09
N GLN D 225 37.69 -55.41 -45.87
CA GLN D 225 37.48 -54.08 -45.31
C GLN D 225 36.02 -53.93 -44.93
N LYS D 226 35.78 -53.48 -43.69
CA LYS D 226 34.46 -53.43 -43.10
C LYS D 226 33.86 -52.05 -43.36
N GLY D 227 32.55 -52.01 -43.67
CA GLY D 227 31.83 -50.77 -43.87
C GLY D 227 31.52 -50.51 -45.34
N GLU D 228 30.86 -49.37 -45.60
CA GLU D 228 30.49 -48.97 -46.96
C GLU D 228 31.64 -48.20 -47.59
N PHE D 229 31.79 -48.38 -48.91
CA PHE D 229 32.76 -47.64 -49.70
C PHE D 229 32.06 -47.05 -50.93
N PRO D 230 32.47 -45.85 -51.41
CA PRO D 230 31.83 -45.23 -52.57
C PRO D 230 32.20 -45.93 -53.88
N PHE D 231 31.30 -45.86 -54.85
CA PHE D 231 31.57 -46.34 -56.19
C PHE D 231 30.70 -45.57 -57.18
N THR D 232 30.99 -45.75 -58.47
CA THR D 232 30.24 -45.12 -59.54
C THR D 232 30.07 -46.10 -60.69
N ILE D 233 29.19 -45.77 -61.63
CA ILE D 233 29.06 -46.52 -62.86
C ILE D 233 29.31 -45.57 -64.04
N THR D 234 30.56 -45.56 -64.50
CA THR D 234 30.98 -44.69 -65.59
C THR D 234 30.60 -45.35 -66.93
N PRO D 235 30.01 -44.58 -67.88
CA PRO D 235 29.55 -45.14 -69.16
C PRO D 235 30.55 -46.00 -69.93
N GLY D 236 31.83 -45.60 -69.91
CA GLY D 236 32.85 -46.26 -70.71
C GLY D 236 33.83 -47.09 -69.87
N GLU D 237 33.39 -47.56 -68.69
CA GLU D 237 34.24 -48.33 -67.81
C GLU D 237 33.41 -49.24 -66.92
N GLY D 238 32.38 -48.69 -66.28
CA GLY D 238 31.47 -49.45 -65.43
C GLY D 238 31.74 -49.19 -63.95
N ILE D 239 31.56 -50.23 -63.12
CA ILE D 239 31.74 -50.11 -61.68
C ILE D 239 33.17 -49.68 -61.41
N SER D 240 33.32 -48.53 -60.74
CA SER D 240 34.62 -48.04 -60.32
C SER D 240 34.54 -47.68 -58.84
N ILE D 241 35.07 -48.57 -57.99
CA ILE D 241 34.98 -48.41 -56.55
C ILE D 241 36.21 -47.64 -56.09
N PHE D 242 36.05 -46.84 -55.03
CA PHE D 242 37.08 -45.96 -54.54
C PHE D 242 37.40 -46.29 -53.09
N PRO D 243 38.34 -47.23 -52.83
CA PRO D 243 38.85 -47.45 -51.47
C PRO D 243 39.38 -46.14 -50.88
N LEU D 244 38.53 -45.51 -50.05
CA LEU D 244 38.87 -44.25 -49.40
C LEU D 244 40.16 -44.40 -48.58
N SER D 245 40.40 -45.63 -48.09
CA SER D 245 41.67 -45.99 -47.50
C SER D 245 42.79 -45.81 -48.53
N ALA D 246 43.35 -44.60 -48.58
CA ALA D 246 44.42 -44.26 -49.49
C ALA D 246 45.78 -44.43 -48.79
N LYS D 250 53.68 -44.88 -48.11
CA LYS D 250 52.67 -44.91 -49.22
C LYS D 250 52.53 -43.51 -49.82
N GLN D 251 53.67 -42.86 -50.07
CA GLN D 251 53.68 -41.50 -50.60
C GLN D 251 55.12 -41.10 -50.93
N ARG D 252 55.32 -39.81 -51.23
CA ARG D 252 56.64 -39.28 -51.51
C ARG D 252 56.64 -37.78 -51.29
N SER D 253 57.62 -37.29 -50.51
CA SER D 253 57.79 -35.87 -50.26
C SER D 253 59.28 -35.52 -50.34
N SER D 254 59.58 -34.29 -50.75
CA SER D 254 60.96 -33.84 -50.97
C SER D 254 61.09 -32.38 -50.58
N ASN D 255 62.33 -31.87 -50.66
CA ASN D 255 62.62 -30.46 -50.39
C ASN D 255 62.56 -29.66 -51.68
N VAL D 256 61.80 -30.15 -52.67
CA VAL D 256 61.66 -29.47 -53.95
C VAL D 256 60.57 -28.39 -53.81
N ARG D 257 60.96 -27.14 -54.09
CA ARG D 257 60.08 -25.99 -53.93
C ARG D 257 59.40 -25.68 -55.26
N VAL D 258 58.30 -24.91 -55.18
CA VAL D 258 57.55 -24.49 -56.36
C VAL D 258 57.00 -23.09 -56.10
N SER D 259 56.68 -22.37 -57.19
CA SER D 259 56.26 -20.98 -57.10
C SER D 259 54.81 -20.90 -56.62
N SER D 260 54.43 -19.70 -56.16
CA SER D 260 53.07 -19.40 -55.74
C SER D 260 52.37 -18.51 -56.78
N GLY D 261 53.17 -17.91 -57.67
CA GLY D 261 52.67 -16.93 -58.62
C GLY D 261 52.94 -15.50 -58.15
N VAL D 262 53.39 -15.35 -56.90
CA VAL D 262 53.68 -14.05 -56.32
C VAL D 262 55.06 -14.11 -55.66
N PRO D 263 56.06 -13.32 -56.13
CA PRO D 263 57.43 -13.43 -55.63
C PRO D 263 57.62 -13.13 -54.15
N GLU D 264 56.84 -12.18 -53.63
CA GLU D 264 56.94 -11.76 -52.25
C GLU D 264 56.43 -12.87 -51.32
N LEU D 265 55.39 -13.60 -51.77
CA LEU D 265 54.80 -14.66 -50.99
C LEU D 265 55.73 -15.87 -50.99
N ASP D 266 56.40 -16.12 -52.12
CA ASP D 266 57.39 -17.17 -52.22
C ASP D 266 58.50 -16.92 -51.19
N GLU D 267 58.91 -15.65 -51.06
CA GLU D 267 59.96 -15.26 -50.14
C GLU D 267 59.44 -15.32 -48.69
N MET D 268 58.14 -15.07 -48.51
CA MET D 268 57.50 -15.17 -47.20
C MET D 268 57.43 -16.64 -46.78
N CYS D 269 57.33 -17.54 -47.76
CA CYS D 269 57.22 -18.97 -47.51
C CYS D 269 58.59 -19.60 -47.28
N GLY D 270 59.64 -18.97 -47.83
CA GLY D 270 61.01 -19.44 -47.66
C GLY D 270 61.55 -20.13 -48.90
N GLY D 271 61.34 -19.49 -50.06
CA GLY D 271 61.77 -20.01 -51.35
C GLY D 271 60.65 -20.75 -52.08
N GLY D 272 59.42 -20.27 -51.92
CA GLY D 272 58.26 -20.86 -52.57
C GLY D 272 57.65 -21.99 -51.72
N PHE D 273 56.46 -22.43 -52.12
CA PHE D 273 55.81 -23.58 -51.51
C PHE D 273 56.61 -24.85 -51.80
N PHE D 274 56.45 -25.87 -50.96
CA PHE D 274 56.94 -27.20 -51.27
C PHE D 274 56.04 -27.80 -52.36
N ARG D 275 56.59 -28.74 -53.12
CA ARG D 275 55.86 -29.34 -54.25
C ARG D 275 54.70 -30.17 -53.70
N ASP D 276 55.01 -31.34 -53.12
CA ASP D 276 54.00 -32.21 -52.55
C ASP D 276 53.48 -31.58 -51.26
N SER D 277 52.58 -30.61 -51.40
CA SER D 277 52.07 -29.85 -50.26
C SER D 277 50.61 -29.49 -50.48
N ILE D 278 49.85 -29.49 -49.38
CA ILE D 278 48.49 -28.98 -49.36
C ILE D 278 48.52 -27.60 -48.69
N ILE D 279 48.15 -26.57 -49.45
CA ILE D 279 48.14 -25.20 -48.96
C ILE D 279 46.69 -24.78 -48.72
N LEU D 280 46.48 -23.95 -47.69
CA LEU D 280 45.18 -23.38 -47.38
C LEU D 280 45.28 -21.86 -47.39
N VAL D 281 44.36 -21.21 -48.12
CA VAL D 281 44.24 -19.76 -48.14
C VAL D 281 42.90 -19.38 -47.53
N SER D 282 42.93 -19.01 -46.24
CA SER D 282 41.73 -18.65 -45.51
C SER D 282 41.64 -17.13 -45.40
N GLY D 283 40.41 -16.59 -45.41
CA GLY D 283 40.19 -15.16 -45.36
C GLY D 283 38.71 -14.80 -45.50
N ALA D 284 38.43 -13.50 -45.35
CA ALA D 284 37.07 -12.98 -45.46
C ALA D 284 36.74 -12.69 -46.92
N THR D 285 35.54 -12.16 -47.16
CA THR D 285 35.05 -11.91 -48.50
C THR D 285 35.69 -10.63 -49.04
N GLY D 286 36.38 -10.73 -50.18
CA GLY D 286 37.00 -9.60 -50.85
C GLY D 286 38.47 -9.40 -50.44
N THR D 287 39.03 -10.39 -49.75
CA THR D 287 40.40 -10.30 -49.25
C THR D 287 41.39 -10.56 -50.39
N GLY D 288 41.21 -11.69 -51.09
CA GLY D 288 41.98 -12.00 -52.28
C GLY D 288 42.40 -13.46 -52.32
N LYS D 289 41.43 -14.36 -52.16
CA LYS D 289 41.70 -15.80 -52.12
C LYS D 289 41.65 -16.36 -53.54
N THR D 290 40.69 -15.87 -54.34
CA THR D 290 40.58 -16.28 -55.73
C THR D 290 41.77 -15.76 -56.53
N LEU D 291 42.29 -14.58 -56.14
CA LEU D 291 43.48 -14.02 -56.77
C LEU D 291 44.64 -15.00 -56.61
N LEU D 292 44.88 -15.45 -55.38
CA LEU D 292 45.96 -16.40 -55.11
C LEU D 292 45.74 -17.68 -55.91
N VAL D 293 44.49 -18.11 -56.03
CA VAL D 293 44.15 -19.28 -56.83
C VAL D 293 44.56 -19.04 -58.28
N THR D 294 44.25 -17.85 -58.81
CA THR D 294 44.54 -17.52 -60.20
C THR D 294 46.05 -17.44 -60.42
N LYS D 295 46.80 -16.97 -59.41
CA LYS D 295 48.25 -16.87 -59.51
C LYS D 295 48.87 -18.26 -59.33
N PHE D 296 48.38 -19.01 -58.35
CA PHE D 296 48.82 -20.37 -58.08
C PHE D 296 48.76 -21.21 -59.36
N LEU D 297 47.66 -21.08 -60.10
CA LEU D 297 47.47 -21.76 -61.37
C LEU D 297 48.48 -21.24 -62.40
N GLU D 298 48.59 -19.91 -62.51
CA GLU D 298 49.52 -19.28 -63.43
C GLU D 298 50.95 -19.70 -63.09
N GLY D 299 51.23 -19.85 -61.80
CA GLY D 299 52.54 -20.28 -61.32
C GLY D 299 52.95 -21.65 -61.85
N ALA D 300 51.95 -22.47 -62.21
CA ALA D 300 52.19 -23.76 -62.83
C ALA D 300 52.38 -23.61 -64.33
N CYS D 301 51.42 -22.92 -64.97
CA CYS D 301 51.36 -22.83 -66.42
C CYS D 301 52.49 -21.96 -66.97
N ARG D 302 52.95 -20.99 -66.17
CA ARG D 302 54.05 -20.11 -66.57
C ARG D 302 55.39 -20.76 -66.27
N ASN D 303 55.39 -21.83 -65.46
CA ASN D 303 56.60 -22.57 -65.13
C ASN D 303 56.48 -24.01 -65.64
N GLY D 304 55.85 -24.17 -66.80
CA GLY D 304 55.78 -25.46 -67.48
C GLY D 304 55.18 -26.56 -66.62
N GLU D 305 53.89 -26.41 -66.28
CA GLU D 305 53.17 -27.41 -65.52
C GLU D 305 51.67 -27.26 -65.79
N ARG D 306 50.91 -28.31 -65.43
CA ARG D 306 49.49 -28.37 -65.69
C ARG D 306 48.71 -28.13 -64.39
N ALA D 307 47.52 -27.54 -64.54
CA ALA D 307 46.73 -27.09 -63.40
C ALA D 307 45.27 -27.48 -63.59
N LEU D 308 44.62 -27.90 -62.49
CA LEU D 308 43.20 -28.20 -62.47
C LEU D 308 42.52 -27.19 -61.54
N LEU D 309 41.43 -26.57 -62.00
CA LEU D 309 40.65 -25.68 -61.17
C LEU D 309 39.23 -26.24 -61.00
N PHE D 310 38.88 -26.56 -59.75
CA PHE D 310 37.55 -27.00 -59.40
C PHE D 310 36.80 -25.82 -58.76
N ALA D 311 36.07 -25.08 -59.60
CA ALA D 311 35.34 -23.89 -59.16
C ALA D 311 33.94 -24.28 -58.70
N PHE D 312 33.65 -24.00 -57.42
CA PHE D 312 32.36 -24.35 -56.83
C PHE D 312 31.60 -23.08 -56.43
N GLU D 313 32.05 -21.93 -56.91
CA GLU D 313 31.44 -20.64 -56.61
C GLU D 313 31.16 -19.88 -57.90
N GLU D 314 32.23 -19.57 -58.64
CA GLU D 314 32.16 -18.69 -59.80
C GLU D 314 31.90 -19.49 -61.07
N SER D 315 31.25 -18.86 -62.05
CA SER D 315 31.07 -19.41 -63.37
C SER D 315 32.29 -19.05 -64.23
N ARG D 316 32.35 -19.61 -65.45
CA ARG D 316 33.45 -19.31 -66.36
C ARG D 316 33.56 -17.80 -66.54
N GLU D 317 32.45 -17.16 -66.93
CA GLU D 317 32.42 -15.74 -67.22
C GLU D 317 33.07 -14.95 -66.08
N GLN D 318 32.79 -15.34 -64.84
CA GLN D 318 33.28 -14.64 -63.67
C GLN D 318 34.76 -14.93 -63.43
N LEU D 319 35.17 -16.18 -63.67
CA LEU D 319 36.57 -16.58 -63.49
C LEU D 319 37.45 -15.85 -64.50
N LEU D 320 36.93 -15.61 -65.71
CA LEU D 320 37.68 -14.94 -66.75
C LEU D 320 37.85 -13.46 -66.40
N ARG D 321 36.74 -12.79 -66.07
CA ARG D 321 36.74 -11.37 -65.77
C ARG D 321 37.78 -11.05 -64.69
N ASN D 322 37.79 -11.87 -63.63
CA ASN D 322 38.74 -11.71 -62.53
C ASN D 322 40.16 -11.84 -63.06
N ALA D 323 40.38 -12.86 -63.92
CA ALA D 323 41.70 -13.14 -64.47
C ALA D 323 42.15 -12.02 -65.40
N THR D 324 41.30 -11.68 -66.37
CA THR D 324 41.61 -10.63 -67.35
C THR D 324 41.97 -9.33 -66.64
N SER D 325 41.25 -9.04 -65.56
CA SER D 325 41.48 -7.85 -64.75
C SER D 325 42.87 -7.87 -64.13
N TRP D 326 43.23 -9.02 -63.52
CA TRP D 326 44.52 -9.17 -62.86
C TRP D 326 45.63 -9.50 -63.87
N GLY D 327 45.29 -9.52 -65.16
CA GLY D 327 46.27 -9.64 -66.22
C GLY D 327 46.68 -11.09 -66.46
N ILE D 328 45.67 -11.97 -66.57
CA ILE D 328 45.89 -13.40 -66.80
C ILE D 328 44.85 -13.87 -67.82
N ASP D 329 45.34 -14.55 -68.87
CA ASP D 329 44.48 -15.07 -69.92
C ASP D 329 44.39 -16.58 -69.78
N PHE D 330 43.36 -17.04 -69.06
CA PHE D 330 43.12 -18.46 -68.84
C PHE D 330 42.84 -19.19 -70.15
N GLU D 331 42.34 -18.46 -71.15
CA GLU D 331 41.89 -19.06 -72.40
C GLU D 331 43.10 -19.61 -73.15
N GLU D 332 44.17 -18.82 -73.25
CA GLU D 332 45.42 -19.26 -73.85
C GLU D 332 45.92 -20.52 -73.15
N MET D 333 45.93 -20.48 -71.82
CA MET D 333 46.44 -21.57 -71.00
C MET D 333 45.65 -22.84 -71.30
N GLU D 334 44.34 -22.68 -71.50
CA GLU D 334 43.44 -23.79 -71.76
C GLU D 334 43.57 -24.25 -73.22
N ARG D 335 43.79 -23.30 -74.13
CA ARG D 335 44.02 -23.61 -75.54
C ARG D 335 45.34 -24.37 -75.69
N ASP D 336 46.34 -24.00 -74.89
CA ASP D 336 47.64 -24.65 -74.90
C ASP D 336 47.58 -25.95 -74.07
N GLY D 337 46.43 -26.21 -73.44
CA GLY D 337 46.21 -27.44 -72.70
C GLY D 337 47.02 -27.50 -71.40
N ARG D 338 47.22 -26.33 -70.79
CA ARG D 338 47.99 -26.22 -69.56
C ARG D 338 47.06 -26.02 -68.36
N LEU D 339 45.80 -25.65 -68.62
CA LEU D 339 44.84 -25.41 -67.55
C LEU D 339 43.50 -26.06 -67.91
N LYS D 340 42.82 -26.57 -66.88
CA LYS D 340 41.50 -27.15 -67.01
C LYS D 340 40.61 -26.57 -65.90
N ILE D 341 39.50 -25.94 -66.30
CA ILE D 341 38.56 -25.35 -65.36
C ILE D 341 37.26 -26.14 -65.45
N VAL D 342 36.88 -26.78 -64.34
CA VAL D 342 35.74 -27.69 -64.32
C VAL D 342 34.44 -26.89 -64.23
N CYS D 343 34.34 -26.03 -63.20
CA CYS D 343 33.15 -25.24 -62.93
C CYS D 343 31.96 -26.14 -62.63
N ALA D 344 31.53 -26.14 -61.36
CA ALA D 344 30.46 -27.01 -60.91
C ALA D 344 29.64 -26.31 -59.83
N TYR D 345 28.38 -26.75 -59.68
CA TYR D 345 27.53 -26.32 -58.58
C TYR D 345 27.63 -27.33 -57.45
N PRO D 346 27.84 -26.90 -56.18
CA PRO D 346 27.82 -27.82 -55.04
C PRO D 346 26.52 -28.61 -54.89
N GLU D 347 25.41 -28.06 -55.40
CA GLU D 347 24.10 -28.67 -55.22
C GLU D 347 23.77 -29.61 -56.38
N SER D 348 24.67 -29.75 -57.36
CA SER D 348 24.43 -30.62 -58.51
C SER D 348 24.44 -32.08 -58.08
N THR D 349 25.44 -32.47 -57.29
CA THR D 349 25.60 -33.83 -56.81
C THR D 349 25.93 -33.81 -55.32
N GLY D 350 26.16 -35.00 -54.74
CA GLY D 350 26.66 -35.12 -53.38
C GLY D 350 28.18 -34.98 -53.33
N LEU D 351 28.72 -34.80 -52.13
CA LEU D 351 30.16 -34.57 -51.96
C LEU D 351 30.95 -35.85 -52.25
N GLU D 352 30.34 -37.01 -52.00
CA GLU D 352 30.96 -38.28 -52.32
C GLU D 352 31.08 -38.42 -53.83
N ASP D 353 30.06 -37.95 -54.56
CA ASP D 353 30.06 -37.96 -56.02
C ASP D 353 31.00 -36.90 -56.54
N HIS D 354 31.20 -35.82 -55.77
CA HIS D 354 32.10 -34.74 -56.15
C HIS D 354 33.55 -35.19 -56.13
N LEU D 355 33.95 -35.90 -55.06
CA LEU D 355 35.30 -36.44 -54.97
C LEU D 355 35.58 -37.37 -56.14
N ILE D 356 34.70 -38.35 -56.34
CA ILE D 356 34.82 -39.29 -57.43
C ILE D 356 35.13 -38.54 -58.73
N MET D 357 34.39 -37.45 -58.96
CA MET D 357 34.58 -36.63 -60.15
C MET D 357 35.98 -36.04 -60.15
N ILE D 358 36.38 -35.42 -59.03
CA ILE D 358 37.68 -34.78 -58.90
C ILE D 358 38.78 -35.80 -59.23
N LYS D 359 38.71 -36.98 -58.60
CA LYS D 359 39.68 -38.04 -58.82
C LYS D 359 39.70 -38.42 -60.30
N GLU D 360 38.52 -38.48 -60.92
CA GLU D 360 38.37 -38.89 -62.31
C GLU D 360 39.12 -37.93 -63.23
N VAL D 361 39.02 -36.62 -62.97
CA VAL D 361 39.61 -35.61 -63.83
C VAL D 361 41.12 -35.60 -63.62
N ILE D 362 41.56 -35.86 -62.38
CA ILE D 362 42.98 -35.92 -62.06
C ILE D 362 43.64 -37.05 -62.83
N GLU D 363 42.95 -38.19 -62.95
CA GLU D 363 43.48 -39.36 -63.63
C GLU D 363 43.25 -39.27 -65.13
N GLU D 364 43.25 -38.04 -65.67
CA GLU D 364 43.00 -37.82 -67.09
C GLU D 364 43.84 -36.64 -67.57
N PHE D 365 43.69 -35.49 -66.89
CA PHE D 365 44.48 -34.31 -67.18
C PHE D 365 45.89 -34.46 -66.60
N LYS D 366 46.01 -35.31 -65.57
CA LYS D 366 47.28 -35.55 -64.89
C LYS D 366 47.90 -34.21 -64.48
N PRO D 367 47.21 -33.42 -63.63
CA PRO D 367 47.68 -32.07 -63.28
C PRO D 367 48.83 -32.07 -62.28
N ASP D 368 49.73 -31.09 -62.44
CA ASP D 368 50.83 -30.89 -61.51
C ASP D 368 50.29 -30.19 -60.26
N ARG D 369 49.46 -29.17 -60.47
CA ARG D 369 48.83 -28.43 -59.38
C ARG D 369 47.31 -28.59 -59.45
N ILE D 370 46.66 -28.53 -58.29
CA ILE D 370 45.22 -28.63 -58.18
C ILE D 370 44.73 -27.58 -57.19
N ALA D 371 43.58 -26.96 -57.51
CA ALA D 371 43.02 -25.89 -56.69
C ALA D 371 41.51 -26.06 -56.58
N ILE D 372 40.99 -25.93 -55.35
CA ILE D 372 39.57 -25.97 -55.10
C ILE D 372 39.13 -24.64 -54.49
N ASP D 373 38.25 -23.93 -55.19
CA ASP D 373 37.74 -22.63 -54.76
C ASP D 373 36.21 -22.68 -54.84
N SER D 374 35.53 -22.94 -53.70
CA SER D 374 36.13 -23.09 -52.39
C SER D 374 35.52 -24.28 -51.66
N LEU D 375 36.15 -24.66 -50.54
CA LEU D 375 35.68 -25.73 -49.67
C LEU D 375 34.44 -25.27 -48.90
N SER D 376 34.34 -23.97 -48.62
CA SER D 376 33.23 -23.41 -47.87
C SER D 376 31.92 -23.53 -48.65
N ALA D 377 32.02 -23.50 -49.99
CA ALA D 377 30.87 -23.66 -50.86
C ALA D 377 30.32 -25.08 -50.77
N LEU D 378 31.23 -26.05 -50.58
CA LEU D 378 30.87 -27.47 -50.49
C LEU D 378 30.27 -27.78 -49.12
N GLU D 379 30.70 -27.04 -48.10
CA GLU D 379 30.25 -27.25 -46.73
C GLU D 379 28.74 -26.98 -46.61
N ARG D 380 28.24 -26.07 -47.44
CA ARG D 380 26.83 -25.67 -47.40
C ARG D 380 25.92 -26.87 -47.68
N VAL D 381 26.36 -27.75 -48.60
CA VAL D 381 25.51 -28.81 -49.12
C VAL D 381 25.86 -30.15 -48.48
N ALA D 382 26.45 -30.12 -47.27
CA ALA D 382 26.93 -31.34 -46.64
C ALA D 382 26.90 -31.22 -45.13
N SER D 383 26.77 -32.36 -44.46
CA SER D 383 26.87 -32.45 -43.02
C SER D 383 28.34 -32.38 -42.61
N ASP D 384 28.60 -32.11 -41.33
CA ASP D 384 29.94 -32.05 -40.79
C ASP D 384 30.68 -33.37 -41.08
N ARG D 385 29.97 -34.48 -40.84
CA ARG D 385 30.48 -35.82 -41.13
C ARG D 385 30.91 -35.92 -42.59
N GLY D 386 29.99 -35.57 -43.50
CA GLY D 386 30.21 -35.66 -44.93
C GLY D 386 31.35 -34.77 -45.42
N PHE D 387 31.46 -33.57 -44.81
CA PHE D 387 32.47 -32.61 -45.20
C PHE D 387 33.85 -33.12 -44.80
N ARG D 388 33.97 -33.63 -43.57
CA ARG D 388 35.21 -34.23 -43.09
C ARG D 388 35.66 -35.33 -44.06
N GLU D 389 34.74 -36.25 -44.38
CA GLU D 389 35.01 -37.35 -45.28
C GLU D 389 35.56 -36.84 -46.61
N PHE D 390 34.94 -35.77 -47.14
CA PHE D 390 35.38 -35.14 -48.38
C PHE D 390 36.79 -34.59 -48.23
N VAL D 391 37.00 -33.80 -47.17
CA VAL D 391 38.27 -33.11 -46.96
C VAL D 391 39.37 -34.14 -46.76
N ILE D 392 39.08 -35.19 -45.98
CA ILE D 392 40.05 -36.25 -45.73
C ILE D 392 40.39 -36.96 -47.03
N GLY D 393 39.36 -37.32 -47.81
CA GLY D 393 39.54 -38.04 -49.05
C GLY D 393 40.38 -37.25 -50.06
N LEU D 394 40.05 -35.97 -50.24
CA LEU D 394 40.73 -35.12 -51.22
C LEU D 394 42.19 -34.92 -50.82
N THR D 395 42.43 -34.66 -49.53
CA THR D 395 43.76 -34.45 -49.00
C THR D 395 44.62 -35.69 -49.22
N SER D 396 44.06 -36.85 -48.84
CA SER D 396 44.76 -38.13 -48.91
C SER D 396 45.06 -38.49 -50.36
N PHE D 397 44.16 -38.13 -51.29
CA PHE D 397 44.31 -38.49 -52.69
C PHE D 397 45.40 -37.65 -53.35
N ILE D 398 45.40 -36.34 -53.06
CA ILE D 398 46.37 -35.41 -53.62
C ILE D 398 47.77 -35.80 -53.16
N LYS D 399 47.88 -36.29 -51.92
CA LYS D 399 49.17 -36.61 -51.32
C LYS D 399 49.68 -37.97 -51.81
N GLN D 400 48.78 -38.91 -52.11
CA GLN D 400 49.19 -40.20 -52.65
C GLN D 400 49.55 -40.04 -54.13
N GLN D 401 48.89 -39.09 -54.79
CA GLN D 401 49.14 -38.80 -56.20
C GLN D 401 50.29 -37.80 -56.33
N GLU D 402 50.76 -37.28 -55.20
CA GLU D 402 51.91 -36.38 -55.15
C GLU D 402 51.66 -35.20 -56.08
N ILE D 403 50.61 -34.43 -55.76
CA ILE D 403 50.27 -33.23 -56.49
C ILE D 403 50.25 -32.06 -55.52
N THR D 404 50.58 -30.86 -56.03
CA THR D 404 50.57 -29.65 -55.23
C THR D 404 49.12 -29.16 -55.16
N GLY D 405 48.59 -29.02 -53.93
CA GLY D 405 47.18 -28.75 -53.73
C GLY D 405 46.94 -27.45 -52.95
N LEU D 406 46.12 -26.57 -53.52
CA LEU D 406 45.69 -25.35 -52.83
C LEU D 406 44.20 -25.45 -52.56
N PHE D 407 43.78 -24.92 -51.39
CA PHE D 407 42.37 -24.88 -51.03
C PHE D 407 42.07 -23.53 -50.38
N THR D 408 40.88 -22.99 -50.66
CA THR D 408 40.45 -21.72 -50.09
C THR D 408 39.24 -21.95 -49.18
N SER D 409 39.13 -21.14 -48.14
CA SER D 409 38.02 -21.20 -47.21
C SER D 409 37.62 -19.79 -46.78
N THR D 410 36.31 -19.54 -46.72
CA THR D 410 35.78 -18.26 -46.28
C THR D 410 35.67 -18.26 -44.76
N THR D 411 36.25 -17.22 -44.12
CA THR D 411 36.29 -17.13 -42.68
C THR D 411 35.57 -15.86 -42.24
N PRO D 412 35.02 -15.79 -41.00
CA PRO D 412 34.38 -14.58 -40.50
C PRO D 412 35.37 -13.44 -40.26
N THR D 413 35.01 -12.23 -40.73
CA THR D 413 35.85 -11.06 -40.63
C THR D 413 35.20 -9.87 -41.34
N PHE D 414 34.43 -10.15 -42.40
CA PHE D 414 33.69 -9.12 -43.13
C PHE D 414 32.78 -8.35 -42.18
N HIS D 424 38.77 -30.52 -40.23
CA HIS D 424 39.25 -29.13 -40.49
C HIS D 424 40.53 -29.22 -41.33
N ILE D 425 40.57 -28.46 -42.42
CA ILE D 425 41.70 -28.45 -43.34
C ILE D 425 42.93 -27.90 -42.64
N SER D 426 42.71 -27.00 -41.67
CA SER D 426 43.78 -26.36 -40.91
C SER D 426 44.74 -27.40 -40.33
N THR D 427 44.18 -28.50 -39.80
CA THR D 427 44.98 -29.53 -39.13
C THR D 427 45.73 -30.38 -40.15
N ILE D 428 45.13 -30.56 -41.34
CA ILE D 428 45.65 -31.46 -42.36
C ILE D 428 46.58 -30.71 -43.32
N THR D 429 46.29 -29.43 -43.55
CA THR D 429 47.05 -28.63 -44.50
C THR D 429 48.49 -28.47 -44.00
N ASP D 430 49.42 -28.21 -44.94
CA ASP D 430 50.83 -28.04 -44.64
C ASP D 430 51.15 -26.54 -44.52
N THR D 431 50.40 -25.71 -45.26
CA THR D 431 50.61 -24.28 -45.28
C THR D 431 49.27 -23.58 -45.02
N ILE D 432 49.32 -22.46 -44.28
CA ILE D 432 48.14 -21.64 -44.03
C ILE D 432 48.50 -20.18 -44.30
N ILE D 433 47.94 -19.63 -45.39
CA ILE D 433 48.08 -18.22 -45.70
C ILE D 433 46.80 -17.50 -45.26
N LEU D 434 46.96 -16.51 -44.38
CA LEU D 434 45.83 -15.80 -43.79
C LEU D 434 45.73 -14.39 -44.37
N LEU D 435 44.67 -14.15 -45.14
CA LEU D 435 44.33 -12.82 -45.62
C LEU D 435 43.28 -12.20 -44.70
N ARG D 436 43.40 -10.88 -44.48
CA ARG D 436 42.63 -10.22 -43.43
C ARG D 436 42.45 -8.74 -43.78
N TYR D 437 41.30 -8.18 -43.38
CA TYR D 437 41.09 -6.74 -43.42
C TYR D 437 41.72 -6.13 -42.16
N VAL D 438 42.37 -4.97 -42.33
CA VAL D 438 43.09 -4.34 -41.23
C VAL D 438 43.31 -2.86 -41.52
N GLU D 439 42.90 -2.01 -40.57
CA GLU D 439 43.19 -0.58 -40.63
C GLU D 439 44.66 -0.34 -40.31
N MET D 440 45.21 0.76 -40.83
CA MET D 440 46.59 1.13 -40.58
C MET D 440 46.70 2.66 -40.53
N ARG D 441 47.40 3.25 -41.51
CA ARG D 441 47.56 4.70 -41.59
C ARG D 441 46.27 5.32 -42.09
N GLY D 442 45.24 5.34 -41.23
CA GLY D 442 43.93 5.89 -41.56
C GLY D 442 43.38 5.35 -42.87
N GLU D 443 43.34 4.02 -43.01
CA GLU D 443 42.82 3.39 -44.21
C GLU D 443 42.52 1.93 -43.93
N MET D 444 41.29 1.51 -44.27
CA MET D 444 40.91 0.10 -44.25
C MET D 444 41.65 -0.62 -45.38
N SER D 445 42.66 -1.42 -45.00
CA SER D 445 43.50 -2.12 -45.96
C SER D 445 43.43 -3.62 -45.71
N ARG D 446 44.20 -4.38 -46.50
CA ARG D 446 44.26 -5.83 -46.39
C ARG D 446 45.67 -6.23 -45.97
N ALA D 447 45.83 -7.47 -45.48
CA ALA D 447 47.12 -7.97 -45.05
C ALA D 447 47.21 -9.47 -45.27
N ILE D 448 48.44 -9.95 -45.49
CA ILE D 448 48.74 -11.37 -45.61
C ILE D 448 49.57 -11.81 -44.41
N ASN D 449 49.44 -13.09 -44.06
CA ASN D 449 50.20 -13.68 -42.97
C ASN D 449 50.33 -15.19 -43.20
N VAL D 450 51.56 -15.65 -43.41
CA VAL D 450 51.85 -17.08 -43.47
C VAL D 450 51.89 -17.59 -42.03
N LEU D 451 50.93 -18.44 -41.67
CA LEU D 451 50.77 -18.90 -40.30
C LEU D 451 51.55 -20.20 -40.09
N LYS D 452 51.61 -21.04 -41.13
CA LYS D 452 52.20 -22.37 -41.01
C LYS D 452 52.98 -22.71 -42.26
N MET D 453 54.12 -23.41 -42.07
CA MET D 453 54.94 -23.91 -43.15
C MET D 453 55.76 -25.09 -42.61
N ARG D 454 55.24 -26.31 -42.81
CA ARG D 454 55.90 -27.52 -42.36
C ARG D 454 57.23 -27.68 -43.10
N GLY D 455 58.34 -27.67 -42.34
CA GLY D 455 59.66 -27.96 -42.88
C GLY D 455 60.34 -26.73 -43.49
N SER D 456 60.01 -25.54 -42.98
CA SER D 456 60.58 -24.31 -43.50
C SER D 456 60.32 -23.15 -42.52
N TRP D 457 61.26 -22.20 -42.50
CA TRP D 457 61.02 -20.90 -41.92
C TRP D 457 59.94 -20.19 -42.72
N HIS D 458 59.20 -19.29 -42.06
CA HIS D 458 58.25 -18.44 -42.76
C HIS D 458 58.16 -17.11 -42.01
N ASP D 459 58.06 -16.02 -42.78
CA ASP D 459 57.95 -14.68 -42.20
C ASP D 459 56.74 -14.66 -41.28
N LYS D 460 57.00 -14.48 -39.98
CA LYS D 460 55.95 -14.45 -38.97
C LYS D 460 55.47 -13.01 -38.77
N GLU D 461 55.45 -12.24 -39.86
CA GLU D 461 55.04 -10.85 -39.83
C GLU D 461 53.78 -10.70 -40.69
N ILE D 462 52.84 -9.87 -40.21
CA ILE D 462 51.58 -9.64 -40.89
C ILE D 462 51.78 -8.45 -41.83
N ARG D 463 51.99 -8.74 -43.11
CA ARG D 463 52.34 -7.72 -44.09
C ARG D 463 51.09 -7.25 -44.83
N GLU D 464 50.95 -5.93 -44.98
CA GLU D 464 49.86 -5.33 -45.73
C GLU D 464 50.15 -5.47 -47.22
N PHE D 465 49.08 -5.54 -48.03
CA PHE D 465 49.21 -5.67 -49.47
C PHE D 465 48.11 -4.85 -50.16
N THR D 466 48.27 -4.68 -51.48
CA THR D 466 47.28 -4.01 -52.30
C THR D 466 47.02 -4.87 -53.54
N ILE D 467 45.82 -4.71 -54.12
CA ILE D 467 45.47 -5.43 -55.34
C ILE D 467 45.36 -4.43 -56.47
N SER D 468 45.88 -4.84 -57.65
CA SER D 468 45.86 -4.00 -58.84
C SER D 468 45.63 -4.88 -60.06
N GLY D 469 45.78 -4.30 -61.26
CA GLY D 469 45.66 -5.03 -62.50
C GLY D 469 46.88 -5.89 -62.80
N LYS D 470 47.91 -5.79 -61.94
CA LYS D 470 49.10 -6.61 -62.07
C LYS D 470 49.17 -7.64 -60.92
N GLY D 471 48.03 -7.91 -60.29
CA GLY D 471 47.93 -8.93 -59.26
C GLY D 471 48.07 -8.34 -57.86
N MET D 472 48.81 -9.05 -56.99
CA MET D 472 49.07 -8.61 -55.63
C MET D 472 50.37 -7.79 -55.59
N HIS D 473 50.46 -6.90 -54.60
CA HIS D 473 51.71 -6.25 -54.25
C HIS D 473 51.82 -6.18 -52.73
N ILE D 474 52.70 -7.02 -52.17
CA ILE D 474 52.89 -7.09 -50.73
C ILE D 474 53.93 -6.03 -50.34
N GLY D 475 53.65 -5.33 -49.23
CA GLY D 475 54.55 -4.29 -48.74
C GLY D 475 54.01 -3.63 -47.49
N ILE E 12 -27.71 -28.93 -29.65
CA ILE E 12 -27.53 -30.12 -28.77
C ILE E 12 -27.37 -29.65 -27.33
N GLU E 13 -28.14 -30.26 -26.42
CA GLU E 13 -28.11 -29.93 -25.01
C GLU E 13 -26.96 -30.69 -24.35
N LYS E 14 -26.49 -30.17 -23.21
CA LYS E 14 -25.40 -30.77 -22.46
C LYS E 14 -25.81 -30.88 -20.99
N LEU E 15 -25.34 -31.96 -20.34
CA LEU E 15 -25.68 -32.24 -18.96
C LEU E 15 -24.43 -32.13 -18.09
N PRO E 16 -24.33 -31.11 -17.20
CA PRO E 16 -23.17 -30.95 -16.32
C PRO E 16 -22.71 -32.26 -15.69
N THR E 17 -21.46 -32.63 -15.96
CA THR E 17 -20.90 -33.87 -15.48
C THR E 17 -20.69 -33.80 -13.97
N GLY E 18 -20.26 -32.62 -13.48
CA GLY E 18 -19.94 -32.42 -12.08
C GLY E 18 -18.45 -32.63 -11.81
N ILE E 19 -17.70 -32.97 -12.87
CA ILE E 19 -16.26 -33.13 -12.79
C ILE E 19 -15.61 -31.76 -12.95
N GLU E 20 -14.69 -31.44 -12.03
CA GLU E 20 -14.04 -30.14 -12.00
C GLU E 20 -13.20 -29.97 -13.26
N GLY E 21 -13.60 -29.01 -14.11
CA GLY E 21 -12.82 -28.62 -15.28
C GLY E 21 -13.39 -29.15 -16.58
N PHE E 22 -14.13 -30.27 -16.53
CA PHE E 22 -14.66 -30.89 -17.73
C PHE E 22 -15.75 -30.03 -18.34
N ASP E 23 -16.65 -29.51 -17.49
CA ASP E 23 -17.78 -28.71 -17.95
C ASP E 23 -17.30 -27.42 -18.59
N ASP E 24 -16.09 -26.99 -18.21
CA ASP E 24 -15.44 -25.84 -18.84
C ASP E 24 -14.99 -26.21 -20.25
N ILE E 25 -14.18 -27.28 -20.34
CA ILE E 25 -13.60 -27.74 -21.60
C ILE E 25 -14.70 -28.23 -22.54
N SER E 26 -15.74 -28.86 -21.95
CA SER E 26 -16.82 -29.47 -22.71
C SER E 26 -17.87 -28.43 -23.10
N HIS E 27 -17.73 -27.19 -22.62
CA HIS E 27 -18.63 -26.10 -22.95
C HIS E 27 -20.06 -26.49 -22.56
N GLY E 28 -20.25 -26.88 -21.30
CA GLY E 28 -21.57 -27.21 -20.77
C GLY E 28 -21.59 -28.58 -20.10
N GLY E 29 -21.04 -29.59 -20.79
CA GLY E 29 -21.10 -30.96 -20.35
C GLY E 29 -21.09 -31.94 -21.52
N LEU E 30 -21.71 -33.12 -21.31
CA LEU E 30 -21.77 -34.15 -22.32
C LEU E 30 -23.11 -34.03 -23.07
N PRO E 31 -23.10 -34.05 -24.43
CA PRO E 31 -24.33 -34.08 -25.21
C PRO E 31 -25.43 -34.94 -24.60
N LYS E 32 -26.44 -34.27 -24.03
CA LYS E 32 -27.51 -34.92 -23.28
C LYS E 32 -28.37 -35.75 -24.23
N GLY E 33 -28.64 -36.99 -23.82
CA GLY E 33 -29.41 -37.93 -24.62
C GLY E 33 -28.57 -38.61 -25.71
N ARG E 34 -27.25 -38.38 -25.66
CA ARG E 34 -26.32 -38.97 -26.60
C ARG E 34 -25.16 -39.61 -25.84
N THR E 35 -24.59 -40.67 -26.42
CA THR E 35 -23.51 -41.42 -25.79
C THR E 35 -22.18 -40.77 -26.12
N THR E 36 -21.24 -40.82 -25.16
CA THR E 36 -19.89 -40.35 -25.36
C THR E 36 -18.91 -41.49 -25.06
N LEU E 37 -17.84 -41.56 -25.85
CA LEU E 37 -16.83 -42.60 -25.70
C LEU E 37 -15.64 -42.04 -24.93
N VAL E 38 -15.37 -42.62 -23.76
CA VAL E 38 -14.20 -42.24 -22.97
C VAL E 38 -13.11 -43.29 -23.21
N ALA E 39 -12.34 -43.09 -24.28
CA ALA E 39 -11.28 -44.00 -24.67
C ALA E 39 -9.99 -43.66 -23.92
N GLY E 40 -9.19 -44.69 -23.62
CA GLY E 40 -7.92 -44.51 -22.94
C GLY E 40 -7.21 -45.84 -22.71
N THR E 41 -5.90 -45.76 -22.45
CA THR E 41 -5.09 -46.94 -22.14
C THR E 41 -5.30 -47.30 -20.67
N PRO E 42 -4.99 -48.55 -20.24
CA PRO E 42 -5.10 -48.93 -18.84
C PRO E 42 -4.38 -47.98 -17.89
N GLY E 43 -5.09 -47.55 -16.84
CA GLY E 43 -4.53 -46.68 -15.81
C GLY E 43 -4.61 -45.20 -16.17
N THR E 44 -5.63 -44.84 -16.95
CA THR E 44 -5.86 -43.45 -17.34
C THR E 44 -6.84 -42.78 -16.36
N GLY E 45 -7.97 -43.46 -16.11
CA GLY E 45 -9.00 -42.95 -15.23
C GLY E 45 -10.40 -43.06 -15.82
N LYS E 46 -10.62 -44.11 -16.63
CA LYS E 46 -11.88 -44.32 -17.32
C LYS E 46 -12.95 -44.74 -16.32
N THR E 47 -12.62 -45.73 -15.48
CA THR E 47 -13.55 -46.27 -14.50
C THR E 47 -13.96 -45.18 -13.51
N VAL E 48 -13.00 -44.32 -13.14
CA VAL E 48 -13.25 -43.27 -12.16
C VAL E 48 -14.11 -42.17 -12.77
N PHE E 49 -13.75 -41.73 -13.98
CA PHE E 49 -14.46 -40.66 -14.67
C PHE E 49 -15.94 -41.01 -14.82
N ALA E 50 -16.21 -42.29 -15.10
CA ALA E 50 -17.57 -42.78 -15.30
C ALA E 50 -18.37 -42.68 -14.01
N MET E 51 -17.73 -43.04 -12.88
CA MET E 51 -18.40 -43.03 -11.58
C MET E 51 -18.70 -41.58 -11.17
N GLN E 52 -17.72 -40.68 -11.37
CA GLN E 52 -17.90 -39.26 -11.06
C GLN E 52 -19.18 -38.75 -11.72
N PHE E 53 -19.36 -39.12 -12.99
CA PHE E 53 -20.52 -38.69 -13.77
C PHE E 53 -21.81 -39.14 -13.08
N LEU E 54 -21.95 -40.46 -12.88
CA LEU E 54 -23.12 -41.03 -12.24
C LEU E 54 -23.25 -40.51 -10.81
N TYR E 55 -22.11 -40.28 -10.15
CA TYR E 55 -22.11 -39.83 -8.76
C TYR E 55 -22.62 -38.40 -8.67
N HIS E 56 -21.79 -37.44 -9.14
CA HIS E 56 -22.08 -36.02 -9.00
C HIS E 56 -23.52 -35.72 -9.38
N GLY E 57 -23.95 -36.26 -10.53
CA GLY E 57 -25.31 -36.12 -11.01
C GLY E 57 -26.33 -36.40 -9.92
N ILE E 58 -26.25 -37.60 -9.33
CA ILE E 58 -27.19 -38.04 -8.31
C ILE E 58 -27.25 -37.03 -7.16
N LYS E 59 -26.08 -36.62 -6.67
CA LYS E 59 -25.98 -35.73 -5.51
C LYS E 59 -26.43 -34.33 -5.90
N ARG E 60 -25.93 -33.82 -7.03
CA ARG E 60 -26.17 -32.45 -7.45
C ARG E 60 -27.62 -32.27 -7.90
N PHE E 61 -28.16 -33.27 -8.60
CA PHE E 61 -29.52 -33.22 -9.12
C PHE E 61 -30.04 -34.63 -9.33
N ASP E 62 -30.94 -35.06 -8.44
CA ASP E 62 -31.39 -36.45 -8.37
C ASP E 62 -31.63 -37.00 -9.77
N GLU E 63 -30.56 -37.50 -10.39
CA GLU E 63 -30.61 -38.13 -11.70
C GLU E 63 -30.07 -39.55 -11.58
N PRO E 64 -30.95 -40.56 -11.34
CA PRO E 64 -30.51 -41.95 -11.18
C PRO E 64 -29.61 -42.43 -12.30
N GLY E 65 -28.67 -43.33 -11.96
CA GLY E 65 -27.71 -43.85 -12.92
C GLY E 65 -27.44 -45.33 -12.69
N VAL E 66 -27.10 -46.04 -13.78
CA VAL E 66 -26.80 -47.46 -13.72
C VAL E 66 -25.38 -47.69 -14.26
N PHE E 67 -24.49 -48.13 -13.38
CA PHE E 67 -23.16 -48.56 -13.76
C PHE E 67 -23.22 -50.05 -14.12
N VAL E 68 -22.65 -50.42 -15.27
CA VAL E 68 -22.48 -51.83 -15.62
C VAL E 68 -20.99 -52.10 -15.74
N THR E 69 -20.59 -53.33 -15.37
CA THR E 69 -19.19 -53.71 -15.34
C THR E 69 -19.03 -55.08 -16.01
N PHE E 70 -18.36 -55.09 -17.17
CA PHE E 70 -18.05 -56.31 -17.88
C PHE E 70 -16.65 -56.81 -17.51
N GLU E 71 -15.97 -56.10 -16.60
CA GLU E 71 -14.60 -56.42 -16.23
C GLU E 71 -14.53 -56.68 -14.72
N GLU E 72 -14.68 -55.61 -13.93
CA GLU E 72 -14.56 -55.66 -12.48
C GLU E 72 -15.88 -56.17 -11.90
N SER E 73 -15.95 -56.22 -10.56
CA SER E 73 -17.17 -56.63 -9.87
C SER E 73 -17.54 -55.61 -8.81
N PRO E 74 -18.85 -55.33 -8.60
CA PRO E 74 -19.30 -54.23 -7.73
C PRO E 74 -18.64 -54.19 -6.35
N ASP E 75 -18.47 -55.37 -5.74
CA ASP E 75 -17.86 -55.46 -4.42
C ASP E 75 -16.47 -54.82 -4.44
N ASP E 76 -15.77 -54.93 -5.57
CA ASP E 76 -14.46 -54.32 -5.75
C ASP E 76 -14.62 -52.84 -6.07
N ILE E 77 -15.52 -52.52 -6.99
CA ILE E 77 -15.69 -51.15 -7.49
C ILE E 77 -16.00 -50.22 -6.32
N LEU E 78 -16.92 -50.64 -5.46
CA LEU E 78 -17.36 -49.85 -4.31
C LEU E 78 -16.16 -49.53 -3.41
N ARG E 79 -15.27 -50.51 -3.23
CA ARG E 79 -14.15 -50.38 -2.31
C ARG E 79 -13.05 -49.52 -2.95
N ASN E 80 -12.92 -49.61 -4.28
CA ASN E 80 -11.91 -48.85 -5.02
C ASN E 80 -12.24 -47.36 -4.98
N MET E 81 -13.52 -47.02 -4.87
CA MET E 81 -13.98 -45.65 -4.92
C MET E 81 -14.35 -45.12 -3.54
N ALA E 82 -14.00 -45.89 -2.49
CA ALA E 82 -14.35 -45.53 -1.12
C ALA E 82 -13.46 -44.42 -0.60
N SER E 83 -12.21 -44.38 -1.07
CA SER E 83 -11.23 -43.41 -0.61
C SER E 83 -11.64 -42.00 -1.03
N PHE E 84 -12.30 -41.88 -2.19
CA PHE E 84 -12.72 -40.59 -2.72
C PHE E 84 -13.74 -39.93 -1.80
N GLY E 85 -14.47 -40.75 -1.03
CA GLY E 85 -15.43 -40.25 -0.06
C GLY E 85 -16.83 -40.13 -0.65
N TRP E 86 -17.20 -41.12 -1.47
CA TRP E 86 -18.52 -41.18 -2.08
C TRP E 86 -19.29 -42.35 -1.47
N ASP E 87 -20.21 -42.05 -0.56
CA ASP E 87 -21.03 -43.08 0.08
C ASP E 87 -21.93 -43.73 -0.96
N LEU E 88 -21.40 -44.76 -1.64
CA LEU E 88 -22.04 -45.37 -2.79
C LEU E 88 -23.00 -46.48 -2.36
N GLN E 89 -22.77 -47.04 -1.16
CA GLN E 89 -23.66 -48.05 -0.61
C GLN E 89 -25.04 -47.45 -0.40
N LYS E 90 -25.09 -46.26 0.20
CA LYS E 90 -26.33 -45.55 0.46
C LYS E 90 -27.15 -45.39 -0.82
N LEU E 91 -26.45 -45.09 -1.93
CA LEU E 91 -27.08 -44.92 -3.23
C LEU E 91 -27.69 -46.25 -3.68
N VAL E 92 -26.98 -47.34 -3.41
CA VAL E 92 -27.42 -48.68 -3.79
C VAL E 92 -28.71 -49.03 -3.05
N GLU E 93 -28.78 -48.66 -1.76
CA GLU E 93 -29.93 -48.98 -0.93
C GLU E 93 -31.12 -48.11 -1.32
N GLU E 94 -30.89 -46.79 -1.43
CA GLU E 94 -31.94 -45.84 -1.76
C GLU E 94 -32.31 -45.97 -3.24
N GLY E 95 -31.49 -46.68 -4.00
CA GLY E 95 -31.79 -46.99 -5.39
C GLY E 95 -31.40 -45.87 -6.35
N LYS E 96 -30.41 -45.06 -5.93
CA LYS E 96 -29.89 -43.97 -6.74
C LYS E 96 -28.90 -44.53 -7.76
N LEU E 97 -28.11 -45.53 -7.35
CA LEU E 97 -27.09 -46.13 -8.18
C LEU E 97 -27.32 -47.64 -8.29
N ALA E 98 -26.92 -48.22 -9.42
CA ALA E 98 -27.00 -49.65 -9.64
C ALA E 98 -25.64 -50.16 -10.15
N ILE E 99 -25.48 -51.48 -10.15
CA ILE E 99 -24.23 -52.12 -10.55
C ILE E 99 -24.56 -53.50 -11.14
N VAL E 100 -24.79 -53.54 -12.46
CA VAL E 100 -25.14 -54.78 -13.14
C VAL E 100 -23.86 -55.51 -13.51
N ASP E 101 -23.59 -56.62 -12.82
CA ASP E 101 -22.38 -57.40 -13.03
C ASP E 101 -22.53 -58.22 -14.31
N ALA E 102 -21.93 -57.74 -15.40
CA ALA E 102 -21.86 -58.48 -16.65
C ALA E 102 -20.47 -59.09 -16.82
N SER E 103 -19.67 -59.07 -15.75
CA SER E 103 -18.34 -59.67 -15.77
C SER E 103 -18.48 -61.19 -15.83
N PRO E 104 -17.70 -61.88 -16.70
CA PRO E 104 -17.81 -63.34 -16.84
C PRO E 104 -17.70 -64.07 -15.50
N ASP E 105 -18.51 -65.12 -15.34
CA ASP E 105 -18.50 -65.92 -14.13
C ASP E 105 -17.16 -66.65 -14.03
N PRO E 106 -16.40 -66.47 -12.91
CA PRO E 106 -15.13 -67.16 -12.73
C PRO E 106 -15.18 -68.67 -13.03
N PHE E 115 -23.25 -66.50 -24.95
CA PHE E 115 -24.47 -66.47 -24.11
C PHE E 115 -24.60 -65.11 -23.44
N ASP E 116 -25.84 -64.70 -23.17
CA ASP E 116 -26.16 -63.39 -22.61
C ASP E 116 -25.79 -62.31 -23.63
N LEU E 117 -25.94 -62.62 -24.92
CA LEU E 117 -25.86 -61.62 -25.98
C LEU E 117 -27.05 -60.68 -25.84
N SER E 118 -28.25 -61.26 -25.89
CA SER E 118 -29.48 -60.53 -25.61
C SER E 118 -29.72 -60.48 -24.10
N GLY E 119 -29.43 -61.59 -23.42
CA GLY E 119 -29.71 -61.75 -22.00
C GLY E 119 -29.18 -60.60 -21.14
N LEU E 120 -27.88 -60.33 -21.27
CA LEU E 120 -27.21 -59.35 -20.43
C LEU E 120 -27.71 -57.94 -20.76
N LEU E 121 -27.84 -57.64 -22.06
CA LEU E 121 -28.27 -56.33 -22.52
C LEU E 121 -29.74 -56.10 -22.14
N ALA E 122 -30.55 -57.16 -22.23
CA ALA E 122 -31.95 -57.10 -21.85
C ALA E 122 -32.09 -56.81 -20.35
N ARG E 123 -31.17 -57.37 -19.56
CA ARG E 123 -31.12 -57.13 -18.13
C ARG E 123 -30.74 -55.67 -17.87
N ILE E 124 -29.85 -55.13 -18.72
CA ILE E 124 -29.39 -53.76 -18.59
C ILE E 124 -30.54 -52.80 -18.89
N ASN E 125 -31.32 -53.09 -19.94
CA ASN E 125 -32.44 -52.27 -20.34
C ASN E 125 -33.46 -52.17 -19.21
N HIS E 126 -33.67 -53.29 -18.50
CA HIS E 126 -34.66 -53.37 -17.44
C HIS E 126 -34.28 -52.44 -16.28
N ALA E 127 -32.99 -52.47 -15.89
CA ALA E 127 -32.49 -51.68 -14.78
C ALA E 127 -32.69 -50.20 -15.05
N ILE E 128 -32.45 -49.77 -16.31
CA ILE E 128 -32.62 -48.38 -16.71
C ILE E 128 -34.08 -47.97 -16.53
N ARG E 129 -35.00 -48.84 -16.97
CA ARG E 129 -36.43 -48.59 -16.87
C ARG E 129 -36.86 -48.60 -15.41
N LYS E 130 -36.26 -49.48 -14.61
CA LYS E 130 -36.64 -49.69 -13.22
C LYS E 130 -36.28 -48.46 -12.38
N TYR E 131 -34.98 -48.16 -12.29
CA TYR E 131 -34.48 -47.08 -11.47
C TYR E 131 -34.77 -45.73 -12.14
N LYS E 132 -35.30 -45.77 -13.37
CA LYS E 132 -35.62 -44.57 -14.12
C LYS E 132 -34.35 -43.74 -14.28
N ALA E 133 -33.29 -44.39 -14.79
CA ALA E 133 -31.97 -43.80 -14.85
C ALA E 133 -31.88 -42.83 -16.02
N LYS E 134 -31.21 -41.68 -15.76
CA LYS E 134 -30.94 -40.70 -16.78
C LYS E 134 -29.50 -40.86 -17.29
N ARG E 135 -28.59 -41.24 -16.38
CA ARG E 135 -27.20 -41.48 -16.71
C ARG E 135 -26.95 -42.99 -16.74
N VAL E 136 -25.88 -43.39 -17.42
CA VAL E 136 -25.56 -44.81 -17.58
C VAL E 136 -24.09 -44.94 -17.99
N VAL E 137 -23.49 -46.08 -17.64
CA VAL E 137 -22.08 -46.34 -17.92
C VAL E 137 -21.93 -47.78 -18.40
N ILE E 138 -21.18 -47.96 -19.49
CA ILE E 138 -20.78 -49.28 -19.97
C ILE E 138 -19.28 -49.40 -19.84
N ASP E 139 -18.83 -49.95 -18.69
CA ASP E 139 -17.41 -50.02 -18.38
C ASP E 139 -16.77 -51.09 -19.24
N SER E 140 -15.94 -50.63 -20.20
CA SER E 140 -15.23 -51.48 -21.15
C SER E 140 -16.22 -52.11 -22.13
N ILE E 141 -16.52 -51.35 -23.21
CA ILE E 141 -17.25 -51.88 -24.35
C ILE E 141 -16.31 -52.80 -25.14
N THR E 142 -14.99 -52.64 -24.92
CA THR E 142 -13.99 -53.51 -25.52
C THR E 142 -14.08 -54.91 -24.92
N ALA E 143 -14.09 -54.98 -23.58
CA ALA E 143 -14.13 -56.25 -22.86
C ALA E 143 -15.15 -57.20 -23.49
N ILE E 144 -16.32 -56.67 -23.84
CA ILE E 144 -17.40 -57.45 -24.44
C ILE E 144 -16.86 -58.26 -25.61
N PHE E 145 -16.07 -57.62 -26.49
CA PHE E 145 -15.50 -58.28 -27.65
C PHE E 145 -14.61 -59.44 -27.23
N GLN E 146 -13.80 -59.21 -26.19
CA GLN E 146 -12.90 -60.22 -25.65
C GLN E 146 -13.70 -61.29 -24.92
N GLN E 147 -14.75 -60.86 -24.19
CA GLN E 147 -15.59 -61.74 -23.40
C GLN E 147 -16.78 -62.22 -24.22
N PHE E 148 -16.49 -62.71 -25.44
CA PHE E 148 -17.52 -63.19 -26.35
C PHE E 148 -16.87 -64.18 -27.32
N ASP E 149 -17.38 -64.22 -28.56
CA ASP E 149 -16.83 -65.08 -29.59
C ASP E 149 -16.84 -64.36 -30.94
N ASP E 150 -18.05 -64.19 -31.49
CA ASP E 150 -18.21 -63.53 -32.78
C ASP E 150 -18.19 -62.02 -32.57
N ALA E 151 -17.86 -61.28 -33.64
CA ALA E 151 -17.89 -59.83 -33.63
C ALA E 151 -19.31 -59.33 -33.86
N SER E 152 -20.30 -60.24 -33.75
CA SER E 152 -21.71 -59.88 -33.73
C SER E 152 -22.01 -58.83 -32.67
N THR E 153 -21.16 -58.77 -31.64
CA THR E 153 -21.22 -57.73 -30.61
C THR E 153 -21.38 -56.34 -31.23
N VAL E 154 -20.69 -56.12 -32.37
CA VAL E 154 -20.80 -54.87 -33.11
C VAL E 154 -22.27 -54.52 -33.34
N ARG E 155 -23.04 -55.50 -33.82
CA ARG E 155 -24.46 -55.32 -34.06
C ARG E 155 -25.16 -54.94 -32.74
N ARG E 156 -24.95 -55.76 -31.70
CA ARG E 156 -25.61 -55.59 -30.41
C ARG E 156 -25.22 -54.27 -29.76
N GLU E 157 -24.03 -53.75 -30.10
CA GLU E 157 -23.53 -52.49 -29.56
C GLU E 157 -24.12 -51.31 -30.32
N LEU E 158 -24.14 -51.41 -31.66
CA LEU E 158 -24.78 -50.41 -32.50
C LEU E 158 -26.29 -50.59 -32.45
N PHE E 159 -26.73 -51.59 -31.69
CA PHE E 159 -28.14 -51.91 -31.48
C PHE E 159 -28.73 -50.98 -30.42
N ARG E 160 -29.91 -51.35 -29.91
CA ARG E 160 -30.52 -50.82 -28.70
C ARG E 160 -29.48 -50.12 -27.81
N LEU E 161 -28.40 -50.84 -27.49
CA LEU E 161 -27.35 -50.33 -26.60
C LEU E 161 -27.19 -48.83 -26.77
N VAL E 162 -27.08 -48.37 -28.03
CA VAL E 162 -26.95 -46.96 -28.35
C VAL E 162 -28.31 -46.40 -28.78
N ALA E 163 -28.98 -47.11 -29.69
CA ALA E 163 -30.21 -46.64 -30.31
C ALA E 163 -31.32 -46.49 -29.27
N ARG E 164 -31.59 -47.56 -28.54
CA ARG E 164 -32.62 -47.60 -27.50
C ARG E 164 -32.26 -46.65 -26.38
N LEU E 165 -30.95 -46.47 -26.14
CA LEU E 165 -30.46 -45.49 -25.18
C LEU E 165 -30.89 -44.09 -25.60
N LYS E 166 -30.79 -43.80 -26.91
CA LYS E 166 -31.24 -42.54 -27.47
C LYS E 166 -32.76 -42.44 -27.36
N ARG E 167 -33.45 -43.55 -27.65
CA ARG E 167 -34.90 -43.62 -27.56
C ARG E 167 -35.35 -43.47 -26.10
N MET E 168 -34.59 -44.08 -25.18
CA MET E 168 -34.89 -44.01 -23.76
C MET E 168 -34.55 -42.63 -23.23
N GLY E 169 -33.63 -41.93 -23.90
CA GLY E 169 -33.28 -40.56 -23.55
C GLY E 169 -32.35 -40.52 -22.34
N VAL E 170 -31.21 -41.20 -22.46
CA VAL E 170 -30.24 -41.30 -21.38
C VAL E 170 -28.87 -40.94 -21.92
N THR E 171 -28.11 -40.17 -21.12
CA THR E 171 -26.75 -39.78 -21.47
C THR E 171 -25.79 -40.87 -21.00
N THR E 172 -25.23 -41.61 -21.97
CA THR E 172 -24.47 -42.81 -21.67
C THR E 172 -22.97 -42.54 -21.81
N ILE E 173 -22.16 -43.32 -21.07
CA ILE E 173 -20.71 -43.29 -21.20
C ILE E 173 -20.24 -44.72 -21.48
N MET E 174 -19.75 -44.94 -22.70
CA MET E 174 -19.21 -46.24 -23.09
C MET E 174 -17.68 -46.18 -23.05
N THR E 175 -17.11 -46.67 -21.95
CA THR E 175 -15.67 -46.71 -21.76
C THR E 175 -15.06 -47.73 -22.71
N ALA E 176 -13.85 -47.44 -23.20
CA ALA E 176 -13.14 -48.32 -24.13
C ALA E 176 -11.64 -48.23 -23.89
N GLU E 177 -10.94 -49.33 -24.16
CA GLU E 177 -9.49 -49.42 -23.98
C GLU E 177 -8.79 -49.03 -25.29
N ARG E 178 -7.54 -48.59 -25.16
CA ARG E 178 -6.67 -48.30 -26.30
C ARG E 178 -5.34 -49.03 -26.09
N THR E 179 -4.55 -49.11 -27.17
CA THR E 179 -3.24 -49.77 -27.12
C THR E 179 -2.16 -48.75 -26.80
N GLU E 180 -2.04 -47.72 -27.64
CA GLU E 180 -1.03 -46.68 -27.49
C GLU E 180 -1.71 -45.35 -27.19
N GLU E 181 -0.92 -44.39 -26.70
CA GLU E 181 -1.42 -43.10 -26.27
C GLU E 181 -1.72 -42.23 -27.49
N TYR E 182 -0.80 -42.23 -28.45
CA TYR E 182 -0.95 -41.47 -29.68
C TYR E 182 -1.09 -42.43 -30.86
N GLY E 183 -2.18 -43.22 -30.83
CA GLY E 183 -2.48 -44.17 -31.89
C GLY E 183 -3.98 -44.15 -32.23
N PRO E 184 -4.58 -45.31 -32.58
CA PRO E 184 -6.01 -45.38 -32.87
C PRO E 184 -6.87 -44.92 -31.70
N ILE E 185 -8.10 -44.51 -32.00
CA ILE E 185 -9.00 -43.94 -31.01
C ILE E 185 -9.49 -45.06 -30.09
N ALA E 186 -9.59 -46.28 -30.63
CA ALA E 186 -10.03 -47.43 -29.87
C ALA E 186 -9.45 -48.71 -30.47
N ARG E 187 -9.68 -49.84 -29.79
CA ARG E 187 -9.07 -51.11 -30.16
C ARG E 187 -9.84 -51.75 -31.31
N TYR E 188 -11.04 -52.25 -31.02
CA TYR E 188 -11.78 -53.09 -31.97
C TYR E 188 -12.71 -52.24 -32.83
N GLY E 189 -12.21 -51.09 -33.28
CA GLY E 189 -13.02 -50.14 -34.03
C GLY E 189 -14.33 -49.80 -33.30
N VAL E 190 -14.23 -49.58 -31.99
CA VAL E 190 -15.39 -49.26 -31.16
C VAL E 190 -15.94 -47.90 -31.57
N GLU E 191 -15.05 -47.04 -32.08
CA GLU E 191 -15.42 -45.72 -32.57
C GLU E 191 -16.50 -45.83 -33.65
N GLU E 192 -16.38 -46.85 -34.51
CA GLU E 192 -17.30 -47.05 -35.63
C GLU E 192 -18.76 -47.03 -35.17
N PHE E 193 -19.00 -47.49 -33.93
CA PHE E 193 -20.34 -47.55 -33.38
C PHE E 193 -20.63 -46.27 -32.60
N VAL E 194 -19.78 -45.99 -31.61
CA VAL E 194 -19.92 -44.81 -30.76
C VAL E 194 -19.14 -43.66 -31.40
N ALA E 195 -19.67 -43.16 -32.53
CA ALA E 195 -18.92 -42.27 -33.41
C ALA E 195 -19.41 -40.83 -33.30
N ASP E 196 -20.22 -40.53 -32.28
CA ASP E 196 -20.89 -39.25 -32.19
C ASP E 196 -20.05 -38.30 -31.33
N ASN E 197 -19.76 -38.72 -30.10
CA ASN E 197 -18.97 -37.94 -29.16
C ASN E 197 -17.86 -38.82 -28.62
N VAL E 198 -16.63 -38.29 -28.58
CA VAL E 198 -15.48 -39.06 -28.12
C VAL E 198 -14.61 -38.20 -27.20
N VAL E 199 -14.07 -38.84 -26.17
CA VAL E 199 -13.15 -38.22 -25.22
C VAL E 199 -11.96 -39.16 -25.04
N ILE E 200 -10.74 -38.62 -25.13
CA ILE E 200 -9.53 -39.42 -25.06
C ILE E 200 -8.77 -39.06 -23.79
N LEU E 201 -8.55 -40.06 -22.93
CA LEU E 201 -7.66 -39.93 -21.78
C LEU E 201 -6.32 -40.56 -22.14
N ARG E 202 -5.24 -40.02 -21.55
CA ARG E 202 -3.89 -40.43 -21.90
C ARG E 202 -3.00 -40.44 -20.67
N ASN E 203 -1.99 -41.33 -20.70
CA ASN E 203 -0.88 -41.33 -19.75
C ASN E 203 0.40 -41.39 -20.58
N VAL E 204 0.97 -40.22 -20.86
CA VAL E 204 1.83 -40.03 -22.02
C VAL E 204 3.24 -40.55 -21.76
N LEU E 205 3.61 -40.71 -20.49
CA LEU E 205 4.99 -40.96 -20.09
C LEU E 205 5.84 -39.77 -20.55
N GLU E 206 6.79 -39.99 -21.47
CA GLU E 206 7.73 -38.95 -21.87
C GLU E 206 8.67 -38.64 -20.70
N GLY E 207 9.99 -38.76 -20.95
CA GLY E 207 10.97 -38.74 -19.88
C GLY E 207 10.91 -40.00 -19.04
N GLU E 208 11.06 -39.86 -17.71
CA GLU E 208 10.82 -40.94 -16.78
C GLU E 208 9.69 -40.52 -15.83
N ARG E 209 8.84 -39.60 -16.31
CA ARG E 209 7.64 -39.18 -15.62
C ARG E 209 6.44 -39.39 -16.54
N ARG E 210 5.23 -39.29 -15.98
CA ARG E 210 4.02 -39.61 -16.72
C ARG E 210 3.04 -38.43 -16.60
N ARG E 211 2.30 -38.19 -17.68
CA ARG E 211 1.45 -37.01 -17.82
C ARG E 211 0.02 -37.45 -18.14
N ARG E 212 -0.91 -37.15 -17.22
CA ARG E 212 -2.32 -37.39 -17.45
C ARG E 212 -2.93 -36.19 -18.17
N THR E 213 -3.52 -36.43 -19.34
CA THR E 213 -4.17 -35.39 -20.13
C THR E 213 -5.50 -35.89 -20.67
N ILE E 214 -6.46 -34.95 -20.82
CA ILE E 214 -7.79 -35.25 -21.30
C ILE E 214 -8.07 -34.40 -22.54
N GLU E 215 -8.63 -35.02 -23.57
CA GLU E 215 -8.93 -34.36 -24.83
C GLU E 215 -10.34 -34.73 -25.29
N ILE E 216 -11.10 -33.73 -25.75
CA ILE E 216 -12.37 -33.93 -26.42
C ILE E 216 -12.14 -33.73 -27.92
N LEU E 217 -12.13 -34.85 -28.67
CA LEU E 217 -11.79 -34.82 -30.08
C LEU E 217 -13.00 -34.40 -30.90
N LYS E 218 -14.21 -34.78 -30.45
CA LYS E 218 -15.41 -34.59 -31.24
C LYS E 218 -16.64 -34.52 -30.35
N PHE E 219 -17.43 -33.44 -30.55
CA PHE E 219 -18.76 -33.29 -29.99
C PHE E 219 -19.71 -32.96 -31.13
N ARG E 220 -20.00 -33.97 -31.96
CA ARG E 220 -20.85 -33.82 -33.15
C ARG E 220 -22.08 -33.01 -32.77
N GLY E 221 -22.17 -31.77 -33.29
CA GLY E 221 -23.32 -30.90 -33.09
C GLY E 221 -23.00 -29.68 -32.23
N THR E 222 -22.07 -29.83 -31.28
CA THR E 222 -21.72 -28.76 -30.35
C THR E 222 -20.23 -28.43 -30.49
N SER E 223 -19.80 -27.41 -29.74
CA SER E 223 -18.40 -27.01 -29.69
C SER E 223 -17.75 -27.50 -28.40
N HIS E 224 -16.42 -27.37 -28.34
CA HIS E 224 -15.66 -27.76 -27.16
C HIS E 224 -14.26 -27.15 -27.26
N GLN E 225 -13.55 -27.09 -26.12
CA GLN E 225 -12.16 -26.65 -26.12
C GLN E 225 -11.31 -27.76 -26.73
N LYS E 226 -10.63 -27.42 -27.83
CA LYS E 226 -9.88 -28.38 -28.63
C LYS E 226 -8.51 -28.60 -27.98
N GLY E 227 -8.03 -29.85 -27.99
CA GLY E 227 -6.69 -30.18 -27.56
C GLY E 227 -6.67 -30.94 -26.23
N GLU E 228 -5.44 -31.21 -25.74
CA GLU E 228 -5.24 -31.91 -24.48
C GLU E 228 -5.27 -30.91 -23.33
N PHE E 229 -5.70 -31.40 -22.15
CA PHE E 229 -5.74 -30.59 -20.94
C PHE E 229 -5.31 -31.46 -19.76
N PRO E 230 -4.44 -30.96 -18.85
CA PRO E 230 -3.97 -31.75 -17.71
C PRO E 230 -5.09 -32.12 -16.73
N PHE E 231 -5.02 -33.32 -16.18
CA PHE E 231 -5.92 -33.73 -15.10
C PHE E 231 -5.16 -34.61 -14.11
N THR E 232 -5.77 -34.85 -12.95
CA THR E 232 -5.12 -35.52 -11.83
C THR E 232 -6.17 -36.21 -10.97
N ILE E 233 -5.89 -37.47 -10.60
CA ILE E 233 -6.77 -38.21 -9.71
C ILE E 233 -6.22 -38.10 -8.28
N THR E 234 -6.82 -37.19 -7.50
CA THR E 234 -6.48 -37.00 -6.10
C THR E 234 -7.28 -38.00 -5.27
N PRO E 235 -6.69 -38.59 -4.20
CA PRO E 235 -7.34 -39.65 -3.44
C PRO E 235 -8.60 -39.23 -2.70
N GLY E 236 -8.72 -37.93 -2.41
CA GLY E 236 -9.90 -37.38 -1.76
C GLY E 236 -10.60 -36.34 -2.63
N GLU E 237 -11.00 -36.75 -3.85
CA GLU E 237 -11.69 -35.88 -4.79
C GLU E 237 -11.89 -36.61 -6.11
N GLY E 238 -10.81 -37.19 -6.64
CA GLY E 238 -10.83 -37.88 -7.92
C GLY E 238 -10.31 -37.00 -9.04
N ILE E 239 -10.89 -37.15 -10.24
CA ILE E 239 -10.46 -36.43 -11.42
C ILE E 239 -10.65 -34.93 -11.18
N SER E 240 -9.53 -34.20 -11.19
CA SER E 240 -9.53 -32.76 -11.03
C SER E 240 -8.87 -32.12 -12.26
N ILE E 241 -9.66 -31.98 -13.33
CA ILE E 241 -9.17 -31.41 -14.57
C ILE E 241 -8.91 -29.92 -14.32
N PHE E 242 -7.79 -29.42 -14.85
CA PHE E 242 -7.37 -28.05 -14.62
C PHE E 242 -7.40 -27.28 -15.95
N PRO E 243 -8.53 -26.63 -16.31
CA PRO E 243 -8.65 -25.89 -17.56
C PRO E 243 -8.20 -24.45 -17.39
N LEU E 244 -6.93 -24.27 -17.00
CA LEU E 244 -6.41 -22.96 -16.60
C LEU E 244 -6.42 -22.00 -17.79
N SER E 245 -6.68 -22.53 -19.00
CA SER E 245 -7.05 -21.70 -20.14
C SER E 245 -8.07 -20.65 -19.71
N ALA E 246 -9.05 -21.08 -18.89
CA ALA E 246 -9.98 -20.18 -18.23
C ALA E 246 -9.24 -19.34 -17.19
N ARG E 252 -8.63 -8.14 -10.15
CA ARG E 252 -9.01 -7.08 -9.17
C ARG E 252 -7.79 -6.65 -8.38
N SER E 253 -6.80 -6.10 -9.08
CA SER E 253 -5.55 -5.66 -8.48
C SER E 253 -5.80 -4.46 -7.57
N SER E 254 -5.60 -4.68 -6.27
CA SER E 254 -5.82 -3.65 -5.26
C SER E 254 -4.61 -2.72 -5.20
N ASN E 255 -4.68 -1.71 -4.32
CA ASN E 255 -3.59 -0.77 -4.11
C ASN E 255 -3.16 -0.77 -2.65
N VAL E 256 -3.36 -1.90 -1.96
CA VAL E 256 -2.93 -2.07 -0.58
C VAL E 256 -1.51 -2.63 -0.60
N ARG E 257 -0.54 -1.84 -0.11
CA ARG E 257 0.85 -2.24 -0.11
C ARG E 257 1.14 -3.07 1.14
N VAL E 258 2.08 -4.02 1.01
CA VAL E 258 2.55 -4.82 2.13
C VAL E 258 4.06 -4.65 2.23
N SER E 259 4.61 -4.90 3.42
CA SER E 259 6.03 -4.77 3.66
C SER E 259 6.78 -5.95 3.03
N SER E 260 7.97 -5.68 2.49
CA SER E 260 8.82 -6.71 1.93
C SER E 260 9.52 -7.50 3.03
N GLY E 261 9.67 -6.87 4.21
CA GLY E 261 10.40 -7.46 5.32
C GLY E 261 11.62 -6.60 5.69
N VAL E 262 12.24 -6.00 4.67
CA VAL E 262 13.34 -5.07 4.84
C VAL E 262 12.80 -3.66 4.58
N PRO E 263 12.99 -2.70 5.52
CA PRO E 263 12.38 -1.36 5.40
C PRO E 263 12.90 -0.54 4.22
N GLU E 264 14.22 -0.60 3.98
CA GLU E 264 14.86 0.15 2.91
C GLU E 264 14.31 -0.34 1.56
N LEU E 265 14.05 -1.64 1.46
CA LEU E 265 13.53 -2.23 0.23
C LEU E 265 12.09 -1.77 -0.01
N ASP E 266 11.31 -1.65 1.07
CA ASP E 266 9.94 -1.16 0.99
C ASP E 266 9.93 0.26 0.41
N GLU E 267 10.87 1.10 0.89
CA GLU E 267 11.02 2.45 0.39
C GLU E 267 11.47 2.42 -1.07
N MET E 268 12.42 1.53 -1.38
CA MET E 268 12.92 1.36 -2.74
C MET E 268 11.77 0.98 -3.67
N CYS E 269 10.83 0.18 -3.15
CA CYS E 269 9.69 -0.29 -3.92
C CYS E 269 8.46 0.59 -3.70
N GLY E 270 8.70 1.88 -3.37
CA GLY E 270 7.65 2.88 -3.30
C GLY E 270 6.62 2.59 -2.21
N GLY E 271 7.11 2.23 -1.01
CA GLY E 271 6.24 2.00 0.14
C GLY E 271 6.10 0.53 0.49
N GLY E 272 6.16 -0.35 -0.53
CA GLY E 272 6.06 -1.78 -0.33
C GLY E 272 5.52 -2.50 -1.56
N PHE E 273 5.23 -3.80 -1.39
CA PHE E 273 4.70 -4.63 -2.46
C PHE E 273 3.18 -4.61 -2.44
N PHE E 274 2.57 -4.54 -3.63
CA PHE E 274 1.13 -4.72 -3.76
C PHE E 274 0.78 -6.15 -3.37
N ARG E 275 -0.36 -6.31 -2.67
CA ARG E 275 -0.82 -7.62 -2.25
C ARG E 275 -1.11 -8.49 -3.46
N ASP E 276 -1.64 -7.87 -4.52
CA ASP E 276 -1.89 -8.54 -5.79
C ASP E 276 -0.71 -8.28 -6.73
N SER E 277 0.45 -8.85 -6.39
CA SER E 277 1.65 -8.72 -7.20
C SER E 277 2.49 -9.98 -7.11
N ILE E 278 3.18 -10.28 -8.21
CA ILE E 278 4.14 -11.38 -8.27
C ILE E 278 5.54 -10.79 -8.25
N ILE E 279 6.27 -11.00 -7.14
CA ILE E 279 7.61 -10.47 -6.98
C ILE E 279 8.61 -11.53 -7.41
N LEU E 280 9.61 -11.12 -8.20
CA LEU E 280 10.65 -12.02 -8.68
C LEU E 280 12.00 -11.51 -8.18
N VAL E 281 12.67 -12.33 -7.36
CA VAL E 281 14.01 -12.03 -6.88
C VAL E 281 14.99 -12.88 -7.67
N SER E 282 15.88 -12.22 -8.42
CA SER E 282 16.78 -12.88 -9.36
C SER E 282 18.23 -12.56 -9.03
N GLY E 283 19.08 -13.59 -9.11
CA GLY E 283 20.51 -13.45 -8.83
C GLY E 283 21.20 -14.81 -8.75
N ALA E 284 22.52 -14.78 -8.55
CA ALA E 284 23.34 -15.97 -8.49
C ALA E 284 23.14 -16.66 -7.14
N THR E 285 23.95 -17.71 -6.89
CA THR E 285 23.99 -18.36 -5.59
C THR E 285 24.97 -17.58 -4.70
N GLY E 286 24.52 -17.20 -3.51
CA GLY E 286 25.30 -16.41 -2.58
C GLY E 286 24.91 -14.93 -2.58
N THR E 287 24.01 -14.55 -3.49
CA THR E 287 23.54 -13.18 -3.60
C THR E 287 22.71 -12.82 -2.37
N GLY E 288 21.65 -13.59 -2.13
CA GLY E 288 20.80 -13.40 -0.96
C GLY E 288 19.31 -13.43 -1.32
N LYS E 289 18.91 -14.43 -2.10
CA LYS E 289 17.53 -14.58 -2.54
C LYS E 289 16.72 -15.24 -1.42
N THR E 290 17.32 -16.22 -0.74
CA THR E 290 16.64 -16.95 0.33
C THR E 290 16.62 -16.11 1.61
N LEU E 291 17.50 -15.10 1.69
CA LEU E 291 17.44 -14.14 2.78
C LEU E 291 16.19 -13.27 2.62
N LEU E 292 15.83 -12.94 1.38
CA LEU E 292 14.71 -12.05 1.11
C LEU E 292 13.39 -12.80 1.12
N VAL E 293 13.42 -14.14 1.06
CA VAL E 293 12.20 -14.92 1.24
C VAL E 293 11.96 -15.12 2.74
N THR E 294 13.04 -15.34 3.51
CA THR E 294 12.95 -15.51 4.95
C THR E 294 12.38 -14.24 5.58
N LYS E 295 12.85 -13.08 5.12
CA LYS E 295 12.34 -11.78 5.56
C LYS E 295 10.88 -11.62 5.12
N PHE E 296 10.58 -12.05 3.89
CA PHE E 296 9.27 -11.88 3.30
C PHE E 296 8.21 -12.66 4.09
N LEU E 297 8.45 -13.95 4.31
CA LEU E 297 7.55 -14.79 5.08
C LEU E 297 7.50 -14.31 6.53
N GLU E 298 8.60 -13.73 7.02
CA GLU E 298 8.69 -13.28 8.41
C GLU E 298 7.69 -12.17 8.68
N GLY E 299 7.66 -11.16 7.80
CA GLY E 299 6.81 -10.00 7.96
C GLY E 299 5.34 -10.37 8.14
N ALA E 300 4.89 -11.41 7.41
CA ALA E 300 3.53 -11.90 7.51
C ALA E 300 3.27 -12.46 8.91
N CYS E 301 4.13 -13.40 9.35
CA CYS E 301 3.96 -14.08 10.61
C CYS E 301 4.05 -13.09 11.78
N ARG E 302 4.88 -12.04 11.60
CA ARG E 302 5.04 -10.99 12.59
C ARG E 302 3.69 -10.31 12.85
N ASN E 303 3.02 -9.90 11.77
CA ASN E 303 1.72 -9.26 11.85
C ASN E 303 0.62 -10.31 11.64
N GLY E 304 0.72 -11.43 12.39
CA GLY E 304 -0.27 -12.49 12.38
C GLY E 304 -0.89 -12.72 11.00
N GLU E 305 -0.05 -13.16 10.05
CA GLU E 305 -0.51 -13.52 8.71
C GLU E 305 0.19 -14.80 8.28
N ARG E 306 -0.54 -15.65 7.54
CA ARG E 306 -0.07 -16.99 7.20
C ARG E 306 0.95 -16.90 6.06
N ALA E 307 1.97 -17.77 6.12
CA ALA E 307 3.06 -17.78 5.16
C ALA E 307 3.46 -19.21 4.84
N LEU E 308 3.48 -19.56 3.55
CA LEU E 308 3.82 -20.89 3.09
C LEU E 308 5.06 -20.83 2.19
N LEU E 309 6.12 -21.52 2.60
CA LEU E 309 7.38 -21.55 1.86
C LEU E 309 7.50 -22.87 1.09
N PHE E 310 7.53 -22.78 -0.24
CA PHE E 310 7.77 -23.93 -1.11
C PHE E 310 9.27 -24.03 -1.37
N ALA E 311 9.91 -25.06 -0.78
CA ALA E 311 11.35 -25.25 -0.90
C ALA E 311 11.64 -26.40 -1.88
N PHE E 312 12.36 -26.08 -2.95
CA PHE E 312 12.81 -27.06 -3.93
C PHE E 312 14.31 -27.33 -3.79
N GLU E 313 15.06 -26.35 -3.25
CA GLU E 313 16.50 -26.47 -3.11
C GLU E 313 16.83 -27.04 -1.73
N GLU E 314 16.43 -26.32 -0.68
CA GLU E 314 16.89 -26.55 0.68
C GLU E 314 15.93 -27.48 1.42
N SER E 315 16.20 -27.68 2.72
CA SER E 315 15.45 -28.60 3.56
C SER E 315 15.10 -27.92 4.88
N ARG E 316 14.16 -28.52 5.62
CA ARG E 316 13.70 -28.00 6.91
C ARG E 316 14.89 -27.77 7.84
N GLU E 317 15.93 -28.60 7.70
CA GLU E 317 17.12 -28.50 8.52
C GLU E 317 17.94 -27.27 8.13
N GLN E 318 18.33 -27.20 6.85
CA GLN E 318 19.19 -26.14 6.34
C GLN E 318 18.53 -24.77 6.57
N LEU E 319 17.21 -24.72 6.33
CA LEU E 319 16.44 -23.48 6.48
C LEU E 319 16.50 -22.98 7.90
N LEU E 320 16.20 -23.86 8.87
CA LEU E 320 16.07 -23.49 10.28
C LEU E 320 17.26 -22.68 10.74
N ARG E 321 18.47 -23.22 10.55
CA ARG E 321 19.70 -22.60 11.03
C ARG E 321 20.08 -21.43 10.13
N ASN E 322 19.76 -21.53 8.83
CA ASN E 322 19.98 -20.44 7.90
C ASN E 322 19.23 -19.20 8.40
N ALA E 323 17.99 -19.40 8.85
CA ALA E 323 17.16 -18.35 9.41
C ALA E 323 17.72 -17.88 10.75
N THR E 324 18.04 -18.85 11.63
CA THR E 324 18.56 -18.57 12.95
C THR E 324 19.81 -17.70 12.86
N SER E 325 20.66 -17.99 11.87
CA SER E 325 21.90 -17.26 11.68
C SER E 325 21.62 -15.83 11.18
N TRP E 326 20.46 -15.63 10.54
CA TRP E 326 20.04 -14.30 10.09
C TRP E 326 19.21 -13.60 11.16
N GLY E 327 18.68 -14.36 12.12
CA GLY E 327 17.99 -13.80 13.27
C GLY E 327 16.46 -13.83 13.13
N ILE E 328 15.96 -14.72 12.27
CA ILE E 328 14.54 -15.00 12.18
C ILE E 328 14.24 -16.27 12.98
N ASP E 329 12.99 -16.40 13.44
CA ASP E 329 12.60 -17.51 14.30
C ASP E 329 11.34 -18.16 13.73
N PHE E 330 11.53 -19.25 12.99
CA PHE E 330 10.43 -20.08 12.51
C PHE E 330 9.88 -20.93 13.65
N GLU E 331 10.72 -21.17 14.68
CA GLU E 331 10.33 -21.92 15.87
C GLU E 331 8.96 -21.47 16.37
N GLU E 332 8.79 -20.16 16.57
CA GLU E 332 7.57 -19.61 17.14
C GLU E 332 6.53 -19.40 16.04
N MET E 333 6.99 -19.27 14.79
CA MET E 333 6.10 -19.21 13.65
C MET E 333 5.43 -20.56 13.44
N GLU E 334 6.13 -21.64 13.79
CA GLU E 334 5.58 -22.98 13.78
C GLU E 334 4.58 -23.13 14.92
N ARG E 335 4.86 -22.47 16.06
CA ARG E 335 4.00 -22.51 17.23
C ARG E 335 2.72 -21.69 16.97
N ASP E 336 2.88 -20.54 16.30
CA ASP E 336 1.77 -19.62 16.04
C ASP E 336 0.91 -20.16 14.90
N GLY E 337 1.45 -21.08 14.09
CA GLY E 337 0.77 -21.58 12.92
C GLY E 337 0.79 -20.57 11.78
N ARG E 338 1.86 -19.77 11.73
CA ARG E 338 1.99 -18.67 10.78
C ARG E 338 2.84 -19.13 9.59
N LEU E 339 3.97 -19.79 9.87
CA LEU E 339 4.85 -20.30 8.84
C LEU E 339 4.49 -21.75 8.53
N LYS E 340 4.83 -22.20 7.32
CA LYS E 340 4.54 -23.55 6.86
C LYS E 340 5.51 -23.94 5.74
N ILE E 341 6.47 -24.80 6.08
CA ILE E 341 7.47 -25.26 5.11
C ILE E 341 7.03 -26.62 4.59
N VAL E 342 6.72 -26.68 3.28
CA VAL E 342 6.42 -27.94 2.62
C VAL E 342 7.74 -28.71 2.41
N CYS E 343 8.68 -28.08 1.69
CA CYS E 343 10.01 -28.64 1.48
C CYS E 343 9.92 -29.99 0.76
N ALA E 344 10.03 -29.96 -0.57
CA ALA E 344 9.97 -31.15 -1.39
C ALA E 344 11.06 -31.11 -2.47
N TYR E 345 11.09 -32.14 -3.30
CA TYR E 345 12.09 -32.27 -4.36
C TYR E 345 11.43 -32.01 -5.71
N PRO E 346 12.12 -31.32 -6.66
CA PRO E 346 11.57 -31.09 -8.00
C PRO E 346 11.34 -32.34 -8.84
N GLU E 347 12.08 -33.41 -8.53
CA GLU E 347 12.10 -34.60 -9.36
C GLU E 347 11.19 -35.68 -8.79
N SER E 348 10.43 -35.36 -7.74
CA SER E 348 9.44 -36.28 -7.19
C SER E 348 8.41 -36.64 -8.27
N THR E 349 7.90 -35.61 -8.94
CA THR E 349 6.98 -35.75 -10.05
C THR E 349 7.21 -34.62 -11.06
N GLY E 350 6.43 -34.63 -12.15
CA GLY E 350 6.41 -33.52 -13.08
C GLY E 350 5.83 -32.26 -12.45
N LEU E 351 5.82 -31.17 -13.22
CA LEU E 351 5.39 -29.87 -12.71
C LEU E 351 3.87 -29.86 -12.50
N GLU E 352 3.14 -30.62 -13.31
CA GLU E 352 1.70 -30.74 -13.19
C GLU E 352 1.33 -31.26 -11.79
N ASP E 353 2.12 -32.19 -11.27
CA ASP E 353 1.83 -32.85 -10.00
C ASP E 353 2.09 -31.91 -8.83
N HIS E 354 3.04 -30.97 -8.99
CA HIS E 354 3.50 -30.13 -7.89
C HIS E 354 2.38 -29.21 -7.41
N LEU E 355 1.86 -28.36 -8.32
CA LEU E 355 0.94 -27.29 -7.99
C LEU E 355 -0.25 -27.79 -7.15
N ILE E 356 -0.63 -29.07 -7.30
CA ILE E 356 -1.77 -29.64 -6.60
C ILE E 356 -1.60 -29.47 -5.09
N MET E 357 -0.47 -29.94 -4.56
CA MET E 357 -0.22 -29.96 -3.12
C MET E 357 -0.30 -28.55 -2.54
N ILE E 358 0.29 -27.58 -3.26
CA ILE E 358 0.29 -26.19 -2.85
C ILE E 358 -1.12 -25.61 -2.99
N LYS E 359 -1.80 -25.96 -4.10
CA LYS E 359 -3.15 -25.51 -4.38
C LYS E 359 -4.10 -26.01 -3.28
N GLU E 360 -3.82 -27.20 -2.76
CA GLU E 360 -4.63 -27.81 -1.71
C GLU E 360 -4.30 -27.18 -0.36
N VAL E 361 -3.00 -27.11 -0.05
CA VAL E 361 -2.52 -26.63 1.24
C VAL E 361 -2.97 -25.19 1.48
N ILE E 362 -3.00 -24.40 0.39
CA ILE E 362 -3.41 -23.00 0.45
C ILE E 362 -4.81 -22.91 1.08
N GLU E 363 -5.74 -23.74 0.60
CA GLU E 363 -7.11 -23.75 1.11
C GLU E 363 -7.14 -24.14 2.57
N GLU E 364 -6.25 -25.06 2.97
CA GLU E 364 -6.20 -25.56 4.33
C GLU E 364 -5.50 -24.57 5.26
N PHE E 365 -4.71 -23.64 4.68
CA PHE E 365 -3.86 -22.75 5.46
C PHE E 365 -4.39 -21.32 5.43
N LYS E 366 -4.90 -20.89 4.26
CA LYS E 366 -5.33 -19.51 4.04
C LYS E 366 -4.11 -18.60 4.12
N PRO E 367 -3.13 -18.71 3.18
CA PRO E 367 -1.89 -17.95 3.26
C PRO E 367 -2.05 -16.52 2.77
N ASP E 368 -1.69 -15.55 3.64
CA ASP E 368 -1.63 -14.15 3.26
C ASP E 368 -0.48 -13.96 2.28
N ARG E 369 0.70 -14.46 2.67
CA ARG E 369 1.87 -14.48 1.80
C ARG E 369 2.25 -15.92 1.50
N ILE E 370 3.10 -16.10 0.48
CA ILE E 370 3.60 -17.40 0.07
C ILE E 370 4.79 -17.21 -0.85
N ALA E 371 5.73 -18.17 -0.83
CA ALA E 371 6.96 -18.05 -1.59
C ALA E 371 7.33 -19.39 -2.22
N ILE E 372 8.03 -19.31 -3.37
CA ILE E 372 8.54 -20.48 -4.07
C ILE E 372 10.05 -20.30 -4.26
N ASP E 373 10.84 -21.19 -3.64
CA ASP E 373 12.29 -21.09 -3.66
C ASP E 373 12.87 -22.47 -3.96
N SER E 374 13.33 -22.71 -5.19
CA SER E 374 13.36 -21.75 -6.28
C SER E 374 12.53 -22.28 -7.45
N LEU E 375 12.50 -21.50 -8.55
CA LEU E 375 11.78 -21.88 -9.76
C LEU E 375 12.73 -22.47 -10.80
N SER E 376 14.02 -22.12 -10.70
CA SER E 376 15.05 -22.67 -11.58
C SER E 376 15.17 -24.18 -11.37
N ALA E 377 14.90 -24.64 -10.13
CA ALA E 377 14.90 -26.05 -9.81
C ALA E 377 13.82 -26.77 -10.61
N LEU E 378 12.60 -26.20 -10.63
CA LEU E 378 11.47 -26.77 -11.33
C LEU E 378 11.68 -26.68 -12.84
N GLU E 379 12.36 -25.62 -13.29
CA GLU E 379 12.59 -25.38 -14.71
C GLU E 379 13.47 -26.48 -15.31
N ARG E 380 14.34 -27.07 -14.48
CA ARG E 380 15.27 -28.09 -14.92
C ARG E 380 14.56 -29.44 -15.10
N VAL E 381 13.43 -29.63 -14.41
CA VAL E 381 12.76 -30.91 -14.35
C VAL E 381 11.59 -30.96 -15.33
N ALA E 382 11.66 -30.20 -16.42
CA ALA E 382 10.61 -30.18 -17.43
C ALA E 382 11.08 -29.41 -18.66
N SER E 383 10.26 -29.47 -19.72
CA SER E 383 10.49 -28.71 -20.94
C SER E 383 10.00 -27.28 -20.77
N ASP E 384 10.18 -26.46 -21.80
CA ASP E 384 9.85 -25.04 -21.76
C ASP E 384 8.36 -24.86 -21.52
N ARG E 385 7.54 -25.60 -22.28
CA ARG E 385 6.09 -25.52 -22.18
C ARG E 385 5.65 -25.94 -20.77
N GLY E 386 6.22 -27.04 -20.28
CA GLY E 386 5.94 -27.54 -18.95
C GLY E 386 6.14 -26.45 -17.89
N PHE E 387 7.26 -25.73 -18.00
CA PHE E 387 7.55 -24.62 -17.12
C PHE E 387 6.57 -23.47 -17.40
N ARG E 388 6.48 -23.08 -18.68
CA ARG E 388 5.56 -22.04 -19.12
C ARG E 388 4.19 -22.30 -18.52
N GLU E 389 3.64 -23.50 -18.75
CA GLU E 389 2.32 -23.87 -18.28
C GLU E 389 2.25 -23.76 -16.76
N PHE E 390 3.30 -24.22 -16.07
CA PHE E 390 3.38 -24.14 -14.62
C PHE E 390 3.39 -22.68 -14.18
N VAL E 391 4.27 -21.88 -14.80
CA VAL E 391 4.41 -20.46 -14.49
C VAL E 391 3.03 -19.81 -14.52
N ILE E 392 2.35 -19.92 -15.67
CA ILE E 392 1.09 -19.23 -15.90
C ILE E 392 0.05 -19.73 -14.91
N GLY E 393 -0.10 -21.05 -14.82
CA GLY E 393 -1.07 -21.68 -13.92
C GLY E 393 -0.82 -21.34 -12.46
N LEU E 394 0.47 -21.24 -12.08
CA LEU E 394 0.86 -20.96 -10.72
C LEU E 394 0.50 -19.52 -10.34
N THR E 395 0.82 -18.58 -11.25
CA THR E 395 0.54 -17.17 -11.02
C THR E 395 -0.95 -16.95 -10.80
N SER E 396 -1.77 -17.57 -11.65
CA SER E 396 -3.21 -17.37 -11.67
C SER E 396 -3.81 -17.71 -10.30
N PHE E 397 -3.67 -18.97 -9.88
CA PHE E 397 -4.34 -19.49 -8.69
C PHE E 397 -4.30 -18.48 -7.55
N ILE E 398 -3.08 -18.03 -7.20
CA ILE E 398 -2.87 -17.13 -6.08
C ILE E 398 -3.34 -15.72 -6.45
N LYS E 399 -3.10 -15.32 -7.70
CA LYS E 399 -3.55 -14.04 -8.20
C LYS E 399 -5.08 -13.94 -8.08
N GLN E 400 -5.77 -15.04 -8.37
CA GLN E 400 -7.21 -15.12 -8.26
C GLN E 400 -7.60 -15.61 -6.86
N GLN E 401 -6.82 -15.21 -5.85
CA GLN E 401 -7.04 -15.65 -4.48
C GLN E 401 -6.64 -14.56 -3.47
N GLU E 402 -5.95 -13.51 -3.95
CA GLU E 402 -5.57 -12.37 -3.12
C GLU E 402 -4.54 -12.82 -2.09
N ILE E 403 -3.28 -12.95 -2.55
CA ILE E 403 -2.17 -13.32 -1.68
C ILE E 403 -0.87 -12.92 -2.38
N THR E 404 0.07 -12.37 -1.60
CA THR E 404 1.32 -11.85 -2.13
C THR E 404 2.27 -13.02 -2.40
N GLY E 405 2.80 -13.07 -3.64
CA GLY E 405 3.58 -14.21 -4.10
C GLY E 405 4.99 -13.82 -4.53
N LEU E 406 5.99 -14.25 -3.75
CA LEU E 406 7.39 -14.03 -4.07
C LEU E 406 7.97 -15.28 -4.72
N PHE E 407 8.94 -15.08 -5.63
CA PHE E 407 9.53 -16.19 -6.38
C PHE E 407 11.04 -15.99 -6.47
N THR E 408 11.78 -17.05 -6.10
CA THR E 408 13.23 -17.08 -6.25
C THR E 408 13.57 -17.76 -7.57
N SER E 409 14.51 -17.17 -8.31
CA SER E 409 14.93 -17.69 -9.61
C SER E 409 16.44 -17.49 -9.78
N THR E 410 17.18 -18.60 -9.74
CA THR E 410 18.63 -18.57 -9.89
C THR E 410 18.96 -18.13 -11.32
N THR E 411 19.97 -17.25 -11.44
CA THR E 411 20.42 -16.78 -12.74
C THR E 411 21.80 -17.35 -13.04
N PRO E 412 21.91 -18.41 -13.87
CA PRO E 412 23.19 -19.00 -14.22
C PRO E 412 24.24 -17.98 -14.68
N HIS E 424 9.91 -17.38 -19.10
CA HIS E 424 10.42 -16.00 -18.82
C HIS E 424 9.35 -15.25 -18.02
N ILE E 425 9.37 -15.45 -16.70
CA ILE E 425 8.41 -14.83 -15.80
C ILE E 425 8.80 -13.37 -15.54
N SER E 426 9.81 -12.88 -16.28
CA SER E 426 10.18 -11.48 -16.26
C SER E 426 9.04 -10.60 -16.80
N THR E 427 8.25 -11.17 -17.73
CA THR E 427 7.11 -10.46 -18.31
C THR E 427 5.81 -10.86 -17.64
N ILE E 428 5.84 -11.92 -16.82
CA ILE E 428 4.67 -12.34 -16.05
C ILE E 428 4.69 -11.72 -14.66
N THR E 429 5.90 -11.42 -14.15
CA THR E 429 6.07 -10.86 -12.82
C THR E 429 5.80 -9.36 -12.86
N ASP E 430 5.25 -8.85 -11.75
CA ASP E 430 4.95 -7.43 -11.61
C ASP E 430 6.20 -6.71 -11.12
N THR E 431 6.73 -7.17 -9.99
CA THR E 431 7.94 -6.60 -9.40
C THR E 431 9.12 -7.53 -9.67
N ILE E 432 10.29 -6.94 -9.91
CA ILE E 432 11.52 -7.70 -10.12
C ILE E 432 12.64 -7.06 -9.29
N ILE E 433 13.27 -7.88 -8.44
CA ILE E 433 14.44 -7.47 -7.66
C ILE E 433 15.67 -8.19 -8.22
N LEU E 434 16.76 -7.45 -8.41
CA LEU E 434 17.98 -7.98 -9.00
C LEU E 434 19.13 -7.88 -7.99
N LEU E 435 19.55 -9.03 -7.46
CA LEU E 435 20.71 -9.14 -6.61
C LEU E 435 21.89 -9.62 -7.44
N ARG E 436 23.07 -9.05 -7.21
CA ARG E 436 24.25 -9.31 -8.02
C ARG E 436 25.52 -9.23 -7.17
N TYR E 437 26.47 -10.12 -7.49
CA TYR E 437 27.83 -10.03 -7.00
C TYR E 437 28.63 -9.07 -7.88
N VAL E 438 29.28 -8.08 -7.26
CA VAL E 438 30.06 -7.10 -7.98
C VAL E 438 31.52 -7.22 -7.55
N GLU E 439 32.40 -7.52 -8.52
CA GLU E 439 33.82 -7.68 -8.24
C GLU E 439 34.47 -6.30 -8.22
N MET E 440 34.85 -5.85 -7.02
CA MET E 440 35.47 -4.55 -6.83
C MET E 440 36.68 -4.69 -5.90
N ARG E 441 37.86 -4.33 -6.42
CA ARG E 441 39.09 -4.27 -5.65
C ARG E 441 39.42 -5.65 -5.05
N GLY E 442 39.18 -6.70 -5.85
CA GLY E 442 39.42 -8.07 -5.41
C GLY E 442 38.67 -8.41 -4.12
N GLU E 443 37.40 -7.97 -4.06
CA GLU E 443 36.54 -8.21 -2.91
C GLU E 443 35.09 -8.17 -3.37
N MET E 444 34.56 -9.35 -3.68
CA MET E 444 33.21 -9.51 -4.24
C MET E 444 32.21 -8.84 -3.31
N SER E 445 31.66 -7.70 -3.76
CA SER E 445 30.65 -6.97 -3.01
C SER E 445 29.26 -7.41 -3.46
N ARG E 446 28.22 -6.92 -2.75
CA ARG E 446 26.84 -7.30 -3.02
C ARG E 446 26.02 -6.05 -3.34
N ALA E 447 25.13 -6.16 -4.33
CA ALA E 447 24.35 -5.03 -4.81
C ALA E 447 22.92 -5.46 -5.10
N ILE E 448 21.98 -4.53 -4.88
CA ILE E 448 20.55 -4.78 -5.05
C ILE E 448 19.94 -3.62 -5.85
N ASN E 449 18.96 -3.95 -6.68
CA ASN E 449 18.26 -2.96 -7.49
C ASN E 449 16.86 -3.47 -7.82
N VAL E 450 15.86 -2.58 -7.72
CA VAL E 450 14.52 -2.86 -8.18
C VAL E 450 14.43 -2.43 -9.64
N LEU E 451 14.38 -3.40 -10.55
CA LEU E 451 14.44 -3.14 -11.98
C LEU E 451 13.05 -2.76 -12.49
N LYS E 452 12.03 -3.48 -12.03
CA LYS E 452 10.68 -3.35 -12.54
C LYS E 452 9.70 -3.37 -11.37
N MET E 453 8.69 -2.51 -11.43
CA MET E 453 7.54 -2.58 -10.54
C MET E 453 6.36 -1.85 -11.18
N ARG E 454 5.33 -2.62 -11.53
CA ARG E 454 4.16 -2.09 -12.22
C ARG E 454 3.28 -1.32 -11.23
N GLY E 455 3.02 -0.04 -11.53
CA GLY E 455 2.06 0.75 -10.79
C GLY E 455 2.71 1.77 -9.85
N SER E 456 4.01 1.59 -9.58
CA SER E 456 4.69 2.38 -8.56
C SER E 456 5.97 2.99 -9.11
N TRP E 457 6.41 4.07 -8.47
CA TRP E 457 7.79 4.53 -8.59
C TRP E 457 8.68 3.54 -7.84
N HIS E 458 9.76 3.10 -8.50
CA HIS E 458 10.78 2.29 -7.85
C HIS E 458 12.07 3.10 -7.80
N ASP E 459 12.94 2.76 -6.86
CA ASP E 459 14.25 3.38 -6.76
C ASP E 459 15.15 2.81 -7.85
N LYS E 460 15.60 3.69 -8.76
CA LYS E 460 16.33 3.27 -9.95
C LYS E 460 17.82 3.47 -9.71
N GLU E 461 18.28 3.12 -8.50
CA GLU E 461 19.69 3.20 -8.13
C GLU E 461 20.15 1.82 -7.69
N ILE E 462 21.42 1.50 -8.00
CA ILE E 462 21.96 0.18 -7.74
C ILE E 462 22.73 0.24 -6.42
N ARG E 463 22.06 -0.19 -5.35
CA ARG E 463 22.50 0.07 -3.98
C ARG E 463 23.32 -1.11 -3.45
N GLU E 464 24.40 -0.79 -2.73
CA GLU E 464 25.19 -1.77 -2.00
C GLU E 464 24.35 -2.29 -0.83
N PHE E 465 24.47 -3.60 -0.53
CA PHE E 465 23.83 -4.16 0.65
C PHE E 465 24.81 -5.12 1.33
N THR E 466 24.55 -5.38 2.62
CA THR E 466 25.37 -6.26 3.44
C THR E 466 24.47 -7.31 4.08
N ILE E 467 25.07 -8.43 4.51
CA ILE E 467 24.35 -9.47 5.22
C ILE E 467 25.03 -9.68 6.57
N SER E 468 24.20 -9.94 7.60
CA SER E 468 24.68 -10.09 8.97
C SER E 468 23.75 -11.03 9.73
N GLY E 469 24.00 -11.16 11.04
CA GLY E 469 23.13 -11.92 11.92
C GLY E 469 21.81 -11.18 12.23
N LYS E 470 21.63 -10.01 11.61
CA LYS E 470 20.42 -9.22 11.76
C LYS E 470 19.55 -9.36 10.51
N GLY E 471 20.16 -9.23 9.34
CA GLY E 471 19.46 -9.33 8.07
C GLY E 471 20.21 -8.60 6.95
N MET E 472 19.44 -7.96 6.05
CA MET E 472 20.02 -7.14 5.00
C MET E 472 20.21 -5.71 5.50
N HIS E 473 21.33 -5.09 5.10
CA HIS E 473 21.56 -3.67 5.31
C HIS E 473 21.82 -3.01 3.97
N ILE E 474 20.75 -2.54 3.33
CA ILE E 474 20.85 -1.83 2.06
C ILE E 474 21.48 -0.47 2.33
N GLY E 475 22.65 -0.24 1.71
CA GLY E 475 23.43 0.98 1.94
C GLY E 475 23.32 1.95 0.76
N ASP E 476 24.43 2.61 0.46
CA ASP E 476 24.47 3.65 -0.56
C ASP E 476 24.84 3.04 -1.90
N PRO E 477 24.53 3.71 -3.04
CA PRO E 477 24.93 3.23 -4.36
C PRO E 477 26.42 3.42 -4.64
N PHE E 478 26.90 2.74 -5.69
CA PHE E 478 28.31 2.79 -6.08
C PHE E 478 28.61 4.18 -6.69
N ILE F 12 -8.70 -50.21 0.54
CA ILE F 12 -7.75 -51.28 0.09
C ILE F 12 -6.45 -51.14 0.88
N GLU F 13 -6.11 -52.20 1.62
CA GLU F 13 -4.88 -52.26 2.40
C GLU F 13 -3.71 -52.61 1.47
N LYS F 14 -2.50 -52.50 2.00
CA LYS F 14 -1.28 -52.74 1.24
C LYS F 14 -0.36 -53.66 2.04
N LEU F 15 0.32 -54.57 1.34
CA LEU F 15 1.21 -55.53 1.98
C LEU F 15 2.65 -55.13 1.73
N PRO F 16 3.41 -54.71 2.77
CA PRO F 16 4.83 -54.39 2.62
C PRO F 16 5.62 -55.53 1.95
N THR F 17 6.33 -55.19 0.88
CA THR F 17 7.09 -56.17 0.12
C THR F 17 8.43 -56.46 0.80
N GLY F 18 9.01 -55.43 1.44
CA GLY F 18 10.35 -55.51 1.99
C GLY F 18 11.41 -55.07 0.97
N ILE F 19 11.00 -54.93 -0.29
CA ILE F 19 11.85 -54.41 -1.35
C ILE F 19 12.12 -52.94 -1.05
N GLU F 20 13.40 -52.58 -1.02
CA GLU F 20 13.84 -51.25 -0.63
C GLU F 20 13.46 -50.26 -1.73
N GLY F 21 12.40 -49.48 -1.49
CA GLY F 21 12.01 -48.40 -2.38
C GLY F 21 10.61 -48.58 -2.95
N PHE F 22 10.21 -49.84 -3.19
CA PHE F 22 8.91 -50.12 -3.79
C PHE F 22 7.78 -49.71 -2.85
N ASP F 23 7.94 -50.05 -1.56
CA ASP F 23 6.92 -49.75 -0.56
C ASP F 23 6.63 -48.26 -0.50
N ASP F 24 7.67 -47.44 -0.76
CA ASP F 24 7.53 -45.98 -0.78
C ASP F 24 6.81 -45.53 -2.04
N ILE F 25 7.28 -46.03 -3.20
CA ILE F 25 6.72 -45.69 -4.50
C ILE F 25 5.26 -46.15 -4.55
N SER F 26 5.00 -47.32 -3.96
CA SER F 26 3.68 -47.94 -4.00
C SER F 26 2.73 -47.31 -2.98
N HIS F 27 3.26 -46.42 -2.13
CA HIS F 27 2.50 -45.85 -1.03
C HIS F 27 1.93 -46.97 -0.16
N GLY F 28 2.83 -47.76 0.45
CA GLY F 28 2.45 -48.84 1.34
C GLY F 28 3.06 -50.18 0.91
N GLY F 29 2.66 -50.66 -0.27
CA GLY F 29 3.10 -51.95 -0.76
C GLY F 29 2.28 -52.40 -1.96
N LEU F 30 2.04 -53.72 -2.07
CA LEU F 30 1.18 -54.27 -3.10
C LEU F 30 -0.24 -54.40 -2.55
N PRO F 31 -1.28 -54.00 -3.32
CA PRO F 31 -2.67 -54.18 -2.90
C PRO F 31 -2.96 -55.59 -2.38
N LYS F 32 -3.38 -55.68 -1.12
CA LYS F 32 -3.56 -56.96 -0.45
C LYS F 32 -4.78 -57.68 -1.02
N GLY F 33 -4.70 -59.01 -1.08
CA GLY F 33 -5.80 -59.84 -1.54
C GLY F 33 -6.09 -59.66 -3.03
N ARG F 34 -5.07 -59.21 -3.78
CA ARG F 34 -5.22 -58.91 -5.20
C ARG F 34 -3.95 -59.36 -5.93
N THR F 35 -4.10 -59.59 -7.25
CA THR F 35 -3.00 -60.03 -8.09
C THR F 35 -2.38 -58.82 -8.77
N THR F 36 -1.05 -58.87 -8.95
CA THR F 36 -0.31 -57.82 -9.62
C THR F 36 0.53 -58.44 -10.74
N LEU F 37 0.60 -57.74 -11.88
CA LEU F 37 1.37 -58.21 -13.02
C LEU F 37 2.72 -57.51 -13.05
N VAL F 38 3.79 -58.29 -12.90
CA VAL F 38 5.16 -57.77 -13.02
C VAL F 38 5.67 -58.11 -14.42
N ALA F 39 5.48 -57.16 -15.35
CA ALA F 39 5.83 -57.36 -16.75
C ALA F 39 7.21 -56.80 -17.04
N GLY F 40 7.93 -57.43 -17.96
CA GLY F 40 9.24 -56.97 -18.36
C GLY F 40 9.89 -57.87 -19.41
N THR F 41 10.83 -57.28 -20.18
CA THR F 41 11.62 -58.00 -21.16
C THR F 41 12.59 -58.93 -20.45
N PRO F 42 13.22 -59.91 -21.13
CA PRO F 42 14.12 -60.85 -20.47
C PRO F 42 15.35 -60.16 -19.90
N GLY F 43 15.64 -60.44 -18.63
CA GLY F 43 16.81 -59.90 -17.95
C GLY F 43 16.48 -58.67 -17.10
N THR F 44 15.19 -58.38 -16.93
CA THR F 44 14.74 -57.19 -16.21
C THR F 44 14.94 -57.39 -14.71
N GLY F 45 14.30 -58.44 -14.16
CA GLY F 45 14.40 -58.75 -12.74
C GLY F 45 13.02 -59.06 -12.15
N LYS F 46 12.29 -59.97 -12.82
CA LYS F 46 10.94 -60.35 -12.42
C LYS F 46 11.03 -61.46 -11.38
N THR F 47 11.96 -62.40 -11.59
CA THR F 47 12.13 -63.56 -10.72
C THR F 47 12.70 -63.13 -9.38
N VAL F 48 13.58 -62.12 -9.40
CA VAL F 48 14.23 -61.63 -8.19
C VAL F 48 13.22 -60.84 -7.38
N PHE F 49 12.54 -59.90 -8.04
CA PHE F 49 11.47 -59.11 -7.44
C PHE F 49 10.48 -60.04 -6.74
N ALA F 50 10.08 -61.10 -7.44
CA ALA F 50 9.09 -62.05 -6.98
C ALA F 50 9.54 -62.73 -5.68
N MET F 51 10.83 -63.06 -5.60
CA MET F 51 11.36 -63.79 -4.46
C MET F 51 11.50 -62.88 -3.24
N GLN F 52 11.97 -61.64 -3.44
CA GLN F 52 12.08 -60.69 -2.34
C GLN F 52 10.72 -60.54 -1.66
N PHE F 53 9.66 -60.49 -2.49
CA PHE F 53 8.29 -60.39 -2.01
C PHE F 53 7.99 -61.54 -1.06
N LEU F 54 8.37 -62.76 -1.46
CA LEU F 54 8.16 -63.95 -0.66
C LEU F 54 9.14 -63.99 0.51
N TYR F 55 10.42 -63.68 0.25
CA TYR F 55 11.48 -63.79 1.24
C TYR F 55 11.15 -62.94 2.47
N HIS F 56 10.97 -61.63 2.25
CA HIS F 56 10.68 -60.70 3.33
C HIS F 56 9.32 -61.00 3.92
N GLY F 57 8.43 -61.59 3.10
CA GLY F 57 7.14 -62.07 3.56
C GLY F 57 7.26 -63.05 4.72
N ILE F 58 8.04 -64.11 4.52
CA ILE F 58 8.18 -65.17 5.52
C ILE F 58 9.12 -64.70 6.62
N LYS F 59 10.04 -63.78 6.29
CA LYS F 59 11.08 -63.36 7.20
C LYS F 59 10.53 -62.36 8.23
N ARG F 60 10.14 -61.17 7.74
CA ARG F 60 9.78 -60.06 8.60
C ARG F 60 8.35 -60.23 9.11
N PHE F 61 7.40 -60.33 8.18
CA PHE F 61 5.99 -60.27 8.49
C PHE F 61 5.44 -61.65 8.84
N ASP F 62 6.26 -62.69 8.63
CA ASP F 62 5.92 -64.05 9.00
C ASP F 62 4.68 -64.50 8.23
N GLU F 63 4.77 -64.43 6.90
CA GLU F 63 3.71 -64.83 5.99
C GLU F 63 4.26 -65.86 5.02
N PRO F 64 3.89 -67.16 5.11
CA PRO F 64 4.41 -68.19 4.21
C PRO F 64 4.10 -67.90 2.74
N GLY F 65 4.93 -68.42 1.84
CA GLY F 65 4.84 -68.12 0.43
C GLY F 65 4.97 -69.37 -0.45
N VAL F 66 4.45 -69.27 -1.67
CA VAL F 66 4.50 -70.35 -2.65
C VAL F 66 4.94 -69.77 -3.99
N PHE F 67 5.97 -70.39 -4.57
CA PHE F 67 6.54 -69.96 -5.84
C PHE F 67 6.32 -71.06 -6.88
N VAL F 68 5.43 -70.78 -7.85
CA VAL F 68 5.17 -71.71 -8.94
C VAL F 68 6.04 -71.27 -10.12
N THR F 69 6.77 -72.23 -10.71
CA THR F 69 7.64 -71.93 -11.84
C THR F 69 7.25 -72.82 -13.02
N PHE F 70 6.93 -72.17 -14.14
CA PHE F 70 6.61 -72.86 -15.39
C PHE F 70 7.79 -72.72 -16.36
N GLU F 71 9.00 -72.59 -15.81
CA GLU F 71 10.20 -72.33 -16.59
C GLU F 71 11.41 -72.96 -15.93
N GLU F 72 11.91 -72.31 -14.87
CA GLU F 72 13.17 -72.70 -14.24
C GLU F 72 12.92 -73.89 -13.31
N SER F 73 13.99 -74.62 -12.99
CA SER F 73 13.90 -75.73 -12.06
C SER F 73 14.02 -75.20 -10.63
N PRO F 74 13.16 -75.65 -9.69
CA PRO F 74 13.29 -75.27 -8.27
C PRO F 74 14.73 -75.31 -7.73
N ASP F 75 15.50 -76.30 -8.19
CA ASP F 75 16.89 -76.45 -7.81
C ASP F 75 17.70 -75.25 -8.28
N ASP F 76 17.50 -74.85 -9.56
CA ASP F 76 18.23 -73.74 -10.15
C ASP F 76 17.84 -72.42 -9.47
N ILE F 77 16.55 -72.25 -9.17
CA ILE F 77 16.08 -71.03 -8.52
C ILE F 77 16.81 -70.85 -7.19
N LEU F 78 16.94 -71.93 -6.41
CA LEU F 78 17.60 -71.90 -5.12
C LEU F 78 19.07 -71.54 -5.27
N ARG F 79 19.70 -71.97 -6.37
CA ARG F 79 21.10 -71.67 -6.65
C ARG F 79 21.25 -70.26 -7.22
N ASN F 80 20.31 -69.86 -8.09
CA ASN F 80 20.39 -68.57 -8.77
C ASN F 80 20.20 -67.42 -7.79
N MET F 81 19.42 -67.65 -6.72
CA MET F 81 19.08 -66.60 -5.77
C MET F 81 20.03 -66.62 -4.58
N ALA F 82 21.11 -67.43 -4.67
CA ALA F 82 21.93 -67.77 -3.52
C ALA F 82 22.83 -66.60 -3.12
N SER F 83 23.48 -65.98 -4.11
CA SER F 83 24.45 -64.93 -3.88
C SER F 83 23.83 -63.78 -3.10
N PHE F 84 22.52 -63.56 -3.27
CA PHE F 84 21.80 -62.50 -2.58
C PHE F 84 21.80 -62.71 -1.06
N GLY F 85 22.13 -63.93 -0.62
CA GLY F 85 22.32 -64.21 0.80
C GLY F 85 20.99 -64.47 1.50
N TRP F 86 20.13 -65.27 0.85
CA TRP F 86 18.84 -65.65 1.39
C TRP F 86 18.88 -67.11 1.81
N ASP F 87 18.15 -67.44 2.89
CA ASP F 87 18.11 -68.79 3.43
C ASP F 87 17.57 -69.74 2.37
N LEU F 88 16.30 -69.52 1.99
CA LEU F 88 15.63 -70.28 0.95
C LEU F 88 15.53 -71.76 1.31
N GLN F 89 16.65 -72.49 1.22
CA GLN F 89 16.67 -73.94 1.40
C GLN F 89 16.23 -74.30 2.82
N LYS F 90 16.59 -73.46 3.80
CA LYS F 90 16.15 -73.63 5.16
C LYS F 90 14.64 -73.36 5.26
N LEU F 91 14.22 -72.24 4.67
CA LEU F 91 12.84 -71.80 4.71
C LEU F 91 11.96 -72.84 4.01
N VAL F 92 12.49 -73.46 2.96
CA VAL F 92 11.79 -74.51 2.22
C VAL F 92 11.59 -75.72 3.14
N GLU F 93 12.64 -76.07 3.89
CA GLU F 93 12.63 -77.25 4.76
C GLU F 93 11.77 -76.98 6.00
N GLU F 94 11.75 -75.73 6.47
CA GLU F 94 10.94 -75.35 7.61
C GLU F 94 9.47 -75.33 7.26
N GLY F 95 9.16 -75.25 5.95
CA GLY F 95 7.79 -75.25 5.47
C GLY F 95 7.19 -73.85 5.39
N LYS F 96 8.08 -72.85 5.23
CA LYS F 96 7.66 -71.46 5.09
C LYS F 96 7.57 -71.09 3.61
N LEU F 97 8.49 -71.64 2.80
CA LEU F 97 8.55 -71.34 1.38
C LEU F 97 8.41 -72.64 0.58
N ALA F 98 7.71 -72.55 -0.56
CA ALA F 98 7.54 -73.70 -1.44
C ALA F 98 7.85 -73.29 -2.89
N ILE F 99 8.60 -74.14 -3.59
CA ILE F 99 8.91 -73.95 -5.00
C ILE F 99 8.27 -75.08 -5.78
N VAL F 100 7.20 -74.77 -6.52
CA VAL F 100 6.42 -75.77 -7.24
C VAL F 100 6.89 -75.82 -8.69
N ASP F 101 7.19 -77.04 -9.17
CA ASP F 101 7.66 -77.25 -10.53
C ASP F 101 6.45 -77.54 -11.42
N ALA F 102 6.04 -76.53 -12.21
CA ALA F 102 5.00 -76.70 -13.22
C ALA F 102 5.64 -76.67 -14.61
N SER F 103 6.96 -76.86 -14.67
CA SER F 103 7.69 -76.84 -15.93
C SER F 103 7.33 -78.08 -16.74
N PRO F 104 7.36 -78.01 -18.09
CA PRO F 104 7.08 -79.17 -18.93
C PRO F 104 8.14 -80.26 -18.79
N ASP F 105 7.70 -81.52 -18.81
CA ASP F 105 8.59 -82.67 -18.73
C ASP F 105 9.28 -82.84 -20.08
N PRO F 106 10.64 -82.88 -20.14
CA PRO F 106 11.35 -82.94 -21.42
C PRO F 106 11.22 -84.23 -22.22
N GLU F 107 10.35 -85.16 -21.79
CA GLU F 107 10.14 -86.41 -22.50
C GLU F 107 9.32 -86.14 -23.77
N GLU F 108 8.00 -86.28 -23.68
CA GLU F 108 7.15 -86.28 -24.86
C GLU F 108 5.68 -86.17 -24.45
N GLU F 109 4.79 -86.63 -25.33
CA GLU F 109 3.35 -86.58 -25.11
C GLU F 109 2.83 -85.18 -25.43
N GLU F 110 1.51 -85.03 -25.47
CA GLU F 110 0.87 -83.79 -25.87
C GLU F 110 -0.61 -83.81 -25.47
N VAL F 111 -1.31 -84.90 -25.81
CA VAL F 111 -2.70 -85.08 -25.46
C VAL F 111 -2.83 -85.17 -23.94
N ASP F 116 -5.08 -80.88 -17.79
CA ASP F 116 -3.61 -80.78 -17.51
C ASP F 116 -3.32 -79.50 -16.73
N LEU F 117 -3.68 -78.36 -17.33
CA LEU F 117 -3.55 -77.06 -16.69
C LEU F 117 -4.53 -76.97 -15.53
N SER F 118 -5.70 -77.60 -15.69
CA SER F 118 -6.70 -77.67 -14.63
C SER F 118 -6.15 -78.50 -13.46
N GLY F 119 -5.53 -79.64 -13.78
CA GLY F 119 -4.88 -80.47 -12.79
C GLY F 119 -3.72 -79.75 -12.09
N LEU F 120 -2.99 -78.94 -12.87
CA LEU F 120 -1.85 -78.20 -12.35
C LEU F 120 -2.32 -77.13 -11.36
N LEU F 121 -3.35 -76.37 -11.76
CA LEU F 121 -3.85 -75.27 -10.95
C LEU F 121 -4.38 -75.79 -9.61
N ALA F 122 -4.89 -77.02 -9.60
CA ALA F 122 -5.39 -77.66 -8.40
C ALA F 122 -4.26 -77.91 -7.41
N ARG F 123 -3.11 -78.37 -7.93
CA ARG F 123 -1.96 -78.69 -7.10
C ARG F 123 -1.32 -77.39 -6.59
N ILE F 124 -1.39 -76.32 -7.39
CA ILE F 124 -0.89 -75.02 -7.00
C ILE F 124 -1.71 -74.50 -5.82
N ASN F 125 -3.03 -74.70 -5.87
CA ASN F 125 -3.94 -74.22 -4.85
C ASN F 125 -3.80 -75.06 -3.58
N HIS F 126 -3.54 -76.36 -3.75
CA HIS F 126 -3.27 -77.26 -2.63
C HIS F 126 -2.13 -76.71 -1.78
N ALA F 127 -1.03 -76.35 -2.46
CA ALA F 127 0.18 -75.87 -1.82
C ALA F 127 -0.08 -74.62 -1.00
N ILE F 128 -0.84 -73.67 -1.57
CA ILE F 128 -1.16 -72.43 -0.90
C ILE F 128 -1.76 -72.75 0.48
N ARG F 129 -2.60 -73.79 0.52
CA ARG F 129 -3.36 -74.14 1.70
C ARG F 129 -2.56 -75.07 2.62
N LYS F 130 -1.76 -75.96 2.01
CA LYS F 130 -0.86 -76.81 2.78
C LYS F 130 0.11 -75.95 3.57
N TYR F 131 0.81 -75.06 2.87
CA TYR F 131 1.84 -74.22 3.47
C TYR F 131 1.20 -73.00 4.14
N LYS F 132 -0.15 -72.90 4.06
CA LYS F 132 -0.89 -71.84 4.70
C LYS F 132 -0.32 -70.50 4.25
N ALA F 133 -0.20 -70.34 2.94
CA ALA F 133 0.55 -69.25 2.32
C ALA F 133 -0.33 -68.02 2.19
N LYS F 134 0.30 -66.85 2.35
CA LYS F 134 -0.37 -65.56 2.22
C LYS F 134 0.05 -64.89 0.92
N ARG F 135 1.23 -65.24 0.41
CA ARG F 135 1.81 -64.61 -0.77
C ARG F 135 2.13 -65.68 -1.81
N VAL F 136 1.76 -65.42 -3.07
CA VAL F 136 1.92 -66.40 -4.14
C VAL F 136 2.70 -65.74 -5.28
N VAL F 137 3.41 -66.57 -6.06
CA VAL F 137 4.11 -66.12 -7.25
C VAL F 137 3.92 -67.16 -8.36
N ILE F 138 3.63 -66.67 -9.57
CA ILE F 138 3.58 -67.50 -10.77
C ILE F 138 4.65 -67.00 -11.74
N ASP F 139 5.67 -67.83 -11.99
CA ASP F 139 6.78 -67.46 -12.85
C ASP F 139 6.36 -67.60 -14.31
N SER F 140 6.26 -66.47 -15.01
CA SER F 140 5.88 -66.41 -16.41
C SER F 140 4.50 -67.05 -16.61
N ILE F 141 3.47 -66.20 -16.52
CA ILE F 141 2.13 -66.57 -16.98
C ILE F 141 2.16 -66.71 -18.49
N THR F 142 3.15 -66.09 -19.13
CA THR F 142 3.36 -66.17 -20.57
C THR F 142 3.85 -67.56 -20.97
N ALA F 143 4.67 -68.17 -20.11
CA ALA F 143 5.24 -69.48 -20.39
C ALA F 143 4.15 -70.56 -20.43
N ILE F 144 3.03 -70.28 -19.75
CA ILE F 144 1.89 -71.18 -19.74
C ILE F 144 1.27 -71.19 -21.14
N PHE F 145 1.15 -70.00 -21.74
CA PHE F 145 0.59 -69.86 -23.08
C PHE F 145 1.48 -70.57 -24.11
N GLN F 146 2.79 -70.65 -23.83
CA GLN F 146 3.75 -71.21 -24.75
C GLN F 146 3.82 -72.73 -24.62
N GLN F 147 3.55 -73.25 -23.41
CA GLN F 147 3.71 -74.67 -23.13
C GLN F 147 2.36 -75.38 -23.09
N PHE F 148 1.26 -74.65 -23.32
CA PHE F 148 -0.05 -75.25 -23.48
C PHE F 148 -0.68 -74.69 -24.76
N ASP F 149 -1.54 -75.51 -25.38
CA ASP F 149 -2.12 -75.17 -26.68
C ASP F 149 -3.64 -75.13 -26.56
N ASP F 150 -4.19 -73.90 -26.53
CA ASP F 150 -5.63 -73.69 -26.48
C ASP F 150 -5.94 -72.21 -26.66
N ALA F 151 -5.26 -71.37 -25.87
CA ALA F 151 -5.54 -69.94 -25.80
C ALA F 151 -6.80 -69.69 -24.98
N SER F 152 -7.62 -70.73 -24.80
CA SER F 152 -8.69 -70.75 -23.80
C SER F 152 -8.11 -71.00 -22.42
N THR F 153 -6.77 -71.08 -22.32
CA THR F 153 -6.08 -71.07 -21.04
C THR F 153 -6.49 -69.85 -20.23
N VAL F 154 -6.78 -68.75 -20.95
CA VAL F 154 -7.26 -67.51 -20.36
C VAL F 154 -8.39 -67.82 -19.36
N ARG F 155 -9.29 -68.73 -19.73
CA ARG F 155 -10.39 -69.15 -18.86
C ARG F 155 -9.83 -69.67 -17.53
N ARG F 156 -8.83 -70.56 -17.62
CA ARG F 156 -8.22 -71.17 -16.44
C ARG F 156 -7.45 -70.11 -15.65
N GLU F 157 -6.70 -69.26 -16.35
CA GLU F 157 -5.90 -68.22 -15.72
C GLU F 157 -6.81 -67.20 -15.02
N LEU F 158 -7.93 -66.87 -15.66
CA LEU F 158 -8.91 -65.95 -15.09
C LEU F 158 -9.47 -66.53 -13.80
N PHE F 159 -9.74 -67.84 -13.82
CA PHE F 159 -10.24 -68.56 -12.65
C PHE F 159 -9.24 -68.44 -11.50
N ARG F 160 -7.96 -68.62 -11.81
CA ARG F 160 -6.90 -68.57 -10.82
C ARG F 160 -6.78 -67.15 -10.24
N LEU F 161 -6.93 -66.15 -11.11
CA LEU F 161 -6.87 -64.76 -10.70
C LEU F 161 -7.99 -64.45 -9.71
N VAL F 162 -9.14 -65.13 -9.88
CA VAL F 162 -10.31 -64.95 -9.05
C VAL F 162 -10.22 -65.83 -7.81
N ALA F 163 -9.97 -67.14 -8.03
CA ALA F 163 -9.94 -68.13 -6.97
C ALA F 163 -8.98 -67.71 -5.86
N ARG F 164 -7.77 -67.28 -6.25
CA ARG F 164 -6.74 -66.91 -5.30
C ARG F 164 -7.05 -65.57 -4.65
N LEU F 165 -7.27 -64.55 -5.49
CA LEU F 165 -7.39 -63.18 -5.02
C LEU F 165 -8.57 -63.05 -4.05
N LYS F 166 -9.75 -63.50 -4.49
CA LYS F 166 -10.98 -63.26 -3.75
C LYS F 166 -11.08 -64.23 -2.58
N ARG F 167 -11.36 -65.51 -2.88
CA ARG F 167 -11.77 -66.49 -1.88
C ARG F 167 -10.62 -66.76 -0.91
N MET F 168 -9.45 -67.13 -1.46
CA MET F 168 -8.32 -67.56 -0.65
C MET F 168 -7.70 -66.36 0.06
N GLY F 169 -7.87 -65.16 -0.51
CA GLY F 169 -7.44 -63.92 0.11
C GLY F 169 -5.91 -63.82 0.21
N VAL F 170 -5.23 -64.17 -0.89
CA VAL F 170 -3.78 -64.17 -0.95
C VAL F 170 -3.34 -63.08 -1.92
N THR F 171 -2.16 -62.50 -1.65
CA THR F 171 -1.58 -61.48 -2.51
C THR F 171 -0.62 -62.16 -3.49
N THR F 172 -0.93 -62.08 -4.79
CA THR F 172 -0.20 -62.83 -5.79
C THR F 172 0.61 -61.89 -6.66
N ILE F 173 1.76 -62.38 -7.15
CA ILE F 173 2.52 -61.74 -8.22
C ILE F 173 2.54 -62.70 -9.40
N MET F 174 2.33 -62.15 -10.61
CA MET F 174 2.32 -62.95 -11.82
C MET F 174 3.25 -62.30 -12.85
N THR F 175 4.42 -62.92 -13.05
CA THR F 175 5.45 -62.36 -13.90
C THR F 175 5.05 -62.57 -15.36
N ALA F 176 5.49 -61.65 -16.23
CA ALA F 176 5.12 -61.68 -17.63
C ALA F 176 6.25 -61.12 -18.49
N GLU F 177 6.53 -61.80 -19.61
CA GLU F 177 7.58 -61.40 -20.54
C GLU F 177 7.01 -60.49 -21.61
N ARG F 178 7.83 -59.51 -22.03
CA ARG F 178 7.48 -58.58 -23.09
C ARG F 178 8.45 -58.77 -24.25
N THR F 179 8.25 -58.02 -25.33
CA THR F 179 9.15 -58.02 -26.47
C THR F 179 9.93 -56.70 -26.52
N GLU F 180 9.24 -55.58 -26.24
CA GLU F 180 9.85 -54.26 -26.29
C GLU F 180 9.72 -53.59 -24.93
N GLU F 181 10.59 -52.60 -24.68
CA GLU F 181 10.62 -51.89 -23.40
C GLU F 181 9.47 -50.89 -23.37
N TYR F 182 9.44 -49.99 -24.37
CA TYR F 182 8.36 -49.03 -24.55
C TYR F 182 7.45 -49.54 -25.66
N GLY F 183 6.46 -50.35 -25.28
CA GLY F 183 5.54 -50.95 -26.22
C GLY F 183 4.34 -51.58 -25.50
N PRO F 184 3.81 -52.72 -25.98
CA PRO F 184 2.74 -53.43 -25.27
C PRO F 184 3.14 -53.77 -23.84
N ILE F 185 2.19 -53.60 -22.91
CA ILE F 185 2.43 -53.81 -21.49
C ILE F 185 2.96 -55.23 -21.27
N ALA F 186 2.26 -56.21 -21.84
CA ALA F 186 2.68 -57.60 -21.75
C ALA F 186 2.25 -58.35 -23.01
N ARG F 187 2.68 -59.62 -23.10
CA ARG F 187 2.51 -60.41 -24.31
C ARG F 187 1.33 -61.35 -24.12
N TYR F 188 0.69 -61.72 -25.25
CA TYR F 188 -0.45 -62.62 -25.27
C TYR F 188 -1.66 -61.97 -24.60
N GLY F 189 -1.70 -60.63 -24.61
CA GLY F 189 -2.79 -59.88 -24.00
C GLY F 189 -3.18 -60.41 -22.62
N VAL F 190 -2.16 -60.67 -21.79
CA VAL F 190 -2.37 -61.22 -20.45
C VAL F 190 -2.82 -60.12 -19.51
N GLU F 191 -2.65 -58.86 -19.93
CA GLU F 191 -3.01 -57.70 -19.12
C GLU F 191 -4.53 -57.67 -18.92
N GLU F 192 -5.26 -58.24 -19.89
CA GLU F 192 -6.72 -58.25 -19.89
C GLU F 192 -7.26 -58.83 -18.58
N PHE F 193 -6.67 -59.95 -18.13
CA PHE F 193 -7.16 -60.65 -16.95
C PHE F 193 -6.56 -60.00 -15.69
N VAL F 194 -5.22 -59.95 -15.65
CA VAL F 194 -4.50 -59.39 -14.51
C VAL F 194 -4.43 -57.87 -14.70
N ALA F 195 -5.60 -57.24 -14.63
CA ALA F 195 -5.77 -55.85 -15.03
C ALA F 195 -5.80 -54.91 -13.83
N ASP F 196 -5.96 -55.48 -12.62
CA ASP F 196 -6.14 -54.70 -11.41
C ASP F 196 -4.88 -53.89 -11.11
N ASN F 197 -3.73 -54.58 -11.05
CA ASN F 197 -2.46 -53.95 -10.70
C ASN F 197 -1.43 -54.32 -11.76
N VAL F 198 -0.60 -53.33 -12.14
CA VAL F 198 0.40 -53.52 -13.16
C VAL F 198 1.70 -52.84 -12.74
N VAL F 199 2.81 -53.58 -12.83
CA VAL F 199 4.15 -53.06 -12.59
C VAL F 199 5.02 -53.42 -13.78
N ILE F 200 5.70 -52.41 -14.35
CA ILE F 200 6.52 -52.61 -15.55
C ILE F 200 7.99 -52.47 -15.18
N LEU F 201 8.77 -53.51 -15.48
CA LEU F 201 10.23 -53.45 -15.37
C LEU F 201 10.81 -53.26 -16.78
N ARG F 202 11.80 -52.37 -16.88
CA ARG F 202 12.43 -52.07 -18.16
C ARG F 202 13.95 -52.03 -17.99
N ASN F 203 14.66 -52.54 -19.01
CA ASN F 203 16.10 -52.38 -19.11
C ASN F 203 16.40 -51.76 -20.47
N VAL F 204 16.50 -50.42 -20.50
CA VAL F 204 16.60 -49.67 -21.75
C VAL F 204 18.07 -49.49 -22.10
N LEU F 205 18.41 -49.83 -23.35
CA LEU F 205 19.75 -49.60 -23.89
C LEU F 205 19.77 -48.23 -24.57
N GLU F 206 20.63 -47.34 -24.08
CA GLU F 206 20.82 -46.02 -24.66
C GLU F 206 22.29 -45.62 -24.56
N GLY F 207 22.97 -45.60 -25.72
CA GLY F 207 24.37 -45.24 -25.79
C GLY F 207 25.27 -46.33 -25.21
N GLU F 208 25.03 -47.57 -25.63
CA GLU F 208 25.85 -48.72 -25.27
C GLU F 208 25.84 -48.91 -23.74
N ARG F 209 24.69 -48.64 -23.11
CA ARG F 209 24.57 -48.73 -21.67
C ARG F 209 23.10 -48.98 -21.30
N ARG F 210 22.88 -50.00 -20.47
CA ARG F 210 21.54 -50.39 -20.05
C ARG F 210 21.18 -49.67 -18.74
N ARG F 211 19.89 -49.40 -18.56
CA ARG F 211 19.38 -48.74 -17.36
C ARG F 211 18.08 -49.41 -16.92
N ARG F 212 18.09 -50.02 -15.73
CA ARG F 212 16.93 -50.71 -15.19
C ARG F 212 15.95 -49.69 -14.62
N THR F 213 14.65 -49.96 -14.76
CA THR F 213 13.62 -49.10 -14.22
C THR F 213 12.40 -49.93 -13.80
N ILE F 214 11.69 -49.46 -12.77
CA ILE F 214 10.40 -50.00 -12.40
C ILE F 214 9.37 -48.88 -12.45
N GLU F 215 8.14 -49.23 -12.86
CA GLU F 215 7.02 -48.30 -12.90
C GLU F 215 5.77 -49.00 -12.41
N ILE F 216 5.03 -48.35 -11.50
CA ILE F 216 3.71 -48.79 -11.09
C ILE F 216 2.70 -48.06 -11.96
N LEU F 217 2.31 -48.69 -13.08
CA LEU F 217 1.41 -48.07 -14.04
C LEU F 217 0.02 -47.92 -13.43
N LYS F 218 -0.47 -48.97 -12.77
CA LYS F 218 -1.85 -49.04 -12.31
C LYS F 218 -1.92 -49.68 -10.94
N PHE F 219 -2.70 -49.05 -10.04
CA PHE F 219 -3.16 -49.65 -8.81
C PHE F 219 -4.63 -49.28 -8.59
N ARG F 220 -5.54 -50.17 -8.98
CA ARG F 220 -6.96 -49.95 -8.77
C ARG F 220 -7.25 -49.83 -7.28
N GLY F 221 -7.84 -48.70 -6.88
CA GLY F 221 -8.35 -48.51 -5.52
C GLY F 221 -7.34 -47.86 -4.58
N THR F 222 -6.16 -47.51 -5.09
CA THR F 222 -5.11 -46.92 -4.27
C THR F 222 -4.24 -45.98 -5.10
N SER F 223 -3.43 -45.18 -4.39
CA SER F 223 -2.52 -44.23 -5.02
C SER F 223 -1.16 -44.90 -5.24
N HIS F 224 -0.38 -44.30 -6.14
CA HIS F 224 0.94 -44.80 -6.48
C HIS F 224 1.75 -43.68 -7.13
N GLN F 225 3.04 -43.60 -6.80
CA GLN F 225 3.94 -42.64 -7.41
C GLN F 225 4.13 -43.02 -8.88
N LYS F 226 3.77 -42.10 -9.78
CA LYS F 226 3.75 -42.39 -11.21
C LYS F 226 5.14 -42.18 -11.80
N GLY F 227 5.43 -42.93 -12.87
CA GLY F 227 6.65 -42.77 -13.65
C GLY F 227 7.67 -43.87 -13.38
N GLU F 228 8.82 -43.78 -14.06
CA GLU F 228 9.89 -44.75 -13.94
C GLU F 228 10.82 -44.34 -12.80
N PHE F 229 11.33 -45.34 -12.08
CA PHE F 229 12.27 -45.13 -10.98
C PHE F 229 13.44 -46.08 -11.14
N PRO F 230 14.72 -45.61 -11.02
CA PRO F 230 15.88 -46.46 -11.26
C PRO F 230 16.05 -47.51 -10.16
N PHE F 231 16.51 -48.71 -10.55
CA PHE F 231 16.80 -49.77 -9.59
C PHE F 231 18.03 -50.55 -10.06
N THR F 232 18.63 -51.29 -9.13
CA THR F 232 19.82 -52.09 -9.39
C THR F 232 19.66 -53.47 -8.75
N ILE F 233 20.13 -54.50 -9.46
CA ILE F 233 20.17 -55.85 -8.93
C ILE F 233 21.62 -56.16 -8.54
N THR F 234 21.98 -55.82 -7.30
CA THR F 234 23.32 -56.05 -6.79
C THR F 234 23.44 -57.49 -6.30
N PRO F 235 24.65 -58.10 -6.35
CA PRO F 235 24.84 -59.51 -5.96
C PRO F 235 24.75 -59.82 -4.47
N GLY F 236 24.38 -58.83 -3.65
CA GLY F 236 24.25 -59.03 -2.21
C GLY F 236 23.18 -58.13 -1.60
N GLU F 237 21.97 -58.21 -2.17
CA GLU F 237 20.84 -57.36 -1.77
C GLU F 237 19.63 -57.70 -2.63
N GLY F 238 19.84 -57.81 -3.95
CA GLY F 238 18.77 -57.97 -4.90
C GLY F 238 18.34 -56.63 -5.47
N ILE F 239 17.03 -56.43 -5.62
CA ILE F 239 16.49 -55.15 -6.08
C ILE F 239 16.81 -54.09 -5.02
N SER F 240 17.33 -52.95 -5.49
CA SER F 240 17.59 -51.80 -4.64
C SER F 240 17.03 -50.55 -5.33
N ILE F 241 15.72 -50.33 -5.17
CA ILE F 241 15.05 -49.22 -5.82
C ILE F 241 15.42 -47.95 -5.06
N PHE F 242 15.90 -46.94 -5.79
CA PHE F 242 16.30 -45.68 -5.20
C PHE F 242 15.15 -44.67 -5.35
N PRO F 243 14.33 -44.43 -4.31
CA PRO F 243 13.31 -43.38 -4.38
C PRO F 243 13.90 -42.05 -3.92
N LEU F 244 14.88 -41.55 -4.69
CA LEU F 244 15.48 -40.26 -4.44
C LEU F 244 14.40 -39.18 -4.56
N SER F 245 13.32 -39.51 -5.26
CA SER F 245 12.10 -38.72 -5.23
C SER F 245 11.52 -38.66 -3.82
N ALA F 246 11.28 -39.84 -3.24
CA ALA F 246 10.66 -39.96 -1.93
C ALA F 246 11.65 -39.61 -0.82
N MET F 247 12.94 -39.50 -1.16
CA MET F 247 13.94 -39.00 -0.23
C MET F 247 13.49 -37.62 0.29
N ARG F 248 13.29 -37.53 1.61
CA ARG F 248 12.69 -36.36 2.22
C ARG F 248 13.79 -35.41 2.70
N LEU F 249 13.47 -34.11 2.72
CA LEU F 249 14.39 -33.08 3.17
C LEU F 249 14.19 -32.83 4.67
N GLN F 251 16.52 -33.99 7.80
CA GLN F 251 17.80 -34.57 8.32
C GLN F 251 18.28 -33.73 9.51
N ARG F 252 19.58 -33.83 9.81
CA ARG F 252 20.18 -33.15 10.94
C ARG F 252 20.84 -31.85 10.47
N SER F 253 21.05 -30.93 11.42
CA SER F 253 21.66 -29.64 11.13
C SER F 253 22.14 -28.99 12.43
N SER F 254 23.38 -28.49 12.43
CA SER F 254 23.99 -27.91 13.62
C SER F 254 25.13 -26.97 13.22
N ASN F 255 25.70 -26.29 14.22
CA ASN F 255 26.77 -25.32 14.01
C ASN F 255 28.12 -25.91 14.48
N VAL F 256 28.16 -27.23 14.69
CA VAL F 256 29.41 -27.92 14.99
C VAL F 256 30.37 -27.70 13.82
N ARG F 257 31.51 -27.05 14.11
CA ARG F 257 32.39 -26.55 13.06
C ARG F 257 33.61 -27.46 12.95
N VAL F 258 33.95 -27.81 11.70
CA VAL F 258 35.04 -28.74 11.40
C VAL F 258 36.10 -28.01 10.59
N SER F 259 37.28 -28.64 10.45
CA SER F 259 38.42 -28.04 9.79
C SER F 259 38.56 -28.56 8.36
N SER F 260 39.29 -27.82 7.54
CA SER F 260 39.49 -28.15 6.13
C SER F 260 40.92 -28.65 5.89
N GLY F 261 41.81 -28.45 6.86
CA GLY F 261 43.23 -28.73 6.70
C GLY F 261 44.01 -27.52 6.18
N VAL F 262 43.28 -26.43 5.89
CA VAL F 262 43.88 -25.17 5.48
C VAL F 262 43.43 -24.10 6.46
N PRO F 263 44.29 -23.65 7.40
CA PRO F 263 43.90 -22.66 8.40
C PRO F 263 43.27 -21.38 7.86
N GLU F 264 43.81 -20.89 6.72
CA GLU F 264 43.33 -19.67 6.10
C GLU F 264 41.91 -19.87 5.58
N LEU F 265 41.63 -21.06 5.03
CA LEU F 265 40.33 -21.39 4.48
C LEU F 265 39.30 -21.50 5.61
N ASP F 266 39.75 -21.95 6.79
CA ASP F 266 38.91 -22.00 7.96
C ASP F 266 38.58 -20.58 8.42
N GLU F 267 39.58 -19.69 8.34
CA GLU F 267 39.42 -18.30 8.70
C GLU F 267 38.52 -17.58 7.68
N MET F 268 38.62 -17.99 6.42
CA MET F 268 37.84 -17.40 5.34
C MET F 268 36.37 -17.79 5.48
N CYS F 269 36.11 -18.96 6.07
CA CYS F 269 34.76 -19.49 6.18
C CYS F 269 34.15 -19.20 7.55
N GLY F 270 34.89 -18.45 8.39
CA GLY F 270 34.37 -17.97 9.67
C GLY F 270 34.58 -18.96 10.80
N GLY F 271 35.66 -19.76 10.71
CA GLY F 271 36.03 -20.71 11.74
C GLY F 271 35.94 -22.17 11.27
N GLY F 272 35.94 -22.39 9.96
CA GLY F 272 35.89 -23.72 9.38
C GLY F 272 34.51 -24.06 8.84
N PHE F 273 34.41 -25.21 8.17
CA PHE F 273 33.15 -25.69 7.61
C PHE F 273 32.27 -26.25 8.73
N PHE F 274 30.99 -26.45 8.43
CA PHE F 274 30.07 -27.13 9.34
C PHE F 274 30.15 -28.63 9.10
N ARG F 275 29.85 -29.42 10.14
CA ARG F 275 29.87 -30.87 10.04
C ARG F 275 28.83 -31.33 9.04
N ASP F 276 27.55 -31.09 9.36
CA ASP F 276 26.44 -31.54 8.53
C ASP F 276 26.29 -30.59 7.34
N SER F 277 27.21 -30.69 6.38
CA SER F 277 27.25 -29.79 5.24
C SER F 277 27.79 -30.49 4.01
N ILE F 278 27.67 -29.81 2.86
CA ILE F 278 28.20 -30.27 1.59
C ILE F 278 28.94 -29.11 0.93
N ILE F 279 30.25 -29.28 0.70
CA ILE F 279 31.07 -28.24 0.11
C ILE F 279 31.30 -28.57 -1.36
N LEU F 280 31.20 -27.55 -2.23
CA LEU F 280 31.51 -27.67 -3.64
C LEU F 280 32.79 -26.89 -3.93
N VAL F 281 33.83 -27.61 -4.39
CA VAL F 281 35.07 -26.99 -4.83
C VAL F 281 35.10 -27.02 -6.35
N SER F 282 34.80 -25.88 -6.97
CA SER F 282 34.80 -25.75 -8.42
C SER F 282 36.08 -25.05 -8.88
N GLY F 283 36.43 -25.25 -10.15
CA GLY F 283 37.61 -24.62 -10.73
C GLY F 283 38.11 -25.35 -11.97
N ALA F 284 39.07 -24.72 -12.67
CA ALA F 284 39.66 -25.28 -13.89
C ALA F 284 40.59 -26.44 -13.53
N THR F 285 41.25 -27.00 -14.54
CA THR F 285 42.14 -28.14 -14.36
C THR F 285 43.51 -27.62 -13.94
N GLY F 286 44.04 -28.20 -12.85
CA GLY F 286 45.35 -27.83 -12.33
C GLY F 286 45.32 -26.61 -11.41
N THR F 287 44.12 -26.24 -10.95
CA THR F 287 43.93 -25.09 -10.08
C THR F 287 44.30 -25.45 -8.65
N GLY F 288 43.94 -26.67 -8.23
CA GLY F 288 44.23 -27.15 -6.89
C GLY F 288 42.97 -27.64 -6.18
N LYS F 289 42.15 -28.41 -6.89
CA LYS F 289 40.92 -28.95 -6.35
C LYS F 289 41.22 -30.21 -5.56
N THR F 290 42.18 -31.01 -6.07
CA THR F 290 42.56 -32.26 -5.44
C THR F 290 43.42 -32.00 -4.21
N LEU F 291 44.16 -30.88 -4.20
CA LEU F 291 44.95 -30.48 -3.05
C LEU F 291 44.03 -30.20 -1.86
N LEU F 292 42.98 -29.41 -2.09
CA LEU F 292 41.99 -29.13 -1.06
C LEU F 292 41.38 -30.43 -0.54
N VAL F 293 41.16 -31.39 -1.46
CA VAL F 293 40.62 -32.69 -1.11
C VAL F 293 41.58 -33.40 -0.16
N THR F 294 42.87 -33.45 -0.53
CA THR F 294 43.87 -34.13 0.28
C THR F 294 43.94 -33.54 1.68
N LYS F 295 43.83 -32.20 1.76
CA LYS F 295 43.89 -31.49 3.03
C LYS F 295 42.65 -31.81 3.86
N PHE F 296 41.49 -31.88 3.18
CA PHE F 296 40.21 -32.13 3.82
C PHE F 296 40.20 -33.50 4.49
N LEU F 297 40.74 -34.50 3.78
CA LEU F 297 40.80 -35.87 4.29
C LEU F 297 41.81 -35.97 5.43
N GLU F 298 42.94 -35.27 5.28
CA GLU F 298 44.00 -35.26 6.28
C GLU F 298 43.58 -34.47 7.51
N GLY F 299 42.55 -33.62 7.36
CA GLY F 299 41.99 -32.88 8.47
C GLY F 299 41.17 -33.76 9.41
N ALA F 300 40.74 -34.93 8.92
CA ALA F 300 39.96 -35.87 9.71
C ALA F 300 40.88 -36.90 10.37
N CYS F 301 41.72 -37.54 9.56
CA CYS F 301 42.62 -38.59 10.02
C CYS F 301 43.53 -38.08 11.13
N ARG F 302 43.92 -36.80 11.05
CA ARG F 302 44.78 -36.18 12.04
C ARG F 302 44.06 -36.04 13.37
N ASN F 303 42.79 -35.60 13.33
CA ASN F 303 42.01 -35.39 14.53
C ASN F 303 41.33 -36.68 14.97
N GLY F 304 41.74 -37.82 14.39
CA GLY F 304 41.23 -39.12 14.78
C GLY F 304 39.81 -39.35 14.27
N GLU F 305 39.61 -39.11 12.97
CA GLU F 305 38.31 -39.24 12.34
C GLU F 305 38.48 -40.00 11.02
N ARG F 306 37.50 -40.86 10.71
CA ARG F 306 37.54 -41.67 9.50
C ARG F 306 37.13 -40.81 8.30
N ALA F 307 37.76 -41.07 7.15
CA ALA F 307 37.50 -40.35 5.92
C ALA F 307 37.44 -41.32 4.74
N LEU F 308 36.70 -40.94 3.69
CA LEU F 308 36.47 -41.79 2.54
C LEU F 308 36.62 -40.98 1.26
N LEU F 309 37.51 -41.43 0.37
CA LEU F 309 37.74 -40.76 -0.90
C LEU F 309 37.20 -41.62 -2.03
N PHE F 310 36.58 -40.97 -3.02
CA PHE F 310 36.07 -41.63 -4.21
C PHE F 310 36.70 -41.00 -5.44
N ALA F 311 37.82 -41.56 -5.88
CA ALA F 311 38.53 -41.07 -7.05
C ALA F 311 37.92 -41.66 -8.32
N PHE F 312 37.36 -40.79 -9.16
CA PHE F 312 36.80 -41.17 -10.45
C PHE F 312 37.57 -40.47 -11.56
N GLU F 313 38.88 -40.29 -11.35
CA GLU F 313 39.70 -39.50 -12.27
C GLU F 313 41.14 -39.99 -12.23
N GLU F 314 41.70 -40.13 -11.01
CA GLU F 314 43.10 -40.47 -10.84
C GLU F 314 43.26 -41.92 -10.42
N SER F 315 44.49 -42.43 -10.52
CA SER F 315 44.85 -43.77 -10.07
C SER F 315 45.30 -43.72 -8.62
N ARG F 316 45.69 -44.88 -8.08
CA ARG F 316 46.07 -45.01 -6.68
C ARG F 316 47.43 -44.35 -6.45
N GLU F 317 48.40 -44.63 -7.33
CA GLU F 317 49.74 -44.08 -7.21
C GLU F 317 49.72 -42.58 -7.53
N GLN F 318 48.94 -42.17 -8.53
CA GLN F 318 48.76 -40.76 -8.84
C GLN F 318 48.28 -40.03 -7.59
N LEU F 319 47.24 -40.58 -6.94
CA LEU F 319 46.67 -40.00 -5.74
C LEU F 319 47.72 -39.97 -4.63
N LEU F 320 48.56 -41.01 -4.57
CA LEU F 320 49.57 -41.14 -3.53
C LEU F 320 50.78 -40.27 -3.83
N ARG F 321 51.10 -40.08 -5.12
CA ARG F 321 52.24 -39.24 -5.52
C ARG F 321 51.90 -37.78 -5.26
N ASN F 322 50.77 -37.32 -5.81
CA ASN F 322 50.32 -35.95 -5.68
C ASN F 322 50.31 -35.55 -4.21
N ALA F 323 49.81 -36.45 -3.36
CA ALA F 323 49.72 -36.19 -1.92
C ALA F 323 51.11 -36.12 -1.31
N THR F 324 51.96 -37.11 -1.61
CA THR F 324 53.30 -37.20 -1.04
C THR F 324 54.14 -36.01 -1.50
N SER F 325 53.83 -35.47 -2.68
CA SER F 325 54.47 -34.25 -3.16
C SER F 325 54.10 -33.09 -2.25
N TRP F 326 52.84 -33.05 -1.80
CA TRP F 326 52.35 -32.01 -0.91
C TRP F 326 52.63 -32.33 0.55
N GLY F 327 53.24 -33.50 0.81
CA GLY F 327 53.69 -33.86 2.15
C GLY F 327 52.79 -34.91 2.80
N ILE F 328 51.47 -34.63 2.80
CA ILE F 328 50.49 -35.54 3.38
C ILE F 328 50.60 -36.90 2.70
N ASP F 329 50.66 -37.96 3.51
CA ASP F 329 50.69 -39.32 2.99
C ASP F 329 49.46 -40.07 3.48
N PHE F 330 48.81 -40.78 2.53
CA PHE F 330 47.59 -41.52 2.82
C PHE F 330 47.92 -42.91 3.34
N GLU F 331 48.94 -43.55 2.75
CA GLU F 331 49.29 -44.93 3.03
C GLU F 331 49.25 -45.22 4.52
N GLU F 332 49.85 -44.33 5.32
CA GLU F 332 49.93 -44.50 6.76
C GLU F 332 48.56 -44.28 7.38
N MET F 333 47.89 -43.18 6.99
CA MET F 333 46.60 -42.81 7.52
C MET F 333 45.56 -43.89 7.18
N GLU F 334 45.74 -44.53 6.02
CA GLU F 334 44.88 -45.61 5.57
C GLU F 334 45.08 -46.85 6.45
N ARG F 335 46.34 -47.14 6.78
CA ARG F 335 46.68 -48.32 7.57
C ARG F 335 46.30 -48.11 9.04
N ASP F 336 46.17 -46.84 9.46
CA ASP F 336 45.71 -46.51 10.80
C ASP F 336 44.21 -46.75 10.92
N GLY F 337 43.55 -47.06 9.80
CA GLY F 337 42.12 -47.37 9.80
C GLY F 337 41.27 -46.11 9.91
N ARG F 338 41.81 -44.98 9.44
CA ARG F 338 41.13 -43.70 9.49
C ARG F 338 41.01 -43.10 8.09
N LEU F 339 41.19 -43.93 7.06
CA LEU F 339 41.07 -43.50 5.67
C LEU F 339 40.87 -44.71 4.77
N LYS F 340 40.10 -44.52 3.69
CA LYS F 340 39.87 -45.57 2.71
C LYS F 340 39.70 -44.94 1.33
N ILE F 341 40.57 -45.33 0.39
CA ILE F 341 40.55 -44.85 -0.97
C ILE F 341 39.94 -45.94 -1.86
N VAL F 342 39.05 -45.55 -2.77
CA VAL F 342 38.34 -46.50 -3.61
C VAL F 342 39.03 -46.59 -4.97
N CYS F 343 39.00 -45.47 -5.71
CA CYS F 343 39.51 -45.40 -7.08
C CYS F 343 38.69 -46.29 -8.01
N ALA F 344 38.00 -45.66 -8.97
CA ALA F 344 37.17 -46.37 -9.92
C ALA F 344 37.04 -45.57 -11.21
N TYR F 345 36.47 -46.19 -12.25
CA TYR F 345 36.28 -45.55 -13.54
C TYR F 345 34.83 -45.14 -13.70
N PRO F 346 34.55 -43.90 -14.16
CA PRO F 346 33.18 -43.49 -14.52
C PRO F 346 32.53 -44.36 -15.58
N GLU F 347 33.30 -44.74 -16.61
CA GLU F 347 32.77 -45.44 -17.77
C GLU F 347 32.75 -46.95 -17.53
N SER F 348 33.06 -47.40 -16.30
CA SER F 348 33.03 -48.82 -15.98
C SER F 348 31.59 -49.29 -15.82
N THR F 349 30.95 -48.94 -14.70
CA THR F 349 29.58 -49.33 -14.41
C THR F 349 28.66 -48.16 -14.72
N GLY F 350 27.57 -48.03 -13.97
CA GLY F 350 26.63 -46.92 -14.12
C GLY F 350 26.45 -46.15 -12.80
N LEU F 351 25.84 -44.98 -12.90
CA LEU F 351 25.68 -44.08 -11.76
C LEU F 351 24.84 -44.74 -10.67
N GLU F 352 23.83 -45.52 -11.09
CA GLU F 352 22.99 -46.28 -10.19
C GLU F 352 23.83 -47.32 -9.44
N ASP F 353 24.72 -48.01 -10.17
CA ASP F 353 25.56 -49.05 -9.60
C ASP F 353 26.65 -48.40 -8.73
N HIS F 354 27.18 -47.26 -9.20
CA HIS F 354 28.16 -46.50 -8.44
C HIS F 354 27.61 -46.13 -7.07
N LEU F 355 26.34 -45.67 -7.04
CA LEU F 355 25.73 -45.15 -5.83
C LEU F 355 25.59 -46.26 -4.78
N ILE F 356 25.19 -47.47 -5.23
CA ILE F 356 25.01 -48.60 -4.34
C ILE F 356 26.34 -48.96 -3.67
N MET F 357 27.43 -48.86 -4.43
CA MET F 357 28.77 -49.17 -3.93
C MET F 357 29.20 -48.10 -2.92
N ILE F 358 28.96 -46.82 -3.26
CA ILE F 358 29.29 -45.71 -2.39
C ILE F 358 28.57 -45.88 -1.05
N LYS F 359 27.24 -46.07 -1.12
CA LYS F 359 26.41 -46.20 0.06
C LYS F 359 26.85 -47.40 0.90
N GLU F 360 27.18 -48.51 0.22
CA GLU F 360 27.60 -49.73 0.89
C GLU F 360 28.92 -49.51 1.62
N VAL F 361 29.83 -48.74 1.01
CA VAL F 361 31.14 -48.46 1.58
C VAL F 361 30.99 -47.54 2.79
N ILE F 362 30.11 -46.54 2.67
CA ILE F 362 29.83 -45.61 3.76
C ILE F 362 29.18 -46.37 4.92
N GLU F 363 28.36 -47.38 4.60
CA GLU F 363 27.66 -48.16 5.60
C GLU F 363 28.66 -48.96 6.43
N GLU F 364 29.76 -49.41 5.80
CA GLU F 364 30.74 -50.28 6.43
C GLU F 364 31.77 -49.45 7.20
N PHE F 365 32.45 -48.54 6.48
CA PHE F 365 33.57 -47.78 7.03
C PHE F 365 33.06 -46.79 8.08
N LYS F 366 31.82 -46.33 7.93
CA LYS F 366 31.20 -45.36 8.82
C LYS F 366 32.07 -44.10 8.86
N PRO F 367 32.26 -43.40 7.72
CA PRO F 367 33.16 -42.26 7.65
C PRO F 367 32.57 -40.99 8.29
N ASP F 368 33.45 -40.17 8.87
CA ASP F 368 33.08 -38.86 9.38
C ASP F 368 32.98 -37.88 8.21
N ARG F 369 33.88 -38.05 7.23
CA ARG F 369 33.91 -37.20 6.05
C ARG F 369 33.93 -38.06 4.78
N ILE F 370 33.36 -37.52 3.70
CA ILE F 370 33.37 -38.17 2.39
C ILE F 370 33.96 -37.19 1.39
N ALA F 371 34.49 -37.71 0.28
CA ALA F 371 35.05 -36.86 -0.78
C ALA F 371 34.87 -37.54 -2.13
N ILE F 372 34.53 -36.74 -3.15
CA ILE F 372 34.35 -37.21 -4.51
C ILE F 372 35.24 -36.37 -5.43
N ASP F 373 36.03 -37.06 -6.26
CA ASP F 373 37.04 -36.42 -7.10
C ASP F 373 37.11 -37.15 -8.44
N SER F 374 36.35 -36.71 -9.46
CA SER F 374 35.44 -35.57 -9.38
C SER F 374 34.03 -36.04 -9.72
N LEU F 375 33.07 -35.12 -9.61
CA LEU F 375 31.69 -35.39 -10.00
C LEU F 375 31.47 -35.05 -11.46
N SER F 376 32.26 -34.10 -11.99
CA SER F 376 32.19 -33.73 -13.39
C SER F 376 32.56 -34.91 -14.29
N ALA F 377 33.35 -35.85 -13.74
CA ALA F 377 33.74 -37.06 -14.45
C ALA F 377 32.51 -37.96 -14.67
N LEU F 378 31.73 -38.17 -13.59
CA LEU F 378 30.58 -39.07 -13.63
C LEU F 378 29.46 -38.48 -14.47
N GLU F 379 29.51 -37.16 -14.74
CA GLU F 379 28.49 -36.49 -15.54
C GLU F 379 28.60 -36.89 -17.00
N ARG F 380 29.82 -36.84 -17.54
CA ARG F 380 30.08 -37.11 -18.95
C ARG F 380 29.43 -38.44 -19.35
N VAL F 381 29.59 -39.46 -18.49
CA VAL F 381 29.15 -40.81 -18.78
C VAL F 381 27.74 -41.03 -18.22
N ALA F 382 26.82 -40.10 -18.54
CA ALA F 382 25.42 -40.21 -18.15
C ALA F 382 24.63 -39.06 -18.78
N SER F 383 23.30 -39.12 -18.64
CA SER F 383 22.42 -38.02 -19.03
C SER F 383 22.39 -36.98 -17.91
N ASP F 384 22.07 -35.74 -18.29
CA ASP F 384 21.87 -34.66 -17.34
C ASP F 384 20.87 -35.09 -16.27
N ARG F 385 19.81 -35.77 -16.71
CA ARG F 385 18.74 -36.24 -15.85
C ARG F 385 19.28 -37.28 -14.88
N GLY F 386 20.05 -38.24 -15.41
CA GLY F 386 20.60 -39.34 -14.63
C GLY F 386 21.65 -38.88 -13.63
N PHE F 387 22.40 -37.82 -13.98
CA PHE F 387 23.36 -37.23 -13.08
C PHE F 387 22.64 -36.47 -11.97
N ARG F 388 21.49 -35.87 -12.32
CA ARG F 388 20.68 -35.12 -11.38
C ARG F 388 20.16 -36.03 -10.27
N GLU F 389 19.61 -37.19 -10.65
CA GLU F 389 19.05 -38.13 -9.70
C GLU F 389 20.15 -38.76 -8.86
N PHE F 390 21.37 -38.81 -9.41
CA PHE F 390 22.53 -39.33 -8.70
C PHE F 390 22.94 -38.37 -7.58
N VAL F 391 23.16 -37.10 -7.94
CA VAL F 391 23.61 -36.08 -6.99
C VAL F 391 22.64 -36.03 -5.82
N ILE F 392 21.32 -36.05 -6.12
CA ILE F 392 20.28 -35.95 -5.11
C ILE F 392 20.39 -37.13 -4.15
N GLY F 393 20.51 -38.34 -4.71
CA GLY F 393 20.59 -39.56 -3.92
C GLY F 393 21.79 -39.57 -2.97
N LEU F 394 22.96 -39.18 -3.49
CA LEU F 394 24.19 -39.15 -2.72
C LEU F 394 24.08 -38.08 -1.64
N THR F 395 23.73 -36.86 -2.05
CA THR F 395 23.66 -35.71 -1.14
C THR F 395 22.68 -36.01 0.00
N SER F 396 21.54 -36.62 -0.34
CA SER F 396 20.49 -36.91 0.63
C SER F 396 20.97 -37.95 1.66
N PHE F 397 21.64 -39.00 1.16
CA PHE F 397 22.13 -40.06 2.02
C PHE F 397 23.21 -39.53 2.97
N ILE F 398 24.13 -38.73 2.41
CA ILE F 398 25.20 -38.12 3.18
C ILE F 398 24.63 -37.29 4.32
N LYS F 399 23.55 -36.56 4.04
CA LYS F 399 22.89 -35.71 5.03
C LYS F 399 22.22 -36.58 6.09
N GLN F 400 21.57 -37.67 5.65
CA GLN F 400 20.92 -38.62 6.54
C GLN F 400 21.92 -39.12 7.59
N GLN F 401 23.13 -39.47 7.13
CA GLN F 401 24.19 -39.96 8.00
C GLN F 401 24.91 -38.78 8.66
N GLU F 402 24.84 -37.60 8.03
CA GLU F 402 25.48 -36.40 8.52
C GLU F 402 26.99 -36.59 8.50
N ILE F 403 27.56 -36.56 7.30
CA ILE F 403 28.99 -36.76 7.10
C ILE F 403 29.51 -35.66 6.17
N THR F 404 30.32 -34.75 6.72
CA THR F 404 30.87 -33.63 5.97
C THR F 404 31.36 -34.11 4.62
N GLY F 405 30.64 -33.71 3.55
CA GLY F 405 30.96 -34.12 2.20
C GLY F 405 31.58 -32.99 1.39
N LEU F 406 32.64 -33.30 0.63
CA LEU F 406 33.26 -32.35 -0.28
C LEU F 406 33.16 -32.89 -1.70
N PHE F 407 32.61 -32.08 -2.61
CA PHE F 407 32.46 -32.46 -4.01
C PHE F 407 33.33 -31.54 -4.87
N THR F 408 33.95 -32.14 -5.90
CA THR F 408 34.83 -31.42 -6.81
C THR F 408 34.21 -31.43 -8.21
N SER F 409 34.44 -30.34 -8.95
CA SER F 409 33.90 -30.19 -10.29
C SER F 409 34.83 -29.31 -11.13
N THR F 410 35.04 -29.70 -12.39
CA THR F 410 35.94 -28.98 -13.28
C THR F 410 35.14 -27.94 -14.06
N THR F 411 35.73 -26.75 -14.21
CA THR F 411 35.12 -25.65 -14.94
C THR F 411 36.19 -24.91 -15.72
N PRO F 412 36.37 -25.18 -17.04
CA PRO F 412 37.45 -24.59 -17.84
C PRO F 412 37.86 -23.16 -17.52
N THR F 413 36.86 -22.26 -17.41
CA THR F 413 37.11 -20.85 -17.16
C THR F 413 36.34 -20.40 -15.92
N PHE F 414 35.02 -20.21 -16.09
CA PHE F 414 34.15 -19.76 -15.01
C PHE F 414 32.71 -20.18 -15.30
N GLU F 422 27.42 -25.43 -15.35
CA GLU F 422 26.17 -26.01 -15.90
C GLU F 422 25.90 -27.38 -15.26
N SER F 423 26.06 -27.44 -13.94
CA SER F 423 25.82 -28.66 -13.17
C SER F 423 24.46 -28.58 -12.47
N HIS F 424 24.14 -27.39 -11.93
CA HIS F 424 22.93 -27.19 -11.14
C HIS F 424 23.05 -27.94 -9.83
N ILE F 425 24.29 -28.07 -9.33
CA ILE F 425 24.58 -28.76 -8.08
C ILE F 425 24.99 -27.74 -7.01
N SER F 426 25.22 -26.49 -7.43
CA SER F 426 25.59 -25.42 -6.51
C SER F 426 24.43 -25.08 -5.59
N THR F 427 23.20 -25.35 -6.05
CA THR F 427 21.99 -25.07 -5.30
C THR F 427 21.93 -25.98 -4.06
N ILE F 428 22.28 -27.26 -4.26
CA ILE F 428 22.21 -28.26 -3.20
C ILE F 428 23.36 -28.08 -2.23
N THR F 429 24.50 -27.57 -2.73
CA THR F 429 25.70 -27.40 -1.91
C THR F 429 25.49 -26.28 -0.90
N ASP F 430 26.16 -26.40 0.25
CA ASP F 430 26.07 -25.43 1.33
C ASP F 430 27.16 -24.38 1.16
N THR F 431 28.42 -24.84 1.14
CA THR F 431 29.57 -23.97 0.91
C THR F 431 30.05 -24.16 -0.53
N ILE F 432 30.48 -23.06 -1.15
CA ILE F 432 30.94 -23.06 -2.53
C ILE F 432 32.28 -22.33 -2.60
N ILE F 433 33.34 -23.07 -2.94
CA ILE F 433 34.68 -22.51 -3.07
C ILE F 433 35.06 -22.55 -4.56
N LEU F 434 35.64 -21.46 -5.05
CA LEU F 434 36.02 -21.35 -6.45
C LEU F 434 37.51 -21.07 -6.55
N LEU F 435 38.25 -21.99 -7.18
CA LEU F 435 39.65 -21.82 -7.50
C LEU F 435 39.76 -21.46 -8.97
N ARG F 436 40.69 -20.56 -9.32
CA ARG F 436 40.76 -20.02 -10.67
C ARG F 436 42.20 -19.58 -10.99
N TYR F 437 42.57 -19.74 -12.27
CA TYR F 437 43.81 -19.19 -12.80
C TYR F 437 43.60 -17.70 -13.08
N VAL F 438 44.70 -16.94 -13.05
CA VAL F 438 44.64 -15.49 -13.26
C VAL F 438 45.92 -15.04 -13.93
N GLU F 439 45.80 -14.58 -15.18
CA GLU F 439 46.93 -14.08 -15.96
C GLU F 439 47.41 -12.77 -15.35
N MET F 440 48.73 -12.55 -15.40
CA MET F 440 49.34 -11.39 -14.76
C MET F 440 50.81 -11.28 -15.17
N ARG F 441 51.09 -10.37 -16.12
CA ARG F 441 52.45 -10.00 -16.50
C ARG F 441 53.22 -11.24 -16.96
N GLY F 442 52.66 -11.95 -17.95
CA GLY F 442 53.28 -13.15 -18.49
C GLY F 442 53.46 -14.23 -17.42
N GLU F 443 52.44 -14.37 -16.56
CA GLU F 443 52.47 -15.37 -15.50
C GLU F 443 51.06 -15.61 -14.99
N MET F 444 50.71 -16.88 -14.78
CA MET F 444 49.37 -17.27 -14.33
C MET F 444 49.40 -17.54 -12.83
N SER F 445 48.82 -16.62 -12.06
CA SER F 445 48.65 -16.76 -10.62
C SER F 445 47.38 -17.56 -10.34
N ARG F 446 47.13 -17.83 -9.06
CA ARG F 446 46.00 -18.63 -8.62
C ARG F 446 45.27 -17.90 -7.50
N ALA F 447 43.93 -17.95 -7.52
CA ALA F 447 43.11 -17.22 -6.55
C ALA F 447 41.96 -18.09 -6.07
N ILE F 448 41.67 -18.01 -4.77
CA ILE F 448 40.60 -18.76 -4.13
C ILE F 448 39.53 -17.76 -3.67
N ASN F 449 38.29 -18.25 -3.54
CA ASN F 449 37.17 -17.41 -3.16
C ASN F 449 36.02 -18.29 -2.67
N VAL F 450 35.46 -17.94 -1.51
CA VAL F 450 34.26 -18.59 -1.00
C VAL F 450 33.07 -17.74 -1.43
N LEU F 451 32.21 -18.32 -2.28
CA LEU F 451 31.08 -17.58 -2.84
C LEU F 451 29.85 -17.72 -1.95
N LYS F 452 29.71 -18.88 -1.30
CA LYS F 452 28.59 -19.14 -0.42
C LYS F 452 29.08 -19.93 0.80
N MET F 453 28.37 -19.78 1.92
CA MET F 453 28.72 -20.47 3.17
C MET F 453 27.47 -21.08 3.80
N ARG F 454 26.33 -20.38 3.69
CA ARG F 454 25.05 -20.84 4.20
C ARG F 454 25.15 -21.06 5.72
N GLY F 455 25.17 -19.95 6.46
CA GLY F 455 25.04 -19.97 7.91
C GLY F 455 26.24 -19.37 8.64
N SER F 456 26.97 -18.45 7.98
CA SER F 456 28.15 -17.84 8.58
C SER F 456 28.67 -16.71 7.68
N TRP F 457 29.47 -15.84 8.30
CA TRP F 457 30.26 -14.85 7.56
C TRP F 457 31.37 -15.57 6.80
N HIS F 458 31.56 -15.18 5.53
CA HIS F 458 32.65 -15.69 4.73
C HIS F 458 33.36 -14.51 4.06
N ASP F 459 34.70 -14.51 4.13
CA ASP F 459 35.49 -13.49 3.50
C ASP F 459 35.18 -13.49 2.00
N LYS F 460 34.66 -12.35 1.50
CA LYS F 460 34.24 -12.23 0.12
C LYS F 460 35.39 -11.74 -0.75
N GLU F 461 36.62 -11.78 -0.21
CA GLU F 461 37.80 -11.31 -0.92
C GLU F 461 38.40 -12.45 -1.73
N ILE F 462 38.74 -12.16 -3.00
CA ILE F 462 39.39 -13.12 -3.87
C ILE F 462 40.89 -13.10 -3.57
N ARG F 463 41.30 -13.97 -2.64
CA ARG F 463 42.68 -14.02 -2.16
C ARG F 463 43.51 -14.91 -3.08
N GLU F 464 44.77 -14.53 -3.29
CA GLU F 464 45.71 -15.31 -4.08
C GLU F 464 46.29 -16.42 -3.21
N PHE F 465 46.69 -17.53 -3.84
CA PHE F 465 47.25 -18.66 -3.12
C PHE F 465 48.38 -19.28 -3.94
N THR F 466 49.36 -19.85 -3.24
CA THR F 466 50.49 -20.54 -3.86
C THR F 466 50.42 -22.03 -3.49
N ILE F 467 51.05 -22.88 -4.31
CA ILE F 467 51.12 -24.30 -4.03
C ILE F 467 52.59 -24.72 -3.93
N SER F 468 52.89 -25.52 -2.91
CA SER F 468 54.23 -26.04 -2.69
C SER F 468 54.13 -27.38 -1.96
N GLY F 469 55.29 -27.95 -1.60
CA GLY F 469 55.33 -29.22 -0.89
C GLY F 469 54.80 -29.13 0.53
N LYS F 470 54.39 -27.93 0.96
CA LYS F 470 53.78 -27.72 2.26
C LYS F 470 52.25 -27.78 2.15
N GLY F 471 51.72 -27.40 0.98
CA GLY F 471 50.28 -27.37 0.76
C GLY F 471 49.88 -26.11 0.00
N MET F 472 48.86 -25.40 0.52
CA MET F 472 48.39 -24.16 -0.07
C MET F 472 48.55 -23.03 0.95
N HIS F 473 49.24 -21.97 0.54
CA HIS F 473 49.39 -20.77 1.35
C HIS F 473 48.56 -19.65 0.73
N ILE F 474 47.39 -19.38 1.33
CA ILE F 474 46.49 -18.34 0.86
C ILE F 474 47.06 -17.00 1.32
N GLY F 475 46.97 -15.98 0.45
CA GLY F 475 47.60 -14.69 0.67
C GLY F 475 46.59 -13.55 0.78
N ASP F 476 46.85 -12.48 0.03
CA ASP F 476 46.08 -11.25 0.10
C ASP F 476 45.31 -11.04 -1.21
N PRO F 477 44.27 -10.18 -1.24
CA PRO F 477 43.51 -9.94 -2.47
C PRO F 477 44.35 -9.41 -3.62
N PHE F 478 43.83 -9.55 -4.84
CA PHE F 478 44.56 -9.24 -6.06
C PHE F 478 44.42 -7.74 -6.36
N ARG F 479 43.99 -7.42 -7.59
CA ARG F 479 43.87 -6.04 -8.05
C ARG F 479 45.25 -5.37 -8.04
N ALA G 11 -7.75 68.30 68.08
CA ALA G 11 -7.63 66.94 67.50
C ALA G 11 -7.77 65.88 68.60
N ILE G 12 -7.65 64.61 68.23
CA ILE G 12 -7.85 63.49 69.14
C ILE G 12 -6.49 62.97 69.59
N GLU G 13 -6.51 61.97 70.48
CA GLU G 13 -5.32 61.35 71.02
C GLU G 13 -4.76 60.36 70.01
N LYS G 14 -3.57 59.81 70.32
CA LYS G 14 -2.90 58.87 69.43
C LYS G 14 -1.85 58.10 70.21
N LEU G 15 -2.29 57.10 70.99
CA LEU G 15 -1.40 56.18 71.66
C LEU G 15 -0.67 55.35 70.61
N PRO G 16 0.67 55.50 70.44
CA PRO G 16 1.39 54.81 69.37
C PRO G 16 1.33 53.29 69.51
N THR G 17 1.43 52.60 68.37
CA THR G 17 1.25 51.16 68.32
C THR G 17 2.57 50.48 68.72
N GLY G 18 3.66 50.90 68.08
CA GLY G 18 4.94 50.21 68.18
C GLY G 18 5.13 49.21 67.04
N ILE G 19 4.02 48.58 66.63
CA ILE G 19 3.98 47.76 65.44
C ILE G 19 4.22 48.69 64.24
N GLU G 20 5.50 48.80 63.85
CA GLU G 20 5.93 49.74 62.83
C GLU G 20 5.12 49.53 61.55
N GLY G 21 4.39 50.57 61.14
CA GLY G 21 3.53 50.51 59.97
C GLY G 21 2.12 51.00 60.29
N PHE G 22 1.56 50.48 61.38
CA PHE G 22 0.22 50.87 61.83
C PHE G 22 0.23 52.35 62.22
N ASP G 23 1.31 52.78 62.89
CA ASP G 23 1.46 54.17 63.32
C ASP G 23 1.33 55.11 62.12
N ASP G 24 1.90 54.69 60.97
CA ASP G 24 1.92 55.48 59.77
C ASP G 24 0.52 55.55 59.15
N ILE G 25 -0.14 54.38 59.02
CA ILE G 25 -1.43 54.28 58.36
C ILE G 25 -2.54 54.80 59.28
N SER G 26 -2.29 54.81 60.59
CA SER G 26 -3.27 55.27 61.57
C SER G 26 -3.11 56.76 61.85
N HIS G 27 -2.09 57.39 61.24
CA HIS G 27 -1.79 58.81 61.44
C HIS G 27 -1.49 59.06 62.92
N GLY G 28 -0.63 58.22 63.50
CA GLY G 28 -0.26 58.33 64.90
C GLY G 28 -0.42 57.00 65.63
N GLY G 29 -1.68 56.57 65.79
CA GLY G 29 -1.99 55.33 66.49
C GLY G 29 -3.49 55.20 66.77
N LEU G 30 -3.83 54.22 67.62
CA LEU G 30 -5.20 53.98 68.05
C LEU G 30 -5.62 55.10 69.00
N PRO G 31 -6.81 55.71 68.82
CA PRO G 31 -7.29 56.74 69.75
C PRO G 31 -7.30 56.28 71.21
N LYS G 32 -6.84 57.16 72.10
CA LYS G 32 -6.72 56.85 73.52
C LYS G 32 -8.06 57.05 74.20
N GLY G 33 -8.34 56.21 75.21
CA GLY G 33 -9.57 56.28 75.98
C GLY G 33 -10.74 55.62 75.26
N ARG G 34 -10.44 54.84 74.21
CA ARG G 34 -11.46 54.19 73.42
C ARG G 34 -11.03 52.75 73.10
N THR G 35 -12.02 51.90 72.79
CA THR G 35 -11.77 50.53 72.40
C THR G 35 -11.69 50.46 70.88
N THR G 36 -10.77 49.63 70.37
CA THR G 36 -10.60 49.43 68.95
C THR G 36 -10.77 47.95 68.63
N LEU G 37 -11.80 47.64 67.83
CA LEU G 37 -12.11 46.25 67.48
C LEU G 37 -11.15 45.79 66.39
N VAL G 38 -10.41 44.70 66.68
CA VAL G 38 -9.55 44.06 65.71
C VAL G 38 -10.26 42.79 65.21
N ALA G 39 -10.95 42.94 64.07
CA ALA G 39 -11.71 41.85 63.48
C ALA G 39 -10.83 41.07 62.52
N GLY G 40 -10.92 39.73 62.58
CA GLY G 40 -10.15 38.87 61.71
C GLY G 40 -10.59 37.42 61.81
N THR G 41 -10.43 36.67 60.71
CA THR G 41 -10.75 35.25 60.67
C THR G 41 -9.71 34.48 61.50
N PRO G 42 -10.01 33.24 61.92
CA PRO G 42 -9.03 32.40 62.62
C PRO G 42 -7.69 32.30 61.89
N GLY G 43 -6.66 32.92 62.49
CA GLY G 43 -5.29 32.82 62.00
C GLY G 43 -4.79 34.09 61.33
N THR G 44 -5.45 35.23 61.60
CA THR G 44 -5.11 36.49 60.95
C THR G 44 -3.99 37.20 61.72
N GLY G 45 -3.87 36.92 63.02
CA GLY G 45 -2.89 37.58 63.86
C GLY G 45 -3.53 38.63 64.76
N LYS G 46 -4.68 38.27 65.34
CA LYS G 46 -5.42 39.14 66.24
C LYS G 46 -4.71 39.19 67.60
N THR G 47 -4.25 38.02 68.05
CA THR G 47 -3.60 37.88 69.35
C THR G 47 -2.25 38.57 69.34
N VAL G 48 -1.40 38.21 68.36
CA VAL G 48 -0.04 38.71 68.30
C VAL G 48 -0.04 40.24 68.21
N PHE G 49 -0.94 40.79 67.40
CA PHE G 49 -1.06 42.23 67.25
C PHE G 49 -1.34 42.89 68.59
N ALA G 50 -2.18 42.23 69.40
CA ALA G 50 -2.60 42.75 70.70
C ALA G 50 -1.44 42.72 71.69
N MET G 51 -0.66 41.63 71.67
CA MET G 51 0.48 41.47 72.56
C MET G 51 1.54 42.53 72.25
N GLN G 52 1.82 42.71 70.95
CA GLN G 52 2.83 43.64 70.49
C GLN G 52 2.50 45.05 70.95
N PHE G 53 1.22 45.39 70.95
CA PHE G 53 0.73 46.69 71.40
C PHE G 53 1.12 46.91 72.87
N LEU G 54 0.79 45.92 73.71
CA LEU G 54 1.06 45.99 75.14
C LEU G 54 2.57 46.01 75.38
N TYR G 55 3.30 45.12 74.70
CA TYR G 55 4.74 44.99 74.86
C TYR G 55 5.42 46.32 74.53
N HIS G 56 5.08 46.89 73.38
CA HIS G 56 5.69 48.14 72.90
C HIS G 56 5.02 49.34 73.55
N GLY G 57 4.47 49.15 74.76
CA GLY G 57 3.99 50.23 75.59
C GLY G 57 4.86 50.42 76.84
N ILE G 58 5.21 49.29 77.48
CA ILE G 58 6.05 49.29 78.67
C ILE G 58 7.51 49.38 78.26
N LYS G 59 7.90 48.56 77.27
CA LYS G 59 9.25 48.59 76.73
C LYS G 59 9.54 49.96 76.12
N ARG G 60 8.50 50.62 75.60
CA ARG G 60 8.64 51.91 74.95
C ARG G 60 8.46 53.04 75.97
N PHE G 61 7.22 53.20 76.47
CA PHE G 61 6.83 54.41 77.19
C PHE G 61 6.55 54.11 78.66
N ASP G 62 6.80 52.87 79.09
CA ASP G 62 6.52 52.43 80.46
C ASP G 62 5.02 52.59 80.73
N GLU G 63 4.19 52.13 79.79
CA GLU G 63 2.75 52.10 79.93
C GLU G 63 2.29 50.66 80.14
N PRO G 64 1.93 50.25 81.39
CA PRO G 64 1.53 48.87 81.67
C PRO G 64 0.27 48.42 80.94
N GLY G 65 0.06 47.10 80.91
CA GLY G 65 -1.10 46.51 80.23
C GLY G 65 -1.65 45.31 80.98
N VAL G 66 -2.73 44.74 80.44
CA VAL G 66 -3.38 43.57 81.03
C VAL G 66 -4.19 42.86 79.94
N PHE G 67 -3.99 41.53 79.86
CA PHE G 67 -4.64 40.72 78.85
C PHE G 67 -5.81 39.95 79.47
N VAL G 68 -6.89 39.79 78.70
CA VAL G 68 -8.07 39.06 79.12
C VAL G 68 -8.38 37.98 78.10
N THR G 69 -7.84 36.77 78.33
CA THR G 69 -7.99 35.66 77.40
C THR G 69 -9.02 34.68 77.95
N PHE G 70 -10.08 34.44 77.17
CA PHE G 70 -11.08 33.44 77.48
C PHE G 70 -10.80 32.15 76.70
N GLU G 71 -9.81 32.22 75.80
CA GLU G 71 -9.50 31.12 74.89
C GLU G 71 -8.16 30.50 75.30
N GLU G 72 -7.22 30.43 74.35
CA GLU G 72 -5.87 29.96 74.60
C GLU G 72 -5.40 30.34 76.00
N SER G 73 -4.94 29.35 76.76
CA SER G 73 -4.53 29.53 78.14
C SER G 73 -3.30 30.43 78.23
N PRO G 74 -3.05 31.09 79.38
CA PRO G 74 -1.90 31.99 79.54
C PRO G 74 -0.56 31.30 79.39
N ASP G 75 -0.47 30.05 79.88
CA ASP G 75 0.74 29.25 79.77
C ASP G 75 1.16 29.13 78.30
N ASP G 76 0.17 28.90 77.42
CA ASP G 76 0.39 28.82 75.99
C ASP G 76 0.77 30.21 75.45
N ILE G 77 0.02 31.24 75.88
CA ILE G 77 0.20 32.60 75.41
C ILE G 77 1.66 33.02 75.52
N LEU G 78 2.27 32.78 76.69
CA LEU G 78 3.64 33.17 76.95
C LEU G 78 4.60 32.34 76.10
N ARG G 79 4.33 31.02 76.01
CA ARG G 79 5.18 30.10 75.27
C ARG G 79 5.11 30.38 73.77
N ASN G 80 3.93 30.79 73.30
CA ASN G 80 3.69 31.03 71.89
C ASN G 80 4.30 32.37 71.47
N MET G 81 4.37 33.33 72.41
CA MET G 81 4.80 34.68 72.10
C MET G 81 6.27 34.89 72.46
N ALA G 82 6.95 33.82 72.93
CA ALA G 82 8.33 33.90 73.35
C ALA G 82 9.26 33.97 72.13
N SER G 83 8.81 33.40 71.00
CA SER G 83 9.60 33.33 69.79
C SER G 83 9.95 34.73 69.27
N PHE G 84 9.07 35.70 69.53
CA PHE G 84 9.22 37.05 69.01
C PHE G 84 10.27 37.84 69.80
N GLY G 85 10.95 37.17 70.74
CA GLY G 85 12.02 37.80 71.49
C GLY G 85 11.49 38.68 72.62
N TRP G 86 10.31 38.31 73.15
CA TRP G 86 9.70 39.01 74.28
C TRP G 86 9.47 38.02 75.41
N ASP G 87 10.30 38.09 76.45
CA ASP G 87 10.09 37.31 77.67
C ASP G 87 8.98 37.98 78.48
N LEU G 88 7.74 37.55 78.24
CA LEU G 88 6.56 38.15 78.86
C LEU G 88 6.60 37.92 80.38
N GLN G 89 7.25 36.85 80.81
CA GLN G 89 7.38 36.51 82.22
C GLN G 89 8.15 37.61 82.96
N LYS G 90 9.13 38.23 82.28
CA LYS G 90 9.94 39.28 82.87
C LYS G 90 9.09 40.48 83.24
N LEU G 91 8.25 40.93 82.28
CA LEU G 91 7.39 42.08 82.50
C LEU G 91 6.24 41.70 83.44
N VAL G 92 5.77 40.46 83.32
CA VAL G 92 4.70 39.94 84.17
C VAL G 92 5.18 39.90 85.63
N GLU G 93 6.43 39.43 85.82
CA GLU G 93 7.01 39.29 87.14
C GLU G 93 7.37 40.67 87.71
N GLU G 94 7.76 41.59 86.83
CA GLU G 94 8.14 42.94 87.24
C GLU G 94 6.91 43.79 87.55
N GLY G 95 5.71 43.19 87.44
CA GLY G 95 4.47 43.90 87.72
C GLY G 95 4.12 44.89 86.62
N LYS G 96 4.33 44.46 85.37
CA LYS G 96 4.13 45.32 84.20
C LYS G 96 2.98 44.78 83.34
N LEU G 97 2.86 43.46 83.24
CA LEU G 97 1.84 42.83 82.42
C LEU G 97 1.03 41.85 83.27
N ALA G 98 -0.05 41.33 82.68
CA ALA G 98 -0.94 40.38 83.34
C ALA G 98 -1.77 39.64 82.29
N ILE G 99 -2.15 38.40 82.61
CA ILE G 99 -3.00 37.60 81.74
C ILE G 99 -4.12 36.99 82.60
N VAL G 100 -5.31 37.59 82.51
CA VAL G 100 -6.46 37.15 83.28
C VAL G 100 -7.07 35.93 82.58
N ASP G 101 -6.92 34.76 83.19
CA ASP G 101 -7.49 33.53 82.66
C ASP G 101 -9.00 33.54 82.92
N ALA G 102 -9.74 34.21 82.03
CA ALA G 102 -11.18 34.25 82.08
C ALA G 102 -11.77 33.05 81.33
N SER G 103 -10.90 32.12 80.91
CA SER G 103 -11.33 30.92 80.22
C SER G 103 -12.07 30.00 81.18
N PRO G 104 -12.91 29.07 80.70
CA PRO G 104 -13.68 28.18 81.56
C PRO G 104 -12.83 27.09 82.23
N ASP G 105 -13.46 26.32 83.11
CA ASP G 105 -12.82 25.20 83.77
C ASP G 105 -13.35 23.90 83.17
N PRO G 106 -12.53 22.84 83.04
CA PRO G 106 -13.00 21.54 82.53
C PRO G 106 -14.10 20.88 83.37
N GLU G 107 -14.23 21.30 84.63
CA GLU G 107 -15.24 20.76 85.54
C GLU G 107 -16.56 21.48 85.33
N GLU G 108 -16.53 22.82 85.40
CA GLU G 108 -17.72 23.65 85.25
C GLU G 108 -17.85 24.10 83.80
N PHE G 115 -25.12 37.43 85.23
CA PHE G 115 -24.44 36.14 85.51
C PHE G 115 -23.06 36.41 86.12
N ASP G 116 -22.26 35.35 86.25
CA ASP G 116 -20.90 35.42 86.79
C ASP G 116 -20.13 36.56 86.12
N LEU G 117 -20.33 36.72 84.80
CA LEU G 117 -19.68 37.76 84.02
C LEU G 117 -19.76 39.12 84.72
N SER G 118 -20.93 39.43 85.29
CA SER G 118 -21.18 40.71 85.94
C SER G 118 -19.96 41.16 86.75
N GLY G 119 -19.53 40.31 87.70
CA GLY G 119 -18.42 40.62 88.58
C GLY G 119 -17.09 40.05 88.10
N LEU G 120 -17.14 39.10 87.15
CA LEU G 120 -15.94 38.52 86.57
C LEU G 120 -15.14 39.59 85.83
N LEU G 121 -15.85 40.51 85.17
CA LEU G 121 -15.22 41.63 84.48
C LEU G 121 -14.73 42.66 85.50
N ALA G 122 -15.46 42.79 86.62
CA ALA G 122 -15.09 43.70 87.70
C ALA G 122 -13.80 43.24 88.37
N ARG G 123 -13.55 41.92 88.35
CA ARG G 123 -12.29 41.37 88.79
C ARG G 123 -11.16 41.91 87.92
N ILE G 124 -11.42 41.98 86.60
CA ILE G 124 -10.48 42.55 85.65
C ILE G 124 -10.41 44.07 85.85
N ASN G 125 -11.54 44.68 86.23
CA ASN G 125 -11.61 46.10 86.49
C ASN G 125 -10.65 46.48 87.62
N HIS G 126 -10.52 45.60 88.62
CA HIS G 126 -9.64 45.81 89.75
C HIS G 126 -8.17 45.77 89.30
N ALA G 127 -7.85 44.81 88.43
CA ALA G 127 -6.48 44.61 87.95
C ALA G 127 -5.92 45.90 87.36
N ILE G 128 -6.71 46.57 86.52
CA ILE G 128 -6.31 47.79 85.85
C ILE G 128 -5.69 48.76 86.87
N ARG G 129 -6.35 48.91 88.02
CA ARG G 129 -5.88 49.81 89.07
C ARG G 129 -4.66 49.24 89.77
N LYS G 130 -4.66 47.91 89.99
CA LYS G 130 -3.56 47.22 90.65
C LYS G 130 -2.28 47.36 89.83
N TYR G 131 -2.42 47.40 88.49
CA TYR G 131 -1.29 47.48 87.58
C TYR G 131 -1.16 48.88 86.99
N LYS G 132 -2.08 49.78 87.35
CA LYS G 132 -2.12 51.13 86.79
C LYS G 132 -1.99 51.05 85.27
N ALA G 133 -2.89 50.28 84.64
CA ALA G 133 -2.79 49.94 83.23
C ALA G 133 -3.25 51.12 82.38
N LYS G 134 -2.51 51.38 81.29
CA LYS G 134 -2.88 52.36 80.29
C LYS G 134 -3.38 51.66 79.03
N ARG G 135 -3.23 50.33 78.99
CA ARG G 135 -3.62 49.52 77.84
C ARG G 135 -4.29 48.24 78.34
N VAL G 136 -5.33 47.79 77.60
CA VAL G 136 -6.02 46.56 77.95
C VAL G 136 -6.27 45.78 76.66
N VAL G 137 -6.37 44.45 76.80
CA VAL G 137 -6.63 43.57 75.67
C VAL G 137 -7.65 42.51 76.11
N ILE G 138 -8.75 42.41 75.36
CA ILE G 138 -9.81 41.45 75.63
C ILE G 138 -9.84 40.47 74.45
N ASP G 139 -9.01 39.42 74.53
CA ASP G 139 -8.82 38.49 73.43
C ASP G 139 -10.06 37.62 73.28
N SER G 140 -10.65 37.63 72.07
CA SER G 140 -11.83 36.86 71.73
C SER G 140 -13.03 37.36 72.55
N ILE G 141 -13.65 38.44 72.06
CA ILE G 141 -14.89 38.95 72.62
C ILE G 141 -16.05 38.10 72.08
N THR G 142 -15.80 37.41 70.96
CA THR G 142 -16.78 36.53 70.34
C THR G 142 -16.80 35.16 71.02
N ALA G 143 -15.78 34.88 71.86
CA ALA G 143 -15.71 33.64 72.61
C ALA G 143 -16.67 33.67 73.80
N ILE G 144 -16.85 34.87 74.38
CA ILE G 144 -17.73 35.06 75.52
C ILE G 144 -19.09 34.45 75.20
N PHE G 145 -19.58 34.70 73.98
CA PHE G 145 -20.85 34.17 73.51
C PHE G 145 -20.71 32.66 73.27
N ALA G 151 -26.17 35.56 76.87
CA ALA G 151 -26.71 35.79 75.50
C ALA G 151 -26.86 37.28 75.26
N SER G 152 -28.10 37.80 75.32
CA SER G 152 -28.35 39.23 75.23
C SER G 152 -27.92 39.92 76.52
N THR G 153 -27.93 39.16 77.63
CA THR G 153 -27.44 39.64 78.90
C THR G 153 -25.96 40.03 78.79
N VAL G 154 -25.20 39.28 77.98
CA VAL G 154 -23.78 39.52 77.79
C VAL G 154 -23.58 40.78 76.95
N ARG G 155 -24.47 41.01 75.98
CA ARG G 155 -24.39 42.16 75.08
C ARG G 155 -24.49 43.46 75.88
N ARG G 156 -25.33 43.46 76.92
CA ARG G 156 -25.50 44.61 77.78
C ARG G 156 -24.24 44.84 78.62
N GLU G 157 -23.65 43.73 79.11
CA GLU G 157 -22.46 43.78 79.95
C GLU G 157 -21.26 44.26 79.13
N LEU G 158 -21.19 43.82 77.87
CA LEU G 158 -20.09 44.19 76.98
C LEU G 158 -20.18 45.68 76.63
N PHE G 159 -21.40 46.15 76.33
CA PHE G 159 -21.67 47.56 76.10
C PHE G 159 -21.25 48.37 77.33
N ARG G 160 -21.53 47.84 78.52
CA ARG G 160 -21.20 48.49 79.78
C ARG G 160 -19.69 48.52 80.00
N LEU G 161 -19.03 47.40 79.71
CA LEU G 161 -17.60 47.24 79.92
C LEU G 161 -16.83 48.29 79.12
N VAL G 162 -17.34 48.64 77.93
CA VAL G 162 -16.71 49.63 77.07
C VAL G 162 -16.66 50.97 77.77
N ALA G 163 -17.75 51.33 78.47
CA ALA G 163 -17.87 52.62 79.14
C ALA G 163 -16.90 52.69 80.33
N ARG G 164 -16.72 51.57 81.02
CA ARG G 164 -15.84 51.50 82.19
C ARG G 164 -14.40 51.85 81.78
N LEU G 165 -14.01 51.41 80.58
CA LEU G 165 -12.69 51.71 80.03
C LEU G 165 -12.59 53.21 79.71
N LYS G 166 -13.68 53.75 79.14
CA LYS G 166 -13.75 55.16 78.78
C LYS G 166 -13.76 56.03 80.03
N ARG G 167 -14.31 55.49 81.12
CA ARG G 167 -14.33 56.18 82.41
C ARG G 167 -12.91 56.29 82.95
N MET G 168 -12.13 55.21 82.81
CA MET G 168 -10.75 55.17 83.27
C MET G 168 -9.83 55.84 82.24
N GLY G 169 -10.32 56.00 81.01
CA GLY G 169 -9.53 56.55 79.93
C GLY G 169 -8.46 55.57 79.46
N VAL G 170 -8.80 54.28 79.48
CA VAL G 170 -7.88 53.21 79.15
C VAL G 170 -8.06 52.84 77.68
N THR G 171 -6.94 52.64 76.97
CA THR G 171 -6.95 52.23 75.58
C THR G 171 -7.18 50.73 75.52
N THR G 172 -8.33 50.30 74.98
CA THR G 172 -8.69 48.90 74.92
C THR G 172 -8.54 48.39 73.49
N ILE G 173 -8.47 47.05 73.35
CA ILE G 173 -8.39 46.40 72.05
C ILE G 173 -9.15 45.08 72.13
N MET G 174 -10.37 45.07 71.58
CA MET G 174 -11.23 43.90 71.64
C MET G 174 -11.13 43.13 70.33
N THR G 175 -10.59 41.90 70.39
CA THR G 175 -10.44 41.05 69.23
C THR G 175 -11.77 40.35 68.96
N ALA G 176 -12.06 40.10 67.68
CA ALA G 176 -13.29 39.42 67.29
C ALA G 176 -13.03 38.56 66.05
N GLU G 177 -13.70 37.40 65.99
CA GLU G 177 -13.54 36.46 64.88
C GLU G 177 -14.46 36.85 63.73
N ARG G 178 -14.36 36.11 62.62
CA ARG G 178 -15.21 36.31 61.46
C ARG G 178 -15.44 34.94 60.79
N THR G 179 -16.35 34.92 59.81
CA THR G 179 -16.62 33.71 59.03
C THR G 179 -16.32 33.95 57.56
N GLU G 180 -15.65 35.07 57.25
CA GLU G 180 -15.34 35.43 55.87
C GLU G 180 -14.40 36.64 55.86
N GLU G 181 -13.52 36.68 54.85
CA GLU G 181 -12.55 37.76 54.72
C GLU G 181 -13.26 38.98 54.14
N TYR G 182 -13.91 38.78 52.98
CA TYR G 182 -14.69 39.81 52.31
C TYR G 182 -16.17 39.53 52.57
N GLY G 183 -16.68 40.03 53.70
CA GLY G 183 -18.06 39.79 54.11
C GLY G 183 -18.42 40.57 55.36
N PRO G 184 -19.20 39.99 56.31
CA PRO G 184 -19.55 40.67 57.56
C PRO G 184 -18.31 41.01 58.38
N ILE G 185 -18.35 42.18 59.05
CA ILE G 185 -17.19 42.73 59.74
C ILE G 185 -16.81 41.79 60.89
N ALA G 186 -17.79 41.53 61.77
CA ALA G 186 -17.57 40.72 62.96
C ALA G 186 -18.83 39.92 63.27
N ARG G 187 -18.66 38.82 64.01
CA ARG G 187 -19.74 37.87 64.26
C ARG G 187 -20.34 38.12 65.64
N TYR G 188 -21.50 37.50 65.88
CA TYR G 188 -22.23 37.61 67.13
C TYR G 188 -22.76 39.04 67.31
N GLY G 189 -22.96 39.74 66.19
CA GLY G 189 -23.43 41.12 66.20
C GLY G 189 -22.54 42.03 67.02
N VAL G 190 -21.23 41.76 67.02
CA VAL G 190 -20.27 42.53 67.78
C VAL G 190 -19.61 43.56 66.86
N GLU G 191 -20.41 44.17 65.98
CA GLU G 191 -19.93 45.10 64.99
C GLU G 191 -19.97 46.52 65.56
N GLU G 192 -20.20 47.52 64.69
CA GLU G 192 -20.34 48.91 65.11
C GLU G 192 -21.27 49.03 66.31
N PHE G 193 -22.27 48.15 66.40
CA PHE G 193 -23.18 48.06 67.53
C PHE G 193 -22.47 48.44 68.83
N VAL G 194 -21.29 47.82 69.06
CA VAL G 194 -20.47 48.14 70.22
C VAL G 194 -19.02 48.31 69.77
N ALA G 195 -18.80 49.32 68.90
CA ALA G 195 -17.47 49.67 68.44
C ALA G 195 -17.50 51.01 67.71
N ASP G 196 -16.51 51.86 67.99
CA ASP G 196 -16.33 53.13 67.30
C ASP G 196 -15.18 52.99 66.30
N ASN G 197 -14.03 52.52 66.81
CA ASN G 197 -12.85 52.30 66.00
C ASN G 197 -12.81 50.84 65.57
N VAL G 198 -12.60 50.60 64.27
CA VAL G 198 -12.63 49.25 63.72
C VAL G 198 -11.40 49.02 62.85
N VAL G 199 -10.70 47.92 63.12
CA VAL G 199 -9.57 47.46 62.32
C VAL G 199 -9.88 46.04 61.86
N ILE G 200 -9.53 45.74 60.60
CA ILE G 200 -9.86 44.45 60.02
C ILE G 200 -8.59 43.83 59.44
N LEU G 201 -8.21 42.66 59.98
CA LEU G 201 -7.13 41.85 59.43
C LEU G 201 -7.74 40.80 58.51
N ARG G 202 -7.00 40.44 57.46
CA ARG G 202 -7.46 39.44 56.50
C ARG G 202 -6.31 38.55 56.07
N ASN G 203 -6.66 37.31 55.68
CA ASN G 203 -5.72 36.36 55.11
C ASN G 203 -6.35 35.79 53.84
N VAL G 204 -6.46 36.65 52.82
CA VAL G 204 -7.17 36.33 51.59
C VAL G 204 -6.39 35.27 50.82
N LEU G 205 -7.13 34.27 50.31
CA LEU G 205 -6.56 33.17 49.54
C LEU G 205 -6.68 33.51 48.05
N GLU G 206 -5.53 33.52 47.35
CA GLU G 206 -5.49 33.91 45.95
C GLU G 206 -4.58 32.95 45.18
N GLY G 207 -5.19 31.92 44.57
CA GLY G 207 -4.47 30.99 43.71
C GLY G 207 -3.56 30.05 44.50
N GLU G 208 -4.13 29.42 45.54
CA GLU G 208 -3.42 28.48 46.39
C GLU G 208 -2.33 29.19 47.19
N ARG G 209 -2.40 30.54 47.27
CA ARG G 209 -1.44 31.35 47.99
C ARG G 209 -2.20 32.40 48.80
N ARG G 210 -1.95 32.43 50.12
CA ARG G 210 -2.64 33.35 51.01
C ARG G 210 -1.84 34.64 51.15
N ARG G 211 -2.57 35.76 51.22
CA ARG G 211 -1.97 37.09 51.37
C ARG G 211 -2.58 37.78 52.58
N ARG G 212 -1.71 38.31 53.45
CA ARG G 212 -2.12 38.96 54.68
C ARG G 212 -2.16 40.47 54.46
N THR G 213 -3.26 41.11 54.89
CA THR G 213 -3.45 42.53 54.68
C THR G 213 -4.33 43.11 55.78
N ILE G 214 -3.95 44.30 56.26
CA ILE G 214 -4.64 44.98 57.35
C ILE G 214 -5.33 46.22 56.80
N GLU G 215 -6.38 46.67 57.50
CA GLU G 215 -7.21 47.79 57.06
C GLU G 215 -7.80 48.48 58.28
N ILE G 216 -7.81 49.83 58.25
CA ILE G 216 -8.53 50.61 59.25
C ILE G 216 -9.81 51.11 58.57
N LEU G 217 -10.95 50.53 58.97
CA LEU G 217 -12.24 50.88 58.39
C LEU G 217 -12.76 52.16 59.03
N LYS G 218 -12.77 52.21 60.36
CA LYS G 218 -13.36 53.30 61.10
C LYS G 218 -12.41 53.79 62.19
N PHE G 219 -12.23 55.11 62.25
CA PHE G 219 -11.58 55.80 63.37
C PHE G 219 -12.41 57.05 63.68
N ARG G 220 -13.60 56.85 64.24
CA ARG G 220 -14.52 57.95 64.51
C ARG G 220 -13.77 59.11 65.17
N GLY G 221 -13.69 60.24 64.45
CA GLY G 221 -13.09 61.46 64.97
C GLY G 221 -11.70 61.72 64.43
N THR G 222 -10.98 60.65 64.08
CA THR G 222 -9.61 60.76 63.59
C THR G 222 -9.54 60.31 62.14
N SER G 223 -8.43 60.65 61.48
CA SER G 223 -8.20 60.27 60.09
C SER G 223 -7.26 59.07 60.03
N HIS G 224 -7.18 58.44 58.85
CA HIS G 224 -6.40 57.25 58.64
C HIS G 224 -6.25 57.00 57.14
N GLN G 225 -5.21 56.24 56.77
CA GLN G 225 -5.03 55.83 55.38
C GLN G 225 -6.07 54.77 55.04
N LYS G 226 -6.81 54.99 53.95
CA LYS G 226 -7.92 54.12 53.57
C LYS G 226 -7.42 53.04 52.61
N GLY G 227 -7.81 51.79 52.90
CA GLY G 227 -7.51 50.67 52.03
C GLY G 227 -6.79 49.54 52.77
N GLU G 228 -6.56 48.44 52.05
CA GLU G 228 -5.86 47.28 52.59
C GLU G 228 -4.35 47.49 52.44
N PHE G 229 -3.59 47.14 53.49
CA PHE G 229 -2.15 47.30 53.50
C PHE G 229 -1.51 45.98 53.96
N PRO G 230 -0.53 45.42 53.20
CA PRO G 230 0.03 44.10 53.53
C PRO G 230 0.89 44.08 54.81
N PHE G 231 1.11 42.88 55.34
CA PHE G 231 1.97 42.67 56.50
C PHE G 231 2.40 41.21 56.57
N THR G 232 3.21 40.89 57.59
CA THR G 232 3.72 39.55 57.80
C THR G 232 4.04 39.34 59.28
N ILE G 233 3.80 38.12 59.78
CA ILE G 233 4.14 37.76 61.15
C ILE G 233 5.54 37.15 61.12
N THR G 234 6.56 37.98 61.34
CA THR G 234 7.95 37.53 61.31
C THR G 234 8.25 36.80 62.62
N PRO G 235 8.83 35.58 62.58
CA PRO G 235 9.07 34.79 63.80
C PRO G 235 9.96 35.48 64.83
N GLY G 236 10.83 36.39 64.37
CA GLY G 236 11.69 37.17 65.23
C GLY G 236 11.12 38.55 65.53
N GLU G 237 10.72 39.28 64.47
CA GLU G 237 10.29 40.65 64.58
C GLU G 237 8.85 40.72 65.10
N GLY G 238 7.95 39.97 64.46
CA GLY G 238 6.53 40.02 64.74
C GLY G 238 5.76 40.58 63.54
N ILE G 239 4.55 41.12 63.81
CA ILE G 239 3.76 41.78 62.79
C ILE G 239 4.55 42.97 62.27
N SER G 240 4.70 43.04 60.93
CA SER G 240 5.48 44.07 60.28
C SER G 240 4.73 44.60 59.06
N ILE G 241 4.05 45.74 59.24
CA ILE G 241 3.33 46.38 58.15
C ILE G 241 4.33 47.19 57.33
N PHE G 242 4.10 47.24 56.01
CA PHE G 242 4.98 47.93 55.08
C PHE G 242 4.20 49.03 54.37
N PRO G 243 4.22 50.29 54.88
CA PRO G 243 3.49 51.39 54.24
C PRO G 243 4.17 51.82 52.94
N LEU G 244 3.68 51.27 51.83
CA LEU G 244 4.13 51.65 50.50
C LEU G 244 3.51 53.01 50.12
N SER G 245 2.43 53.39 50.82
CA SER G 245 1.75 54.64 50.58
C SER G 245 2.50 55.81 51.23
N ALA G 246 2.77 55.66 52.54
CA ALA G 246 3.44 56.71 53.31
C ALA G 246 4.86 56.94 52.79
N MET G 247 5.46 55.90 52.19
CA MET G 247 6.77 55.98 51.57
C MET G 247 6.85 57.26 50.74
N ARG G 248 7.54 58.28 51.30
CA ARG G 248 7.76 59.54 50.61
C ARG G 248 9.08 59.44 49.85
N LEU G 249 9.00 58.90 48.62
CA LEU G 249 10.17 58.71 47.78
C LEU G 249 10.77 60.07 47.40
N ASN G 255 25.83 62.09 41.14
CA ASN G 255 26.13 62.04 39.68
C ASN G 255 27.52 61.44 39.45
N VAL G 256 27.82 60.36 40.18
CA VAL G 256 29.11 59.69 40.08
C VAL G 256 28.90 58.34 39.37
N ARG G 257 29.79 58.04 38.42
CA ARG G 257 29.64 56.89 37.55
C ARG G 257 30.31 55.66 38.19
N VAL G 258 30.06 54.49 37.59
CA VAL G 258 30.63 53.23 38.05
C VAL G 258 30.82 52.31 36.84
N SER G 259 31.57 51.22 37.04
CA SER G 259 31.92 50.30 35.97
C SER G 259 30.81 49.25 35.80
N SER G 260 30.69 48.74 34.57
CA SER G 260 29.67 47.77 34.21
C SER G 260 30.26 46.37 34.08
N GLY G 261 31.60 46.27 34.09
CA GLY G 261 32.28 45.02 33.81
C GLY G 261 32.82 44.98 32.39
N VAL G 262 32.03 45.49 31.43
CA VAL G 262 32.42 45.59 30.04
C VAL G 262 32.84 47.03 29.75
N PRO G 263 34.11 47.28 29.37
CA PRO G 263 34.58 48.64 29.09
C PRO G 263 33.91 49.29 27.87
N GLU G 264 33.53 48.46 26.89
CA GLU G 264 32.89 48.96 25.67
C GLU G 264 31.50 49.50 26.00
N LEU G 265 30.81 48.86 26.96
CA LEU G 265 29.46 49.23 27.32
C LEU G 265 29.50 50.54 28.10
N ASP G 266 30.50 50.68 28.96
CA ASP G 266 30.73 51.90 29.71
C ASP G 266 30.92 53.07 28.74
N GLU G 267 31.65 52.81 27.65
CA GLU G 267 31.89 53.81 26.61
C GLU G 267 30.61 54.08 25.84
N MET G 268 29.83 53.02 25.57
CA MET G 268 28.52 53.16 24.93
C MET G 268 27.61 54.01 25.81
N CYS G 269 27.66 53.77 27.13
CA CYS G 269 26.87 54.49 28.09
C CYS G 269 27.41 55.89 28.31
N GLY G 270 28.71 56.09 28.02
CA GLY G 270 29.36 57.38 28.13
C GLY G 270 29.97 57.61 29.51
N GLY G 271 30.77 56.62 29.95
CA GLY G 271 31.35 56.61 31.28
C GLY G 271 30.95 55.37 32.07
N GLY G 272 29.70 54.91 31.86
CA GLY G 272 29.15 53.79 32.60
C GLY G 272 27.89 54.19 33.36
N PHE G 273 27.39 53.27 34.19
CA PHE G 273 26.21 53.53 35.01
C PHE G 273 26.61 54.36 36.21
N PHE G 274 25.62 54.94 36.91
CA PHE G 274 25.87 55.80 38.04
C PHE G 274 26.02 54.95 39.30
N ARG G 275 25.24 55.26 40.34
CA ARG G 275 25.34 54.59 41.63
C ARG G 275 23.95 54.53 42.27
N ASP G 276 23.22 55.66 42.21
CA ASP G 276 21.82 55.72 42.60
C ASP G 276 20.97 55.52 41.34
N SER G 277 21.17 54.37 40.68
CA SER G 277 20.52 54.07 39.41
C SER G 277 19.92 52.67 39.45
N ILE G 278 18.94 52.44 38.57
CA ILE G 278 18.33 51.13 38.41
C ILE G 278 18.40 50.76 36.93
N ILE G 279 19.37 49.90 36.58
CA ILE G 279 19.59 49.50 35.20
C ILE G 279 18.74 48.27 34.91
N LEU G 280 18.13 48.24 33.73
CA LEU G 280 17.32 47.11 33.29
C LEU G 280 17.97 46.49 32.05
N VAL G 281 18.18 45.17 32.10
CA VAL G 281 18.67 44.41 30.97
C VAL G 281 17.52 43.61 30.39
N SER G 282 17.18 43.89 29.13
CA SER G 282 16.06 43.25 28.45
C SER G 282 16.56 42.41 27.28
N GLY G 283 15.86 41.29 27.03
CA GLY G 283 16.22 40.37 25.95
C GLY G 283 15.69 38.97 26.23
N ALA G 284 15.61 38.15 25.17
CA ALA G 284 15.09 36.79 25.27
C ALA G 284 16.14 35.87 25.87
N THR G 285 15.86 34.56 25.81
CA THR G 285 16.76 33.54 26.33
C THR G 285 17.91 33.30 25.34
N GLY G 286 19.12 33.19 25.87
CA GLY G 286 20.31 32.96 25.07
C GLY G 286 20.97 34.26 24.59
N THR G 287 20.34 35.40 24.91
CA THR G 287 20.82 36.70 24.45
C THR G 287 22.11 37.05 25.19
N GLY G 288 22.06 37.00 26.52
CA GLY G 288 23.23 37.22 27.36
C GLY G 288 22.96 38.21 28.49
N LYS G 289 21.89 37.95 29.25
CA LYS G 289 21.50 38.80 30.36
C LYS G 289 22.21 38.35 31.63
N THR G 290 22.22 37.04 31.86
CA THR G 290 22.86 36.45 33.04
C THR G 290 24.37 36.56 32.92
N LEU G 291 24.87 36.91 31.72
CA LEU G 291 26.28 37.23 31.54
C LEU G 291 26.58 38.58 32.19
N LEU G 292 25.81 39.61 31.80
CA LEU G 292 26.07 40.98 32.23
C LEU G 292 26.05 41.09 33.75
N VAL G 293 25.24 40.26 34.42
CA VAL G 293 25.13 40.32 35.87
C VAL G 293 26.47 39.90 36.49
N THR G 294 27.16 38.94 35.86
CA THR G 294 28.43 38.43 36.37
C THR G 294 29.50 39.51 36.25
N LYS G 295 29.57 40.16 35.07
CA LYS G 295 30.58 41.15 34.78
C LYS G 295 30.34 42.39 35.66
N PHE G 296 29.06 42.78 35.78
CA PHE G 296 28.67 43.88 36.64
C PHE G 296 29.01 43.58 38.09
N LEU G 297 28.81 42.32 38.50
CA LEU G 297 29.10 41.87 39.85
C LEU G 297 30.61 41.80 40.06
N GLU G 298 31.33 41.42 38.99
CA GLU G 298 32.78 41.29 39.01
C GLU G 298 33.42 42.68 39.07
N GLY G 299 32.94 43.60 38.24
CA GLY G 299 33.43 44.97 38.21
C GLY G 299 33.48 45.59 39.61
N ALA G 300 32.48 45.25 40.44
CA ALA G 300 32.43 45.71 41.83
C ALA G 300 33.52 45.03 42.65
N CYS G 301 33.59 43.69 42.56
CA CYS G 301 34.47 42.90 43.41
C CYS G 301 35.88 43.50 43.45
N ARG G 302 36.42 43.81 42.26
CA ARG G 302 37.77 44.34 42.14
C ARG G 302 37.75 45.86 42.24
N ASN G 303 37.19 46.38 43.34
CA ASN G 303 37.21 47.81 43.61
C ASN G 303 36.79 48.10 45.05
N GLY G 304 37.10 47.17 45.97
CA GLY G 304 36.73 47.30 47.37
C GLY G 304 35.22 47.42 47.58
N GLU G 305 34.43 47.04 46.58
CA GLU G 305 32.98 47.19 46.61
C GLU G 305 32.34 45.81 46.65
N ARG G 306 31.43 45.61 47.59
CA ARG G 306 30.70 44.35 47.72
C ARG G 306 29.63 44.27 46.64
N ALA G 307 29.18 43.05 46.35
CA ALA G 307 28.19 42.80 45.32
C ALA G 307 27.31 41.63 45.72
N LEU G 308 25.99 41.79 45.57
CA LEU G 308 25.04 40.75 45.92
C LEU G 308 24.22 40.36 44.69
N LEU G 309 23.80 39.10 44.64
CA LEU G 309 22.99 38.57 43.56
C LEU G 309 21.83 37.77 44.16
N PHE G 310 20.63 37.98 43.60
CA PHE G 310 19.44 37.24 43.99
C PHE G 310 18.96 36.39 42.82
N ALA G 311 19.48 35.16 42.74
CA ALA G 311 19.14 34.25 41.66
C ALA G 311 17.75 33.67 41.89
N PHE G 312 16.88 33.83 40.88
CA PHE G 312 15.53 33.28 40.91
C PHE G 312 15.27 32.50 39.62
N GLU G 313 16.34 32.01 38.98
CA GLU G 313 16.22 31.27 37.73
C GLU G 313 17.54 30.57 37.41
N GLU G 314 18.14 29.93 38.42
CA GLU G 314 19.41 29.24 38.26
C GLU G 314 19.81 28.58 39.58
N SER G 315 20.63 27.52 39.49
CA SER G 315 21.13 26.83 40.66
C SER G 315 22.34 27.57 41.21
N ARG G 316 22.92 27.02 42.29
CA ARG G 316 24.08 27.62 42.93
C ARG G 316 25.32 27.38 42.06
N GLU G 317 25.53 26.12 41.68
CA GLU G 317 26.72 25.70 40.94
C GLU G 317 26.58 26.06 39.46
N GLN G 318 25.35 26.00 38.93
CA GLN G 318 25.08 26.33 37.54
C GLN G 318 25.58 27.74 37.24
N LEU G 319 25.30 28.67 38.17
CA LEU G 319 25.79 30.04 38.07
C LEU G 319 27.32 30.04 38.11
N LEU G 320 27.89 29.24 39.03
CA LEU G 320 29.33 29.12 39.17
C LEU G 320 29.95 28.51 37.92
N ARG G 321 29.24 27.56 37.30
CA ARG G 321 29.74 26.87 36.12
C ARG G 321 29.68 27.80 34.91
N ASN G 322 28.64 28.63 34.85
CA ASN G 322 28.52 29.68 33.85
C ASN G 322 29.59 30.73 34.10
N ALA G 323 29.80 31.07 35.38
CA ALA G 323 30.84 32.01 35.77
C ALA G 323 32.21 31.44 35.45
N THR G 324 32.42 30.17 35.81
CA THR G 324 33.68 29.47 35.59
C THR G 324 33.95 29.33 34.10
N SER G 325 32.90 29.24 33.29
CA SER G 325 33.04 29.18 31.84
C SER G 325 33.60 30.50 31.30
N TRP G 326 33.37 31.60 32.03
CA TRP G 326 33.88 32.91 31.67
C TRP G 326 34.93 33.39 32.68
N GLY G 327 35.43 32.45 33.51
CA GLY G 327 36.38 32.79 34.57
C GLY G 327 35.65 33.18 35.86
N ILE G 328 35.36 34.49 36.00
CA ILE G 328 34.64 35.05 37.13
C ILE G 328 34.53 34.03 38.26
N ASP G 329 35.62 33.81 38.99
CA ASP G 329 35.61 32.92 40.14
C ASP G 329 34.80 33.59 41.25
N PHE G 330 33.48 33.41 41.19
CA PHE G 330 32.55 34.10 42.08
C PHE G 330 32.64 33.53 43.49
N GLU G 331 32.97 32.24 43.59
CA GLU G 331 33.06 31.57 44.89
C GLU G 331 34.27 32.07 45.65
N GLU G 332 35.31 32.51 44.92
CA GLU G 332 36.51 33.05 45.52
C GLU G 332 36.24 34.43 46.11
N MET G 333 35.60 35.30 45.31
CA MET G 333 35.27 36.65 45.74
C MET G 333 34.22 36.63 46.84
N GLU G 334 33.42 35.56 46.87
CA GLU G 334 32.37 35.39 47.88
C GLU G 334 32.98 35.24 49.27
N ARG G 335 34.18 34.63 49.34
CA ARG G 335 34.82 34.33 50.61
C ARG G 335 35.33 35.61 51.28
N ASP G 336 35.89 36.52 50.48
CA ASP G 336 36.49 37.74 51.00
C ASP G 336 35.43 38.82 51.18
N GLY G 337 34.25 38.43 51.69
CA GLY G 337 33.15 39.33 51.95
C GLY G 337 32.97 40.36 50.84
N ARG G 338 32.81 39.88 49.60
CA ARG G 338 32.65 40.75 48.44
C ARG G 338 31.40 40.31 47.68
N LEU G 339 31.37 39.03 47.26
CA LEU G 339 30.22 38.45 46.60
C LEU G 339 29.29 37.85 47.64
N LYS G 340 27.98 37.83 47.33
CA LYS G 340 26.97 37.29 48.23
C LYS G 340 25.78 36.81 47.42
N ILE G 341 25.65 35.49 47.29
CA ILE G 341 24.59 34.87 46.51
C ILE G 341 23.45 34.46 47.44
N VAL G 342 22.24 34.36 46.87
CA VAL G 342 21.05 33.96 47.61
C VAL G 342 20.54 32.64 47.04
N CYS G 343 20.10 32.68 45.78
CA CYS G 343 19.59 31.52 45.05
C CYS G 343 18.33 30.98 45.72
N ALA G 344 17.17 31.28 45.13
CA ALA G 344 15.88 30.86 45.67
C ALA G 344 14.89 30.67 44.52
N TYR G 345 13.65 30.30 44.87
CA TYR G 345 12.58 30.13 43.90
C TYR G 345 11.57 31.26 44.05
N PRO G 346 11.07 31.85 42.93
CA PRO G 346 10.01 32.86 42.99
C PRO G 346 8.74 32.42 43.72
N GLU G 347 8.36 31.16 43.53
CA GLU G 347 7.12 30.63 44.09
C GLU G 347 7.27 30.36 45.59
N SER G 348 8.50 30.18 46.05
CA SER G 348 8.78 29.84 47.44
C SER G 348 7.91 30.66 48.40
N THR G 349 8.03 31.99 48.33
CA THR G 349 7.31 32.88 49.22
C THR G 349 6.52 33.90 48.39
N GLY G 350 5.77 34.76 49.09
CA GLY G 350 5.07 35.87 48.47
C GLY G 350 6.02 37.05 48.21
N LEU G 351 5.55 38.04 47.44
CA LEU G 351 6.38 39.17 47.04
C LEU G 351 6.72 40.02 48.26
N GLU G 352 5.74 40.19 49.16
CA GLU G 352 5.94 40.89 50.42
C GLU G 352 6.99 40.14 51.25
N ASP G 353 6.90 38.80 51.24
CA ASP G 353 7.83 37.95 51.97
C ASP G 353 9.20 37.97 51.30
N HIS G 354 9.21 38.05 49.96
CA HIS G 354 10.44 38.14 49.18
C HIS G 354 11.13 39.48 49.43
N LEU G 355 10.36 40.57 49.35
CA LEU G 355 10.89 41.93 49.46
C LEU G 355 11.57 42.11 50.81
N ILE G 356 10.98 41.53 51.87
CA ILE G 356 11.51 41.62 53.21
C ILE G 356 12.82 40.84 53.31
N MET G 357 12.84 39.63 52.72
CA MET G 357 14.02 38.78 52.71
C MET G 357 15.18 39.51 52.06
N ILE G 358 14.94 40.06 50.86
CA ILE G 358 15.94 40.80 50.10
C ILE G 358 16.44 41.98 50.93
N LYS G 359 15.48 42.73 51.50
CA LYS G 359 15.79 43.89 52.33
C LYS G 359 16.72 43.49 53.47
N GLU G 360 16.45 42.32 54.07
CA GLU G 360 17.25 41.81 55.18
C GLU G 360 18.62 41.34 54.70
N VAL G 361 18.63 40.65 53.55
CA VAL G 361 19.87 40.19 52.94
C VAL G 361 20.77 41.38 52.62
N ILE G 362 20.14 42.49 52.20
CA ILE G 362 20.86 43.70 51.84
C ILE G 362 21.57 44.27 53.06
N GLU G 363 20.79 44.62 54.10
CA GLU G 363 21.30 45.28 55.29
C GLU G 363 22.45 44.48 55.91
N GLU G 364 22.33 43.14 55.89
CA GLU G 364 23.33 42.26 56.46
C GLU G 364 24.71 42.58 55.90
N PHE G 365 24.83 42.63 54.57
CA PHE G 365 26.09 42.86 53.90
C PHE G 365 26.26 44.35 53.56
N LYS G 366 25.16 44.97 53.09
CA LYS G 366 25.17 46.34 52.61
C LYS G 366 26.10 46.46 51.40
N PRO G 367 25.78 45.79 50.26
CA PRO G 367 26.66 45.79 49.10
C PRO G 367 26.59 47.09 48.29
N ASP G 368 27.57 47.27 47.39
CA ASP G 368 27.59 48.39 46.46
C ASP G 368 26.71 48.06 45.26
N ARG G 369 26.95 46.89 44.67
CA ARG G 369 26.21 46.43 43.50
C ARG G 369 25.19 45.38 43.91
N ILE G 370 24.00 45.45 43.30
CA ILE G 370 22.93 44.48 43.51
C ILE G 370 22.47 43.99 42.13
N ALA G 371 21.96 42.76 42.08
CA ALA G 371 21.47 42.18 40.84
C ALA G 371 20.33 41.19 41.13
N ILE G 372 19.11 41.55 40.72
CA ILE G 372 17.98 40.64 40.78
C ILE G 372 17.84 39.97 39.41
N ASP G 373 18.08 38.65 39.36
CA ASP G 373 18.04 37.89 38.13
C ASP G 373 17.25 36.60 38.37
N SER G 374 16.05 36.47 37.78
CA SER G 374 15.46 37.44 36.87
C SER G 374 14.14 37.93 37.45
N LEU G 375 13.88 39.24 37.29
CA LEU G 375 12.68 39.88 37.83
C LEU G 375 11.43 39.28 37.20
N SER G 376 11.51 38.96 35.90
CA SER G 376 10.39 38.39 35.18
C SER G 376 9.93 37.06 35.79
N ALA G 377 10.87 36.33 36.41
CA ALA G 377 10.55 35.07 37.06
C ALA G 377 9.61 35.30 38.24
N LEU G 378 9.83 36.38 38.99
CA LEU G 378 9.03 36.70 40.15
C LEU G 378 7.63 37.15 39.74
N GLU G 379 7.49 37.63 38.49
CA GLU G 379 6.21 38.02 37.94
C GLU G 379 5.30 36.81 37.79
N ARG G 380 5.88 35.62 37.71
CA ARG G 380 5.12 34.37 37.64
C ARG G 380 4.44 34.11 38.98
N VAL G 381 5.14 34.42 40.07
CA VAL G 381 4.60 34.27 41.42
C VAL G 381 3.99 35.60 41.86
N SER G 383 0.50 39.03 41.10
CA SER G 383 -0.79 39.28 40.40
C SER G 383 -0.98 40.77 40.17
N ASP G 384 -0.39 41.28 39.08
CA ASP G 384 -0.55 42.66 38.65
C ASP G 384 0.00 43.61 39.72
N ARG G 385 -0.82 43.90 40.73
CA ARG G 385 -0.50 44.86 41.77
C ARG G 385 0.66 44.34 42.63
N GLY G 386 0.60 43.06 42.98
CA GLY G 386 1.61 42.42 43.82
C GLY G 386 3.03 42.71 43.34
N PHE G 387 3.27 42.49 42.05
CA PHE G 387 4.59 42.68 41.47
C PHE G 387 4.87 44.17 41.29
N ARG G 388 3.87 44.92 40.79
CA ARG G 388 3.97 46.35 40.61
C ARG G 388 4.48 47.01 41.89
N GLU G 389 3.99 46.52 43.04
CA GLU G 389 4.40 47.02 44.34
C GLU G 389 5.82 46.55 44.66
N PHE G 390 6.10 45.27 44.40
CA PHE G 390 7.40 44.68 44.66
C PHE G 390 8.50 45.49 43.98
N VAL G 391 8.23 45.93 42.74
CA VAL G 391 9.20 46.66 41.95
C VAL G 391 9.43 48.03 42.60
N ILE G 392 8.36 48.82 42.71
CA ILE G 392 8.43 50.17 43.26
C ILE G 392 9.18 50.13 44.60
N GLY G 393 8.75 49.22 45.49
CA GLY G 393 9.31 49.11 46.83
C GLY G 393 10.82 48.91 46.81
N LEU G 394 11.29 47.97 45.97
CA LEU G 394 12.71 47.60 45.92
C LEU G 394 13.50 48.68 45.20
N THR G 395 12.96 49.19 44.08
CA THR G 395 13.60 50.26 43.33
C THR G 395 13.73 51.50 44.21
N SER G 396 12.72 51.75 45.05
CA SER G 396 12.72 52.89 45.95
C SER G 396 13.69 52.67 47.11
N PHE G 397 13.58 51.50 47.76
CA PHE G 397 14.37 51.19 48.94
C PHE G 397 15.86 51.21 48.61
N ILE G 398 16.21 50.72 47.42
CA ILE G 398 17.58 50.72 46.94
C ILE G 398 18.05 52.15 46.71
N LYS G 399 17.17 52.97 46.11
CA LYS G 399 17.46 54.37 45.83
C LYS G 399 17.53 55.16 47.14
N GLN G 400 16.66 54.80 48.09
CA GLN G 400 16.64 55.43 49.41
C GLN G 400 17.92 55.09 50.17
N GLN G 401 18.38 53.83 50.01
CA GLN G 401 19.59 53.36 50.67
C GLN G 401 20.83 53.67 49.82
N GLU G 402 20.59 54.16 48.59
CA GLU G 402 21.66 54.56 47.68
C GLU G 402 22.47 53.33 47.27
N ILE G 403 21.81 52.41 46.55
CA ILE G 403 22.44 51.22 46.02
C ILE G 403 22.16 51.15 44.52
N THR G 404 23.20 50.78 43.74
CA THR G 404 23.03 50.50 42.32
C THR G 404 22.37 49.15 42.16
N GLY G 405 21.62 48.97 41.06
CA GLY G 405 20.85 47.76 40.83
C GLY G 405 20.72 47.40 39.36
N LEU G 406 20.99 46.14 39.02
CA LEU G 406 20.78 45.61 37.69
C LEU G 406 19.61 44.64 37.73
N PHE G 407 18.64 44.84 36.83
CA PHE G 407 17.43 44.03 36.79
C PHE G 407 17.35 43.30 35.45
N THR G 408 16.91 42.03 35.50
CA THR G 408 16.78 41.20 34.32
C THR G 408 15.29 41.00 34.01
N SER G 409 14.94 41.11 32.72
CA SER G 409 13.57 40.95 32.28
C SER G 409 13.54 40.27 30.91
N THR G 410 13.20 38.98 30.90
CA THR G 410 13.10 38.21 29.67
C THR G 410 11.91 38.73 28.86
N THR G 411 12.18 39.12 27.61
CA THR G 411 11.15 39.62 26.70
C THR G 411 11.25 38.89 25.37
N SER G 423 5.74 43.89 31.90
CA SER G 423 6.57 44.65 32.88
C SER G 423 6.01 46.07 33.06
N HIS G 424 6.25 46.93 32.07
CA HIS G 424 5.90 48.33 32.14
C HIS G 424 6.62 48.99 33.32
N ILE G 425 7.82 48.50 33.63
CA ILE G 425 8.65 49.05 34.69
C ILE G 425 9.77 49.87 34.07
N SER G 426 9.74 50.02 32.74
CA SER G 426 10.69 50.85 32.01
C SER G 426 10.55 52.32 32.42
N THR G 427 9.40 52.66 33.01
CA THR G 427 9.16 53.99 33.56
C THR G 427 9.98 54.16 34.83
N ILE G 428 10.04 53.11 35.65
CA ILE G 428 10.65 53.17 36.96
C ILE G 428 12.17 53.10 36.82
N THR G 429 12.64 52.42 35.77
CA THR G 429 14.06 52.25 35.53
C THR G 429 14.66 53.54 34.96
N ASP G 430 15.99 53.57 34.88
CA ASP G 430 16.72 54.73 34.36
C ASP G 430 17.45 54.32 33.09
N THR G 431 18.32 53.30 33.19
CA THR G 431 19.09 52.81 32.06
C THR G 431 18.44 51.53 31.53
N ILE G 432 18.25 51.46 30.21
CA ILE G 432 17.72 50.27 29.56
C ILE G 432 18.75 49.78 28.54
N ILE G 433 19.31 48.59 28.81
CA ILE G 433 20.18 47.90 27.87
C ILE G 433 19.40 46.74 27.25
N LEU G 434 19.26 46.78 25.91
CA LEU G 434 18.39 45.84 25.21
C LEU G 434 19.24 44.90 24.36
N LEU G 435 19.25 43.61 24.75
CA LEU G 435 19.93 42.56 24.00
C LEU G 435 18.91 41.83 23.14
N ARG G 436 19.37 41.28 22.00
CA ARG G 436 18.47 40.62 21.06
C ARG G 436 19.26 39.76 20.08
N TYR G 437 18.67 38.61 19.73
CA TYR G 437 19.16 37.76 18.64
C TYR G 437 18.74 38.37 17.31
N VAL G 438 19.42 37.96 16.23
CA VAL G 438 19.13 38.48 14.89
C VAL G 438 19.56 37.44 13.86
N GLU G 439 18.64 37.10 12.95
CA GLU G 439 18.91 36.15 11.88
C GLU G 439 19.75 36.84 10.81
N MET G 440 21.07 36.73 10.93
CA MET G 440 22.00 37.35 9.98
C MET G 440 22.40 36.32 8.92
N ARG G 441 21.42 35.85 8.16
CA ARG G 441 21.63 34.94 7.03
C ARG G 441 22.28 33.65 7.51
N GLY G 442 21.46 32.72 8.01
CA GLY G 442 21.94 31.43 8.50
C GLY G 442 22.96 31.62 9.61
N GLU G 443 22.68 32.55 10.53
CA GLU G 443 23.58 32.86 11.63
C GLU G 443 22.83 33.73 12.64
N MET G 444 22.38 33.11 13.73
CA MET G 444 21.65 33.79 14.78
C MET G 444 22.61 34.71 15.53
N SER G 445 22.89 35.88 14.96
CA SER G 445 23.81 36.84 15.54
C SER G 445 23.15 37.57 16.71
N ARG G 446 23.97 38.24 17.52
CA ARG G 446 23.52 38.88 18.74
C ARG G 446 23.89 40.36 18.70
N ALA G 447 23.01 41.21 19.24
CA ALA G 447 23.16 42.66 19.13
C ALA G 447 22.72 43.34 20.42
N ILE G 448 23.49 44.37 20.82
CA ILE G 448 23.20 45.14 22.02
C ILE G 448 22.87 46.57 21.61
N ASN G 449 22.13 47.28 22.46
CA ASN G 449 21.70 48.64 22.18
C ASN G 449 21.31 49.34 23.49
N VAL G 450 21.61 50.64 23.55
CA VAL G 450 21.17 51.48 24.66
C VAL G 450 19.99 52.31 24.19
N LEU G 451 18.84 52.15 24.86
CA LEU G 451 17.63 52.87 24.51
C LEU G 451 17.46 54.09 25.41
N LYS G 452 17.73 53.91 26.72
CA LYS G 452 17.64 54.98 27.69
C LYS G 452 18.85 54.91 28.62
N MET G 453 19.47 56.07 28.88
CA MET G 453 20.52 56.19 29.88
C MET G 453 20.11 57.16 30.98
N ARG G 454 19.43 58.25 30.60
CA ARG G 454 19.07 59.32 31.52
C ARG G 454 20.34 59.99 32.05
N GLY G 455 20.74 61.09 31.39
CA GLY G 455 21.79 61.96 31.89
C GLY G 455 23.16 61.64 31.28
N SER G 456 23.18 61.07 30.08
CA SER G 456 24.42 60.74 29.39
C SER G 456 24.14 60.48 27.91
N TRP G 457 25.13 60.82 27.07
CA TRP G 457 25.10 60.41 25.67
C TRP G 457 25.20 58.88 25.61
N HIS G 458 24.08 58.23 25.30
CA HIS G 458 24.08 56.80 25.05
C HIS G 458 24.32 56.57 23.57
N ASP G 459 25.18 55.60 23.26
CA ASP G 459 25.48 55.24 21.88
C ASP G 459 24.20 54.71 21.24
N LYS G 460 23.61 55.52 20.36
CA LYS G 460 22.39 55.15 19.66
C LYS G 460 22.61 53.89 18.82
N GLU G 461 23.87 53.66 18.43
CA GLU G 461 24.23 52.53 17.57
C GLU G 461 23.77 51.21 18.17
N ILE G 462 23.38 50.28 17.28
CA ILE G 462 23.01 48.93 17.63
C ILE G 462 24.16 48.01 17.22
N ARG G 463 25.18 47.93 18.10
CA ARG G 463 26.40 47.21 17.80
C ARG G 463 26.20 45.72 18.04
N GLU G 464 26.82 44.89 17.19
CA GLU G 464 26.77 43.44 17.33
C GLU G 464 27.78 43.00 18.39
N PHE G 465 27.53 41.83 19.01
CA PHE G 465 28.45 41.29 20.00
C PHE G 465 28.48 39.77 19.91
N THR G 466 29.43 39.16 20.64
CA THR G 466 29.55 37.72 20.75
C THR G 466 29.99 37.36 22.16
N ILE G 467 29.88 36.07 22.49
CA ILE G 467 30.27 35.56 23.80
C ILE G 467 31.43 34.58 23.62
N SER G 468 32.43 34.69 24.51
CA SER G 468 33.61 33.83 24.49
C SER G 468 33.67 33.03 25.78
N GLY G 469 34.89 32.58 26.15
CA GLY G 469 35.13 32.01 27.47
C GLY G 469 35.77 33.01 28.41
N LYS G 470 35.20 34.22 28.47
CA LYS G 470 35.78 35.31 29.22
C LYS G 470 34.73 36.40 29.46
N GLY G 471 34.12 36.90 28.38
CA GLY G 471 33.10 37.93 28.49
C GLY G 471 32.47 38.27 27.14
N MET G 472 31.90 39.48 27.06
CA MET G 472 31.18 39.94 25.88
C MET G 472 32.13 40.76 25.01
N HIS G 473 31.94 40.66 23.68
CA HIS G 473 32.76 41.36 22.72
C HIS G 473 31.88 42.29 21.89
N ILE G 474 31.61 43.48 22.42
CA ILE G 474 30.78 44.48 21.76
C ILE G 474 31.56 45.01 20.55
N GLY G 475 31.06 44.67 19.35
CA GLY G 475 31.77 44.97 18.12
C GLY G 475 31.32 46.28 17.48
N ASP G 476 31.03 46.22 16.18
CA ASP G 476 30.70 47.40 15.38
C ASP G 476 29.28 47.25 14.84
N PRO G 477 28.61 48.34 14.41
CA PRO G 477 27.20 48.29 14.01
C PRO G 477 26.95 47.53 12.71
N PHE G 478 25.73 46.99 12.60
CA PHE G 478 25.30 46.25 11.42
C PHE G 478 24.39 47.14 10.57
N ARG G 479 24.96 48.22 10.05
CA ARG G 479 24.23 49.17 9.23
C ARG G 479 24.12 48.67 7.79
N ASN G 480 24.98 47.70 7.43
CA ASN G 480 24.99 47.12 6.10
C ASN G 480 23.89 46.06 5.96
N PHE G 481 23.24 45.72 7.09
CA PHE G 481 22.20 44.71 7.10
C PHE G 481 20.83 45.37 6.92
N THR G 482 19.79 44.77 7.51
CA THR G 482 18.43 45.24 7.39
C THR G 482 17.89 45.59 8.78
N ARG G 483 16.55 45.65 8.90
CA ARG G 483 15.88 45.98 10.16
C ARG G 483 16.34 44.99 11.24
N ILE G 484 16.94 45.52 12.31
CA ILE G 484 17.53 44.71 13.35
C ILE G 484 16.44 44.21 14.29
N LEU G 485 15.86 45.14 15.07
CA LEU G 485 14.87 44.79 16.07
C LEU G 485 13.54 44.43 15.39
N ALA H 11 10.13 28.01 72.12
CA ALA H 11 9.60 27.45 70.85
C ALA H 11 8.74 26.23 71.15
N ILE H 12 7.48 26.27 70.69
CA ILE H 12 6.58 25.14 70.82
C ILE H 12 7.15 23.97 70.01
N GLU H 13 7.65 22.95 70.72
CA GLU H 13 8.32 21.82 70.10
C GLU H 13 7.35 21.10 69.16
N LYS H 14 7.79 20.89 67.92
CA LYS H 14 6.98 20.25 66.90
C LYS H 14 7.43 18.81 66.72
N LEU H 15 6.46 17.88 66.78
CA LEU H 15 6.73 16.45 66.68
C LEU H 15 6.58 16.01 65.22
N PRO H 16 7.62 15.41 64.61
CA PRO H 16 7.52 14.87 63.25
C PRO H 16 6.38 13.85 63.10
N THR H 17 5.81 13.79 61.89
CA THR H 17 4.70 12.91 61.59
C THR H 17 5.22 11.66 60.86
N GLY H 18 5.95 11.89 59.77
CA GLY H 18 6.43 10.82 58.91
C GLY H 18 5.95 10.98 57.48
N ILE H 19 4.95 11.84 57.26
CA ILE H 19 4.41 12.12 55.95
C ILE H 19 5.46 12.89 55.15
N GLU H 20 5.72 12.41 53.92
CA GLU H 20 6.70 13.03 53.03
C GLU H 20 6.14 14.37 52.53
N GLY H 21 6.59 15.46 53.14
CA GLY H 21 6.28 16.80 52.68
C GLY H 21 5.55 17.64 53.73
N PHE H 22 4.77 16.99 54.60
CA PHE H 22 4.04 17.69 55.65
C PHE H 22 5.02 18.35 56.61
N ASP H 23 6.02 17.57 57.05
CA ASP H 23 7.01 18.04 58.01
C ASP H 23 7.77 19.23 57.43
N ASP H 24 7.92 19.26 56.10
CA ASP H 24 8.55 20.37 55.41
C ASP H 24 7.66 21.61 55.50
N ILE H 25 6.36 21.42 55.27
CA ILE H 25 5.39 22.51 55.29
C ILE H 25 5.19 23.01 56.73
N SER H 26 5.21 22.07 57.69
CA SER H 26 4.95 22.37 59.09
C SER H 26 6.18 22.98 59.76
N HIS H 27 7.33 22.97 59.06
CA HIS H 27 8.59 23.49 59.58
C HIS H 27 9.04 22.67 60.79
N GLY H 28 8.82 21.35 60.73
CA GLY H 28 9.21 20.44 61.80
C GLY H 28 8.17 19.35 62.02
N GLY H 29 6.89 19.73 61.96
CA GLY H 29 5.79 18.82 62.24
C GLY H 29 4.67 19.51 63.00
N LEU H 30 3.86 18.71 63.71
CA LEU H 30 2.75 19.25 64.48
C LEU H 30 3.24 19.64 65.87
N PRO H 31 2.88 20.85 66.39
CA PRO H 31 3.21 21.23 67.76
C PRO H 31 2.89 20.11 68.75
N LYS H 32 3.95 19.63 69.44
CA LYS H 32 3.86 18.44 70.27
C LYS H 32 3.02 18.74 71.51
N GLY H 33 2.10 17.81 71.82
CA GLY H 33 1.22 17.94 72.97
C GLY H 33 -0.15 18.50 72.59
N ARG H 34 -0.17 19.41 71.60
CA ARG H 34 -1.37 20.14 71.23
C ARG H 34 -2.19 19.32 70.23
N THR H 35 -3.50 19.59 70.20
CA THR H 35 -4.41 18.95 69.26
C THR H 35 -4.40 19.71 67.95
N THR H 36 -4.72 19.02 66.86
CA THR H 36 -4.71 19.59 65.53
C THR H 36 -5.95 19.15 64.76
N LEU H 37 -6.65 20.12 64.17
CA LEU H 37 -7.88 19.85 63.42
C LEU H 37 -7.53 19.55 61.97
N VAL H 38 -8.01 18.41 61.47
CA VAL H 38 -7.83 18.01 60.08
C VAL H 38 -9.18 18.11 59.37
N ALA H 39 -9.55 19.35 58.99
CA ALA H 39 -10.81 19.62 58.32
C ALA H 39 -10.72 19.11 56.88
N GLY H 40 -11.78 18.45 56.42
CA GLY H 40 -11.81 17.92 55.06
C GLY H 40 -13.17 17.32 54.70
N THR H 41 -13.61 17.58 53.47
CA THR H 41 -14.87 17.05 52.95
C THR H 41 -14.77 15.54 52.81
N PRO H 42 -15.92 14.82 52.72
CA PRO H 42 -15.94 13.39 52.44
C PRO H 42 -14.85 12.91 51.47
N GLY H 43 -13.90 12.13 52.00
CA GLY H 43 -12.88 11.48 51.19
C GLY H 43 -11.76 12.44 50.78
N THR H 44 -11.24 13.18 51.76
CA THR H 44 -10.08 14.05 51.56
C THR H 44 -8.82 13.39 52.12
N GLY H 45 -8.99 12.32 52.91
CA GLY H 45 -7.88 11.59 53.49
C GLY H 45 -7.51 12.09 54.89
N LYS H 46 -8.51 12.53 55.65
CA LYS H 46 -8.31 12.96 57.02
C LYS H 46 -7.94 11.77 57.89
N THR H 47 -8.53 10.61 57.57
CA THR H 47 -8.28 9.37 58.29
C THR H 47 -6.87 8.87 58.00
N VAL H 48 -6.50 8.83 56.71
CA VAL H 48 -5.22 8.29 56.27
C VAL H 48 -4.10 9.14 56.84
N PHE H 49 -4.33 10.47 56.87
CA PHE H 49 -3.39 11.43 57.42
C PHE H 49 -3.04 11.03 58.85
N ALA H 50 -4.07 10.81 59.68
CA ALA H 50 -3.91 10.50 61.09
C ALA H 50 -3.44 9.06 61.29
N MET H 51 -3.80 8.17 60.36
CA MET H 51 -3.38 6.78 60.40
C MET H 51 -1.87 6.69 60.16
N GLN H 52 -1.36 7.50 59.23
CA GLN H 52 0.06 7.56 58.93
C GLN H 52 0.79 8.23 60.10
N PHE H 53 0.16 9.25 60.70
CA PHE H 53 0.66 9.92 61.88
C PHE H 53 0.90 8.91 63.01
N LEU H 54 -0.02 7.94 63.12
CA LEU H 54 0.09 6.88 64.13
C LEU H 54 1.11 5.85 63.68
N TYR H 55 0.97 5.38 62.43
CA TYR H 55 1.74 4.25 61.91
C TYR H 55 3.24 4.55 61.96
N HIS H 56 3.64 5.67 61.34
CA HIS H 56 5.04 6.07 61.29
C HIS H 56 5.57 6.36 62.70
N GLY H 57 4.66 6.78 63.59
CA GLY H 57 5.00 7.06 64.98
C GLY H 57 5.64 5.86 65.68
N ILE H 58 5.15 4.65 65.38
CA ILE H 58 5.64 3.45 66.03
C ILE H 58 6.79 2.85 65.21
N LYS H 59 6.73 3.03 63.88
CA LYS H 59 7.65 2.36 62.97
C LYS H 59 8.96 3.14 62.83
N ARG H 60 8.95 4.43 63.21
CA ARG H 60 10.12 5.27 63.08
C ARG H 60 10.20 6.28 64.23
N PHE H 61 9.77 5.85 65.43
CA PHE H 61 9.83 6.69 66.60
C PHE H 61 9.54 5.88 67.88
N ASP H 62 8.74 4.81 67.75
CA ASP H 62 8.35 3.99 68.88
C ASP H 62 7.43 4.78 69.79
N GLU H 63 6.48 5.50 69.18
CA GLU H 63 5.47 6.26 69.90
C GLU H 63 4.11 5.63 69.62
N PRO H 64 3.56 4.80 70.55
CA PRO H 64 2.30 4.10 70.30
C PRO H 64 1.15 5.04 69.95
N GLY H 65 0.14 4.50 69.26
CA GLY H 65 -0.98 5.28 68.76
C GLY H 65 -2.32 4.71 69.19
N VAL H 66 -3.17 5.58 69.78
CA VAL H 66 -4.52 5.21 70.18
C VAL H 66 -5.50 5.84 69.20
N PHE H 67 -5.98 5.04 68.24
CA PHE H 67 -6.87 5.52 67.20
C PHE H 67 -8.31 5.34 67.65
N VAL H 68 -8.91 6.42 68.16
CA VAL H 68 -10.32 6.40 68.53
C VAL H 68 -11.12 6.65 67.26
N THR H 69 -12.30 6.03 67.17
CA THR H 69 -13.11 6.14 65.97
C THR H 69 -14.59 6.17 66.37
N PHE H 70 -15.21 7.35 66.23
CA PHE H 70 -16.65 7.51 66.40
C PHE H 70 -17.36 7.22 65.08
N GLU H 71 -16.64 6.63 64.10
CA GLU H 71 -17.17 6.42 62.77
C GLU H 71 -17.02 4.96 62.37
N GLU H 72 -15.81 4.58 61.95
CA GLU H 72 -15.55 3.25 61.41
C GLU H 72 -15.17 2.30 62.55
N SER H 73 -15.03 1.02 62.21
CA SER H 73 -14.66 -0.01 63.17
C SER H 73 -13.20 -0.40 62.95
N PRO H 74 -12.39 -0.56 64.03
CA PRO H 74 -10.97 -0.94 63.90
C PRO H 74 -10.70 -2.09 62.93
N ASP H 75 -11.59 -3.09 62.94
CA ASP H 75 -11.53 -4.21 62.01
C ASP H 75 -11.57 -3.71 60.58
N ASP H 76 -12.50 -2.79 60.29
CA ASP H 76 -12.65 -2.21 58.96
C ASP H 76 -11.46 -1.31 58.65
N ILE H 77 -11.05 -0.49 59.63
CA ILE H 77 -9.94 0.42 59.49
C ILE H 77 -8.70 -0.34 59.02
N LEU H 78 -8.48 -1.54 59.58
CA LEU H 78 -7.30 -2.34 59.32
C LEU H 78 -7.32 -2.90 57.90
N ARG H 79 -8.44 -3.54 57.54
CA ARG H 79 -8.55 -4.19 56.24
C ARG H 79 -8.44 -3.14 55.12
N ASN H 80 -9.01 -1.95 55.37
CA ASN H 80 -8.91 -0.84 54.44
C ASN H 80 -7.44 -0.42 54.31
N MET H 81 -6.86 0.01 55.43
CA MET H 81 -5.47 0.47 55.45
C MET H 81 -4.54 -0.74 55.36
N ALA H 82 -4.37 -1.25 54.13
CA ALA H 82 -3.62 -2.47 53.90
C ALA H 82 -3.00 -2.47 52.50
N SER H 83 -3.72 -1.91 51.51
CA SER H 83 -3.22 -1.74 50.16
C SER H 83 -1.86 -1.05 50.17
N PHE H 84 -1.65 -0.14 51.14
CA PHE H 84 -0.36 0.51 51.33
C PHE H 84 0.68 -0.54 51.74
N GLY H 85 0.36 -1.31 52.79
CA GLY H 85 1.24 -2.34 53.29
C GLY H 85 1.51 -2.18 54.78
N TRP H 86 0.53 -2.52 55.60
CA TRP H 86 0.64 -2.45 57.05
C TRP H 86 -0.10 -3.63 57.69
N ASP H 87 0.51 -4.20 58.73
CA ASP H 87 0.00 -5.41 59.38
C ASP H 87 -1.15 -5.05 60.32
N LEU H 88 -1.00 -3.91 61.02
CA LEU H 88 -1.99 -3.41 61.96
C LEU H 88 -2.10 -4.32 63.18
N GLN H 89 -2.65 -5.52 63.00
CA GLN H 89 -2.84 -6.48 64.08
C GLN H 89 -1.49 -6.80 64.73
N LYS H 90 -0.43 -6.84 63.92
CA LYS H 90 0.92 -7.07 64.40
C LYS H 90 1.31 -5.96 65.39
N LEU H 91 1.04 -4.71 65.01
CA LEU H 91 1.39 -3.56 65.84
C LEU H 91 0.44 -3.48 67.05
N VAL H 92 -0.80 -3.94 66.85
CA VAL H 92 -1.80 -3.96 67.91
C VAL H 92 -1.39 -4.96 68.99
N GLU H 93 -0.83 -6.10 68.55
CA GLU H 93 -0.38 -7.15 69.46
C GLU H 93 0.84 -6.69 70.24
N GLU H 94 1.71 -5.89 69.60
CA GLU H 94 2.93 -5.40 70.21
C GLU H 94 2.63 -4.26 71.19
N GLY H 95 1.37 -3.80 71.23
CA GLY H 95 0.96 -2.72 72.10
C GLY H 95 1.25 -1.34 71.50
N LYS H 96 1.51 -1.33 70.19
CA LYS H 96 1.81 -0.09 69.47
C LYS H 96 0.50 0.59 69.08
N LEU H 97 -0.48 -0.21 68.64
CA LEU H 97 -1.77 0.31 68.21
C LEU H 97 -2.83 -0.03 69.26
N ALA H 98 -3.54 1.01 69.73
CA ALA H 98 -4.65 0.84 70.65
C ALA H 98 -5.92 1.41 70.02
N ILE H 99 -6.41 0.71 69.00
CA ILE H 99 -7.60 1.13 68.26
C ILE H 99 -8.82 0.97 69.16
N VAL H 100 -9.45 2.09 69.51
CA VAL H 100 -10.62 2.10 70.37
C VAL H 100 -11.85 2.41 69.50
N ASP H 101 -12.91 1.60 69.68
CA ASP H 101 -14.12 1.70 68.89
C ASP H 101 -15.20 2.41 69.69
N ALA H 102 -15.25 3.74 69.57
CA ALA H 102 -16.32 4.55 70.14
C ALA H 102 -17.58 4.40 69.29
N SER H 103 -17.41 3.94 68.04
CA SER H 103 -18.51 3.64 67.14
C SER H 103 -19.58 2.82 67.86
N PRO H 104 -20.79 3.39 68.11
CA PRO H 104 -21.85 2.68 68.83
C PRO H 104 -22.69 1.78 67.91
N ASP H 116 -23.82 9.37 78.77
CA ASP H 116 -23.13 8.82 77.57
C ASP H 116 -21.75 9.46 77.41
N LEU H 117 -21.69 10.78 77.65
CA LEU H 117 -20.45 11.55 77.53
C LEU H 117 -19.39 11.02 78.49
N SER H 118 -19.84 10.49 79.64
CA SER H 118 -18.94 10.01 80.69
C SER H 118 -18.05 8.88 80.17
N GLY H 119 -18.68 7.84 79.61
CA GLY H 119 -17.99 6.64 79.17
C GLY H 119 -16.87 6.92 78.17
N LEU H 120 -17.05 7.96 77.35
CA LEU H 120 -16.11 8.28 76.27
C LEU H 120 -14.76 8.73 76.86
N LEU H 121 -14.78 9.85 77.60
CA LEU H 121 -13.56 10.46 78.11
C LEU H 121 -12.90 9.55 79.15
N ALA H 122 -13.70 8.76 79.86
CA ALA H 122 -13.21 7.87 80.91
C ALA H 122 -12.44 6.69 80.29
N ARG H 123 -13.07 6.02 79.31
CA ARG H 123 -12.50 4.84 78.68
C ARG H 123 -11.30 5.23 77.80
N ILE H 124 -11.22 6.51 77.41
CA ILE H 124 -10.17 6.99 76.53
C ILE H 124 -8.89 7.22 77.33
N ASN H 125 -8.99 8.06 78.38
CA ASN H 125 -7.85 8.49 79.16
C ASN H 125 -7.06 7.29 79.69
N HIS H 126 -7.77 6.22 80.05
CA HIS H 126 -7.16 5.02 80.61
C HIS H 126 -6.28 4.33 79.57
N ALA H 127 -6.87 3.99 78.42
CA ALA H 127 -6.22 3.20 77.39
C ALA H 127 -4.89 3.83 76.97
N ILE H 128 -4.89 5.16 76.80
CA ILE H 128 -3.71 5.88 76.34
C ILE H 128 -2.62 5.82 77.41
N ARG H 129 -3.00 6.08 78.67
CA ARG H 129 -2.07 6.05 79.79
C ARG H 129 -1.46 4.65 79.94
N LYS H 130 -2.26 3.62 79.65
CA LYS H 130 -1.84 2.24 79.78
C LYS H 130 -0.81 1.89 78.71
N TYR H 131 -1.15 2.19 77.45
CA TYR H 131 -0.32 1.87 76.31
C TYR H 131 0.93 2.75 76.28
N LYS H 132 0.86 3.90 76.96
CA LYS H 132 1.95 4.88 76.98
C LYS H 132 2.09 5.49 75.58
N ALA H 133 0.93 5.77 74.95
CA ALA H 133 0.89 6.31 73.61
C ALA H 133 1.15 7.81 73.65
N LYS H 134 2.16 8.25 72.89
CA LYS H 134 2.50 9.66 72.78
C LYS H 134 1.75 10.30 71.60
N ARG H 135 0.98 9.49 70.86
CA ARG H 135 0.18 9.98 69.77
C ARG H 135 -1.25 9.46 69.91
N VAL H 136 -2.23 10.29 69.52
CA VAL H 136 -3.64 9.94 69.60
C VAL H 136 -4.33 10.43 68.33
N VAL H 137 -5.51 9.86 68.04
CA VAL H 137 -6.28 10.21 66.85
C VAL H 137 -7.76 10.17 67.21
N ILE H 138 -8.39 11.36 67.24
CA ILE H 138 -9.82 11.48 67.46
C ILE H 138 -10.51 11.59 66.10
N ASP H 139 -10.79 10.44 65.48
CA ASP H 139 -11.38 10.40 64.16
C ASP H 139 -12.88 10.71 64.28
N SER H 140 -13.36 11.54 63.35
CA SER H 140 -14.76 11.95 63.31
C SER H 140 -15.18 12.56 64.64
N ILE H 141 -14.62 13.74 64.94
CA ILE H 141 -15.05 14.55 66.06
C ILE H 141 -16.44 15.11 65.77
N THR H 142 -16.77 15.24 64.48
CA THR H 142 -18.05 15.74 64.04
C THR H 142 -19.14 14.68 64.21
N ALA H 143 -18.80 13.41 63.94
CA ALA H 143 -19.76 12.32 64.09
C ALA H 143 -20.13 12.12 65.56
N ILE H 144 -19.37 12.75 66.46
CA ILE H 144 -19.73 12.84 67.87
C ILE H 144 -20.95 13.75 68.03
N PHE H 145 -20.99 14.85 67.26
CA PHE H 145 -22.09 15.80 67.32
C PHE H 145 -23.37 15.19 66.75
N GLN H 146 -23.27 14.01 66.11
CA GLN H 146 -24.43 13.20 65.81
C GLN H 146 -24.87 12.45 67.07
N GLN H 147 -25.16 13.21 68.14
CA GLN H 147 -25.74 12.67 69.36
C GLN H 147 -26.86 13.59 69.83
N PHE H 148 -26.50 14.61 70.64
CA PHE H 148 -27.49 15.52 71.20
C PHE H 148 -26.81 16.70 71.89
N ASP H 149 -25.94 17.39 71.14
CA ASP H 149 -25.29 18.61 71.62
C ASP H 149 -24.72 19.37 70.43
N ARG H 156 -17.66 22.56 77.25
CA ARG H 156 -18.34 21.30 76.81
C ARG H 156 -17.49 20.10 77.25
N GLU H 157 -18.03 18.89 76.98
CA GLU H 157 -17.35 17.65 77.32
C GLU H 157 -16.07 17.51 76.50
N LEU H 158 -16.21 17.63 75.18
CA LEU H 158 -15.08 17.51 74.26
C LEU H 158 -14.13 18.70 74.44
N PHE H 159 -14.71 19.89 74.62
CA PHE H 159 -13.96 21.12 74.85
C PHE H 159 -12.95 20.88 75.98
N ARG H 160 -13.41 20.27 77.08
CA ARG H 160 -12.58 19.98 78.23
C ARG H 160 -11.73 18.74 77.99
N LEU H 161 -12.36 17.71 77.40
CA LEU H 161 -11.71 16.42 77.17
C LEU H 161 -10.45 16.60 76.32
N VAL H 162 -10.49 17.54 75.37
CA VAL H 162 -9.35 17.84 74.52
C VAL H 162 -8.26 18.52 75.34
N ALA H 163 -8.65 19.47 76.19
CA ALA H 163 -7.73 20.21 77.03
C ALA H 163 -7.06 19.27 78.04
N ARG H 164 -7.75 18.20 78.42
CA ARG H 164 -7.21 17.21 79.34
C ARG H 164 -6.09 16.42 78.68
N LEU H 165 -6.37 15.87 77.50
CA LEU H 165 -5.39 15.11 76.73
C LEU H 165 -4.17 15.98 76.43
N LYS H 166 -4.41 17.26 76.17
CA LYS H 166 -3.34 18.23 75.94
C LYS H 166 -2.41 18.26 77.14
N ARG H 167 -2.98 18.38 78.34
CA ARG H 167 -2.21 18.47 79.58
C ARG H 167 -1.61 17.12 79.94
N MET H 168 -2.23 16.03 79.45
CA MET H 168 -1.77 14.68 79.73
C MET H 168 -0.64 14.28 78.79
N GLY H 169 0.01 15.26 78.16
CA GLY H 169 1.21 15.04 77.35
C GLY H 169 0.99 13.99 76.27
N VAL H 170 0.25 14.36 75.22
CA VAL H 170 0.03 13.49 74.09
C VAL H 170 -0.43 14.33 72.89
N THR H 171 0.17 14.07 71.72
CA THR H 171 -0.16 14.79 70.50
C THR H 171 -1.30 14.06 69.80
N THR H 172 -2.43 14.76 69.63
CA THR H 172 -3.65 14.14 69.12
C THR H 172 -4.08 14.83 67.82
N ILE H 173 -4.73 14.05 66.95
CA ILE H 173 -5.25 14.54 65.69
C ILE H 173 -6.78 14.53 65.76
N MET H 174 -7.41 15.61 65.27
CA MET H 174 -8.83 15.83 65.42
C MET H 174 -9.46 15.96 64.03
N THR H 175 -9.86 14.81 63.45
CA THR H 175 -10.40 14.80 62.10
C THR H 175 -11.80 15.39 62.14
N ALA H 176 -12.06 16.36 61.26
CA ALA H 176 -13.34 17.06 61.19
C ALA H 176 -13.83 17.09 59.74
N GLU H 177 -15.14 17.30 59.58
CA GLU H 177 -15.78 17.31 58.27
C GLU H 177 -16.14 18.75 57.90
N ARG H 178 -16.14 19.03 56.59
CA ARG H 178 -16.48 20.34 56.08
C ARG H 178 -17.70 20.23 55.17
N THR H 179 -18.36 21.39 54.95
CA THR H 179 -19.52 21.48 54.09
C THR H 179 -19.05 21.81 52.67
N GLU H 180 -18.38 22.96 52.53
CA GLU H 180 -17.85 23.43 51.26
C GLU H 180 -16.32 23.39 51.31
N GLU H 181 -15.70 23.39 50.14
CA GLU H 181 -14.25 23.31 50.02
C GLU H 181 -13.63 24.67 50.27
N TYR H 182 -14.20 25.71 49.67
CA TYR H 182 -13.76 27.09 49.88
C TYR H 182 -14.82 27.86 50.65
N GLY H 183 -15.42 27.20 51.66
CA GLY H 183 -16.43 27.80 52.50
C GLY H 183 -15.96 27.88 53.95
N PRO H 184 -16.70 27.28 54.91
CA PRO H 184 -16.27 27.25 56.31
C PRO H 184 -15.36 26.07 56.63
N ILE H 185 -14.54 26.22 57.68
CA ILE H 185 -13.62 25.18 58.12
C ILE H 185 -14.33 24.29 59.14
N ALA H 186 -15.11 24.91 60.03
CA ALA H 186 -15.73 24.21 61.14
C ALA H 186 -17.23 24.06 60.87
N ARG H 187 -17.72 22.81 60.90
CA ARG H 187 -19.10 22.52 60.59
C ARG H 187 -20.00 23.02 61.72
N TYR H 188 -19.67 22.64 62.96
CA TYR H 188 -20.47 23.01 64.12
C TYR H 188 -19.71 24.00 64.99
N GLY H 189 -19.12 25.03 64.36
CA GLY H 189 -18.32 26.01 65.07
C GLY H 189 -17.25 25.36 65.93
N VAL H 190 -16.59 24.32 65.38
CA VAL H 190 -15.56 23.57 66.08
C VAL H 190 -14.22 24.30 65.89
N GLU H 191 -14.24 25.64 66.03
CA GLU H 191 -13.07 26.46 65.80
C GLU H 191 -12.73 27.24 67.07
N GLU H 192 -13.19 26.73 68.21
CA GLU H 192 -12.93 27.32 69.51
C GLU H 192 -12.95 26.22 70.58
N PHE H 193 -13.92 25.30 70.45
CA PHE H 193 -13.94 24.06 71.20
C PHE H 193 -12.97 23.05 70.59
N VAL H 194 -11.95 23.54 69.88
CA VAL H 194 -10.90 22.71 69.32
C VAL H 194 -9.72 23.61 68.94
N ALA H 195 -9.93 24.42 67.89
CA ALA H 195 -8.98 25.43 67.46
C ALA H 195 -7.55 24.89 67.54
N ASP H 196 -6.69 25.55 68.33
CA ASP H 196 -5.31 25.12 68.53
C ASP H 196 -4.54 25.28 67.21
N ASN H 197 -4.64 24.27 66.34
CA ASN H 197 -3.94 24.24 65.07
C ASN H 197 -4.88 23.71 64.00
N VAL H 198 -4.92 24.39 62.84
CA VAL H 198 -5.88 24.08 61.79
C VAL H 198 -5.14 23.61 60.56
N VAL H 199 -5.46 22.37 60.12
CA VAL H 199 -4.97 21.81 58.87
C VAL H 199 -6.19 21.48 58.01
N ILE H 200 -6.15 21.89 56.73
CA ILE H 200 -7.30 21.79 55.85
C ILE H 200 -6.92 20.88 54.67
N LEU H 201 -7.79 19.90 54.39
CA LEU H 201 -7.68 19.07 53.20
C LEU H 201 -8.78 19.46 52.23
N ARG H 202 -8.44 19.51 50.93
CA ARG H 202 -9.37 19.95 49.89
C ARG H 202 -9.22 19.06 48.67
N ASN H 203 -10.35 18.52 48.19
CA ASN H 203 -10.39 17.76 46.96
C ASN H 203 -11.23 18.53 45.94
N VAL H 204 -10.65 19.61 45.41
CA VAL H 204 -11.40 20.61 44.65
C VAL H 204 -11.58 20.10 43.22
N LEU H 205 -12.83 20.13 42.73
CA LEU H 205 -13.11 19.81 41.34
C LEU H 205 -12.95 21.09 40.51
N GLU H 206 -12.16 21.00 39.43
CA GLU H 206 -11.98 22.11 38.52
C GLU H 206 -11.83 21.57 37.10
N GLY H 207 -12.94 21.56 36.36
CA GLY H 207 -12.94 21.12 34.97
C GLY H 207 -12.98 19.60 34.85
N GLU H 208 -13.95 18.98 35.54
CA GLU H 208 -14.16 17.54 35.53
C GLU H 208 -12.90 16.81 35.98
N ARG H 209 -12.07 17.48 36.78
CA ARG H 209 -10.82 16.92 37.26
C ARG H 209 -10.57 17.41 38.68
N ARG H 210 -10.14 16.50 39.56
CA ARG H 210 -10.00 16.78 40.98
C ARG H 210 -8.58 17.23 41.28
N ARG H 211 -8.42 18.01 42.37
CA ARG H 211 -7.12 18.48 42.81
C ARG H 211 -7.09 18.43 44.34
N ARG H 212 -6.19 17.60 44.89
CA ARG H 212 -6.08 17.40 46.32
C ARG H 212 -5.04 18.38 46.86
N THR H 213 -5.44 19.22 47.83
CA THR H 213 -4.57 20.28 48.34
C THR H 213 -4.56 20.24 49.86
N ILE H 214 -3.37 20.44 50.45
CA ILE H 214 -3.20 20.49 51.89
C ILE H 214 -2.73 21.89 52.27
N GLU H 215 -3.13 22.35 53.47
CA GLU H 215 -2.85 23.71 53.91
C GLU H 215 -2.76 23.76 55.44
N ILE H 216 -1.99 24.73 55.94
CA ILE H 216 -2.02 25.12 57.34
C ILE H 216 -2.43 26.58 57.42
N LEU H 217 -3.40 26.88 58.30
CA LEU H 217 -3.92 28.23 58.45
C LEU H 217 -3.47 28.81 59.79
N LYS H 218 -3.67 28.04 60.87
CA LYS H 218 -3.37 28.49 62.22
C LYS H 218 -2.33 27.57 62.86
N PHE H 219 -1.20 28.16 63.25
CA PHE H 219 -0.21 27.54 64.11
C PHE H 219 0.19 28.54 65.20
N ARG H 220 -0.59 28.58 66.28
CA ARG H 220 -0.36 29.56 67.34
C ARG H 220 0.96 29.24 68.03
N GLY H 221 1.96 30.11 67.84
CA GLY H 221 3.25 29.97 68.50
C GLY H 221 4.34 29.48 67.55
N THR H 222 3.99 28.55 66.66
CA THR H 222 4.93 27.98 65.72
C THR H 222 4.81 28.69 64.38
N SER H 223 5.79 28.42 63.50
CA SER H 223 5.78 28.93 62.13
C SER H 223 5.26 27.85 61.19
N HIS H 224 4.72 28.27 60.04
CA HIS H 224 4.19 27.36 59.04
C HIS H 224 4.25 28.05 57.67
N GLN H 225 4.35 27.23 56.61
CA GLN H 225 4.27 27.72 55.24
C GLN H 225 2.80 27.97 54.90
N LYS H 226 2.46 29.24 54.67
CA LYS H 226 1.10 29.65 54.38
C LYS H 226 0.82 29.46 52.89
N GLY H 227 -0.26 28.73 52.58
CA GLY H 227 -0.66 28.45 51.20
C GLY H 227 -1.00 26.98 51.01
N GLU H 228 -1.72 26.68 49.92
CA GLU H 228 -2.13 25.32 49.60
C GLU H 228 -0.99 24.61 48.87
N PHE H 229 -0.64 23.42 49.35
CA PHE H 229 0.35 22.56 48.72
C PHE H 229 -0.34 21.28 48.24
N PRO H 230 0.00 20.75 47.05
CA PRO H 230 -0.65 19.53 46.54
C PRO H 230 -0.15 18.27 47.24
N PHE H 231 -1.05 17.27 47.35
CA PHE H 231 -0.69 15.95 47.82
C PHE H 231 -1.37 14.89 46.96
N THR H 232 -1.04 13.62 47.21
CA THR H 232 -1.61 12.50 46.49
C THR H 232 -1.76 11.31 47.44
N ILE H 233 -2.85 10.56 47.29
CA ILE H 233 -3.09 9.34 48.05
C ILE H 233 -2.53 8.17 47.25
N THR H 234 -1.25 7.86 47.50
CA THR H 234 -0.53 6.84 46.75
C THR H 234 -0.77 5.47 47.39
N PRO H 235 -1.18 4.44 46.61
CA PRO H 235 -1.26 3.06 47.11
C PRO H 235 0.06 2.48 47.63
N GLY H 236 1.14 3.27 47.54
CA GLY H 236 2.40 2.91 48.18
C GLY H 236 2.37 3.15 49.68
N GLU H 237 2.44 4.43 50.08
CA GLU H 237 2.50 4.81 51.49
C GLU H 237 1.49 5.91 51.80
N GLY H 238 0.48 6.08 50.95
CA GLY H 238 -0.61 7.00 51.21
C GLY H 238 -0.23 8.45 50.88
N ILE H 239 -0.20 9.31 51.91
CA ILE H 239 -0.05 10.74 51.74
C ILE H 239 1.34 11.03 51.16
N SER H 240 1.37 11.82 50.09
CA SER H 240 2.62 12.20 49.44
C SER H 240 2.57 13.66 49.03
N ILE H 241 3.02 14.54 49.93
CA ILE H 241 2.98 15.98 49.71
C ILE H 241 4.27 16.37 48.99
N PHE H 242 4.15 17.29 48.02
CA PHE H 242 5.27 17.70 47.19
C PHE H 242 5.52 19.19 47.40
N PRO H 243 6.39 19.59 48.36
CA PRO H 243 6.69 21.00 48.60
C PRO H 243 7.68 21.54 47.56
N LEU H 244 7.25 22.56 46.81
CA LEU H 244 8.07 23.18 45.77
C LEU H 244 9.01 24.21 46.40
N SER H 245 8.58 24.80 47.52
CA SER H 245 9.38 25.78 48.25
C SER H 245 10.54 25.10 48.99
N ALA H 246 10.43 23.78 49.19
CA ALA H 246 11.50 23.00 49.81
C ALA H 246 12.66 22.83 48.83
N MET H 247 12.34 22.76 47.53
CA MET H 247 13.35 22.59 46.48
C MET H 247 14.37 23.73 46.54
N SER H 254 27.97 19.64 34.28
CA SER H 254 29.37 19.47 34.75
C SER H 254 30.34 19.90 33.64
N ASN H 255 31.45 19.16 33.49
CA ASN H 255 32.41 19.41 32.44
C ASN H 255 32.61 18.12 31.63
N VAL H 256 31.62 17.23 31.66
CA VAL H 256 31.68 15.94 30.99
C VAL H 256 30.58 15.90 29.93
N ARG H 257 30.98 15.93 28.66
CA ARG H 257 30.05 15.98 27.55
C ARG H 257 29.48 14.58 27.29
N VAL H 258 28.14 14.49 27.27
CA VAL H 258 27.45 13.28 26.86
C VAL H 258 27.16 13.38 25.36
N SER H 259 26.58 12.32 24.79
CA SER H 259 26.31 12.24 23.36
C SER H 259 24.92 12.76 23.04
N SER H 260 24.66 12.97 21.75
CA SER H 260 23.36 13.40 21.25
C SER H 260 22.71 12.32 20.39
N GLY H 261 23.54 11.45 19.79
CA GLY H 261 23.06 10.50 18.79
C GLY H 261 23.43 10.97 17.38
N VAL H 262 23.10 12.22 17.09
CA VAL H 262 23.48 12.87 15.85
C VAL H 262 24.82 13.57 16.07
N PRO H 263 25.92 13.12 15.42
CA PRO H 263 27.24 13.73 15.63
C PRO H 263 27.28 15.24 15.42
N GLU H 264 26.62 15.72 14.36
CA GLU H 264 26.64 17.12 13.99
C GLU H 264 26.03 17.97 15.10
N LEU H 265 25.00 17.44 15.76
CA LEU H 265 24.34 18.13 16.86
C LEU H 265 25.30 18.25 18.04
N ASP H 266 26.02 17.16 18.34
CA ASP H 266 27.02 17.15 19.40
C ASP H 266 28.12 18.15 19.05
N GLU H 267 28.53 18.16 17.77
CA GLU H 267 29.55 19.07 17.29
C GLU H 267 29.04 20.51 17.31
N MET H 268 27.75 20.68 17.00
CA MET H 268 27.09 21.98 17.05
C MET H 268 27.04 22.48 18.50
N CYS H 269 26.92 21.54 19.45
CA CYS H 269 26.83 21.87 20.86
C CYS H 269 28.20 22.05 21.49
N GLY H 270 29.27 21.95 20.68
CA GLY H 270 30.62 22.17 21.14
C GLY H 270 31.20 20.97 21.87
N GLY H 271 30.82 19.77 21.43
CA GLY H 271 31.30 18.52 22.02
C GLY H 271 30.16 17.57 22.37
N GLY H 272 29.00 18.14 22.72
CA GLY H 272 27.84 17.36 23.12
C GLY H 272 27.06 18.04 24.24
N PHE H 273 26.01 17.38 24.72
CA PHE H 273 25.23 17.88 25.85
C PHE H 273 26.01 17.61 27.14
N PHE H 274 25.53 18.19 28.25
CA PHE H 274 26.09 17.94 29.56
C PHE H 274 25.25 16.86 30.27
N ARG H 275 25.90 16.10 31.16
CA ARG H 275 25.24 15.04 31.90
C ARG H 275 24.21 15.65 32.84
N ASP H 276 24.67 16.58 33.69
CA ASP H 276 23.79 17.31 34.60
C ASP H 276 23.25 18.54 33.87
N SER H 277 22.27 18.31 32.99
CA SER H 277 21.64 19.39 32.24
C SER H 277 20.26 18.95 31.77
N ILE H 278 19.46 19.95 31.34
CA ILE H 278 18.11 19.72 30.86
C ILE H 278 17.99 20.32 29.46
N ILE H 279 17.94 19.44 28.43
CA ILE H 279 17.85 19.87 27.05
C ILE H 279 16.37 20.04 26.71
N LEU H 280 16.08 20.97 25.80
CA LEU H 280 14.72 21.21 25.32
C LEU H 280 14.73 21.25 23.80
N VAL H 281 13.80 20.50 23.19
CA VAL H 281 13.66 20.44 21.75
C VAL H 281 12.30 21.01 21.37
N SER H 282 12.31 22.16 20.69
CA SER H 282 11.08 22.86 20.32
C SER H 282 10.93 22.89 18.80
N GLY H 283 9.67 22.86 18.34
CA GLY H 283 9.36 22.87 16.92
C GLY H 283 7.92 22.44 16.65
N ALA H 284 7.46 22.71 15.42
CA ALA H 284 6.09 22.39 15.01
C ALA H 284 5.94 20.88 14.84
N THR H 285 4.75 20.46 14.37
CA THR H 285 4.46 19.06 14.14
C THR H 285 5.15 18.59 12.85
N GLY H 286 6.01 17.59 12.98
CA GLY H 286 6.68 16.96 11.85
C GLY H 286 8.12 17.44 11.68
N THR H 287 8.53 18.44 12.48
CA THR H 287 9.88 18.98 12.41
C THR H 287 10.91 17.88 12.67
N GLY H 288 10.57 16.94 13.54
CA GLY H 288 11.42 15.79 13.81
C GLY H 288 12.01 15.83 15.22
N LYS H 289 11.14 16.03 16.22
CA LYS H 289 11.55 16.14 17.61
C LYS H 289 11.65 14.75 18.22
N THR H 290 10.61 13.94 18.00
CA THR H 290 10.55 12.57 18.50
C THR H 290 11.74 11.77 17.96
N LEU H 291 12.22 12.16 16.77
CA LEU H 291 13.41 11.54 16.19
C LEU H 291 14.65 11.87 17.03
N LEU H 292 14.80 13.13 17.44
CA LEU H 292 15.95 13.55 18.24
C LEU H 292 15.91 12.87 19.61
N VAL H 293 14.73 12.43 20.05
CA VAL H 293 14.59 11.66 21.27
C VAL H 293 15.20 10.27 21.06
N THR H 294 14.85 9.62 19.93
CA THR H 294 15.31 8.27 19.63
C THR H 294 16.83 8.25 19.52
N LYS H 295 17.39 9.26 18.85
CA LYS H 295 18.82 9.36 18.66
C LYS H 295 19.52 9.52 20.00
N PHE H 296 18.87 10.26 20.92
CA PHE H 296 19.43 10.54 22.23
C PHE H 296 19.47 9.26 23.08
N LEU H 297 18.32 8.57 23.17
CA LEU H 297 18.23 7.35 23.96
C LEU H 297 18.96 6.20 23.26
N GLU H 298 19.56 6.46 22.10
CA GLU H 298 20.40 5.51 21.40
C GLU H 298 21.84 5.63 21.93
N GLY H 299 22.33 6.86 22.04
CA GLY H 299 23.66 7.14 22.58
C GLY H 299 23.84 6.55 23.98
N ALA H 300 22.74 6.48 24.74
CA ALA H 300 22.74 5.85 26.05
C ALA H 300 22.91 4.34 25.91
N CYS H 301 22.06 3.73 25.09
CA CYS H 301 22.10 2.29 24.85
C CYS H 301 23.42 1.88 24.20
N ARG H 302 23.97 2.75 23.35
CA ARG H 302 25.23 2.48 22.67
C ARG H 302 26.41 2.58 23.64
N ASN H 303 26.17 3.16 24.83
CA ASN H 303 27.19 3.23 25.88
C ASN H 303 26.75 2.45 27.12
N GLY H 304 25.64 1.71 27.01
CA GLY H 304 25.13 0.91 28.12
C GLY H 304 24.20 1.69 29.06
N GLU H 305 24.34 3.02 29.08
CA GLU H 305 23.55 3.87 29.94
C GLU H 305 22.06 3.59 29.72
N ARG H 306 21.32 3.43 30.82
CA ARG H 306 19.91 3.07 30.75
C ARG H 306 19.10 4.29 30.30
N ALA H 307 18.04 4.03 29.53
CA ALA H 307 17.19 5.08 28.97
C ALA H 307 15.74 4.86 29.41
N LEU H 308 15.27 5.72 30.31
CA LEU H 308 13.90 5.67 30.81
C LEU H 308 13.06 6.75 30.12
N LEU H 309 12.74 6.51 28.85
CA LEU H 309 11.93 7.44 28.06
C LEU H 309 10.46 7.26 28.42
N PHE H 310 9.72 8.37 28.46
CA PHE H 310 8.29 8.37 28.70
C PHE H 310 7.60 9.06 27.54
N ALA H 311 6.45 8.52 27.11
CA ALA H 311 5.72 9.03 25.96
C ALA H 311 4.30 9.42 26.37
N PHE H 312 3.80 10.50 25.78
CA PHE H 312 2.46 11.01 26.05
C PHE H 312 1.84 11.52 24.77
N GLU H 313 2.07 10.80 23.66
CA GLU H 313 1.65 11.26 22.34
C GLU H 313 1.34 10.05 21.45
N GLU H 314 2.33 9.15 21.31
CA GLU H 314 2.20 8.00 20.42
C GLU H 314 2.30 6.71 21.24
N SER H 315 1.92 5.59 20.61
CA SER H 315 1.94 4.27 21.25
C SER H 315 3.37 3.71 21.22
N ARG H 316 3.53 2.48 21.73
CA ARG H 316 4.84 1.88 21.92
C ARG H 316 5.39 1.38 20.59
N GLU H 317 4.71 0.38 20.00
CA GLU H 317 5.15 -0.26 18.77
C GLU H 317 5.27 0.78 17.66
N GLN H 318 4.36 1.76 17.67
CA GLN H 318 4.39 2.87 16.73
C GLN H 318 5.75 3.57 16.79
N LEU H 319 6.13 3.99 18.00
CA LEU H 319 7.38 4.70 18.23
C LEU H 319 8.56 3.86 17.75
N LEU H 320 8.48 2.54 17.97
CA LEU H 320 9.56 1.63 17.66
C LEU H 320 9.56 1.31 16.17
N ARG H 321 8.38 1.32 15.55
CA ARG H 321 8.26 1.19 14.10
C ARG H 321 8.79 2.47 13.45
N ASN H 322 8.36 3.63 14.00
CA ASN H 322 8.85 4.92 13.56
C ASN H 322 10.37 4.97 13.71
N ALA H 323 10.87 4.41 14.82
CA ALA H 323 12.30 4.33 15.08
C ALA H 323 12.96 3.37 14.08
N THR H 324 12.25 2.30 13.73
CA THR H 324 12.71 1.35 12.73
C THR H 324 12.81 2.03 11.36
N SER H 325 11.86 2.92 11.06
CA SER H 325 11.85 3.68 9.82
C SER H 325 13.01 4.68 9.80
N TRP H 326 13.52 5.04 10.98
CA TRP H 326 14.71 5.87 11.11
C TRP H 326 15.93 5.02 11.46
N GLY H 327 15.91 3.74 11.09
CA GLY H 327 17.01 2.83 11.35
C GLY H 327 17.44 2.84 12.81
N ILE H 328 16.58 2.32 13.69
CA ILE H 328 16.85 2.26 15.12
C ILE H 328 16.10 1.08 15.73
N ASP H 329 16.86 0.10 16.23
CA ASP H 329 16.29 -1.09 16.84
C ASP H 329 16.24 -0.89 18.36
N PHE H 330 15.04 -0.57 18.86
CA PHE H 330 14.83 -0.33 20.28
C PHE H 330 14.48 -1.64 21.00
N GLU H 331 13.94 -2.61 20.26
CA GLU H 331 13.57 -3.89 20.83
C GLU H 331 14.81 -4.64 21.32
N GLU H 332 15.94 -4.42 20.66
CA GLU H 332 17.21 -5.03 21.05
C GLU H 332 17.61 -4.53 22.43
N MET H 333 17.59 -3.20 22.62
CA MET H 333 17.93 -2.57 23.89
C MET H 333 16.86 -2.89 24.94
N GLU H 334 15.61 -3.01 24.48
CA GLU H 334 14.49 -3.35 25.34
C GLU H 334 14.73 -4.71 25.98
N ARG H 335 15.21 -5.67 25.18
CA ARG H 335 15.48 -7.03 25.66
C ARG H 335 16.73 -7.04 26.54
N ASP H 336 17.75 -6.26 26.14
CA ASP H 336 19.00 -6.18 26.86
C ASP H 336 18.82 -5.46 28.20
N GLY H 337 17.76 -4.65 28.30
CA GLY H 337 17.44 -3.94 29.53
C GLY H 337 18.24 -2.65 29.66
N ARG H 338 18.66 -2.09 28.52
CA ARG H 338 19.34 -0.81 28.47
C ARG H 338 18.38 0.28 28.02
N LEU H 339 17.11 -0.08 27.82
CA LEU H 339 16.06 0.86 27.47
C LEU H 339 14.73 0.36 27.99
N LYS H 340 13.91 1.28 28.52
CA LYS H 340 12.61 0.94 29.09
C LYS H 340 11.64 2.09 28.83
N ILE H 341 10.72 1.86 27.88
CA ILE H 341 9.69 2.85 27.54
C ILE H 341 8.55 2.74 28.54
N VAL H 342 7.54 3.60 28.37
CA VAL H 342 6.38 3.62 29.24
C VAL H 342 5.12 3.79 28.38
N CYS H 343 4.93 5.01 27.84
CA CYS H 343 3.78 5.36 27.03
C CYS H 343 2.53 5.47 27.92
N ALA H 344 2.01 6.70 28.05
CA ALA H 344 0.81 6.97 28.81
C ALA H 344 0.05 8.13 28.17
N TYR H 345 -1.07 8.53 28.79
CA TYR H 345 -1.85 9.67 28.34
C TYR H 345 -1.96 10.70 29.46
N PRO H 346 -1.94 12.02 29.13
CA PRO H 346 -2.16 13.07 30.13
C PRO H 346 -3.46 12.95 30.92
N GLU H 347 -4.56 12.67 30.22
CA GLU H 347 -5.89 12.71 30.81
C GLU H 347 -6.12 11.50 31.71
N SER H 348 -5.30 10.46 31.57
CA SER H 348 -5.43 9.23 32.33
C SER H 348 -5.29 9.49 33.82
N THR H 349 -4.37 10.40 34.20
CA THR H 349 -4.08 10.72 35.58
C THR H 349 -3.81 12.23 35.69
N GLY H 350 -3.26 12.65 36.83
CA GLY H 350 -2.86 14.04 37.04
C GLY H 350 -1.35 14.21 36.99
N LEU H 351 -0.90 15.47 36.92
CA LEU H 351 0.52 15.80 36.88
C LEU H 351 1.24 15.17 38.06
N GLU H 352 0.70 15.37 39.28
CA GLU H 352 1.31 14.90 40.51
C GLU H 352 1.40 13.37 40.49
N ASP H 353 0.36 12.72 39.99
CA ASP H 353 0.32 11.26 39.89
C ASP H 353 1.39 10.79 38.92
N HIS H 354 1.50 11.47 37.77
CA HIS H 354 2.47 11.12 36.75
C HIS H 354 3.89 11.35 37.27
N LEU H 355 4.08 12.45 38.01
CA LEU H 355 5.36 12.79 38.61
C LEU H 355 5.80 11.70 39.59
N ILE H 356 4.83 11.15 40.33
CA ILE H 356 5.10 10.11 41.32
C ILE H 356 5.60 8.85 40.61
N MET H 357 4.89 8.44 39.55
CA MET H 357 5.23 7.24 38.79
C MET H 357 6.55 7.46 38.06
N ILE H 358 6.75 8.68 37.54
CA ILE H 358 7.99 9.04 36.86
C ILE H 358 9.15 9.00 37.85
N LYS H 359 8.92 9.53 39.06
CA LYS H 359 9.93 9.56 40.10
C LYS H 359 10.20 8.15 40.62
N GLU H 360 9.16 7.30 40.61
CA GLU H 360 9.24 5.96 41.18
C GLU H 360 10.08 5.05 40.28
N VAL H 361 9.79 5.08 38.97
CA VAL H 361 10.39 4.16 38.01
C VAL H 361 11.87 4.48 37.82
N ILE H 362 12.24 5.76 37.99
CA ILE H 362 13.60 6.23 37.76
C ILE H 362 14.57 5.50 38.69
N GLU H 363 14.18 5.33 39.95
CA GLU H 363 15.02 4.71 40.96
C GLU H 363 15.27 3.24 40.64
N GLU H 364 14.28 2.60 40.00
CA GLU H 364 14.35 1.18 39.68
C GLU H 364 15.35 0.94 38.55
N PHE H 365 15.16 1.64 37.43
CA PHE H 365 15.91 1.37 36.21
C PHE H 365 17.30 2.02 36.29
N LYS H 366 17.39 3.16 36.98
CA LYS H 366 18.64 3.90 37.14
C LYS H 366 19.10 4.39 35.77
N PRO H 367 18.33 5.27 35.09
CA PRO H 367 18.68 5.75 33.75
C PRO H 367 19.75 6.85 33.79
N ASP H 368 20.72 6.75 32.87
CA ASP H 368 21.71 7.78 32.67
C ASP H 368 21.15 8.87 31.76
N ARG H 369 20.04 8.56 31.07
CA ARG H 369 19.35 9.52 30.22
C ARG H 369 17.85 9.24 30.25
N ILE H 370 17.05 10.31 30.28
CA ILE H 370 15.59 10.21 30.27
C ILE H 370 15.06 11.11 29.15
N ALA H 371 13.73 11.11 28.98
CA ALA H 371 13.09 11.93 27.97
C ALA H 371 11.60 12.12 28.31
N ILE H 372 11.03 13.20 27.77
CA ILE H 372 9.60 13.49 27.92
C ILE H 372 9.07 14.01 26.59
N ASP H 373 8.10 13.27 26.04
CA ASP H 373 7.45 13.62 24.78
C ASP H 373 5.93 13.57 24.99
N SER H 374 5.26 14.72 25.07
CA SER H 374 5.81 16.04 24.81
C SER H 374 5.08 17.08 25.68
N LEU H 375 5.86 17.97 26.30
CA LEU H 375 5.38 18.95 27.26
C LEU H 375 4.04 19.54 26.82
N SER H 376 3.95 20.00 25.57
CA SER H 376 2.79 20.71 25.07
C SER H 376 1.51 19.90 25.27
N ALA H 377 1.62 18.57 25.28
CA ALA H 377 0.48 17.69 25.50
C ALA H 377 0.06 17.69 26.97
N LEU H 378 1.04 17.71 27.89
CA LEU H 378 0.77 17.72 29.31
C LEU H 378 0.18 19.07 29.72
N GLU H 379 0.81 20.16 29.24
CA GLU H 379 0.35 21.51 29.54
C GLU H 379 -0.97 21.80 28.83
N ARG H 380 -1.31 20.98 27.83
CA ARG H 380 -2.55 21.11 27.08
C ARG H 380 -3.72 20.84 28.02
N VAL H 381 -4.76 21.70 27.94
CA VAL H 381 -5.89 21.64 28.84
C VAL H 381 -5.42 21.92 30.26
N ALA H 382 -5.11 20.85 31.01
CA ALA H 382 -4.65 20.91 32.39
C ALA H 382 -5.03 22.24 33.04
N SER H 383 -4.11 23.21 33.02
CA SER H 383 -4.33 24.51 33.66
C SER H 383 -3.22 25.49 33.24
N ASP H 384 -2.35 25.86 34.18
CA ASP H 384 -1.25 26.77 33.90
C ASP H 384 -0.21 26.68 35.01
N ARG H 385 -0.63 27.02 36.24
CA ARG H 385 0.26 27.06 37.39
C ARG H 385 0.64 25.63 37.82
N GLY H 386 -0.21 24.66 37.49
CA GLY H 386 0.03 23.26 37.81
C GLY H 386 1.24 22.71 37.04
N PHE H 387 1.26 22.93 35.72
CA PHE H 387 2.36 22.51 34.88
C PHE H 387 3.60 23.34 35.19
N ARG H 388 3.38 24.62 35.51
CA ARG H 388 4.46 25.52 35.90
C ARG H 388 5.16 24.98 37.14
N GLU H 389 4.39 24.43 38.08
CA GLU H 389 4.92 23.84 39.29
C GLU H 389 5.50 22.46 38.99
N PHE H 390 4.79 21.70 38.13
CA PHE H 390 5.21 20.36 37.73
C PHE H 390 6.62 20.37 37.16
N VAL H 391 6.90 21.36 36.30
CA VAL H 391 8.18 21.48 35.62
C VAL H 391 9.30 21.64 36.64
N ILE H 392 9.08 22.52 37.63
CA ILE H 392 10.09 22.87 38.62
C ILE H 392 10.50 21.62 39.41
N GLY H 393 9.50 20.82 39.81
CA GLY H 393 9.73 19.65 40.65
C GLY H 393 10.51 18.55 39.94
N LEU H 394 10.04 18.16 38.75
CA LEU H 394 10.65 17.10 37.97
C LEU H 394 12.07 17.49 37.59
N THR H 395 12.26 18.77 37.24
CA THR H 395 13.56 19.29 36.85
C THR H 395 14.51 19.26 38.05
N SER H 396 14.01 19.66 39.23
CA SER H 396 14.80 19.72 40.43
C SER H 396 15.28 18.34 40.87
N PHE H 397 14.50 17.30 40.52
CA PHE H 397 14.80 15.93 40.91
C PHE H 397 16.02 15.41 40.15
N ILE H 398 15.90 15.32 38.82
CA ILE H 398 16.90 14.68 37.98
C ILE H 398 18.18 15.52 37.96
N LYS H 399 18.03 16.86 38.02
CA LYS H 399 19.15 17.76 38.09
C LYS H 399 20.04 17.39 39.28
N GLN H 400 19.41 16.99 40.39
CA GLN H 400 20.12 16.56 41.59
C GLN H 400 20.46 15.07 41.51
N GLN H 401 19.54 14.28 40.93
CA GLN H 401 19.66 12.84 40.87
C GLN H 401 20.71 12.43 39.84
N GLU H 402 21.22 13.39 39.06
CA GLU H 402 22.34 13.19 38.15
C GLU H 402 21.91 12.31 36.97
N ILE H 403 21.28 12.95 35.98
CA ILE H 403 20.83 12.27 34.77
C ILE H 403 20.40 13.32 33.75
N THR H 404 20.76 13.09 32.48
CA THR H 404 20.42 14.00 31.40
C THR H 404 18.95 13.83 31.03
N GLY H 405 18.27 14.94 30.71
CA GLY H 405 16.85 14.94 30.45
C GLY H 405 16.46 15.84 29.27
N LEU H 406 15.90 15.24 28.23
CA LEU H 406 15.38 15.97 27.08
C LEU H 406 13.88 16.17 27.25
N PHE H 407 13.39 17.34 26.82
CA PHE H 407 11.98 17.68 26.92
C PHE H 407 11.52 18.28 25.59
N THR H 408 10.60 17.58 24.91
CA THR H 408 10.12 18.01 23.61
C THR H 408 8.87 18.87 23.81
N SER H 409 8.81 20.00 23.10
CA SER H 409 7.69 20.91 23.18
C SER H 409 7.24 21.31 21.78
N THR H 410 5.93 21.19 21.52
CA THR H 410 5.35 21.59 20.25
C THR H 410 5.13 23.10 20.25
N THR H 411 5.31 23.71 19.08
CA THR H 411 4.93 25.10 18.85
C THR H 411 3.73 25.12 17.91
N PRO H 412 2.47 25.18 18.43
CA PRO H 412 1.28 25.20 17.59
C PRO H 412 1.35 26.29 16.51
N THR H 413 2.10 27.35 16.77
CA THR H 413 2.47 28.32 15.76
C THR H 413 3.45 27.67 14.79
N PHE H 414 2.92 26.85 13.88
CA PHE H 414 3.72 26.24 12.83
C PHE H 414 4.24 27.34 11.92
N MET H 415 5.52 27.68 12.08
CA MET H 415 6.12 28.84 11.46
C MET H 415 5.53 30.11 12.09
N GLY H 416 4.44 30.62 11.51
CA GLY H 416 3.72 31.76 12.05
C GLY H 416 4.60 33.00 12.14
N SER H 423 9.39 30.22 25.19
CA SER H 423 9.11 30.88 26.49
C SER H 423 8.77 29.84 27.55
N HIS H 424 8.58 30.31 28.78
CA HIS H 424 8.12 29.49 29.90
C HIS H 424 9.26 28.59 30.38
N ILE H 425 9.30 27.34 29.88
CA ILE H 425 10.28 26.36 30.32
C ILE H 425 11.66 26.70 29.75
N SER H 426 11.67 27.49 28.67
CA SER H 426 12.91 27.96 28.05
C SER H 426 13.82 28.61 29.10
N THR H 427 13.24 29.47 29.95
CA THR H 427 13.99 30.24 30.93
C THR H 427 14.59 29.32 31.98
N ILE H 428 13.94 28.18 32.24
CA ILE H 428 14.40 27.23 33.24
C ILE H 428 15.08 26.04 32.57
N THR H 429 15.58 26.23 31.34
CA THR H 429 16.24 25.18 30.59
C THR H 429 17.73 25.53 30.42
N ASP H 430 18.52 24.51 30.09
CA ASP H 430 19.96 24.67 29.88
C ASP H 430 20.25 24.79 28.40
N THR H 431 19.73 23.84 27.61
CA THR H 431 19.97 23.79 26.17
C THR H 431 18.61 23.87 25.45
N ILE H 432 18.57 24.66 24.38
CA ILE H 432 17.36 24.84 23.59
C ILE H 432 17.67 24.60 22.11
N ILE H 433 17.28 23.43 21.61
CA ILE H 433 17.44 23.10 20.20
C ILE H 433 16.13 23.42 19.49
N LEU H 434 16.22 24.13 18.36
CA LEU H 434 15.04 24.61 17.66
C LEU H 434 14.98 24.01 16.26
N LEU H 435 14.00 23.14 16.03
CA LEU H 435 13.71 22.60 14.71
C LEU H 435 12.56 23.41 14.11
N ARG H 436 12.77 23.90 12.88
CA ARG H 436 11.82 24.79 12.24
C ARG H 436 11.50 24.31 10.83
N TYR H 437 10.33 24.73 10.32
CA TYR H 437 9.99 24.62 8.91
C TYR H 437 10.43 25.88 8.20
N VAL H 438 10.89 25.74 6.95
CA VAL H 438 11.30 26.87 6.14
C VAL H 438 10.70 26.70 4.74
N GLU H 439 9.86 27.66 4.33
CA GLU H 439 9.27 27.65 2.99
C GLU H 439 10.36 28.06 1.99
N MET H 440 10.60 27.18 1.00
CA MET H 440 11.71 27.35 0.08
C MET H 440 11.32 26.88 -1.32
N ARG H 441 11.12 27.84 -2.22
CA ARG H 441 11.04 27.59 -3.66
C ARG H 441 10.06 26.46 -3.97
N GLY H 442 8.80 26.66 -3.57
CA GLY H 442 7.74 25.69 -3.84
C GLY H 442 7.95 24.38 -3.10
N GLU H 443 8.70 24.43 -1.99
CA GLU H 443 8.97 23.27 -1.16
C GLU H 443 9.17 23.73 0.27
N MET H 444 9.22 22.76 1.19
CA MET H 444 9.41 23.04 2.61
C MET H 444 10.68 22.32 3.08
N SER H 445 11.52 23.05 3.81
CA SER H 445 12.79 22.51 4.31
C SER H 445 12.79 22.51 5.83
N ARG H 446 13.61 21.61 6.40
CA ARG H 446 13.75 21.48 7.84
C ARG H 446 15.12 22.03 8.24
N ALA H 447 15.16 22.86 9.29
CA ALA H 447 16.39 23.47 9.74
C ALA H 447 16.51 23.37 11.25
N ILE H 448 17.75 23.21 11.74
CA ILE H 448 18.01 23.02 13.15
C ILE H 448 18.97 24.13 13.62
N ASN H 449 18.77 24.58 14.87
CA ASN H 449 19.56 25.65 15.44
C ASN H 449 19.62 25.47 16.96
N VAL H 450 20.83 25.51 17.51
CA VAL H 450 21.03 25.49 18.96
C VAL H 450 20.97 26.93 19.46
N LEU H 451 19.87 27.28 20.12
CA LEU H 451 19.60 28.64 20.55
C LEU H 451 20.35 28.94 21.85
N LYS H 452 20.51 27.91 22.70
CA LYS H 452 21.13 28.09 24.01
C LYS H 452 21.99 26.86 24.34
N MET H 453 23.05 27.11 25.12
CA MET H 453 23.94 26.06 25.61
C MET H 453 24.80 26.64 26.72
N ARG H 454 24.38 26.40 27.97
CA ARG H 454 25.08 26.93 29.13
C ARG H 454 26.45 26.27 29.26
N GLY H 455 27.48 27.10 29.45
CA GLY H 455 28.83 26.62 29.69
C GLY H 455 29.44 25.94 28.47
N SER H 456 29.09 26.44 27.28
CA SER H 456 29.54 25.84 26.03
C SER H 456 29.26 26.79 24.86
N TRP H 457 30.21 26.86 23.92
CA TRP H 457 29.97 27.47 22.63
C TRP H 457 29.03 26.58 21.83
N HIS H 458 28.13 27.21 21.07
CA HIS H 458 27.25 26.50 20.17
C HIS H 458 27.31 27.15 18.79
N ASP H 459 27.08 26.35 17.74
CA ASP H 459 27.02 26.85 16.38
C ASP H 459 25.74 27.66 16.23
N LYS H 460 25.89 28.98 16.08
CA LYS H 460 24.76 29.90 15.97
C LYS H 460 24.14 29.82 14.58
N GLU H 461 24.77 29.07 13.67
CA GLU H 461 24.27 28.90 12.32
C GLU H 461 22.95 28.14 12.35
N ILE H 462 22.09 28.45 11.36
CA ILE H 462 20.82 27.76 11.18
C ILE H 462 21.01 26.69 10.11
N ARG H 463 21.62 25.58 10.50
CA ARG H 463 21.99 24.53 9.58
C ARG H 463 20.74 23.78 9.12
N GLU H 464 20.63 23.56 7.80
CA GLU H 464 19.58 22.72 7.24
C GLU H 464 19.86 21.27 7.62
N PHE H 465 18.80 20.45 7.63
CA PHE H 465 18.93 19.02 7.83
C PHE H 465 17.84 18.29 7.05
N THR H 466 18.01 16.97 6.91
CA THR H 466 17.08 16.13 6.17
C THR H 466 16.98 14.78 6.86
N ILE H 467 15.73 14.32 7.07
CA ILE H 467 15.47 13.04 7.71
C ILE H 467 15.42 11.97 6.62
N SER H 468 16.03 10.81 6.91
CA SER H 468 16.10 9.71 5.96
C SER H 468 15.77 8.40 6.69
N GLY H 469 15.79 7.30 5.92
CA GLY H 469 15.58 5.97 6.47
C GLY H 469 16.67 5.59 7.49
N LYS H 470 17.87 6.11 7.27
CA LYS H 470 18.99 5.91 8.19
C LYS H 470 18.80 6.78 9.43
N GLY H 471 18.33 8.02 9.22
CA GLY H 471 18.07 8.95 10.31
C GLY H 471 18.22 10.40 9.88
N MET H 472 18.57 11.27 10.83
CA MET H 472 18.78 12.69 10.57
C MET H 472 20.12 12.89 9.87
N HIS H 473 20.19 13.93 9.04
CA HIS H 473 21.44 14.35 8.42
C HIS H 473 21.47 15.87 8.33
N ILE H 474 22.25 16.50 9.22
CA ILE H 474 22.39 17.95 9.25
C ILE H 474 23.35 18.38 8.13
N GLY H 475 23.27 19.66 7.75
CA GLY H 475 24.07 20.22 6.68
C GLY H 475 24.49 21.65 6.97
N ASP H 476 24.51 22.49 5.93
CA ASP H 476 25.00 23.85 6.02
C ASP H 476 23.81 24.83 6.00
N PRO H 477 24.02 26.10 6.41
CA PRO H 477 22.94 27.09 6.44
C PRO H 477 22.74 27.78 5.09
N PHE H 478 21.88 28.80 5.07
CA PHE H 478 21.62 29.59 3.88
C PHE H 478 21.53 31.08 4.26
N ALA I 9 -64.62 32.76 23.04
CA ALA I 9 -65.54 33.60 23.83
C ALA I 9 -65.02 35.04 23.86
N LEU I 10 -65.54 35.85 24.80
CA LEU I 10 -65.15 37.24 24.94
C LEU I 10 -63.64 37.35 25.05
N ALA I 11 -63.03 38.08 24.10
CA ALA I 11 -61.59 38.26 24.06
C ALA I 11 -61.16 39.27 25.12
N ILE I 12 -59.87 39.22 25.49
CA ILE I 12 -59.33 40.12 26.48
C ILE I 12 -59.02 41.45 25.81
N GLU I 13 -59.93 42.42 25.97
CA GLU I 13 -59.76 43.75 25.43
C GLU I 13 -58.77 44.51 26.31
N LYS I 14 -57.98 45.40 25.67
CA LYS I 14 -57.00 46.20 26.38
C LYS I 14 -57.47 47.65 26.42
N LEU I 15 -57.21 48.30 27.55
CA LEU I 15 -57.59 49.68 27.78
C LEU I 15 -56.34 50.55 27.71
N PRO I 16 -56.18 51.39 26.66
CA PRO I 16 -54.99 52.24 26.52
C PRO I 16 -54.67 53.00 27.80
N THR I 17 -53.44 52.80 28.31
CA THR I 17 -52.98 53.47 29.51
C THR I 17 -52.88 54.97 29.27
N GLY I 18 -52.45 55.35 28.06
CA GLY I 18 -52.28 56.74 27.69
C GLY I 18 -50.85 57.23 27.94
N ILE I 19 -50.00 56.34 28.47
CA ILE I 19 -48.59 56.64 28.66
C ILE I 19 -47.92 56.46 27.29
N GLU I 20 -46.59 56.47 27.22
CA GLU I 20 -45.91 56.71 25.96
C GLU I 20 -45.96 55.46 25.09
N GLY I 21 -45.09 54.49 25.38
CA GLY I 21 -44.90 53.33 24.51
C GLY I 21 -45.33 52.03 25.19
N PHE I 22 -46.02 52.14 26.34
CA PHE I 22 -46.56 51.00 27.03
C PHE I 22 -47.66 50.36 26.19
N ASP I 23 -48.47 51.21 25.56
CA ASP I 23 -49.59 50.77 24.74
C ASP I 23 -49.07 50.06 23.48
N ASP I 24 -47.83 50.38 23.09
CA ASP I 24 -47.18 49.74 21.95
C ASP I 24 -46.55 48.42 22.39
N ILE I 25 -45.91 48.42 23.57
CA ILE I 25 -45.26 47.24 24.12
C ILE I 25 -46.32 46.23 24.54
N SER I 26 -47.40 46.71 25.17
CA SER I 26 -48.45 45.86 25.69
C SER I 26 -49.39 45.39 24.57
N HIS I 27 -49.26 46.00 23.38
CA HIS I 27 -50.11 45.69 22.23
C HIS I 27 -51.55 46.11 22.52
N GLY I 28 -51.74 47.37 22.94
CA GLY I 28 -53.05 47.92 23.16
C GLY I 28 -53.16 48.69 24.48
N GLY I 29 -52.58 48.13 25.54
CA GLY I 29 -52.69 48.68 26.88
C GLY I 29 -52.82 47.56 27.92
N LEU I 30 -53.36 47.90 29.09
CA LEU I 30 -53.56 46.93 30.17
C LEU I 30 -54.89 46.20 29.94
N PRO I 31 -54.94 44.86 30.14
CA PRO I 31 -56.19 44.10 30.07
C PRO I 31 -57.32 44.72 30.91
N LYS I 32 -58.52 44.78 30.32
CA LYS I 32 -59.65 45.45 30.93
C LYS I 32 -60.34 44.53 31.93
N GLY I 33 -60.84 45.13 33.02
CA GLY I 33 -61.55 44.40 34.07
C GLY I 33 -60.64 43.39 34.78
N ARG I 34 -59.35 43.71 34.86
CA ARG I 34 -58.35 42.82 35.44
C ARG I 34 -57.26 43.66 36.12
N THR I 35 -56.68 43.09 37.18
CA THR I 35 -55.65 43.75 37.96
C THR I 35 -54.29 43.48 37.35
N THR I 36 -53.42 44.50 37.35
CA THR I 36 -52.05 44.37 36.90
C THR I 36 -51.11 44.76 38.04
N LEU I 37 -50.18 43.86 38.35
CA LEU I 37 -49.17 44.12 39.37
C LEU I 37 -48.03 44.92 38.74
N VAL I 38 -47.82 46.14 39.26
CA VAL I 38 -46.68 46.96 38.88
C VAL I 38 -45.64 46.84 39.99
N ALA I 39 -44.70 45.91 39.81
CA ALA I 39 -43.68 45.61 40.81
C ALA I 39 -42.40 46.38 40.48
N GLY I 40 -41.75 46.92 41.53
CA GLY I 40 -40.51 47.67 41.37
C GLY I 40 -39.89 48.05 42.72
N THR I 41 -38.57 48.25 42.71
CA THR I 41 -37.83 48.64 43.91
C THR I 41 -38.11 50.11 44.21
N PRO I 42 -37.79 50.60 45.43
CA PRO I 42 -37.98 52.01 45.77
C PRO I 42 -37.34 52.95 44.75
N GLY I 43 -38.19 53.78 44.13
CA GLY I 43 -37.74 54.82 43.20
C GLY I 43 -37.66 54.33 41.76
N THR I 44 -38.58 53.44 41.37
CA THR I 44 -38.63 52.91 40.02
C THR I 44 -39.62 53.69 39.17
N GLY I 45 -40.72 54.15 39.79
CA GLY I 45 -41.74 54.92 39.09
C GLY I 45 -43.12 54.26 39.15
N LYS I 46 -43.36 53.49 40.22
CA LYS I 46 -44.61 52.76 40.38
C LYS I 46 -45.77 53.74 40.58
N THR I 47 -45.49 54.82 41.32
CA THR I 47 -46.51 55.77 41.72
C THR I 47 -46.89 56.68 40.56
N VAL I 48 -45.89 57.08 39.75
CA VAL I 48 -46.12 57.97 38.62
C VAL I 48 -46.91 57.21 37.56
N PHE I 49 -46.46 55.99 37.24
CA PHE I 49 -47.13 55.13 36.28
C PHE I 49 -48.60 54.94 36.67
N ALA I 50 -48.84 54.76 37.97
CA ALA I 50 -50.17 54.53 38.49
C ALA I 50 -51.05 55.75 38.31
N MET I 51 -50.47 56.95 38.49
CA MET I 51 -51.21 58.20 38.38
C MET I 51 -51.51 58.50 36.91
N GLN I 52 -50.47 58.47 36.07
CA GLN I 52 -50.61 58.70 34.64
C GLN I 52 -51.73 57.84 34.07
N PHE I 53 -51.80 56.57 34.49
CA PHE I 53 -52.84 55.65 34.06
C PHE I 53 -54.21 56.29 34.25
N LEU I 54 -54.46 56.81 35.46
CA LEU I 54 -55.71 57.50 35.77
C LEU I 54 -55.77 58.81 35.00
N TYR I 55 -54.74 59.65 35.16
CA TYR I 55 -54.69 60.99 34.59
C TYR I 55 -55.17 60.98 33.14
N HIS I 56 -54.64 60.03 32.35
CA HIS I 56 -54.98 59.94 30.93
C HIS I 56 -56.42 59.47 30.77
N GLY I 57 -56.85 58.52 31.60
CA GLY I 57 -58.19 57.96 31.55
C GLY I 57 -59.27 59.04 31.62
N ILE I 58 -59.07 60.04 32.49
CA ILE I 58 -60.08 61.06 32.74
C ILE I 58 -59.90 62.18 31.72
N LYS I 59 -58.68 62.35 31.22
CA LYS I 59 -58.36 63.43 30.29
C LYS I 59 -58.72 63.03 28.86
N ARG I 60 -58.61 61.73 28.54
CA ARG I 60 -58.67 61.28 27.17
C ARG I 60 -59.86 60.35 26.91
N PHE I 61 -60.47 59.79 27.96
CA PHE I 61 -61.53 58.80 27.78
C PHE I 61 -62.65 58.96 28.80
N ASP I 62 -62.70 60.10 29.50
CA ASP I 62 -63.73 60.37 30.49
C ASP I 62 -63.94 59.15 31.39
N GLU I 63 -62.83 58.54 31.83
CA GLU I 63 -62.86 57.41 32.74
C GLU I 63 -62.42 57.87 34.13
N PRO I 64 -63.31 57.86 35.15
CA PRO I 64 -62.95 58.27 36.50
C PRO I 64 -61.99 57.27 37.16
N GLY I 65 -61.28 57.73 38.20
CA GLY I 65 -60.25 56.94 38.85
C GLY I 65 -60.26 57.10 40.37
N VAL I 66 -59.66 56.12 41.06
CA VAL I 66 -59.50 56.15 42.51
C VAL I 66 -58.08 55.73 42.84
N PHE I 67 -57.40 56.53 43.67
CA PHE I 67 -56.02 56.26 44.05
C PHE I 67 -55.97 55.96 45.56
N VAL I 68 -56.06 54.68 45.90
CA VAL I 68 -55.99 54.25 47.29
C VAL I 68 -54.52 54.20 47.70
N THR I 69 -54.17 54.98 48.74
CA THR I 69 -52.80 55.11 49.17
C THR I 69 -52.65 54.58 50.59
N PHE I 70 -51.70 53.65 50.77
CA PHE I 70 -51.39 53.08 52.08
C PHE I 70 -50.00 53.54 52.52
N GLU I 71 -49.54 54.67 51.98
CA GLU I 71 -48.18 55.15 52.23
C GLU I 71 -48.19 56.67 52.35
N GLU I 72 -48.20 57.36 51.19
CA GLU I 72 -48.06 58.80 51.15
C GLU I 72 -49.43 59.45 51.27
N SER I 73 -49.49 60.59 51.97
CA SER I 73 -50.72 61.34 52.17
C SER I 73 -51.21 61.89 50.83
N PRO I 74 -52.54 61.91 50.57
CA PRO I 74 -53.08 62.50 49.35
C PRO I 74 -52.44 63.84 48.97
N ASP I 75 -52.36 64.76 49.93
CA ASP I 75 -51.77 66.07 49.71
C ASP I 75 -50.44 65.92 48.98
N ASP I 76 -49.56 65.06 49.51
CA ASP I 76 -48.24 64.82 48.94
C ASP I 76 -48.38 64.37 47.48
N ILE I 77 -49.29 63.42 47.22
CA ILE I 77 -49.50 62.88 45.89
C ILE I 77 -49.81 64.02 44.93
N LEU I 78 -50.58 65.00 45.41
CA LEU I 78 -50.98 66.16 44.61
C LEU I 78 -49.80 67.10 44.43
N ARG I 79 -49.05 67.33 45.52
CA ARG I 79 -47.92 68.24 45.52
C ARG I 79 -46.78 67.67 44.67
N ASN I 80 -46.57 66.35 44.77
CA ASN I 80 -45.48 65.67 44.07
C ASN I 80 -45.76 65.67 42.58
N MET I 81 -46.98 65.28 42.19
CA MET I 81 -47.35 65.14 40.79
C MET I 81 -47.68 66.51 40.18
N ALA I 82 -47.51 67.59 40.95
CA ALA I 82 -47.81 68.93 40.49
C ALA I 82 -46.78 69.38 39.44
N SER I 83 -45.52 68.98 39.62
CA SER I 83 -44.43 69.41 38.75
C SER I 83 -44.66 68.93 37.31
N PHE I 84 -45.34 67.79 37.15
CA PHE I 84 -45.67 67.26 35.84
C PHE I 84 -46.76 68.10 35.16
N GLY I 85 -47.34 69.05 35.91
CA GLY I 85 -48.38 69.92 35.37
C GLY I 85 -49.74 69.23 35.34
N TRP I 86 -50.08 68.58 36.46
CA TRP I 86 -51.31 67.81 36.58
C TRP I 86 -52.29 68.56 37.48
N ASP I 87 -53.44 68.93 36.91
CA ASP I 87 -54.49 69.62 37.66
C ASP I 87 -55.26 68.60 38.49
N LEU I 88 -54.63 68.15 39.58
CA LEU I 88 -55.21 67.13 40.44
C LEU I 88 -56.38 67.73 41.24
N GLN I 89 -56.11 68.86 41.91
CA GLN I 89 -57.11 69.56 42.69
C GLN I 89 -58.35 69.84 41.84
N LYS I 90 -58.12 70.22 40.57
CA LYS I 90 -59.20 70.51 39.63
C LYS I 90 -60.03 69.25 39.40
N LEU I 91 -59.36 68.16 39.02
CA LEU I 91 -60.03 66.89 38.76
C LEU I 91 -60.74 66.39 40.01
N VAL I 92 -60.08 66.49 41.16
CA VAL I 92 -60.63 66.04 42.43
C VAL I 92 -61.84 66.90 42.79
N GLU I 93 -61.74 68.22 42.54
CA GLU I 93 -62.80 69.15 42.84
C GLU I 93 -64.00 68.89 41.94
N GLU I 94 -63.74 68.64 40.66
CA GLU I 94 -64.78 68.36 39.68
C GLU I 94 -65.39 66.98 39.92
N GLY I 95 -64.78 66.19 40.82
CA GLY I 95 -65.28 64.87 41.18
C GLY I 95 -64.88 63.81 40.16
N LYS I 96 -63.71 64.02 39.54
CA LYS I 96 -63.21 63.14 38.50
C LYS I 96 -62.37 62.03 39.13
N LEU I 97 -61.40 62.43 39.96
CA LEU I 97 -60.50 61.49 40.62
C LEU I 97 -60.82 61.47 42.11
N ALA I 98 -60.33 60.41 42.78
CA ALA I 98 -60.49 60.25 44.22
C ALA I 98 -59.15 59.86 44.84
N ILE I 99 -59.00 60.14 46.14
CA ILE I 99 -57.79 59.83 46.87
C ILE I 99 -58.17 59.29 48.25
N VAL I 100 -58.43 57.98 48.32
CA VAL I 100 -58.83 57.32 49.55
C VAL I 100 -57.57 57.05 50.38
N ASP I 101 -57.36 57.88 51.40
CA ASP I 101 -56.21 57.71 52.29
C ASP I 101 -56.47 56.52 53.20
N ALA I 102 -55.69 55.45 53.01
CA ALA I 102 -55.72 54.28 53.87
C ALA I 102 -54.45 54.20 54.70
N SER I 103 -53.66 55.29 54.71
CA SER I 103 -52.48 55.37 55.54
C SER I 103 -52.90 55.44 57.01
N PRO I 104 -52.29 54.63 57.92
CA PRO I 104 -52.72 54.59 59.31
C PRO I 104 -52.36 55.88 60.04
N ASP I 105 -53.26 56.33 60.92
CA ASP I 105 -53.02 57.50 61.76
C ASP I 105 -51.86 57.18 62.70
N PRO I 106 -50.91 58.11 62.93
CA PRO I 106 -49.82 57.90 63.88
C PRO I 106 -50.29 57.58 65.29
N GLU I 107 -50.93 56.42 65.45
CA GLU I 107 -51.57 56.02 66.69
C GLU I 107 -52.23 54.66 66.51
N GLU I 108 -53.06 54.54 65.46
CA GLU I 108 -53.70 53.28 65.11
C GLU I 108 -53.93 53.22 63.60
N GLY I 113 -55.38 44.18 62.41
CA GLY I 113 -56.35 44.90 61.57
C GLY I 113 -57.10 43.97 60.62
N ASN I 114 -57.63 42.86 61.17
CA ASN I 114 -58.44 41.93 60.42
C ASN I 114 -59.77 42.58 60.05
N PHE I 115 -60.32 43.37 60.98
CA PHE I 115 -61.58 44.06 60.79
C PHE I 115 -61.39 45.30 59.91
N ASP I 116 -60.29 46.02 60.14
CA ASP I 116 -60.01 47.28 59.44
C ASP I 116 -59.93 47.05 57.94
N LEU I 117 -59.37 45.90 57.53
CA LEU I 117 -59.21 45.56 56.12
C LEU I 117 -60.57 45.51 55.43
N SER I 118 -61.58 44.94 56.12
CA SER I 118 -62.92 44.82 55.57
C SER I 118 -63.54 46.20 55.34
N GLY I 119 -63.40 47.08 56.33
CA GLY I 119 -63.94 48.43 56.25
C GLY I 119 -63.24 49.28 55.21
N LEU I 120 -61.91 49.11 55.10
CA LEU I 120 -61.11 49.82 54.11
C LEU I 120 -61.56 49.45 52.70
N LEU I 121 -61.96 48.19 52.53
CA LEU I 121 -62.44 47.70 51.24
C LEU I 121 -63.76 48.38 50.88
N ALA I 122 -64.64 48.56 51.87
CA ALA I 122 -65.94 49.17 51.67
C ALA I 122 -65.79 50.63 51.24
N ARG I 123 -64.83 51.33 51.85
CA ARG I 123 -64.55 52.72 51.53
C ARG I 123 -64.15 52.85 50.07
N ILE I 124 -63.29 51.93 49.60
CA ILE I 124 -62.80 51.93 48.23
C ILE I 124 -63.91 51.47 47.29
N ASN I 125 -64.63 50.41 47.69
CA ASN I 125 -65.74 49.88 46.92
C ASN I 125 -66.83 50.94 46.76
N HIS I 126 -67.00 51.78 47.79
CA HIS I 126 -67.98 52.86 47.77
C HIS I 126 -67.58 53.91 46.74
N ALA I 127 -66.28 54.26 46.70
CA ALA I 127 -65.77 55.25 45.78
C ALA I 127 -65.85 54.73 44.34
N ILE I 128 -65.66 53.42 44.17
CA ILE I 128 -65.73 52.77 42.87
C ILE I 128 -67.15 52.88 42.31
N ARG I 129 -68.15 52.94 43.21
CA ARG I 129 -69.54 53.05 42.84
C ARG I 129 -69.99 54.50 42.79
N LYS I 130 -69.49 55.32 43.72
CA LYS I 130 -69.89 56.71 43.85
C LYS I 130 -69.42 57.51 42.63
N TYR I 131 -68.14 57.38 42.31
CA TYR I 131 -67.53 58.11 41.21
C TYR I 131 -67.67 57.34 39.89
N LYS I 132 -68.22 56.11 39.97
CA LYS I 132 -68.42 55.26 38.80
C LYS I 132 -67.09 55.06 38.09
N ALA I 133 -66.07 54.68 38.87
CA ALA I 133 -64.69 54.62 38.40
C ALA I 133 -64.47 53.35 37.58
N LYS I 134 -63.87 53.51 36.40
CA LYS I 134 -63.50 52.40 35.53
C LYS I 134 -62.04 52.02 35.74
N ARG I 135 -61.25 52.93 36.32
CA ARG I 135 -59.85 52.68 36.62
C ARG I 135 -59.61 52.85 38.12
N VAL I 136 -58.79 51.97 38.69
CA VAL I 136 -58.47 52.02 40.12
C VAL I 136 -56.98 51.75 40.30
N VAL I 137 -56.42 52.30 41.38
CA VAL I 137 -55.03 52.06 41.76
C VAL I 137 -55.00 51.73 43.24
N ILE I 138 -54.23 50.69 43.59
CA ILE I 138 -53.95 50.36 44.99
C ILE I 138 -52.46 50.49 45.21
N ASP I 139 -52.04 51.62 45.81
CA ASP I 139 -50.64 51.93 45.99
C ASP I 139 -50.08 51.14 47.18
N SER I 140 -49.08 50.29 46.90
CA SER I 140 -48.41 49.49 47.90
C SER I 140 -49.39 48.55 48.60
N ILE I 141 -49.69 47.43 47.94
CA ILE I 141 -50.42 46.34 48.55
C ILE I 141 -49.49 45.59 49.52
N THR I 142 -48.18 45.82 49.36
CA THR I 142 -47.18 45.32 50.29
C THR I 142 -47.27 46.08 51.63
N ALA I 143 -47.61 47.37 51.57
CA ALA I 143 -47.77 48.18 52.76
C ALA I 143 -48.93 47.67 53.61
N ILE I 144 -49.95 47.11 52.94
CA ILE I 144 -51.07 46.48 53.62
C ILE I 144 -50.55 45.33 54.48
N PHE I 145 -49.62 44.54 53.93
CA PHE I 145 -49.05 43.40 54.62
C PHE I 145 -48.00 43.86 55.64
N GLN I 146 -47.53 45.11 55.49
CA GLN I 146 -46.59 45.71 56.43
C GLN I 146 -47.32 46.31 57.62
N GLN I 147 -48.51 46.89 57.36
CA GLN I 147 -49.26 47.60 58.39
C GLN I 147 -50.10 46.61 59.19
N PHE I 148 -51.29 46.27 58.67
CA PHE I 148 -52.17 45.31 59.33
C PHE I 148 -51.54 43.93 59.22
N ASP I 149 -50.95 43.46 60.33
CA ASP I 149 -50.20 42.21 60.36
C ASP I 149 -51.17 41.03 60.27
N ASP I 150 -50.61 39.81 60.30
CA ASP I 150 -51.37 38.59 60.11
C ASP I 150 -51.72 38.48 58.62
N ALA I 151 -50.77 37.97 57.84
CA ALA I 151 -50.88 37.89 56.39
C ALA I 151 -52.09 37.05 55.98
N SER I 152 -52.39 36.01 56.78
CA SER I 152 -53.50 35.11 56.52
C SER I 152 -54.77 35.90 56.20
N THR I 153 -55.07 36.91 57.02
CA THR I 153 -56.26 37.74 56.86
C THR I 153 -56.09 38.68 55.67
N VAL I 154 -54.93 39.32 55.58
CA VAL I 154 -54.67 40.35 54.58
C VAL I 154 -54.66 39.73 53.18
N ARG I 155 -54.03 38.56 53.05
CA ARG I 155 -53.95 37.86 51.78
C ARG I 155 -55.34 37.45 51.32
N ARG I 156 -56.19 37.04 52.26
CA ARG I 156 -57.54 36.61 51.98
C ARG I 156 -58.37 37.80 51.47
N GLU I 157 -58.27 38.93 52.16
CA GLU I 157 -59.02 40.13 51.82
C GLU I 157 -58.49 40.74 50.52
N LEU I 158 -57.21 40.51 50.22
CA LEU I 158 -56.58 41.00 49.01
C LEU I 158 -57.14 40.28 47.80
N PHE I 159 -57.29 38.96 47.91
CA PHE I 159 -57.87 38.13 46.86
C PHE I 159 -59.32 38.54 46.61
N ARG I 160 -60.02 38.92 47.69
CA ARG I 160 -61.41 39.37 47.61
C ARG I 160 -61.51 40.66 46.82
N LEU I 161 -60.60 41.61 47.10
CA LEU I 161 -60.59 42.91 46.44
C LEU I 161 -60.47 42.71 44.93
N VAL I 162 -59.53 41.86 44.51
CA VAL I 162 -59.28 41.60 43.10
C VAL I 162 -60.54 41.01 42.46
N ALA I 163 -61.20 40.09 43.18
CA ALA I 163 -62.40 39.42 42.68
C ALA I 163 -63.55 40.43 42.57
N ARG I 164 -63.72 41.26 43.61
CA ARG I 164 -64.79 42.23 43.67
C ARG I 164 -64.58 43.32 42.62
N LEU I 165 -63.33 43.74 42.44
CA LEU I 165 -62.96 44.73 41.44
C LEU I 165 -63.25 44.21 40.04
N LYS I 166 -62.87 42.95 39.79
CA LYS I 166 -63.10 42.30 38.51
C LYS I 166 -64.60 42.24 38.21
N ARG I 167 -65.40 41.94 39.24
CA ARG I 167 -66.84 41.80 39.10
C ARG I 167 -67.48 43.16 38.83
N MET I 168 -67.03 44.19 39.55
CA MET I 168 -67.53 45.55 39.39
C MET I 168 -67.12 46.10 38.02
N GLY I 169 -66.01 45.58 37.47
CA GLY I 169 -65.56 45.94 36.13
C GLY I 169 -64.66 47.17 36.17
N VAL I 170 -63.47 47.01 36.77
CA VAL I 170 -62.53 48.10 36.94
C VAL I 170 -61.13 47.59 36.65
N THR I 171 -60.46 48.21 35.66
CA THR I 171 -59.06 47.94 35.37
C THR I 171 -58.22 48.48 36.52
N THR I 172 -57.48 47.59 37.19
CA THR I 172 -56.78 47.94 38.42
C THR I 172 -55.27 47.87 38.21
N ILE I 173 -54.55 48.78 38.87
CA ILE I 173 -53.10 48.71 38.98
C ILE I 173 -52.76 48.62 40.47
N MET I 174 -52.08 47.52 40.84
CA MET I 174 -51.69 47.29 42.23
C MET I 174 -50.17 47.33 42.33
N THR I 175 -49.64 48.39 42.97
CA THR I 175 -48.20 48.57 43.07
C THR I 175 -47.66 47.68 44.18
N ALA I 176 -46.46 47.13 43.99
CA ALA I 176 -45.81 46.30 44.98
C ALA I 176 -44.31 46.56 44.97
N GLU I 177 -43.68 46.45 46.14
CA GLU I 177 -42.27 46.77 46.32
C GLU I 177 -41.45 45.49 46.21
N ARG I 178 -40.34 45.58 45.45
CA ARG I 178 -39.38 44.49 45.33
C ARG I 178 -38.16 44.83 46.17
N THR I 179 -37.34 43.79 46.44
CA THR I 179 -36.10 43.97 47.18
C THR I 179 -34.92 44.02 46.21
N GLU I 180 -34.81 42.99 45.36
CA GLU I 180 -33.75 42.91 44.37
C GLU I 180 -34.34 43.21 42.99
N GLU I 181 -33.46 43.63 42.06
CA GLU I 181 -33.86 44.07 40.74
C GLU I 181 -34.11 42.87 39.83
N TYR I 182 -33.30 41.82 40.01
CA TYR I 182 -33.37 40.63 39.16
C TYR I 182 -33.63 39.39 40.01
N GLY I 183 -34.40 39.56 41.10
CA GLY I 183 -34.71 38.47 42.01
C GLY I 183 -36.19 38.11 41.98
N PRO I 184 -36.84 37.86 43.14
CA PRO I 184 -38.29 37.64 43.18
C PRO I 184 -39.07 38.84 42.64
N ILE I 185 -40.29 38.57 42.16
CA ILE I 185 -41.11 39.56 41.48
C ILE I 185 -41.66 40.55 42.51
N ALA I 186 -41.92 40.09 43.74
CA ALA I 186 -42.47 40.93 44.78
C ALA I 186 -42.03 40.41 46.15
N ARG I 187 -42.59 41.01 47.21
CA ARG I 187 -42.10 40.82 48.56
C ARG I 187 -42.74 39.58 49.20
N TYR I 188 -44.07 39.54 49.22
CA TYR I 188 -44.81 38.59 50.05
C TYR I 188 -45.62 37.63 49.18
N GLY I 189 -44.95 36.97 48.23
CA GLY I 189 -45.63 36.07 47.30
C GLY I 189 -46.92 36.70 46.76
N VAL I 190 -46.82 37.98 46.39
CA VAL I 190 -47.96 38.75 45.93
C VAL I 190 -48.40 38.25 44.56
N GLU I 191 -47.45 37.65 43.82
CA GLU I 191 -47.69 37.20 42.46
C GLU I 191 -48.55 35.94 42.48
N GLU I 192 -48.78 35.38 43.66
CA GLU I 192 -49.68 34.25 43.83
C GLU I 192 -51.12 34.74 43.73
N PHE I 193 -51.39 35.90 44.35
CA PHE I 193 -52.73 36.50 44.34
C PHE I 193 -52.93 37.27 43.04
N VAL I 194 -52.20 38.39 42.89
CA VAL I 194 -52.30 39.22 41.70
C VAL I 194 -51.40 38.61 40.63
N ALA I 195 -51.90 37.54 40.00
CA ALA I 195 -51.09 36.68 39.15
C ALA I 195 -51.51 36.77 37.69
N ASP I 196 -52.53 37.57 37.39
CA ASP I 196 -53.09 37.64 36.05
C ASP I 196 -52.11 38.35 35.12
N ASN I 197 -51.65 39.53 35.55
CA ASN I 197 -50.78 40.37 34.75
C ASN I 197 -49.66 40.92 35.65
N VAL I 198 -48.42 40.89 35.14
CA VAL I 198 -47.27 41.37 35.89
C VAL I 198 -46.45 42.30 35.00
N VAL I 199 -46.21 43.51 35.52
CA VAL I 199 -45.33 44.48 34.90
C VAL I 199 -44.23 44.81 35.91
N ILE I 200 -42.97 44.71 35.49
CA ILE I 200 -41.85 44.90 36.40
C ILE I 200 -41.04 46.11 35.95
N LEU I 201 -40.85 47.07 36.88
CA LEU I 201 -39.99 48.21 36.67
C LEU I 201 -38.69 48.00 37.43
N ARG I 202 -37.57 48.47 36.84
CA ARG I 202 -36.24 48.28 37.42
C ARG I 202 -35.45 49.58 37.31
N ASN I 203 -34.62 49.83 38.33
CA ASN I 203 -33.65 50.91 38.31
C ASN I 203 -32.28 50.32 38.67
N VAL I 204 -31.62 49.72 37.68
CA VAL I 204 -30.43 48.91 37.91
C VAL I 204 -29.20 49.80 37.85
N LEU I 205 -28.28 49.59 38.80
CA LEU I 205 -27.05 50.36 38.89
C LEU I 205 -25.93 49.62 38.17
N GLU I 206 -25.66 50.02 36.92
CA GLU I 206 -24.58 49.48 36.12
C GLU I 206 -23.39 50.43 36.18
N GLY I 207 -22.26 49.94 36.69
CA GLY I 207 -21.09 50.77 36.94
C GLY I 207 -21.34 51.72 38.11
N GLU I 208 -21.58 53.01 37.78
CA GLU I 208 -21.97 54.00 38.77
C GLU I 208 -23.14 54.83 38.23
N ARG I 209 -23.93 54.25 37.32
CA ARG I 209 -25.02 54.95 36.68
C ARG I 209 -26.27 54.06 36.71
N ARG I 210 -27.40 54.65 37.14
CA ARG I 210 -28.66 53.94 37.24
C ARG I 210 -29.34 53.91 35.86
N ARG I 211 -30.07 52.83 35.59
CA ARG I 211 -30.76 52.65 34.32
C ARG I 211 -32.18 52.15 34.58
N ARG I 212 -33.17 52.92 34.10
CA ARG I 212 -34.58 52.57 34.24
C ARG I 212 -35.04 51.76 33.04
N THR I 213 -35.71 50.63 33.29
CA THR I 213 -36.23 49.77 32.25
C THR I 213 -37.59 49.20 32.66
N ILE I 214 -38.48 49.07 31.67
CA ILE I 214 -39.84 48.59 31.89
C ILE I 214 -40.00 47.24 31.20
N GLU I 215 -40.75 46.33 31.83
CA GLU I 215 -40.90 44.97 31.32
C GLU I 215 -42.30 44.46 31.64
N ILE I 216 -42.91 43.77 30.66
CA ILE I 216 -44.15 43.04 30.87
C ILE I 216 -43.80 41.56 30.90
N LEU I 217 -43.81 40.97 32.11
CA LEU I 217 -43.45 39.58 32.31
C LEU I 217 -44.53 38.68 31.72
N LYS I 218 -45.77 38.88 32.15
CA LYS I 218 -46.87 38.02 31.73
C LYS I 218 -48.15 38.84 31.53
N PHE I 219 -48.92 38.45 30.51
CA PHE I 219 -50.28 38.90 30.29
C PHE I 219 -51.15 37.68 29.98
N ARG I 220 -51.87 37.18 30.99
CA ARG I 220 -52.77 36.05 30.80
C ARG I 220 -53.85 36.40 29.78
N GLY I 221 -53.77 35.78 28.60
CA GLY I 221 -54.85 35.82 27.63
C GLY I 221 -54.57 36.71 26.42
N THR I 222 -53.44 37.44 26.44
CA THR I 222 -53.12 38.39 25.38
C THR I 222 -51.62 38.41 25.11
N SER I 223 -51.26 39.05 24.00
CA SER I 223 -49.87 39.16 23.57
C SER I 223 -49.25 40.44 24.15
N HIS I 224 -47.92 40.43 24.28
CA HIS I 224 -47.16 41.56 24.78
C HIS I 224 -45.72 41.42 24.30
N GLN I 225 -45.04 42.55 24.12
CA GLN I 225 -43.63 42.53 23.74
C GLN I 225 -42.81 42.03 24.94
N LYS I 226 -41.87 41.14 24.65
CA LYS I 226 -41.17 40.38 25.67
C LYS I 226 -39.79 41.00 25.88
N GLY I 227 -39.48 41.39 27.13
CA GLY I 227 -38.15 41.88 27.49
C GLY I 227 -38.20 43.27 28.11
N GLU I 228 -37.01 43.80 28.43
CA GLU I 228 -36.87 45.12 29.02
C GLU I 228 -36.88 46.18 27.92
N PHE I 229 -37.53 47.31 28.20
CA PHE I 229 -37.55 48.46 27.31
C PHE I 229 -37.23 49.71 28.13
N PRO I 230 -36.37 50.64 27.63
CA PRO I 230 -35.95 51.80 28.42
C PRO I 230 -37.06 52.84 28.59
N PHE I 231 -37.04 53.55 29.73
CA PHE I 231 -37.95 54.65 29.97
C PHE I 231 -37.29 55.70 30.84
N THR I 232 -37.95 56.85 30.97
CA THR I 232 -37.44 58.00 31.70
C THR I 232 -38.61 58.79 32.28
N ILE I 233 -38.50 59.17 33.56
CA ILE I 233 -39.50 60.02 34.20
C ILE I 233 -39.07 61.46 34.01
N THR I 234 -39.51 62.08 32.92
CA THR I 234 -39.12 63.44 32.56
C THR I 234 -39.71 64.42 33.57
N PRO I 235 -38.98 65.48 33.96
CA PRO I 235 -39.43 66.40 35.02
C PRO I 235 -40.76 67.11 34.72
N GLY I 236 -41.05 67.33 33.44
CA GLY I 236 -42.18 68.14 33.03
C GLY I 236 -43.40 67.32 32.60
N GLU I 237 -43.18 66.12 32.05
CA GLU I 237 -44.23 65.36 31.40
C GLU I 237 -44.59 64.12 32.23
N GLY I 238 -43.60 63.28 32.50
CA GLY I 238 -43.79 62.07 33.29
C GLY I 238 -43.02 60.89 32.71
N ILE I 239 -43.56 59.68 32.91
CA ILE I 239 -42.95 58.46 32.39
C ILE I 239 -43.07 58.45 30.87
N SER I 240 -41.93 58.25 30.20
CA SER I 240 -41.86 58.18 28.76
C SER I 240 -41.01 56.98 28.34
N ILE I 241 -41.68 55.95 27.83
CA ILE I 241 -41.02 54.72 27.38
C ILE I 241 -40.66 54.88 25.91
N PHE I 242 -39.47 54.39 25.54
CA PHE I 242 -38.94 54.54 24.20
C PHE I 242 -38.81 53.15 23.56
N PRO I 243 -39.89 52.60 22.95
CA PRO I 243 -39.80 51.31 22.27
C PRO I 243 -38.90 51.39 21.03
N LEU I 244 -38.41 50.23 20.59
CA LEU I 244 -37.49 50.13 19.47
C LEU I 244 -38.06 50.89 18.27
N SER I 245 -39.36 50.71 18.02
CA SER I 245 -40.09 51.46 17.02
C SER I 245 -39.39 51.36 15.66
N SER I 254 -37.50 60.83 -0.90
CA SER I 254 -37.07 62.20 -1.29
C SER I 254 -35.65 62.16 -1.82
N ASN I 255 -35.51 62.10 -3.16
CA ASN I 255 -34.22 62.09 -3.82
C ASN I 255 -33.63 63.50 -3.83
N VAL I 256 -34.33 64.48 -3.24
CA VAL I 256 -33.83 65.82 -3.07
C VAL I 256 -32.51 65.78 -2.31
N ARG I 257 -31.53 66.53 -2.81
CA ARG I 257 -30.16 66.50 -2.29
C ARG I 257 -29.93 67.71 -1.39
N VAL I 258 -29.23 67.49 -0.28
CA VAL I 258 -28.75 68.57 0.58
C VAL I 258 -27.26 68.76 0.32
N SER I 259 -26.68 69.84 0.89
CA SER I 259 -25.29 70.17 0.69
C SER I 259 -24.50 69.94 1.98
N SER I 260 -23.20 69.65 1.82
CA SER I 260 -22.28 69.50 2.93
C SER I 260 -21.50 70.80 3.15
N GLY I 261 -21.65 71.76 2.23
CA GLY I 261 -20.89 73.00 2.27
C GLY I 261 -19.73 72.98 1.27
N VAL I 262 -18.87 71.97 1.40
CA VAL I 262 -17.75 71.78 0.49
C VAL I 262 -18.31 71.33 -0.86
N PRO I 263 -18.20 72.16 -1.93
CA PRO I 263 -18.78 71.81 -3.24
C PRO I 263 -18.16 70.57 -3.88
N GLU I 264 -16.83 70.42 -3.71
CA GLU I 264 -16.11 69.28 -4.25
C GLU I 264 -16.60 67.99 -3.59
N LEU I 265 -16.98 68.08 -2.31
CA LEU I 265 -17.54 66.95 -1.58
C LEU I 265 -18.93 66.62 -2.14
N ASP I 266 -19.69 67.67 -2.49
CA ASP I 266 -21.01 67.49 -3.08
C ASP I 266 -20.87 66.88 -4.47
N GLU I 267 -19.79 67.25 -5.18
CA GLU I 267 -19.49 66.68 -6.49
C GLU I 267 -19.04 65.23 -6.34
N MET I 268 -18.21 64.97 -5.32
CA MET I 268 -17.68 63.65 -5.05
C MET I 268 -18.81 62.68 -4.66
N CYS I 269 -19.91 63.24 -4.13
CA CYS I 269 -21.02 62.44 -3.64
C CYS I 269 -22.13 62.32 -4.67
N GLY I 270 -21.90 62.85 -5.88
CA GLY I 270 -22.84 62.72 -6.98
C GLY I 270 -23.98 63.74 -6.92
N GLY I 271 -23.66 64.93 -6.39
CA GLY I 271 -24.62 66.02 -6.31
C GLY I 271 -25.06 66.32 -4.89
N GLY I 272 -24.14 66.15 -3.92
CA GLY I 272 -24.40 66.48 -2.53
C GLY I 272 -24.97 65.29 -1.76
N PHE I 273 -25.13 65.47 -0.45
CA PHE I 273 -25.75 64.48 0.42
C PHE I 273 -27.25 64.41 0.09
N PHE I 274 -27.84 63.23 0.32
CA PHE I 274 -29.29 63.09 0.25
C PHE I 274 -29.91 63.67 1.52
N ARG I 275 -31.24 63.87 1.49
CA ARG I 275 -31.95 64.45 2.62
C ARG I 275 -32.05 63.43 3.75
N ASP I 276 -33.03 62.52 3.65
CA ASP I 276 -33.22 61.48 4.65
C ASP I 276 -32.06 60.50 4.57
N SER I 277 -30.93 60.87 5.20
CA SER I 277 -29.69 60.11 5.08
C SER I 277 -28.83 60.29 6.32
N ILE I 278 -28.14 59.22 6.71
CA ILE I 278 -27.16 59.24 7.78
C ILE I 278 -25.78 59.16 7.15
N ILE I 279 -24.92 60.14 7.49
CA ILE I 279 -23.56 60.19 6.96
C ILE I 279 -22.59 59.97 8.13
N LEU I 280 -21.48 59.27 7.84
CA LEU I 280 -20.44 59.01 8.84
C LEU I 280 -19.12 59.56 8.34
N VAL I 281 -18.49 60.41 9.17
CA VAL I 281 -17.15 60.91 8.92
C VAL I 281 -16.18 60.13 9.79
N SER I 282 -15.54 59.11 9.20
CA SER I 282 -14.59 58.26 9.89
C SER I 282 -13.17 58.77 9.68
N GLY I 283 -12.31 58.57 10.67
CA GLY I 283 -10.92 58.98 10.60
C GLY I 283 -10.28 59.10 11.98
N ALA I 284 -8.94 59.04 12.01
CA ALA I 284 -8.16 59.18 13.24
C ALA I 284 -8.16 60.63 13.69
N THR I 285 -7.38 60.91 14.74
CA THR I 285 -7.33 62.23 15.34
C THR I 285 -6.54 63.18 14.44
N GLY I 286 -7.11 64.38 14.23
CA GLY I 286 -6.46 65.41 13.44
C GLY I 286 -6.78 65.34 11.95
N THR I 287 -7.52 64.29 11.53
CA THR I 287 -7.84 64.08 10.13
C THR I 287 -8.61 65.28 9.60
N GLY I 288 -9.81 65.51 10.15
CA GLY I 288 -10.67 66.60 9.74
C GLY I 288 -12.15 66.23 9.88
N LYS I 289 -12.51 65.70 11.05
CA LYS I 289 -13.86 65.22 11.31
C LYS I 289 -14.71 66.34 11.90
N THR I 290 -14.15 67.06 12.87
CA THR I 290 -14.82 68.18 13.50
C THR I 290 -15.09 69.27 12.47
N LEU I 291 -14.09 69.55 11.61
CA LEU I 291 -14.19 70.59 10.61
C LEU I 291 -15.37 70.31 9.67
N LEU I 292 -15.46 69.08 9.16
CA LEU I 292 -16.50 68.70 8.21
C LEU I 292 -17.88 68.96 8.80
N VAL I 293 -18.01 68.81 10.12
CA VAL I 293 -19.26 69.03 10.82
C VAL I 293 -19.63 70.51 10.75
N THR I 294 -18.65 71.40 10.95
CA THR I 294 -18.90 72.84 10.96
C THR I 294 -19.43 73.28 9.59
N LYS I 295 -18.82 72.76 8.52
CA LYS I 295 -19.19 73.12 7.16
C LYS I 295 -20.58 72.57 6.83
N PHE I 296 -20.89 71.38 7.39
CA PHE I 296 -22.19 70.76 7.23
C PHE I 296 -23.27 71.60 7.90
N LEU I 297 -22.97 72.12 9.10
CA LEU I 297 -23.88 72.97 9.85
C LEU I 297 -24.01 74.33 9.16
N GLU I 298 -22.86 74.97 8.92
CA GLU I 298 -22.81 76.29 8.33
C GLU I 298 -23.52 76.30 6.97
N GLY I 299 -23.39 75.20 6.23
CA GLY I 299 -24.07 75.04 4.96
C GLY I 299 -25.59 75.14 5.08
N ALA I 300 -26.15 74.42 6.06
CA ALA I 300 -27.59 74.38 6.29
C ALA I 300 -28.10 75.75 6.74
N CYS I 301 -27.40 76.34 7.72
CA CYS I 301 -27.73 77.65 8.25
C CYS I 301 -27.80 78.69 7.14
N ARG I 302 -26.86 78.61 6.18
CA ARG I 302 -26.77 79.57 5.09
C ARG I 302 -28.00 79.48 4.19
N ASN I 303 -28.58 78.28 4.07
CA ASN I 303 -29.73 78.05 3.22
C ASN I 303 -31.03 78.38 3.96
N GLY I 304 -30.92 78.82 5.23
CA GLY I 304 -32.09 79.13 6.04
C GLY I 304 -32.59 77.91 6.81
N GLU I 305 -32.09 76.71 6.46
CA GLU I 305 -32.50 75.47 7.10
C GLU I 305 -31.91 75.42 8.50
N ARG I 306 -32.70 74.91 9.45
CA ARG I 306 -32.30 74.86 10.85
C ARG I 306 -31.46 73.60 11.08
N ALA I 307 -30.34 73.78 11.79
CA ALA I 307 -29.42 72.69 12.11
C ALA I 307 -28.98 72.81 13.57
N LEU I 308 -28.55 71.67 14.14
CA LEU I 308 -28.16 71.62 15.55
C LEU I 308 -26.95 70.71 15.70
N LEU I 309 -26.18 70.94 16.78
CA LEU I 309 -24.97 70.17 17.06
C LEU I 309 -25.01 69.69 18.52
N PHE I 310 -24.52 68.47 18.74
CA PHE I 310 -24.48 67.87 20.06
C PHE I 310 -23.05 67.46 20.39
N ALA I 311 -22.29 68.42 20.95
CA ALA I 311 -20.90 68.19 21.31
C ALA I 311 -20.83 67.30 22.55
N PHE I 312 -20.15 66.16 22.41
CA PHE I 312 -19.97 65.20 23.50
C PHE I 312 -18.49 64.89 23.68
N GLU I 313 -17.66 65.91 23.51
CA GLU I 313 -16.21 65.76 23.54
C GLU I 313 -15.56 67.10 23.86
N GLU I 314 -15.90 68.13 23.07
CA GLU I 314 -15.33 69.46 23.21
C GLU I 314 -16.34 70.39 23.89
N SER I 315 -15.85 71.56 24.31
CA SER I 315 -16.67 72.59 24.94
C SER I 315 -17.14 73.60 23.89
N ARG I 316 -17.98 74.54 24.32
CA ARG I 316 -18.47 75.61 23.47
C ARG I 316 -17.32 76.52 23.05
N GLU I 317 -16.35 76.70 23.96
CA GLU I 317 -15.16 77.51 23.69
C GLU I 317 -14.37 76.89 22.55
N GLN I 318 -13.97 75.62 22.74
CA GLN I 318 -13.16 74.90 21.76
C GLN I 318 -13.81 74.95 20.37
N LEU I 319 -15.15 74.86 20.35
CA LEU I 319 -15.91 74.85 19.10
C LEU I 319 -15.98 76.26 18.51
N LEU I 320 -16.50 77.21 19.30
CA LEU I 320 -16.71 78.58 18.84
C LEU I 320 -15.37 79.22 18.46
N ARG I 321 -14.33 78.91 19.23
CA ARG I 321 -12.99 79.42 18.97
C ARG I 321 -12.44 78.76 17.70
N ASN I 322 -12.19 77.45 17.77
CA ASN I 322 -11.61 76.67 16.67
C ASN I 322 -10.62 77.56 15.91
N ALA I 323 -10.62 77.47 14.58
CA ALA I 323 -10.04 78.50 13.74
C ALA I 323 -11.16 79.29 13.09
N THR I 324 -11.81 80.17 13.89
CA THR I 324 -12.93 80.98 13.44
C THR I 324 -12.67 81.51 12.03
N SER I 325 -11.39 81.81 11.74
CA SER I 325 -10.93 82.13 10.40
C SER I 325 -11.60 81.22 9.36
N TRP I 326 -11.55 79.90 9.60
CA TRP I 326 -12.25 78.93 8.78
C TRP I 326 -13.44 79.58 8.07
N GLY I 327 -14.32 80.21 8.87
CA GLY I 327 -15.45 80.96 8.36
C GLY I 327 -16.75 80.49 9.01
N ILE I 328 -16.94 80.88 10.27
CA ILE I 328 -18.10 80.45 11.04
C ILE I 328 -18.28 81.37 12.24
N ASP I 329 -18.99 82.48 12.01
CA ASP I 329 -19.49 83.30 13.10
C ASP I 329 -20.69 82.58 13.72
N PHE I 330 -20.39 81.63 14.62
CA PHE I 330 -21.40 80.79 15.24
C PHE I 330 -22.45 81.64 15.95
N GLU I 331 -22.06 82.85 16.37
CA GLU I 331 -22.97 83.83 16.92
C GLU I 331 -24.09 84.10 15.92
N GLU I 332 -23.72 84.44 14.67
CA GLU I 332 -24.68 84.77 13.64
C GLU I 332 -25.58 83.57 13.32
N MET I 333 -24.98 82.37 13.30
CA MET I 333 -25.72 81.14 13.05
C MET I 333 -26.77 80.92 14.14
N GLU I 334 -26.39 81.23 15.39
CA GLU I 334 -27.27 81.04 16.54
C GLU I 334 -28.17 82.27 16.74
N ARG I 335 -27.70 83.43 16.26
CA ARG I 335 -28.45 84.68 16.40
C ARG I 335 -29.70 84.67 15.54
N ASP I 336 -29.73 83.79 14.52
CA ASP I 336 -30.89 83.61 13.68
C ASP I 336 -31.86 82.62 14.30
N GLY I 337 -31.59 82.20 15.55
CA GLY I 337 -32.37 81.17 16.22
C GLY I 337 -32.33 79.85 15.46
N ARG I 338 -31.20 79.59 14.79
CA ARG I 338 -31.06 78.44 13.90
C ARG I 338 -30.07 77.45 14.52
N LEU I 339 -28.79 77.83 14.56
CA LEU I 339 -27.76 77.00 15.14
C LEU I 339 -27.93 76.98 16.66
N LYS I 340 -27.69 75.82 17.28
CA LYS I 340 -27.87 75.66 18.71
C LYS I 340 -26.96 74.52 19.21
N ILE I 341 -25.76 74.90 19.66
CA ILE I 341 -24.80 73.93 20.20
C ILE I 341 -25.25 73.55 21.61
N VAL I 342 -25.22 72.25 21.89
CA VAL I 342 -25.65 71.72 23.19
C VAL I 342 -24.47 71.77 24.16
N CYS I 343 -23.43 70.98 23.85
CA CYS I 343 -22.23 70.86 24.66
C CYS I 343 -22.55 70.18 26.00
N ALA I 344 -22.07 68.94 26.15
CA ALA I 344 -22.23 68.16 27.37
C ALA I 344 -21.18 67.07 27.41
N TYR I 345 -21.18 66.27 28.48
CA TYR I 345 -20.22 65.18 28.63
C TYR I 345 -20.94 63.83 28.51
N PRO I 346 -20.23 62.78 28.07
CA PRO I 346 -20.84 61.44 27.91
C PRO I 346 -21.12 60.75 29.24
N GLU I 347 -20.26 60.99 30.24
CA GLU I 347 -20.37 60.37 31.55
C GLU I 347 -21.28 61.19 32.45
N SER I 348 -21.55 62.44 32.06
CA SER I 348 -22.40 63.34 32.83
C SER I 348 -23.75 62.68 33.10
N THR I 349 -24.46 62.32 32.02
CA THR I 349 -25.72 61.60 32.10
C THR I 349 -25.57 60.27 31.37
N GLY I 350 -26.70 59.63 31.05
CA GLY I 350 -26.71 58.41 30.27
C GLY I 350 -27.32 58.62 28.89
N LEU I 351 -26.79 57.89 27.89
CA LEU I 351 -27.34 57.84 26.54
C LEU I 351 -28.86 57.78 26.54
N GLU I 352 -29.45 57.08 27.52
CA GLU I 352 -30.90 57.00 27.67
C GLU I 352 -31.48 58.40 27.82
N ASP I 353 -30.87 59.22 28.69
CA ASP I 353 -31.35 60.55 28.98
C ASP I 353 -31.01 61.50 27.83
N HIS I 354 -29.79 61.36 27.29
CA HIS I 354 -29.33 62.16 26.17
C HIS I 354 -30.32 62.06 25.00
N LEU I 355 -30.75 60.83 24.71
CA LEU I 355 -31.69 60.58 23.62
C LEU I 355 -33.00 61.32 23.86
N ILE I 356 -33.44 61.36 25.13
CA ILE I 356 -34.67 62.03 25.51
C ILE I 356 -34.54 63.53 25.26
N MET I 357 -33.38 64.10 25.63
CA MET I 357 -33.11 65.51 25.46
C MET I 357 -32.98 65.85 23.97
N ILE I 358 -32.45 64.90 23.18
CA ILE I 358 -32.20 65.09 21.76
C ILE I 358 -33.54 65.19 21.02
N LYS I 359 -34.40 64.19 21.22
CA LYS I 359 -35.72 64.15 20.60
C LYS I 359 -36.51 65.40 20.98
N GLU I 360 -36.37 65.83 22.23
CA GLU I 360 -37.04 67.02 22.74
C GLU I 360 -36.43 68.28 22.12
N VAL I 361 -35.09 68.30 22.02
CA VAL I 361 -34.37 69.44 21.47
C VAL I 361 -34.80 69.68 20.02
N ILE I 362 -34.90 68.60 19.25
CA ILE I 362 -35.30 68.67 17.86
C ILE I 362 -36.77 69.06 17.75
N GLU I 363 -37.58 68.58 18.71
CA GLU I 363 -39.01 68.85 18.73
C GLU I 363 -39.25 70.36 18.87
N GLU I 364 -38.38 71.04 19.61
CA GLU I 364 -38.48 72.48 19.82
C GLU I 364 -37.84 73.23 18.65
N PHE I 365 -36.67 72.76 18.22
CA PHE I 365 -35.87 73.46 17.21
C PHE I 365 -36.56 73.44 15.85
N LYS I 366 -37.21 72.31 15.52
CA LYS I 366 -37.80 72.09 14.22
C LYS I 366 -36.74 72.23 13.13
N PRO I 367 -35.68 71.40 13.16
CA PRO I 367 -34.57 71.51 12.20
C PRO I 367 -34.69 70.56 11.01
N ASP I 368 -33.63 70.50 10.19
CA ASP I 368 -33.52 69.54 9.12
C ASP I 368 -32.10 69.00 9.01
N ARG I 369 -31.33 69.09 10.11
CA ARG I 369 -29.95 68.65 10.11
C ARG I 369 -29.46 68.51 11.55
N ILE I 370 -28.79 67.39 11.85
CA ILE I 370 -28.23 67.13 13.16
C ILE I 370 -26.81 66.61 12.98
N ALA I 371 -25.95 66.89 13.98
CA ALA I 371 -24.54 66.52 13.92
C ALA I 371 -24.05 66.09 15.29
N ILE I 372 -23.75 64.79 15.43
CA ILE I 372 -23.16 64.25 16.64
C ILE I 372 -21.64 64.24 16.47
N ASP I 373 -20.92 64.48 17.57
CA ASP I 373 -19.47 64.60 17.54
C ASP I 373 -18.93 64.44 18.96
N SER I 374 -18.41 63.26 19.32
CA SER I 374 -18.31 62.10 18.44
C SER I 374 -19.02 60.91 19.08
N LEU I 375 -19.43 59.97 18.22
CA LEU I 375 -20.07 58.73 18.66
C LEU I 375 -19.05 57.84 19.38
N SER I 376 -17.77 57.98 19.02
CA SER I 376 -16.69 57.26 19.65
C SER I 376 -16.60 57.59 21.14
N ALA I 377 -16.91 58.85 21.49
CA ALA I 377 -16.89 59.31 22.87
C ALA I 377 -18.04 58.68 23.64
N LEU I 378 -19.25 58.73 23.04
CA LEU I 378 -20.44 58.13 23.62
C LEU I 378 -20.28 56.60 23.71
N GLU I 379 -19.54 56.02 22.76
CA GLU I 379 -19.32 54.58 22.72
C GLU I 379 -18.39 54.14 23.85
N ARG I 380 -17.55 55.07 24.34
CA ARG I 380 -16.63 54.77 25.43
C ARG I 380 -17.42 54.60 26.73
N VAL I 381 -16.86 53.80 27.64
CA VAL I 381 -17.46 53.53 28.95
C VAL I 381 -18.55 52.47 28.78
N ALA I 382 -19.61 52.82 28.02
CA ALA I 382 -20.75 51.94 27.82
C ALA I 382 -20.39 50.76 26.92
N SER I 383 -21.27 49.76 26.91
CA SER I 383 -21.12 48.58 26.06
C SER I 383 -21.88 48.79 24.76
N ASP I 384 -21.66 47.87 23.80
CA ASP I 384 -22.23 47.96 22.47
C ASP I 384 -23.75 47.90 22.55
N ARG I 385 -24.28 46.97 23.37
CA ARG I 385 -25.71 46.77 23.52
C ARG I 385 -26.44 48.11 23.61
N GLY I 386 -25.94 48.98 24.49
CA GLY I 386 -26.50 50.31 24.67
C GLY I 386 -26.19 51.25 23.51
N PHE I 387 -24.94 51.19 23.02
CA PHE I 387 -24.49 52.02 21.93
C PHE I 387 -25.22 51.64 20.64
N ARG I 388 -25.18 50.35 20.30
CA ARG I 388 -25.89 49.81 19.15
C ARG I 388 -27.37 50.21 19.20
N GLU I 389 -27.94 50.23 20.42
CA GLU I 389 -29.30 50.66 20.64
C GLU I 389 -29.42 52.17 20.47
N PHE I 390 -28.42 52.92 20.96
CA PHE I 390 -28.38 54.36 20.84
C PHE I 390 -28.26 54.76 19.38
N VAL I 391 -27.47 54.00 18.61
CA VAL I 391 -27.33 54.20 17.18
C VAL I 391 -28.67 53.92 16.49
N ILE I 392 -29.30 52.80 16.89
CA ILE I 392 -30.54 52.35 16.27
C ILE I 392 -31.64 53.40 16.49
N GLY I 393 -31.72 53.93 17.72
CA GLY I 393 -32.73 54.91 18.08
C GLY I 393 -32.49 56.27 17.44
N LEU I 394 -31.22 56.70 17.44
CA LEU I 394 -30.83 57.99 16.90
C LEU I 394 -31.08 58.03 15.38
N THR I 395 -30.80 56.90 14.72
CA THR I 395 -31.02 56.77 13.29
C THR I 395 -32.51 56.75 12.97
N SER I 396 -33.28 56.03 13.79
CA SER I 396 -34.71 55.89 13.61
C SER I 396 -35.40 57.25 13.64
N PHE I 397 -35.17 58.00 14.72
CA PHE I 397 -35.82 59.28 14.95
C PHE I 397 -35.41 60.29 13.88
N ILE I 398 -34.12 60.28 13.51
CA ILE I 398 -33.59 61.17 12.49
C ILE I 398 -34.24 60.86 11.15
N LYS I 399 -34.34 59.57 10.84
CA LYS I 399 -34.88 59.11 9.56
C LYS I 399 -36.40 59.36 9.50
N GLN I 400 -37.09 59.12 10.62
CA GLN I 400 -38.54 59.23 10.65
C GLN I 400 -38.96 60.71 10.73
N GLN I 401 -38.00 61.60 11.04
CA GLN I 401 -38.23 63.02 11.07
C GLN I 401 -37.56 63.71 9.87
N GLU I 402 -36.94 62.91 8.98
CA GLU I 402 -36.31 63.41 7.77
C GLU I 402 -34.94 64.01 8.08
N ILE I 403 -34.82 64.72 9.22
CA ILE I 403 -33.60 65.38 9.65
C ILE I 403 -32.38 64.60 9.17
N THR I 404 -31.53 65.27 8.37
CA THR I 404 -30.27 64.72 7.91
C THR I 404 -29.35 64.55 9.12
N GLY I 405 -28.48 63.53 9.07
CA GLY I 405 -27.65 63.18 10.22
C GLY I 405 -26.20 62.91 9.83
N LEU I 406 -25.29 63.72 10.39
CA LEU I 406 -23.86 63.52 10.18
C LEU I 406 -23.21 63.12 11.51
N PHE I 407 -22.76 61.87 11.59
CA PHE I 407 -22.11 61.35 12.78
C PHE I 407 -20.60 61.38 12.61
N THR I 408 -19.88 61.15 13.71
CA THR I 408 -18.42 61.17 13.72
C THR I 408 -17.91 60.02 14.60
N SER I 409 -16.93 59.28 14.07
CA SER I 409 -16.26 58.23 14.82
C SER I 409 -14.74 58.40 14.66
N THR I 410 -14.07 58.75 15.75
CA THR I 410 -12.62 58.97 15.73
C THR I 410 -11.93 57.60 15.66
N THR I 411 -11.96 57.00 14.46
CA THR I 411 -11.44 55.67 14.22
C THR I 411 -10.01 55.58 14.76
N PRO I 412 -9.78 54.94 15.93
CA PRO I 412 -8.49 55.03 16.62
C PRO I 412 -7.38 54.25 15.92
N THR I 413 -6.16 54.41 16.42
CA THR I 413 -4.96 53.89 15.77
C THR I 413 -4.70 54.73 14.52
N PHE I 414 -3.64 55.56 14.57
CA PHE I 414 -3.25 56.39 13.45
C PHE I 414 -2.97 55.48 12.24
N MET I 415 -3.80 55.61 11.20
CA MET I 415 -3.73 54.75 10.03
C MET I 415 -4.18 53.34 10.41
N GLY I 416 -3.50 52.32 9.87
CA GLY I 416 -3.80 50.93 10.20
C GLY I 416 -5.09 50.46 9.54
N SER I 423 -15.59 49.28 15.56
CA SER I 423 -17.06 49.31 15.83
C SER I 423 -17.80 48.43 14.83
N HIS I 424 -17.67 48.78 13.54
CA HIS I 424 -18.35 48.08 12.46
C HIS I 424 -19.87 48.22 12.60
N ILE I 425 -20.30 49.38 13.11
CA ILE I 425 -21.71 49.73 13.20
C ILE I 425 -22.06 50.67 12.05
N SER I 426 -21.21 50.68 11.01
CA SER I 426 -21.43 51.49 9.82
C SER I 426 -22.25 50.70 8.79
N THR I 427 -23.13 49.82 9.28
CA THR I 427 -24.02 49.05 8.44
C THR I 427 -25.34 49.81 8.25
N ILE I 428 -25.60 50.77 9.15
CA ILE I 428 -26.86 51.50 9.15
C ILE I 428 -26.69 52.87 8.50
N THR I 429 -25.44 53.26 8.21
CA THR I 429 -25.15 54.57 7.64
C THR I 429 -25.30 54.52 6.12
N ASP I 430 -25.73 55.63 5.53
CA ASP I 430 -26.05 55.71 4.12
C ASP I 430 -24.82 56.19 3.33
N THR I 431 -24.12 57.18 3.88
CA THR I 431 -22.91 57.71 3.27
C THR I 431 -21.74 57.59 4.26
N ILE I 432 -20.61 57.05 3.79
CA ILE I 432 -19.42 56.92 4.61
C ILE I 432 -18.29 57.69 3.94
N ILE I 433 -17.79 58.73 4.63
CA ILE I 433 -16.71 59.56 4.12
C ILE I 433 -15.49 59.39 5.04
N LEU I 434 -14.47 58.67 4.56
CA LEU I 434 -13.26 58.42 5.30
C LEU I 434 -12.26 59.56 5.02
N LEU I 435 -11.62 60.06 6.09
CA LEU I 435 -10.52 60.98 5.98
C LEU I 435 -9.34 60.43 6.80
N ARG I 436 -8.14 60.51 6.21
CA ARG I 436 -7.00 59.73 6.70
C ARG I 436 -5.70 60.41 6.27
N TYR I 437 -4.65 60.25 7.10
CA TYR I 437 -3.32 60.73 6.77
C TYR I 437 -2.69 59.81 5.73
N VAL I 438 -1.83 60.39 4.87
CA VAL I 438 -1.15 59.65 3.83
C VAL I 438 0.25 60.23 3.62
N MET I 444 3.41 64.35 6.69
CA MET I 444 2.38 63.53 6.00
C MET I 444 1.23 64.42 5.56
N SER I 445 0.53 63.99 4.50
CA SER I 445 -0.60 64.71 3.94
C SER I 445 -1.90 64.22 4.58
N ARG I 446 -3.03 64.46 3.90
CA ARG I 446 -4.35 64.11 4.43
C ARG I 446 -5.32 64.01 3.25
N ALA I 447 -6.11 62.93 3.21
CA ALA I 447 -6.91 62.61 2.03
C ALA I 447 -8.33 62.23 2.44
N ILE I 448 -9.28 62.52 1.53
CA ILE I 448 -10.69 62.24 1.74
C ILE I 448 -11.13 61.20 0.70
N ASN I 449 -12.07 60.33 1.11
CA ASN I 449 -12.58 59.28 0.24
C ASN I 449 -14.01 58.94 0.64
N VAL I 450 -14.91 58.96 -0.35
CA VAL I 450 -16.30 58.54 -0.15
C VAL I 450 -16.38 57.05 -0.47
N LEU I 451 -16.60 56.23 0.57
CA LEU I 451 -16.61 54.79 0.42
C LEU I 451 -18.00 54.31 0.02
N LYS I 452 -19.04 54.99 0.51
CA LYS I 452 -20.41 54.56 0.28
C LYS I 452 -21.29 55.76 -0.08
N MET I 453 -22.31 55.51 -0.89
CA MET I 453 -23.35 56.49 -1.18
C MET I 453 -24.57 55.78 -1.78
N ARG I 454 -25.53 55.44 -0.90
CA ARG I 454 -26.70 54.68 -1.30
C ARG I 454 -27.50 55.47 -2.33
N GLY I 455 -27.51 54.97 -3.57
CA GLY I 455 -28.33 55.52 -4.64
C GLY I 455 -27.65 56.70 -5.35
N SER I 456 -26.33 56.64 -5.49
CA SER I 456 -25.58 57.72 -6.10
C SER I 456 -24.20 57.23 -6.55
N TRP I 457 -23.62 57.93 -7.54
CA TRP I 457 -22.22 57.77 -7.90
C TRP I 457 -21.38 58.52 -6.87
N HIS I 458 -20.50 57.79 -6.18
CA HIS I 458 -19.44 58.41 -5.40
C HIS I 458 -18.16 58.38 -6.23
N ASP I 459 -17.33 59.41 -6.08
CA ASP I 459 -15.99 59.40 -6.66
C ASP I 459 -15.14 58.45 -5.83
N LYS I 460 -14.60 57.41 -6.49
CA LYS I 460 -13.91 56.33 -5.80
C LYS I 460 -12.42 56.64 -5.65
N GLU I 461 -12.07 57.94 -5.58
CA GLU I 461 -10.69 58.37 -5.51
C GLU I 461 -10.35 58.79 -4.09
N ILE I 462 -9.05 58.83 -3.78
CA ILE I 462 -8.56 59.28 -2.49
C ILE I 462 -7.87 60.63 -2.68
N ARG I 463 -8.69 61.67 -2.84
CA ARG I 463 -8.20 63.02 -3.10
C ARG I 463 -7.56 63.60 -1.84
N GLU I 464 -6.43 64.29 -2.02
CA GLU I 464 -5.75 65.00 -0.95
C GLU I 464 -6.49 66.31 -0.69
N PHE I 465 -6.61 66.69 0.59
CA PHE I 465 -7.24 67.96 0.96
C PHE I 465 -6.29 68.76 1.86
N THR I 466 -6.52 70.07 1.92
CA THR I 466 -5.70 70.97 2.72
C THR I 466 -6.61 71.77 3.65
N ILE I 467 -6.29 71.74 4.96
CA ILE I 467 -6.99 72.54 5.94
C ILE I 467 -6.38 73.94 5.94
N SER I 468 -7.19 74.93 5.55
CA SER I 468 -6.76 76.32 5.53
C SER I 468 -7.69 77.16 6.41
N GLY I 469 -7.36 78.44 6.56
CA GLY I 469 -8.20 79.37 7.29
C GLY I 469 -9.41 79.85 6.47
N LYS I 470 -9.75 79.08 5.42
CA LYS I 470 -10.97 79.31 4.65
C LYS I 470 -11.85 78.05 4.65
N GLY I 471 -11.25 76.89 4.96
CA GLY I 471 -11.98 75.63 5.00
C GLY I 471 -11.10 74.45 4.62
N MET I 472 -11.67 73.53 3.83
CA MET I 472 -10.97 72.35 3.37
C MET I 472 -10.87 72.37 1.85
N HIS I 473 -9.64 72.56 1.34
CA HIS I 473 -9.39 72.60 -0.09
C HIS I 473 -9.06 71.21 -0.60
N ILE I 474 -10.09 70.51 -1.11
CA ILE I 474 -9.92 69.18 -1.69
C ILE I 474 -9.28 69.33 -3.07
N GLY I 475 -8.19 68.58 -3.30
CA GLY I 475 -7.48 68.63 -4.57
C GLY I 475 -6.32 67.65 -4.60
N ALA J 11 -41.43 72.46 41.81
CA ALA J 11 -42.54 73.03 42.59
C ALA J 11 -42.38 72.73 44.08
N ILE J 12 -41.79 71.56 44.39
CA ILE J 12 -41.48 71.20 45.77
C ILE J 12 -40.25 71.96 46.21
N GLU J 13 -40.30 72.52 47.43
CA GLU J 13 -39.23 73.36 47.95
C GLU J 13 -38.09 72.47 48.46
N LYS J 14 -36.86 72.94 48.25
CA LYS J 14 -35.65 72.25 48.70
C LYS J 14 -34.84 73.20 49.57
N LEU J 15 -34.26 72.66 50.65
CA LEU J 15 -33.48 73.45 51.61
C LEU J 15 -32.00 73.14 51.41
N PRO J 16 -31.21 74.09 50.84
CA PRO J 16 -29.76 73.93 50.73
C PRO J 16 -29.09 73.39 51.99
N THR J 17 -28.28 72.35 51.82
CA THR J 17 -27.55 71.72 52.91
C THR J 17 -26.32 72.55 53.26
N GLY J 18 -25.86 73.38 52.31
CA GLY J 18 -24.60 74.09 52.44
C GLY J 18 -23.40 73.18 52.13
N ILE J 19 -23.71 71.96 51.69
CA ILE J 19 -22.69 70.96 51.39
C ILE J 19 -22.21 71.17 49.96
N GLU J 20 -20.98 70.71 49.67
CA GLU J 20 -20.36 70.87 48.38
C GLU J 20 -20.96 69.88 47.39
N GLY J 21 -21.56 70.39 46.31
CA GLY J 21 -21.97 69.57 45.19
C GLY J 21 -23.35 68.93 45.38
N PHE J 22 -23.67 68.54 46.62
CA PHE J 22 -24.93 67.89 46.93
C PHE J 22 -26.09 68.68 46.34
N ASP J 23 -26.04 70.01 46.46
CA ASP J 23 -27.05 70.89 45.90
C ASP J 23 -27.21 70.63 44.40
N ASP J 24 -26.08 70.40 43.72
CA ASP J 24 -26.07 70.12 42.29
C ASP J 24 -26.66 68.74 42.02
N ILE J 25 -26.26 67.74 42.81
CA ILE J 25 -26.75 66.38 42.65
C ILE J 25 -28.24 66.35 42.98
N SER J 26 -28.63 67.08 44.03
CA SER J 26 -29.98 67.08 44.54
C SER J 26 -30.85 68.11 43.82
N HIS J 27 -30.33 68.70 42.73
CA HIS J 27 -31.04 69.70 41.96
C HIS J 27 -31.70 70.72 42.89
N GLY J 28 -30.91 71.25 43.84
CA GLY J 28 -31.38 72.23 44.79
C GLY J 28 -30.93 71.92 46.22
N GLY J 29 -31.38 70.77 46.73
CA GLY J 29 -31.16 70.40 48.12
C GLY J 29 -32.13 69.33 48.59
N LEU J 30 -32.18 69.12 49.92
CA LEU J 30 -33.08 68.15 50.52
C LEU J 30 -34.50 68.71 50.54
N PRO J 31 -35.51 67.98 50.02
CA PRO J 31 -36.91 68.40 50.11
C PRO J 31 -37.30 68.91 51.50
N LYS J 32 -37.79 70.15 51.55
CA LYS J 32 -38.09 70.81 52.81
C LYS J 32 -39.40 70.27 53.38
N GLY J 33 -39.48 70.20 54.71
CA GLY J 33 -40.66 69.71 55.40
C GLY J 33 -40.83 68.20 55.29
N ARG J 34 -39.75 67.51 54.87
CA ARG J 34 -39.78 66.07 54.66
C ARG J 34 -38.49 65.46 55.21
N THR J 35 -38.54 64.15 55.49
CA THR J 35 -37.39 63.42 56.00
C THR J 35 -36.66 62.76 54.83
N THR J 36 -35.32 62.75 54.91
CA THR J 36 -34.48 62.04 53.95
C THR J 36 -33.67 60.99 54.71
N LEU J 37 -33.72 59.75 54.23
CA LEU J 37 -32.98 58.65 54.84
C LEU J 37 -31.58 58.60 54.25
N VAL J 38 -30.58 58.89 55.09
CA VAL J 38 -29.18 58.73 54.72
C VAL J 38 -28.71 57.37 55.23
N ALA J 39 -28.56 56.41 54.30
CA ALA J 39 -28.15 55.06 54.65
C ALA J 39 -26.71 54.82 54.18
N GLY J 40 -26.01 53.91 54.88
CA GLY J 40 -24.66 53.53 54.52
C GLY J 40 -24.08 52.54 55.54
N THR J 41 -23.05 51.78 55.12
CA THR J 41 -22.36 50.86 55.99
C THR J 41 -21.53 51.67 56.99
N PRO J 42 -21.03 51.06 58.09
CA PRO J 42 -20.17 51.77 59.04
C PRO J 42 -18.92 52.35 58.38
N GLY J 43 -18.63 53.61 58.70
CA GLY J 43 -17.45 54.30 58.19
C GLY J 43 -17.73 55.03 56.87
N THR J 44 -19.01 55.30 56.58
CA THR J 44 -19.40 56.00 55.37
C THR J 44 -19.33 57.51 55.59
N GLY J 45 -19.76 57.95 56.77
CA GLY J 45 -19.81 59.36 57.11
C GLY J 45 -21.26 59.87 57.21
N LYS J 46 -22.08 59.10 57.95
CA LYS J 46 -23.48 59.42 58.15
C LYS J 46 -23.62 60.52 59.20
N THR J 47 -22.86 60.39 60.29
CA THR J 47 -22.87 61.36 61.37
C THR J 47 -22.29 62.69 60.88
N VAL J 48 -21.25 62.62 60.02
CA VAL J 48 -20.61 63.81 59.49
C VAL J 48 -21.60 64.55 58.59
N PHE J 49 -22.17 63.83 57.62
CA PHE J 49 -23.11 64.39 56.67
C PHE J 49 -24.25 65.09 57.42
N ALA J 50 -24.74 64.43 58.49
CA ALA J 50 -25.83 64.94 59.29
C ALA J 50 -25.44 66.27 59.96
N MET J 51 -24.21 66.33 60.48
CA MET J 51 -23.74 67.51 61.20
C MET J 51 -23.60 68.68 60.23
N GLN J 52 -22.98 68.46 59.07
CA GLN J 52 -22.82 69.49 58.07
C GLN J 52 -24.17 70.09 57.70
N PHE J 53 -25.19 69.24 57.58
CA PHE J 53 -26.54 69.68 57.25
C PHE J 53 -27.01 70.69 58.31
N LEU J 54 -26.85 70.31 59.59
CA LEU J 54 -27.21 71.18 60.71
C LEU J 54 -26.25 72.37 60.76
N TYR J 55 -24.94 72.09 60.73
CA TYR J 55 -23.91 73.09 60.93
C TYR J 55 -24.11 74.26 59.96
N HIS J 56 -24.03 73.97 58.66
CA HIS J 56 -24.15 75.00 57.63
C HIS J 56 -25.50 75.68 57.73
N GLY J 57 -26.50 74.94 58.21
CA GLY J 57 -27.85 75.46 58.42
C GLY J 57 -27.86 76.79 59.16
N ILE J 58 -27.09 76.88 60.25
CA ILE J 58 -27.15 78.03 61.15
C ILE J 58 -26.08 79.03 60.71
N LYS J 59 -24.88 78.52 60.44
CA LYS J 59 -23.73 79.34 60.08
C LYS J 59 -24.08 80.26 58.91
N ARG J 60 -24.82 79.72 57.92
CA ARG J 60 -25.11 80.44 56.69
C ARG J 60 -26.51 81.04 56.74
N PHE J 61 -27.53 80.15 56.84
CA PHE J 61 -28.90 80.53 56.59
C PHE J 61 -29.64 80.81 57.90
N ASP J 62 -28.98 80.57 59.03
CA ASP J 62 -29.56 80.80 60.34
C ASP J 62 -30.77 79.89 60.54
N GLU J 63 -30.56 78.59 60.32
CA GLU J 63 -31.58 77.57 60.56
C GLU J 63 -31.10 76.67 61.71
N PRO J 64 -31.57 76.92 62.96
CA PRO J 64 -31.24 76.05 64.09
C PRO J 64 -31.55 74.57 63.84
N GLY J 65 -30.85 73.69 64.57
CA GLY J 65 -30.94 72.26 64.35
C GLY J 65 -30.94 71.47 65.66
N VAL J 66 -31.47 70.25 65.60
CA VAL J 66 -31.55 69.35 66.75
C VAL J 66 -30.93 68.01 66.34
N PHE J 67 -29.97 67.52 67.13
CA PHE J 67 -29.29 66.27 66.86
C PHE J 67 -29.64 65.25 67.93
N VAL J 68 -30.45 64.25 67.55
CA VAL J 68 -30.82 63.17 68.45
C VAL J 68 -29.88 61.99 68.18
N THR J 69 -29.22 61.50 69.23
CA THR J 69 -28.25 60.41 69.11
C THR J 69 -28.76 59.21 69.90
N PHE J 70 -28.57 58.01 69.33
CA PHE J 70 -29.05 56.77 69.93
C PHE J 70 -27.89 55.78 70.08
N GLU J 71 -26.65 56.29 70.08
CA GLU J 71 -25.47 55.45 70.18
C GLU J 71 -24.35 56.24 70.85
N GLU J 72 -23.85 57.26 70.14
CA GLU J 72 -22.72 58.04 70.61
C GLU J 72 -23.19 59.06 71.65
N SER J 73 -22.31 59.36 72.62
CA SER J 73 -22.59 60.35 73.65
C SER J 73 -22.39 61.75 73.09
N PRO J 74 -23.09 62.78 73.60
CA PRO J 74 -22.97 64.15 73.07
C PRO J 74 -21.57 64.74 73.20
N ASP J 75 -20.87 64.36 74.29
CA ASP J 75 -19.51 64.83 74.54
C ASP J 75 -18.58 64.31 73.45
N ASP J 76 -18.80 63.06 73.01
CA ASP J 76 -17.97 62.43 72.00
C ASP J 76 -18.12 63.14 70.66
N ILE J 77 -19.38 63.42 70.28
CA ILE J 77 -19.70 64.01 68.99
C ILE J 77 -18.96 65.35 68.85
N LEU J 78 -19.05 66.18 69.89
CA LEU J 78 -18.45 67.50 69.90
C LEU J 78 -16.96 67.40 69.60
N ARG J 79 -16.29 66.41 70.22
CA ARG J 79 -14.86 66.20 70.06
C ARG J 79 -14.57 65.57 68.70
N ASN J 80 -15.41 64.62 68.29
CA ASN J 80 -15.21 63.87 67.06
C ASN J 80 -15.33 64.78 65.84
N MET J 81 -16.12 65.87 65.97
CA MET J 81 -16.34 66.79 64.87
C MET J 81 -15.66 68.13 65.14
N ALA J 82 -14.53 68.10 65.86
CA ALA J 82 -13.82 69.32 66.25
C ALA J 82 -12.85 69.73 65.15
N SER J 83 -12.16 68.75 64.55
CA SER J 83 -11.12 69.01 63.57
C SER J 83 -11.70 69.64 62.30
N PHE J 84 -13.00 69.44 62.06
CA PHE J 84 -13.70 70.06 60.94
C PHE J 84 -13.63 71.59 60.99
N GLY J 85 -13.43 72.15 62.19
CA GLY J 85 -13.44 73.59 62.39
C GLY J 85 -14.83 74.09 62.76
N TRP J 86 -15.61 73.22 63.42
CA TRP J 86 -16.98 73.49 63.79
C TRP J 86 -17.08 73.61 65.30
N ASP J 87 -17.09 74.85 65.80
CA ASP J 87 -17.20 75.12 67.22
C ASP J 87 -18.62 74.79 67.69
N LEU J 88 -18.92 73.48 67.76
CA LEU J 88 -20.26 73.01 68.03
C LEU J 88 -20.70 73.45 69.43
N GLN J 89 -19.79 73.33 70.40
CA GLN J 89 -20.06 73.69 71.78
C GLN J 89 -20.61 75.11 71.87
N LYS J 90 -19.99 76.02 71.11
CA LYS J 90 -20.39 77.43 71.09
C LYS J 90 -21.82 77.55 70.55
N LEU J 91 -22.13 76.78 69.49
CA LEU J 91 -23.44 76.82 68.85
C LEU J 91 -24.50 76.26 69.78
N VAL J 92 -24.11 75.26 70.60
CA VAL J 92 -25.00 74.68 71.60
C VAL J 92 -25.25 75.72 72.70
N GLU J 93 -24.19 76.39 73.13
CA GLU J 93 -24.27 77.37 74.22
C GLU J 93 -25.10 78.57 73.78
N GLU J 94 -24.87 79.03 72.54
CA GLU J 94 -25.62 80.14 71.97
C GLU J 94 -27.11 79.80 71.91
N GLY J 95 -27.42 78.52 71.72
CA GLY J 95 -28.79 78.06 71.53
C GLY J 95 -29.14 77.95 70.05
N LYS J 96 -28.13 77.66 69.22
CA LYS J 96 -28.29 77.52 67.79
C LYS J 96 -28.29 76.04 67.40
N LEU J 97 -28.08 75.16 68.39
CA LEU J 97 -28.06 73.71 68.17
C LEU J 97 -28.44 72.99 69.45
N ALA J 98 -29.06 71.82 69.30
CA ALA J 98 -29.43 70.97 70.43
C ALA J 98 -28.88 69.57 70.22
N ILE J 99 -28.71 68.84 71.32
CA ILE J 99 -28.16 67.48 71.30
C ILE J 99 -28.95 66.61 72.27
N VAL J 100 -30.11 66.11 71.82
CA VAL J 100 -30.97 65.28 72.65
C VAL J 100 -30.36 63.90 72.75
N ASP J 101 -29.57 63.67 73.81
CA ASP J 101 -28.93 62.39 74.04
C ASP J 101 -29.99 61.37 74.42
N ALA J 102 -30.26 60.43 73.51
CA ALA J 102 -31.15 59.31 73.76
C ALA J 102 -30.34 58.02 73.82
N SER J 103 -29.03 58.13 74.08
CA SER J 103 -28.15 56.97 74.18
C SER J 103 -28.52 56.15 75.41
N PRO J 104 -28.54 54.80 75.32
CA PRO J 104 -28.83 53.96 76.49
C PRO J 104 -27.74 54.07 77.55
N ASP J 105 -28.15 53.98 78.82
CA ASP J 105 -27.23 54.09 79.95
C ASP J 105 -26.51 52.76 80.13
N PRO J 106 -25.15 52.72 80.04
CA PRO J 106 -24.40 51.49 80.31
C PRO J 106 -24.60 50.97 81.74
N PHE J 115 -44.69 54.53 71.78
CA PHE J 115 -45.13 54.60 73.20
C PHE J 115 -44.05 55.27 74.04
N ASP J 116 -42.87 54.62 74.12
CA ASP J 116 -41.70 55.21 74.75
C ASP J 116 -41.21 56.37 73.90
N LEU J 117 -41.28 56.18 72.56
CA LEU J 117 -40.91 57.22 71.61
C LEU J 117 -41.95 58.33 71.61
N SER J 118 -43.21 57.99 71.92
CA SER J 118 -44.27 58.97 72.07
C SER J 118 -43.88 60.04 73.09
N GLY J 119 -43.15 59.62 74.14
CA GLY J 119 -42.60 60.53 75.12
C GLY J 119 -41.30 61.18 74.64
N LEU J 120 -40.45 60.39 73.98
CA LEU J 120 -39.18 60.87 73.47
C LEU J 120 -39.39 61.83 72.29
N LEU J 121 -40.48 61.63 71.55
CA LEU J 121 -40.84 62.51 70.44
C LEU J 121 -41.29 63.86 70.98
N ALA J 122 -41.88 63.86 72.18
CA ALA J 122 -42.30 65.08 72.85
C ALA J 122 -41.07 65.90 73.27
N ARG J 123 -40.00 65.20 73.68
CA ARG J 123 -38.75 65.86 74.04
C ARG J 123 -38.16 66.52 72.79
N ILE J 124 -38.33 65.87 71.63
CA ILE J 124 -37.91 66.42 70.35
C ILE J 124 -38.86 67.55 69.96
N ASN J 125 -40.17 67.25 69.98
CA ASN J 125 -41.21 68.22 69.65
C ASN J 125 -41.01 69.51 70.47
N HIS J 126 -40.61 69.35 71.74
CA HIS J 126 -40.32 70.47 72.61
C HIS J 126 -39.14 71.27 72.06
N ALA J 127 -38.00 70.58 71.87
CA ALA J 127 -36.76 71.23 71.45
C ALA J 127 -36.94 71.96 70.11
N ILE J 128 -37.76 71.38 69.22
CA ILE J 128 -38.03 71.98 67.92
C ILE J 128 -38.70 73.34 68.12
N ARG J 129 -39.52 73.46 69.17
CA ARG J 129 -40.17 74.73 69.52
C ARG J 129 -39.25 75.56 70.40
N LYS J 130 -38.63 74.92 71.39
CA LYS J 130 -37.78 75.60 72.37
C LYS J 130 -36.64 76.31 71.67
N TYR J 131 -36.00 75.63 70.72
CA TYR J 131 -34.86 76.18 69.98
C TYR J 131 -35.32 76.84 68.69
N LYS J 132 -36.59 76.67 68.34
CA LYS J 132 -37.12 77.15 67.07
C LYS J 132 -36.33 76.50 65.94
N ALA J 133 -36.34 75.17 65.92
CA ALA J 133 -35.52 74.39 65.00
C ALA J 133 -36.18 74.35 63.63
N LYS J 134 -35.34 74.33 62.59
CA LYS J 134 -35.78 74.17 61.21
C LYS J 134 -35.29 72.82 60.67
N ARG J 135 -34.19 72.32 61.24
CA ARG J 135 -33.56 71.09 60.79
C ARG J 135 -33.44 70.12 61.96
N VAL J 136 -33.51 68.82 61.67
CA VAL J 136 -33.43 67.79 62.69
C VAL J 136 -32.59 66.63 62.17
N VAL J 137 -31.95 65.90 63.10
CA VAL J 137 -31.16 64.72 62.76
C VAL J 137 -31.44 63.64 63.80
N ILE J 138 -31.59 62.39 63.31
CA ILE J 138 -31.74 61.22 64.16
C ILE J 138 -30.65 60.22 63.76
N ASP J 139 -29.57 60.17 64.55
CA ASP J 139 -28.40 59.37 64.19
C ASP J 139 -28.63 57.92 64.60
N SER J 140 -28.57 57.03 63.60
CA SER J 140 -28.78 55.60 63.78
C SER J 140 -30.16 55.32 64.37
N ILE J 141 -31.16 55.33 63.48
CA ILE J 141 -32.50 54.89 63.81
C ILE J 141 -32.54 53.36 63.87
N THR J 142 -31.48 52.72 63.36
CA THR J 142 -31.31 51.28 63.49
C THR J 142 -30.98 50.91 64.93
N ALA J 143 -30.30 51.83 65.65
CA ALA J 143 -29.91 51.60 67.03
C ALA J 143 -31.14 51.39 67.91
N ILE J 144 -32.21 52.15 67.64
CA ILE J 144 -33.40 52.15 68.47
C ILE J 144 -34.00 50.74 68.50
N PHE J 145 -33.89 50.03 67.37
CA PHE J 145 -34.38 48.66 67.26
C PHE J 145 -33.57 47.73 68.18
N GLN J 146 -32.24 47.87 68.16
CA GLN J 146 -31.35 46.98 68.88
C GLN J 146 -31.64 47.07 70.37
N GLN J 147 -31.91 48.29 70.85
CA GLN J 147 -32.15 48.55 72.26
C GLN J 147 -33.63 48.36 72.60
N PHE J 148 -34.50 49.20 72.02
CA PHE J 148 -35.91 49.21 72.38
C PHE J 148 -36.61 48.03 71.68
N ALA J 151 -39.75 45.91 66.75
CA ALA J 151 -40.83 45.84 65.74
C ALA J 151 -42.13 46.45 66.25
N SER J 152 -42.23 46.66 67.58
CA SER J 152 -43.39 47.30 68.18
C SER J 152 -43.57 48.70 67.59
N THR J 153 -42.50 49.52 67.68
CA THR J 153 -42.49 50.85 67.12
C THR J 153 -41.71 50.83 65.80
N VAL J 154 -42.06 49.88 64.92
CA VAL J 154 -41.47 49.81 63.59
C VAL J 154 -41.91 51.04 62.79
N ARG J 155 -43.21 51.34 62.85
CA ARG J 155 -43.77 52.54 62.27
C ARG J 155 -44.36 53.45 63.36
N ARG J 156 -44.61 52.89 64.54
CA ARG J 156 -45.17 53.65 65.65
C ARG J 156 -44.14 54.67 66.16
N GLU J 157 -42.87 54.50 65.76
CA GLU J 157 -41.84 55.49 66.01
C GLU J 157 -41.58 56.30 64.74
N LEU J 158 -41.29 55.59 63.64
CA LEU J 158 -40.85 56.22 62.40
C LEU J 158 -42.00 56.97 61.73
N PHE J 159 -43.08 56.25 61.42
CA PHE J 159 -44.24 56.83 60.77
C PHE J 159 -44.86 57.91 61.67
N ARG J 160 -44.74 57.70 62.99
CA ARG J 160 -45.20 58.68 63.97
C ARG J 160 -44.35 59.94 63.89
N LEU J 161 -43.03 59.77 64.04
CA LEU J 161 -42.09 60.88 64.05
C LEU J 161 -42.16 61.62 62.71
N VAL J 162 -42.03 60.87 61.60
CA VAL J 162 -42.04 61.45 60.27
C VAL J 162 -43.21 62.40 60.11
N ALA J 163 -44.40 61.96 60.58
CA ALA J 163 -45.61 62.76 60.52
C ALA J 163 -45.54 63.92 61.51
N ARG J 164 -45.18 63.60 62.76
CA ARG J 164 -44.99 64.58 63.81
C ARG J 164 -44.09 65.71 63.30
N LEU J 165 -42.96 65.33 62.70
CA LEU J 165 -41.98 66.27 62.18
C LEU J 165 -42.55 67.03 60.98
N LYS J 166 -43.30 66.32 60.13
CA LYS J 166 -43.94 66.94 58.98
C LYS J 166 -44.86 68.07 59.44
N ARG J 167 -45.60 67.83 60.53
CA ARG J 167 -46.50 68.81 61.09
C ARG J 167 -45.72 69.99 61.66
N MET J 168 -44.64 69.68 62.41
CA MET J 168 -43.76 70.71 62.96
C MET J 168 -43.21 71.57 61.82
N GLY J 169 -42.98 70.93 60.67
CA GLY J 169 -42.47 71.62 59.49
C GLY J 169 -40.96 71.76 59.54
N VAL J 170 -40.27 70.62 59.60
CA VAL J 170 -38.83 70.58 59.76
C VAL J 170 -38.24 69.59 58.76
N THR J 171 -37.19 70.04 58.05
CA THR J 171 -36.46 69.20 57.12
C THR J 171 -35.53 68.29 57.92
N THR J 172 -35.77 66.98 57.85
CA THR J 172 -35.10 66.02 58.71
C THR J 172 -34.13 65.17 57.90
N ILE J 173 -33.06 64.72 58.57
CA ILE J 173 -32.16 63.69 58.06
C ILE J 173 -32.15 62.55 59.06
N MET J 174 -32.50 61.34 58.59
CA MET J 174 -32.47 60.14 59.42
C MET J 174 -31.37 59.22 58.90
N THR J 175 -30.53 58.72 59.82
CA THR J 175 -29.39 57.90 59.46
C THR J 175 -29.69 56.45 59.84
N ALA J 176 -29.07 55.51 59.11
CA ALA J 176 -29.29 54.09 59.34
C ALA J 176 -28.09 53.29 58.80
N GLU J 177 -27.78 52.18 59.47
CA GLU J 177 -26.66 51.32 59.12
C GLU J 177 -27.10 50.29 58.09
N ARG J 178 -26.22 50.01 57.12
CA ARG J 178 -26.44 48.96 56.15
C ARG J 178 -25.46 47.82 56.40
N THR J 179 -25.81 46.62 55.93
CA THR J 179 -24.97 45.44 56.08
C THR J 179 -23.99 45.36 54.92
N GLU J 180 -24.52 45.50 53.69
CA GLU J 180 -23.72 45.38 52.48
C GLU J 180 -23.72 46.72 51.73
N GLU J 181 -22.77 46.86 50.79
CA GLU J 181 -22.62 48.07 50.01
C GLU J 181 -23.66 48.11 48.90
N TYR J 182 -23.83 46.99 48.19
CA TYR J 182 -24.74 46.90 47.06
C TYR J 182 -25.81 45.86 47.35
N GLY J 183 -26.32 45.85 48.59
CA GLY J 183 -27.38 44.95 48.99
C GLY J 183 -28.68 45.71 49.28
N PRO J 184 -29.33 45.48 50.45
CA PRO J 184 -30.55 46.19 50.80
C PRO J 184 -30.28 47.66 51.17
N ILE J 185 -31.36 48.46 51.18
CA ILE J 185 -31.26 49.90 51.35
C ILE J 185 -30.84 50.23 52.78
N ALA J 186 -31.42 49.53 53.75
CA ALA J 186 -31.10 49.76 55.16
C ALA J 186 -30.82 48.42 55.85
N ARG J 187 -31.70 47.98 56.75
CA ARG J 187 -31.40 46.81 57.57
C ARG J 187 -32.70 46.12 57.98
N TYR J 188 -33.52 46.81 58.78
CA TYR J 188 -34.75 46.24 59.32
C TYR J 188 -35.95 46.76 58.54
N GLY J 189 -35.81 46.85 57.21
CA GLY J 189 -36.84 47.44 56.37
C GLY J 189 -37.19 48.85 56.81
N VAL J 190 -36.16 49.67 57.02
CA VAL J 190 -36.32 51.00 57.61
C VAL J 190 -36.70 51.98 56.51
N GLU J 191 -36.48 51.58 55.25
CA GLU J 191 -36.89 52.37 54.09
C GLU J 191 -38.31 52.00 53.68
N GLU J 192 -39.13 51.55 54.65
CA GLU J 192 -40.54 51.26 54.45
C GLU J 192 -41.37 52.29 55.19
N PHE J 193 -41.02 52.52 56.47
CA PHE J 193 -41.69 53.52 57.29
C PHE J 193 -41.43 54.92 56.72
N VAL J 194 -40.16 55.20 56.42
CA VAL J 194 -39.77 56.50 55.86
C VAL J 194 -40.12 56.48 54.37
N ALA J 195 -39.14 56.13 53.52
CA ALA J 195 -39.38 55.85 52.10
C ALA J 195 -39.82 57.10 51.33
N ASP J 196 -39.60 58.29 51.91
CA ASP J 196 -39.95 59.53 51.25
C ASP J 196 -38.80 59.92 50.33
N ASN J 197 -37.63 60.13 50.94
CA ASN J 197 -36.40 60.44 50.22
C ASN J 197 -35.31 59.53 50.76
N VAL J 198 -34.46 59.01 49.86
CA VAL J 198 -33.39 58.11 50.26
C VAL J 198 -32.09 58.57 49.59
N VAL J 199 -31.06 58.80 50.42
CA VAL J 199 -29.71 59.03 49.96
C VAL J 199 -28.84 57.91 50.54
N ILE J 200 -27.97 57.33 49.71
CA ILE J 200 -27.19 56.17 50.11
C ILE J 200 -25.71 56.49 49.98
N LEU J 201 -24.94 56.11 51.00
CA LEU J 201 -23.49 56.27 51.01
C LEU J 201 -22.85 54.89 50.95
N ARG J 202 -21.64 54.82 50.39
CA ARG J 202 -20.95 53.56 50.14
C ARG J 202 -19.45 53.75 50.26
N ASN J 203 -18.78 52.80 50.93
CA ASN J 203 -17.34 52.77 51.02
C ASN J 203 -16.87 51.46 50.38
N VAL J 204 -16.81 51.45 49.04
CA VAL J 204 -16.63 50.22 48.28
C VAL J 204 -15.15 49.91 48.16
N LEU J 205 -14.77 48.69 48.56
CA LEU J 205 -13.40 48.22 48.47
C LEU J 205 -13.20 47.49 47.15
N GLU J 206 -12.21 47.94 46.36
CA GLU J 206 -11.83 47.26 45.13
C GLU J 206 -10.31 47.30 45.00
N GLY J 207 -9.70 46.12 44.86
CA GLY J 207 -8.27 46.00 44.61
C GLY J 207 -7.44 46.70 45.69
N GLU J 208 -7.71 46.35 46.96
CA GLU J 208 -6.99 46.89 48.11
C GLU J 208 -7.01 48.42 48.05
N ARG J 209 -8.19 48.98 47.74
CA ARG J 209 -8.38 50.42 47.68
C ARG J 209 -9.87 50.71 47.83
N ARG J 210 -10.20 51.81 48.50
CA ARG J 210 -11.57 52.06 48.93
C ARG J 210 -12.03 53.41 48.40
N ARG J 211 -13.33 53.49 48.06
CA ARG J 211 -13.90 54.64 47.39
C ARG J 211 -15.24 55.01 48.04
N ARG J 212 -15.34 56.26 48.49
CA ARG J 212 -16.56 56.82 49.04
C ARG J 212 -17.44 57.30 47.88
N THR J 213 -18.70 56.82 47.84
CA THR J 213 -19.63 57.17 46.78
C THR J 213 -20.96 57.60 47.40
N ILE J 214 -21.64 58.55 46.74
CA ILE J 214 -22.92 59.07 47.21
C ILE J 214 -23.92 58.99 46.06
N GLU J 215 -25.17 58.65 46.40
CA GLU J 215 -26.23 58.47 45.43
C GLU J 215 -27.56 58.93 46.03
N ILE J 216 -28.37 59.62 45.21
CA ILE J 216 -29.73 59.98 45.56
C ILE J 216 -30.65 59.03 44.79
N LEU J 217 -31.21 58.04 45.50
CA LEU J 217 -31.95 56.97 44.86
C LEU J 217 -33.39 57.40 44.60
N LYS J 218 -33.96 58.18 45.54
CA LYS J 218 -35.35 58.59 45.44
C LYS J 218 -35.51 60.00 46.01
N PHE J 219 -36.11 60.90 45.21
CA PHE J 219 -36.65 62.16 45.66
C PHE J 219 -38.07 62.30 45.14
N ARG J 220 -39.04 61.85 45.95
CA ARG J 220 -40.44 61.94 45.58
C ARG J 220 -40.84 63.40 45.39
N GLY J 221 -41.32 63.72 44.17
CA GLY J 221 -41.86 65.02 43.86
C GLY J 221 -40.85 65.95 43.18
N THR J 222 -39.58 65.53 43.14
CA THR J 222 -38.51 66.39 42.64
C THR J 222 -37.51 65.56 41.82
N SER J 223 -36.66 66.27 41.08
CA SER J 223 -35.64 65.68 40.24
C SER J 223 -34.34 65.53 41.03
N HIS J 224 -33.44 64.68 40.53
CA HIS J 224 -32.15 64.44 41.15
C HIS J 224 -31.23 63.76 40.12
N GLN J 225 -29.93 64.07 40.21
CA GLN J 225 -28.94 63.43 39.36
C GLN J 225 -28.83 61.96 39.78
N LYS J 226 -29.13 61.06 38.84
CA LYS J 226 -29.20 59.63 39.10
C LYS J 226 -27.79 59.05 39.05
N GLY J 227 -27.55 57.98 39.82
CA GLY J 227 -26.27 57.29 39.83
C GLY J 227 -25.43 57.65 41.06
N GLU J 228 -24.22 57.08 41.11
CA GLU J 228 -23.28 57.34 42.20
C GLU J 228 -22.36 58.49 41.82
N PHE J 229 -21.85 59.20 42.83
CA PHE J 229 -20.88 60.27 42.64
C PHE J 229 -19.82 60.19 43.74
N PRO J 230 -18.56 60.62 43.49
CA PRO J 230 -17.49 60.54 44.48
C PRO J 230 -17.57 61.65 45.53
N PHE J 231 -17.25 61.30 46.78
CA PHE J 231 -17.06 62.28 47.83
C PHE J 231 -15.85 61.90 48.69
N THR J 232 -15.44 62.83 49.56
CA THR J 232 -14.29 62.64 50.43
C THR J 232 -14.54 63.34 51.77
N ILE J 233 -14.07 62.71 52.85
CA ILE J 233 -14.12 63.30 54.18
C ILE J 233 -12.74 63.86 54.50
N THR J 234 -12.55 65.15 54.24
CA THR J 234 -11.26 65.82 54.39
C THR J 234 -11.25 66.55 55.74
N PRO J 235 -10.09 66.59 56.45
CA PRO J 235 -9.96 67.35 57.69
C PRO J 235 -10.52 68.77 57.59
N GLY J 236 -10.28 69.43 56.45
CA GLY J 236 -10.94 70.68 56.12
C GLY J 236 -12.43 70.47 55.86
N GLU J 237 -13.27 70.91 56.81
CA GLU J 237 -14.70 70.69 56.80
C GLU J 237 -14.97 69.18 56.81
N GLY J 238 -15.26 68.60 55.64
CA GLY J 238 -15.58 67.18 55.54
C GLY J 238 -16.07 66.79 54.16
N ILE J 239 -17.35 66.37 54.09
CA ILE J 239 -17.95 65.86 52.87
C ILE J 239 -17.76 66.89 51.76
N SER J 240 -16.82 66.61 50.85
CA SER J 240 -16.58 67.44 49.69
C SER J 240 -16.88 66.61 48.43
N ILE J 241 -18.14 66.69 47.97
CA ILE J 241 -18.58 65.91 46.83
C ILE J 241 -18.14 66.64 45.56
N PHE J 242 -17.68 65.86 44.57
CA PHE J 242 -17.22 66.39 43.30
C PHE J 242 -18.11 65.88 42.18
N PRO J 243 -19.15 66.64 41.76
CA PRO J 243 -19.90 66.33 40.54
C PRO J 243 -19.14 66.70 39.27
N LEU J 244 -17.80 66.64 39.33
CA LEU J 244 -16.92 67.13 38.27
C LEU J 244 -17.39 66.67 36.89
N SER J 245 -18.09 65.54 36.84
CA SER J 245 -18.73 65.06 35.62
C SER J 245 -19.72 66.09 35.06
N ALA J 246 -20.00 67.15 35.82
CA ALA J 246 -20.87 68.23 35.36
C ALA J 246 -20.04 69.36 34.76
N MET J 247 -19.30 70.09 35.62
CA MET J 247 -18.58 71.30 35.26
C MET J 247 -18.52 71.50 33.75
N ARG J 248 -19.60 72.06 33.19
CA ARG J 248 -19.67 72.39 31.77
C ARG J 248 -19.64 73.91 31.62
N LEU J 249 -18.52 74.52 32.02
CA LEU J 249 -18.38 75.96 32.08
C LEU J 249 -17.51 76.45 30.93
N LYS J 250 -16.93 77.64 31.09
CA LYS J 250 -16.07 78.25 30.07
C LYS J 250 -14.78 77.43 29.95
N SER J 254 -8.93 81.66 24.33
CA SER J 254 -8.18 82.85 23.86
C SER J 254 -7.40 82.50 22.59
N ASN J 255 -6.74 83.51 22.01
CA ASN J 255 -5.92 83.33 20.82
C ASN J 255 -4.63 84.14 21.00
N VAL J 256 -3.74 83.65 21.88
CA VAL J 256 -2.47 84.29 22.16
C VAL J 256 -1.40 83.21 22.33
N ARG J 257 -0.32 83.32 21.55
CA ARG J 257 0.73 82.31 21.52
C ARG J 257 1.67 82.49 22.69
N VAL J 258 2.51 81.47 22.91
CA VAL J 258 3.55 81.48 23.92
C VAL J 258 4.63 80.49 23.51
N SER J 259 5.82 80.63 24.09
CA SER J 259 6.96 79.79 23.73
C SER J 259 6.67 78.34 24.08
N SER J 260 7.51 77.43 23.55
CA SER J 260 7.39 76.01 23.84
C SER J 260 8.68 75.48 24.47
N GLY J 261 9.57 76.40 24.88
CA GLY J 261 10.91 76.03 25.32
C GLY J 261 11.87 75.86 24.15
N VAL J 262 11.43 75.11 23.14
CA VAL J 262 12.21 74.87 21.94
C VAL J 262 11.61 75.70 20.80
N PRO J 263 12.44 76.48 20.06
CA PRO J 263 11.93 77.35 19.00
C PRO J 263 11.40 76.62 17.77
N GLU J 264 12.03 75.48 17.44
CA GLU J 264 11.66 74.70 16.27
C GLU J 264 10.27 74.08 16.46
N LEU J 265 9.98 73.65 17.70
CA LEU J 265 8.69 73.09 18.04
C LEU J 265 7.63 74.19 18.03
N ASP J 266 8.01 75.37 18.54
CA ASP J 266 7.13 76.53 18.52
C ASP J 266 6.82 76.92 17.07
N GLU J 267 7.82 76.79 16.19
CA GLU J 267 7.66 77.07 14.78
C GLU J 267 6.75 76.02 14.14
N MET J 268 6.92 74.76 14.54
CA MET J 268 6.12 73.66 14.02
C MET J 268 4.65 73.88 14.40
N CYS J 269 4.41 74.32 15.63
CA CYS J 269 3.06 74.61 16.12
C CYS J 269 2.44 75.78 15.36
N GLY J 270 3.31 76.70 14.89
CA GLY J 270 2.89 77.84 14.10
C GLY J 270 3.02 79.16 14.87
N GLY J 271 4.09 79.27 15.66
CA GLY J 271 4.29 80.42 16.53
C GLY J 271 4.55 80.02 17.98
N GLY J 272 4.00 78.86 18.37
CA GLY J 272 4.13 78.36 19.73
C GLY J 272 2.81 77.77 20.24
N PHE J 273 2.79 77.39 21.52
CA PHE J 273 1.57 76.95 22.17
C PHE J 273 0.69 78.16 22.46
N PHE J 274 -0.64 77.98 22.33
CA PHE J 274 -1.59 78.99 22.75
C PHE J 274 -1.52 79.15 24.27
N ARG J 275 -2.26 80.13 24.80
CA ARG J 275 -2.23 80.44 26.22
C ARG J 275 -2.91 79.33 27.01
N ASP J 276 -4.08 79.63 27.60
CA ASP J 276 -4.83 78.65 28.38
C ASP J 276 -5.25 77.51 27.45
N SER J 277 -4.43 76.44 27.41
CA SER J 277 -4.67 75.29 26.56
C SER J 277 -3.99 74.07 27.14
N ILE J 278 -4.37 72.89 26.64
CA ILE J 278 -3.84 71.62 27.12
C ILE J 278 -2.98 70.99 26.03
N ILE J 279 -1.66 70.99 26.25
CA ILE J 279 -0.72 70.33 25.36
C ILE J 279 -0.40 68.96 25.96
N LEU J 280 -0.39 67.93 25.10
CA LEU J 280 -0.06 66.57 25.52
C LEU J 280 1.23 66.14 24.83
N VAL J 281 2.09 65.44 25.59
CA VAL J 281 3.34 64.91 25.08
C VAL J 281 3.39 63.41 25.37
N SER J 282 3.13 62.60 24.33
CA SER J 282 3.03 61.15 24.47
C SER J 282 4.19 60.47 23.76
N GLY J 283 4.83 59.51 24.43
CA GLY J 283 5.95 58.79 23.85
C GLY J 283 6.52 57.75 24.82
N ALA J 284 7.38 56.87 24.29
CA ALA J 284 7.98 55.80 25.07
C ALA J 284 9.00 56.35 26.06
N THR J 285 9.55 55.47 26.90
CA THR J 285 10.53 55.87 27.90
C THR J 285 11.84 56.22 27.22
N GLY J 286 12.31 57.45 27.48
CA GLY J 286 13.56 57.96 26.91
C GLY J 286 13.37 58.58 25.54
N THR J 287 12.14 59.07 25.27
CA THR J 287 11.82 59.70 24.00
C THR J 287 11.93 61.22 24.10
N GLY J 288 12.09 61.73 25.34
CA GLY J 288 12.35 63.15 25.56
C GLY J 288 11.09 63.91 25.96
N LYS J 289 10.33 63.36 26.91
CA LYS J 289 9.11 63.98 27.40
C LYS J 289 9.44 64.94 28.54
N THR J 290 10.17 64.43 29.54
CA THR J 290 10.54 65.21 30.71
C THR J 290 11.36 66.44 30.29
N LEU J 291 12.12 66.31 29.19
CA LEU J 291 12.92 67.40 28.67
C LEU J 291 12.02 68.53 28.16
N LEU J 292 11.08 68.19 27.27
CA LEU J 292 10.14 69.17 26.76
C LEU J 292 9.36 69.81 27.90
N VAL J 293 9.00 68.98 28.90
CA VAL J 293 8.27 69.45 30.07
C VAL J 293 9.11 70.48 30.82
N THR J 294 10.44 70.24 30.88
CA THR J 294 11.35 71.11 31.59
C THR J 294 11.45 72.47 30.90
N LYS J 295 11.87 72.45 29.62
CA LYS J 295 12.10 73.66 28.85
C LYS J 295 10.86 74.56 28.90
N PHE J 296 9.70 73.96 28.68
CA PHE J 296 8.41 74.65 28.73
C PHE J 296 8.25 75.35 30.08
N LEU J 297 8.37 74.57 31.16
CA LEU J 297 8.17 75.07 32.52
C LEU J 297 9.20 76.14 32.86
N GLU J 298 10.41 76.01 32.28
CA GLU J 298 11.49 76.95 32.51
C GLU J 298 11.15 78.32 31.93
N GLY J 299 10.47 78.33 30.78
CA GLY J 299 10.12 79.55 30.06
C GLY J 299 9.52 80.65 30.96
N ALA J 300 8.83 80.24 32.03
CA ALA J 300 8.26 81.16 33.00
C ALA J 300 9.35 82.02 33.65
N CYS J 301 10.59 81.51 33.67
CA CYS J 301 11.74 82.28 34.12
C CYS J 301 11.82 83.61 33.38
N ARG J 302 11.73 83.55 32.04
CA ARG J 302 11.71 84.74 31.20
C ARG J 302 10.27 85.15 30.92
N ASN J 303 9.52 85.45 31.99
CA ASN J 303 8.12 85.83 31.89
C ASN J 303 7.60 86.24 33.27
N GLY J 304 7.68 85.30 34.23
CA GLY J 304 7.22 85.53 35.59
C GLY J 304 5.80 85.02 35.78
N ALA J 307 4.95 78.74 37.98
CA ALA J 307 5.22 77.59 37.08
C ALA J 307 5.33 76.32 37.91
N LEU J 308 4.19 75.83 38.40
CA LEU J 308 4.15 74.66 39.27
C LEU J 308 4.40 73.40 38.46
N LEU J 309 5.55 72.77 38.70
CA LEU J 309 5.94 71.54 38.01
C LEU J 309 5.68 70.35 38.93
N PHE J 310 4.48 69.76 38.79
CA PHE J 310 4.11 68.58 39.57
C PHE J 310 4.84 67.36 39.03
N ALA J 311 5.28 66.48 39.95
CA ALA J 311 6.01 65.27 39.58
C ALA J 311 5.41 64.07 40.30
N PHE J 312 5.48 62.91 39.66
CA PHE J 312 4.95 61.67 40.21
C PHE J 312 5.75 60.49 39.68
N GLU J 313 7.08 60.61 39.68
CA GLU J 313 7.96 59.56 39.21
C GLU J 313 9.37 59.77 39.76
N GLU J 314 10.06 60.80 39.24
CA GLU J 314 11.41 61.13 39.68
C GLU J 314 11.32 62.25 40.73
N SER J 315 12.21 62.16 41.73
CA SER J 315 12.23 63.12 42.82
C SER J 315 12.90 64.42 42.37
N ARG J 316 12.97 65.39 43.30
CA ARG J 316 13.54 66.70 43.03
C ARG J 316 15.02 66.57 42.68
N GLU J 317 15.77 65.89 43.55
CA GLU J 317 17.20 65.68 43.36
C GLU J 317 17.46 65.02 42.01
N GLN J 318 16.67 63.98 41.69
CA GLN J 318 16.82 63.23 40.46
C GLN J 318 16.45 64.10 39.26
N LEU J 319 15.35 64.86 39.38
CA LEU J 319 14.91 65.78 38.34
C LEU J 319 15.92 66.92 38.20
N LEU J 320 16.55 67.31 39.31
CA LEU J 320 17.51 68.40 39.33
C LEU J 320 18.84 67.96 38.69
N ARG J 321 19.00 66.65 38.47
CA ARG J 321 20.14 66.14 37.72
C ARG J 321 20.25 66.83 36.36
N ASN J 322 19.10 67.30 35.85
CA ASN J 322 19.06 68.20 34.71
C ASN J 322 20.13 69.29 34.90
N ALA J 323 20.07 69.98 36.03
CA ALA J 323 21.06 70.99 36.41
C ALA J 323 21.79 71.53 35.19
N THR J 324 22.99 70.99 34.91
CA THR J 324 23.78 71.40 33.75
C THR J 324 23.54 70.43 32.59
N SER J 325 23.19 69.18 32.93
CA SER J 325 22.85 68.16 31.96
C SER J 325 21.76 68.64 30.99
N TRP J 326 20.89 69.55 31.47
CA TRP J 326 19.86 70.16 30.64
C TRP J 326 19.92 71.69 30.74
N GLY J 327 19.62 72.24 31.92
CA GLY J 327 19.70 73.68 32.11
C GLY J 327 19.06 74.18 33.39
N ILE J 328 19.33 75.45 33.70
CA ILE J 328 18.78 76.21 34.82
C ILE J 328 18.91 75.42 36.13
N ASP J 329 18.28 75.95 37.19
CA ASP J 329 18.30 75.33 38.51
C ASP J 329 17.13 75.89 39.33
N PHE J 330 17.22 75.74 40.66
CA PHE J 330 16.18 76.22 41.57
C PHE J 330 16.71 77.41 42.37
N GLU J 331 16.68 77.30 43.70
CA GLU J 331 17.19 78.31 44.62
C GLU J 331 16.34 79.58 44.53
N GLU J 332 16.93 80.66 44.01
CA GLU J 332 16.25 81.95 43.91
C GLU J 332 15.04 81.87 43.00
N MET J 333 15.02 80.87 42.11
CA MET J 333 13.86 80.57 41.29
C MET J 333 12.68 80.17 42.17
N GLU J 334 12.97 79.34 43.19
CA GLU J 334 11.94 78.83 44.09
C GLU J 334 11.58 79.86 45.15
N ARG J 335 12.41 80.91 45.28
CA ARG J 335 12.14 82.00 46.20
C ARG J 335 10.81 82.67 45.85
N ASP J 336 10.55 82.82 44.55
CA ASP J 336 9.32 83.44 44.07
C ASP J 336 8.21 82.40 43.95
N GLY J 337 8.58 81.15 43.63
CA GLY J 337 7.62 80.07 43.46
C GLY J 337 7.80 79.36 42.13
N ARG J 338 8.29 80.09 41.12
CA ARG J 338 8.50 79.58 39.77
C ARG J 338 9.03 78.15 39.82
N LEU J 339 10.13 77.95 40.54
CA LEU J 339 10.72 76.62 40.70
C LEU J 339 9.98 75.87 41.81
N LYS J 340 8.72 75.50 41.51
CA LYS J 340 7.86 74.80 42.46
C LYS J 340 7.82 73.31 42.10
N ILE J 341 8.80 72.57 42.62
CA ILE J 341 8.86 71.12 42.43
C ILE J 341 8.03 70.46 43.51
N VAL J 342 7.16 69.52 43.11
CA VAL J 342 6.23 68.87 44.01
C VAL J 342 6.78 67.52 44.43
N CYS J 343 6.81 66.57 43.48
CA CYS J 343 7.24 65.21 43.72
C CYS J 343 6.39 64.56 44.83
N GLY J 350 -2.14 59.63 47.69
CA GLY J 350 -3.54 60.07 47.55
C GLY J 350 -4.18 59.55 46.27
N LEU J 351 -5.50 59.78 46.14
CA LEU J 351 -6.26 59.34 44.98
C LEU J 351 -7.16 60.49 44.52
N GLU J 352 -8.31 60.66 45.18
CA GLU J 352 -9.23 61.74 44.90
C GLU J 352 -8.73 63.03 45.57
N ASP J 353 -7.88 62.88 46.59
CA ASP J 353 -7.32 64.00 47.33
C ASP J 353 -6.25 64.71 46.51
N HIS J 354 -5.63 63.99 45.56
CA HIS J 354 -4.54 64.52 44.76
C HIS J 354 -4.96 65.81 44.05
N LEU J 355 -6.21 65.84 43.54
CA LEU J 355 -6.73 67.00 42.84
C LEU J 355 -6.78 68.22 43.77
N ILE J 356 -7.16 67.99 45.03
CA ILE J 356 -7.32 69.06 46.01
C ILE J 356 -5.96 69.69 46.30
N MET J 357 -4.94 68.86 46.54
CA MET J 357 -3.60 69.33 46.85
C MET J 357 -3.08 70.21 45.72
N ILE J 358 -3.30 69.76 44.48
CA ILE J 358 -2.90 70.50 43.29
C ILE J 358 -3.75 71.77 43.17
N LYS J 359 -5.06 71.63 43.39
CA LYS J 359 -6.00 72.74 43.30
C LYS J 359 -5.63 73.82 44.33
N GLU J 360 -5.20 73.38 45.52
CA GLU J 360 -4.84 74.28 46.60
C GLU J 360 -3.55 75.03 46.23
N VAL J 361 -2.58 74.32 45.68
CA VAL J 361 -1.27 74.87 45.36
C VAL J 361 -1.42 75.89 44.22
N ILE J 362 -2.29 75.59 43.26
CA ILE J 362 -2.52 76.46 42.12
C ILE J 362 -3.19 77.75 42.58
N GLU J 363 -4.06 77.65 43.59
CA GLU J 363 -4.80 78.78 44.11
C GLU J 363 -3.88 79.72 44.90
N GLU J 364 -2.76 79.18 45.40
CA GLU J 364 -1.85 79.93 46.25
C GLU J 364 -0.83 80.68 45.42
N PHE J 365 0.05 79.93 44.74
CA PHE J 365 1.22 80.51 44.07
C PHE J 365 0.81 81.15 42.75
N LYS J 366 -0.38 80.79 42.24
CA LYS J 366 -0.95 81.40 41.04
C LYS J 366 0.05 81.28 39.88
N PRO J 367 0.34 80.06 39.40
CA PRO J 367 1.31 79.86 38.31
C PRO J 367 0.75 80.21 36.93
N ASP J 368 1.66 80.46 35.99
CA ASP J 368 1.31 80.76 34.61
C ASP J 368 1.43 79.50 33.76
N ARG J 369 2.43 78.66 34.06
CA ARG J 369 2.73 77.47 33.30
C ARG J 369 2.84 76.26 34.22
N ILE J 370 1.73 75.53 34.41
CA ILE J 370 1.72 74.30 35.17
C ILE J 370 2.24 73.18 34.28
N ALA J 371 2.62 72.05 34.89
CA ALA J 371 3.11 70.90 34.15
C ALA J 371 3.00 69.64 35.01
N ILE J 372 2.12 68.71 34.60
CA ILE J 372 1.95 67.44 35.27
C ILE J 372 2.70 66.37 34.47
N ASP J 373 3.49 65.54 35.18
CA ASP J 373 4.30 64.52 34.53
C ASP J 373 4.62 63.42 35.54
N SER J 374 4.10 62.20 35.32
CA SER J 374 3.29 61.83 34.17
C SER J 374 1.88 61.44 34.62
N LEU J 375 0.92 61.60 33.71
CA LEU J 375 -0.46 61.20 33.95
C LEU J 375 -0.58 59.68 33.93
N SER J 376 0.37 59.03 33.24
CA SER J 376 0.42 57.57 33.18
C SER J 376 0.70 56.97 34.55
N ALA J 377 1.44 57.70 35.40
CA ALA J 377 1.74 57.26 36.75
C ALA J 377 0.50 57.33 37.63
N LEU J 378 -0.40 58.27 37.32
CA LEU J 378 -1.65 58.43 38.05
C LEU J 378 -2.67 57.39 37.58
N GLU J 379 -2.53 56.92 36.34
CA GLU J 379 -3.40 55.90 35.78
C GLU J 379 -3.16 54.56 36.47
N ARG J 380 -1.98 54.40 37.09
CA ARG J 380 -1.62 53.19 37.81
C ARG J 380 -2.54 52.99 39.01
N VAL J 381 -2.67 54.05 39.84
CA VAL J 381 -3.40 53.98 41.09
C VAL J 381 -4.90 53.95 40.81
N ALA J 382 -5.38 54.97 40.08
CA ALA J 382 -6.80 55.15 39.84
C ALA J 382 -7.31 54.13 38.82
N SER J 383 -8.63 53.90 38.84
CA SER J 383 -9.29 53.02 37.89
C SER J 383 -9.61 53.79 36.60
N ASP J 384 -10.18 53.08 35.62
CA ASP J 384 -10.50 53.65 34.33
C ASP J 384 -11.35 54.90 34.50
N ARG J 385 -12.43 54.78 35.27
CA ARG J 385 -13.35 55.88 35.53
C ARG J 385 -12.71 56.88 36.48
N GLY J 386 -12.10 56.38 37.56
CA GLY J 386 -11.44 57.20 38.56
C GLY J 386 -10.39 58.13 37.97
N PHE J 387 -9.63 57.63 36.98
CA PHE J 387 -8.60 58.40 36.33
C PHE J 387 -9.23 59.40 35.35
N ARG J 388 -10.23 58.93 34.60
CA ARG J 388 -10.94 59.77 33.63
C ARG J 388 -11.57 60.98 34.33
N GLU J 389 -11.95 60.79 35.60
CA GLU J 389 -12.59 61.85 36.39
C GLU J 389 -11.58 62.94 36.73
N PHE J 390 -10.47 62.54 37.37
CA PHE J 390 -9.45 63.47 37.83
C PHE J 390 -8.86 64.25 36.66
N VAL J 391 -8.75 63.59 35.50
CA VAL J 391 -8.25 64.22 34.29
C VAL J 391 -9.23 65.30 33.84
N ILE J 392 -10.51 64.95 33.77
CA ILE J 392 -11.55 65.87 33.36
C ILE J 392 -11.64 67.03 34.35
N GLY J 393 -11.52 66.72 35.64
CA GLY J 393 -11.60 67.71 36.70
C GLY J 393 -10.45 68.72 36.66
N LEU J 394 -9.22 68.19 36.51
CA LEU J 394 -8.03 69.01 36.49
C LEU J 394 -8.00 69.87 35.22
N THR J 395 -8.35 69.26 34.08
CA THR J 395 -8.43 69.95 32.81
C THR J 395 -9.41 71.12 32.92
N SER J 396 -10.55 70.88 33.56
CA SER J 396 -11.58 71.89 33.75
C SER J 396 -11.02 73.06 34.56
N PHE J 397 -10.45 72.76 35.74
CA PHE J 397 -9.97 73.78 36.65
C PHE J 397 -8.94 74.68 35.97
N ILE J 398 -7.84 74.09 35.51
CA ILE J 398 -6.74 74.83 34.92
C ILE J 398 -7.25 75.73 33.80
N LYS J 399 -8.16 75.20 32.98
CA LYS J 399 -8.74 75.95 31.87
C LYS J 399 -9.68 77.02 32.40
N GLN J 400 -10.46 76.68 33.44
CA GLN J 400 -11.42 77.60 34.05
C GLN J 400 -10.67 78.69 34.82
N GLN J 401 -9.46 78.38 35.30
CA GLN J 401 -8.66 79.32 36.08
C GLN J 401 -7.54 79.91 35.23
N GLU J 402 -7.47 79.54 33.95
CA GLU J 402 -6.53 80.12 32.99
C GLU J 402 -5.10 79.84 33.41
N ILE J 403 -4.58 78.68 32.98
CA ILE J 403 -3.20 78.30 33.22
C ILE J 403 -2.78 77.30 32.15
N THR J 404 -1.84 77.71 31.29
CA THR J 404 -1.31 76.84 30.26
C THR J 404 -0.57 75.68 30.90
N GLY J 405 -0.76 74.46 30.38
CA GLY J 405 -0.21 73.26 30.97
C GLY J 405 0.19 72.22 29.94
N LEU J 406 1.32 71.54 30.19
CA LEU J 406 1.79 70.44 29.37
C LEU J 406 1.72 69.14 30.19
N PHE J 407 1.15 68.10 29.59
CA PHE J 407 0.98 66.82 30.25
C PHE J 407 1.81 65.76 29.54
N THR J 408 2.46 64.89 30.33
CA THR J 408 3.28 63.81 29.79
C THR J 408 2.61 62.48 30.08
N SER J 409 2.61 61.59 29.09
CA SER J 409 2.02 60.26 29.23
C SER J 409 2.87 59.24 28.48
N THR J 410 3.27 58.18 29.18
CA THR J 410 4.18 57.18 28.63
C THR J 410 3.40 56.18 27.76
N THR J 411 3.74 56.14 26.47
CA THR J 411 3.25 55.09 25.58
C THR J 411 4.13 53.86 25.78
N PRO J 412 3.65 52.64 25.48
CA PRO J 412 4.37 51.39 25.80
C PRO J 412 5.89 51.45 25.62
N THR J 413 6.40 51.07 24.44
CA THR J 413 7.83 51.10 24.17
C THR J 413 8.11 50.91 22.68
N PHE J 414 7.27 51.55 21.84
CA PHE J 414 7.38 51.45 20.40
C PHE J 414 7.38 49.98 19.96
N HIS J 424 -6.95 58.75 24.04
CA HIS J 424 -8.22 58.70 24.81
C HIS J 424 -8.61 60.11 25.26
N ILE J 425 -7.70 60.77 26.00
CA ILE J 425 -7.90 62.14 26.45
C ILE J 425 -7.30 63.12 25.44
N SER J 426 -7.20 62.68 24.18
CA SER J 426 -6.75 63.53 23.09
C SER J 426 -7.85 64.50 22.69
N THR J 427 -9.10 64.11 22.96
CA THR J 427 -10.27 64.95 22.69
C THR J 427 -10.24 66.18 23.62
N ILE J 428 -9.91 65.95 24.90
CA ILE J 428 -9.86 67.03 25.88
C ILE J 428 -8.61 67.86 25.61
N THR J 429 -7.54 67.22 25.12
CA THR J 429 -6.28 67.87 24.84
C THR J 429 -6.43 68.80 23.64
N ASP J 430 -5.78 69.97 23.72
CA ASP J 430 -5.81 70.97 22.66
C ASP J 430 -4.73 70.64 21.62
N THR J 431 -3.52 70.37 22.12
CA THR J 431 -2.38 70.00 21.27
C THR J 431 -1.88 68.62 21.69
N ILE J 432 -1.32 67.89 20.73
CA ILE J 432 -0.83 66.54 20.98
C ILE J 432 0.48 66.34 20.20
N ILE J 433 1.61 66.48 20.92
CA ILE J 433 2.92 66.20 20.36
C ILE J 433 3.26 64.74 20.63
N LEU J 434 3.63 64.00 19.58
CA LEU J 434 3.91 62.58 19.67
C LEU J 434 5.40 62.32 19.42
N LEU J 435 6.09 61.89 20.48
CA LEU J 435 7.49 61.47 20.37
C LEU J 435 7.52 59.97 20.11
N ARG J 436 8.63 59.49 19.52
CA ARG J 436 8.74 58.08 19.17
C ARG J 436 10.19 57.71 18.87
N TYR J 437 10.46 56.40 18.85
CA TYR J 437 11.74 55.85 18.47
C TYR J 437 11.71 55.43 17.00
N VAL J 438 12.88 55.41 16.37
CA VAL J 438 13.02 54.92 14.99
C VAL J 438 14.42 54.33 14.82
N GLU J 439 14.49 53.17 14.17
CA GLU J 439 15.74 52.47 13.94
C GLU J 439 16.35 52.92 12.61
N MET J 440 17.47 53.66 12.68
CA MET J 440 18.12 54.22 11.51
C MET J 440 19.64 54.10 11.64
N ARG J 441 20.29 53.78 10.52
CA ARG J 441 21.75 53.75 10.41
C ARG J 441 22.34 52.79 11.43
N GLY J 442 21.70 51.62 11.59
CA GLY J 442 22.09 50.66 12.62
C GLY J 442 22.18 51.32 13.99
N GLU J 443 21.22 52.20 14.29
CA GLU J 443 21.20 52.98 15.51
C GLU J 443 19.75 53.34 15.85
N MET J 444 19.54 53.93 17.03
CA MET J 444 18.22 54.33 17.46
C MET J 444 18.08 55.85 17.33
N SER J 445 17.46 56.27 16.23
CA SER J 445 17.05 57.66 16.04
C SER J 445 15.76 57.91 16.83
N ARG J 446 15.34 59.18 16.88
CA ARG J 446 14.17 59.59 17.62
C ARG J 446 13.28 60.41 16.70
N ALA J 447 12.07 60.75 17.17
CA ALA J 447 11.08 61.38 16.31
C ALA J 447 10.30 62.45 17.07
N ILE J 448 9.67 63.35 16.30
CA ILE J 448 8.81 64.40 16.82
C ILE J 448 7.68 64.59 15.81
N ASN J 449 6.44 64.73 16.30
CA ASN J 449 5.30 64.88 15.42
C ASN J 449 4.15 65.58 16.16
N VAL J 450 3.86 66.82 15.75
CA VAL J 450 2.68 67.53 16.22
C VAL J 450 1.47 66.92 15.52
N LEU J 451 0.88 65.90 16.17
CA LEU J 451 -0.23 65.15 15.60
C LEU J 451 -1.42 66.07 15.34
N LYS J 452 -1.79 66.86 16.35
CA LYS J 452 -2.95 67.73 16.26
C LYS J 452 -2.73 69.00 17.06
N MET J 453 -3.43 70.07 16.65
CA MET J 453 -3.48 71.32 17.39
C MET J 453 -4.78 72.04 17.03
N ARG J 454 -5.33 72.79 18.00
CA ARG J 454 -6.64 73.41 17.83
C ARG J 454 -6.47 74.81 17.25
N GLY J 455 -6.94 74.99 16.00
CA GLY J 455 -7.01 76.30 15.38
C GLY J 455 -5.63 76.86 15.05
N SER J 456 -4.83 76.08 14.32
CA SER J 456 -3.50 76.49 13.90
C SER J 456 -2.94 75.49 12.89
N TRP J 457 -2.01 75.96 12.05
CA TRP J 457 -1.21 75.08 11.21
C TRP J 457 -0.12 74.44 12.07
N HIS J 458 -0.30 73.16 12.39
CA HIS J 458 0.78 72.33 12.90
C HIS J 458 1.51 71.71 11.72
N ASP J 459 2.80 71.42 11.89
CA ASP J 459 3.57 70.69 10.90
C ASP J 459 3.19 69.21 11.02
N LYS J 460 2.83 68.60 9.88
CA LYS J 460 2.29 67.24 9.86
C LYS J 460 3.38 66.23 9.50
N GLU J 461 4.65 66.69 9.46
CA GLU J 461 5.77 65.84 9.11
C GLU J 461 6.41 65.27 10.38
N ILE J 462 6.95 64.05 10.26
CA ILE J 462 7.63 63.38 11.36
C ILE J 462 9.12 63.68 11.25
N ARG J 463 9.60 64.61 12.08
CA ARG J 463 10.98 65.06 12.01
C ARG J 463 11.83 64.35 13.06
N GLU J 464 13.10 64.10 12.71
CA GLU J 464 14.06 63.51 13.63
C GLU J 464 14.53 64.60 14.60
N PHE J 465 15.03 64.16 15.76
CA PHE J 465 15.51 65.10 16.77
C PHE J 465 16.55 64.42 17.66
N THR J 466 17.51 65.22 18.15
CA THR J 466 18.59 64.74 19.00
C THR J 466 18.59 65.53 20.31
N ILE J 467 19.27 64.98 21.32
CA ILE J 467 19.36 65.59 22.64
C ILE J 467 20.79 66.03 22.89
N SER J 468 20.95 66.98 23.81
CA SER J 468 22.27 67.50 24.19
C SER J 468 22.24 68.01 25.62
N GLY J 469 23.41 68.45 26.10
CA GLY J 469 23.53 69.10 27.40
C GLY J 469 22.77 70.42 27.45
N LYS J 470 22.72 71.11 26.31
CA LYS J 470 21.97 72.36 26.20
C LYS J 470 20.47 72.06 26.18
N GLY J 471 20.07 71.08 25.36
CA GLY J 471 18.67 70.69 25.26
C GLY J 471 18.40 69.85 24.01
N MET J 472 17.16 69.93 23.52
CA MET J 472 16.74 69.18 22.34
C MET J 472 17.12 69.96 21.08
N HIS J 473 17.28 69.22 19.97
CA HIS J 473 17.63 69.80 18.69
C HIS J 473 16.76 69.17 17.60
N ILE J 474 15.62 69.82 17.31
CA ILE J 474 14.71 69.35 16.27
C ILE J 474 15.42 69.41 14.92
N GLY J 475 15.38 68.30 14.19
CA GLY J 475 16.16 68.13 12.98
C GLY J 475 15.30 68.06 11.73
N ASP J 476 15.75 67.26 10.75
CA ASP J 476 15.14 67.20 9.43
C ASP J 476 14.04 66.14 9.42
N PRO J 477 13.20 66.08 8.35
CA PRO J 477 12.14 65.08 8.24
C PRO J 477 12.65 63.69 7.87
N PHE J 478 11.72 62.74 7.72
CA PHE J 478 12.04 61.37 7.34
C PHE J 478 10.92 60.80 6.47
N ARG J 479 11.15 60.82 5.15
CA ARG J 479 10.18 60.30 4.19
C ARG J 479 10.75 59.03 3.54
N ALA K 11 -6.52 -6.40 52.76
CA ALA K 11 -6.75 -5.74 51.45
C ALA K 11 -8.21 -5.90 51.05
N ILE K 12 -8.79 -4.82 50.50
CA ILE K 12 -10.19 -4.82 50.09
C ILE K 12 -10.27 -5.36 48.66
N GLU K 13 -11.24 -6.27 48.44
CA GLU K 13 -11.49 -6.81 47.12
C GLU K 13 -12.64 -6.03 46.47
N LYS K 14 -12.74 -6.11 45.14
CA LYS K 14 -13.77 -5.41 44.39
C LYS K 14 -14.62 -6.43 43.64
N LEU K 15 -15.89 -6.06 43.41
CA LEU K 15 -16.84 -6.91 42.73
C LEU K 15 -17.19 -6.31 41.37
N PRO K 16 -16.79 -6.97 40.24
CA PRO K 16 -17.16 -6.50 38.91
C PRO K 16 -18.65 -6.14 38.80
N THR K 17 -18.92 -4.86 38.53
CA THR K 17 -20.28 -4.37 38.40
C THR K 17 -20.88 -4.85 37.07
N GLY K 18 -20.02 -5.00 36.06
CA GLY K 18 -20.44 -5.37 34.72
C GLY K 18 -20.80 -4.15 33.89
N ILE K 19 -20.70 -2.96 34.49
CA ILE K 19 -21.03 -1.72 33.82
C ILE K 19 -19.81 -1.24 33.04
N GLU K 20 -19.95 -1.18 31.71
CA GLU K 20 -18.85 -0.84 30.82
C GLU K 20 -18.26 0.50 31.19
N GLY K 21 -16.99 0.49 31.63
CA GLY K 21 -16.26 1.72 31.94
C GLY K 21 -16.00 1.87 33.44
N PHE K 22 -17.03 1.63 34.26
CA PHE K 22 -16.91 1.78 35.70
C PHE K 22 -15.85 0.83 36.24
N ASP K 23 -15.84 -0.40 35.74
CA ASP K 23 -14.89 -1.42 36.16
C ASP K 23 -13.46 -0.90 36.00
N ASP K 24 -13.23 -0.13 34.94
CA ASP K 24 -11.93 0.47 34.67
C ASP K 24 -11.69 1.62 35.64
N ILE K 25 -12.68 2.52 35.76
CA ILE K 25 -12.62 3.68 36.63
C ILE K 25 -12.43 3.23 38.08
N SER K 26 -13.21 2.22 38.48
CA SER K 26 -13.25 1.75 39.86
C SER K 26 -12.06 0.85 40.17
N HIS K 27 -11.22 0.57 39.17
CA HIS K 27 -10.05 -0.30 39.32
C HIS K 27 -10.50 -1.69 39.74
N GLY K 28 -11.55 -2.20 39.08
CA GLY K 28 -12.06 -3.54 39.35
C GLY K 28 -13.59 -3.55 39.52
N GLY K 29 -14.09 -2.70 40.41
CA GLY K 29 -15.50 -2.68 40.77
C GLY K 29 -15.73 -1.96 42.10
N LEU K 30 -16.85 -2.28 42.76
CA LEU K 30 -17.20 -1.69 44.04
C LEU K 30 -16.66 -2.56 45.17
N PRO K 31 -16.08 -1.96 46.24
CA PRO K 31 -15.65 -2.72 47.42
C PRO K 31 -16.65 -3.80 47.85
N LYS K 32 -16.17 -5.04 47.95
CA LYS K 32 -17.02 -6.19 48.25
C LYS K 32 -17.41 -6.15 49.72
N GLY K 33 -18.67 -6.51 50.01
CA GLY K 33 -19.19 -6.57 51.36
C GLY K 33 -19.20 -5.20 52.05
N ARG K 34 -19.51 -4.16 51.27
CA ARG K 34 -19.51 -2.78 51.75
C ARG K 34 -20.59 -2.00 51.01
N THR K 35 -21.03 -0.90 51.64
CA THR K 35 -22.09 -0.06 51.09
C THR K 35 -21.49 1.02 50.19
N THR K 36 -22.15 1.26 49.04
CA THR K 36 -21.73 2.29 48.11
C THR K 36 -22.91 3.22 47.83
N LEU K 37 -22.76 4.49 48.24
CA LEU K 37 -23.79 5.49 48.00
C LEU K 37 -23.67 6.00 46.56
N VAL K 38 -24.80 6.00 45.84
CA VAL K 38 -24.86 6.53 44.49
C VAL K 38 -25.81 7.72 44.50
N ALA K 39 -25.25 8.92 44.73
CA ALA K 39 -26.03 10.14 44.83
C ALA K 39 -26.17 10.79 43.45
N GLY K 40 -27.23 11.59 43.28
CA GLY K 40 -27.47 12.29 42.03
C GLY K 40 -28.80 13.03 42.04
N THR K 41 -28.84 14.19 41.36
CA THR K 41 -30.04 15.01 41.27
C THR K 41 -31.12 14.24 40.53
N PRO K 42 -32.43 14.48 40.83
CA PRO K 42 -33.52 13.82 40.13
C PRO K 42 -33.29 13.64 38.63
N GLY K 43 -33.04 12.39 38.22
CA GLY K 43 -32.95 12.03 36.82
C GLY K 43 -31.51 11.94 36.31
N THR K 44 -30.60 11.41 37.15
CA THR K 44 -29.20 11.24 36.80
C THR K 44 -28.94 9.84 36.25
N GLY K 45 -29.76 8.87 36.68
CA GLY K 45 -29.61 7.49 36.26
C GLY K 45 -29.13 6.59 37.40
N LYS K 46 -29.73 6.77 38.58
CA LYS K 46 -29.34 6.04 39.77
C LYS K 46 -30.04 4.68 39.80
N THR K 47 -31.32 4.67 39.42
CA THR K 47 -32.13 3.46 39.45
C THR K 47 -31.70 2.50 38.34
N VAL K 48 -31.11 3.03 37.28
CA VAL K 48 -30.57 2.21 36.19
C VAL K 48 -29.25 1.61 36.63
N PHE K 49 -28.31 2.48 37.04
CA PHE K 49 -26.99 2.07 37.51
C PHE K 49 -27.12 0.94 38.52
N ALA K 50 -28.13 1.05 39.40
CA ALA K 50 -28.40 0.05 40.42
C ALA K 50 -28.89 -1.25 39.79
N MET K 51 -29.90 -1.14 38.91
CA MET K 51 -30.51 -2.29 38.27
C MET K 51 -29.43 -3.13 37.57
N GLN K 52 -28.58 -2.47 36.78
CA GLN K 52 -27.57 -3.14 35.97
C GLN K 52 -26.59 -3.91 36.85
N PHE K 53 -26.16 -3.28 37.95
CA PHE K 53 -25.24 -3.89 38.90
C PHE K 53 -25.69 -5.31 39.25
N LEU K 54 -27.01 -5.53 39.25
CA LEU K 54 -27.60 -6.81 39.61
C LEU K 54 -28.00 -7.60 38.36
N TYR K 55 -28.50 -6.91 37.32
CA TYR K 55 -28.81 -7.55 36.06
C TYR K 55 -27.61 -8.38 35.61
N HIS K 56 -26.42 -7.76 35.66
CA HIS K 56 -25.17 -8.45 35.36
C HIS K 56 -24.98 -9.59 36.36
N GLY K 57 -24.97 -9.22 37.64
CA GLY K 57 -24.76 -10.15 38.75
C GLY K 57 -25.30 -11.54 38.48
N ILE K 58 -26.61 -11.64 38.26
CA ILE K 58 -27.30 -12.91 38.17
C ILE K 58 -27.00 -13.55 36.80
N LYS K 59 -26.79 -12.71 35.78
CA LYS K 59 -26.67 -13.16 34.40
C LYS K 59 -25.21 -13.26 33.98
N ARG K 60 -24.28 -12.83 34.83
CA ARG K 60 -22.86 -12.88 34.51
C ARG K 60 -22.10 -13.73 35.54
N PHE K 61 -22.40 -13.56 36.83
CA PHE K 61 -21.66 -14.24 37.88
C PHE K 61 -22.57 -15.19 38.67
N ASP K 62 -23.86 -15.26 38.30
CA ASP K 62 -24.84 -16.05 39.04
C ASP K 62 -24.86 -15.59 40.49
N GLU K 63 -24.97 -14.27 40.69
CA GLU K 63 -24.99 -13.66 42.01
C GLU K 63 -26.38 -13.07 42.27
N PRO K 64 -27.26 -13.76 43.03
CA PRO K 64 -28.63 -13.28 43.26
C PRO K 64 -28.68 -11.88 43.87
N GLY K 65 -29.81 -11.20 43.66
CA GLY K 65 -29.95 -9.79 44.05
C GLY K 65 -31.33 -9.45 44.57
N VAL K 66 -31.40 -8.39 45.39
CA VAL K 66 -32.64 -7.90 45.95
C VAL K 66 -32.70 -6.38 45.74
N PHE K 67 -33.83 -5.91 45.19
CA PHE K 67 -34.07 -4.49 45.03
C PHE K 67 -35.18 -4.06 46.00
N VAL K 68 -34.80 -3.27 47.01
CA VAL K 68 -35.77 -2.67 47.92
C VAL K 68 -36.14 -1.30 47.36
N THR K 69 -37.42 -1.07 47.10
CA THR K 69 -37.89 0.17 46.50
C THR K 69 -38.77 0.90 47.49
N PHE K 70 -38.28 2.05 47.98
CA PHE K 70 -39.00 2.89 48.92
C PHE K 70 -39.78 4.00 48.18
N GLU K 71 -39.82 3.93 46.84
CA GLU K 71 -40.56 4.93 46.07
C GLU K 71 -41.38 4.26 44.98
N GLU K 72 -40.72 3.73 43.94
CA GLU K 72 -41.42 3.28 42.74
C GLU K 72 -41.84 1.82 42.92
N SER K 73 -42.81 1.40 42.10
CA SER K 73 -43.44 0.09 42.25
C SER K 73 -42.74 -0.93 41.35
N PRO K 74 -42.75 -2.23 41.73
CA PRO K 74 -42.19 -3.30 40.90
C PRO K 74 -42.58 -3.21 39.41
N ASP K 75 -43.88 -3.12 39.13
CA ASP K 75 -44.39 -3.22 37.78
C ASP K 75 -43.79 -2.12 36.91
N ASP K 76 -43.72 -0.90 37.46
CA ASP K 76 -43.11 0.23 36.78
C ASP K 76 -41.60 -0.01 36.65
N ILE K 77 -40.96 -0.32 37.79
CA ILE K 77 -39.52 -0.57 37.84
C ILE K 77 -39.13 -1.53 36.72
N LEU K 78 -39.90 -2.61 36.55
CA LEU K 78 -39.63 -3.61 35.52
C LEU K 78 -39.91 -3.03 34.14
N ARG K 79 -41.12 -2.48 33.97
CA ARG K 79 -41.58 -1.94 32.69
C ARG K 79 -40.65 -0.82 32.22
N ASN K 80 -40.08 -0.08 33.16
CA ASN K 80 -39.14 0.99 32.85
C ASN K 80 -37.82 0.40 32.35
N MET K 81 -37.28 -0.57 33.10
CA MET K 81 -35.98 -1.15 32.80
C MET K 81 -36.11 -2.24 31.74
N ALA K 82 -37.26 -2.30 31.04
CA ALA K 82 -37.56 -3.38 30.12
C ALA K 82 -36.87 -3.18 28.78
N SER K 83 -36.95 -1.95 28.25
CA SER K 83 -36.44 -1.65 26.92
C SER K 83 -34.90 -1.68 26.87
N PHE K 84 -34.27 -1.99 28.02
CA PHE K 84 -32.83 -2.21 28.09
C PHE K 84 -32.50 -3.66 27.74
N GLY K 85 -33.53 -4.48 27.52
CA GLY K 85 -33.35 -5.80 26.93
C GLY K 85 -33.05 -6.88 27.97
N TRP K 86 -33.64 -6.76 29.15
CA TRP K 86 -33.55 -7.79 30.17
C TRP K 86 -34.97 -8.22 30.56
N ASP K 87 -35.25 -9.53 30.46
CA ASP K 87 -36.53 -10.07 30.90
C ASP K 87 -36.46 -10.27 32.40
N LEU K 88 -36.46 -9.16 33.15
CA LEU K 88 -36.28 -9.17 34.60
C LEU K 88 -37.38 -9.99 35.26
N GLN K 89 -38.54 -10.08 34.60
CA GLN K 89 -39.62 -10.94 35.05
C GLN K 89 -39.16 -12.39 35.07
N LYS K 90 -38.52 -12.84 33.97
CA LYS K 90 -38.01 -14.19 33.86
C LYS K 90 -36.88 -14.41 34.86
N LEU K 91 -36.05 -13.38 35.06
CA LEU K 91 -34.99 -13.40 36.05
C LEU K 91 -35.60 -13.51 37.45
N VAL K 92 -36.72 -12.80 37.67
CA VAL K 92 -37.43 -12.82 38.93
C VAL K 92 -38.23 -14.12 39.06
N GLU K 93 -38.70 -14.64 37.92
CA GLU K 93 -39.46 -15.89 37.89
C GLU K 93 -38.55 -17.06 38.23
N GLU K 94 -37.29 -16.99 37.81
CA GLU K 94 -36.30 -18.02 38.12
C GLU K 94 -35.87 -17.92 39.58
N GLY K 95 -36.19 -16.79 40.23
CA GLY K 95 -35.86 -16.56 41.63
C GLY K 95 -34.46 -15.98 41.78
N LYS K 96 -33.98 -15.30 40.73
CA LYS K 96 -32.65 -14.71 40.72
C LYS K 96 -32.71 -13.30 41.29
N LEU K 97 -33.86 -12.62 41.10
CA LEU K 97 -34.02 -11.23 41.52
C LEU K 97 -35.25 -11.11 42.42
N ALA K 98 -35.15 -10.22 43.42
CA ALA K 98 -36.24 -9.93 44.33
C ALA K 98 -36.53 -8.42 44.31
N ILE K 99 -37.81 -8.06 44.36
CA ILE K 99 -38.24 -6.68 44.33
C ILE K 99 -39.14 -6.40 45.53
N VAL K 100 -38.53 -5.92 46.62
CA VAL K 100 -39.24 -5.64 47.86
C VAL K 100 -39.91 -4.28 47.73
N ASP K 101 -41.25 -4.28 47.74
CA ASP K 101 -42.02 -3.05 47.62
C ASP K 101 -42.10 -2.39 49.00
N ALA K 102 -41.13 -1.51 49.28
CA ALA K 102 -41.10 -0.74 50.51
C ALA K 102 -41.82 0.59 50.32
N SER K 103 -42.36 0.82 49.11
CA SER K 103 -43.12 2.02 48.81
C SER K 103 -44.31 2.12 49.76
N PRO K 104 -44.61 3.32 50.32
CA PRO K 104 -45.70 3.47 51.28
C PRO K 104 -47.07 3.16 50.67
N ASP K 105 -47.98 2.67 51.51
CA ASP K 105 -49.37 2.44 51.10
C ASP K 105 -50.05 3.80 50.94
N PRO K 106 -50.77 4.06 49.82
CA PRO K 106 -51.49 5.32 49.63
C PRO K 106 -52.58 5.60 50.67
N GLU K 107 -52.93 4.57 51.45
CA GLU K 107 -53.94 4.68 52.50
C GLU K 107 -53.32 4.23 53.83
N ASP K 116 -42.23 -0.43 62.81
CA ASP K 116 -42.65 -0.12 61.41
C ASP K 116 -41.42 -0.04 60.53
N LEU K 117 -40.50 0.86 60.87
CA LEU K 117 -39.25 1.03 60.14
C LEU K 117 -38.33 -0.16 60.42
N SER K 118 -38.27 -0.57 61.70
CA SER K 118 -37.49 -1.72 62.11
C SER K 118 -38.05 -3.00 61.49
N GLY K 119 -39.38 -3.04 61.31
CA GLY K 119 -40.04 -4.16 60.66
C GLY K 119 -39.63 -4.31 59.19
N LEU K 120 -39.62 -3.18 58.48
CA LEU K 120 -39.27 -3.16 57.07
C LEU K 120 -37.78 -3.50 56.89
N LEU K 121 -36.96 -3.05 57.84
CA LEU K 121 -35.53 -3.35 57.84
C LEU K 121 -35.32 -4.84 58.04
N ALA K 122 -36.13 -5.44 58.92
CA ALA K 122 -36.04 -6.86 59.23
C ALA K 122 -36.67 -7.70 58.11
N ARG K 123 -37.72 -7.15 57.47
CA ARG K 123 -38.37 -7.82 56.36
C ARG K 123 -37.45 -7.83 55.14
N ILE K 124 -36.53 -6.85 55.08
CA ILE K 124 -35.59 -6.73 54.00
C ILE K 124 -34.47 -7.76 54.16
N ASN K 125 -33.87 -7.80 55.36
CA ASN K 125 -32.76 -8.69 55.65
C ASN K 125 -33.16 -10.14 55.41
N HIS K 126 -34.44 -10.47 55.67
CA HIS K 126 -34.99 -11.79 55.43
C HIS K 126 -34.83 -12.18 53.97
N ALA K 127 -35.33 -11.33 53.07
CA ALA K 127 -35.32 -11.60 51.64
C ALA K 127 -33.90 -11.77 51.12
N ILE K 128 -32.95 -11.05 51.73
CA ILE K 128 -31.54 -11.18 51.41
C ILE K 128 -31.11 -12.64 51.59
N ARG K 129 -31.41 -13.20 52.76
CA ARG K 129 -31.04 -14.57 53.10
C ARG K 129 -31.92 -15.57 52.34
N LYS K 130 -33.15 -15.16 52.01
CA LYS K 130 -34.12 -16.02 51.34
C LYS K 130 -33.76 -16.21 49.87
N TYR K 131 -32.88 -15.35 49.33
CA TYR K 131 -32.45 -15.45 47.93
C TYR K 131 -30.96 -15.76 47.84
N LYS K 132 -30.28 -15.87 48.99
CA LYS K 132 -28.82 -15.97 49.01
C LYS K 132 -28.24 -14.84 48.18
N ALA K 133 -28.65 -13.61 48.48
CA ALA K 133 -28.34 -12.45 47.68
C ALA K 133 -26.90 -11.99 47.96
N LYS K 134 -26.13 -11.83 46.87
CA LYS K 134 -24.76 -11.35 46.96
C LYS K 134 -24.73 -9.84 46.81
N ARG K 135 -25.70 -9.29 46.06
CA ARG K 135 -25.73 -7.88 45.71
C ARG K 135 -27.12 -7.33 46.07
N VAL K 136 -27.15 -6.10 46.60
CA VAL K 136 -28.37 -5.52 47.15
C VAL K 136 -28.49 -4.07 46.70
N VAL K 137 -29.74 -3.58 46.67
CA VAL K 137 -30.05 -2.22 46.26
C VAL K 137 -31.20 -1.70 47.13
N ILE K 138 -31.06 -0.45 47.57
CA ILE K 138 -32.09 0.24 48.34
C ILE K 138 -32.42 1.54 47.63
N ASP K 139 -33.58 1.56 46.96
CA ASP K 139 -33.98 2.71 46.14
C ASP K 139 -34.49 3.82 47.04
N SER K 140 -33.86 5.00 46.92
CA SER K 140 -34.17 6.18 47.70
C SER K 140 -34.03 5.90 49.20
N ILE K 141 -32.80 6.09 49.71
CA ILE K 141 -32.55 6.08 51.14
C ILE K 141 -33.03 7.41 51.73
N THR K 142 -33.06 8.45 50.90
CA THR K 142 -33.56 9.76 51.29
C THR K 142 -35.07 9.70 51.57
N ALA K 143 -35.80 8.94 50.73
CA ALA K 143 -37.25 8.86 50.84
C ALA K 143 -37.66 8.24 52.17
N ILE K 144 -36.82 7.35 52.71
CA ILE K 144 -37.06 6.73 54.02
C ILE K 144 -37.35 7.81 55.05
N PHE K 145 -36.62 8.93 54.97
CA PHE K 145 -36.80 10.04 55.89
C PHE K 145 -38.06 10.83 55.52
N GLN K 146 -38.24 11.08 54.21
CA GLN K 146 -39.37 11.83 53.70
C GLN K 146 -40.68 11.05 53.91
N GLN K 147 -40.56 9.74 54.17
CA GLN K 147 -41.71 8.89 54.44
C GLN K 147 -42.04 8.91 55.92
N PHE K 148 -41.01 9.05 56.78
CA PHE K 148 -41.19 9.03 58.22
C PHE K 148 -40.78 10.37 58.83
N ASP K 149 -41.13 11.47 58.15
CA ASP K 149 -40.89 12.82 58.63
C ASP K 149 -39.38 13.11 58.65
N ASP K 150 -38.69 12.62 59.68
CA ASP K 150 -37.26 12.80 59.81
C ASP K 150 -36.74 11.84 60.88
N ALA K 151 -36.55 12.36 62.10
CA ALA K 151 -36.14 11.58 63.26
C ALA K 151 -34.69 11.11 63.11
N SER K 152 -33.93 11.21 64.20
CA SER K 152 -32.59 10.65 64.29
C SER K 152 -32.67 9.14 64.47
N THR K 153 -33.86 8.64 64.84
CA THR K 153 -34.13 7.22 64.93
C THR K 153 -33.99 6.57 63.56
N VAL K 154 -34.44 7.29 62.52
CA VAL K 154 -34.33 6.81 61.15
C VAL K 154 -32.85 6.77 60.74
N ARG K 155 -32.09 7.78 61.16
CA ARG K 155 -30.65 7.83 60.92
C ARG K 155 -29.97 6.69 61.66
N ARG K 156 -30.45 6.38 62.87
CA ARG K 156 -29.90 5.31 63.69
C ARG K 156 -30.23 3.96 63.08
N GLU K 157 -31.48 3.80 62.62
CA GLU K 157 -31.95 2.56 62.02
C GLU K 157 -31.16 2.27 60.73
N LEU K 158 -30.84 3.34 59.99
CA LEU K 158 -30.06 3.22 58.77
C LEU K 158 -28.62 2.83 59.10
N PHE K 159 -28.09 3.39 60.20
CA PHE K 159 -26.76 3.06 60.69
C PHE K 159 -26.64 1.56 60.89
N ARG K 160 -27.71 0.95 61.42
CA ARG K 160 -27.77 -0.49 61.65
C ARG K 160 -27.85 -1.23 60.31
N LEU K 161 -28.65 -0.68 59.38
CA LEU K 161 -28.82 -1.28 58.06
C LEU K 161 -27.48 -1.47 57.37
N VAL K 162 -26.58 -0.49 57.54
CA VAL K 162 -25.23 -0.56 56.99
C VAL K 162 -24.44 -1.64 57.72
N ALA K 163 -24.49 -1.62 59.05
CA ALA K 163 -23.73 -2.55 59.88
C ALA K 163 -24.21 -3.98 59.66
N ARG K 164 -25.53 -4.17 59.64
CA ARG K 164 -26.14 -5.48 59.49
C ARG K 164 -25.77 -6.08 58.13
N LEU K 165 -25.96 -5.29 57.06
CA LEU K 165 -25.67 -5.72 55.71
C LEU K 165 -24.17 -6.02 55.55
N LYS K 166 -23.34 -5.26 56.27
CA LYS K 166 -21.90 -5.45 56.25
C LYS K 166 -21.54 -6.79 56.89
N ARG K 167 -22.24 -7.14 57.97
CA ARG K 167 -22.01 -8.39 58.69
C ARG K 167 -22.37 -9.58 57.79
N MET K 168 -23.43 -9.41 56.99
CA MET K 168 -23.86 -10.43 56.05
C MET K 168 -22.87 -10.52 54.90
N GLY K 169 -22.11 -9.43 54.68
CA GLY K 169 -21.02 -9.42 53.72
C GLY K 169 -21.54 -9.39 52.28
N VAL K 170 -22.40 -8.42 52.00
CA VAL K 170 -23.03 -8.30 50.68
C VAL K 170 -22.74 -6.91 50.14
N THR K 171 -22.67 -6.81 48.81
CA THR K 171 -22.46 -5.54 48.12
C THR K 171 -23.78 -4.79 48.08
N THR K 172 -23.77 -3.54 48.56
CA THR K 172 -24.98 -2.73 48.68
C THR K 172 -24.79 -1.40 47.96
N ILE K 173 -25.76 -1.05 47.10
CA ILE K 173 -25.83 0.27 46.49
C ILE K 173 -26.98 1.03 47.15
N MET K 174 -26.72 2.29 47.54
CA MET K 174 -27.69 3.10 48.25
C MET K 174 -27.97 4.37 47.45
N THR K 175 -29.14 4.40 46.80
CA THR K 175 -29.55 5.54 45.99
C THR K 175 -30.02 6.68 46.88
N ALA K 176 -29.50 7.88 46.62
CA ALA K 176 -29.91 9.09 47.32
C ALA K 176 -30.05 10.24 46.33
N GLU K 177 -30.92 11.19 46.65
CA GLU K 177 -31.18 12.34 45.80
C GLU K 177 -30.46 13.57 46.35
N ARG K 178 -30.30 14.59 45.50
CA ARG K 178 -29.65 15.84 45.85
C ARG K 178 -30.53 16.99 45.41
N THR K 179 -30.02 18.23 45.55
CA THR K 179 -30.70 19.42 45.10
C THR K 179 -29.89 20.08 43.97
N GLU K 180 -28.63 20.41 44.25
CA GLU K 180 -27.77 21.11 43.32
C GLU K 180 -26.67 20.17 42.85
N GLU K 181 -26.24 20.32 41.59
CA GLU K 181 -25.31 19.41 40.94
C GLU K 181 -23.91 19.57 41.55
N TYR K 182 -23.55 20.80 41.91
CA TYR K 182 -22.23 21.12 42.43
C TYR K 182 -22.36 21.75 43.81
N GLY K 183 -23.01 21.03 44.73
CA GLY K 183 -23.22 21.52 46.09
C GLY K 183 -22.99 20.42 47.11
N PRO K 184 -23.99 20.07 47.96
CA PRO K 184 -23.84 19.01 48.95
C PRO K 184 -23.89 17.63 48.30
N ILE K 185 -23.05 16.71 48.80
CA ILE K 185 -22.96 15.35 48.30
C ILE K 185 -24.37 14.76 48.16
N ALA K 186 -25.18 14.87 49.22
CA ALA K 186 -26.52 14.30 49.22
C ALA K 186 -27.43 15.09 50.15
N ARG K 187 -28.73 14.82 50.04
CA ARG K 187 -29.76 15.52 50.80
C ARG K 187 -29.93 14.82 52.16
N TYR K 188 -30.33 15.60 53.17
CA TYR K 188 -30.57 15.10 54.52
C TYR K 188 -29.28 14.62 55.16
N GLY K 189 -28.13 15.12 54.67
CA GLY K 189 -26.83 14.74 55.17
C GLY K 189 -26.72 13.23 55.42
N VAL K 190 -27.14 12.43 54.43
CA VAL K 190 -27.18 10.99 54.55
C VAL K 190 -25.78 10.41 54.40
N GLU K 191 -24.88 11.20 53.80
CA GLU K 191 -23.50 10.79 53.55
C GLU K 191 -22.84 10.32 54.85
N GLU K 192 -22.98 11.12 55.91
CA GLU K 192 -22.22 10.90 57.15
C GLU K 192 -22.49 9.51 57.71
N PHE K 193 -23.71 8.98 57.48
CA PHE K 193 -24.09 7.65 57.94
C PHE K 193 -23.45 6.57 57.07
N VAL K 194 -23.45 6.79 55.74
CA VAL K 194 -22.97 5.81 54.79
C VAL K 194 -21.67 6.31 54.14
N ALA K 195 -20.85 7.03 54.92
CA ALA K 195 -19.64 7.65 54.41
C ALA K 195 -18.54 6.60 54.27
N ASP K 196 -18.63 5.80 53.20
CA ASP K 196 -17.65 4.77 52.90
C ASP K 196 -17.28 4.84 51.42
N ASN K 197 -18.30 4.69 50.55
CA ASN K 197 -18.12 4.82 49.12
C ASN K 197 -19.20 5.75 48.58
N VAL K 198 -18.82 6.65 47.67
CA VAL K 198 -19.73 7.65 47.11
C VAL K 198 -19.43 7.81 45.63
N VAL K 199 -20.40 7.43 44.79
CA VAL K 199 -20.31 7.60 43.35
C VAL K 199 -21.38 8.60 42.92
N ILE K 200 -20.98 9.88 42.78
CA ILE K 200 -21.91 10.95 42.46
C ILE K 200 -22.18 10.92 40.96
N LEU K 201 -23.46 10.96 40.59
CA LEU K 201 -23.88 11.11 39.21
C LEU K 201 -24.46 12.51 39.02
N ARG K 202 -24.17 13.11 37.86
CA ARG K 202 -24.59 14.48 37.58
C ARG K 202 -25.19 14.56 36.18
N ASN K 203 -25.98 15.62 35.97
CA ASN K 203 -26.50 15.97 34.65
C ASN K 203 -26.43 17.49 34.53
N VAL K 204 -25.23 18.00 34.26
CA VAL K 204 -24.93 19.43 34.35
C VAL K 204 -25.46 20.12 33.10
N LEU K 205 -26.09 21.29 33.29
CA LEU K 205 -26.57 22.10 32.19
C LEU K 205 -25.55 23.20 31.90
N GLU K 206 -24.84 23.07 30.76
CA GLU K 206 -23.94 24.11 30.26
C GLU K 206 -24.39 24.48 28.85
N GLY K 207 -24.39 25.78 28.56
CA GLY K 207 -24.99 26.29 27.33
C GLY K 207 -26.50 26.07 27.34
N GLU K 208 -26.98 25.21 26.45
CA GLU K 208 -28.36 24.74 26.49
C GLU K 208 -28.39 23.23 26.25
N ARG K 209 -27.33 22.54 26.71
CA ARG K 209 -27.22 21.10 26.61
C ARG K 209 -26.80 20.53 27.96
N ARG K 210 -27.06 19.24 28.15
CA ARG K 210 -26.75 18.55 29.40
C ARG K 210 -25.54 17.64 29.19
N ARG K 211 -24.87 17.27 30.31
CA ARG K 211 -23.73 16.38 30.27
C ARG K 211 -23.77 15.45 31.49
N ARG K 212 -24.03 14.17 31.23
CA ARG K 212 -24.02 13.14 32.26
C ARG K 212 -22.57 12.85 32.67
N THR K 213 -22.26 13.02 33.96
CA THR K 213 -20.91 12.78 34.46
C THR K 213 -20.96 12.03 35.79
N ILE K 214 -20.00 11.11 35.97
CA ILE K 214 -19.92 10.27 37.16
C ILE K 214 -18.57 10.50 37.83
N GLU K 215 -18.54 10.45 39.16
CA GLU K 215 -17.35 10.76 39.93
C GLU K 215 -17.32 9.93 41.21
N ILE K 216 -16.31 9.06 41.33
CA ILE K 216 -16.09 8.27 42.53
C ILE K 216 -15.24 9.08 43.49
N LEU K 217 -15.89 9.77 44.44
CA LEU K 217 -15.22 10.70 45.33
C LEU K 217 -14.43 9.94 46.40
N LYS K 218 -14.96 8.80 46.85
CA LYS K 218 -14.37 8.05 47.95
C LYS K 218 -14.45 6.55 47.66
N PHE K 219 -13.34 5.86 47.96
CA PHE K 219 -13.26 4.40 47.99
C PHE K 219 -12.36 4.00 49.15
N ARG K 220 -12.88 4.20 50.37
CA ARG K 220 -12.11 3.99 51.60
C ARG K 220 -11.53 2.58 51.59
N GLY K 221 -10.21 2.48 51.38
CA GLY K 221 -9.50 1.21 51.42
C GLY K 221 -9.06 0.72 50.04
N THR K 222 -9.47 1.43 48.98
CA THR K 222 -9.16 1.03 47.62
C THR K 222 -8.82 2.26 46.77
N SER K 223 -8.31 2.00 45.56
CA SER K 223 -7.95 3.05 44.62
C SER K 223 -9.09 3.27 43.63
N HIS K 224 -9.30 4.54 43.26
CA HIS K 224 -10.38 4.93 42.35
C HIS K 224 -9.86 6.01 41.41
N GLN K 225 -10.23 5.90 40.13
CA GLN K 225 -9.89 6.91 39.14
C GLN K 225 -10.55 8.22 39.56
N LYS K 226 -9.75 9.13 40.15
CA LYS K 226 -10.25 10.41 40.62
C LYS K 226 -10.55 11.31 39.42
N GLY K 227 -11.75 11.90 39.41
CA GLY K 227 -12.16 12.81 38.35
C GLY K 227 -13.51 12.42 37.76
N GLU K 228 -14.16 13.39 37.10
CA GLU K 228 -15.43 13.16 36.44
C GLU K 228 -15.19 12.45 35.10
N PHE K 229 -16.10 11.53 34.76
CA PHE K 229 -16.02 10.77 33.52
C PHE K 229 -17.39 10.76 32.85
N PRO K 230 -17.48 10.99 31.52
CA PRO K 230 -18.77 11.02 30.82
C PRO K 230 -19.38 9.63 30.69
N PHE K 231 -20.71 9.55 30.87
CA PHE K 231 -21.45 8.33 30.60
C PHE K 231 -22.70 8.68 29.79
N THR K 232 -23.44 7.65 29.38
CA THR K 232 -24.66 7.80 28.61
C THR K 232 -25.61 6.67 28.95
N ILE K 233 -26.89 7.01 29.17
CA ILE K 233 -27.92 6.02 29.44
C ILE K 233 -28.55 5.64 28.10
N THR K 234 -27.87 4.73 27.39
CA THR K 234 -28.30 4.30 26.07
C THR K 234 -29.57 3.46 26.17
N PRO K 235 -30.48 3.49 25.16
CA PRO K 235 -31.62 2.58 25.12
C PRO K 235 -31.25 1.13 24.80
N GLY K 236 -30.21 0.62 25.46
CA GLY K 236 -29.69 -0.71 25.16
C GLY K 236 -28.77 -1.23 26.27
N GLU K 237 -27.53 -0.73 26.30
CA GLU K 237 -26.55 -1.15 27.29
C GLU K 237 -26.69 -0.30 28.55
N GLY K 238 -27.86 0.32 28.73
CA GLY K 238 -28.10 1.22 29.85
C GLY K 238 -26.97 2.23 30.03
N ILE K 239 -26.33 2.19 31.21
CA ILE K 239 -25.23 3.08 31.52
C ILE K 239 -23.98 2.60 30.78
N SER K 240 -23.57 3.37 29.76
CA SER K 240 -22.36 3.09 29.00
C SER K 240 -21.34 4.19 29.27
N ILE K 241 -20.37 3.88 30.15
CA ILE K 241 -19.38 4.86 30.58
C ILE K 241 -18.14 4.72 29.72
N PHE K 242 -17.57 5.87 29.31
CA PHE K 242 -16.35 5.91 28.52
C PHE K 242 -15.21 6.43 29.38
N PRO K 243 -14.35 5.56 29.97
CA PRO K 243 -13.28 6.00 30.85
C PRO K 243 -12.26 6.88 30.12
N LEU K 244 -11.82 6.42 28.94
CA LEU K 244 -10.93 7.17 28.08
C LEU K 244 -9.71 7.64 28.87
N ARG K 252 -0.39 -1.60 18.08
CA ARG K 252 -0.22 -2.30 16.77
C ARG K 252 0.17 -1.30 15.70
N SER K 253 1.38 -1.46 15.15
CA SER K 253 1.91 -0.56 14.13
C SER K 253 2.31 -1.37 12.90
N SER K 254 1.32 -1.68 12.06
CA SER K 254 1.53 -2.46 10.85
C SER K 254 2.15 -1.58 9.77
N ASN K 255 2.95 -2.20 8.89
CA ASN K 255 3.62 -1.50 7.81
C ASN K 255 2.78 -1.57 6.53
N VAL K 256 1.54 -2.05 6.63
CA VAL K 256 0.61 -2.10 5.51
C VAL K 256 0.18 -0.69 5.16
N ARG K 257 -0.06 -0.44 3.87
CA ARG K 257 -0.50 0.86 3.38
C ARG K 257 -1.75 0.69 2.52
N VAL K 258 -2.59 1.73 2.49
CA VAL K 258 -3.82 1.76 1.71
C VAL K 258 -3.84 3.01 0.85
N SER K 259 -4.66 2.99 -0.20
CA SER K 259 -4.74 4.09 -1.15
C SER K 259 -5.63 5.20 -0.60
N SER K 260 -5.37 6.43 -1.07
CA SER K 260 -6.10 7.62 -0.65
C SER K 260 -7.26 7.89 -1.60
N GLY K 261 -7.23 7.26 -2.79
CA GLY K 261 -8.19 7.53 -3.83
C GLY K 261 -7.59 8.41 -4.94
N VAL K 262 -6.61 9.24 -4.56
CA VAL K 262 -5.88 10.08 -5.49
C VAL K 262 -4.47 9.51 -5.64
N PRO K 263 -4.17 8.78 -6.73
CA PRO K 263 -2.86 8.14 -6.92
C PRO K 263 -1.64 8.99 -6.59
N GLU K 264 -1.66 10.26 -7.00
CA GLU K 264 -0.51 11.14 -6.85
C GLU K 264 -0.24 11.41 -5.37
N LEU K 265 -1.31 11.44 -4.56
CA LEU K 265 -1.18 11.66 -3.13
C LEU K 265 -0.56 10.43 -2.47
N ASP K 266 -0.85 9.24 -3.00
CA ASP K 266 -0.29 8.00 -2.48
C ASP K 266 1.22 8.00 -2.67
N GLU K 267 1.64 8.33 -3.91
CA GLU K 267 3.06 8.48 -4.22
C GLU K 267 3.68 9.56 -3.33
N MET K 268 2.95 10.67 -3.15
CA MET K 268 3.40 11.78 -2.32
C MET K 268 3.54 11.34 -0.88
N CYS K 269 2.70 10.40 -0.44
CA CYS K 269 2.70 9.89 0.92
C CYS K 269 3.53 8.60 1.03
N GLY K 270 4.44 8.39 0.07
CA GLY K 270 5.40 7.31 0.15
C GLY K 270 4.77 5.92 -0.02
N GLY K 271 3.77 5.83 -0.91
CA GLY K 271 3.11 4.57 -1.21
C GLY K 271 1.62 4.60 -0.89
N GLY K 272 1.26 5.29 0.20
CA GLY K 272 -0.13 5.40 0.63
C GLY K 272 -0.24 5.74 2.11
N PHE K 273 -1.38 5.38 2.71
CA PHE K 273 -1.64 5.61 4.12
C PHE K 273 -1.59 4.29 4.88
N PHE K 274 -0.98 4.31 6.07
CA PHE K 274 -1.00 3.16 6.95
C PHE K 274 -2.45 2.91 7.41
N ARG K 275 -2.86 1.64 7.38
CA ARG K 275 -4.23 1.26 7.69
C ARG K 275 -4.58 1.71 9.11
N ASP K 276 -3.62 1.55 10.03
CA ASP K 276 -3.77 1.94 11.42
C ASP K 276 -3.12 3.30 11.63
N SER K 277 -3.72 4.35 11.07
CA SER K 277 -3.20 5.70 11.18
C SER K 277 -4.33 6.73 11.19
N ILE K 278 -3.97 7.96 11.55
CA ILE K 278 -4.91 9.07 11.62
C ILE K 278 -4.51 10.11 10.56
N ILE K 279 -5.43 10.37 9.63
CA ILE K 279 -5.21 11.29 8.52
C ILE K 279 -6.08 12.52 8.76
N LEU K 280 -5.51 13.71 8.52
CA LEU K 280 -6.20 14.97 8.77
C LEU K 280 -5.96 15.93 7.60
N VAL K 281 -7.07 16.47 7.07
CA VAL K 281 -7.02 17.45 5.98
C VAL K 281 -7.46 18.80 6.53
N SER K 282 -6.64 19.83 6.30
CA SER K 282 -6.86 21.16 6.85
C SER K 282 -6.82 22.20 5.74
N GLY K 283 -7.81 23.10 5.73
CA GLY K 283 -7.90 24.16 4.74
C GLY K 283 -9.23 24.90 4.80
N ALA K 284 -9.34 25.98 4.03
CA ALA K 284 -10.55 26.78 3.97
C ALA K 284 -11.63 26.04 3.18
N THR K 285 -12.83 26.64 3.09
CA THR K 285 -13.90 26.11 2.26
C THR K 285 -13.57 26.35 0.79
N GLY K 286 -13.89 25.36 -0.06
CA GLY K 286 -13.58 25.41 -1.47
C GLY K 286 -12.31 24.63 -1.81
N THR K 287 -11.41 24.48 -0.82
CA THR K 287 -10.14 23.80 -1.02
C THR K 287 -10.36 22.43 -1.65
N GLY K 288 -11.26 21.63 -1.05
CA GLY K 288 -11.60 20.32 -1.57
C GLY K 288 -11.33 19.21 -0.55
N LYS K 289 -11.74 19.45 0.71
CA LYS K 289 -11.53 18.51 1.79
C LYS K 289 -12.57 17.39 1.71
N THR K 290 -13.77 17.73 1.22
CA THR K 290 -14.85 16.77 1.08
C THR K 290 -14.56 15.82 -0.09
N LEU K 291 -13.84 16.31 -1.11
CA LEU K 291 -13.46 15.50 -2.25
C LEU K 291 -12.49 14.40 -1.82
N LEU K 292 -11.45 14.77 -1.07
CA LEU K 292 -10.50 13.81 -0.53
C LEU K 292 -11.23 12.79 0.34
N VAL K 293 -12.30 13.23 1.02
CA VAL K 293 -13.14 12.34 1.81
C VAL K 293 -13.86 11.35 0.90
N THR K 294 -14.55 11.87 -0.13
CA THR K 294 -15.31 11.03 -1.04
C THR K 294 -14.38 10.03 -1.74
N LYS K 295 -13.21 10.53 -2.19
CA LYS K 295 -12.26 9.72 -2.93
C LYS K 295 -11.71 8.61 -2.05
N PHE K 296 -11.52 8.90 -0.75
CA PHE K 296 -10.99 7.93 0.20
C PHE K 296 -12.00 6.79 0.40
N LEU K 297 -13.26 7.16 0.61
CA LEU K 297 -14.32 6.20 0.86
C LEU K 297 -14.61 5.39 -0.41
N GLU K 298 -14.36 6.00 -1.58
CA GLU K 298 -14.56 5.32 -2.85
C GLU K 298 -13.54 4.19 -3.00
N GLY K 299 -12.32 4.43 -2.47
CA GLY K 299 -11.26 3.43 -2.49
C GLY K 299 -11.67 2.12 -1.83
N ALA K 300 -12.38 2.23 -0.70
CA ALA K 300 -12.84 1.07 0.04
C ALA K 300 -13.79 0.23 -0.83
N CYS K 301 -14.75 0.91 -1.47
CA CYS K 301 -15.73 0.25 -2.32
C CYS K 301 -15.06 -0.44 -3.49
N ARG K 302 -14.04 0.22 -4.08
CA ARG K 302 -13.34 -0.32 -5.23
C ARG K 302 -12.54 -1.56 -4.82
N ASN K 303 -11.90 -1.51 -3.65
CA ASN K 303 -11.08 -2.61 -3.16
C ASN K 303 -11.94 -3.68 -2.49
N GLY K 304 -13.26 -3.47 -2.44
CA GLY K 304 -14.18 -4.43 -1.86
C GLY K 304 -14.15 -4.41 -0.34
N GLU K 305 -13.77 -3.27 0.24
CA GLU K 305 -13.74 -3.08 1.68
C GLU K 305 -15.05 -2.45 2.13
N ARG K 306 -15.07 -1.89 3.34
CA ARG K 306 -16.24 -1.21 3.88
C ARG K 306 -15.79 0.05 4.62
N ALA K 307 -16.60 1.11 4.52
CA ALA K 307 -16.31 2.38 5.16
C ALA K 307 -17.60 3.17 5.38
N LEU K 308 -17.49 4.27 6.12
CA LEU K 308 -18.63 5.10 6.46
C LEU K 308 -18.21 6.57 6.57
N LEU K 309 -19.15 7.47 6.24
CA LEU K 309 -18.91 8.90 6.31
C LEU K 309 -19.76 9.50 7.43
N PHE K 310 -19.12 10.24 8.33
CA PHE K 310 -19.80 10.98 9.38
C PHE K 310 -19.91 12.45 8.98
N ALA K 311 -20.99 12.77 8.24
CA ALA K 311 -21.22 14.11 7.74
C ALA K 311 -21.85 14.97 8.84
N PHE K 312 -21.34 16.19 9.00
CA PHE K 312 -21.94 17.17 9.89
C PHE K 312 -21.92 18.56 9.26
N GLU K 313 -21.84 18.60 7.92
CA GLU K 313 -21.83 19.85 7.17
C GLU K 313 -22.60 19.71 5.85
N GLU K 314 -23.22 18.55 5.61
CA GLU K 314 -23.85 18.28 4.33
C GLU K 314 -24.88 17.17 4.47
N SER K 315 -25.93 17.23 3.65
CA SER K 315 -26.99 16.23 3.64
C SER K 315 -26.61 15.06 2.73
N ARG K 316 -27.51 14.09 2.60
CA ARG K 316 -27.27 12.91 1.78
C ARG K 316 -27.26 13.30 0.31
N GLU K 317 -28.32 13.99 -0.13
CA GLU K 317 -28.47 14.41 -1.51
C GLU K 317 -27.41 15.46 -1.86
N GLN K 318 -27.10 16.32 -0.89
CA GLN K 318 -26.09 17.36 -1.06
C GLN K 318 -24.73 16.71 -1.32
N LEU K 319 -24.41 15.68 -0.51
CA LEU K 319 -23.15 14.98 -0.61
C LEU K 319 -23.12 14.10 -1.86
N LEU K 320 -24.25 13.43 -2.14
CA LEU K 320 -24.37 12.56 -3.30
C LEU K 320 -24.27 13.38 -4.59
N ARG K 321 -24.72 14.64 -4.54
CA ARG K 321 -24.70 15.53 -5.68
C ARG K 321 -23.26 15.90 -6.04
N ASN K 322 -22.48 16.32 -5.03
CA ASN K 322 -21.10 16.72 -5.24
C ASN K 322 -20.29 15.53 -5.72
N ALA K 323 -20.64 14.33 -5.23
CA ALA K 323 -19.98 13.10 -5.63
C ALA K 323 -20.15 12.86 -7.13
N THR K 324 -21.40 12.93 -7.60
CA THR K 324 -21.71 12.71 -9.01
C THR K 324 -20.98 13.73 -9.88
N SER K 325 -20.82 14.96 -9.36
CA SER K 325 -20.16 16.03 -10.08
C SER K 325 -18.66 15.75 -10.21
N TRP K 326 -18.11 15.02 -9.22
CA TRP K 326 -16.70 14.62 -9.24
C TRP K 326 -16.53 13.26 -9.91
N GLY K 327 -17.56 12.77 -10.61
CA GLY K 327 -17.50 11.49 -11.29
C GLY K 327 -17.37 10.33 -10.32
N ILE K 328 -18.38 10.18 -9.44
CA ILE K 328 -18.40 9.12 -8.45
C ILE K 328 -19.83 8.96 -7.95
N ASP K 329 -20.30 7.71 -7.87
CA ASP K 329 -21.68 7.41 -7.53
C ASP K 329 -21.75 6.89 -6.10
N PHE K 330 -22.28 7.71 -5.18
CA PHE K 330 -22.70 7.25 -3.87
C PHE K 330 -24.04 6.56 -4.00
N GLU K 331 -24.06 5.45 -4.75
CA GLU K 331 -25.29 4.73 -5.06
C GLU K 331 -25.04 3.23 -4.93
N GLU K 332 -24.10 2.71 -5.74
CA GLU K 332 -23.81 1.29 -5.78
C GLU K 332 -23.05 0.90 -4.51
N MET K 333 -22.30 1.85 -3.94
CA MET K 333 -21.53 1.63 -2.73
C MET K 333 -22.46 1.28 -1.57
N GLU K 334 -23.60 1.99 -1.48
CA GLU K 334 -24.52 1.84 -0.36
C GLU K 334 -25.41 0.61 -0.56
N ARG K 335 -25.60 0.19 -1.82
CA ARG K 335 -26.44 -0.94 -2.14
C ARG K 335 -25.85 -2.22 -1.55
N ASP K 336 -24.51 -2.31 -1.52
CA ASP K 336 -23.82 -3.49 -1.04
C ASP K 336 -23.43 -3.32 0.44
N GLY K 337 -23.84 -2.20 1.04
CA GLY K 337 -23.48 -1.89 2.42
C GLY K 337 -22.02 -1.49 2.57
N ARG K 338 -21.38 -1.14 1.44
CA ARG K 338 -19.96 -0.79 1.42
C ARG K 338 -19.79 0.64 1.92
N LEU K 339 -20.80 1.49 1.66
CA LEU K 339 -20.79 2.88 2.09
C LEU K 339 -21.95 3.10 3.07
N LYS K 340 -21.70 3.97 4.06
CA LYS K 340 -22.70 4.32 5.05
C LYS K 340 -22.61 5.82 5.33
N ILE K 341 -23.78 6.48 5.39
CA ILE K 341 -23.85 7.92 5.61
C ILE K 341 -24.66 8.18 6.88
N VAL K 342 -24.15 9.07 7.72
CA VAL K 342 -24.81 9.47 8.96
C VAL K 342 -25.57 10.77 8.71
N CYS K 343 -24.83 11.83 8.35
CA CYS K 343 -25.37 13.14 8.03
C CYS K 343 -26.37 13.60 9.09
N ALA K 344 -25.85 14.13 10.19
CA ALA K 344 -26.65 14.69 11.27
C ALA K 344 -26.05 16.00 11.74
N TYR K 345 -26.78 16.73 12.59
CA TYR K 345 -26.39 18.07 13.01
C TYR K 345 -25.56 17.98 14.29
N PRO K 346 -24.46 18.76 14.40
CA PRO K 346 -23.67 18.83 15.63
C PRO K 346 -24.46 19.12 16.90
N GLU K 347 -25.40 20.08 16.81
CA GLU K 347 -26.12 20.57 17.97
C GLU K 347 -27.33 19.69 18.28
N SER K 348 -27.53 18.62 17.49
CA SER K 348 -28.59 17.65 17.74
C SER K 348 -28.44 17.04 19.13
N THR K 349 -27.18 16.82 19.55
CA THR K 349 -26.85 16.33 20.87
C THR K 349 -25.52 16.93 21.32
N GLY K 350 -24.94 16.37 22.39
CA GLY K 350 -23.63 16.76 22.87
C GLY K 350 -22.53 15.93 22.23
N LEU K 351 -21.28 16.38 22.39
CA LEU K 351 -20.12 15.70 21.85
C LEU K 351 -19.98 14.32 22.50
N GLU K 352 -20.21 14.26 23.82
CA GLU K 352 -20.10 13.02 24.57
C GLU K 352 -21.19 12.04 24.12
N ASP K 353 -22.34 12.58 23.69
CA ASP K 353 -23.46 11.76 23.27
C ASP K 353 -23.21 11.17 21.87
N HIS K 354 -22.53 11.94 21.01
CA HIS K 354 -22.25 11.51 19.65
C HIS K 354 -21.39 10.24 19.65
N LEU K 355 -20.41 10.19 20.57
CA LEU K 355 -19.44 9.11 20.62
C LEU K 355 -20.13 7.75 20.65
N ILE K 356 -21.22 7.64 21.43
CA ILE K 356 -21.94 6.40 21.59
C ILE K 356 -22.51 5.93 20.26
N MET K 357 -23.15 6.86 19.53
CA MET K 357 -23.75 6.55 18.25
C MET K 357 -22.67 6.18 17.23
N ILE K 358 -21.52 6.87 17.30
CA ILE K 358 -20.40 6.60 16.43
C ILE K 358 -19.85 5.20 16.69
N LYS K 359 -19.60 4.91 17.99
CA LYS K 359 -19.05 3.64 18.41
C LYS K 359 -20.02 2.50 18.06
N GLU K 360 -21.31 2.72 18.34
CA GLU K 360 -22.35 1.75 18.05
C GLU K 360 -22.41 1.48 16.55
N VAL K 361 -22.20 2.54 15.75
CA VAL K 361 -22.22 2.44 14.30
C VAL K 361 -21.01 1.64 13.82
N ILE K 362 -19.89 1.77 14.54
CA ILE K 362 -18.65 1.09 14.20
C ILE K 362 -18.83 -0.42 14.28
N GLU K 363 -19.66 -0.89 15.22
CA GLU K 363 -19.86 -2.32 15.44
C GLU K 363 -20.98 -2.86 14.56
N GLU K 364 -21.53 -2.02 13.68
CA GLU K 364 -22.69 -2.39 12.89
C GLU K 364 -22.27 -3.20 11.66
N PHE K 365 -21.57 -2.54 10.72
CA PHE K 365 -21.34 -3.10 9.40
C PHE K 365 -19.84 -3.34 9.15
N LYS K 366 -18.99 -3.07 10.15
CA LYS K 366 -17.56 -3.30 10.06
C LYS K 366 -16.93 -2.25 9.13
N PRO K 367 -16.35 -1.15 9.68
CA PRO K 367 -15.73 -0.11 8.87
C PRO K 367 -14.21 -0.25 8.77
N ASP K 368 -13.72 -0.58 7.56
CA ASP K 368 -12.30 -0.60 7.28
C ASP K 368 -11.75 0.83 7.35
N ARG K 369 -12.56 1.80 6.88
CA ARG K 369 -12.22 3.20 6.95
C ARG K 369 -13.39 3.98 7.55
N ILE K 370 -13.12 5.21 7.98
CA ILE K 370 -14.13 6.07 8.57
C ILE K 370 -13.70 7.53 8.40
N ALA K 371 -14.65 8.39 8.02
CA ALA K 371 -14.37 9.80 7.75
C ALA K 371 -15.25 10.69 8.62
N ILE K 372 -14.68 11.80 9.08
CA ILE K 372 -15.39 12.77 9.90
C ILE K 372 -15.33 14.14 9.22
N ASP K 373 -16.39 14.46 8.47
CA ASP K 373 -16.48 15.71 7.73
C ASP K 373 -17.62 16.54 8.33
N SER K 374 -17.32 17.50 9.21
CA SER K 374 -15.97 17.87 9.62
C SER K 374 -15.83 17.73 11.14
N LEU K 375 -14.64 18.06 11.65
CA LEU K 375 -14.38 18.13 13.08
C LEU K 375 -14.64 19.55 13.58
N SER K 376 -14.38 20.54 12.73
CA SER K 376 -14.63 21.94 13.04
C SER K 376 -16.11 22.20 13.28
N ALA K 377 -16.98 21.36 12.70
CA ALA K 377 -18.41 21.41 12.94
C ALA K 377 -18.72 21.07 14.40
N LEU K 378 -18.07 20.00 14.90
CA LEU K 378 -18.29 19.53 16.26
C LEU K 378 -17.48 20.39 17.24
N GLU K 379 -16.43 21.04 16.75
CA GLU K 379 -15.61 21.93 17.56
C GLU K 379 -16.35 23.24 17.85
N ARG K 380 -17.33 23.57 17.00
CA ARG K 380 -18.18 24.73 17.23
C ARG K 380 -18.94 24.54 18.54
N VAL K 381 -18.88 25.56 19.41
CA VAL K 381 -19.40 25.47 20.77
C VAL K 381 -18.47 24.56 21.57
N ALA K 382 -19.04 23.67 22.38
CA ALA K 382 -18.27 22.73 23.19
C ALA K 382 -17.31 23.51 24.09
N SER K 383 -16.14 22.91 24.36
CA SER K 383 -15.09 23.58 25.13
C SER K 383 -13.73 23.07 24.70
N ASP K 384 -12.68 23.86 25.00
CA ASP K 384 -11.31 23.50 24.68
C ASP K 384 -11.00 22.11 25.25
N ARG K 385 -11.47 21.86 26.48
CA ARG K 385 -11.29 20.58 27.15
C ARG K 385 -12.25 19.55 26.57
N GLY K 386 -13.53 19.90 26.54
CA GLY K 386 -14.59 19.00 26.07
C GLY K 386 -14.36 18.53 24.64
N PHE K 387 -13.77 19.39 23.80
CA PHE K 387 -13.43 19.05 22.43
C PHE K 387 -12.35 17.97 22.43
N ARG K 388 -11.27 18.21 23.20
CA ARG K 388 -10.15 17.29 23.29
C ARG K 388 -10.63 15.92 23.79
N GLU K 389 -11.62 15.92 24.69
CA GLU K 389 -12.18 14.70 25.23
C GLU K 389 -12.76 13.82 24.13
N PHE K 390 -13.38 14.45 23.12
CA PHE K 390 -13.99 13.74 22.02
C PHE K 390 -12.93 13.19 21.06
N VAL K 391 -11.90 14.00 20.80
CA VAL K 391 -10.82 13.64 19.90
C VAL K 391 -10.09 12.42 20.44
N ILE K 392 -9.56 12.56 21.67
CA ILE K 392 -8.79 11.51 22.31
C ILE K 392 -9.55 10.18 22.24
N GLY K 393 -10.86 10.24 22.48
CA GLY K 393 -11.72 9.06 22.40
C GLY K 393 -11.73 8.45 21.00
N LEU K 394 -12.06 9.28 20.00
CA LEU K 394 -12.15 8.83 18.62
C LEU K 394 -10.76 8.45 18.09
N THR K 395 -9.72 9.08 18.66
CA THR K 395 -8.34 8.74 18.35
C THR K 395 -7.87 7.62 19.26
N SER K 396 -8.71 6.58 19.41
CA SER K 396 -8.42 5.45 20.28
C SER K 396 -9.38 4.29 19.99
N PHE K 397 -10.69 4.57 20.01
CA PHE K 397 -11.71 3.57 19.74
C PHE K 397 -11.42 2.88 18.40
N ILE K 398 -11.09 3.70 17.39
CA ILE K 398 -10.82 3.21 16.04
C ILE K 398 -9.61 2.29 16.06
N LYS K 399 -8.59 2.64 16.86
CA LYS K 399 -7.37 1.87 16.98
C LYS K 399 -7.67 0.48 17.54
N GLN K 400 -8.56 0.41 18.54
CA GLN K 400 -8.96 -0.84 19.17
C GLN K 400 -9.60 -1.76 18.12
N GLN K 401 -10.51 -1.18 17.31
CA GLN K 401 -11.22 -1.93 16.28
C GLN K 401 -10.35 -2.10 15.06
N GLU K 402 -9.35 -1.23 14.90
CA GLU K 402 -8.42 -1.25 13.78
C GLU K 402 -9.14 -0.79 12.52
N ILE K 403 -9.33 0.54 12.41
CA ILE K 403 -10.00 1.15 11.29
C ILE K 403 -9.23 2.39 10.84
N THR K 404 -9.38 2.75 9.56
CA THR K 404 -8.71 3.90 8.99
C THR K 404 -9.51 5.16 9.30
N GLY K 405 -8.81 6.26 9.59
CA GLY K 405 -9.44 7.49 10.04
C GLY K 405 -9.00 8.70 9.22
N LEU K 406 -9.94 9.28 8.48
CA LEU K 406 -9.75 10.55 7.80
C LEU K 406 -10.51 11.63 8.55
N PHE K 407 -9.93 12.84 8.64
CA PHE K 407 -10.51 13.93 9.40
C PHE K 407 -10.46 15.21 8.59
N THR K 408 -11.54 16.01 8.67
CA THR K 408 -11.63 17.29 8.01
C THR K 408 -11.69 18.40 9.07
N SER K 409 -11.04 19.53 8.77
CA SER K 409 -10.95 20.65 9.70
C SER K 409 -10.91 21.96 8.92
N THR K 410 -11.98 22.76 9.05
CA THR K 410 -12.10 24.02 8.31
C THR K 410 -11.23 25.07 8.98
N THR K 411 -10.41 25.76 8.17
CA THR K 411 -9.49 26.78 8.65
C THR K 411 -9.61 28.01 7.77
N PRO K 412 -10.12 29.16 8.29
CA PRO K 412 -10.34 30.35 7.48
C PRO K 412 -9.02 31.04 7.06
N HIS K 424 -4.01 22.91 16.64
CA HIS K 424 -3.31 22.50 17.89
C HIS K 424 -3.56 21.02 18.18
N ILE K 425 -4.68 20.48 17.66
CA ILE K 425 -4.97 19.06 17.74
C ILE K 425 -4.09 18.30 16.73
N SER K 426 -3.37 19.05 15.89
CA SER K 426 -2.37 18.47 14.98
C SER K 426 -1.20 17.93 15.79
N THR K 427 -1.44 16.82 16.50
CA THR K 427 -0.47 16.21 17.39
C THR K 427 -0.72 14.71 17.48
N ILE K 428 -1.96 14.34 17.80
CA ILE K 428 -2.41 12.96 17.74
C ILE K 428 -2.64 12.55 16.28
N THR K 429 -2.29 13.46 15.35
CA THR K 429 -2.38 13.19 13.92
C THR K 429 -1.10 12.50 13.46
N ASP K 430 -1.26 11.37 12.75
CA ASP K 430 -0.13 10.67 12.14
C ASP K 430 0.20 11.34 10.82
N THR K 431 -0.81 11.45 9.94
CA THR K 431 -0.65 12.12 8.66
C THR K 431 -1.44 13.43 8.67
N ILE K 432 -0.84 14.48 8.10
CA ILE K 432 -1.47 15.78 8.01
C ILE K 432 -1.27 16.32 6.60
N ILE K 433 -2.38 16.61 5.91
CA ILE K 433 -2.36 17.21 4.58
C ILE K 433 -2.91 18.63 4.70
N LEU K 434 -2.16 19.61 4.19
CA LEU K 434 -2.53 21.01 4.31
C LEU K 434 -2.98 21.56 2.96
N LEU K 435 -4.30 21.72 2.80
CA LEU K 435 -4.88 22.36 1.63
C LEU K 435 -4.98 23.87 1.88
N ARG K 436 -4.77 24.65 0.81
CA ARG K 436 -4.76 26.10 0.91
C ARG K 436 -4.97 26.73 -0.47
N TYR K 437 -5.33 28.01 -0.47
CA TYR K 437 -5.56 28.76 -1.69
C TYR K 437 -4.41 29.75 -1.90
N VAL K 438 -4.00 29.94 -3.15
CA VAL K 438 -2.89 30.82 -3.49
C VAL K 438 -3.35 31.75 -4.62
N GLU K 439 -3.26 33.06 -4.38
CA GLU K 439 -3.60 34.05 -5.38
C GLU K 439 -2.48 34.10 -6.42
N MET K 440 -2.76 33.58 -7.63
CA MET K 440 -1.79 33.56 -8.72
C MET K 440 -2.16 34.62 -9.75
N ARG K 441 -1.95 35.89 -9.39
CA ARG K 441 -2.07 37.02 -10.29
C ARG K 441 -3.49 37.10 -10.85
N GLY K 442 -4.40 37.65 -10.05
CA GLY K 442 -5.79 37.83 -10.44
C GLY K 442 -6.49 36.51 -10.72
N GLU K 443 -6.10 35.47 -9.96
CA GLU K 443 -6.64 34.14 -10.15
C GLU K 443 -6.25 33.27 -8.95
N MET K 444 -7.22 33.00 -8.07
CA MET K 444 -6.99 32.14 -6.91
C MET K 444 -6.81 30.70 -7.38
N SER K 445 -5.61 30.15 -7.12
CA SER K 445 -5.31 28.75 -7.40
C SER K 445 -5.42 27.95 -6.11
N ARG K 446 -5.18 26.62 -6.22
CA ARG K 446 -5.26 25.73 -5.09
C ARG K 446 -3.90 25.05 -4.87
N ALA K 447 -3.61 24.68 -3.62
CA ALA K 447 -2.32 24.13 -3.25
C ALA K 447 -2.50 22.96 -2.29
N ILE K 448 -1.66 21.93 -2.46
CA ILE K 448 -1.64 20.77 -1.59
C ILE K 448 -0.22 20.53 -1.11
N ASN K 449 -0.08 20.10 0.15
CA ASN K 449 1.22 19.77 0.71
C ASN K 449 1.03 18.86 1.92
N VAL K 450 1.78 17.75 1.93
CA VAL K 450 1.80 16.84 3.08
C VAL K 450 2.85 17.37 4.06
N LEU K 451 2.40 17.80 5.23
CA LEU K 451 3.27 18.42 6.21
C LEU K 451 3.98 17.35 7.03
N LYS K 452 3.28 16.25 7.35
CA LYS K 452 3.83 15.21 8.19
C LYS K 452 3.32 13.84 7.76
N MET K 453 4.16 12.82 7.97
CA MET K 453 3.83 11.43 7.72
C MET K 453 4.61 10.56 8.71
N ARG K 454 3.88 9.93 9.65
CA ARG K 454 4.52 9.20 10.74
C ARG K 454 5.03 7.87 10.22
N GLY K 455 6.36 7.70 10.24
CA GLY K 455 7.01 6.46 9.85
C GLY K 455 7.02 6.27 8.33
N SER K 456 7.25 7.36 7.60
CA SER K 456 7.22 7.33 6.14
C SER K 456 7.86 8.58 5.56
N TRP K 457 8.48 8.44 4.39
CA TRP K 457 8.84 9.58 3.56
C TRP K 457 7.56 10.19 2.99
N HIS K 458 7.51 11.53 3.00
CA HIS K 458 6.44 12.26 2.33
C HIS K 458 7.08 13.31 1.42
N ASP K 459 6.32 13.76 0.43
CA ASP K 459 6.77 14.82 -0.47
C ASP K 459 6.62 16.15 0.25
N LYS K 460 7.65 17.00 0.15
CA LYS K 460 7.69 18.27 0.84
C LYS K 460 7.29 19.42 -0.09
N GLU K 461 7.30 19.16 -1.41
CA GLU K 461 6.95 20.18 -2.38
C GLU K 461 5.49 20.59 -2.21
N ILE K 462 5.23 21.90 -2.31
CA ILE K 462 3.89 22.45 -2.23
C ILE K 462 3.30 22.46 -3.63
N ARG K 463 2.56 21.40 -3.96
CA ARG K 463 2.11 21.13 -5.32
C ARG K 463 0.77 21.82 -5.58
N GLU K 464 0.64 22.44 -6.75
CA GLU K 464 -0.64 22.96 -7.21
C GLU K 464 -1.54 21.78 -7.59
N PHE K 465 -2.86 21.95 -7.46
CA PHE K 465 -3.80 20.95 -7.93
C PHE K 465 -5.01 21.64 -8.57
N THR K 466 -5.83 20.82 -9.24
CA THR K 466 -7.04 21.29 -9.92
C THR K 466 -8.19 20.36 -9.57
N ILE K 467 -9.42 20.89 -9.60
CA ILE K 467 -10.62 20.09 -9.38
C ILE K 467 -11.43 20.08 -10.67
N SER K 468 -11.97 18.91 -11.01
CA SER K 468 -12.72 18.72 -12.25
C SER K 468 -13.76 17.61 -12.07
N GLY K 469 -14.39 17.20 -13.17
CA GLY K 469 -15.36 16.13 -13.17
C GLY K 469 -14.75 14.76 -12.88
N LYS K 470 -13.43 14.64 -13.07
CA LYS K 470 -12.72 13.42 -12.76
C LYS K 470 -12.39 13.39 -11.26
N GLY K 471 -11.94 14.53 -10.74
CA GLY K 471 -11.57 14.64 -9.34
C GLY K 471 -10.37 15.58 -9.14
N MET K 472 -9.42 15.16 -8.30
CA MET K 472 -8.26 15.97 -7.98
C MET K 472 -7.13 15.63 -8.96
N HIS K 473 -6.45 16.67 -9.47
CA HIS K 473 -5.36 16.52 -10.40
C HIS K 473 -4.17 17.33 -9.89
N ILE K 474 -3.32 16.67 -9.09
CA ILE K 474 -2.22 17.34 -8.41
C ILE K 474 -1.11 17.60 -9.43
N GLY K 475 -0.71 18.87 -9.56
CA GLY K 475 0.26 19.30 -10.55
C GLY K 475 1.64 19.52 -9.93
N ASP K 476 2.34 20.55 -10.43
CA ASP K 476 3.72 20.82 -10.05
C ASP K 476 3.76 21.84 -8.91
N PRO K 477 4.92 22.01 -8.22
CA PRO K 477 5.04 22.99 -7.14
C PRO K 477 5.09 24.44 -7.63
N PHE K 478 4.89 25.36 -6.69
CA PHE K 478 4.95 26.79 -6.96
C PHE K 478 6.40 27.26 -6.95
N ARG K 479 7.09 27.04 -8.08
CA ARG K 479 8.51 27.37 -8.21
C ARG K 479 8.69 28.88 -8.30
N ASN K 480 7.69 29.57 -8.85
CA ASN K 480 7.76 31.01 -9.07
C ASN K 480 7.53 31.75 -7.75
N PHE K 481 6.34 31.56 -7.16
CA PHE K 481 5.96 32.27 -5.94
C PHE K 481 6.72 31.67 -4.75
N THR K 482 6.86 32.48 -3.69
CA THR K 482 7.57 32.08 -2.49
C THR K 482 6.71 31.06 -1.71
N ALA L 11 -45.42 -1.69 25.81
CA ALA L 11 -44.51 -1.14 26.84
C ALA L 11 -44.96 0.26 27.23
N ILE L 12 -44.01 1.09 27.66
CA ILE L 12 -44.30 2.47 28.05
C ILE L 12 -44.71 3.25 26.80
N GLU L 13 -46.02 3.24 26.51
CA GLU L 13 -46.58 3.98 25.39
C GLU L 13 -46.59 5.46 25.73
N LYS L 14 -46.41 6.30 24.70
CA LYS L 14 -46.35 7.75 24.87
C LYS L 14 -47.42 8.40 23.99
N LEU L 15 -48.41 9.03 24.65
CA LEU L 15 -49.53 9.66 23.97
C LEU L 15 -49.08 10.97 23.35
N PRO L 16 -49.27 11.18 22.02
CA PRO L 16 -48.93 12.45 21.37
C PRO L 16 -49.65 13.64 22.01
N THR L 17 -48.87 14.65 22.40
CA THR L 17 -49.43 15.85 22.99
C THR L 17 -50.08 16.71 21.91
N GLY L 18 -49.45 16.73 20.72
CA GLY L 18 -49.94 17.53 19.60
C GLY L 18 -49.27 18.90 19.55
N ILE L 19 -48.53 19.26 20.61
CA ILE L 19 -47.81 20.52 20.66
C ILE L 19 -46.64 20.41 19.67
N GLU L 20 -46.56 21.40 18.76
CA GLU L 20 -45.62 21.35 17.66
C GLU L 20 -44.19 21.29 18.19
N GLY L 21 -43.67 20.06 18.33
CA GLY L 21 -42.26 19.84 18.64
C GLY L 21 -42.04 18.92 19.84
N PHE L 22 -43.00 18.87 20.76
CA PHE L 22 -42.84 18.09 21.99
C PHE L 22 -42.76 16.60 21.66
N ASP L 23 -43.64 16.15 20.77
CA ASP L 23 -43.70 14.74 20.37
C ASP L 23 -42.36 14.30 19.80
N ASP L 24 -41.62 15.23 19.19
CA ASP L 24 -40.32 14.95 18.59
C ASP L 24 -39.25 14.88 19.68
N ILE L 25 -39.30 15.84 20.61
CA ILE L 25 -38.32 15.93 21.70
C ILE L 25 -38.56 14.79 22.69
N SER L 26 -39.82 14.34 22.79
CA SER L 26 -40.23 13.33 23.75
C SER L 26 -40.19 11.93 23.14
N HIS L 27 -39.76 11.83 21.87
CA HIS L 27 -39.62 10.55 21.19
C HIS L 27 -40.93 9.77 21.22
N GLY L 28 -42.05 10.47 20.99
CA GLY L 28 -43.36 9.84 20.96
C GLY L 28 -44.44 10.72 21.59
N GLY L 29 -44.15 11.23 22.79
CA GLY L 29 -45.11 12.01 23.56
C GLY L 29 -44.86 11.91 25.06
N LEU L 30 -45.91 12.10 25.86
CA LEU L 30 -45.83 11.99 27.30
C LEU L 30 -46.18 10.56 27.70
N PRO L 31 -45.35 9.87 28.54
CA PRO L 31 -45.67 8.53 29.03
C PRO L 31 -47.14 8.36 29.43
N LYS L 32 -47.83 7.48 28.71
CA LYS L 32 -49.27 7.29 28.87
C LYS L 32 -49.54 6.60 30.20
N GLY L 33 -50.58 7.08 30.90
CA GLY L 33 -50.96 6.56 32.21
C GLY L 33 -50.24 7.30 33.34
N ARG L 34 -48.95 7.61 33.12
CA ARG L 34 -48.13 8.32 34.08
C ARG L 34 -48.53 9.79 34.13
N THR L 35 -48.04 10.49 35.17
CA THR L 35 -48.27 11.92 35.33
C THR L 35 -46.96 12.67 35.08
N THR L 36 -47.05 13.83 34.43
CA THR L 36 -45.89 14.64 34.11
C THR L 36 -45.96 15.95 34.88
N LEU L 37 -44.79 16.41 35.35
CA LEU L 37 -44.66 17.68 36.04
C LEU L 37 -44.16 18.74 35.06
N VAL L 38 -44.98 19.76 34.81
CA VAL L 38 -44.58 20.89 33.97
C VAL L 38 -44.33 22.09 34.89
N ALA L 39 -43.07 22.23 35.33
CA ALA L 39 -42.69 23.29 36.25
C ALA L 39 -42.18 24.50 35.47
N GLY L 40 -42.40 25.69 36.02
CA GLY L 40 -41.93 26.92 35.41
C GLY L 40 -42.30 28.16 36.23
N THR L 41 -41.51 29.23 36.04
CA THR L 41 -41.76 30.52 36.68
C THR L 41 -43.00 31.17 36.05
N PRO L 42 -43.57 32.23 36.65
CA PRO L 42 -44.70 32.94 36.05
C PRO L 42 -44.41 33.43 34.63
N GLY L 43 -45.33 33.16 33.71
CA GLY L 43 -45.22 33.59 32.33
C GLY L 43 -44.29 32.70 31.52
N THR L 44 -44.38 31.37 31.74
CA THR L 44 -43.60 30.39 31.01
C THR L 44 -44.47 29.72 29.94
N GLY L 45 -45.72 29.42 30.31
CA GLY L 45 -46.67 28.79 29.38
C GLY L 45 -47.14 27.43 29.87
N LYS L 46 -47.35 27.30 31.19
CA LYS L 46 -47.75 26.04 31.79
C LYS L 46 -49.24 25.81 31.54
N THR L 47 -50.04 26.86 31.76
CA THR L 47 -51.48 26.80 31.59
C THR L 47 -51.82 26.58 30.11
N VAL L 48 -50.96 27.09 29.21
CA VAL L 48 -51.15 26.93 27.78
C VAL L 48 -50.79 25.52 27.38
N PHE L 49 -49.57 25.09 27.76
CA PHE L 49 -49.08 23.75 27.49
C PHE L 49 -50.07 22.71 27.97
N ALA L 50 -50.73 22.99 29.10
CA ALA L 50 -51.70 22.10 29.71
C ALA L 50 -52.92 21.90 28.78
N MET L 51 -53.53 23.02 28.39
CA MET L 51 -54.76 22.99 27.60
C MET L 51 -54.50 22.39 26.23
N GLN L 52 -53.34 22.73 25.65
CA GLN L 52 -52.97 22.31 24.31
C GLN L 52 -52.87 20.78 24.24
N PHE L 53 -52.46 20.17 25.36
CA PHE L 53 -52.44 18.73 25.50
C PHE L 53 -53.87 18.18 25.42
N LEU L 54 -54.75 18.69 26.29
CA LEU L 54 -56.13 18.27 26.33
C LEU L 54 -56.84 18.58 25.01
N TYR L 55 -56.59 19.77 24.47
CA TYR L 55 -57.27 20.25 23.27
C TYR L 55 -57.08 19.26 22.13
N HIS L 56 -55.81 18.89 21.87
CA HIS L 56 -55.48 17.95 20.81
C HIS L 56 -56.05 16.57 21.12
N GLY L 57 -56.05 16.22 22.41
CA GLY L 57 -56.71 15.01 22.90
C GLY L 57 -58.15 14.91 22.38
N ILE L 58 -58.87 16.02 22.44
CA ILE L 58 -60.27 16.09 22.05
C ILE L 58 -60.36 16.22 20.52
N LYS L 59 -59.46 17.05 19.95
CA LYS L 59 -59.52 17.41 18.54
C LYS L 59 -59.21 16.19 17.67
N ARG L 60 -58.08 15.54 17.93
CA ARG L 60 -57.56 14.51 17.06
C ARG L 60 -58.06 13.13 17.49
N PHE L 61 -57.91 12.82 18.79
CA PHE L 61 -58.05 11.47 19.29
C PHE L 61 -59.41 11.24 19.93
N ASP L 62 -60.19 12.32 20.10
CA ASP L 62 -61.50 12.25 20.73
C ASP L 62 -61.36 11.77 22.17
N GLU L 63 -60.26 12.15 22.83
CA GLU L 63 -60.02 11.84 24.22
C GLU L 63 -60.61 12.94 25.09
N PRO L 64 -61.61 12.64 25.96
CA PRO L 64 -62.14 13.63 26.89
C PRO L 64 -61.08 14.10 27.89
N GLY L 65 -61.15 15.39 28.26
CA GLY L 65 -60.18 15.99 29.16
C GLY L 65 -60.85 16.80 30.27
N VAL L 66 -60.18 16.88 31.42
CA VAL L 66 -60.68 17.64 32.56
C VAL L 66 -59.56 18.55 33.07
N PHE L 67 -59.91 19.80 33.36
CA PHE L 67 -58.94 20.81 33.77
C PHE L 67 -59.32 21.31 35.17
N VAL L 68 -58.47 20.97 36.15
CA VAL L 68 -58.68 21.43 37.52
C VAL L 68 -57.88 22.71 37.72
N THR L 69 -58.56 23.79 38.08
CA THR L 69 -57.94 25.09 38.26
C THR L 69 -58.06 25.50 39.74
N PHE L 70 -56.93 25.87 40.34
CA PHE L 70 -56.88 26.30 41.73
C PHE L 70 -56.55 27.78 41.84
N GLU L 71 -56.60 28.50 40.71
CA GLU L 71 -56.32 29.93 40.69
C GLU L 71 -57.24 30.63 39.68
N GLU L 72 -57.06 30.32 38.40
CA GLU L 72 -57.75 31.02 37.33
C GLU L 72 -59.20 30.56 37.31
N SER L 73 -60.12 31.49 36.98
CA SER L 73 -61.53 31.15 36.89
C SER L 73 -61.80 30.47 35.56
N PRO L 74 -62.66 29.41 35.53
CA PRO L 74 -63.05 28.76 34.27
C PRO L 74 -63.45 29.75 33.18
N ASP L 75 -64.19 30.79 33.56
CA ASP L 75 -64.59 31.87 32.68
C ASP L 75 -63.35 32.47 32.00
N ASP L 76 -62.36 32.85 32.82
CA ASP L 76 -61.16 33.50 32.32
C ASP L 76 -60.40 32.57 31.39
N ILE L 77 -60.24 31.30 31.81
CA ILE L 77 -59.51 30.31 31.02
C ILE L 77 -60.06 30.28 29.60
N LEU L 78 -61.37 30.02 29.47
CA LEU L 78 -62.05 29.95 28.19
C LEU L 78 -61.67 31.15 27.32
N ARG L 79 -61.61 32.33 27.94
CA ARG L 79 -61.32 33.57 27.24
C ARG L 79 -59.81 33.73 27.00
N ASN L 80 -59.01 33.33 28.00
CA ASN L 80 -57.56 33.43 27.92
C ASN L 80 -57.02 32.58 26.78
N MET L 81 -57.73 31.48 26.46
CA MET L 81 -57.29 30.54 25.46
C MET L 81 -58.10 30.72 24.17
N ALA L 82 -58.81 31.84 24.05
CA ALA L 82 -59.74 32.07 22.95
C ALA L 82 -58.98 32.49 21.69
N SER L 83 -57.99 33.38 21.86
CA SER L 83 -57.20 33.88 20.74
C SER L 83 -56.46 32.75 20.04
N PHE L 84 -56.18 31.66 20.77
CA PHE L 84 -55.47 30.51 20.23
C PHE L 84 -56.35 29.74 19.23
N GLY L 85 -57.61 30.16 19.07
CA GLY L 85 -58.49 29.58 18.06
C GLY L 85 -59.09 28.24 18.52
N TRP L 86 -59.24 28.11 19.85
CA TRP L 86 -59.78 26.90 20.45
C TRP L 86 -61.17 27.21 21.00
N ASP L 87 -62.20 26.56 20.44
CA ASP L 87 -63.57 26.72 20.89
C ASP L 87 -63.81 25.76 22.05
N LEU L 88 -63.19 26.04 23.19
CA LEU L 88 -63.30 25.23 24.39
C LEU L 88 -64.76 25.27 24.87
N GLN L 89 -65.39 26.43 24.68
CA GLN L 89 -66.79 26.66 25.05
C GLN L 89 -67.66 25.55 24.46
N LYS L 90 -67.45 25.23 23.17
CA LYS L 90 -68.18 24.15 22.52
C LYS L 90 -67.85 22.83 23.20
N LEU L 91 -66.53 22.52 23.28
CA LEU L 91 -66.05 21.27 23.84
C LEU L 91 -66.71 21.03 25.20
N VAL L 92 -66.81 22.09 26.01
CA VAL L 92 -67.47 22.02 27.30
C VAL L 92 -68.94 21.67 27.09
N GLU L 93 -69.59 22.35 26.14
CA GLU L 93 -71.01 22.18 25.87
C GLU L 93 -71.28 20.79 25.29
N GLU L 94 -70.35 20.27 24.49
CA GLU L 94 -70.51 18.98 23.84
C GLU L 94 -70.07 17.85 24.79
N GLY L 95 -69.74 18.20 26.04
CA GLY L 95 -69.34 17.22 27.03
C GLY L 95 -68.01 16.54 26.69
N LYS L 96 -67.14 17.29 26.02
CA LYS L 96 -65.83 16.79 25.61
C LYS L 96 -64.72 17.50 26.38
N LEU L 97 -65.10 18.31 27.38
CA LEU L 97 -64.15 19.10 28.16
C LEU L 97 -64.84 19.59 29.43
N ALA L 98 -64.09 19.58 30.54
CA ALA L 98 -64.59 20.07 31.82
C ALA L 98 -63.55 20.98 32.45
N ILE L 99 -64.02 21.89 33.33
CA ILE L 99 -63.15 22.84 34.00
C ILE L 99 -63.58 22.96 35.45
N VAL L 100 -63.24 21.93 36.25
CA VAL L 100 -63.55 21.90 37.67
C VAL L 100 -62.78 23.04 38.34
N ASP L 101 -63.50 23.82 39.16
CA ASP L 101 -62.95 25.00 39.80
C ASP L 101 -62.79 24.73 41.30
N ALA L 102 -61.55 24.43 41.71
CA ALA L 102 -61.21 24.27 43.11
C ALA L 102 -60.53 25.54 43.63
N SER L 103 -60.77 26.67 42.95
CA SER L 103 -60.19 27.95 43.34
C SER L 103 -60.80 28.39 44.66
N PRO L 104 -60.00 28.97 45.58
CA PRO L 104 -60.53 29.49 46.85
C PRO L 104 -61.84 30.26 46.69
N ASP L 105 -62.84 29.91 47.51
CA ASP L 105 -64.16 30.54 47.46
C ASP L 105 -64.02 32.02 47.74
N PRO L 106 -64.33 32.93 46.78
CA PRO L 106 -64.22 34.37 47.00
C PRO L 106 -65.33 34.88 47.93
N GLY L 113 -59.96 21.84 54.14
CA GLY L 113 -59.27 20.79 54.92
C GLY L 113 -59.81 19.40 54.58
N ASN L 114 -61.03 19.12 55.03
CA ASN L 114 -61.73 17.88 54.70
C ASN L 114 -62.08 17.90 53.21
N PHE L 115 -62.54 19.07 52.73
CA PHE L 115 -62.85 19.27 51.33
C PHE L 115 -61.57 19.31 50.50
N ASP L 116 -60.48 19.78 51.12
CA ASP L 116 -59.16 19.81 50.50
C ASP L 116 -58.72 18.39 50.12
N LEU L 117 -59.27 17.38 50.84
CA LEU L 117 -59.02 15.98 50.52
C LEU L 117 -60.23 15.38 49.81
N SER L 118 -61.36 15.35 50.51
CA SER L 118 -62.54 14.65 50.03
C SER L 118 -63.13 15.35 48.80
N GLY L 119 -63.49 16.63 48.97
CA GLY L 119 -64.05 17.43 47.90
C GLY L 119 -63.11 17.56 46.70
N LEU L 120 -61.80 17.59 46.98
CA LEU L 120 -60.79 17.63 45.94
C LEU L 120 -60.81 16.33 45.15
N LEU L 121 -60.77 15.20 45.87
CA LEU L 121 -60.78 13.88 45.26
C LEU L 121 -62.12 13.61 44.61
N ALA L 122 -63.20 13.77 45.38
CA ALA L 122 -64.56 13.51 44.92
C ALA L 122 -64.80 14.19 43.57
N ARG L 123 -64.55 15.51 43.52
CA ARG L 123 -64.79 16.31 42.33
C ARG L 123 -63.97 15.78 41.16
N ILE L 124 -62.66 15.61 41.39
CA ILE L 124 -61.73 15.16 40.36
C ILE L 124 -62.11 13.75 39.91
N ASN L 125 -62.41 12.87 40.89
CA ASN L 125 -62.74 11.49 40.61
C ASN L 125 -64.08 11.41 39.89
N HIS L 126 -65.10 12.08 40.42
CA HIS L 126 -66.43 12.10 39.84
C HIS L 126 -66.36 12.64 38.41
N ALA L 127 -65.71 13.80 38.24
CA ALA L 127 -65.60 14.45 36.95
C ALA L 127 -64.91 13.52 35.95
N ILE L 128 -63.75 13.00 36.33
CA ILE L 128 -62.96 12.12 35.48
C ILE L 128 -63.80 10.92 35.05
N ARG L 129 -64.57 10.37 35.98
CA ARG L 129 -65.39 9.19 35.73
C ARG L 129 -66.56 9.55 34.83
N LYS L 130 -67.30 10.60 35.21
CA LYS L 130 -68.45 11.09 34.46
C LYS L 130 -68.06 11.39 33.02
N TYR L 131 -66.93 12.09 32.84
CA TYR L 131 -66.52 12.58 31.53
C TYR L 131 -65.74 11.52 30.77
N LYS L 132 -65.31 10.45 31.47
CA LYS L 132 -64.52 9.39 30.87
C LYS L 132 -63.19 9.97 30.39
N ALA L 133 -62.48 10.63 31.32
CA ALA L 133 -61.30 11.41 30.99
C ALA L 133 -60.14 10.49 30.64
N LYS L 134 -59.42 10.85 29.57
CA LYS L 134 -58.18 10.19 29.19
C LYS L 134 -56.99 11.07 29.55
N ARG L 135 -57.19 12.40 29.49
CA ARG L 135 -56.18 13.37 29.84
C ARG L 135 -56.72 14.26 30.95
N VAL L 136 -55.85 14.62 31.91
CA VAL L 136 -56.24 15.46 33.04
C VAL L 136 -55.14 16.48 33.29
N VAL L 137 -55.55 17.67 33.74
CA VAL L 137 -54.62 18.72 34.13
C VAL L 137 -54.96 19.19 35.54
N ILE L 138 -53.92 19.29 36.39
CA ILE L 138 -54.04 19.89 37.70
C ILE L 138 -53.25 21.20 37.68
N ASP L 139 -53.93 22.29 37.32
CA ASP L 139 -53.28 23.58 37.15
C ASP L 139 -52.89 24.13 38.52
N SER L 140 -51.57 24.28 38.73
CA SER L 140 -50.99 24.76 39.98
C SER L 140 -51.26 23.74 41.10
N ILE L 141 -50.39 22.74 41.19
CA ILE L 141 -50.36 21.84 42.34
C ILE L 141 -49.69 22.56 43.51
N THR L 142 -48.99 23.66 43.21
CA THR L 142 -48.31 24.46 44.24
C THR L 142 -49.32 25.34 44.98
N ALA L 143 -50.33 25.86 44.27
CA ALA L 143 -51.31 26.75 44.85
C ALA L 143 -52.16 26.04 45.90
N ILE L 144 -52.18 24.71 45.85
CA ILE L 144 -52.89 23.90 46.83
C ILE L 144 -52.18 24.04 48.18
N PHE L 145 -50.85 24.22 48.13
CA PHE L 145 -50.05 24.40 49.33
C PHE L 145 -50.12 25.86 49.82
N GLN L 146 -50.54 26.77 48.92
CA GLN L 146 -50.66 28.19 49.27
C GLN L 146 -52.14 28.54 49.48
N ASP L 149 -54.04 25.85 51.69
CA ASP L 149 -54.30 25.04 52.92
C ASP L 149 -53.10 25.18 53.87
N ASP L 150 -53.07 24.34 54.91
CA ASP L 150 -51.98 24.33 55.87
C ASP L 150 -50.76 23.65 55.24
N ALA L 151 -50.57 22.36 55.58
CA ALA L 151 -49.45 21.59 55.07
C ALA L 151 -49.68 20.11 55.39
N SER L 152 -48.67 19.27 55.14
CA SER L 152 -48.65 17.87 55.53
C SER L 152 -49.74 17.09 54.79
N THR L 153 -51.01 17.34 55.16
CA THR L 153 -52.15 16.68 54.55
C THR L 153 -52.13 16.85 53.04
N VAL L 154 -51.68 18.02 52.57
CA VAL L 154 -51.58 18.31 51.14
C VAL L 154 -50.66 17.30 50.48
N ARG L 155 -49.46 17.12 51.05
CA ARG L 155 -48.46 16.21 50.51
C ARG L 155 -48.98 14.77 50.51
N ARG L 156 -49.72 14.41 51.57
CA ARG L 156 -50.27 13.07 51.72
C ARG L 156 -51.32 12.83 50.64
N GLU L 157 -52.26 13.77 50.51
CA GLU L 157 -53.36 13.67 49.56
C GLU L 157 -52.82 13.73 48.13
N LEU L 158 -51.74 14.50 47.92
CA LEU L 158 -51.13 14.65 46.61
C LEU L 158 -50.60 13.31 46.11
N PHE L 159 -49.92 12.57 47.01
CA PHE L 159 -49.32 11.30 46.66
C PHE L 159 -50.40 10.30 46.25
N ARG L 160 -51.49 10.25 47.03
CA ARG L 160 -52.59 9.33 46.77
C ARG L 160 -53.31 9.72 45.48
N LEU L 161 -53.35 11.02 45.18
CA LEU L 161 -54.01 11.53 43.99
C LEU L 161 -53.30 11.01 42.74
N VAL L 162 -51.96 11.01 42.78
CA VAL L 162 -51.15 10.49 41.69
C VAL L 162 -51.46 9.01 41.48
N ALA L 163 -51.55 8.26 42.59
CA ALA L 163 -51.82 6.84 42.56
C ALA L 163 -53.22 6.57 41.99
N ARG L 164 -54.22 7.32 42.49
CA ARG L 164 -55.60 7.15 42.07
C ARG L 164 -55.74 7.43 40.58
N LEU L 165 -55.05 8.47 40.10
CA LEU L 165 -55.11 8.87 38.71
C LEU L 165 -54.40 7.83 37.83
N LYS L 166 -53.38 7.17 38.39
CA LYS L 166 -52.59 6.19 37.66
C LYS L 166 -53.40 4.91 37.44
N ARG L 167 -54.07 4.44 38.51
CA ARG L 167 -54.85 3.21 38.46
C ARG L 167 -56.01 3.35 37.47
N MET L 168 -56.59 4.55 37.39
CA MET L 168 -57.71 4.82 36.51
C MET L 168 -57.28 4.78 35.04
N GLY L 169 -55.97 4.81 34.79
CA GLY L 169 -55.43 4.73 33.44
C GLY L 169 -55.61 6.07 32.71
N VAL L 170 -55.14 7.14 33.34
CA VAL L 170 -55.31 8.50 32.85
C VAL L 170 -53.96 9.21 32.87
N THR L 171 -53.56 9.76 31.71
CA THR L 171 -52.35 10.55 31.61
C THR L 171 -52.63 11.96 32.12
N THR L 172 -51.81 12.43 33.07
CA THR L 172 -52.07 13.67 33.79
C THR L 172 -50.88 14.62 33.64
N ILE L 173 -51.18 15.93 33.63
CA ILE L 173 -50.17 16.97 33.71
C ILE L 173 -50.44 17.78 34.98
N MET L 174 -49.40 17.92 35.82
CA MET L 174 -49.50 18.67 37.05
C MET L 174 -48.58 19.89 36.96
N THR L 175 -49.17 21.06 36.73
CA THR L 175 -48.41 22.29 36.55
C THR L 175 -47.94 22.77 37.92
N ALA L 176 -46.69 23.26 37.98
CA ALA L 176 -46.11 23.75 39.22
C ALA L 176 -45.31 25.03 38.94
N GLU L 177 -45.16 25.86 39.99
CA GLU L 177 -44.48 27.14 39.90
C GLU L 177 -43.03 26.98 40.38
N ARG L 178 -42.17 27.91 39.93
CA ARG L 178 -40.76 27.92 40.30
C ARG L 178 -40.36 29.34 40.71
N THR L 179 -39.36 29.44 41.59
CA THR L 179 -38.86 30.72 42.05
C THR L 179 -37.89 31.29 41.01
N GLU L 180 -36.78 30.57 40.78
CA GLU L 180 -35.76 30.98 39.84
C GLU L 180 -35.86 30.10 38.59
N GLU L 181 -35.09 30.47 37.54
CA GLU L 181 -35.09 29.76 36.27
C GLU L 181 -34.12 28.59 36.34
N TYR L 182 -32.90 28.87 36.84
CA TYR L 182 -31.87 27.87 36.97
C TYR L 182 -31.65 27.56 38.45
N GLY L 183 -32.73 27.15 39.12
CA GLY L 183 -32.69 26.79 40.53
C GLY L 183 -33.37 25.45 40.78
N PRO L 184 -34.08 25.27 41.93
CA PRO L 184 -34.83 24.05 42.20
C PRO L 184 -35.82 23.71 41.08
N ILE L 185 -36.18 22.42 41.00
CA ILE L 185 -37.08 21.93 39.97
C ILE L 185 -38.46 22.56 40.17
N ALA L 186 -38.87 22.71 41.44
CA ALA L 186 -40.16 23.30 41.77
C ALA L 186 -40.17 23.75 43.23
N ARG L 187 -41.13 24.62 43.56
CA ARG L 187 -41.36 25.06 44.93
C ARG L 187 -41.92 23.89 45.73
N TYR L 188 -41.54 23.83 47.02
CA TYR L 188 -41.92 22.73 47.90
C TYR L 188 -41.24 21.46 47.41
N GLY L 189 -41.83 20.30 47.73
CA GLY L 189 -41.30 19.01 47.29
C GLY L 189 -42.22 18.34 46.26
N VAL L 190 -42.69 19.12 45.29
CA VAL L 190 -43.55 18.63 44.23
C VAL L 190 -42.75 17.67 43.34
N GLU L 191 -41.44 17.94 43.22
CA GLU L 191 -40.54 17.09 42.47
C GLU L 191 -40.50 15.69 43.06
N GLU L 192 -40.58 15.61 44.40
CA GLU L 192 -40.50 14.35 45.12
C GLU L 192 -41.80 13.57 44.97
N PHE L 193 -42.94 14.27 45.10
CA PHE L 193 -44.26 13.64 45.01
C PHE L 193 -44.48 13.07 43.61
N VAL L 194 -44.13 13.85 42.59
CA VAL L 194 -44.26 13.42 41.20
C VAL L 194 -42.87 13.48 40.54
N ALA L 195 -42.22 12.32 40.46
CA ALA L 195 -40.83 12.23 40.00
C ALA L 195 -40.70 11.41 38.72
N ASP L 196 -41.81 10.82 38.24
CA ASP L 196 -41.77 9.96 37.07
C ASP L 196 -41.31 10.75 35.86
N ASN L 197 -42.01 11.85 35.56
CA ASN L 197 -41.74 12.66 34.38
C ASN L 197 -41.65 14.12 34.80
N VAL L 198 -40.64 14.82 34.28
CA VAL L 198 -40.39 16.22 34.63
C VAL L 198 -40.07 17.00 33.36
N VAL L 199 -40.83 18.08 33.13
CA VAL L 199 -40.57 19.01 32.05
C VAL L 199 -40.49 20.43 32.63
N ILE L 200 -39.42 21.15 32.30
CA ILE L 200 -39.17 22.46 32.88
C ILE L 200 -39.29 23.52 31.78
N LEU L 201 -40.18 24.48 32.00
CA LEU L 201 -40.32 25.64 31.13
C LEU L 201 -39.55 26.81 31.76
N ARG L 202 -38.84 27.57 30.92
CA ARG L 202 -38.06 28.70 31.39
C ARG L 202 -38.36 29.94 30.54
N ASN L 203 -38.01 31.10 31.09
CA ASN L 203 -38.06 32.37 30.38
C ASN L 203 -36.91 33.23 30.89
N VAL L 204 -35.70 32.93 30.38
CA VAL L 204 -34.48 33.49 30.93
C VAL L 204 -34.27 34.88 30.34
N LEU L 205 -34.07 35.87 31.23
CA LEU L 205 -33.72 37.22 30.81
C LEU L 205 -32.21 37.30 30.61
N GLU L 206 -31.77 37.43 29.36
CA GLU L 206 -30.36 37.58 29.02
C GLU L 206 -30.20 38.77 28.09
N GLY L 207 -29.43 39.78 28.54
CA GLY L 207 -29.17 40.97 27.75
C GLY L 207 -30.43 41.79 27.53
N GLU L 208 -31.22 41.95 28.59
CA GLU L 208 -32.48 42.69 28.57
C GLU L 208 -33.48 42.03 27.63
N ARG L 209 -33.25 40.76 27.26
CA ARG L 209 -34.16 40.06 26.37
C ARG L 209 -34.43 38.66 26.92
N ARG L 210 -35.69 38.21 26.77
CA ARG L 210 -36.14 36.94 27.31
C ARG L 210 -36.25 35.93 26.17
N ARG L 211 -35.99 34.66 26.50
CA ARG L 211 -36.06 33.57 25.55
C ARG L 211 -36.68 32.36 26.23
N ARG L 212 -37.77 31.83 25.64
CA ARG L 212 -38.48 30.70 26.20
C ARG L 212 -37.77 29.41 25.77
N THR L 213 -37.50 28.54 26.75
CA THR L 213 -36.84 27.26 26.49
C THR L 213 -37.54 26.14 27.25
N ILE L 214 -37.75 25.01 26.57
CA ILE L 214 -38.39 23.84 27.14
C ILE L 214 -37.36 22.73 27.27
N GLU L 215 -37.47 21.94 28.34
CA GLU L 215 -36.54 20.86 28.62
C GLU L 215 -37.30 19.66 29.18
N ILE L 216 -36.94 18.46 28.71
CA ILE L 216 -37.37 17.21 29.33
C ILE L 216 -36.20 16.71 30.18
N LEU L 217 -36.31 16.92 31.50
CA LEU L 217 -35.27 16.54 32.43
C LEU L 217 -35.27 15.03 32.61
N LYS L 218 -36.43 14.47 32.96
CA LYS L 218 -36.56 13.06 33.29
C LYS L 218 -37.80 12.48 32.64
N PHE L 219 -37.63 11.33 31.98
CA PHE L 219 -38.72 10.43 31.62
C PHE L 219 -38.34 9.03 32.09
N ARG L 220 -38.89 8.59 33.23
CA ARG L 220 -38.63 7.26 33.74
C ARG L 220 -39.18 6.22 32.75
N GLY L 221 -38.28 5.40 32.19
CA GLY L 221 -38.67 4.23 31.42
C GLY L 221 -38.59 4.43 29.91
N THR L 222 -38.58 5.70 29.46
CA THR L 222 -38.56 6.01 28.04
C THR L 222 -37.37 6.93 27.74
N SER L 223 -37.10 7.12 26.45
CA SER L 223 -36.06 8.03 25.98
C SER L 223 -36.65 9.40 25.68
N HIS L 224 -35.75 10.40 25.56
CA HIS L 224 -36.15 11.76 25.26
C HIS L 224 -34.90 12.56 24.87
N GLN L 225 -35.12 13.63 24.09
CA GLN L 225 -34.05 14.56 23.74
C GLN L 225 -33.72 15.40 24.97
N LYS L 226 -32.41 15.60 25.20
CA LYS L 226 -31.93 16.26 26.40
C LYS L 226 -31.66 17.73 26.10
N GLY L 227 -31.62 18.55 27.17
CA GLY L 227 -31.23 19.94 27.07
C GLY L 227 -32.39 20.86 26.71
N GLU L 228 -32.12 22.17 26.71
CA GLU L 228 -33.13 23.18 26.46
C GLU L 228 -33.40 23.27 24.96
N PHE L 229 -34.65 23.60 24.60
CA PHE L 229 -35.05 23.78 23.21
C PHE L 229 -35.92 25.03 23.11
N PRO L 230 -35.61 26.01 22.23
CA PRO L 230 -36.42 27.22 22.09
C PRO L 230 -37.87 26.93 21.68
N PHE L 231 -38.80 27.75 22.18
CA PHE L 231 -40.19 27.70 21.75
C PHE L 231 -40.80 29.10 21.78
N THR L 232 -42.01 29.21 21.22
CA THR L 232 -42.72 30.47 21.09
C THR L 232 -44.20 30.25 21.34
N ILE L 233 -44.83 31.16 22.09
CA ILE L 233 -46.27 31.14 22.30
C ILE L 233 -46.90 32.13 21.33
N THR L 234 -47.25 31.62 20.13
CA THR L 234 -47.77 32.45 19.06
C THR L 234 -49.28 32.62 19.25
N PRO L 235 -49.85 33.83 19.07
CA PRO L 235 -51.27 34.06 19.32
C PRO L 235 -52.17 33.22 18.43
N GLY L 236 -51.73 32.96 17.20
CA GLY L 236 -52.44 32.10 16.26
C GLY L 236 -51.71 30.78 16.05
N GLU L 237 -51.55 30.01 17.14
CA GLU L 237 -50.84 28.74 17.10
C GLU L 237 -50.77 28.13 18.50
N GLY L 238 -50.33 28.95 19.48
CA GLY L 238 -50.03 28.46 20.81
C GLY L 238 -48.55 28.14 20.93
N ILE L 239 -48.20 27.25 21.88
CA ILE L 239 -46.83 26.82 22.08
C ILE L 239 -46.37 26.10 20.81
N SER L 240 -45.36 26.68 20.14
CA SER L 240 -44.76 26.12 18.95
C SER L 240 -43.25 25.95 19.19
N ILE L 241 -42.84 24.71 19.43
CA ILE L 241 -41.44 24.40 19.71
C ILE L 241 -40.75 24.13 18.37
N PHE L 242 -39.45 24.41 18.31
CA PHE L 242 -38.66 24.19 17.11
C PHE L 242 -37.50 23.25 17.43
N PRO L 243 -37.69 21.92 17.31
CA PRO L 243 -36.59 20.97 17.51
C PRO L 243 -35.56 21.12 16.38
N LEU L 244 -34.58 22.00 16.60
CA LEU L 244 -33.47 22.16 15.67
C LEU L 244 -32.65 20.87 15.62
N SER L 245 -32.77 20.05 16.67
CA SER L 245 -32.13 18.74 16.72
C SER L 245 -32.77 17.77 15.73
N ALA L 246 -34.11 17.76 15.71
CA ALA L 246 -34.86 16.82 14.87
C ALA L 246 -34.62 17.09 13.39
N MET L 247 -34.28 18.34 13.05
CA MET L 247 -33.95 18.73 11.69
C MET L 247 -33.27 17.58 10.96
N ARG L 248 -33.97 17.05 9.94
CA ARG L 248 -33.48 15.92 9.16
C ARG L 248 -33.44 16.32 7.67
N ARG L 252 -33.60 16.96 -1.02
CA ARG L 252 -33.43 16.61 -2.46
C ARG L 252 -32.47 17.59 -3.12
N SER L 253 -31.72 17.09 -4.11
CA SER L 253 -30.77 17.90 -4.87
C SER L 253 -31.13 17.81 -6.36
N SER L 254 -30.70 18.84 -7.11
CA SER L 254 -30.96 18.91 -8.55
C SER L 254 -29.85 19.70 -9.23
N ASN L 255 -29.72 19.48 -10.55
CA ASN L 255 -28.79 20.23 -11.39
C ASN L 255 -29.55 21.34 -12.11
N VAL L 256 -30.75 21.66 -11.63
CA VAL L 256 -31.55 22.74 -12.18
C VAL L 256 -30.86 24.06 -11.86
N ARG L 257 -30.52 24.81 -12.91
CA ARG L 257 -29.83 26.09 -12.76
C ARG L 257 -30.86 27.22 -12.77
N VAL L 258 -30.52 28.32 -12.11
CA VAL L 258 -31.34 29.53 -12.09
C VAL L 258 -30.47 30.71 -12.51
N SER L 259 -31.10 31.88 -12.63
CA SER L 259 -30.40 33.10 -13.03
C SER L 259 -30.15 33.99 -11.82
N SER L 260 -28.91 34.47 -11.70
CA SER L 260 -28.52 35.39 -10.63
C SER L 260 -28.96 36.82 -10.98
N GLY L 261 -29.14 37.09 -12.29
CA GLY L 261 -29.51 38.41 -12.76
C GLY L 261 -28.37 39.05 -13.56
N VAL L 262 -27.13 38.69 -13.21
CA VAL L 262 -25.94 39.12 -13.95
C VAL L 262 -25.43 37.92 -14.74
N PRO L 263 -25.65 37.87 -16.07
CA PRO L 263 -25.14 36.79 -16.91
C PRO L 263 -23.63 36.57 -16.75
N GLU L 264 -22.89 37.69 -16.67
CA GLU L 264 -21.46 37.67 -16.39
C GLU L 264 -21.17 36.77 -15.19
N LEU L 265 -21.96 36.90 -14.12
CA LEU L 265 -21.77 36.10 -12.91
C LEU L 265 -22.36 34.70 -13.12
N ASP L 266 -23.49 34.61 -13.83
CA ASP L 266 -24.08 33.32 -14.15
C ASP L 266 -23.04 32.46 -14.89
N GLU L 267 -22.32 33.10 -15.82
CA GLU L 267 -21.32 32.42 -16.63
C GLU L 267 -20.11 32.04 -15.77
N MET L 268 -19.84 32.84 -14.73
CA MET L 268 -18.73 32.58 -13.82
C MET L 268 -19.00 31.33 -12.99
N CYS L 269 -20.27 30.93 -12.85
CA CYS L 269 -20.65 29.79 -12.04
C CYS L 269 -20.99 28.57 -12.91
N GLY L 270 -20.64 28.64 -14.20
CA GLY L 270 -20.78 27.50 -15.09
C GLY L 270 -22.25 27.17 -15.38
N GLY L 271 -23.05 28.21 -15.64
CA GLY L 271 -24.46 28.04 -15.97
C GLY L 271 -25.40 28.62 -14.91
N GLY L 272 -24.88 29.52 -14.06
CA GLY L 272 -25.69 30.18 -13.05
C GLY L 272 -25.73 29.40 -11.74
N PHE L 273 -26.50 29.92 -10.78
CA PHE L 273 -26.73 29.26 -9.51
C PHE L 273 -27.68 28.08 -9.72
N PHE L 274 -27.68 27.14 -8.76
CA PHE L 274 -28.61 26.02 -8.78
C PHE L 274 -29.92 26.46 -8.12
N ARG L 275 -30.93 25.58 -8.20
CA ARG L 275 -32.23 25.85 -7.60
C ARG L 275 -32.14 25.64 -6.09
N ASP L 276 -32.06 24.36 -5.67
CA ASP L 276 -31.93 24.02 -4.27
C ASP L 276 -30.48 24.26 -3.84
N SER L 277 -30.14 25.53 -3.61
CA SER L 277 -28.79 25.92 -3.27
C SER L 277 -28.79 27.21 -2.45
N ILE L 278 -27.93 27.26 -1.44
CA ILE L 278 -27.77 28.43 -0.60
C ILE L 278 -26.52 29.18 -1.05
N ILE L 279 -26.69 30.46 -1.43
CA ILE L 279 -25.59 31.30 -1.84
C ILE L 279 -25.28 32.28 -0.71
N LEU L 280 -23.98 32.56 -0.51
CA LEU L 280 -23.54 33.53 0.49
C LEU L 280 -22.71 34.61 -0.20
N VAL L 281 -23.25 35.83 -0.24
CA VAL L 281 -22.51 36.99 -0.67
C VAL L 281 -21.83 37.62 0.54
N SER L 282 -20.50 37.74 0.49
CA SER L 282 -19.72 38.33 1.56
C SER L 282 -18.97 39.56 1.05
N GLY L 283 -18.67 40.49 1.95
CA GLY L 283 -17.93 41.69 1.61
C GLY L 283 -18.22 42.84 2.58
N ALA L 284 -17.34 43.84 2.58
CA ALA L 284 -17.47 45.00 3.44
C ALA L 284 -18.63 45.89 2.97
N THR L 285 -18.81 47.03 3.63
CA THR L 285 -19.91 47.94 3.36
C THR L 285 -19.60 48.75 2.09
N GLY L 286 -20.58 48.78 1.17
CA GLY L 286 -20.47 49.52 -0.06
C GLY L 286 -19.83 48.70 -1.19
N THR L 287 -19.70 47.39 -0.98
CA THR L 287 -19.08 46.51 -1.96
C THR L 287 -20.08 46.16 -3.07
N GLY L 288 -21.34 45.97 -2.70
CA GLY L 288 -22.40 45.68 -3.65
C GLY L 288 -23.15 44.39 -3.30
N LYS L 289 -23.48 44.22 -2.02
CA LYS L 289 -24.15 43.02 -1.54
C LYS L 289 -25.66 43.15 -1.80
N THR L 290 -26.22 44.31 -1.44
CA THR L 290 -27.65 44.56 -1.60
C THR L 290 -28.01 44.66 -3.09
N LEU L 291 -27.02 44.99 -3.93
CA LEU L 291 -27.23 45.04 -5.37
C LEU L 291 -27.49 43.63 -5.90
N LEU L 292 -26.54 42.72 -5.70
CA LEU L 292 -26.66 41.34 -6.15
C LEU L 292 -27.95 40.71 -5.62
N VAL L 293 -28.39 41.16 -4.43
CA VAL L 293 -29.64 40.69 -3.84
C VAL L 293 -30.82 41.16 -4.70
N THR L 294 -30.80 42.42 -5.13
CA THR L 294 -31.88 42.98 -5.94
C THR L 294 -31.95 42.24 -7.28
N LYS L 295 -30.80 42.04 -7.91
CA LYS L 295 -30.71 41.38 -9.21
C LYS L 295 -31.18 39.93 -9.09
N PHE L 296 -30.82 39.29 -7.97
CA PHE L 296 -31.22 37.92 -7.67
C PHE L 296 -32.74 37.82 -7.62
N LEU L 297 -33.38 38.83 -7.03
CA LEU L 297 -34.83 38.85 -6.85
C LEU L 297 -35.53 39.24 -8.15
N GLU L 298 -34.90 40.12 -8.95
CA GLU L 298 -35.51 40.65 -10.16
C GLU L 298 -35.71 39.50 -11.16
N GLY L 299 -34.84 38.49 -11.10
CA GLY L 299 -34.94 37.32 -11.96
C GLY L 299 -36.26 36.58 -11.77
N ALA L 300 -36.57 36.23 -10.52
CA ALA L 300 -37.80 35.52 -10.20
C ALA L 300 -39.01 36.38 -10.56
N CYS L 301 -38.96 37.66 -10.16
CA CYS L 301 -40.01 38.61 -10.46
C CYS L 301 -40.30 38.67 -11.96
N ARG L 302 -39.22 38.64 -12.76
CA ARG L 302 -39.32 38.74 -14.21
C ARG L 302 -39.80 37.42 -14.81
N ASN L 303 -39.24 36.30 -14.33
CA ASN L 303 -39.52 34.99 -14.92
C ASN L 303 -40.77 34.38 -14.31
N GLY L 304 -41.65 35.21 -13.72
CA GLY L 304 -42.90 34.74 -13.15
C GLY L 304 -42.68 33.80 -11.98
N GLU L 305 -42.08 34.33 -10.91
CA GLU L 305 -41.82 33.56 -9.70
C GLU L 305 -41.78 34.50 -8.50
N ARG L 306 -42.35 34.05 -7.38
CA ARG L 306 -42.43 34.87 -6.18
C ARG L 306 -41.04 35.00 -5.55
N ALA L 307 -40.69 36.23 -5.15
CA ALA L 307 -39.37 36.54 -4.63
C ALA L 307 -39.52 37.34 -3.34
N LEU L 308 -39.05 36.75 -2.23
CA LEU L 308 -39.20 37.34 -0.91
C LEU L 308 -37.90 38.05 -0.53
N LEU L 309 -38.00 39.09 0.29
CA LEU L 309 -36.83 39.85 0.73
C LEU L 309 -36.99 40.25 2.19
N PHE L 310 -36.48 39.39 3.09
CA PHE L 310 -36.47 39.69 4.51
C PHE L 310 -35.31 40.64 4.82
N ALA L 311 -35.55 41.95 4.61
CA ALA L 311 -34.55 42.96 4.90
C ALA L 311 -34.48 43.19 6.41
N PHE L 312 -33.25 43.33 6.93
CA PHE L 312 -33.01 43.54 8.34
C PHE L 312 -31.94 44.60 8.54
N GLU L 313 -32.15 45.77 7.91
CA GLU L 313 -31.14 46.82 7.91
C GLU L 313 -31.67 48.08 7.22
N GLU L 314 -32.36 47.90 6.08
CA GLU L 314 -32.72 49.02 5.22
C GLU L 314 -34.24 49.11 5.15
N SER L 315 -34.75 50.34 4.96
CA SER L 315 -36.18 50.60 4.97
C SER L 315 -36.81 50.12 3.66
N ARG L 316 -38.15 50.12 3.61
CA ARG L 316 -38.88 49.70 2.43
C ARG L 316 -38.80 50.74 1.33
N GLU L 317 -38.43 51.97 1.70
CA GLU L 317 -38.37 53.09 0.76
C GLU L 317 -36.95 53.27 0.24
N GLN L 318 -35.98 53.29 1.16
CA GLN L 318 -34.57 53.46 0.81
C GLN L 318 -34.13 52.36 -0.16
N LEU L 319 -34.64 51.14 0.06
CA LEU L 319 -34.41 50.03 -0.85
C LEU L 319 -34.86 50.40 -2.27
N LEU L 320 -36.04 51.03 -2.36
CA LEU L 320 -36.63 51.41 -3.64
C LEU L 320 -35.83 52.52 -4.30
N ARG L 321 -35.40 53.50 -3.49
CA ARG L 321 -34.60 54.62 -3.98
C ARG L 321 -33.28 54.09 -4.55
N ASN L 322 -32.73 53.06 -3.88
CA ASN L 322 -31.49 52.44 -4.31
C ASN L 322 -31.74 51.52 -5.51
N ALA L 323 -32.80 50.71 -5.42
CA ALA L 323 -33.18 49.82 -6.50
C ALA L 323 -33.43 50.62 -7.78
N THR L 324 -34.13 51.76 -7.61
CA THR L 324 -34.47 52.63 -8.74
C THR L 324 -33.22 53.26 -9.33
N SER L 325 -32.18 53.44 -8.51
CA SER L 325 -30.91 53.97 -8.98
C SER L 325 -30.27 53.00 -9.98
N TRP L 326 -30.48 51.70 -9.77
CA TRP L 326 -29.93 50.66 -10.64
C TRP L 326 -30.95 50.20 -11.68
N GLY L 327 -32.18 50.72 -11.59
CA GLY L 327 -33.25 50.31 -12.49
C GLY L 327 -34.13 49.22 -11.86
N ILE L 328 -34.24 48.09 -12.56
CA ILE L 328 -35.02 46.94 -12.11
C ILE L 328 -36.12 47.39 -11.15
N ASP L 329 -37.16 48.03 -11.72
CA ASP L 329 -38.24 48.62 -10.95
C ASP L 329 -38.92 47.55 -10.09
N PHE L 330 -38.95 47.80 -8.78
CA PHE L 330 -39.49 46.86 -7.81
C PHE L 330 -41.00 47.05 -7.66
N GLU L 331 -41.47 48.29 -7.86
CA GLU L 331 -42.87 48.63 -7.71
C GLU L 331 -43.74 47.75 -8.60
N GLU L 332 -43.28 47.51 -9.83
CA GLU L 332 -43.99 46.68 -10.80
C GLU L 332 -44.00 45.23 -10.33
N MET L 333 -42.88 44.77 -9.76
CA MET L 333 -42.76 43.42 -9.25
C MET L 333 -43.60 43.25 -7.99
N GLU L 334 -43.70 44.33 -7.19
CA GLU L 334 -44.50 44.33 -5.98
C GLU L 334 -45.99 44.39 -6.33
N ARG L 335 -46.30 44.90 -7.52
CA ARG L 335 -47.68 45.09 -7.95
C ARG L 335 -48.25 43.77 -8.49
N ASP L 336 -47.53 43.17 -9.46
CA ASP L 336 -47.98 41.95 -10.12
C ASP L 336 -48.18 40.84 -9.09
N GLY L 337 -47.33 40.85 -8.05
CA GLY L 337 -47.44 39.90 -6.95
C GLY L 337 -46.38 38.80 -7.02
N ARG L 338 -45.16 39.17 -7.45
CA ARG L 338 -44.02 38.27 -7.44
C ARG L 338 -42.90 38.87 -6.59
N LEU L 339 -43.24 39.82 -5.72
CA LEU L 339 -42.26 40.44 -4.83
C LEU L 339 -42.93 40.78 -3.51
N LYS L 340 -42.26 40.44 -2.40
CA LYS L 340 -42.78 40.67 -1.06
C LYS L 340 -41.65 41.09 -0.14
N ILE L 341 -41.44 42.41 -0.03
CA ILE L 341 -40.47 42.97 0.90
C ILE L 341 -41.05 42.90 2.31
N VAL L 342 -40.18 43.00 3.31
CA VAL L 342 -40.57 42.89 4.71
C VAL L 342 -40.07 44.11 5.47
N CYS L 343 -38.74 44.19 5.65
CA CYS L 343 -38.11 45.28 6.38
C CYS L 343 -38.55 45.28 7.84
N ALA L 344 -37.68 44.76 8.72
CA ALA L 344 -37.94 44.73 10.15
C ALA L 344 -36.63 44.92 10.91
N TYR L 345 -36.71 45.61 12.07
CA TYR L 345 -35.54 45.85 12.90
C TYR L 345 -35.16 44.55 13.60
N PRO L 346 -33.85 44.22 13.72
CA PRO L 346 -33.42 42.97 14.36
C PRO L 346 -33.69 42.91 15.86
N GLU L 347 -33.49 44.04 16.56
CA GLU L 347 -33.61 44.09 18.00
C GLU L 347 -35.07 44.01 18.45
N SER L 348 -35.99 44.33 17.53
CA SER L 348 -37.42 44.35 17.83
C SER L 348 -37.83 43.09 18.60
N THR L 349 -37.64 41.92 17.98
CA THR L 349 -37.98 40.65 18.59
C THR L 349 -36.70 39.83 18.77
N GLY L 350 -36.83 38.51 18.76
CA GLY L 350 -35.68 37.61 18.87
C GLY L 350 -35.61 36.63 17.70
N LEU L 351 -34.42 36.07 17.49
CA LEU L 351 -34.15 35.11 16.43
C LEU L 351 -35.32 34.15 16.27
N GLU L 352 -35.67 33.48 17.38
CA GLU L 352 -36.72 32.48 17.43
C GLU L 352 -38.03 33.08 16.90
N ASP L 353 -38.33 34.33 17.30
CA ASP L 353 -39.52 35.02 16.83
C ASP L 353 -39.35 35.43 15.37
N HIS L 354 -38.17 36.00 15.05
CA HIS L 354 -37.85 36.41 13.69
C HIS L 354 -37.99 35.24 12.73
N LEU L 355 -37.61 34.03 13.17
CA LEU L 355 -37.66 32.85 12.34
C LEU L 355 -39.10 32.40 12.14
N ILE L 356 -39.91 32.53 13.19
CA ILE L 356 -41.33 32.17 13.13
C ILE L 356 -42.04 33.07 12.12
N MET L 357 -41.62 34.34 12.05
CA MET L 357 -42.11 35.27 11.05
C MET L 357 -41.72 34.76 9.66
N ILE L 358 -40.41 34.61 9.45
CA ILE L 358 -39.85 34.24 8.16
C ILE L 358 -40.59 33.01 7.63
N LYS L 359 -40.55 31.93 8.40
CA LYS L 359 -41.18 30.66 8.02
C LYS L 359 -42.65 30.90 7.65
N GLU L 360 -43.34 31.72 8.45
CA GLU L 360 -44.77 31.97 8.27
C GLU L 360 -45.05 32.60 6.91
N VAL L 361 -44.25 33.61 6.54
CA VAL L 361 -44.46 34.34 5.29
C VAL L 361 -44.12 33.44 4.11
N ILE L 362 -43.10 32.58 4.28
CA ILE L 362 -42.65 31.67 3.24
C ILE L 362 -43.81 30.78 2.79
N GLU L 363 -44.50 30.17 3.77
CA GLU L 363 -45.53 29.17 3.50
C GLU L 363 -46.62 29.76 2.60
N GLU L 364 -47.06 30.99 2.91
CA GLU L 364 -48.19 31.60 2.23
C GLU L 364 -47.77 32.13 0.87
N PHE L 365 -46.75 33.01 0.87
CA PHE L 365 -46.28 33.66 -0.35
C PHE L 365 -45.76 32.61 -1.34
N LYS L 366 -45.13 31.55 -0.81
CA LYS L 366 -44.62 30.45 -1.61
C LYS L 366 -43.57 30.97 -2.58
N PRO L 367 -42.46 31.55 -2.07
CA PRO L 367 -41.43 32.14 -2.94
C PRO L 367 -40.50 31.09 -3.56
N ASP L 368 -40.17 31.29 -4.83
CA ASP L 368 -39.16 30.49 -5.50
C ASP L 368 -37.77 30.95 -5.06
N ARG L 369 -37.67 32.22 -4.64
CA ARG L 369 -36.41 32.78 -4.17
C ARG L 369 -36.66 33.64 -2.93
N ILE L 370 -35.78 33.50 -1.92
CA ILE L 370 -35.81 34.31 -0.72
C ILE L 370 -34.42 34.92 -0.52
N ALA L 371 -34.35 35.99 0.26
CA ALA L 371 -33.09 36.70 0.47
C ALA L 371 -33.12 37.42 1.81
N ILE L 372 -32.35 36.89 2.78
CA ILE L 372 -32.21 37.50 4.10
C ILE L 372 -30.99 38.43 4.07
N ASP L 373 -31.25 39.74 4.15
CA ASP L 373 -30.21 40.75 4.08
C ASP L 373 -30.33 41.68 5.29
N SER L 374 -29.41 41.58 6.27
CA SER L 374 -28.23 40.75 6.24
C SER L 374 -28.16 39.89 7.50
N LEU L 375 -27.42 38.78 7.43
CA LEU L 375 -27.26 37.87 8.56
C LEU L 375 -26.40 38.55 9.63
N SER L 376 -25.38 39.30 9.19
CA SER L 376 -24.48 40.02 10.09
C SER L 376 -25.27 40.87 11.07
N ALA L 377 -26.38 41.47 10.60
CA ALA L 377 -27.23 42.29 11.43
C ALA L 377 -27.89 41.45 12.52
N LEU L 378 -28.57 40.36 12.11
CA LEU L 378 -29.27 39.49 13.03
C LEU L 378 -28.30 38.81 13.99
N GLU L 379 -27.03 38.67 13.57
CA GLU L 379 -26.02 37.99 14.37
C GLU L 379 -25.58 38.84 15.56
N ARG L 380 -25.84 40.15 15.51
CA ARG L 380 -25.41 41.07 16.57
C ARG L 380 -26.20 40.78 17.84
N VAL L 381 -27.45 41.27 17.90
CA VAL L 381 -28.30 41.07 19.07
C VAL L 381 -28.93 39.68 18.94
N ALA L 382 -28.23 38.66 19.46
CA ALA L 382 -28.59 37.28 19.21
C ALA L 382 -27.90 36.34 20.20
N SER L 383 -26.56 36.38 20.21
CA SER L 383 -25.70 35.44 20.91
C SER L 383 -25.26 34.33 19.94
N ASP L 384 -24.05 33.82 20.15
CA ASP L 384 -23.40 32.92 19.21
C ASP L 384 -24.27 31.68 18.97
N ARG L 385 -24.68 31.03 20.05
CA ARG L 385 -25.48 29.82 19.99
C ARG L 385 -26.80 30.10 19.26
N GLY L 386 -27.40 31.26 19.55
CA GLY L 386 -28.63 31.68 18.90
C GLY L 386 -28.46 31.85 17.39
N PHE L 387 -27.35 32.48 16.99
CA PHE L 387 -27.05 32.70 15.58
C PHE L 387 -26.94 31.36 14.86
N ARG L 388 -26.14 30.45 15.42
CA ARG L 388 -25.87 29.16 14.81
C ARG L 388 -27.16 28.36 14.66
N GLU L 389 -28.02 28.40 15.68
CA GLU L 389 -29.28 27.67 15.68
C GLU L 389 -30.24 28.27 14.66
N PHE L 390 -30.16 29.59 14.48
CA PHE L 390 -31.00 30.31 13.53
C PHE L 390 -30.65 29.90 12.10
N VAL L 391 -29.35 29.81 11.80
CA VAL L 391 -28.86 29.47 10.48
C VAL L 391 -29.40 28.09 10.09
N ILE L 392 -29.16 27.10 10.96
CA ILE L 392 -29.60 25.73 10.73
C ILE L 392 -31.12 25.69 10.57
N GLY L 393 -31.82 26.56 11.32
CA GLY L 393 -33.28 26.63 11.28
C GLY L 393 -33.80 27.11 9.92
N LEU L 394 -33.20 28.20 9.40
CA LEU L 394 -33.66 28.81 8.17
C LEU L 394 -33.23 27.99 6.96
N THR L 395 -31.98 27.53 6.96
CA THR L 395 -31.41 26.79 5.84
C THR L 395 -32.20 25.52 5.57
N SER L 396 -32.48 24.76 6.64
CA SER L 396 -33.17 23.48 6.53
C SER L 396 -34.52 23.64 5.84
N PHE L 397 -35.24 24.73 6.16
CA PHE L 397 -36.58 24.95 5.66
C PHE L 397 -36.53 25.27 4.16
N ILE L 398 -35.67 26.23 3.80
CA ILE L 398 -35.49 26.64 2.41
C ILE L 398 -35.26 25.42 1.54
N LYS L 399 -34.42 24.49 2.02
CA LYS L 399 -34.11 23.25 1.32
C LYS L 399 -35.32 22.32 1.36
N GLN L 400 -36.05 22.31 2.49
CA GLN L 400 -37.19 21.44 2.68
C GLN L 400 -38.36 21.87 1.80
N GLN L 401 -38.32 23.11 1.29
CA GLN L 401 -39.38 23.63 0.42
C GLN L 401 -38.85 23.85 -1.00
N GLU L 402 -37.57 23.51 -1.25
CA GLU L 402 -36.94 23.65 -2.55
C GLU L 402 -37.04 25.11 -3.02
N ILE L 403 -36.43 26.02 -2.25
CA ILE L 403 -36.42 27.44 -2.57
C ILE L 403 -34.99 27.95 -2.49
N THR L 404 -34.55 28.66 -3.54
CA THR L 404 -33.22 29.23 -3.59
C THR L 404 -33.12 30.35 -2.55
N GLY L 405 -31.95 30.48 -1.93
CA GLY L 405 -31.75 31.45 -0.85
C GLY L 405 -30.38 32.11 -0.92
N LEU L 406 -30.37 33.44 -1.12
CA LEU L 406 -29.14 34.22 -1.06
C LEU L 406 -29.08 34.95 0.27
N PHE L 407 -27.97 34.75 1.00
CA PHE L 407 -27.75 35.42 2.27
C PHE L 407 -26.59 36.40 2.13
N THR L 408 -26.80 37.63 2.62
CA THR L 408 -25.77 38.66 2.62
C THR L 408 -25.12 38.71 3.99
N SER L 409 -23.79 38.90 4.01
CA SER L 409 -23.04 39.02 5.25
C SER L 409 -21.90 40.02 5.06
N THR L 410 -21.69 40.88 6.06
CA THR L 410 -20.69 41.93 6.01
C THR L 410 -19.41 41.48 6.72
N THR L 411 -18.28 41.99 6.24
CA THR L 411 -16.98 41.79 6.87
C THR L 411 -16.63 43.04 7.66
N PRO L 412 -16.71 43.02 9.01
CA PRO L 412 -16.48 44.21 9.83
C PRO L 412 -15.31 45.09 9.41
N THR L 413 -14.16 44.45 9.17
CA THR L 413 -12.96 45.16 8.73
C THR L 413 -13.19 45.70 7.32
N PHE L 414 -12.97 47.02 7.15
CA PHE L 414 -13.19 47.69 5.87
C PHE L 414 -12.19 47.19 4.84
N HIS L 424 -18.56 30.34 9.60
CA HIS L 424 -19.55 29.46 10.26
C HIS L 424 -20.64 29.07 9.27
N ILE L 425 -21.25 30.09 8.66
CA ILE L 425 -22.26 29.90 7.62
C ILE L 425 -21.58 29.60 6.29
N SER L 426 -20.27 29.88 6.21
CA SER L 426 -19.45 29.54 5.06
C SER L 426 -19.42 28.03 4.82
N THR L 427 -19.73 27.25 5.87
CA THR L 427 -19.73 25.80 5.78
C THR L 427 -21.11 25.28 5.37
N ILE L 428 -22.17 25.99 5.79
CA ILE L 428 -23.54 25.52 5.59
C ILE L 428 -24.12 26.08 4.29
N THR L 429 -23.27 26.66 3.43
CA THR L 429 -23.69 27.24 2.17
C THR L 429 -23.17 26.41 1.01
N ASP L 430 -23.87 26.48 -0.13
CA ASP L 430 -23.52 25.72 -1.32
C ASP L 430 -22.70 26.58 -2.28
N THR L 431 -22.74 27.91 -2.09
CA THR L 431 -21.99 28.84 -2.92
C THR L 431 -21.58 30.04 -2.09
N ILE L 432 -20.38 30.59 -2.36
CA ILE L 432 -19.91 31.80 -1.72
C ILE L 432 -19.42 32.76 -2.81
N ILE L 433 -20.04 33.95 -2.85
CA ILE L 433 -19.58 35.04 -3.69
C ILE L 433 -18.94 36.08 -2.78
N LEU L 434 -17.67 36.43 -3.05
CA LEU L 434 -16.96 37.41 -2.24
C LEU L 434 -16.78 38.70 -3.03
N LEU L 435 -17.23 39.81 -2.43
CA LEU L 435 -16.99 41.14 -2.97
C LEU L 435 -15.98 41.86 -2.08
N ARG L 436 -15.11 42.66 -2.68
CA ARG L 436 -14.01 43.30 -1.96
C ARG L 436 -13.62 44.60 -2.63
N TYR L 437 -13.07 45.53 -1.84
CA TYR L 437 -12.53 46.78 -2.33
C TYR L 437 -11.06 46.59 -2.68
N VAL L 438 -10.60 47.35 -3.68
CA VAL L 438 -9.22 47.27 -4.16
C VAL L 438 -8.66 48.68 -4.27
N GLU L 439 -7.82 49.06 -3.29
CA GLU L 439 -7.12 50.33 -3.33
C GLU L 439 -6.06 50.28 -4.43
N MET L 440 -6.44 50.74 -5.63
CA MET L 440 -5.60 50.63 -6.82
C MET L 440 -5.25 52.02 -7.34
N ARG L 441 -4.09 52.53 -6.88
CA ARG L 441 -3.49 53.75 -7.41
C ARG L 441 -4.45 54.94 -7.27
N GLY L 442 -4.86 55.20 -6.02
CA GLY L 442 -5.75 56.32 -5.72
C GLY L 442 -7.09 56.21 -6.44
N GLU L 443 -7.59 54.98 -6.56
CA GLU L 443 -8.88 54.71 -7.20
C GLU L 443 -9.43 53.40 -6.64
N MET L 444 -10.25 53.52 -5.59
CA MET L 444 -10.80 52.36 -4.91
C MET L 444 -11.70 51.57 -5.86
N SER L 445 -11.10 50.59 -6.53
CA SER L 445 -11.83 49.68 -7.41
C SER L 445 -12.52 48.62 -6.56
N ARG L 446 -13.31 47.76 -7.23
CA ARG L 446 -14.08 46.73 -6.55
C ARG L 446 -14.01 45.44 -7.37
N ALA L 447 -13.80 44.32 -6.68
CA ALA L 447 -13.52 43.05 -7.32
C ALA L 447 -14.45 41.96 -6.78
N ILE L 448 -14.71 40.94 -7.63
CA ILE L 448 -15.61 39.86 -7.30
C ILE L 448 -14.88 38.53 -7.54
N ASN L 449 -15.27 37.49 -6.79
CA ASN L 449 -14.66 36.18 -6.91
C ASN L 449 -15.60 35.13 -6.33
N VAL L 450 -15.91 34.10 -7.13
CA VAL L 450 -16.67 32.96 -6.67
C VAL L 450 -15.68 31.97 -6.04
N LEU L 451 -15.63 31.97 -4.70
CA LEU L 451 -14.69 31.15 -3.96
C LEU L 451 -15.13 29.69 -3.97
N LYS L 452 -16.45 29.47 -3.88
CA LYS L 452 -17.00 28.13 -3.75
C LYS L 452 -18.22 27.97 -4.64
N MET L 453 -18.46 26.73 -5.08
CA MET L 453 -19.61 26.37 -5.88
C MET L 453 -19.74 24.85 -5.90
N ARG L 454 -20.59 24.31 -5.02
CA ARG L 454 -20.74 22.87 -4.87
C ARG L 454 -21.46 22.29 -6.08
N GLY L 455 -20.76 21.42 -6.82
CA GLY L 455 -21.37 20.65 -7.89
C GLY L 455 -21.26 21.32 -9.27
N SER L 456 -20.32 22.27 -9.40
CA SER L 456 -20.14 22.99 -10.65
C SER L 456 -18.76 23.64 -10.70
N TRP L 457 -18.21 23.74 -11.91
CA TRP L 457 -17.05 24.59 -12.16
C TRP L 457 -17.45 26.04 -11.93
N HIS L 458 -16.61 26.77 -11.19
CA HIS L 458 -16.76 28.21 -11.05
C HIS L 458 -15.49 28.87 -11.57
N ASP L 459 -15.60 30.16 -11.92
CA ASP L 459 -14.45 30.95 -12.33
C ASP L 459 -13.65 31.30 -11.08
N LYS L 460 -12.35 30.98 -11.12
CA LYS L 460 -11.46 31.22 -9.99
C LYS L 460 -10.63 32.48 -10.25
N GLU L 461 -11.18 33.41 -11.02
CA GLU L 461 -10.50 34.64 -11.38
C GLU L 461 -11.10 35.80 -10.58
N ILE L 462 -10.21 36.63 -9.99
CA ILE L 462 -10.63 37.79 -9.24
C ILE L 462 -10.89 38.93 -10.21
N ARG L 463 -12.09 38.92 -10.82
CA ARG L 463 -12.47 39.89 -11.83
C ARG L 463 -12.91 41.19 -11.14
N GLU L 464 -12.67 42.31 -11.83
CA GLU L 464 -13.13 43.62 -11.35
C GLU L 464 -14.54 43.87 -11.88
N PHE L 465 -15.26 44.80 -11.24
CA PHE L 465 -16.59 45.16 -11.68
C PHE L 465 -16.86 46.64 -11.41
N THR L 466 -18.00 47.12 -11.91
CA THR L 466 -18.40 48.52 -11.78
C THR L 466 -19.92 48.59 -11.69
N ILE L 467 -20.41 49.50 -10.85
CA ILE L 467 -21.84 49.65 -10.59
C ILE L 467 -22.32 50.96 -11.22
N SER L 468 -23.53 50.92 -11.79
CA SER L 468 -24.12 52.08 -12.44
C SER L 468 -25.63 51.93 -12.48
N GLY L 469 -26.31 52.83 -13.21
CA GLY L 469 -27.75 52.79 -13.37
C GLY L 469 -28.22 51.58 -14.19
N LYS L 470 -27.28 50.85 -14.79
CA LYS L 470 -27.58 49.64 -15.55
C LYS L 470 -27.14 48.40 -14.76
N GLY L 471 -26.90 48.55 -13.46
CA GLY L 471 -26.53 47.44 -12.59
C GLY L 471 -25.03 47.22 -12.55
N MET L 472 -24.63 45.98 -12.20
CA MET L 472 -23.23 45.62 -12.06
C MET L 472 -22.69 45.14 -13.41
N HIS L 473 -21.44 45.54 -13.72
CA HIS L 473 -20.78 45.16 -14.95
C HIS L 473 -19.45 44.49 -14.60
N ILE L 474 -19.40 43.16 -14.70
CA ILE L 474 -18.21 42.40 -14.41
C ILE L 474 -17.19 42.63 -15.53
N GLY L 475 -15.91 42.78 -15.15
CA GLY L 475 -14.84 43.05 -16.08
C GLY L 475 -13.80 41.93 -16.12
N ASP L 476 -12.54 42.31 -16.31
CA ASP L 476 -11.44 41.36 -16.38
C ASP L 476 -10.52 41.58 -15.18
N PRO L 477 -9.83 40.52 -14.68
CA PRO L 477 -8.86 40.69 -13.58
C PRO L 477 -7.74 41.68 -13.93
#